data_3SHJ
#
_entry.id   3SHJ
#
_cell.length_a   134.117
_cell.length_b   300.565
_cell.length_c   144.058
_cell.angle_alpha   90.00
_cell.angle_beta   112.76
_cell.angle_gamma   90.00
#
_symmetry.space_group_name_H-M   'P 1 21 1'
#
loop_
_entity.id
_entity.type
_entity.pdbx_description
1 polymer 'Proteasome component Y7'
2 polymer 'Proteasome component Y13'
3 polymer 'Proteasome component PRE6'
4 polymer 'Proteasome component PUP2'
5 polymer 'Proteasome component PRE5'
6 polymer 'Proteasome component C1'
7 polymer 'Proteasome component C7-alpha'
8 polymer 'Proteasome component PUP1'
9 polymer 'Proteasome component PUP3'
10 polymer 'Proteasome component C11'
11 polymer 'Proteasome component PRE2'
12 polymer 'Proteasome component C5'
13 polymer 'Proteasome component PRE4'
14 polymer 'Proteasome component PRE3'
15 non-polymer '2-(N-MORPHOLINO)-ETHANESULFONIC ACID'
16 non-polymer 1-hydroxy-1-[(2R)-4-{3-[(3S,5S,7S)-tricyclo[3.3.1.1~3,7~]dec-1-yloxy]phenyl}but-3-yn-2-yl]urea
17 water water
#
loop_
_entity_poly.entity_id
_entity_poly.type
_entity_poly.pdbx_seq_one_letter_code
_entity_poly.pdbx_strand_id
1 'polypeptide(L)'
;MTDRYSFSLTTFSPSGKLGQIDYALTAVKQGVTSLGIKATNGVVIATEKKSSSPLAMSETLSKVSLLTPDIGAVYSGMGP
DYRVLVDKSRKVAHTSYKRIYGEYPPTKLLVSEVAKIMQEATQSGGVRPFGVSLLIAGHDEFNGFSLYQVDPSGSYFPWK
ATAIGKGSVAAKTFLEKRWNDELELEDAIHIALLTLKESVEGEFNGDTIELAIIGDENPDLLGYTGIPTDKGPRFRKLTS
QEINDRLEAL
;
A,O
2 'polypeptide(L)'
;GSRRYDSRTTIFSPEGRLYQVEYALESISHAGTAIGIMASDGIVLAAERKVTSTLLEQDTSTEKLYKLNDKIAVAVAGLT
ADAEILINTARIHAQNYLKTYNEDIPVEILVRRLSDIKQGYTQHGGLRPFGVSFIYAGYDDRYGYQLYTSNPSGNYTGWK
AISVGANTSAAQTLLQMDYKDDMKVDDAIELALKTLSKTTDSSALTYDRLEFATIRKGANDGEVYQKIFKPQEIKDILVK
TGIT
;
B,P
3 'polypeptide(L)'
;GYDRALSIFSPDGHIFQVEYALEAVKRGTCAVGVKGKNCVVLGCERRSTLKLQDTRITPSKVSKIDSHVVLSFSGLNADS
RILIEKARVEAQSHRLTLEDPVTVEYLTRYVAGVQQRYTQSGGVRPFGVSTLIAGFDPRDDEPKLYQTEPSGIYSSWSAQ
TIGRNSKTVREFLEKNYDRKEPPATVEECVKLTVRSLLEVVQTGAKNIEITVVKPDSDIVALSSEEINQYVTQIEQEKQE
Q
;
C,Q
4 'polypeptide(L)'
;DRGVSTFSPEGRLFQVEYSLEAIKLGSTAIGIATKEGVVLGVEKRATSPLLESDSIEKIVEIDRHIGCAMSGLTADARSM
IEHARTAAVTHNLYYDEDINVESLTQSVCDLALRFGEGASGEERLMSRPFGVALLIAGHDADDGYQLFHAEPSGTFYRYN
AKAIGSGSEGAQAELLNEWHSSLTLKEAELLVLKILKQVMEEKLDENNAQLSCITKQDGFKIYDNEKTAELIKELKEKEA
AE
;
D,R
5 'polypeptide(L)'
;FRNNYDGDTVTFSPTGRLFQVEYALEAIKQGSVTVGLRSNTHAVLVALKRNADELSSYQKKIIKCDEHMGLSLAGLAPDA
RVLSNYLRQQCNYSSLVFNRKLAVERAGHLLCDKAQKNTQSYGGRPYGVGLLIIGYDKSGAHLLEFQPSGNVTELYGTAI
GARSQGAKTYLERTLDTFIKIDGNPDELIKAGVEAISQSLRDESLTVDNLSIAIVGKDTPFTIYDGEAVAKYI
;
E,S
6 'polypeptide(L)'
;GTGYDLSNSVFSPDGRNFQVEYAVKAVENGTTSIGIKCNDGVVFAVEKLITSKLLVPQKNVKIQVVDRHIGCVYSGLIPD
GRHLVNRGREEAASFKKLYKTPIPIPAFADRLGQYVQAHTLYNSVRPFGVSTIFGGVDKNGAHLYMLEPSGSYWGYKGAA
TGKGRQSAKAELEKLVDHHPEGLSAREAVKQAAKIIYLAHEDNKEKDFELEISWCSLSETNGLHKFVKGDLLQEAIDFAQ
KEIN
;
F,T
7 'polypeptide(L)'
;AGYDRHITIFSPEGRLYQVEYAFKATNQTNINSLAVRGKDCTVVISQKKVPDKLLDPTTVSYIFCISRTIGMVVNGPIPD
ARNAALRAKAEAAEFRYKYGYDMPCDVLAKRMANLSQIYTQRAYMRPLGVILTFVSVDEELGPSIYKTDPAGYYVGYKAT
ATGPKQQEITTNLENHFKKSKIDHINEESWEKVVEFAITHMIDALGTEFSKNDLEVGVATKDKFFTLSAENIEERLVAIA
EQD
;
G,U
8 'polypeptide(L)'
;TTIVGVKFNNGVVIAADTRSTQGPIVADKNCAKLHRISPKIWCAGAGTAADTEAVTQLIGSNIELHSLYTSREPRVVSAL
QMLKQHLFKYQGHIGAYLIVAGVDPTGSHLFSIHAHGSTDVGYYLSLGSGSLAAMAVLESHWKQDLTKEEAIKLASDAIQ
AGIWNDLGSGSNVDVCVMEIGKDAEYLRNYLTPNVREEKQKSYKFPRGTTAVLKESIVNICD
;
H,V
9 'polypeptide(L)'
;SDPSSINGGIVVAMTGKDCVAIACDLRLGSQSLGVSNKFEKIFHYGHVFLGITGLATDVTTLNEMFRYKTNLYKLKEERA
IEPETFTQLVSSSLYERRFGPYFVGPVVAGINSKSGKPFIAGFDLIGCIDEAKDFIVSGTASDQLFGMCESLYEPNLEPE
DLFETISQALLNAADRDALSGWGAVVYIIKKDEVVKRYLKMRQD
;
I,W
10 'polypeptide(L)'
;MDIILGIRVQDSVILASSKAVTRGISVLKDSDDKTRQLSPHTLMSFAGEAGDTVQFAEYIQANIQLYSIREDYELSPQAV
SSFVRQELAKSIRSRRPYQVNVLIGGYDKKKNKPELYQIDYLGTKVELPYGAHGYSGFYTFSLLDHHYRPDMTTEEGLDL
LKLCVQELEKRMPMDFKGVIVKIVDKDGIRQVDDFQAQ
;
J,X
11 'polypeptide(L)'
;TTTLAFRFQGGIIVAVDSRATAGNWVASQTVKKVIEINPFLLGTMAGGAADCQFWETWLGSQCRLHELREKERISVAAAS
KILSNLVYQYKGAGLSMGTMICGYTRKEGPTIYYVDSDGTRLKGDIFCVGSGQTFAYGVLDSNYKWDLSVEDALYLGKRS
ILAAAHRDAYSGGSVNLYHVTEDGWIYHGNHDVGELFWKVKEEEGSFNNVIG
;
K,Y
12 'polypeptide(L)'
;QFNPYGDNGGTILGIAGEDFAVLAGDTRNITDYSINSRYEPKVFDCGDNIVMSANGFAADGDALVKRFKNSVKWYHFDHN
DKKLSINSAARNIQHLLYGKRFFPYYVHTIIAGLDEDGKGAVYSFDPVGSYEREQCRAGGAAASLIMPFLDNQVNFKNQY
EPGTNGKVKKPLKYLSVEEVIKLVRDSFTSATERHIQVGDGLEILIVTKDGVRKEFYELKRD
;
L,Z
13 'polypeptide(L)'
;TQQPIVTGTSVISMKYDNGVIIAADNLGSYGSLLRFNGVERLIPVGDNTVVGISGDISDMQHIERLLKDLVTENAYDNPL
ADAEEALEPSYIFEYLATVMYQRRSKMNPLWNAIIVAGVQSNGDQFLRYVNLLGVTYSSPTLATGFGAHMANPLLRKVVD
RESDIPKTTVQVAEEAIVNAMRVLYYRDARSSRNFSLAIIDKNTGLTFKKNLQVENMKWDFAKDIKGYGTQKI
;
M,1
14 'polypeptide(L)'
;TSIMAVTFKDGVILGADSRTTTGAYIANRVTDKLTRVHDKIWCCRSGSAADTQAIADIVQYHLELYTSQYGTPSTETAAS
VFKELCYENKDNLTAGIIVAGYDDKNKGEVYTIPLGGSVHKLPYAIAGSGSTFIYGYCDKNFRENMSKEETVDFIKHSLS
QAIKWDGSSGGVIRMVVLTAAGVERLIFYPDEYEQL
;
N,2
#
loop_
_chem_comp.id
_chem_comp.type
_chem_comp.name
_chem_comp.formula
H10 non-polymer 1-hydroxy-1-[(2R)-4-{3-[(3S,5S,7S)-tricyclo[3.3.1.1~3,7~]dec-1-yloxy]phenyl}but-3-yn-2-yl]urea 'C21 H26 N2 O3'
MES non-polymer '2-(N-MORPHOLINO)-ETHANESULFONIC ACID' 'C6 H13 N O4 S'
#
# COMPACT_ATOMS: atom_id res chain seq x y z
N MET A 1 28.99 43.23 19.52
CA MET A 1 29.25 43.27 18.05
C MET A 1 28.01 43.86 17.39
N THR A 2 27.62 43.26 16.27
CA THR A 2 26.46 43.68 15.51
C THR A 2 26.48 45.17 15.17
N ASP A 3 26.53 45.43 13.87
CA ASP A 3 26.56 46.78 13.34
C ASP A 3 25.38 47.52 13.95
N ARG A 4 25.64 48.42 14.87
CA ARG A 4 24.57 49.18 15.49
C ARG A 4 24.44 50.52 14.77
N TYR A 5 25.18 50.63 13.67
CA TYR A 5 25.17 51.83 12.83
C TYR A 5 24.11 51.64 11.75
N SER A 6 22.84 51.63 12.16
CA SER A 6 21.74 51.43 11.23
C SER A 6 21.21 52.72 10.63
N PHE A 7 21.72 53.85 11.10
CA PHE A 7 21.31 55.17 10.62
C PHE A 7 22.22 55.69 9.51
N SER A 8 21.71 56.61 8.70
CA SER A 8 22.50 57.17 7.60
C SER A 8 23.70 57.93 8.13
N LEU A 9 24.83 57.86 7.41
CA LEU A 9 26.03 58.58 7.80
C LEU A 9 26.18 59.79 6.87
N THR A 10 25.29 59.86 5.89
CA THR A 10 25.23 60.95 4.92
C THR A 10 23.87 61.59 5.18
N THR A 11 23.85 62.88 5.52
CA THR A 11 22.58 63.55 5.78
C THR A 11 22.59 64.95 5.20
N PHE A 12 21.42 65.56 5.10
CA PHE A 12 21.34 66.90 4.55
C PHE A 12 21.77 67.95 5.56
N SER A 13 22.61 68.89 5.13
CA SER A 13 23.04 69.96 6.02
C SER A 13 22.07 71.11 5.77
N PRO A 14 21.98 72.06 6.71
CA PRO A 14 21.06 73.19 6.57
C PRO A 14 21.11 73.87 5.20
N SER A 15 22.29 73.97 4.62
CA SER A 15 22.44 74.60 3.33
C SER A 15 21.87 73.74 2.20
N GLY A 16 21.63 72.47 2.50
CA GLY A 16 21.09 71.54 1.52
C GLY A 16 22.15 70.63 0.93
N LYS A 17 23.37 70.80 1.39
CA LYS A 17 24.49 69.98 0.92
C LYS A 17 24.48 68.61 1.55
N LEU A 18 25.12 67.66 0.88
CA LEU A 18 25.24 66.30 1.39
C LEU A 18 26.75 66.09 1.56
N GLY A 19 27.25 66.61 2.69
CA GLY A 19 28.66 66.55 3.02
C GLY A 19 29.47 65.38 2.51
N GLN A 20 29.17 64.18 3.01
CA GLN A 20 29.89 62.98 2.61
C GLN A 20 30.04 62.79 1.12
N ILE A 21 29.03 63.19 0.34
CA ILE A 21 29.11 63.08 -1.11
C ILE A 21 30.09 64.14 -1.60
N ASP A 22 29.96 65.35 -1.07
CA ASP A 22 30.84 66.45 -1.42
C ASP A 22 32.28 66.05 -1.17
N TYR A 23 32.55 65.56 0.04
CA TYR A 23 33.89 65.13 0.41
C TYR A 23 34.37 64.00 -0.49
N ALA A 24 33.46 63.08 -0.81
CA ALA A 24 33.81 61.97 -1.67
C ALA A 24 34.36 62.55 -2.97
N LEU A 25 33.64 63.52 -3.54
CA LEU A 25 34.07 64.16 -4.78
C LEU A 25 35.45 64.76 -4.61
N THR A 26 35.68 65.43 -3.48
CA THR A 26 36.97 66.03 -3.18
C THR A 26 38.04 64.96 -3.29
N ALA A 27 37.73 63.78 -2.77
CA ALA A 27 38.67 62.68 -2.84
C ALA A 27 38.96 62.31 -4.30
N VAL A 28 37.93 62.40 -5.13
CA VAL A 28 38.05 62.10 -6.55
C VAL A 28 38.99 63.09 -7.22
N LYS A 29 38.80 64.37 -6.90
CA LYS A 29 39.61 65.44 -7.46
C LYS A 29 41.12 65.30 -7.20
N GLN A 30 41.49 64.55 -6.18
CA GLN A 30 42.89 64.35 -5.84
C GLN A 30 43.44 63.19 -6.66
N GLY A 31 42.56 62.31 -7.08
CA GLY A 31 42.97 61.15 -7.85
C GLY A 31 43.61 61.41 -9.20
N VAL A 32 44.50 60.50 -9.60
CA VAL A 32 45.17 60.64 -10.88
C VAL A 32 44.12 60.84 -11.96
N THR A 33 44.45 61.62 -12.97
CA THR A 33 43.50 61.87 -14.05
C THR A 33 43.26 60.65 -14.91
N SER A 34 42.04 60.53 -15.42
CA SER A 34 41.63 59.46 -16.33
C SER A 34 40.61 60.08 -17.30
N LEU A 35 40.52 59.57 -18.52
CA LEU A 35 39.60 60.15 -19.49
C LEU A 35 38.97 59.15 -20.44
N GLY A 36 38.00 59.62 -21.20
CA GLY A 36 37.33 58.78 -22.16
C GLY A 36 36.90 59.57 -23.38
N ILE A 37 37.03 58.97 -24.55
CA ILE A 37 36.66 59.64 -25.79
C ILE A 37 35.87 58.67 -26.63
N LYS A 38 34.80 59.18 -27.23
CA LYS A 38 33.96 58.36 -28.08
C LYS A 38 34.19 58.71 -29.53
N ALA A 39 34.50 57.72 -30.34
CA ALA A 39 34.70 57.92 -31.77
C ALA A 39 33.47 57.35 -32.48
N THR A 40 33.43 57.46 -33.80
CA THR A 40 32.28 56.95 -34.56
C THR A 40 32.23 55.43 -34.57
N ASN A 41 33.38 54.79 -34.37
CA ASN A 41 33.41 53.33 -34.38
C ASN A 41 34.21 52.78 -33.22
N GLY A 42 33.96 53.33 -32.03
CA GLY A 42 34.67 52.87 -30.86
C GLY A 42 34.78 53.94 -29.80
N VAL A 43 35.23 53.52 -28.62
CA VAL A 43 35.42 54.43 -27.52
C VAL A 43 36.79 54.11 -26.95
N VAL A 44 37.41 55.08 -26.28
CA VAL A 44 38.71 54.84 -25.69
C VAL A 44 38.75 55.44 -24.29
N ILE A 45 39.30 54.67 -23.36
CA ILE A 45 39.44 55.11 -21.98
C ILE A 45 40.89 54.93 -21.59
N ALA A 46 41.44 55.91 -20.87
CA ALA A 46 42.84 55.84 -20.46
C ALA A 46 43.09 56.57 -19.16
N THR A 47 44.16 56.18 -18.48
CA THR A 47 44.55 56.78 -17.21
C THR A 47 46.04 56.56 -17.01
N GLU A 48 46.60 57.16 -15.97
CA GLU A 48 48.03 57.04 -15.68
C GLU A 48 48.30 55.98 -14.62
N LYS A 49 49.27 55.10 -14.88
CA LYS A 49 49.62 54.06 -13.91
C LYS A 49 50.66 54.60 -12.93
N LYS A 50 50.19 55.44 -12.01
CA LYS A 50 51.02 56.08 -10.99
C LYS A 50 51.71 55.09 -10.06
N SER A 51 52.70 54.38 -10.55
CA SER A 51 53.41 53.42 -9.71
C SER A 51 53.90 54.11 -8.43
N SER A 52 53.44 53.63 -7.28
CA SER A 52 53.82 54.22 -6.01
C SER A 52 55.17 53.71 -5.46
N SER A 53 56.00 53.21 -6.37
CA SER A 53 57.34 52.69 -6.07
C SER A 53 57.84 51.96 -7.31
N PRO A 54 59.13 52.09 -7.61
CA PRO A 54 59.69 51.41 -8.79
C PRO A 54 59.77 49.91 -8.56
N LEU A 55 59.67 49.49 -7.30
CA LEU A 55 59.73 48.08 -6.95
C LEU A 55 58.40 47.41 -7.23
N ALA A 56 57.34 48.23 -7.26
CA ALA A 56 56.01 47.73 -7.51
C ALA A 56 55.86 47.38 -8.98
N MET A 57 55.09 46.33 -9.25
CA MET A 57 54.85 45.91 -10.61
C MET A 57 53.53 46.51 -11.01
N SER A 58 53.60 47.60 -11.77
CA SER A 58 52.41 48.33 -12.20
C SER A 58 51.44 47.52 -13.07
N GLU A 59 51.92 46.43 -13.68
CA GLU A 59 51.06 45.59 -14.52
C GLU A 59 50.03 44.93 -13.59
N THR A 60 50.53 44.38 -12.49
CA THR A 60 49.69 43.70 -11.49
C THR A 60 48.75 44.69 -10.82
N LEU A 61 48.27 45.67 -11.58
CA LEU A 61 47.37 46.66 -11.04
C LEU A 61 46.69 47.34 -12.22
N SER A 62 45.53 46.84 -12.59
CA SER A 62 44.79 47.41 -13.70
C SER A 62 43.81 48.46 -13.24
N LYS A 63 43.97 49.67 -13.75
CA LYS A 63 43.06 50.76 -13.43
C LYS A 63 41.95 50.68 -14.46
N VAL A 64 42.21 49.97 -15.55
CA VAL A 64 41.22 49.78 -16.60
C VAL A 64 40.76 48.34 -16.53
N SER A 65 39.50 48.14 -16.13
CA SER A 65 38.96 46.79 -15.98
C SER A 65 37.83 46.48 -16.96
N LEU A 66 37.68 45.19 -17.26
CA LEU A 66 36.61 44.71 -18.14
C LEU A 66 35.44 44.30 -17.25
N LEU A 67 34.24 44.73 -17.62
CA LEU A 67 33.04 44.41 -16.85
C LEU A 67 32.29 43.28 -17.56
N THR A 68 32.21 43.39 -18.88
CA THR A 68 31.58 42.38 -19.73
C THR A 68 32.43 42.43 -21.01
N PRO A 69 32.32 41.42 -21.87
CA PRO A 69 33.14 41.47 -23.09
C PRO A 69 32.94 42.69 -23.99
N ASP A 70 31.96 43.54 -23.68
CA ASP A 70 31.70 44.75 -24.49
C ASP A 70 31.68 46.01 -23.64
N ILE A 71 32.14 45.90 -22.39
CA ILE A 71 32.14 47.05 -21.50
C ILE A 71 33.37 47.08 -20.60
N GLY A 72 34.00 48.26 -20.53
CA GLY A 72 35.17 48.43 -19.70
C GLY A 72 34.98 49.65 -18.84
N ALA A 73 35.71 49.72 -17.73
CA ALA A 73 35.58 50.87 -16.86
C ALA A 73 36.94 51.32 -16.39
N VAL A 74 37.01 52.58 -15.97
CA VAL A 74 38.24 53.18 -15.47
C VAL A 74 37.79 54.21 -14.44
N TYR A 75 38.68 54.59 -13.53
CA TYR A 75 38.28 55.54 -12.50
C TYR A 75 39.30 56.59 -12.17
N SER A 76 38.97 57.35 -11.14
CA SER A 76 39.80 58.41 -10.57
C SER A 76 39.24 58.50 -9.17
N GLY A 77 40.09 58.30 -8.18
CA GLY A 77 39.64 58.36 -6.80
C GLY A 77 40.35 57.31 -5.99
N MET A 78 39.62 56.61 -5.14
CA MET A 78 40.22 55.58 -4.30
C MET A 78 40.22 54.20 -4.93
N GLY A 79 41.41 53.72 -5.29
CA GLY A 79 41.55 52.42 -5.90
C GLY A 79 40.82 51.29 -5.19
N PRO A 80 40.98 51.12 -3.87
CA PRO A 80 40.26 50.02 -3.21
C PRO A 80 38.75 50.06 -3.42
N ASP A 81 38.15 51.25 -3.33
CA ASP A 81 36.71 51.38 -3.55
C ASP A 81 36.37 50.95 -4.98
N TYR A 82 37.21 51.34 -5.92
CA TYR A 82 37.01 50.98 -7.33
C TYR A 82 37.06 49.48 -7.53
N ARG A 83 38.05 48.83 -6.92
CA ARG A 83 38.22 47.39 -7.04
C ARG A 83 36.96 46.62 -6.65
N VAL A 84 36.42 46.90 -5.47
CA VAL A 84 35.22 46.19 -5.05
C VAL A 84 34.06 46.58 -5.96
N LEU A 85 34.03 47.80 -6.45
CA LEU A 85 32.94 48.21 -7.34
C LEU A 85 32.99 47.41 -8.62
N VAL A 86 34.20 47.13 -9.10
CA VAL A 86 34.36 46.34 -10.31
C VAL A 86 33.86 44.91 -10.09
N ASP A 87 34.19 44.32 -8.94
CA ASP A 87 33.74 42.97 -8.65
C ASP A 87 32.21 42.98 -8.62
N LYS A 88 31.65 43.91 -7.87
CA LYS A 88 30.20 44.01 -7.77
C LYS A 88 29.58 44.24 -9.15
N SER A 89 30.22 45.07 -9.96
CA SER A 89 29.69 45.35 -11.29
C SER A 89 29.69 44.10 -12.16
N ARG A 90 30.81 43.40 -12.18
CA ARG A 90 30.89 42.21 -12.99
C ARG A 90 29.83 41.23 -12.58
N LYS A 91 29.59 41.10 -11.29
CA LYS A 91 28.60 40.14 -10.82
C LYS A 91 27.17 40.56 -11.13
N VAL A 92 26.82 41.81 -10.80
CA VAL A 92 25.47 42.28 -11.07
C VAL A 92 25.12 42.10 -12.54
N ALA A 93 26.14 42.17 -13.40
CA ALA A 93 25.92 42.02 -14.82
C ALA A 93 25.39 40.63 -15.12
N HIS A 94 25.77 39.67 -14.29
CA HIS A 94 25.31 38.30 -14.47
C HIS A 94 23.98 38.05 -13.76
N THR A 95 24.01 38.21 -12.44
CA THR A 95 22.84 37.99 -11.59
C THR A 95 21.60 38.74 -12.02
N SER A 96 21.75 40.00 -12.38
CA SER A 96 20.60 40.80 -12.77
C SER A 96 20.42 40.99 -14.26
N TYR A 97 20.98 40.08 -15.06
CA TYR A 97 20.83 40.25 -16.49
C TYR A 97 21.18 39.03 -17.31
N LYS A 98 22.45 38.65 -17.36
CA LYS A 98 22.80 37.49 -18.17
C LYS A 98 22.04 36.23 -17.74
N ARG A 99 21.90 36.04 -16.42
CA ARG A 99 21.19 34.87 -15.89
C ARG A 99 19.68 34.95 -16.08
N ILE A 100 19.22 36.00 -16.74
CA ILE A 100 17.80 36.19 -16.97
C ILE A 100 17.51 36.21 -18.46
N TYR A 101 18.26 37.01 -19.20
CA TYR A 101 18.07 37.17 -20.64
C TYR A 101 19.08 36.42 -21.49
N GLY A 102 20.04 35.78 -20.86
CA GLY A 102 21.02 35.03 -21.62
C GLY A 102 21.98 35.87 -22.45
N GLU A 103 21.97 37.17 -22.21
CA GLU A 103 22.88 38.07 -22.91
C GLU A 103 23.39 39.11 -21.94
N TYR A 104 24.56 39.67 -22.22
CA TYR A 104 25.14 40.69 -21.34
C TYR A 104 24.34 41.98 -21.41
N PRO A 105 24.27 42.71 -20.29
CA PRO A 105 23.53 43.98 -20.24
C PRO A 105 24.08 45.08 -21.13
N PRO A 106 23.21 45.97 -21.63
CA PRO A 106 23.64 47.08 -22.50
C PRO A 106 24.27 48.18 -21.63
N THR A 107 25.34 48.79 -22.12
CA THR A 107 26.06 49.80 -21.37
C THR A 107 25.22 50.67 -20.41
N LYS A 108 24.17 51.30 -20.91
CA LYS A 108 23.36 52.17 -20.05
C LYS A 108 22.81 51.47 -18.81
N LEU A 109 22.31 50.26 -18.98
CA LEU A 109 21.75 49.52 -17.86
C LEU A 109 22.80 49.09 -16.83
N LEU A 110 23.90 48.51 -17.30
CA LEU A 110 24.95 48.11 -16.38
C LEU A 110 25.36 49.33 -15.58
N VAL A 111 25.51 50.45 -16.27
CA VAL A 111 25.87 51.70 -15.62
C VAL A 111 24.83 51.99 -14.56
N SER A 112 23.57 51.93 -14.96
CA SER A 112 22.47 52.17 -14.04
C SER A 112 22.63 51.30 -12.80
N GLU A 113 23.04 50.05 -13.00
CA GLU A 113 23.23 49.12 -11.91
C GLU A 113 24.30 49.63 -10.96
N VAL A 114 25.47 49.94 -11.52
CA VAL A 114 26.59 50.43 -10.73
C VAL A 114 26.18 51.68 -9.97
N ALA A 115 25.48 52.58 -10.67
CA ALA A 115 25.01 53.81 -10.08
C ALA A 115 24.16 53.51 -8.84
N LYS A 116 23.28 52.54 -8.97
CA LYS A 116 22.42 52.17 -7.85
C LYS A 116 23.25 51.79 -6.65
N ILE A 117 24.24 50.93 -6.88
CA ILE A 117 25.13 50.46 -5.84
C ILE A 117 25.73 51.65 -5.11
N MET A 118 26.19 52.62 -5.87
CA MET A 118 26.78 53.80 -5.26
C MET A 118 25.72 54.61 -4.53
N GLN A 119 24.56 54.82 -5.15
CA GLN A 119 23.51 55.60 -4.50
C GLN A 119 23.19 55.05 -3.12
N GLU A 120 23.11 53.73 -3.00
CA GLU A 120 22.79 53.12 -1.72
C GLU A 120 23.83 53.40 -0.64
N ALA A 121 25.10 53.51 -1.04
CA ALA A 121 26.20 53.80 -0.12
C ALA A 121 26.12 55.27 0.29
N THR A 122 25.12 55.95 -0.24
CA THR A 122 24.86 57.38 -0.02
C THR A 122 23.69 57.51 0.95
N GLN A 123 23.01 56.41 1.20
CA GLN A 123 21.84 56.45 2.05
C GLN A 123 21.69 55.28 3.04
N SER A 124 22.17 54.08 2.69
CA SER A 124 22.05 52.95 3.60
C SER A 124 22.68 53.24 4.95
N GLY A 125 22.29 52.47 5.96
CA GLY A 125 22.83 52.70 7.28
C GLY A 125 24.27 52.30 7.49
N GLY A 126 24.99 53.12 8.25
CA GLY A 126 26.37 52.84 8.58
C GLY A 126 27.44 52.72 7.50
N VAL A 127 27.44 53.58 6.49
CA VAL A 127 28.46 53.52 5.46
C VAL A 127 28.80 54.89 4.92
N ARG A 128 29.82 54.96 4.09
CA ARG A 128 30.24 56.21 3.48
C ARG A 128 30.14 56.05 1.98
N PRO A 129 29.87 57.14 1.25
CA PRO A 129 29.77 57.02 -0.21
C PRO A 129 31.08 56.46 -0.71
N PHE A 130 31.08 55.93 -1.95
CA PHE A 130 32.31 55.42 -2.50
C PHE A 130 33.14 56.65 -2.86
N GLY A 131 34.45 56.57 -2.68
CA GLY A 131 35.29 57.70 -2.98
C GLY A 131 35.84 57.65 -4.38
N VAL A 132 34.99 57.35 -5.36
CA VAL A 132 35.48 57.30 -6.72
C VAL A 132 34.47 57.79 -7.74
N SER A 133 34.96 58.01 -8.96
CA SER A 133 34.13 58.41 -10.08
C SER A 133 34.56 57.46 -11.16
N LEU A 134 33.61 56.97 -11.94
CA LEU A 134 33.93 56.01 -12.98
C LEU A 134 33.54 56.53 -14.36
N LEU A 135 34.26 56.04 -15.36
CA LEU A 135 33.99 56.37 -16.75
C LEU A 135 33.87 54.97 -17.35
N ILE A 136 32.67 54.61 -17.76
CA ILE A 136 32.42 53.30 -18.32
C ILE A 136 32.12 53.44 -19.81
N ALA A 137 32.78 52.62 -20.62
CA ALA A 137 32.60 52.64 -22.05
C ALA A 137 32.20 51.26 -22.55
N GLY A 138 31.14 51.21 -23.34
CA GLY A 138 30.70 49.93 -23.85
C GLY A 138 30.01 50.04 -25.18
N HIS A 139 29.48 48.91 -25.64
CA HIS A 139 28.76 48.87 -26.90
C HIS A 139 27.73 47.76 -26.94
N ASP A 140 26.48 48.11 -27.20
CA ASP A 140 25.43 47.12 -27.31
C ASP A 140 24.69 47.31 -28.62
N GLU A 141 24.31 46.20 -29.24
CA GLU A 141 23.62 46.18 -30.52
C GLU A 141 22.59 47.27 -30.82
N PHE A 142 21.76 47.62 -29.85
CA PHE A 142 20.76 48.62 -30.13
C PHE A 142 21.12 50.06 -29.78
N ASN A 143 22.21 50.26 -29.03
CA ASN A 143 22.62 51.61 -28.65
C ASN A 143 23.99 52.00 -29.20
N GLY A 144 24.68 51.04 -29.82
CA GLY A 144 25.99 51.31 -30.39
C GLY A 144 27.03 51.55 -29.31
N PHE A 145 27.87 52.57 -29.50
CA PHE A 145 28.90 52.87 -28.51
C PHE A 145 28.42 53.97 -27.60
N SER A 146 28.85 53.91 -26.35
CA SER A 146 28.50 54.94 -25.39
C SER A 146 29.56 55.04 -24.29
N LEU A 147 29.57 56.19 -23.64
CA LEU A 147 30.50 56.50 -22.58
C LEU A 147 29.74 57.20 -21.46
N TYR A 148 29.86 56.68 -20.25
CA TYR A 148 29.16 57.28 -19.13
C TYR A 148 30.10 57.60 -17.99
N GLN A 149 29.64 58.46 -17.10
CA GLN A 149 30.40 58.87 -15.93
C GLN A 149 29.50 58.61 -14.73
N VAL A 150 30.06 58.03 -13.68
CA VAL A 150 29.27 57.75 -12.49
C VAL A 150 29.97 58.40 -11.30
N ASP A 151 29.27 59.29 -10.62
CA ASP A 151 29.81 59.99 -9.45
C ASP A 151 29.36 59.34 -8.16
N PRO A 152 30.03 59.67 -7.03
CA PRO A 152 29.73 59.12 -5.71
C PRO A 152 28.27 59.29 -5.29
N SER A 153 27.62 60.31 -5.86
CA SER A 153 26.22 60.58 -5.55
C SER A 153 25.37 59.47 -6.10
N GLY A 154 25.89 58.80 -7.12
CA GLY A 154 25.14 57.74 -7.77
C GLY A 154 24.57 58.28 -9.07
N SER A 155 24.90 59.53 -9.38
CA SER A 155 24.45 60.20 -10.60
C SER A 155 25.32 59.81 -11.77
N TYR A 156 24.73 59.75 -12.96
CA TYR A 156 25.52 59.40 -14.13
C TYR A 156 25.05 60.15 -15.35
N PHE A 157 25.94 60.33 -16.31
CA PHE A 157 25.62 61.04 -17.52
C PHE A 157 26.44 60.52 -18.67
N PRO A 158 25.93 60.69 -19.90
CA PRO A 158 26.61 60.24 -21.12
C PRO A 158 27.48 61.35 -21.70
N TRP A 159 28.67 61.00 -22.15
CA TRP A 159 29.58 61.99 -22.70
C TRP A 159 30.10 61.61 -24.08
N LYS A 160 30.51 62.62 -24.84
CA LYS A 160 31.10 62.40 -26.15
C LYS A 160 32.57 62.22 -25.84
N ALA A 161 33.00 62.91 -24.78
CA ALA A 161 34.37 62.85 -24.29
C ALA A 161 34.47 63.67 -23.01
N THR A 162 35.29 63.23 -22.07
CA THR A 162 35.45 63.94 -20.81
C THR A 162 36.58 63.33 -19.99
N ALA A 163 36.95 64.03 -18.92
CA ALA A 163 38.00 63.56 -18.03
C ALA A 163 37.60 63.86 -16.60
N ILE A 164 38.21 63.13 -15.67
CA ILE A 164 37.95 63.30 -14.25
C ILE A 164 39.26 63.16 -13.50
N GLY A 165 39.27 63.65 -12.26
CA GLY A 165 40.47 63.57 -11.45
C GLY A 165 41.32 64.82 -11.53
N LYS A 166 42.48 64.75 -10.88
CA LYS A 166 43.45 65.84 -10.82
C LYS A 166 43.22 66.99 -11.81
N GLY A 167 43.67 66.80 -13.05
CA GLY A 167 43.54 67.84 -14.04
C GLY A 167 42.42 67.66 -15.05
N SER A 168 41.22 67.44 -14.53
CA SER A 168 40.05 67.24 -15.38
C SER A 168 39.65 68.53 -16.08
N VAL A 169 39.73 69.64 -15.35
CA VAL A 169 39.36 70.95 -15.89
C VAL A 169 40.14 71.28 -17.15
N ALA A 170 41.46 71.14 -17.08
CA ALA A 170 42.32 71.42 -18.22
C ALA A 170 42.05 70.42 -19.34
N ALA A 171 42.07 69.14 -18.98
CA ALA A 171 41.85 68.08 -19.94
C ALA A 171 40.53 68.27 -20.67
N LYS A 172 39.46 68.55 -19.93
CA LYS A 172 38.16 68.75 -20.56
C LYS A 172 38.27 69.83 -21.62
N THR A 173 38.95 70.91 -21.30
CA THR A 173 39.10 72.00 -22.25
C THR A 173 39.83 71.50 -23.49
N PHE A 174 40.99 70.89 -23.29
CA PHE A 174 41.75 70.39 -24.42
C PHE A 174 40.94 69.44 -25.29
N LEU A 175 40.03 68.70 -24.65
CA LEU A 175 39.21 67.75 -25.39
C LEU A 175 38.17 68.45 -26.26
N GLU A 176 37.50 69.44 -25.70
CA GLU A 176 36.48 70.16 -26.45
C GLU A 176 37.06 70.67 -27.76
N LYS A 177 38.30 71.15 -27.70
CA LYS A 177 38.98 71.68 -28.87
C LYS A 177 39.25 70.67 -29.97
N ARG A 178 39.51 69.43 -29.59
CA ARG A 178 39.86 68.39 -30.56
C ARG A 178 38.74 67.41 -30.92
N TRP A 179 37.62 67.43 -30.21
CA TRP A 179 36.56 66.47 -30.50
C TRP A 179 35.58 66.94 -31.58
N ASN A 180 35.17 65.99 -32.41
CA ASN A 180 34.22 66.22 -33.48
C ASN A 180 33.44 64.92 -33.69
N ASP A 181 32.28 65.00 -34.32
CA ASP A 181 31.45 63.82 -34.55
C ASP A 181 31.85 62.99 -35.77
N GLU A 182 33.12 63.06 -36.15
CA GLU A 182 33.59 62.29 -37.31
C GLU A 182 34.90 61.57 -37.06
N LEU A 183 35.30 61.51 -35.80
CA LEU A 183 36.54 60.83 -35.40
C LEU A 183 36.50 59.33 -35.63
N GLU A 184 37.61 58.78 -36.10
CA GLU A 184 37.72 57.33 -36.31
C GLU A 184 38.42 56.90 -35.02
N LEU A 185 38.24 55.65 -34.59
CA LEU A 185 38.86 55.18 -33.36
C LEU A 185 40.30 55.64 -33.12
N GLU A 186 41.18 55.45 -34.10
CA GLU A 186 42.57 55.86 -33.97
C GLU A 186 42.71 57.31 -33.55
N ASP A 187 41.99 58.17 -34.24
CA ASP A 187 42.01 59.61 -33.97
C ASP A 187 41.80 59.87 -32.49
N ALA A 188 40.76 59.25 -31.92
CA ALA A 188 40.46 59.41 -30.51
C ALA A 188 41.60 58.89 -29.64
N ILE A 189 42.14 57.73 -29.99
CA ILE A 189 43.25 57.16 -29.24
C ILE A 189 44.38 58.17 -29.24
N HIS A 190 44.64 58.72 -30.42
CA HIS A 190 45.68 59.72 -30.58
C HIS A 190 45.41 60.89 -29.63
N ILE A 191 44.21 61.47 -29.75
CA ILE A 191 43.79 62.59 -28.92
C ILE A 191 43.85 62.26 -27.44
N ALA A 192 43.61 60.99 -27.12
CA ALA A 192 43.64 60.57 -25.73
C ALA A 192 45.08 60.71 -25.23
N LEU A 193 46.00 60.07 -25.95
CA LEU A 193 47.40 60.11 -25.61
C LEU A 193 47.91 61.53 -25.41
N LEU A 194 47.51 62.44 -26.30
CA LEU A 194 47.94 63.83 -26.19
C LEU A 194 47.40 64.44 -24.92
N THR A 195 46.08 64.34 -24.75
CA THR A 195 45.40 64.90 -23.59
C THR A 195 46.02 64.39 -22.30
N LEU A 196 46.37 63.11 -22.29
CA LEU A 196 46.95 62.52 -21.10
C LEU A 196 48.35 63.04 -20.82
N LYS A 197 49.12 63.31 -21.88
CA LYS A 197 50.48 63.81 -21.73
C LYS A 197 50.59 65.03 -20.83
N GLU A 198 49.66 65.96 -20.97
CA GLU A 198 49.68 67.17 -20.15
C GLU A 198 49.57 66.84 -18.68
N SER A 199 48.72 65.88 -18.36
CA SER A 199 48.50 65.45 -16.98
C SER A 199 49.61 64.58 -16.42
N VAL A 200 50.59 64.22 -17.24
CA VAL A 200 51.68 63.37 -16.78
C VAL A 200 52.95 64.18 -16.51
N GLU A 201 53.47 64.03 -15.28
CA GLU A 201 54.67 64.74 -14.87
C GLU A 201 55.93 64.08 -15.39
N GLY A 202 56.10 62.80 -15.03
CA GLY A 202 57.30 62.08 -15.45
C GLY A 202 57.25 61.29 -16.73
N GLU A 203 57.69 60.03 -16.65
CA GLU A 203 57.72 59.15 -17.80
C GLU A 203 56.35 58.99 -18.44
N PHE A 204 56.32 59.08 -19.76
CA PHE A 204 55.08 58.93 -20.53
C PHE A 204 55.31 57.89 -21.60
N ASN A 205 54.98 56.64 -21.28
CA ASN A 205 55.17 55.54 -22.21
C ASN A 205 54.21 54.40 -21.90
N GLY A 206 54.18 53.41 -22.78
CA GLY A 206 53.30 52.27 -22.61
C GLY A 206 53.40 51.49 -21.30
N ASP A 207 54.26 51.92 -20.40
CA ASP A 207 54.40 51.25 -19.12
C ASP A 207 53.84 52.10 -17.98
N THR A 208 53.66 53.38 -18.27
CA THR A 208 53.13 54.33 -17.29
C THR A 208 51.71 54.74 -17.67
N ILE A 209 51.30 54.38 -18.88
CA ILE A 209 49.97 54.67 -19.37
C ILE A 209 49.21 53.36 -19.59
N GLU A 210 47.98 53.34 -19.11
CA GLU A 210 47.11 52.18 -19.26
C GLU A 210 45.98 52.67 -20.17
N LEU A 211 45.65 51.91 -21.21
CA LEU A 211 44.62 52.37 -22.10
C LEU A 211 43.87 51.20 -22.72
N ALA A 212 42.55 51.33 -22.82
CA ALA A 212 41.72 50.28 -23.41
C ALA A 212 40.71 50.86 -24.37
N ILE A 213 40.23 50.03 -25.28
CA ILE A 213 39.27 50.47 -26.26
C ILE A 213 38.08 49.54 -26.39
N ILE A 214 36.98 50.09 -26.87
CA ILE A 214 35.75 49.34 -27.10
C ILE A 214 35.52 49.54 -28.60
N GLY A 215 35.86 48.54 -29.40
CA GLY A 215 35.69 48.69 -30.84
C GLY A 215 35.13 47.48 -31.56
N ASP A 216 35.84 47.01 -32.58
CA ASP A 216 35.40 45.86 -33.35
C ASP A 216 35.58 44.59 -32.52
N GLU A 217 34.89 43.53 -32.95
CA GLU A 217 34.95 42.24 -32.28
C GLU A 217 36.29 41.56 -32.57
N ASN A 218 36.89 40.97 -31.53
CA ASN A 218 38.18 40.29 -31.65
C ASN A 218 37.99 38.77 -31.55
N PRO A 219 37.60 38.13 -32.66
CA PRO A 219 37.38 36.68 -32.70
C PRO A 219 38.60 35.92 -32.23
N ASP A 220 39.74 36.57 -32.35
CA ASP A 220 41.01 35.98 -31.94
C ASP A 220 41.10 35.93 -30.41
N LEU A 221 40.23 36.69 -29.74
CA LEU A 221 40.20 36.75 -28.29
C LEU A 221 38.97 36.04 -27.70
N LEU A 222 38.33 35.18 -28.48
CA LEU A 222 37.13 34.46 -28.05
C LEU A 222 37.49 33.17 -27.35
N GLY A 223 38.52 32.49 -27.85
CA GLY A 223 38.97 31.25 -27.25
C GLY A 223 38.43 29.99 -27.89
N TYR A 224 37.45 30.12 -28.78
CA TYR A 224 36.87 28.97 -29.46
C TYR A 224 36.26 29.40 -30.79
N THR A 225 36.04 28.42 -31.68
CA THR A 225 35.46 28.69 -32.98
C THR A 225 34.45 27.62 -33.36
N GLY A 226 33.42 28.01 -34.10
CA GLY A 226 32.41 27.06 -34.50
C GLY A 226 31.03 27.67 -34.46
N ILE A 227 30.87 28.70 -33.64
CA ILE A 227 29.58 29.35 -33.52
C ILE A 227 29.63 30.72 -34.20
N PRO A 228 29.11 30.81 -35.43
CA PRO A 228 29.09 32.04 -36.22
C PRO A 228 28.68 33.30 -35.47
N THR A 229 27.55 33.24 -34.79
CA THR A 229 27.03 34.38 -34.04
C THR A 229 27.96 34.94 -32.95
N ASP A 230 28.91 34.13 -32.48
CA ASP A 230 29.86 34.57 -31.46
C ASP A 230 31.16 35.00 -32.14
N LYS A 231 31.38 36.31 -32.25
CA LYS A 231 32.57 36.83 -32.93
C LYS A 231 33.71 37.34 -32.06
N GLY A 232 33.53 37.35 -30.74
CA GLY A 232 34.58 37.82 -29.86
C GLY A 232 34.21 39.11 -29.16
N PRO A 233 34.98 39.52 -28.12
CA PRO A 233 34.75 40.73 -27.33
C PRO A 233 35.22 42.01 -28.02
N ARG A 234 34.46 43.09 -27.84
CA ARG A 234 34.80 44.38 -28.44
C ARG A 234 35.79 45.14 -27.57
N PHE A 235 35.89 44.72 -26.31
CA PHE A 235 36.79 45.33 -25.35
C PHE A 235 38.21 44.77 -25.48
N ARG A 236 39.15 45.64 -25.74
CA ARG A 236 40.55 45.22 -25.83
C ARG A 236 41.44 46.25 -25.13
N LYS A 237 42.32 45.75 -24.27
CA LYS A 237 43.24 46.59 -23.54
C LYS A 237 44.49 46.64 -24.40
N LEU A 238 45.02 47.84 -24.62
CA LEU A 238 46.22 47.97 -25.44
C LEU A 238 47.46 47.51 -24.71
N THR A 239 48.38 46.89 -25.45
CA THR A 239 49.61 46.39 -24.88
C THR A 239 50.62 47.51 -24.71
N SER A 240 51.57 47.30 -23.81
CA SER A 240 52.59 48.30 -23.54
C SER A 240 53.16 48.73 -24.88
N GLN A 241 53.41 47.74 -25.74
CA GLN A 241 53.97 47.97 -27.07
C GLN A 241 53.03 48.81 -27.94
N GLU A 242 51.81 48.33 -28.12
CA GLU A 242 50.83 49.03 -28.95
C GLU A 242 50.70 50.51 -28.61
N ILE A 243 50.99 50.85 -27.36
CA ILE A 243 50.90 52.24 -26.94
C ILE A 243 52.09 53.04 -27.44
N ASN A 244 53.28 52.48 -27.31
CA ASN A 244 54.51 53.16 -27.75
C ASN A 244 54.56 53.47 -29.24
N ASP A 245 54.10 52.52 -30.06
CA ASP A 245 54.10 52.73 -31.50
C ASP A 245 53.31 54.01 -31.82
N ARG A 246 52.19 54.20 -31.14
CA ARG A 246 51.36 55.37 -31.36
C ARG A 246 51.96 56.62 -30.73
N LEU A 247 52.85 56.44 -29.75
CA LEU A 247 53.50 57.57 -29.09
C LEU A 247 54.55 58.21 -30.00
N GLU A 248 55.06 57.42 -30.94
CA GLU A 248 56.05 57.91 -31.89
C GLU A 248 55.39 58.84 -32.90
N ALA A 249 54.14 58.57 -33.22
CA ALA A 249 53.40 59.42 -34.15
C ALA A 249 52.66 60.48 -33.32
N LEU A 250 53.26 60.85 -32.20
CA LEU A 250 52.69 61.85 -31.28
C LEU A 250 52.92 63.27 -31.80
N GLY B 1 29.18 53.51 22.56
CA GLY B 1 28.41 52.88 21.45
C GLY B 1 28.32 53.73 20.19
N SER B 2 27.34 53.42 19.33
CA SER B 2 27.12 54.14 18.06
C SER B 2 26.35 55.45 18.23
N ARG B 3 25.38 55.45 19.13
CA ARG B 3 24.52 56.60 19.42
C ARG B 3 25.22 57.94 19.24
N ARG B 4 26.51 57.95 19.51
CA ARG B 4 27.33 59.16 19.40
C ARG B 4 27.26 59.83 18.03
N TYR B 5 27.37 59.03 16.98
CA TYR B 5 27.38 59.53 15.61
C TYR B 5 26.02 59.56 14.91
N ASP B 6 24.95 59.28 15.65
CA ASP B 6 23.59 59.25 15.09
C ASP B 6 22.97 60.64 14.96
N SER B 7 22.72 61.05 13.71
CA SER B 7 22.14 62.36 13.40
C SER B 7 20.67 62.46 13.78
N ARG B 8 19.98 61.33 13.79
CA ARG B 8 18.55 61.31 14.14
C ARG B 8 17.80 62.09 13.06
N THR B 9 17.75 61.49 11.87
CA THR B 9 17.10 62.10 10.72
C THR B 9 15.59 62.18 10.83
N THR B 10 15.02 61.57 11.86
CA THR B 10 13.58 61.59 11.96
C THR B 10 12.99 62.26 13.20
N ILE B 11 13.57 63.37 13.65
CA ILE B 11 13.01 64.06 14.81
C ILE B 11 12.42 65.42 14.46
N PHE B 12 11.55 65.90 15.35
CA PHE B 12 10.88 67.18 15.20
C PHE B 12 11.71 68.31 15.76
N SER B 13 11.63 69.49 15.13
CA SER B 13 12.34 70.65 15.65
C SER B 13 11.39 71.13 16.76
N PRO B 14 11.87 71.99 17.68
CA PRO B 14 10.96 72.45 18.74
C PRO B 14 9.71 73.11 18.16
N GLU B 15 9.80 73.45 16.88
CA GLU B 15 8.70 74.09 16.15
C GLU B 15 7.82 73.06 15.42
N GLY B 16 8.10 71.78 15.66
CA GLY B 16 7.30 70.75 15.03
C GLY B 16 7.59 70.59 13.55
N ARG B 17 8.83 70.85 13.14
CA ARG B 17 9.22 70.71 11.75
C ARG B 17 10.18 69.54 11.62
N LEU B 18 10.33 69.02 10.41
CA LEU B 18 11.24 67.91 10.19
C LEU B 18 12.53 68.40 9.54
N TYR B 19 13.53 68.61 10.39
CA TYR B 19 14.83 69.09 9.94
C TYR B 19 15.25 68.60 8.57
N GLN B 20 15.50 67.30 8.47
CA GLN B 20 15.94 66.71 7.20
C GLN B 20 15.03 67.03 6.03
N VAL B 21 13.71 66.95 6.24
CA VAL B 21 12.78 67.27 5.15
C VAL B 21 13.06 68.69 4.67
N GLU B 22 13.01 69.63 5.63
CA GLU B 22 13.26 71.04 5.36
C GLU B 22 14.57 71.22 4.59
N TYR B 23 15.66 70.69 5.15
CA TYR B 23 16.97 70.81 4.53
C TYR B 23 17.01 70.18 3.13
N ALA B 24 16.35 69.03 2.98
CA ALA B 24 16.30 68.34 1.70
C ALA B 24 15.57 69.22 0.70
N LEU B 25 14.51 69.89 1.15
CA LEU B 25 13.75 70.80 0.31
C LEU B 25 14.66 71.91 -0.16
N GLU B 26 15.51 72.37 0.75
CA GLU B 26 16.47 73.42 0.43
C GLU B 26 17.36 72.89 -0.68
N SER B 27 17.74 71.62 -0.56
CA SER B 27 18.58 70.98 -1.54
C SER B 27 17.87 71.10 -2.89
N ILE B 28 16.61 70.67 -2.90
CA ILE B 28 15.78 70.70 -4.10
C ILE B 28 15.76 72.09 -4.76
N SER B 29 15.58 73.13 -3.94
CA SER B 29 15.51 74.50 -4.44
C SER B 29 16.65 74.92 -5.36
N HIS B 30 17.77 74.20 -5.32
CA HIS B 30 18.91 74.56 -6.17
C HIS B 30 18.94 73.69 -7.43
N ALA B 31 17.96 72.82 -7.58
CA ALA B 31 17.91 71.94 -8.75
C ALA B 31 17.20 72.61 -9.93
N GLY B 32 17.61 72.23 -11.14
CA GLY B 32 17.00 72.79 -12.34
C GLY B 32 15.49 72.83 -12.22
N THR B 33 14.90 73.93 -12.68
CA THR B 33 13.44 74.09 -12.59
C THR B 33 12.68 73.16 -13.53
N ALA B 34 11.56 72.65 -13.03
CA ALA B 34 10.72 71.76 -13.82
C ALA B 34 9.29 72.29 -13.72
N ILE B 35 8.58 72.25 -14.84
CA ILE B 35 7.24 72.75 -14.87
C ILE B 35 6.24 71.78 -15.46
N GLY B 36 5.03 71.83 -14.93
CA GLY B 36 3.97 70.99 -15.41
C GLY B 36 2.72 71.85 -15.55
N ILE B 37 2.18 71.89 -16.76
CA ILE B 37 0.97 72.66 -17.02
C ILE B 37 -0.05 71.73 -17.66
N MET B 38 -1.25 71.73 -17.10
CA MET B 38 -2.31 70.86 -17.58
C MET B 38 -3.38 71.59 -18.41
N ALA B 39 -3.46 71.22 -19.68
CA ALA B 39 -4.43 71.80 -20.61
C ALA B 39 -5.61 70.86 -20.75
N SER B 40 -6.70 71.37 -21.31
CA SER B 40 -7.92 70.59 -21.51
C SER B 40 -7.70 69.38 -22.42
N ASP B 41 -6.76 69.49 -23.36
CA ASP B 41 -6.49 68.40 -24.29
C ASP B 41 -5.13 67.75 -24.12
N GLY B 42 -4.52 67.90 -22.94
CA GLY B 42 -3.22 67.29 -22.71
C GLY B 42 -2.41 67.93 -21.59
N ILE B 43 -1.26 67.34 -21.29
CA ILE B 43 -0.40 67.86 -20.23
C ILE B 43 0.98 68.16 -20.78
N VAL B 44 1.66 69.12 -20.18
CA VAL B 44 3.00 69.49 -20.62
C VAL B 44 4.01 69.46 -19.50
N LEU B 45 5.11 68.76 -19.74
CA LEU B 45 6.18 68.68 -18.77
C LEU B 45 7.41 69.32 -19.39
N ALA B 46 7.96 70.31 -18.70
CA ALA B 46 9.15 70.99 -19.20
C ALA B 46 10.17 71.12 -18.07
N ALA B 47 11.43 70.83 -18.37
CA ALA B 47 12.47 70.93 -17.36
C ALA B 47 13.76 71.53 -17.89
N GLU B 48 14.47 72.24 -17.01
CA GLU B 48 15.72 72.89 -17.36
C GLU B 48 16.88 72.05 -16.84
N ARG B 49 17.68 71.51 -17.75
CA ARG B 49 18.84 70.70 -17.38
C ARG B 49 19.84 71.57 -16.65
N LYS B 50 20.13 71.21 -15.41
CA LYS B 50 21.09 71.98 -14.62
C LYS B 50 22.48 71.57 -15.10
N VAL B 51 23.36 72.55 -15.27
CA VAL B 51 24.74 72.35 -15.72
C VAL B 51 24.88 71.55 -17.03
N THR B 52 25.70 72.06 -17.94
CA THR B 52 25.95 71.40 -19.21
C THR B 52 27.31 71.79 -19.77
N SER B 53 27.81 70.98 -20.69
CA SER B 53 29.10 71.20 -21.34
C SER B 53 28.92 70.93 -22.82
N THR B 54 29.86 71.41 -23.62
CA THR B 54 29.79 71.20 -25.06
C THR B 54 29.83 69.70 -25.35
N LEU B 55 30.73 69.00 -24.68
CA LEU B 55 30.89 67.56 -24.89
C LEU B 55 29.78 66.68 -24.33
N LEU B 56 28.93 67.24 -23.47
CA LEU B 56 27.84 66.45 -22.92
C LEU B 56 26.94 65.92 -24.03
N GLU B 57 26.73 64.61 -24.03
CA GLU B 57 25.89 63.94 -25.01
C GLU B 57 24.45 64.20 -24.64
N GLN B 58 23.71 64.96 -25.45
CA GLN B 58 22.33 65.28 -25.10
C GLN B 58 21.28 64.37 -25.74
N ASP B 59 21.69 63.61 -26.75
CA ASP B 59 20.76 62.70 -27.42
C ASP B 59 20.48 61.48 -26.53
N THR B 60 21.53 60.99 -25.88
CA THR B 60 21.44 59.83 -24.99
C THR B 60 21.04 60.19 -23.55
N SER B 61 20.89 61.49 -23.29
CA SER B 61 20.54 61.94 -21.94
C SER B 61 19.04 62.00 -21.62
N THR B 62 18.77 61.97 -20.31
CA THR B 62 17.42 62.02 -19.75
C THR B 62 17.64 62.10 -18.24
N GLU B 63 17.78 63.32 -17.72
CA GLU B 63 18.01 63.51 -16.30
C GLU B 63 16.80 64.06 -15.54
N LYS B 64 15.71 64.38 -16.24
CA LYS B 64 14.56 64.96 -15.55
C LYS B 64 13.17 64.45 -15.95
N LEU B 65 13.04 63.91 -17.16
CA LEU B 65 11.76 63.39 -17.60
C LEU B 65 11.83 61.88 -17.76
N TYR B 66 11.10 61.19 -16.88
CA TYR B 66 11.07 59.74 -16.86
C TYR B 66 9.66 59.20 -17.05
N LYS B 67 9.59 58.11 -17.81
CA LYS B 67 8.32 57.47 -18.08
C LYS B 67 8.09 56.41 -16.98
N LEU B 68 6.91 56.41 -16.39
CA LEU B 68 6.59 55.42 -15.35
C LEU B 68 5.69 54.36 -15.95
N ASN B 69 4.72 54.84 -16.72
CA ASN B 69 3.70 54.03 -17.33
C ASN B 69 3.52 54.53 -18.75
N ASP B 70 2.54 54.01 -19.47
CA ASP B 70 2.30 54.50 -20.82
C ASP B 70 1.39 55.72 -20.69
N LYS B 71 0.87 55.92 -19.49
CA LYS B 71 -0.04 57.03 -19.22
C LYS B 71 0.47 57.96 -18.12
N ILE B 72 1.57 57.58 -17.49
CA ILE B 72 2.11 58.41 -16.42
C ILE B 72 3.60 58.71 -16.61
N ALA B 73 3.98 59.97 -16.40
CA ALA B 73 5.37 60.40 -16.53
C ALA B 73 5.66 61.40 -15.43
N VAL B 74 6.92 61.48 -15.02
CA VAL B 74 7.30 62.42 -13.97
C VAL B 74 8.46 63.30 -14.36
N ALA B 75 8.48 64.49 -13.77
CA ALA B 75 9.55 65.45 -14.01
C ALA B 75 10.28 65.48 -12.67
N VAL B 76 11.61 65.36 -12.71
CA VAL B 76 12.40 65.33 -11.49
C VAL B 76 13.14 66.60 -11.12
N ALA B 77 13.19 66.89 -9.82
CA ALA B 77 13.90 68.04 -9.29
C ALA B 77 14.62 67.54 -8.04
N GLY B 78 15.95 67.46 -8.11
CA GLY B 78 16.71 66.99 -6.97
C GLY B 78 17.71 65.90 -7.35
N LEU B 79 18.09 65.07 -6.37
CA LEU B 79 19.04 63.97 -6.60
C LEU B 79 18.60 62.97 -7.66
N THR B 80 19.23 63.01 -8.83
CA THR B 80 18.90 62.09 -9.91
C THR B 80 18.86 60.65 -9.43
N ALA B 81 19.95 60.22 -8.78
CA ALA B 81 20.10 58.86 -8.28
C ALA B 81 18.98 58.48 -7.30
N ASP B 82 18.64 59.37 -6.37
CA ASP B 82 17.57 59.09 -5.41
C ASP B 82 16.29 58.92 -6.21
N ALA B 83 16.04 59.85 -7.12
CA ALA B 83 14.86 59.84 -7.97
C ALA B 83 14.68 58.49 -8.64
N GLU B 84 15.74 57.99 -9.27
CA GLU B 84 15.66 56.70 -9.95
C GLU B 84 15.23 55.58 -9.02
N ILE B 85 15.83 55.51 -7.83
CA ILE B 85 15.44 54.47 -6.88
C ILE B 85 13.91 54.47 -6.76
N LEU B 86 13.35 55.66 -6.56
CA LEU B 86 11.92 55.81 -6.40
C LEU B 86 11.18 55.52 -7.69
N ILE B 87 11.68 56.06 -8.79
CA ILE B 87 11.05 55.85 -10.09
C ILE B 87 10.87 54.38 -10.36
N ASN B 88 11.88 53.59 -10.05
CA ASN B 88 11.77 52.17 -10.30
C ASN B 88 10.69 51.50 -9.46
N THR B 89 10.65 51.77 -8.17
CA THR B 89 9.62 51.15 -7.33
C THR B 89 8.26 51.66 -7.80
N ALA B 90 8.23 52.85 -8.37
CA ALA B 90 6.99 53.40 -8.88
C ALA B 90 6.58 52.51 -10.04
N ARG B 91 7.48 52.31 -11.00
CA ARG B 91 7.22 51.47 -12.16
C ARG B 91 6.72 50.09 -11.75
N ILE B 92 7.42 49.43 -10.84
CA ILE B 92 6.97 48.10 -10.39
C ILE B 92 5.54 48.20 -9.88
N HIS B 93 5.27 49.15 -8.99
CA HIS B 93 3.91 49.28 -8.46
C HIS B 93 2.87 49.32 -9.57
N ALA B 94 3.09 50.14 -10.60
CA ALA B 94 2.14 50.24 -11.70
C ALA B 94 1.84 48.86 -12.28
N GLN B 95 2.89 48.10 -12.56
CA GLN B 95 2.76 46.77 -13.11
C GLN B 95 2.03 45.80 -12.21
N ASN B 96 2.29 45.85 -10.91
CA ASN B 96 1.60 44.95 -9.97
C ASN B 96 0.11 45.21 -10.08
N TYR B 97 -0.27 46.48 -10.01
CA TYR B 97 -1.66 46.89 -10.10
C TYR B 97 -2.26 46.31 -11.37
N LEU B 98 -1.53 46.47 -12.48
CA LEU B 98 -2.00 45.97 -13.75
C LEU B 98 -2.23 44.46 -13.67
N LYS B 99 -1.23 43.73 -13.19
CA LYS B 99 -1.36 42.28 -13.11
C LYS B 99 -2.50 41.86 -12.21
N THR B 100 -2.74 42.61 -11.14
CA THR B 100 -3.81 42.27 -10.21
C THR B 100 -5.20 42.57 -10.70
N TYR B 101 -5.38 43.74 -11.33
CA TYR B 101 -6.69 44.16 -11.79
C TYR B 101 -6.92 44.19 -13.29
N ASN B 102 -5.89 43.95 -14.07
CA ASN B 102 -6.04 44.00 -15.52
C ASN B 102 -6.61 45.34 -15.96
N GLU B 103 -6.10 46.40 -15.36
CA GLU B 103 -6.48 47.78 -15.64
C GLU B 103 -5.26 48.63 -15.24
N ASP B 104 -4.97 49.69 -16.00
CA ASP B 104 -3.83 50.53 -15.67
C ASP B 104 -4.08 51.23 -14.36
N ILE B 105 -3.02 51.45 -13.60
CA ILE B 105 -3.15 52.09 -12.30
C ILE B 105 -3.59 53.55 -12.38
N PRO B 106 -4.68 53.90 -11.66
CA PRO B 106 -5.18 55.28 -11.63
C PRO B 106 -4.04 56.19 -11.15
N VAL B 107 -3.88 57.33 -11.79
CA VAL B 107 -2.79 58.23 -11.42
C VAL B 107 -2.61 58.47 -9.93
N GLU B 108 -3.64 58.95 -9.24
CA GLU B 108 -3.49 59.22 -7.81
C GLU B 108 -2.95 58.05 -7.01
N ILE B 109 -3.54 56.88 -7.25
CA ILE B 109 -3.12 55.66 -6.57
C ILE B 109 -1.61 55.50 -6.64
N LEU B 110 -1.03 55.63 -7.84
CA LEU B 110 0.41 55.49 -7.98
C LEU B 110 1.11 56.59 -7.20
N VAL B 111 0.69 57.83 -7.43
CA VAL B 111 1.30 58.97 -6.74
C VAL B 111 1.29 58.80 -5.22
N ARG B 112 0.14 58.45 -4.66
CA ARG B 112 0.03 58.28 -3.22
C ARG B 112 1.04 57.25 -2.70
N ARG B 113 1.06 56.08 -3.32
CA ARG B 113 1.97 55.02 -2.92
C ARG B 113 3.40 55.52 -2.83
N LEU B 114 3.88 56.14 -3.91
CA LEU B 114 5.23 56.67 -3.95
C LEU B 114 5.41 57.67 -2.82
N SER B 115 4.39 58.49 -2.58
CA SER B 115 4.45 59.51 -1.54
C SER B 115 4.56 58.92 -0.15
N ASP B 116 3.84 57.81 0.09
CA ASP B 116 3.85 57.13 1.37
C ASP B 116 5.24 56.57 1.64
N ILE B 117 5.88 56.08 0.58
CA ILE B 117 7.24 55.53 0.71
C ILE B 117 8.12 56.63 1.26
N LYS B 118 7.99 57.82 0.70
CA LYS B 118 8.80 58.95 1.16
C LYS B 118 8.46 59.26 2.59
N GLN B 119 7.17 59.31 2.89
CA GLN B 119 6.72 59.62 4.24
C GLN B 119 7.37 58.66 5.22
N GLY B 120 7.56 57.43 4.80
CA GLY B 120 8.18 56.44 5.67
C GLY B 120 9.53 56.89 6.18
N TYR B 121 10.42 57.24 5.26
CA TYR B 121 11.76 57.68 5.60
C TYR B 121 11.72 58.87 6.53
N THR B 122 10.51 59.38 6.76
CA THR B 122 10.28 60.55 7.59
C THR B 122 9.94 60.23 9.03
N GLN B 123 9.36 59.06 9.26
CA GLN B 123 8.91 58.70 10.60
C GLN B 123 9.70 57.57 11.25
N HIS B 124 10.50 56.87 10.46
CA HIS B 124 11.26 55.77 11.03
C HIS B 124 12.41 55.33 10.13
N GLY B 125 13.36 54.60 10.70
CA GLY B 125 14.47 54.10 9.92
C GLY B 125 15.82 54.74 10.16
N GLY B 126 15.81 55.96 10.69
CA GLY B 126 17.04 56.67 10.95
C GLY B 126 17.83 56.96 9.67
N LEU B 127 17.18 56.81 8.52
CA LEU B 127 17.84 57.09 7.24
C LEU B 127 17.50 58.49 6.76
N ARG B 128 18.30 59.01 5.83
CA ARG B 128 18.05 60.34 5.30
C ARG B 128 16.93 60.28 4.25
N PRO B 129 16.12 61.32 4.19
CA PRO B 129 15.02 61.39 3.22
C PRO B 129 15.57 61.45 1.81
N PHE B 130 14.73 61.17 0.82
CA PHE B 130 15.18 61.25 -0.56
C PHE B 130 15.12 62.72 -0.94
N GLY B 131 16.19 63.24 -1.52
CA GLY B 131 16.21 64.64 -1.91
C GLY B 131 15.61 64.77 -3.30
N VAL B 132 14.31 64.51 -3.39
CA VAL B 132 13.62 64.56 -4.66
C VAL B 132 12.20 65.10 -4.61
N SER B 133 11.83 65.84 -5.64
CA SER B 133 10.48 66.35 -5.77
C SER B 133 10.03 65.92 -7.14
N PHE B 134 8.79 65.47 -7.25
CA PHE B 134 8.27 65.00 -8.52
C PHE B 134 7.06 65.79 -8.98
N ILE B 135 6.92 65.88 -10.31
CA ILE B 135 5.74 66.49 -10.89
C ILE B 135 5.20 65.31 -11.68
N TYR B 136 4.00 64.85 -11.34
CA TYR B 136 3.40 63.71 -12.04
C TYR B 136 2.40 64.17 -13.07
N ALA B 137 2.59 63.72 -14.30
CA ALA B 137 1.69 64.07 -15.39
C ALA B 137 1.12 62.77 -15.91
N GLY B 138 -0.18 62.59 -15.78
CA GLY B 138 -0.78 61.35 -16.22
C GLY B 138 -2.27 61.40 -16.50
N TYR B 139 -2.76 60.31 -17.08
CA TYR B 139 -4.16 60.21 -17.45
C TYR B 139 -4.80 58.86 -17.14
N ASP B 140 -6.03 58.90 -16.64
CA ASP B 140 -6.78 57.67 -16.36
C ASP B 140 -8.26 57.94 -16.65
N ASP B 141 -9.02 56.87 -16.88
CA ASP B 141 -10.44 56.99 -17.21
C ASP B 141 -11.35 57.38 -16.06
N ARG B 142 -10.83 58.12 -15.08
CA ARG B 142 -11.67 58.51 -13.96
C ARG B 142 -11.57 60.00 -13.69
N TYR B 143 -10.40 60.55 -13.91
CA TYR B 143 -10.15 61.97 -13.69
C TYR B 143 -9.44 62.53 -14.90
N GLY B 144 -9.18 61.67 -15.87
CA GLY B 144 -8.48 62.09 -17.08
C GLY B 144 -7.13 62.70 -16.79
N TYR B 145 -6.86 63.83 -17.42
CA TYR B 145 -5.60 64.52 -17.22
C TYR B 145 -5.45 65.04 -15.81
N GLN B 146 -4.39 64.60 -15.16
CA GLN B 146 -4.09 65.00 -13.79
C GLN B 146 -2.64 65.42 -13.67
N LEU B 147 -2.38 66.35 -12.77
CA LEU B 147 -1.04 66.86 -12.55
C LEU B 147 -0.83 66.87 -11.04
N TYR B 148 0.14 66.09 -10.58
CA TYR B 148 0.43 66.01 -9.15
C TYR B 148 1.85 66.44 -8.84
N THR B 149 2.11 66.64 -7.56
CA THR B 149 3.45 67.04 -7.17
C THR B 149 3.74 66.48 -5.79
N SER B 150 4.90 65.87 -5.63
CA SER B 150 5.30 65.32 -4.33
C SER B 150 6.72 65.75 -3.98
N ASN B 151 6.97 65.94 -2.69
CA ASN B 151 8.27 66.36 -2.17
C ASN B 151 8.78 65.37 -1.12
N PRO B 152 10.01 65.60 -0.62
CA PRO B 152 10.66 64.76 0.39
C PRO B 152 9.84 64.44 1.66
N SER B 153 8.92 65.31 2.02
CA SER B 153 8.12 65.10 3.21
C SER B 153 7.12 63.96 3.05
N GLY B 154 6.70 63.71 1.82
CA GLY B 154 5.74 62.64 1.59
C GLY B 154 4.36 63.18 1.34
N ASN B 155 4.30 64.49 1.11
CA ASN B 155 3.03 65.13 0.85
C ASN B 155 2.89 65.28 -0.65
N TYR B 156 1.66 65.27 -1.12
CA TYR B 156 1.43 65.46 -2.54
C TYR B 156 0.13 66.22 -2.74
N THR B 157 0.04 66.91 -3.87
CA THR B 157 -1.15 67.68 -4.18
C THR B 157 -1.35 67.80 -5.68
N GLY B 158 -2.56 68.20 -6.06
CA GLY B 158 -2.90 68.33 -7.47
C GLY B 158 -2.83 69.76 -7.93
N TRP B 159 -2.54 69.95 -9.22
CA TRP B 159 -2.43 71.29 -9.78
C TRP B 159 -2.90 71.39 -11.22
N LYS B 160 -3.07 72.63 -11.68
CA LYS B 160 -3.48 72.89 -13.06
C LYS B 160 -2.18 73.26 -13.76
N ALA B 161 -1.25 73.79 -12.96
CA ALA B 161 0.07 74.18 -13.43
C ALA B 161 0.93 74.34 -12.18
N ILE B 162 2.17 73.87 -12.24
CA ILE B 162 3.05 73.97 -11.09
C ILE B 162 4.51 73.79 -11.48
N SER B 163 5.40 74.21 -10.59
CA SER B 163 6.83 74.10 -10.83
C SER B 163 7.52 73.57 -9.57
N VAL B 164 8.70 72.99 -9.74
CA VAL B 164 9.49 72.48 -8.63
C VAL B 164 10.94 72.77 -8.92
N GLY B 165 11.72 72.92 -7.85
CA GLY B 165 13.13 73.22 -8.01
C GLY B 165 13.43 74.69 -7.78
N ALA B 166 14.38 75.21 -8.55
CA ALA B 166 14.80 76.61 -8.44
C ALA B 166 13.75 77.64 -8.79
N ASN B 167 13.80 78.77 -8.09
CA ASN B 167 12.90 79.89 -8.33
C ASN B 167 11.47 79.45 -8.59
N THR B 168 10.92 78.63 -7.71
CA THR B 168 9.55 78.19 -7.90
C THR B 168 8.59 79.36 -7.68
N SER B 169 8.98 80.25 -6.77
CA SER B 169 8.20 81.43 -6.42
C SER B 169 7.93 82.27 -7.67
N ALA B 170 9.01 82.68 -8.34
CA ALA B 170 8.88 83.48 -9.54
C ALA B 170 8.00 82.72 -10.53
N ALA B 171 8.39 81.48 -10.80
CA ALA B 171 7.67 80.61 -11.74
C ALA B 171 6.17 80.50 -11.46
N GLN B 172 5.82 80.22 -10.21
CA GLN B 172 4.43 80.07 -9.82
C GLN B 172 3.63 81.33 -10.10
N THR B 173 4.22 82.50 -9.83
CA THR B 173 3.56 83.78 -10.04
C THR B 173 3.30 84.02 -11.53
N LEU B 174 4.31 83.75 -12.36
CA LEU B 174 4.18 83.93 -13.80
C LEU B 174 3.11 83.04 -14.40
N LEU B 175 3.02 81.81 -13.88
CA LEU B 175 2.04 80.82 -14.33
C LEU B 175 0.64 81.21 -13.87
N GLN B 176 0.55 81.66 -12.63
CA GLN B 176 -0.70 82.07 -12.02
C GLN B 176 -1.24 83.34 -12.70
N MET B 177 -0.34 84.02 -13.38
CA MET B 177 -0.66 85.27 -14.07
C MET B 177 -1.17 85.06 -15.49
N ASP B 178 -0.76 83.98 -16.15
CA ASP B 178 -1.18 83.73 -17.53
C ASP B 178 -1.86 82.41 -17.77
N TYR B 179 -2.25 81.73 -16.71
CA TYR B 179 -2.90 80.44 -16.88
C TYR B 179 -4.42 80.62 -16.99
N LYS B 180 -5.04 79.87 -17.90
CA LYS B 180 -6.49 79.92 -18.06
C LYS B 180 -7.02 78.50 -18.27
N ASP B 181 -8.10 78.17 -17.55
CA ASP B 181 -8.73 76.84 -17.60
C ASP B 181 -8.95 76.26 -18.99
N ASP B 182 -9.46 77.09 -19.89
CA ASP B 182 -9.74 76.67 -21.26
C ASP B 182 -8.48 76.54 -22.14
N MET B 183 -7.30 76.58 -21.52
CA MET B 183 -6.06 76.48 -22.28
C MET B 183 -5.99 75.27 -23.18
N LYS B 184 -5.08 75.33 -24.15
CA LYS B 184 -4.89 74.23 -25.08
C LYS B 184 -3.41 73.87 -25.04
N VAL B 185 -3.12 72.56 -25.12
CA VAL B 185 -1.74 72.06 -25.08
C VAL B 185 -0.72 73.00 -25.70
N ASP B 186 -0.96 73.43 -26.93
CA ASP B 186 -0.03 74.31 -27.61
C ASP B 186 0.15 75.61 -26.84
N ASP B 187 -0.88 76.02 -26.12
CA ASP B 187 -0.80 77.23 -25.32
C ASP B 187 0.15 76.95 -24.14
N ALA B 188 -0.07 75.81 -23.47
CA ALA B 188 0.73 75.40 -22.32
C ALA B 188 2.21 75.27 -22.68
N ILE B 189 2.47 74.57 -23.77
CA ILE B 189 3.83 74.38 -24.24
C ILE B 189 4.53 75.72 -24.26
N GLU B 190 3.84 76.71 -24.82
CA GLU B 190 4.40 78.04 -24.92
C GLU B 190 4.59 78.66 -23.54
N LEU B 191 3.50 78.77 -22.78
CA LEU B 191 3.55 79.34 -21.43
C LEU B 191 4.72 78.73 -20.65
N ALA B 192 4.86 77.41 -20.72
CA ALA B 192 5.93 76.70 -20.03
C ALA B 192 7.28 77.29 -20.40
N LEU B 193 7.61 77.26 -21.70
CA LEU B 193 8.89 77.80 -22.17
C LEU B 193 9.13 79.23 -21.73
N LYS B 194 8.07 80.05 -21.79
CA LYS B 194 8.17 81.45 -21.39
C LYS B 194 8.56 81.54 -19.93
N THR B 195 7.84 80.81 -19.08
CA THR B 195 8.11 80.83 -17.65
C THR B 195 9.55 80.46 -17.34
N LEU B 196 10.02 79.34 -17.90
CA LEU B 196 11.40 78.90 -17.68
C LEU B 196 12.36 79.96 -18.19
N SER B 197 12.05 80.52 -19.34
CA SER B 197 12.87 81.55 -19.98
C SER B 197 13.07 82.76 -19.07
N LYS B 198 12.09 83.04 -18.21
CA LYS B 198 12.17 84.17 -17.30
C LYS B 198 12.67 83.83 -15.90
N THR B 199 12.88 82.56 -15.61
CA THR B 199 13.37 82.15 -14.30
C THR B 199 14.81 81.65 -14.34
N THR B 200 15.22 81.14 -15.50
CA THR B 200 16.57 80.61 -15.68
C THR B 200 17.64 81.51 -15.11
N ASP B 201 18.66 80.90 -14.53
CA ASP B 201 19.77 81.64 -13.97
C ASP B 201 20.86 81.69 -15.03
N SER B 202 20.59 81.07 -16.17
CA SER B 202 21.54 81.03 -17.28
C SER B 202 21.27 82.14 -18.27
N SER B 203 22.27 82.42 -19.10
CA SER B 203 22.18 83.48 -20.12
C SER B 203 20.87 83.42 -20.88
N ALA B 204 20.81 82.51 -21.82
CA ALA B 204 19.61 82.33 -22.62
C ALA B 204 19.09 80.93 -22.36
N LEU B 205 18.01 80.57 -23.04
CA LEU B 205 17.42 79.26 -22.89
C LEU B 205 17.56 78.57 -24.24
N THR B 206 18.52 77.65 -24.33
CA THR B 206 18.76 76.91 -25.56
C THR B 206 18.23 75.49 -25.46
N TYR B 207 17.95 74.89 -26.61
CA TYR B 207 17.40 73.53 -26.64
C TYR B 207 18.27 72.52 -25.91
N ASP B 208 19.58 72.69 -26.01
CA ASP B 208 20.49 71.75 -25.36
C ASP B 208 20.29 71.69 -23.84
N ARG B 209 19.65 72.70 -23.27
CA ARG B 209 19.43 72.74 -21.84
C ARG B 209 18.00 72.47 -21.42
N LEU B 210 17.22 71.82 -22.29
CA LEU B 210 15.81 71.53 -21.98
C LEU B 210 15.33 70.13 -22.29
N GLU B 211 14.34 69.69 -21.53
CA GLU B 211 13.71 68.39 -21.74
C GLU B 211 12.23 68.72 -21.80
N PHE B 212 11.57 68.16 -22.81
CA PHE B 212 10.17 68.41 -23.02
C PHE B 212 9.39 67.15 -23.27
N ALA B 213 8.21 67.08 -22.69
CA ALA B 213 7.35 65.92 -22.84
C ALA B 213 5.88 66.32 -22.74
N THR B 214 5.05 65.72 -23.58
CA THR B 214 3.61 66.00 -23.61
C THR B 214 2.79 64.71 -23.57
N ILE B 215 1.66 64.75 -22.87
CA ILE B 215 0.76 63.60 -22.78
C ILE B 215 -0.57 63.97 -23.40
N ARG B 216 -0.70 63.74 -24.70
CA ARG B 216 -1.94 64.04 -25.39
C ARG B 216 -2.70 62.80 -25.79
N LYS B 217 -3.93 63.00 -26.22
CA LYS B 217 -4.78 61.90 -26.65
C LYS B 217 -5.12 62.10 -28.12
N GLY B 218 -4.07 62.15 -28.96
CA GLY B 218 -4.23 62.35 -30.40
C GLY B 218 -5.62 62.01 -30.90
N ALA B 219 -6.42 63.03 -31.21
CA ALA B 219 -7.79 62.88 -31.70
C ALA B 219 -7.89 61.78 -32.75
N ASN B 220 -6.91 61.75 -33.65
CA ASN B 220 -6.86 60.73 -34.71
C ASN B 220 -6.32 59.44 -34.11
N ASP B 221 -7.12 58.83 -33.23
CA ASP B 221 -6.75 57.59 -32.54
C ASP B 221 -7.79 57.25 -31.47
N GLY B 222 -7.81 58.03 -30.39
CA GLY B 222 -8.76 57.78 -29.31
C GLY B 222 -8.09 57.19 -28.08
N GLU B 223 -6.76 57.21 -28.06
CA GLU B 223 -5.97 56.69 -26.94
C GLU B 223 -4.95 57.74 -26.46
N VAL B 224 -4.33 57.47 -25.31
CA VAL B 224 -3.34 58.38 -24.71
C VAL B 224 -1.91 58.14 -25.19
N TYR B 225 -1.24 59.21 -25.59
CA TYR B 225 0.13 59.10 -26.07
C TYR B 225 1.10 60.02 -25.32
N GLN B 226 2.28 59.49 -25.03
CA GLN B 226 3.33 60.24 -24.35
C GLN B 226 4.40 60.52 -25.38
N LYS B 227 4.84 61.77 -25.47
CA LYS B 227 5.85 62.14 -26.44
C LYS B 227 7.01 62.87 -25.79
N ILE B 228 8.13 62.20 -25.59
CA ILE B 228 9.28 62.87 -25.01
C ILE B 228 10.04 63.47 -26.19
N PHE B 229 10.00 64.79 -26.31
CA PHE B 229 10.65 65.50 -27.40
C PHE B 229 12.14 65.23 -27.51
N LYS B 230 12.60 65.11 -28.76
CA LYS B 230 14.01 64.87 -29.05
C LYS B 230 14.73 66.22 -29.19
N PRO B 231 16.06 66.23 -29.02
CA PRO B 231 16.81 67.48 -29.14
C PRO B 231 16.31 68.32 -30.30
N GLN B 232 16.13 67.70 -31.46
CA GLN B 232 15.66 68.42 -32.63
C GLN B 232 14.27 69.00 -32.41
N GLU B 233 13.38 68.20 -31.83
CA GLU B 233 12.02 68.63 -31.58
C GLU B 233 11.92 69.81 -30.60
N ILE B 234 12.93 69.95 -29.74
CA ILE B 234 12.94 71.05 -28.78
C ILE B 234 13.48 72.29 -29.46
N LYS B 235 14.51 72.12 -30.28
CA LYS B 235 15.12 73.23 -31.00
C LYS B 235 14.07 73.92 -31.86
N ASP B 236 13.15 73.11 -32.42
CA ASP B 236 12.07 73.61 -33.26
C ASP B 236 11.12 74.46 -32.42
N ILE B 237 10.34 73.78 -31.58
CA ILE B 237 9.37 74.43 -30.69
C ILE B 237 9.94 75.64 -29.99
N LEU B 238 11.27 75.70 -29.87
CA LEU B 238 11.92 76.82 -29.20
C LEU B 238 11.97 78.03 -30.14
N VAL B 239 12.18 77.78 -31.42
CA VAL B 239 12.21 78.83 -32.44
C VAL B 239 10.79 79.35 -32.67
N LYS B 240 9.88 78.41 -32.93
CA LYS B 240 8.47 78.71 -33.19
C LYS B 240 7.87 79.65 -32.16
N THR B 241 7.93 79.26 -30.89
CA THR B 241 7.39 80.07 -29.82
C THR B 241 8.13 81.40 -29.75
N GLY B 242 9.03 81.61 -30.71
CA GLY B 242 9.77 82.84 -30.78
C GLY B 242 10.78 83.10 -29.68
N ILE B 243 11.75 82.20 -29.56
CA ILE B 243 12.81 82.34 -28.56
C ILE B 243 14.07 81.95 -29.32
N THR B 244 13.86 81.48 -30.55
CA THR B 244 14.93 81.04 -31.43
C THR B 244 15.91 80.13 -30.69
N GLY C 1 15.91 47.82 12.11
CA GLY C 1 17.18 47.70 12.90
C GLY C 1 17.51 48.94 13.71
N TYR C 2 16.88 50.06 13.35
CA TYR C 2 17.09 51.31 14.05
C TYR C 2 16.06 51.42 15.18
N ASP C 3 16.52 51.48 16.42
CA ASP C 3 15.59 51.56 17.54
C ASP C 3 15.92 52.65 18.54
N ARG C 4 16.64 53.69 18.12
CA ARG C 4 17.01 54.78 19.03
C ARG C 4 15.77 55.37 19.65
N ALA C 5 15.77 55.48 20.98
CA ALA C 5 14.63 56.04 21.69
C ALA C 5 14.59 57.53 21.42
N LEU C 6 13.71 57.94 20.51
CA LEU C 6 13.59 59.36 20.14
C LEU C 6 12.61 60.09 21.05
N SER C 7 11.58 59.40 21.51
CA SER C 7 10.60 60.00 22.40
C SER C 7 10.97 59.56 23.78
N ILE C 8 11.59 60.45 24.56
CA ILE C 8 11.99 60.14 25.93
C ILE C 8 11.65 61.28 26.88
N PHE C 9 11.77 61.01 28.18
CA PHE C 9 11.47 62.00 29.19
C PHE C 9 12.63 62.96 29.38
N SER C 10 12.29 64.19 29.76
CA SER C 10 13.27 65.22 30.03
C SER C 10 13.15 65.42 31.54
N PRO C 11 14.10 66.15 32.15
CA PRO C 11 14.10 66.41 33.59
C PRO C 11 12.82 66.97 34.20
N ASP C 12 12.08 67.76 33.43
CA ASP C 12 10.84 68.34 33.93
C ASP C 12 9.65 67.41 33.73
N GLY C 13 9.90 66.20 33.25
CA GLY C 13 8.84 65.24 33.02
C GLY C 13 8.08 65.39 31.71
N HIS C 14 8.72 65.98 30.71
CA HIS C 14 8.09 66.19 29.42
C HIS C 14 8.71 65.29 28.33
N ILE C 15 7.95 65.01 27.29
CA ILE C 15 8.45 64.21 26.19
C ILE C 15 8.45 65.15 24.99
N PHE C 16 9.57 65.84 24.81
CA PHE C 16 9.70 66.84 23.76
C PHE C 16 9.30 66.49 22.35
N GLN C 17 9.53 65.26 21.92
CA GLN C 17 9.14 64.89 20.56
C GLN C 17 7.61 64.93 20.37
N VAL C 18 6.88 64.63 21.44
CA VAL C 18 5.42 64.64 21.40
C VAL C 18 4.98 66.09 21.46
N GLU C 19 5.64 66.86 22.32
CA GLU C 19 5.33 68.27 22.49
C GLU C 19 5.54 68.95 21.15
N TYR C 20 6.62 68.60 20.49
CA TYR C 20 6.93 69.18 19.19
C TYR C 20 5.96 68.71 18.13
N ALA C 21 5.50 67.48 18.27
CA ALA C 21 4.54 66.96 17.31
C ALA C 21 3.37 67.93 17.36
N LEU C 22 2.99 68.32 18.56
CA LEU C 22 1.88 69.26 18.73
C LEU C 22 2.14 70.58 18.02
N GLU C 23 3.38 71.05 18.06
CA GLU C 23 3.75 72.29 17.40
C GLU C 23 3.47 72.20 15.92
N ALA C 24 3.55 70.98 15.38
CA ALA C 24 3.30 70.76 13.97
C ALA C 24 1.80 70.88 13.73
N VAL C 25 1.00 70.49 14.73
CA VAL C 25 -0.43 70.58 14.60
C VAL C 25 -0.85 72.04 14.56
N LYS C 26 -0.30 72.84 15.48
CA LYS C 26 -0.58 74.28 15.56
C LYS C 26 -0.43 74.95 14.21
N ARG C 27 0.56 74.50 13.46
CA ARG C 27 0.85 75.05 12.15
C ARG C 27 -0.08 74.53 11.03
N GLY C 28 -0.73 73.39 11.26
CA GLY C 28 -1.61 72.85 10.24
C GLY C 28 -2.85 73.70 10.07
N THR C 29 -3.55 73.55 8.94
CA THR C 29 -4.77 74.33 8.69
C THR C 29 -5.82 73.97 9.73
N CYS C 30 -6.61 74.96 10.11
CA CYS C 30 -7.65 74.76 11.10
C CYS C 30 -8.68 73.72 10.69
N ALA C 31 -9.29 73.11 11.70
CA ALA C 31 -10.29 72.10 11.49
C ALA C 31 -11.29 72.23 12.63
N VAL C 32 -12.58 72.14 12.32
CA VAL C 32 -13.60 72.28 13.36
C VAL C 32 -14.71 71.25 13.22
N GLY C 33 -15.32 70.91 14.34
CA GLY C 33 -16.41 69.94 14.33
C GLY C 33 -17.45 70.28 15.37
N VAL C 34 -18.71 70.35 14.94
CA VAL C 34 -19.80 70.65 15.84
C VAL C 34 -20.90 69.62 15.63
N LYS C 35 -21.47 69.14 16.72
CA LYS C 35 -22.53 68.16 16.60
C LYS C 35 -23.90 68.77 16.86
N GLY C 36 -24.82 68.47 15.94
CA GLY C 36 -26.19 68.95 16.05
C GLY C 36 -27.02 68.01 16.89
N LYS C 37 -28.32 67.96 16.66
CA LYS C 37 -29.16 67.07 17.44
C LYS C 37 -29.37 65.79 16.66
N ASN C 38 -29.02 65.85 15.38
CA ASN C 38 -29.19 64.72 14.48
C ASN C 38 -28.16 64.80 13.36
N CYS C 39 -26.96 65.27 13.69
CA CYS C 39 -25.91 65.38 12.71
C CYS C 39 -24.65 65.90 13.35
N VAL C 40 -23.56 65.85 12.59
CA VAL C 40 -22.26 66.36 13.01
C VAL C 40 -21.71 66.98 11.74
N VAL C 41 -21.03 68.12 11.89
CA VAL C 41 -20.48 68.80 10.72
C VAL C 41 -18.98 69.05 10.89
N LEU C 42 -18.23 68.77 9.83
CA LEU C 42 -16.79 68.97 9.85
C LEU C 42 -16.37 70.05 8.88
N GLY C 43 -15.64 71.04 9.38
CA GLY C 43 -15.18 72.12 8.54
C GLY C 43 -13.68 72.22 8.64
N CYS C 44 -13.05 72.65 7.54
CA CYS C 44 -11.60 72.80 7.51
C CYS C 44 -11.26 73.94 6.57
N GLU C 45 -10.21 74.69 6.90
CA GLU C 45 -9.81 75.80 6.03
C GLU C 45 -8.81 75.32 4.99
N ARG C 46 -8.77 75.99 3.85
CA ARG C 46 -7.83 75.64 2.79
C ARG C 46 -6.78 76.72 2.64
N ARG C 47 -5.52 76.33 2.78
CA ARG C 47 -4.39 77.24 2.68
C ARG C 47 -4.47 78.04 1.37
N SER C 48 -3.58 79.03 1.23
CA SER C 48 -3.51 79.87 0.03
C SER C 48 -2.07 80.26 -0.29
N THR C 49 -1.12 79.56 0.32
CA THR C 49 0.33 79.78 0.10
C THR C 49 0.65 79.66 -1.40
N LEU C 50 -0.21 78.89 -2.09
CA LEU C 50 -0.11 78.65 -3.53
C LEU C 50 -1.53 78.31 -4.00
N LYS C 51 -2.03 79.06 -4.99
CA LYS C 51 -3.36 78.80 -5.51
C LYS C 51 -3.24 78.72 -7.03
N LEU C 52 -3.63 77.56 -7.58
CA LEU C 52 -3.57 77.29 -9.01
C LEU C 52 -3.69 75.78 -9.02
N GLN C 53 -4.31 75.29 -7.95
CA GLN C 53 -4.53 73.88 -7.72
C GLN C 53 -5.64 73.28 -8.53
N ASP C 54 -5.68 71.94 -8.51
CA ASP C 54 -6.68 71.18 -9.20
C ASP C 54 -7.48 70.49 -8.10
N THR C 55 -8.38 71.26 -7.48
CA THR C 55 -9.21 70.77 -6.38
C THR C 55 -9.82 69.37 -6.57
N ARG C 56 -10.16 69.02 -7.80
CA ARG C 56 -10.75 67.70 -8.09
C ARG C 56 -9.91 66.57 -7.52
N ILE C 57 -8.61 66.60 -7.82
CA ILE C 57 -7.69 65.56 -7.38
C ILE C 57 -6.90 65.83 -6.09
N THR C 58 -6.55 67.09 -5.82
CA THR C 58 -5.79 67.41 -4.60
C THR C 58 -6.50 66.80 -3.41
N PRO C 59 -5.80 65.90 -2.68
CA PRO C 59 -6.36 65.23 -1.51
C PRO C 59 -7.18 66.14 -0.59
N SER C 60 -8.43 65.75 -0.36
CA SER C 60 -9.36 66.51 0.50
C SER C 60 -9.04 66.29 1.98
N LYS C 61 -9.46 67.24 2.82
CA LYS C 61 -9.16 67.19 4.26
C LYS C 61 -10.05 66.26 5.08
N VAL C 62 -11.27 66.01 4.62
CA VAL C 62 -12.16 65.12 5.36
C VAL C 62 -12.14 63.75 4.69
N SER C 63 -11.87 62.73 5.48
CA SER C 63 -11.80 61.37 4.95
C SER C 63 -12.81 60.43 5.60
N LYS C 64 -13.27 59.45 4.83
CA LYS C 64 -14.21 58.47 5.33
C LYS C 64 -13.43 57.23 5.70
N ILE C 65 -13.57 56.77 6.94
CA ILE C 65 -12.90 55.54 7.33
C ILE C 65 -13.86 54.42 6.94
N ASP C 66 -15.15 54.71 6.99
CA ASP C 66 -16.19 53.75 6.59
C ASP C 66 -17.36 54.61 6.11
N SER C 67 -18.46 53.99 5.70
CA SER C 67 -19.61 54.75 5.19
C SER C 67 -20.37 55.57 6.25
N HIS C 68 -20.06 55.35 7.52
CA HIS C 68 -20.74 56.05 8.60
C HIS C 68 -19.81 56.85 9.51
N VAL C 69 -18.52 56.85 9.20
CA VAL C 69 -17.57 57.57 10.05
C VAL C 69 -16.55 58.34 9.23
N VAL C 70 -16.25 59.56 9.67
CA VAL C 70 -15.28 60.40 8.97
C VAL C 70 -14.21 60.91 9.92
N LEU C 71 -13.08 61.33 9.35
CA LEU C 71 -11.98 61.83 10.14
C LEU C 71 -11.24 62.97 9.44
N SER C 72 -11.18 64.11 10.13
CA SER C 72 -10.48 65.28 9.64
C SER C 72 -9.28 65.44 10.56
N PHE C 73 -8.31 66.25 10.15
CA PHE C 73 -7.11 66.42 10.95
C PHE C 73 -6.38 67.74 10.74
N SER C 74 -5.38 67.97 11.58
CA SER C 74 -4.54 69.16 11.51
C SER C 74 -3.12 68.71 11.77
N GLY C 75 -2.22 69.07 10.87
CA GLY C 75 -0.84 68.69 11.03
C GLY C 75 -0.23 68.26 9.73
N LEU C 76 0.79 67.42 9.81
CA LEU C 76 1.47 66.91 8.63
C LEU C 76 0.53 66.02 7.83
N ASN C 77 0.32 66.36 6.56
CA ASN C 77 -0.55 65.58 5.70
C ASN C 77 -0.08 64.15 5.54
N ALA C 78 1.18 63.99 5.12
CA ALA C 78 1.75 62.66 4.92
C ALA C 78 1.46 61.77 6.13
N ASP C 79 1.68 62.29 7.33
CA ASP C 79 1.42 61.52 8.55
C ASP C 79 -0.02 61.11 8.68
N SER C 80 -0.93 61.99 8.27
CA SER C 80 -2.34 61.69 8.37
C SER C 80 -2.74 60.48 7.51
N ARG C 81 -2.15 60.37 6.32
CA ARG C 81 -2.46 59.27 5.42
C ARG C 81 -2.25 57.92 6.11
N ILE C 82 -1.11 57.78 6.77
CA ILE C 82 -0.78 56.54 7.47
C ILE C 82 -1.86 56.20 8.51
N LEU C 83 -2.31 57.18 9.28
CA LEU C 83 -3.34 56.92 10.27
C LEU C 83 -4.67 56.56 9.62
N ILE C 84 -5.03 57.29 8.57
CA ILE C 84 -6.28 57.04 7.88
C ILE C 84 -6.32 55.63 7.30
N GLU C 85 -5.21 55.20 6.72
CA GLU C 85 -5.15 53.85 6.15
C GLU C 85 -5.40 52.81 7.22
N LYS C 86 -4.60 52.85 8.29
CA LYS C 86 -4.76 51.91 9.37
C LYS C 86 -6.18 51.90 9.90
N ALA C 87 -6.78 53.08 10.02
CA ALA C 87 -8.14 53.18 10.52
C ALA C 87 -9.14 52.49 9.62
N ARG C 88 -9.00 52.68 8.30
CA ARG C 88 -9.89 52.08 7.33
C ARG C 88 -9.79 50.56 7.35
N VAL C 89 -8.58 50.06 7.49
CA VAL C 89 -8.37 48.63 7.53
C VAL C 89 -8.97 48.05 8.81
N GLU C 90 -8.70 48.69 9.93
CA GLU C 90 -9.24 48.19 11.19
C GLU C 90 -10.76 48.20 11.07
N ALA C 91 -11.28 49.17 10.33
CA ALA C 91 -12.72 49.28 10.14
C ALA C 91 -13.27 48.03 9.45
N GLN C 92 -12.67 47.67 8.32
CA GLN C 92 -13.11 46.49 7.59
C GLN C 92 -12.88 45.20 8.38
N SER C 93 -11.78 45.15 9.12
CA SER C 93 -11.43 43.98 9.93
C SER C 93 -12.47 43.76 10.99
N HIS C 94 -12.83 44.84 11.66
CA HIS C 94 -13.83 44.79 12.72
C HIS C 94 -15.16 44.24 12.21
N ARG C 95 -15.58 44.68 11.03
CA ARG C 95 -16.83 44.22 10.42
C ARG C 95 -16.73 42.73 10.13
N LEU C 96 -15.58 42.32 9.61
CA LEU C 96 -15.32 40.93 9.25
C LEU C 96 -15.35 39.95 10.41
N THR C 97 -14.89 40.38 11.58
CA THR C 97 -14.86 39.49 12.73
C THR C 97 -16.01 39.67 13.72
N LEU C 98 -16.50 40.89 13.89
CA LEU C 98 -17.60 41.14 14.80
C LEU C 98 -18.93 41.14 14.08
N GLU C 99 -18.88 41.20 12.76
CA GLU C 99 -20.08 41.25 11.94
C GLU C 99 -20.92 42.47 12.30
N ASP C 100 -20.24 43.59 12.51
CA ASP C 100 -20.90 44.85 12.84
C ASP C 100 -19.87 45.97 12.70
N PRO C 101 -20.20 47.03 11.94
CA PRO C 101 -19.27 48.15 11.76
C PRO C 101 -18.86 48.78 13.09
N VAL C 102 -17.67 49.38 13.12
CA VAL C 102 -17.15 50.01 14.34
C VAL C 102 -17.99 51.18 14.82
N THR C 103 -17.95 51.41 16.13
CA THR C 103 -18.64 52.53 16.72
C THR C 103 -17.65 53.67 16.54
N VAL C 104 -18.10 54.91 16.67
CA VAL C 104 -17.19 56.03 16.48
C VAL C 104 -16.13 56.03 17.57
N GLU C 105 -16.56 55.76 18.80
CA GLU C 105 -15.64 55.72 19.92
C GLU C 105 -14.55 54.67 19.69
N TYR C 106 -14.96 53.45 19.37
CA TYR C 106 -14.03 52.36 19.11
C TYR C 106 -12.99 52.73 18.08
N LEU C 107 -13.44 53.22 16.93
CA LEU C 107 -12.55 53.60 15.85
C LEU C 107 -11.60 54.70 16.31
N THR C 108 -12.11 55.59 17.19
CA THR C 108 -11.30 56.67 17.71
C THR C 108 -10.25 56.07 18.64
N ARG C 109 -10.72 55.22 19.55
CA ARG C 109 -9.82 54.56 20.50
C ARG C 109 -8.69 53.81 19.78
N TYR C 110 -8.99 53.29 18.59
CA TYR C 110 -7.99 52.58 17.81
C TYR C 110 -6.94 53.55 17.30
N VAL C 111 -7.38 54.58 16.58
CA VAL C 111 -6.45 55.57 16.04
C VAL C 111 -5.58 56.14 17.13
N ALA C 112 -6.20 56.54 18.23
CA ALA C 112 -5.48 57.09 19.37
C ALA C 112 -4.40 56.13 19.86
N GLY C 113 -4.75 54.85 19.97
CA GLY C 113 -3.81 53.86 20.41
C GLY C 113 -2.60 53.80 19.47
N VAL C 114 -2.86 53.80 18.17
CA VAL C 114 -1.79 53.78 17.19
C VAL C 114 -0.86 54.92 17.52
N GLN C 115 -1.41 56.13 17.65
CA GLN C 115 -0.61 57.29 17.96
C GLN C 115 0.22 57.10 19.22
N GLN C 116 -0.43 56.75 20.32
CA GLN C 116 0.27 56.54 21.59
C GLN C 116 1.45 55.59 21.45
N ARG C 117 1.29 54.58 20.61
CA ARG C 117 2.35 53.58 20.39
C ARG C 117 3.60 54.27 19.83
N TYR C 118 3.41 55.16 18.87
CA TYR C 118 4.53 55.88 18.26
C TYR C 118 5.23 56.84 19.23
N THR C 119 4.70 56.97 20.44
CA THR C 119 5.30 57.85 21.43
C THR C 119 6.22 57.08 22.38
N GLN C 120 6.20 55.76 22.33
CA GLN C 120 7.11 54.98 23.18
C GLN C 120 7.63 53.70 22.50
N SER C 121 8.05 53.87 21.25
CA SER C 121 8.61 52.80 20.43
C SER C 121 9.89 53.31 19.79
N GLY C 122 10.93 52.47 19.79
CA GLY C 122 12.20 52.90 19.23
C GLY C 122 12.23 53.12 17.74
N GLY C 123 13.13 54.00 17.30
CA GLY C 123 13.29 54.28 15.89
C GLY C 123 12.20 55.08 15.21
N VAL C 124 11.16 55.46 15.93
CA VAL C 124 10.06 56.23 15.34
C VAL C 124 9.68 57.49 16.10
N ARG C 125 9.23 58.50 15.36
CA ARG C 125 8.80 59.76 15.96
C ARG C 125 7.27 59.75 16.00
N PRO C 126 6.68 60.59 16.86
CA PRO C 126 5.21 60.66 16.96
C PRO C 126 4.60 61.27 15.70
N PHE C 127 3.30 61.09 15.53
CA PHE C 127 2.60 61.64 14.38
C PHE C 127 2.39 63.13 14.60
N GLY C 128 2.72 63.93 13.60
CA GLY C 128 2.50 65.37 13.73
C GLY C 128 1.06 65.61 13.32
N VAL C 129 0.13 64.93 13.99
CA VAL C 129 -1.28 65.04 13.65
C VAL C 129 -2.23 65.02 14.86
N SER C 130 -3.39 65.65 14.69
CA SER C 130 -4.45 65.69 15.69
C SER C 130 -5.68 65.41 14.85
N THR C 131 -6.65 64.68 15.39
CA THR C 131 -7.80 64.35 14.58
C THR C 131 -9.17 64.53 15.21
N LEU C 132 -10.12 64.74 14.32
CA LEU C 132 -11.52 64.86 14.68
C LEU C 132 -12.15 63.70 13.97
N ILE C 133 -12.82 62.83 14.73
CA ILE C 133 -13.47 61.66 14.16
C ILE C 133 -14.96 61.79 14.51
N ALA C 134 -15.81 61.83 13.49
CA ALA C 134 -17.24 61.98 13.72
C ALA C 134 -18.05 60.96 12.96
N GLY C 135 -19.27 60.74 13.44
CA GLY C 135 -20.13 59.77 12.79
C GLY C 135 -21.21 59.26 13.72
N PHE C 136 -21.91 58.23 13.26
CA PHE C 136 -22.99 57.62 14.02
C PHE C 136 -22.81 56.12 14.22
N ASP C 137 -22.86 55.68 15.47
CA ASP C 137 -22.75 54.28 15.80
C ASP C 137 -23.81 53.53 14.98
N PRO C 138 -23.61 52.24 14.71
CA PRO C 138 -24.58 51.48 13.94
C PRO C 138 -25.95 51.42 14.62
N ARG C 139 -27.01 51.60 13.84
CA ARG C 139 -28.37 51.56 14.35
C ARG C 139 -28.60 52.58 15.47
N ASP C 140 -27.83 53.65 15.44
CA ASP C 140 -27.94 54.71 16.46
C ASP C 140 -28.03 56.05 15.76
N ASP C 141 -28.83 56.95 16.30
CA ASP C 141 -28.99 58.27 15.71
C ASP C 141 -28.34 59.41 16.51
N GLU C 142 -27.78 59.08 17.66
CA GLU C 142 -27.12 60.08 18.49
C GLU C 142 -25.74 60.36 17.87
N PRO C 143 -25.47 61.63 17.50
CA PRO C 143 -24.18 62.01 16.90
C PRO C 143 -22.97 61.82 17.81
N LYS C 144 -21.81 61.59 17.19
CA LYS C 144 -20.55 61.38 17.90
C LYS C 144 -19.45 62.24 17.31
N LEU C 145 -18.69 62.90 18.17
CA LEU C 145 -17.59 63.75 17.75
C LEU C 145 -16.43 63.54 18.70
N TYR C 146 -15.30 63.07 18.17
CA TYR C 146 -14.12 62.80 18.99
C TYR C 146 -12.88 63.50 18.48
N GLN C 147 -11.89 63.62 19.36
CA GLN C 147 -10.64 64.27 18.99
C GLN C 147 -9.46 63.51 19.58
N THR C 148 -8.35 63.49 18.84
CA THR C 148 -7.14 62.82 19.30
C THR C 148 -5.95 63.74 19.06
N GLU C 149 -4.86 63.46 19.75
CA GLU C 149 -3.62 64.22 19.61
C GLU C 149 -2.41 63.31 19.59
N PRO C 150 -1.25 63.85 19.17
CA PRO C 150 -0.04 63.02 19.13
C PRO C 150 0.23 62.20 20.39
N SER C 151 -0.08 62.75 21.55
CA SER C 151 0.15 62.06 22.82
C SER C 151 -0.57 60.72 22.89
N GLY C 152 -1.67 60.60 22.15
CA GLY C 152 -2.44 59.37 22.16
C GLY C 152 -3.74 59.52 22.92
N ILE C 153 -3.91 60.67 23.57
CA ILE C 153 -5.11 60.98 24.35
C ILE C 153 -6.29 61.27 23.43
N TYR C 154 -7.49 60.96 23.88
CA TYR C 154 -8.70 61.22 23.11
C TYR C 154 -9.89 61.41 24.04
N SER C 155 -10.88 62.13 23.55
CA SER C 155 -12.08 62.39 24.34
C SER C 155 -13.13 62.98 23.39
N SER C 156 -14.39 62.94 23.79
CA SER C 156 -15.45 63.48 22.93
C SER C 156 -15.80 64.91 23.27
N TRP C 157 -16.32 65.62 22.27
CA TRP C 157 -16.68 67.02 22.43
C TRP C 157 -18.05 67.31 21.83
N SER C 158 -18.64 68.45 22.21
CA SER C 158 -19.92 68.88 21.68
C SER C 158 -19.59 69.64 20.40
N ALA C 159 -18.40 70.22 20.42
CA ALA C 159 -17.84 70.97 19.30
C ALA C 159 -16.38 71.18 19.68
N GLN C 160 -15.50 71.10 18.69
CA GLN C 160 -14.10 71.27 18.97
C GLN C 160 -13.36 71.68 17.71
N THR C 161 -12.18 72.24 17.89
CA THR C 161 -11.39 72.70 16.78
C THR C 161 -9.91 72.44 17.06
N ILE C 162 -9.14 72.24 16.00
CA ILE C 162 -7.70 71.99 16.11
C ILE C 162 -7.03 72.69 14.94
N GLY C 163 -5.74 72.96 15.07
CA GLY C 163 -5.03 73.63 14.00
C GLY C 163 -4.71 75.06 14.37
N ARG C 164 -4.18 75.80 13.40
CA ARG C 164 -3.80 77.20 13.63
C ARG C 164 -5.00 78.06 13.97
N ASN C 165 -4.85 78.84 15.04
CA ASN C 165 -5.92 79.74 15.48
C ASN C 165 -7.11 78.98 16.04
N SER C 166 -6.89 77.71 16.40
CA SER C 166 -7.98 76.91 16.98
C SER C 166 -8.33 77.55 18.32
N LYS C 167 -7.38 78.31 18.86
CA LYS C 167 -7.54 79.01 20.12
C LYS C 167 -8.74 79.94 19.95
N THR C 168 -8.65 80.79 18.94
CA THR C 168 -9.68 81.75 18.61
C THR C 168 -11.03 81.09 18.42
N VAL C 169 -11.12 80.26 17.41
CA VAL C 169 -12.36 79.58 17.09
C VAL C 169 -12.94 78.76 18.23
N ARG C 170 -12.10 78.22 19.12
CA ARG C 170 -12.64 77.46 20.22
C ARG C 170 -13.47 78.41 21.08
N GLU C 171 -12.92 79.60 21.31
CA GLU C 171 -13.60 80.64 22.10
C GLU C 171 -14.97 80.86 21.48
N PHE C 172 -14.98 81.22 20.20
CA PHE C 172 -16.21 81.46 19.48
C PHE C 172 -17.22 80.38 19.83
N LEU C 173 -16.80 79.13 19.69
CA LEU C 173 -17.66 78.00 20.00
C LEU C 173 -18.01 77.92 21.47
N GLU C 174 -17.09 78.28 22.36
CA GLU C 174 -17.37 78.22 23.78
C GLU C 174 -18.43 79.23 24.20
N LYS C 175 -18.55 80.32 23.46
CA LYS C 175 -19.54 81.34 23.77
C LYS C 175 -20.58 81.43 22.67
N ASN C 176 -20.80 80.32 21.97
CA ASN C 176 -21.78 80.26 20.91
C ASN C 176 -22.37 78.88 20.79
N TYR C 177 -22.01 77.99 21.70
CA TYR C 177 -22.56 76.63 21.68
C TYR C 177 -23.24 76.32 23.00
N ASP C 178 -24.55 76.22 22.93
CA ASP C 178 -25.36 75.92 24.10
C ASP C 178 -25.71 74.45 24.07
N ARG C 179 -25.17 73.69 25.03
CA ARG C 179 -25.46 72.26 25.09
C ARG C 179 -26.95 72.07 25.34
N LYS C 180 -27.57 73.06 25.95
CA LYS C 180 -29.00 73.04 26.26
C LYS C 180 -29.81 72.87 24.97
N GLU C 181 -29.43 73.63 23.95
CA GLU C 181 -30.12 73.56 22.66
C GLU C 181 -29.11 73.52 21.52
N PRO C 182 -28.52 72.35 21.28
CA PRO C 182 -27.54 72.23 20.19
C PRO C 182 -28.26 72.43 18.86
N PRO C 183 -27.54 72.91 17.84
CA PRO C 183 -28.13 73.13 16.52
C PRO C 183 -29.09 72.00 16.14
N ALA C 184 -30.38 72.25 16.30
CA ALA C 184 -31.38 71.23 16.00
C ALA C 184 -31.64 71.02 14.51
N THR C 185 -30.84 71.64 13.66
CA THR C 185 -31.03 71.48 12.23
C THR C 185 -29.72 71.36 11.50
N VAL C 186 -29.72 70.58 10.42
CA VAL C 186 -28.51 70.42 9.62
C VAL C 186 -28.08 71.82 9.20
N GLU C 187 -29.06 72.66 8.81
CA GLU C 187 -28.78 74.02 8.37
C GLU C 187 -28.14 74.88 9.46
N GLU C 188 -28.78 74.96 10.63
CA GLU C 188 -28.22 75.78 11.70
C GLU C 188 -26.95 75.18 12.30
N CYS C 189 -26.72 73.89 12.06
CA CYS C 189 -25.52 73.26 12.58
C CYS C 189 -24.37 73.65 11.67
N VAL C 190 -24.62 73.63 10.37
CA VAL C 190 -23.62 73.98 9.38
C VAL C 190 -23.29 75.48 9.48
N LYS C 191 -24.31 76.29 9.74
CA LYS C 191 -24.12 77.74 9.84
C LYS C 191 -23.15 78.04 10.98
N LEU C 192 -23.41 77.46 12.15
CA LEU C 192 -22.55 77.68 13.29
C LEU C 192 -21.11 77.31 12.96
N THR C 193 -20.95 76.26 12.14
CA THR C 193 -19.60 75.84 11.77
C THR C 193 -18.93 76.92 10.94
N VAL C 194 -19.57 77.34 9.85
CA VAL C 194 -19.00 78.38 9.00
C VAL C 194 -18.70 79.64 9.80
N ARG C 195 -19.62 80.02 10.67
CA ARG C 195 -19.42 81.20 11.50
C ARG C 195 -18.12 81.12 12.29
N SER C 196 -17.80 79.94 12.81
CA SER C 196 -16.60 79.74 13.59
C SER C 196 -15.35 79.80 12.74
N LEU C 197 -15.43 79.26 11.53
CA LEU C 197 -14.28 79.29 10.63
C LEU C 197 -14.01 80.70 10.10
N LEU C 198 -15.08 81.47 9.93
CA LEU C 198 -14.95 82.84 9.43
C LEU C 198 -14.15 83.68 10.42
N GLU C 199 -14.16 83.27 11.68
CA GLU C 199 -13.41 83.98 12.71
C GLU C 199 -11.92 83.90 12.41
N VAL C 200 -11.52 82.93 11.58
CA VAL C 200 -10.11 82.76 11.28
C VAL C 200 -9.72 82.69 9.81
N VAL C 201 -10.62 82.22 8.95
CA VAL C 201 -10.30 82.09 7.53
C VAL C 201 -10.17 83.41 6.76
N GLN C 202 -10.81 84.47 7.25
CA GLN C 202 -10.75 85.77 6.58
C GLN C 202 -11.22 85.61 5.13
N THR C 203 -12.53 85.79 4.93
CA THR C 203 -13.15 85.69 3.61
C THR C 203 -12.49 84.65 2.71
N GLY C 204 -13.05 83.45 2.73
CA GLY C 204 -12.51 82.39 1.91
C GLY C 204 -13.59 81.42 1.48
N ALA C 205 -14.39 81.84 0.50
CA ALA C 205 -15.46 80.99 -0.01
C ALA C 205 -14.84 79.66 -0.50
N LYS C 206 -13.71 79.76 -1.18
CA LYS C 206 -13.01 78.58 -1.70
C LYS C 206 -12.05 78.04 -0.65
N ASN C 207 -11.90 78.79 0.45
CA ASN C 207 -11.00 78.41 1.53
C ASN C 207 -11.73 77.71 2.68
N ILE C 208 -12.95 77.25 2.42
CA ILE C 208 -13.73 76.57 3.45
C ILE C 208 -14.54 75.43 2.89
N GLU C 209 -14.30 74.23 3.39
CA GLU C 209 -15.03 73.05 2.97
C GLU C 209 -15.77 72.38 4.12
N ILE C 210 -17.08 72.20 3.94
CA ILE C 210 -17.93 71.58 4.95
C ILE C 210 -18.43 70.22 4.48
N THR C 211 -18.50 69.27 5.42
CA THR C 211 -19.00 67.93 5.15
C THR C 211 -20.03 67.67 6.25
N VAL C 212 -21.22 67.20 5.86
CA VAL C 212 -22.29 66.92 6.82
C VAL C 212 -22.53 65.43 6.95
N VAL C 213 -22.51 64.95 8.19
CA VAL C 213 -22.72 63.54 8.44
C VAL C 213 -24.01 63.29 9.22
N LYS C 214 -24.93 62.53 8.62
CA LYS C 214 -26.21 62.21 9.25
C LYS C 214 -26.26 60.74 9.61
N PRO C 215 -27.27 60.32 10.40
CA PRO C 215 -27.39 58.91 10.79
C PRO C 215 -27.50 57.99 9.58
N ASP C 216 -27.16 56.71 9.78
CA ASP C 216 -27.20 55.69 8.73
C ASP C 216 -26.38 55.93 7.47
N SER C 217 -25.09 56.18 7.64
CA SER C 217 -24.19 56.39 6.53
C SER C 217 -24.60 57.49 5.55
N ASP C 218 -25.20 58.55 6.06
CA ASP C 218 -25.63 59.66 5.21
C ASP C 218 -24.57 60.77 5.28
N ILE C 219 -23.55 60.64 4.43
CA ILE C 219 -22.45 61.60 4.40
C ILE C 219 -22.38 62.33 3.06
N VAL C 220 -22.19 63.64 3.14
CA VAL C 220 -22.11 64.47 1.94
C VAL C 220 -21.31 65.75 2.17
N ALA C 221 -20.53 66.15 1.17
CA ALA C 221 -19.73 67.34 1.25
C ALA C 221 -20.39 68.44 0.41
N LEU C 222 -20.41 69.66 0.94
CA LEU C 222 -21.02 70.79 0.25
C LEU C 222 -20.11 71.35 -0.84
N SER C 223 -20.72 72.05 -1.80
CA SER C 223 -19.98 72.67 -2.90
C SER C 223 -19.81 74.15 -2.60
N SER C 224 -18.81 74.77 -3.21
CA SER C 224 -18.52 76.19 -3.02
C SER C 224 -19.80 76.98 -2.78
N GLU C 225 -20.71 76.93 -3.76
CA GLU C 225 -21.99 77.65 -3.69
C GLU C 225 -22.73 77.43 -2.38
N GLU C 226 -23.12 76.19 -2.13
CA GLU C 226 -23.84 75.84 -0.92
C GLU C 226 -23.23 76.53 0.28
N ILE C 227 -21.91 76.46 0.37
CA ILE C 227 -21.17 77.08 1.46
C ILE C 227 -21.23 78.60 1.31
N ASN C 228 -20.90 79.05 0.10
CA ASN C 228 -20.89 80.48 -0.22
C ASN C 228 -22.19 81.12 0.25
N GLN C 229 -23.29 80.40 0.08
CA GLN C 229 -24.60 80.91 0.49
C GLN C 229 -24.63 81.16 1.98
N TYR C 230 -24.08 80.23 2.76
CA TYR C 230 -24.05 80.38 4.21
C TYR C 230 -23.23 81.58 4.61
N VAL C 231 -22.10 81.78 3.94
CA VAL C 231 -21.24 82.90 4.23
C VAL C 231 -22.02 84.20 4.00
N THR C 232 -22.60 84.32 2.81
CA THR C 232 -23.36 85.49 2.42
C THR C 232 -24.41 85.85 3.47
N GLN C 233 -25.25 84.88 3.82
CA GLN C 233 -26.29 85.10 4.81
C GLN C 233 -25.72 85.50 6.16
N ILE C 234 -24.45 85.15 6.40
CA ILE C 234 -23.81 85.47 7.67
C ILE C 234 -23.20 86.87 7.69
N GLU C 235 -22.69 87.35 6.55
CA GLU C 235 -22.11 88.68 6.50
C GLU C 235 -23.20 89.73 6.65
N GLN C 236 -24.42 89.33 6.27
CA GLN C 236 -25.57 90.22 6.37
C GLN C 236 -26.01 90.32 7.82
N GLU C 237 -25.88 89.24 8.57
CA GLU C 237 -26.26 89.24 9.98
C GLU C 237 -25.43 90.32 10.69
N LYS C 238 -24.22 90.54 10.21
CA LYS C 238 -23.31 91.55 10.79
C LYS C 238 -23.71 92.95 10.38
N GLN C 239 -23.75 93.19 9.07
CA GLN C 239 -24.10 94.49 8.52
C GLN C 239 -25.48 94.98 9.00
N GLU C 240 -26.41 94.06 9.18
CA GLU C 240 -27.75 94.40 9.65
C GLU C 240 -27.64 94.81 11.12
N GLN C 241 -26.61 95.57 11.43
CA GLN C 241 -26.36 96.05 12.78
C GLN C 241 -25.10 96.93 12.81
N ASP D 1 24.13 61.39 22.90
CA ASP D 1 23.34 61.81 24.09
C ASP D 1 23.75 61.00 25.33
N ARG D 2 22.89 60.07 25.75
CA ARG D 2 23.12 59.22 26.91
C ARG D 2 22.05 58.10 26.90
N GLY D 3 22.45 56.90 27.32
CA GLY D 3 21.51 55.79 27.33
C GLY D 3 20.23 56.07 28.10
N VAL D 4 19.13 55.46 27.66
CA VAL D 4 17.86 55.68 28.33
C VAL D 4 17.74 54.88 29.62
N SER D 5 18.66 53.95 29.82
CA SER D 5 18.63 53.14 31.04
C SER D 5 19.89 53.36 31.88
N THR D 6 20.42 54.57 31.84
CA THR D 6 21.62 54.95 32.57
C THR D 6 21.35 55.29 34.04
N PHE D 7 22.39 55.17 34.86
CA PHE D 7 22.32 55.46 36.30
C PHE D 7 22.90 56.83 36.63
N SER D 8 22.26 57.54 37.55
CA SER D 8 22.75 58.84 37.98
C SER D 8 23.76 58.52 39.07
N PRO D 9 24.68 59.44 39.35
CA PRO D 9 25.68 59.17 40.38
C PRO D 9 25.06 58.77 41.73
N GLU D 10 23.83 59.17 41.98
CA GLU D 10 23.14 58.83 43.22
C GLU D 10 22.44 57.48 43.08
N GLY D 11 22.87 56.69 42.11
CA GLY D 11 22.28 55.38 41.91
C GLY D 11 20.81 55.32 41.53
N ARG D 12 20.33 56.27 40.75
CA ARG D 12 18.94 56.28 40.33
C ARG D 12 18.91 56.25 38.80
N LEU D 13 17.78 55.83 38.24
CA LEU D 13 17.63 55.77 36.80
C LEU D 13 16.98 57.04 36.30
N PHE D 14 17.72 57.81 35.51
CA PHE D 14 17.19 59.07 34.99
C PHE D 14 15.79 58.97 34.41
N GLN D 15 15.63 58.20 33.34
CA GLN D 15 14.33 58.07 32.71
C GLN D 15 13.19 57.78 33.68
N VAL D 16 13.49 57.07 34.77
CA VAL D 16 12.44 56.76 35.74
C VAL D 16 12.09 57.96 36.61
N GLU D 17 13.10 58.68 37.07
CA GLU D 17 12.86 59.85 37.91
C GLU D 17 12.03 60.84 37.13
N TYR D 18 12.53 61.20 35.95
CA TYR D 18 11.85 62.13 35.08
C TYR D 18 10.42 61.68 34.84
N SER D 19 10.22 60.36 34.84
CA SER D 19 8.92 59.78 34.64
C SER D 19 7.98 60.23 35.76
N LEU D 20 8.51 60.20 36.98
CA LEU D 20 7.75 60.59 38.17
C LEU D 20 7.37 62.06 38.16
N GLU D 21 8.16 62.86 37.46
CA GLU D 21 7.89 64.30 37.37
C GLU D 21 6.65 64.58 36.54
N ALA D 22 6.45 63.76 35.51
CA ALA D 22 5.31 63.90 34.62
C ALA D 22 4.04 63.47 35.37
N ILE D 23 4.19 62.46 36.22
CA ILE D 23 3.10 61.93 37.02
C ILE D 23 2.59 63.05 37.91
N LYS D 24 3.51 63.86 38.44
CA LYS D 24 3.16 64.97 39.32
C LYS D 24 2.22 65.97 38.67
N LEU D 25 2.34 66.13 37.35
CA LEU D 25 1.50 67.06 36.60
C LEU D 25 0.10 66.48 36.35
N GLY D 26 -0.02 65.17 36.51
CA GLY D 26 -1.29 64.51 36.25
C GLY D 26 -2.41 64.81 37.24
N SER D 27 -3.64 64.56 36.80
CA SER D 27 -4.83 64.76 37.62
C SER D 27 -4.78 63.95 38.91
N THR D 28 -5.30 64.51 39.99
CA THR D 28 -5.30 63.84 41.29
C THR D 28 -6.19 62.61 41.31
N ALA D 29 -5.72 61.56 41.97
CA ALA D 29 -6.46 60.30 42.12
C ALA D 29 -6.24 59.78 43.54
N ILE D 30 -7.31 59.33 44.19
CA ILE D 30 -7.21 58.86 45.56
C ILE D 30 -7.86 57.52 45.84
N GLY D 31 -7.22 56.74 46.70
CA GLY D 31 -7.73 55.43 47.07
C GLY D 31 -7.75 55.23 48.58
N ILE D 32 -8.86 54.67 49.07
CA ILE D 32 -9.02 54.41 50.51
C ILE D 32 -9.51 52.97 50.71
N ALA D 33 -8.77 52.21 51.51
CA ALA D 33 -9.13 50.84 51.79
C ALA D 33 -9.85 50.74 53.12
N THR D 34 -10.89 49.92 53.18
CA THR D 34 -11.65 49.72 54.40
C THR D 34 -12.19 48.30 54.42
N LYS D 35 -12.45 47.78 55.62
CA LYS D 35 -12.96 46.42 55.79
C LYS D 35 -14.35 46.22 55.21
N GLU D 36 -14.81 47.21 54.44
CA GLU D 36 -16.12 47.17 53.80
C GLU D 36 -15.98 47.39 52.30
N GLY D 37 -14.74 47.60 51.85
CA GLY D 37 -14.49 47.84 50.44
C GLY D 37 -13.38 48.85 50.24
N VAL D 38 -13.03 49.10 48.98
CA VAL D 38 -11.99 50.06 48.66
C VAL D 38 -12.61 51.10 47.75
N VAL D 39 -12.29 52.36 47.97
CA VAL D 39 -12.84 53.42 47.15
C VAL D 39 -11.76 54.12 46.33
N LEU D 40 -12.07 54.34 45.07
CA LEU D 40 -11.17 54.99 44.14
C LEU D 40 -11.85 56.26 43.64
N GLY D 41 -11.13 57.37 43.68
CA GLY D 41 -11.69 58.63 43.23
C GLY D 41 -10.72 59.40 42.38
N VAL D 42 -11.24 60.04 41.33
CA VAL D 42 -10.39 60.80 40.43
C VAL D 42 -10.94 62.16 40.03
N GLU D 43 -10.00 63.08 39.73
CA GLU D 43 -10.32 64.42 39.29
C GLU D 43 -10.39 64.38 37.77
N LYS D 44 -11.58 64.51 37.20
CA LYS D 44 -11.71 64.50 35.75
C LYS D 44 -10.79 65.52 35.13
N ARG D 45 -10.99 66.79 35.49
CA ARG D 45 -10.18 67.89 34.98
C ARG D 45 -10.22 68.06 33.46
N ALA D 46 -11.38 68.42 32.91
CA ALA D 46 -11.49 68.64 31.47
C ALA D 46 -10.78 69.96 31.15
N THR D 47 -10.31 70.12 29.92
CA THR D 47 -9.59 71.33 29.51
C THR D 47 -10.43 72.36 28.77
N SER D 48 -11.74 72.16 28.71
CA SER D 48 -12.61 73.08 28.03
C SER D 48 -14.05 72.65 28.26
N PRO D 49 -14.94 73.61 28.54
CA PRO D 49 -16.36 73.34 28.79
C PRO D 49 -17.06 72.57 27.67
N LEU D 50 -16.44 72.53 26.50
CA LEU D 50 -17.00 71.84 25.35
C LEU D 50 -16.73 70.33 25.37
N LEU D 51 -15.76 69.93 26.18
CA LEU D 51 -15.34 68.53 26.32
C LEU D 51 -16.36 67.79 27.18
N GLU D 52 -16.99 66.75 26.63
CA GLU D 52 -17.99 65.97 27.36
C GLU D 52 -17.31 65.19 28.49
N SER D 53 -17.41 65.74 29.69
CA SER D 53 -16.80 65.19 30.90
C SER D 53 -16.89 63.70 31.18
N ASP D 54 -17.91 63.01 30.67
CA ASP D 54 -18.00 61.57 30.94
C ASP D 54 -17.20 60.70 29.99
N SER D 55 -16.53 61.33 29.02
CA SER D 55 -15.69 60.60 28.09
C SER D 55 -14.28 60.57 28.70
N ILE D 56 -14.16 61.11 29.91
CA ILE D 56 -12.88 61.12 30.61
C ILE D 56 -12.90 59.87 31.47
N GLU D 57 -12.15 58.86 31.04
CA GLU D 57 -12.13 57.59 31.76
C GLU D 57 -10.80 57.38 32.45
N LYS D 58 -10.72 57.72 33.72
CA LYS D 58 -9.49 57.54 34.47
C LYS D 58 -9.62 56.47 35.53
N ILE D 59 -10.77 55.82 35.55
CA ILE D 59 -11.05 54.72 36.46
C ILE D 59 -11.58 53.62 35.57
N VAL D 60 -10.90 52.47 35.55
CA VAL D 60 -11.33 51.38 34.71
C VAL D 60 -11.36 50.08 35.47
N GLU D 61 -12.11 49.12 34.93
CA GLU D 61 -12.23 47.80 35.52
C GLU D 61 -11.26 46.82 34.89
N ILE D 62 -10.51 46.10 35.72
CA ILE D 62 -9.57 45.11 35.22
C ILE D 62 -10.27 43.75 35.24
N ASP D 63 -11.04 43.53 36.31
CA ASP D 63 -11.82 42.32 36.47
C ASP D 63 -12.94 42.66 37.47
N ARG D 64 -13.83 41.71 37.73
CA ARG D 64 -14.94 42.00 38.65
C ARG D 64 -14.47 42.23 40.07
N HIS D 65 -13.27 41.79 40.41
CA HIS D 65 -12.79 41.98 41.77
C HIS D 65 -11.60 42.92 41.82
N ILE D 66 -11.29 43.51 40.67
CA ILE D 66 -10.16 44.43 40.55
C ILE D 66 -10.49 45.64 39.69
N GLY D 67 -10.14 46.81 40.20
CA GLY D 67 -10.38 48.04 39.46
C GLY D 67 -9.19 48.95 39.69
N CYS D 68 -8.96 49.91 38.82
CA CYS D 68 -7.84 50.80 39.06
C CYS D 68 -8.06 52.20 38.52
N ALA D 69 -7.32 53.14 39.12
CA ALA D 69 -7.38 54.54 38.73
C ALA D 69 -5.98 54.93 38.28
N MET D 70 -5.91 55.85 37.34
CA MET D 70 -4.64 56.30 36.79
C MET D 70 -4.35 57.77 37.05
N SER D 71 -3.13 58.18 36.77
CA SER D 71 -2.71 59.56 36.97
C SER D 71 -1.42 59.84 36.20
N GLY D 72 -1.40 60.91 35.41
CA GLY D 72 -0.22 61.24 34.63
C GLY D 72 -0.58 61.11 33.17
N LEU D 73 0.36 60.65 32.34
CA LEU D 73 0.10 60.47 30.92
C LEU D 73 -0.82 59.25 30.80
N THR D 74 -2.12 59.48 30.76
CA THR D 74 -3.09 58.40 30.70
C THR D 74 -3.06 57.49 29.47
N ALA D 75 -2.67 58.03 28.32
CA ALA D 75 -2.62 57.20 27.11
C ALA D 75 -1.63 56.07 27.31
N ASP D 76 -0.59 56.31 28.11
CA ASP D 76 0.43 55.30 28.41
C ASP D 76 -0.18 54.12 29.15
N ALA D 77 -1.23 54.40 29.91
CA ALA D 77 -1.89 53.38 30.71
C ALA D 77 -2.76 52.38 29.96
N ARG D 78 -3.17 52.70 28.74
CA ARG D 78 -4.04 51.79 27.98
C ARG D 78 -3.47 50.38 27.91
N SER D 79 -2.28 50.25 27.37
CA SER D 79 -1.64 48.95 27.24
C SER D 79 -1.41 48.29 28.60
N MET D 80 -1.24 49.10 29.64
CA MET D 80 -1.03 48.56 30.98
C MET D 80 -2.30 47.86 31.44
N ILE D 81 -3.43 48.47 31.10
CA ILE D 81 -4.71 47.91 31.48
C ILE D 81 -5.05 46.69 30.64
N GLU D 82 -4.67 46.74 29.36
CA GLU D 82 -4.91 45.61 28.48
C GLU D 82 -4.14 44.44 29.04
N HIS D 83 -2.88 44.68 29.40
CA HIS D 83 -2.06 43.63 29.98
C HIS D 83 -2.64 43.14 31.28
N ALA D 84 -3.17 44.06 32.09
CA ALA D 84 -3.75 43.68 33.37
C ALA D 84 -4.97 42.81 33.16
N ARG D 85 -5.89 43.25 32.31
CA ARG D 85 -7.11 42.50 32.05
C ARG D 85 -6.78 41.11 31.54
N THR D 86 -5.85 41.04 30.60
CA THR D 86 -5.45 39.76 30.01
C THR D 86 -4.87 38.84 31.07
N ALA D 87 -4.05 39.38 31.96
CA ALA D 87 -3.44 38.58 33.04
C ALA D 87 -4.53 37.97 33.89
N ALA D 88 -5.45 38.80 34.34
CA ALA D 88 -6.56 38.32 35.18
C ALA D 88 -7.31 37.21 34.45
N VAL D 89 -7.84 37.53 33.26
CA VAL D 89 -8.60 36.55 32.46
C VAL D 89 -7.76 35.30 32.26
N THR D 90 -6.56 35.47 31.72
CA THR D 90 -5.68 34.33 31.50
C THR D 90 -5.52 33.52 32.76
N HIS D 91 -5.24 34.18 33.87
CA HIS D 91 -5.07 33.42 35.12
C HIS D 91 -6.29 32.56 35.37
N ASN D 92 -7.45 33.13 35.13
CA ASN D 92 -8.66 32.37 35.37
C ASN D 92 -8.80 31.16 34.45
N LEU D 93 -8.42 31.33 33.19
CA LEU D 93 -8.52 30.23 32.24
C LEU D 93 -7.64 29.07 32.67
N TYR D 94 -6.42 29.36 33.13
CA TYR D 94 -5.53 28.29 33.57
C TYR D 94 -5.89 27.68 34.91
N TYR D 95 -6.30 28.50 35.87
CA TYR D 95 -6.58 27.98 37.19
C TYR D 95 -7.98 27.90 37.72
N ASP D 96 -8.96 28.28 36.92
CA ASP D 96 -10.35 28.21 37.37
C ASP D 96 -10.48 28.89 38.73
N GLU D 97 -10.16 30.19 38.77
CA GLU D 97 -10.24 30.95 40.02
C GLU D 97 -9.89 32.40 39.72
N ASP D 98 -9.97 33.25 40.74
CA ASP D 98 -9.66 34.67 40.60
C ASP D 98 -8.19 34.91 40.89
N ILE D 99 -7.60 35.84 40.15
CA ILE D 99 -6.20 36.17 40.33
C ILE D 99 -6.09 37.05 41.55
N ASN D 100 -5.06 36.83 42.36
CA ASN D 100 -4.88 37.65 43.55
C ASN D 100 -4.48 39.09 43.18
N VAL D 101 -5.11 40.06 43.85
CA VAL D 101 -4.85 41.47 43.61
C VAL D 101 -3.35 41.76 43.59
N GLU D 102 -2.64 41.18 44.54
CA GLU D 102 -1.21 41.40 44.64
C GLU D 102 -0.51 40.88 43.38
N SER D 103 -0.85 39.66 43.01
CA SER D 103 -0.28 39.01 41.83
C SER D 103 -0.54 39.85 40.60
N LEU D 104 -1.80 40.24 40.38
CA LEU D 104 -2.15 41.07 39.23
C LEU D 104 -1.24 42.30 39.19
N THR D 105 -1.13 42.98 40.34
CA THR D 105 -0.28 44.16 40.44
C THR D 105 1.17 43.83 40.07
N GLN D 106 1.69 42.77 40.64
CA GLN D 106 3.06 42.36 40.37
C GLN D 106 3.24 42.17 38.86
N SER D 107 2.25 41.55 38.22
CA SER D 107 2.30 41.32 36.78
C SER D 107 2.43 42.63 36.00
N VAL D 108 1.63 43.62 36.39
CA VAL D 108 1.67 44.92 35.73
C VAL D 108 3.03 45.58 35.89
N CYS D 109 3.51 45.64 37.12
CA CYS D 109 4.80 46.25 37.42
C CYS D 109 5.93 45.58 36.65
N ASP D 110 5.74 44.33 36.28
CA ASP D 110 6.77 43.61 35.54
C ASP D 110 7.06 44.31 34.21
N LEU D 111 6.08 45.00 33.64
CA LEU D 111 6.29 45.70 32.37
C LEU D 111 7.18 46.91 32.57
N ALA D 112 6.95 47.62 33.67
CA ALA D 112 7.68 48.83 34.02
C ALA D 112 9.11 49.03 33.48
N LEU D 113 10.08 48.29 34.00
CA LEU D 113 11.47 48.46 33.57
C LEU D 113 11.88 47.85 32.23
N ARG D 114 10.91 47.30 31.50
CA ARG D 114 11.18 46.72 30.19
C ARG D 114 11.38 47.81 29.14
N PHE D 115 12.33 48.70 29.37
CA PHE D 115 12.58 49.73 28.40
C PHE D 115 14.07 49.84 28.14
N GLY D 116 14.43 50.57 27.09
CA GLY D 116 15.83 50.73 26.73
C GLY D 116 16.05 50.67 25.23
N GLU D 117 17.32 50.62 24.81
CA GLU D 117 17.66 50.55 23.40
C GLU D 117 18.39 49.25 23.06
N GLY D 118 18.48 48.36 24.04
CA GLY D 118 19.15 47.08 23.83
C GLY D 118 19.73 46.50 25.10
N ALA D 119 19.02 46.67 26.22
CA ALA D 119 19.46 46.16 27.53
C ALA D 119 19.56 44.62 27.56
N SER D 120 20.79 44.12 27.74
CA SER D 120 21.07 42.68 27.79
C SER D 120 20.42 41.95 28.98
N GLY D 121 19.29 41.28 28.73
CA GLY D 121 18.60 40.56 29.79
C GLY D 121 17.37 39.84 29.26
N GLU D 122 16.99 40.15 28.03
CA GLU D 122 15.82 39.55 27.35
C GLU D 122 15.54 40.39 26.10
N GLU D 123 14.29 40.81 25.92
CA GLU D 123 13.95 41.64 24.78
C GLU D 123 13.00 42.77 25.16
N ARG D 124 13.51 43.68 26.00
CA ARG D 124 12.76 44.84 26.46
C ARG D 124 12.67 45.95 25.41
N LEU D 125 11.72 45.80 24.50
CA LEU D 125 11.51 46.76 23.43
C LEU D 125 10.42 47.77 23.83
N MET D 126 10.86 48.92 24.29
CA MET D 126 9.98 50.01 24.72
C MET D 126 10.93 51.18 24.97
N SER D 127 10.91 52.15 24.06
CA SER D 127 11.81 53.29 24.14
C SER D 127 11.89 54.06 25.45
N ARG D 128 10.82 54.07 26.23
CA ARG D 128 10.81 54.83 27.48
C ARG D 128 9.91 54.24 28.54
N PRO D 129 10.08 54.68 29.79
CA PRO D 129 9.28 54.20 30.92
C PRO D 129 7.85 54.73 30.77
N PHE D 130 6.91 54.16 31.50
CA PHE D 130 5.53 54.62 31.43
C PHE D 130 5.44 55.96 32.13
N GLY D 131 4.62 56.86 31.60
CA GLY D 131 4.46 58.17 32.23
C GLY D 131 3.17 58.27 33.04
N VAL D 132 2.82 57.18 33.73
CA VAL D 132 1.61 57.15 34.52
C VAL D 132 1.71 56.19 35.70
N ALA D 133 1.16 56.60 36.84
CA ALA D 133 1.17 55.76 38.03
C ALA D 133 -0.22 55.16 38.12
N LEU D 134 -0.39 54.12 38.93
CA LEU D 134 -1.69 53.50 39.03
C LEU D 134 -2.08 53.08 40.44
N LEU D 135 -3.37 53.21 40.71
CA LEU D 135 -3.92 52.79 41.99
C LEU D 135 -4.76 51.57 41.66
N ILE D 136 -4.26 50.40 42.04
CA ILE D 136 -4.98 49.17 41.78
C ILE D 136 -5.67 48.75 43.07
N ALA D 137 -6.99 48.62 43.01
CA ALA D 137 -7.74 48.22 44.18
C ALA D 137 -8.59 46.99 43.90
N GLY D 138 -8.65 46.09 44.87
CA GLY D 138 -9.44 44.91 44.66
C GLY D 138 -9.61 44.08 45.90
N HIS D 139 -10.19 42.89 45.73
CA HIS D 139 -10.41 41.98 46.83
C HIS D 139 -10.16 40.53 46.41
N ASP D 140 -9.66 39.74 47.34
CA ASP D 140 -9.41 38.33 47.11
C ASP D 140 -9.46 37.63 48.46
N ALA D 141 -9.94 36.40 48.47
CA ALA D 141 -10.09 35.64 49.70
C ALA D 141 -8.88 35.48 50.59
N ASP D 142 -7.68 35.65 50.06
CA ASP D 142 -6.50 35.47 50.89
C ASP D 142 -6.07 36.71 51.68
N ASP D 143 -6.19 37.88 51.06
CA ASP D 143 -5.80 39.15 51.69
C ASP D 143 -6.90 40.21 51.63
N GLY D 144 -8.15 39.79 51.77
CA GLY D 144 -9.27 40.71 51.74
C GLY D 144 -9.13 41.90 50.79
N TYR D 145 -9.60 43.05 51.24
CA TYR D 145 -9.54 44.26 50.43
C TYR D 145 -8.12 44.85 50.43
N GLN D 146 -7.66 45.24 49.24
CA GLN D 146 -6.33 45.79 49.06
C GLN D 146 -6.24 46.97 48.08
N LEU D 147 -5.31 47.87 48.36
CA LEU D 147 -5.05 49.03 47.52
C LEU D 147 -3.55 49.03 47.24
N PHE D 148 -3.18 49.16 45.97
CA PHE D 148 -1.78 49.16 45.57
C PHE D 148 -1.46 50.39 44.71
N HIS D 149 -0.20 50.78 44.76
CA HIS D 149 0.28 51.91 43.97
C HIS D 149 1.42 51.38 43.08
N ALA D 150 1.17 51.32 41.78
CA ALA D 150 2.20 50.84 40.87
C ALA D 150 2.88 52.02 40.20
N GLU D 151 4.20 52.09 40.32
CA GLU D 151 4.96 53.17 39.71
C GLU D 151 5.74 52.67 38.52
N PRO D 152 6.18 53.58 37.63
CA PRO D 152 6.95 53.21 36.44
C PRO D 152 8.32 52.65 36.81
N SER D 153 8.61 52.64 38.11
CA SER D 153 9.87 52.14 38.63
C SER D 153 9.81 50.63 38.71
N GLY D 154 8.60 50.09 38.63
CA GLY D 154 8.44 48.66 38.70
C GLY D 154 8.05 48.24 40.10
N THR D 155 8.34 49.08 41.08
CA THR D 155 8.00 48.76 42.46
C THR D 155 6.56 49.19 42.73
N PHE D 156 5.89 48.44 43.61
CA PHE D 156 4.52 48.75 43.99
C PHE D 156 4.43 48.61 45.49
N TYR D 157 3.62 49.47 46.10
CA TYR D 157 3.44 49.47 47.53
C TYR D 157 1.98 49.26 47.85
N ARG D 158 1.71 48.76 49.04
CA ARG D 158 0.33 48.58 49.45
C ARG D 158 0.04 49.70 50.43
N TYR D 159 -1.12 50.35 50.29
CA TYR D 159 -1.50 51.45 51.18
C TYR D 159 -2.89 51.24 51.76
N ASN D 160 -3.12 51.82 52.94
CA ASN D 160 -4.42 51.75 53.59
C ASN D 160 -5.22 52.85 52.89
N ALA D 161 -4.46 53.80 52.35
CA ALA D 161 -5.01 54.94 51.62
C ALA D 161 -3.82 55.57 50.89
N LYS D 162 -4.07 56.12 49.71
CA LYS D 162 -2.99 56.71 48.94
C LYS D 162 -3.55 57.69 47.91
N ALA D 163 -2.77 58.73 47.64
CA ALA D 163 -3.17 59.74 46.67
C ALA D 163 -1.98 60.06 45.76
N ILE D 164 -2.22 60.01 44.45
CA ILE D 164 -1.20 60.30 43.45
C ILE D 164 -1.72 61.40 42.55
N GLY D 165 -0.81 62.17 41.96
CA GLY D 165 -1.19 63.25 41.09
C GLY D 165 -0.71 64.61 41.59
N SER D 166 -1.27 65.69 41.04
CA SER D 166 -0.87 67.03 41.43
C SER D 166 -1.09 67.34 42.91
N GLY D 167 -2.23 66.93 43.48
CA GLY D 167 -2.45 67.24 44.87
C GLY D 167 -2.07 66.14 45.84
N SER D 168 -1.13 65.28 45.45
CA SER D 168 -0.73 64.14 46.28
C SER D 168 -0.12 64.43 47.65
N GLU D 169 1.02 65.14 47.70
CA GLU D 169 1.68 65.44 48.97
C GLU D 169 0.71 66.11 49.94
N GLY D 170 -0.23 66.87 49.40
CA GLY D 170 -1.22 67.53 50.24
C GLY D 170 -2.26 66.53 50.68
N ALA D 171 -2.94 65.93 49.71
CA ALA D 171 -3.98 64.94 49.97
C ALA D 171 -3.46 63.84 50.88
N GLN D 172 -2.27 63.34 50.58
CA GLN D 172 -1.68 62.26 51.37
C GLN D 172 -1.61 62.68 52.83
N ALA D 173 -1.19 63.93 53.06
CA ALA D 173 -1.09 64.45 54.41
C ALA D 173 -2.45 64.34 55.08
N GLU D 174 -3.49 64.70 54.35
CA GLU D 174 -4.85 64.63 54.86
C GLU D 174 -5.15 63.19 55.28
N LEU D 175 -5.07 62.28 54.32
CA LEU D 175 -5.32 60.86 54.54
C LEU D 175 -4.59 60.36 55.79
N LEU D 176 -3.37 60.85 55.98
CA LEU D 176 -2.54 60.45 57.12
C LEU D 176 -3.29 60.63 58.43
N ASN D 177 -4.04 61.72 58.54
CA ASN D 177 -4.80 62.01 59.76
C ASN D 177 -6.21 61.43 59.74
N GLU D 178 -6.85 61.49 58.58
CA GLU D 178 -8.23 61.00 58.43
C GLU D 178 -8.43 59.49 58.49
N TRP D 179 -7.42 58.72 58.11
CA TRP D 179 -7.54 57.27 58.07
C TRP D 179 -7.38 56.52 59.38
N HIS D 180 -8.25 55.53 59.56
CA HIS D 180 -8.24 54.65 60.73
C HIS D 180 -8.85 53.29 60.34
N SER D 181 -8.31 52.22 60.93
CA SER D 181 -8.72 50.85 60.66
C SER D 181 -10.20 50.51 60.72
N SER D 182 -11.05 51.42 61.18
CA SER D 182 -12.48 51.10 61.29
C SER D 182 -13.42 51.98 60.46
N LEU D 183 -12.88 52.62 59.44
CA LEU D 183 -13.68 53.45 58.56
C LEU D 183 -14.76 52.60 57.89
N THR D 184 -15.84 53.23 57.47
CA THR D 184 -16.91 52.52 56.80
C THR D 184 -16.80 52.93 55.33
N LEU D 185 -17.51 52.23 54.45
CA LEU D 185 -17.44 52.57 53.03
C LEU D 185 -17.93 53.99 52.76
N LYS D 186 -19.04 54.38 53.38
CA LYS D 186 -19.57 55.72 53.19
C LYS D 186 -18.61 56.79 53.70
N GLU D 187 -17.97 56.51 54.83
CA GLU D 187 -17.02 57.46 55.40
C GLU D 187 -15.92 57.64 54.38
N ALA D 188 -15.41 56.52 53.90
CA ALA D 188 -14.35 56.52 52.91
C ALA D 188 -14.75 57.35 51.69
N GLU D 189 -15.97 57.14 51.21
CA GLU D 189 -16.46 57.87 50.04
C GLU D 189 -16.38 59.36 50.30
N LEU D 190 -17.12 59.82 51.32
CA LEU D 190 -17.15 61.23 51.67
C LEU D 190 -15.71 61.73 51.77
N LEU D 191 -14.89 60.98 52.51
CA LEU D 191 -13.49 61.32 52.69
C LEU D 191 -12.77 61.55 51.37
N VAL D 192 -12.87 60.61 50.43
CA VAL D 192 -12.21 60.79 49.14
C VAL D 192 -12.76 62.07 48.52
N LEU D 193 -14.08 62.15 48.50
CA LEU D 193 -14.82 63.28 47.96
C LEU D 193 -14.33 64.61 48.54
N LYS D 194 -14.00 64.60 49.83
CA LYS D 194 -13.52 65.80 50.51
C LYS D 194 -12.11 66.17 50.05
N ILE D 195 -11.14 65.28 50.29
CA ILE D 195 -9.77 65.56 49.89
C ILE D 195 -9.66 65.96 48.42
N LEU D 196 -10.50 65.39 47.57
CA LEU D 196 -10.46 65.75 46.15
C LEU D 196 -10.82 67.22 46.00
N LYS D 197 -11.87 67.61 46.73
CA LYS D 197 -12.34 68.98 46.71
C LYS D 197 -11.26 69.98 47.15
N GLN D 198 -10.48 69.61 48.16
CA GLN D 198 -9.42 70.48 48.68
C GLN D 198 -8.29 70.75 47.69
N VAL D 199 -7.83 69.71 47.01
CA VAL D 199 -6.72 69.85 46.07
C VAL D 199 -7.10 70.19 44.64
N MET D 200 -8.36 70.01 44.28
CA MET D 200 -8.80 70.32 42.92
C MET D 200 -8.88 71.81 42.68
N GLU D 201 -8.30 72.25 41.57
CA GLU D 201 -8.34 73.66 41.20
C GLU D 201 -9.79 74.10 41.03
N GLU D 202 -10.62 73.18 40.54
CA GLU D 202 -12.02 73.45 40.32
C GLU D 202 -12.90 73.15 41.52
N LYS D 203 -14.15 73.60 41.44
CA LYS D 203 -15.11 73.35 42.50
C LYS D 203 -15.73 72.01 42.18
N LEU D 204 -15.32 71.00 42.94
CA LEU D 204 -15.80 69.64 42.75
C LEU D 204 -17.30 69.51 42.64
N ASP D 205 -17.75 68.91 41.55
CA ASP D 205 -19.18 68.67 41.31
C ASP D 205 -19.22 67.29 40.66
N GLU D 206 -20.42 66.72 40.49
CA GLU D 206 -20.51 65.38 39.92
C GLU D 206 -20.13 65.28 38.43
N ASN D 207 -19.44 66.30 37.92
CA ASN D 207 -19.04 66.28 36.53
C ASN D 207 -17.53 66.39 36.31
N ASN D 208 -16.81 66.87 37.31
CA ASN D 208 -15.37 66.99 37.17
C ASN D 208 -14.68 66.06 38.15
N ALA D 209 -15.46 65.18 38.77
CA ALA D 209 -14.95 64.21 39.72
C ALA D 209 -15.74 62.92 39.53
N GLN D 210 -15.12 61.79 39.85
CA GLN D 210 -15.77 60.49 39.70
C GLN D 210 -15.33 59.54 40.82
N LEU D 211 -16.30 58.82 41.38
CA LEU D 211 -16.04 57.87 42.44
C LEU D 211 -16.26 56.44 41.94
N SER D 212 -15.81 55.49 42.74
CA SER D 212 -15.95 54.08 42.42
C SER D 212 -15.46 53.26 43.60
N CYS D 213 -15.87 52.00 43.64
CA CYS D 213 -15.45 51.11 44.71
C CYS D 213 -15.49 49.68 44.23
N ILE D 214 -15.04 48.78 45.09
CA ILE D 214 -15.03 47.37 44.80
C ILE D 214 -15.32 46.69 46.13
N THR D 215 -16.33 45.84 46.12
CA THR D 215 -16.75 45.13 47.32
C THR D 215 -16.98 43.66 47.01
N LYS D 216 -16.50 42.81 47.91
CA LYS D 216 -16.63 41.37 47.76
C LYS D 216 -17.98 41.00 47.17
N GLN D 217 -19.06 41.63 47.64
CA GLN D 217 -20.37 41.31 47.13
C GLN D 217 -20.61 41.66 45.68
N ASP D 218 -20.68 42.95 45.37
CA ASP D 218 -20.96 43.37 43.99
C ASP D 218 -19.76 43.68 43.11
N GLY D 219 -18.57 43.40 43.63
CA GLY D 219 -17.37 43.66 42.85
C GLY D 219 -17.11 45.13 42.55
N PHE D 220 -16.42 45.39 41.46
CA PHE D 220 -16.08 46.74 41.05
C PHE D 220 -17.19 47.43 40.27
N LYS D 221 -17.55 48.63 40.71
CA LYS D 221 -18.58 49.44 40.08
C LYS D 221 -18.15 50.89 40.10
N ILE D 222 -18.47 51.61 39.03
CA ILE D 222 -18.15 53.02 38.99
C ILE D 222 -19.44 53.76 39.34
N TYR D 223 -19.37 54.71 40.27
CA TYR D 223 -20.55 55.45 40.67
C TYR D 223 -20.99 56.37 39.54
N ASP D 224 -22.25 56.29 39.13
CA ASP D 224 -22.72 57.18 38.07
C ASP D 224 -22.90 58.55 38.70
N ASN D 225 -22.98 59.58 37.86
CA ASN D 225 -23.11 60.94 38.35
C ASN D 225 -24.15 61.20 39.44
N GLU D 226 -25.38 60.72 39.24
CA GLU D 226 -26.43 60.92 40.24
C GLU D 226 -26.03 60.37 41.59
N LYS D 227 -25.45 59.18 41.60
CA LYS D 227 -25.02 58.55 42.85
C LYS D 227 -24.00 59.40 43.59
N THR D 228 -23.06 59.98 42.86
CA THR D 228 -22.03 60.81 43.46
C THR D 228 -22.62 62.17 43.86
N ALA D 229 -23.37 62.77 42.93
CA ALA D 229 -24.01 64.07 43.17
C ALA D 229 -24.49 64.16 44.61
N GLU D 230 -25.31 63.20 45.01
CA GLU D 230 -25.86 63.15 46.36
C GLU D 230 -24.77 63.02 47.42
N LEU D 231 -23.79 62.16 47.17
CA LEU D 231 -22.72 61.97 48.13
C LEU D 231 -21.95 63.27 48.33
N ILE D 232 -22.00 64.15 47.33
CA ILE D 232 -21.33 65.44 47.43
C ILE D 232 -22.15 66.34 48.35
N LYS D 233 -23.45 66.35 48.10
CA LYS D 233 -24.41 67.12 48.88
C LYS D 233 -24.27 66.71 50.35
N GLU D 234 -24.34 65.41 50.62
CA GLU D 234 -24.21 64.88 51.97
C GLU D 234 -22.94 65.38 52.64
N LEU D 235 -21.90 65.61 51.85
CA LEU D 235 -20.63 66.08 52.40
C LEU D 235 -20.71 67.57 52.71
N LYS D 236 -21.26 68.34 51.79
CA LYS D 236 -21.40 69.78 51.99
C LYS D 236 -22.10 70.02 53.33
N GLU D 237 -23.12 69.21 53.58
CA GLU D 237 -23.89 69.30 54.80
C GLU D 237 -23.09 68.94 56.04
N LYS D 238 -22.44 67.79 56.04
CA LYS D 238 -21.67 67.38 57.19
C LYS D 238 -20.51 68.32 57.51
N GLU D 239 -20.08 69.10 56.52
CA GLU D 239 -18.98 70.05 56.74
C GLU D 239 -19.50 71.36 57.32
N ALA D 240 -20.64 71.80 56.80
CA ALA D 240 -21.26 73.03 57.27
C ALA D 240 -21.85 72.74 58.65
N ALA D 241 -21.84 71.47 59.03
CA ALA D 241 -22.38 71.03 60.32
C ALA D 241 -21.38 71.25 61.45
N GLU D 242 -20.33 72.02 61.15
CA GLU D 242 -19.26 72.36 62.11
C GLU D 242 -17.95 72.61 61.39
N PHE E 1 36.36 64.93 33.53
CA PHE E 1 36.68 63.49 33.79
C PHE E 1 35.37 62.68 33.79
N ARG E 2 35.16 61.90 34.85
CA ARG E 2 33.99 61.05 35.04
C ARG E 2 32.86 61.27 34.04
N ASN E 3 32.37 62.50 34.00
CA ASN E 3 31.26 62.86 33.11
C ASN E 3 31.42 62.32 31.68
N ASN E 4 32.64 62.29 31.19
CA ASN E 4 32.91 61.79 29.85
C ASN E 4 33.06 60.28 29.80
N TYR E 5 33.07 59.64 30.98
CA TYR E 5 33.27 58.20 31.03
C TYR E 5 32.19 57.41 31.79
N ASP E 6 31.03 58.00 32.00
CA ASP E 6 29.99 57.29 32.73
C ASP E 6 28.66 57.27 32.02
N GLY E 7 28.67 57.49 30.72
CA GLY E 7 27.42 57.49 29.96
C GLY E 7 26.84 56.10 29.75
N ASP E 8 27.69 55.08 29.84
CA ASP E 8 27.28 53.69 29.67
C ASP E 8 28.35 52.73 30.21
N THR E 9 27.99 51.46 30.36
CA THR E 9 28.92 50.47 30.91
C THR E 9 30.03 50.06 30.00
N VAL E 10 29.84 50.25 28.70
CA VAL E 10 30.84 49.86 27.72
C VAL E 10 32.10 50.73 27.70
N THR E 11 32.14 51.76 28.56
CA THR E 11 33.29 52.66 28.60
C THR E 11 34.15 52.59 29.88
N PHE E 12 35.46 52.55 29.69
CA PHE E 12 36.42 52.50 30.80
C PHE E 12 36.87 53.92 31.06
N SER E 13 37.10 54.27 32.33
CA SER E 13 37.60 55.61 32.62
C SER E 13 39.10 55.48 32.39
N PRO E 14 39.81 56.60 32.34
CA PRO E 14 41.26 56.51 32.11
C PRO E 14 42.03 55.80 33.22
N THR E 15 41.41 55.66 34.38
CA THR E 15 42.06 55.00 35.51
C THR E 15 41.66 53.53 35.60
N GLY E 16 40.79 53.11 34.68
CA GLY E 16 40.35 51.72 34.64
C GLY E 16 39.09 51.40 35.43
N ARG E 17 38.20 52.37 35.53
CA ARG E 17 36.96 52.18 36.29
C ARG E 17 35.71 52.12 35.42
N LEU E 18 34.65 51.54 35.98
CA LEU E 18 33.37 51.42 35.29
C LEU E 18 32.32 52.12 36.15
N PHE E 19 32.27 53.44 36.00
CA PHE E 19 31.35 54.26 36.77
C PHE E 19 29.91 53.75 36.77
N GLN E 20 29.38 53.49 35.58
CA GLN E 20 28.01 53.00 35.52
C GLN E 20 27.82 51.87 36.53
N VAL E 21 28.84 51.04 36.69
CA VAL E 21 28.77 49.95 37.65
C VAL E 21 28.83 50.52 39.05
N GLU E 22 29.78 51.41 39.26
CA GLU E 22 29.96 52.05 40.56
C GLU E 22 28.69 52.78 40.97
N TYR E 23 28.01 53.35 39.99
CA TYR E 23 26.77 54.07 40.25
C TYR E 23 25.74 53.06 40.72
N ALA E 24 25.72 51.91 40.05
CA ALA E 24 24.81 50.85 40.43
C ALA E 24 25.09 50.50 41.88
N LEU E 25 26.36 50.25 42.19
CA LEU E 25 26.75 49.92 43.55
C LEU E 25 26.18 50.93 44.54
N GLU E 26 26.13 52.19 44.12
CA GLU E 26 25.61 53.25 44.98
C GLU E 26 24.16 52.98 45.36
N ALA E 27 23.34 52.56 44.40
CA ALA E 27 21.95 52.29 44.66
C ALA E 27 21.79 51.30 45.81
N ILE E 28 22.79 50.45 45.99
CA ILE E 28 22.77 49.46 47.06
C ILE E 28 22.86 50.15 48.41
N LYS E 29 23.90 50.98 48.56
CA LYS E 29 24.10 51.70 49.81
C LYS E 29 22.89 52.52 50.22
N GLN E 30 22.17 53.05 49.24
CA GLN E 30 20.98 53.85 49.50
C GLN E 30 19.85 52.97 50.03
N GLY E 31 19.90 51.69 49.68
CA GLY E 31 18.87 50.76 50.11
C GLY E 31 18.93 50.36 51.57
N SER E 32 17.78 49.91 52.10
CA SER E 32 17.69 49.50 53.49
C SER E 32 18.67 48.39 53.83
N VAL E 33 19.08 48.31 55.09
CA VAL E 33 20.04 47.30 55.52
C VAL E 33 19.44 45.91 55.67
N THR E 34 20.31 44.91 55.60
CA THR E 34 19.96 43.51 55.75
C THR E 34 21.26 42.79 56.13
N VAL E 35 21.16 41.76 56.97
CA VAL E 35 22.34 41.05 57.43
C VAL E 35 22.26 39.56 57.24
N GLY E 36 23.43 38.93 57.05
CA GLY E 36 23.49 37.51 56.87
C GLY E 36 24.61 36.92 57.71
N LEU E 37 24.36 35.75 58.30
CA LEU E 37 25.36 35.06 59.12
C LEU E 37 25.00 33.58 59.24
N ARG E 38 26.02 32.74 59.41
CA ARG E 38 25.81 31.30 59.52
C ARG E 38 26.68 30.64 60.58
N SER E 39 26.26 29.46 61.02
CA SER E 39 27.01 28.68 61.99
C SER E 39 27.53 27.50 61.17
N ASN E 40 27.42 26.29 61.68
CA ASN E 40 27.87 25.13 60.93
C ASN E 40 26.67 24.26 60.67
N THR E 41 25.52 24.74 61.10
CA THR E 41 24.28 24.02 60.90
C THR E 41 23.18 24.90 60.32
N HIS E 42 23.26 26.21 60.55
CA HIS E 42 22.23 27.09 60.01
C HIS E 42 22.78 28.36 59.38
N ALA E 43 21.94 29.02 58.61
CA ALA E 43 22.28 30.27 57.95
C ALA E 43 21.08 31.16 58.14
N VAL E 44 21.32 32.40 58.58
CA VAL E 44 20.23 33.32 58.81
C VAL E 44 20.34 34.63 58.06
N LEU E 45 19.18 35.14 57.69
CA LEU E 45 19.07 36.41 56.99
C LEU E 45 18.16 37.29 57.81
N VAL E 46 18.69 38.44 58.25
CA VAL E 46 17.90 39.39 59.02
C VAL E 46 17.82 40.65 58.14
N ALA E 47 16.62 41.18 57.96
CA ALA E 47 16.47 42.36 57.13
C ALA E 47 15.55 43.40 57.73
N LEU E 48 15.83 44.65 57.41
CA LEU E 48 15.04 45.78 57.88
C LEU E 48 14.20 46.27 56.70
N LYS E 49 12.90 46.03 56.76
CA LYS E 49 12.03 46.46 55.66
C LYS E 49 11.71 47.94 55.80
N ARG E 50 11.81 48.67 54.70
CA ARG E 50 11.55 50.10 54.68
C ARG E 50 10.11 50.36 54.25
N ASN E 51 9.55 51.49 54.66
CA ASN E 51 8.17 51.84 54.30
C ASN E 51 8.09 53.29 53.81
N ALA E 52 7.21 53.54 52.86
CA ALA E 52 7.04 54.88 52.30
C ALA E 52 6.41 55.81 53.33
N ASP E 53 5.09 55.70 53.49
CA ASP E 53 4.32 56.50 54.45
C ASP E 53 4.04 55.59 55.63
N GLU E 54 3.14 56.03 56.51
CA GLU E 54 2.77 55.21 57.66
C GLU E 54 1.46 54.55 57.27
N LEU E 55 1.14 54.67 55.99
CA LEU E 55 -0.05 54.08 55.41
C LEU E 55 0.38 52.97 54.46
N SER E 56 1.67 52.98 54.10
CA SER E 56 2.23 51.98 53.19
C SER E 56 2.79 50.78 53.91
N SER E 57 2.96 49.70 53.16
CA SER E 57 3.50 48.46 53.69
C SER E 57 5.02 48.55 53.73
N TYR E 58 5.64 47.62 54.42
CA TYR E 58 7.10 47.58 54.49
C TYR E 58 7.54 46.55 53.45
N GLN E 59 8.12 47.02 52.35
CA GLN E 59 8.56 46.19 51.24
C GLN E 59 9.41 44.97 51.62
N LYS E 60 9.02 43.81 51.07
CA LYS E 60 9.71 42.54 51.34
C LYS E 60 11.15 42.59 50.90
N LYS E 61 12.04 42.00 51.69
CA LYS E 61 13.46 42.00 51.35
C LYS E 61 14.02 40.58 51.21
N ILE E 62 13.22 39.57 51.53
CA ILE E 62 13.67 38.19 51.42
C ILE E 62 12.89 37.36 50.39
N ILE E 63 13.62 36.66 49.53
CA ILE E 63 13.02 35.82 48.50
C ILE E 63 13.59 34.41 48.57
N LYS E 64 12.70 33.43 48.52
CA LYS E 64 13.09 32.03 48.56
C LYS E 64 13.30 31.55 47.13
N CYS E 65 14.43 30.91 46.87
CA CYS E 65 14.74 30.42 45.54
C CYS E 65 14.46 28.93 45.40
N ASP E 66 14.62 28.20 46.49
CA ASP E 66 14.37 26.76 46.51
C ASP E 66 14.19 26.36 47.98
N GLU E 67 14.04 25.08 48.24
CA GLU E 67 13.84 24.59 49.60
C GLU E 67 15.10 24.68 50.45
N HIS E 68 16.24 24.77 49.80
CA HIS E 68 17.50 24.82 50.51
C HIS E 68 18.29 26.10 50.28
N MET E 69 17.69 27.08 49.59
CA MET E 69 18.41 28.32 49.29
C MET E 69 17.49 29.53 49.20
N GLY E 70 18.01 30.69 49.61
CA GLY E 70 17.24 31.92 49.57
C GLY E 70 18.16 33.11 49.64
N LEU E 71 17.62 34.32 49.60
CA LEU E 71 18.45 35.51 49.64
C LEU E 71 17.70 36.76 50.09
N SER E 72 18.45 37.80 50.44
CA SER E 72 17.88 39.08 50.85
C SER E 72 18.44 40.11 49.87
N LEU E 73 17.62 41.12 49.57
CA LEU E 73 18.00 42.16 48.62
C LEU E 73 18.23 43.54 49.25
N ALA E 74 18.97 44.38 48.54
CA ALA E 74 19.26 45.74 48.99
C ALA E 74 19.46 46.61 47.77
N GLY E 75 18.41 47.32 47.36
CA GLY E 75 18.52 48.18 46.19
C GLY E 75 17.28 48.10 45.33
N LEU E 76 17.46 48.09 44.01
CA LEU E 76 16.33 48.01 43.09
C LEU E 76 15.56 46.71 43.23
N ALA E 77 14.38 46.78 43.87
CA ALA E 77 13.56 45.59 44.06
C ALA E 77 13.39 44.78 42.78
N PRO E 78 12.98 45.42 41.67
CA PRO E 78 12.80 44.72 40.38
C PRO E 78 13.97 43.82 40.01
N ASP E 79 15.19 44.36 40.06
CA ASP E 79 16.36 43.57 39.73
C ASP E 79 16.50 42.33 40.61
N ALA E 80 16.17 42.47 41.88
CA ALA E 80 16.26 41.33 42.79
C ALA E 80 15.30 40.27 42.28
N ARG E 81 14.14 40.71 41.82
CA ARG E 81 13.11 39.82 41.27
C ARG E 81 13.67 39.09 40.06
N VAL E 82 14.20 39.86 39.11
CA VAL E 82 14.80 39.30 37.91
C VAL E 82 15.83 38.24 38.26
N LEU E 83 16.81 38.64 39.06
CA LEU E 83 17.90 37.77 39.49
C LEU E 83 17.47 36.58 40.33
N SER E 84 16.66 36.81 41.34
CA SER E 84 16.19 35.73 42.20
C SER E 84 15.39 34.73 41.38
N ASN E 85 14.68 35.26 40.39
CA ASN E 85 13.88 34.41 39.52
C ASN E 85 14.83 33.53 38.72
N TYR E 86 15.83 34.15 38.12
CA TYR E 86 16.82 33.40 37.34
C TYR E 86 17.49 32.36 38.22
N LEU E 87 17.63 32.66 39.51
CA LEU E 87 18.25 31.73 40.43
C LEU E 87 17.29 30.57 40.67
N ARG E 88 16.00 30.89 40.76
CA ARG E 88 14.99 29.85 40.96
C ARG E 88 15.03 28.83 39.83
N GLN E 89 15.09 29.32 38.60
CA GLN E 89 15.14 28.44 37.44
C GLN E 89 16.37 27.56 37.50
N GLN E 90 17.52 28.17 37.81
CA GLN E 90 18.75 27.41 37.88
C GLN E 90 18.66 26.28 38.88
N CYS E 91 17.95 26.51 39.98
CA CYS E 91 17.78 25.47 40.98
C CYS E 91 16.86 24.39 40.41
N ASN E 92 15.70 24.82 39.95
CA ASN E 92 14.70 23.96 39.35
C ASN E 92 15.35 23.05 38.30
N TYR E 93 16.11 23.67 37.40
CA TYR E 93 16.78 22.93 36.36
C TYR E 93 17.69 21.84 36.94
N SER E 94 18.52 22.19 37.92
CA SER E 94 19.43 21.22 38.52
C SER E 94 18.69 20.01 39.07
N SER E 95 17.56 20.27 39.70
CA SER E 95 16.76 19.21 40.29
C SER E 95 16.07 18.37 39.24
N LEU E 96 15.36 19.01 38.33
CA LEU E 96 14.65 18.29 37.28
C LEU E 96 15.58 17.41 36.46
N VAL E 97 16.62 18.01 35.91
CA VAL E 97 17.56 17.28 35.08
C VAL E 97 18.50 16.30 35.78
N PHE E 98 19.16 16.73 36.84
CA PHE E 98 20.10 15.86 37.55
C PHE E 98 19.62 15.31 38.87
N ASN E 99 18.42 15.71 39.29
CA ASN E 99 17.88 15.22 40.56
C ASN E 99 18.91 15.57 41.62
N ARG E 100 19.47 16.77 41.48
CA ARG E 100 20.51 17.26 42.36
C ARG E 100 20.22 18.68 42.82
N LYS E 101 20.34 18.93 44.12
CA LYS E 101 20.10 20.27 44.63
C LYS E 101 21.29 21.13 44.22
N LEU E 102 21.02 22.36 43.81
CA LEU E 102 22.09 23.26 43.36
C LEU E 102 23.03 23.74 44.47
N ALA E 103 24.32 23.50 44.30
CA ALA E 103 25.33 23.91 45.28
C ALA E 103 25.34 25.42 45.44
N VAL E 104 25.33 25.89 46.68
CA VAL E 104 25.33 27.33 46.93
C VAL E 104 26.50 27.98 46.20
N GLU E 105 27.65 27.33 46.21
CA GLU E 105 28.81 27.89 45.54
C GLU E 105 28.53 28.06 44.07
N ARG E 106 27.84 27.09 43.49
CA ARG E 106 27.49 27.11 42.08
C ARG E 106 26.50 28.24 41.77
N ALA E 107 25.48 28.38 42.62
CA ALA E 107 24.49 29.43 42.45
C ALA E 107 25.19 30.77 42.36
N GLY E 108 26.24 30.94 43.16
CA GLY E 108 26.98 32.18 43.15
C GLY E 108 27.66 32.45 41.82
N HIS E 109 28.28 31.42 41.25
CA HIS E 109 28.97 31.55 39.97
C HIS E 109 28.01 32.00 38.88
N LEU E 110 26.81 31.41 38.88
CA LEU E 110 25.81 31.75 37.90
C LEU E 110 25.43 33.21 38.05
N LEU E 111 25.13 33.60 39.27
CA LEU E 111 24.75 34.98 39.53
C LEU E 111 25.84 35.92 39.05
N CYS E 112 27.08 35.60 39.38
CA CYS E 112 28.18 36.45 38.95
C CYS E 112 28.18 36.58 37.43
N ASP E 113 28.21 35.44 36.73
CA ASP E 113 28.25 35.45 35.27
C ASP E 113 27.06 36.16 34.62
N LYS E 114 25.91 36.16 35.29
CA LYS E 114 24.74 36.82 34.72
C LYS E 114 24.89 38.33 34.82
N ALA E 115 25.45 38.78 35.94
CA ALA E 115 25.66 40.20 36.17
C ALA E 115 26.74 40.75 35.25
N GLN E 116 27.80 39.96 35.07
CA GLN E 116 28.93 40.37 34.26
C GLN E 116 28.51 40.72 32.84
N LYS E 117 27.53 40.01 32.32
CA LYS E 117 27.06 40.23 30.95
C LYS E 117 26.51 41.62 30.71
N ASN E 118 25.98 42.24 31.76
CA ASN E 118 25.42 43.58 31.65
C ASN E 118 26.45 44.66 31.86
N THR E 119 27.71 44.27 31.96
CA THR E 119 28.77 45.24 32.20
C THR E 119 29.82 45.28 31.10
N GLN E 120 29.57 44.62 29.98
CA GLN E 120 30.54 44.60 28.88
C GLN E 120 29.91 44.86 27.52
N SER E 121 28.58 44.96 27.51
CA SER E 121 27.85 45.19 26.26
C SER E 121 27.11 46.51 26.23
N TYR E 122 27.04 47.08 25.03
CA TYR E 122 26.38 48.34 24.80
C TYR E 122 24.88 48.18 24.95
N GLY E 123 24.23 49.19 25.51
CA GLY E 123 22.79 49.14 25.66
C GLY E 123 22.24 48.75 27.01
N GLY E 124 22.89 47.78 27.66
CA GLY E 124 22.41 47.36 28.96
C GLY E 124 22.75 48.33 30.07
N ARG E 125 22.43 47.93 31.29
CA ARG E 125 22.73 48.71 32.46
C ARG E 125 23.04 47.65 33.50
N PRO E 126 23.92 47.95 34.46
CA PRO E 126 24.22 46.94 35.46
C PRO E 126 23.02 46.72 36.35
N TYR E 127 22.98 45.59 37.04
CA TYR E 127 21.87 45.38 37.93
C TYR E 127 22.14 46.34 39.08
N GLY E 128 21.09 46.90 39.67
CA GLY E 128 21.27 47.84 40.76
C GLY E 128 20.77 47.27 42.07
N VAL E 129 21.27 46.10 42.43
CA VAL E 129 20.84 45.50 43.67
C VAL E 129 21.91 44.58 44.26
N GLY E 130 21.97 44.56 45.59
CA GLY E 130 22.91 43.72 46.29
C GLY E 130 22.13 42.54 46.81
N LEU E 131 22.78 41.40 46.96
CA LEU E 131 22.07 40.22 47.43
C LEU E 131 22.91 39.41 48.39
N LEU E 132 22.24 38.85 49.39
CA LEU E 132 22.88 38.00 50.37
C LEU E 132 22.18 36.66 50.24
N ILE E 133 22.92 35.65 49.80
CA ILE E 133 22.34 34.32 49.60
C ILE E 133 22.84 33.34 50.66
N ILE E 134 21.90 32.67 51.32
CA ILE E 134 22.25 31.67 52.32
C ILE E 134 21.63 30.39 51.83
N GLY E 135 22.13 29.26 52.31
CA GLY E 135 21.57 27.99 51.89
C GLY E 135 22.35 26.86 52.49
N TYR E 136 21.69 25.72 52.63
CA TYR E 136 22.34 24.53 53.18
C TYR E 136 22.36 23.50 52.06
N ASP E 137 23.55 23.07 51.66
CA ASP E 137 23.67 22.09 50.59
C ASP E 137 24.49 20.88 51.02
N LYS E 138 25.13 20.21 50.06
CA LYS E 138 25.93 19.03 50.36
C LYS E 138 27.21 19.29 51.14
N SER E 139 27.52 20.55 51.42
CA SER E 139 28.72 20.83 52.19
C SER E 139 28.39 21.80 53.33
N GLY E 140 27.19 21.63 53.88
CA GLY E 140 26.75 22.46 55.00
C GLY E 140 26.14 23.81 54.70
N ALA E 141 26.16 24.67 55.71
CA ALA E 141 25.61 26.01 55.61
C ALA E 141 26.51 26.94 54.79
N HIS E 142 25.90 27.92 54.14
CA HIS E 142 26.62 28.86 53.31
C HIS E 142 25.99 30.25 53.32
N LEU E 143 26.83 31.25 53.09
CA LEU E 143 26.42 32.64 53.02
C LEU E 143 27.23 33.33 51.92
N LEU E 144 26.53 33.92 50.97
CA LEU E 144 27.15 34.59 49.84
C LEU E 144 26.75 36.05 49.75
N GLU E 145 27.65 36.89 49.24
CA GLU E 145 27.34 38.30 49.07
C GLU E 145 27.54 38.63 47.59
N PHE E 146 26.49 39.15 46.98
CA PHE E 146 26.49 39.48 45.56
C PHE E 146 26.49 40.98 45.24
N GLN E 147 27.47 41.42 44.47
CA GLN E 147 27.54 42.81 44.06
C GLN E 147 27.35 42.88 42.55
N PRO E 148 26.52 43.83 42.07
CA PRO E 148 26.19 44.05 40.65
C PRO E 148 27.43 44.08 39.77
N SER E 149 28.57 44.30 40.40
CA SER E 149 29.84 44.35 39.68
C SER E 149 30.08 42.93 39.17
N GLY E 150 29.43 41.97 39.80
CA GLY E 150 29.58 40.57 39.42
C GLY E 150 30.40 39.83 40.45
N ASN E 151 30.88 40.54 41.46
CA ASN E 151 31.68 39.94 42.51
C ASN E 151 30.85 39.29 43.60
N VAL E 152 31.02 37.98 43.74
CA VAL E 152 30.30 37.20 44.74
C VAL E 152 31.31 36.55 45.69
N THR E 153 31.17 36.81 46.98
CA THR E 153 32.10 36.27 47.97
C THR E 153 31.41 35.43 49.01
N GLU E 154 32.13 34.44 49.54
CA GLU E 154 31.57 33.56 50.57
C GLU E 154 32.09 34.01 51.92
N LEU E 155 31.15 34.31 52.82
CA LEU E 155 31.50 34.80 54.14
C LEU E 155 30.82 34.02 55.26
N TYR E 156 31.18 34.33 56.50
CA TYR E 156 30.56 33.69 57.66
C TYR E 156 29.36 34.55 57.99
N GLY E 157 29.50 35.83 57.71
CA GLY E 157 28.43 36.79 57.96
C GLY E 157 28.75 38.11 57.28
N THR E 158 27.72 38.91 57.05
CA THR E 158 27.89 40.22 56.43
C THR E 158 26.58 40.98 56.34
N ALA E 159 26.67 42.19 55.83
CA ALA E 159 25.50 43.05 55.66
C ALA E 159 25.78 44.03 54.54
N ILE E 160 24.71 44.52 53.93
CA ILE E 160 24.80 45.46 52.83
C ILE E 160 23.69 46.48 52.97
N GLY E 161 23.91 47.67 52.41
CA GLY E 161 22.92 48.73 52.49
C GLY E 161 23.44 49.89 53.31
N ALA E 162 22.51 50.74 53.76
CA ALA E 162 22.85 51.91 54.55
C ALA E 162 23.25 51.56 55.99
N ARG E 163 24.34 52.15 56.45
CA ARG E 163 24.81 51.94 57.81
C ARG E 163 25.18 50.48 58.03
N SER E 164 25.08 49.69 56.97
CA SER E 164 25.40 48.26 57.03
C SER E 164 26.73 48.00 57.74
N GLN E 165 27.62 48.99 57.70
CA GLN E 165 28.94 48.90 58.31
C GLN E 165 28.86 48.59 59.79
N GLY E 166 27.82 49.11 60.44
CA GLY E 166 27.65 48.87 61.86
C GLY E 166 27.66 47.38 62.15
N ALA E 167 26.70 46.69 61.55
CA ALA E 167 26.54 45.26 61.73
C ALA E 167 27.78 44.51 61.25
N LYS E 168 28.33 44.94 60.12
CA LYS E 168 29.49 44.27 59.56
C LYS E 168 30.65 44.22 60.55
N THR E 169 30.81 45.30 61.33
CA THR E 169 31.88 45.35 62.33
C THR E 169 31.50 44.40 63.46
N TYR E 170 30.27 44.56 63.95
CA TYR E 170 29.75 43.73 65.03
C TYR E 170 29.98 42.25 64.74
N LEU E 171 29.64 41.84 63.52
CA LEU E 171 29.82 40.44 63.11
C LEU E 171 31.29 40.05 63.10
N GLU E 172 32.11 40.94 62.57
CA GLU E 172 33.55 40.71 62.47
C GLU E 172 34.13 40.48 63.87
N ARG E 173 33.41 41.01 64.86
CA ARG E 173 33.79 40.91 66.26
C ARG E 173 33.22 39.62 66.86
N THR E 174 31.90 39.46 66.75
CA THR E 174 31.20 38.29 67.28
C THR E 174 31.50 37.00 66.51
N LEU E 175 32.44 37.06 65.58
CA LEU E 175 32.77 35.90 64.75
C LEU E 175 32.89 34.58 65.54
N ASP E 176 34.02 34.38 66.20
CA ASP E 176 34.30 33.18 66.98
C ASP E 176 33.10 32.70 67.79
N THR E 177 32.19 33.62 68.11
CA THR E 177 31.01 33.29 68.89
C THR E 177 29.87 32.62 68.13
N PHE E 178 29.26 33.33 67.18
CA PHE E 178 28.14 32.77 66.43
C PHE E 178 28.49 31.59 65.52
N ILE E 179 29.71 31.60 64.97
CA ILE E 179 30.15 30.52 64.09
C ILE E 179 29.99 29.16 64.77
N LYS E 180 29.72 29.20 66.06
CA LYS E 180 29.56 27.97 66.83
C LYS E 180 28.15 27.76 67.34
N ILE E 181 27.21 28.56 66.83
CA ILE E 181 25.83 28.42 67.26
C ILE E 181 25.17 27.30 66.47
N ASP E 182 25.72 26.09 66.61
CA ASP E 182 25.22 24.91 65.93
C ASP E 182 24.10 24.27 66.75
N GLY E 183 23.08 23.75 66.08
CA GLY E 183 21.99 23.09 66.77
C GLY E 183 21.00 24.01 67.48
N ASN E 184 21.24 25.32 67.46
CA ASN E 184 20.31 26.22 68.11
C ASN E 184 19.96 27.40 67.22
N PRO E 185 18.90 27.26 66.42
CA PRO E 185 18.48 28.35 65.53
C PRO E 185 18.19 29.64 66.29
N ASP E 186 17.29 29.59 67.25
CA ASP E 186 16.94 30.78 68.03
C ASP E 186 18.14 31.67 68.32
N GLU E 187 19.23 31.05 68.79
CA GLU E 187 20.43 31.80 69.10
C GLU E 187 21.01 32.51 67.89
N LEU E 188 21.10 31.81 66.77
CA LEU E 188 21.64 32.43 65.56
C LEU E 188 20.78 33.63 65.13
N ILE E 189 19.46 33.48 65.17
CA ILE E 189 18.60 34.59 64.78
C ILE E 189 18.82 35.77 65.73
N LYS E 190 18.86 35.50 67.03
CA LYS E 190 19.08 36.56 68.01
C LYS E 190 20.39 37.27 67.71
N ALA E 191 21.44 36.47 67.48
CA ALA E 191 22.76 37.01 67.16
C ALA E 191 22.67 37.80 65.86
N GLY E 192 21.66 37.48 65.05
CA GLY E 192 21.47 38.16 63.79
C GLY E 192 20.78 39.50 64.02
N VAL E 193 19.69 39.48 64.77
CA VAL E 193 18.95 40.68 65.08
C VAL E 193 19.86 41.71 65.76
N GLU E 194 20.74 41.21 66.64
CA GLU E 194 21.67 42.06 67.38
C GLU E 194 22.68 42.73 66.48
N ALA E 195 22.97 42.10 65.35
CA ALA E 195 23.92 42.65 64.41
C ALA E 195 23.26 43.72 63.56
N ILE E 196 22.01 43.50 63.20
CA ILE E 196 21.29 44.44 62.37
C ILE E 196 20.94 45.72 63.12
N SER E 197 20.60 45.59 64.40
CA SER E 197 20.26 46.75 65.21
C SER E 197 21.49 47.64 65.40
N GLN E 198 22.66 47.12 65.03
CA GLN E 198 23.91 47.84 65.13
C GLN E 198 24.01 48.82 63.97
N SER E 199 23.03 48.79 63.08
CA SER E 199 23.02 49.67 61.92
C SER E 199 21.77 50.54 61.89
N LEU E 200 21.00 50.49 62.97
CA LEU E 200 19.79 51.30 63.07
C LEU E 200 20.24 52.72 63.38
N ARG E 201 19.30 53.63 63.59
CA ARG E 201 19.65 55.03 63.88
C ARG E 201 18.39 55.88 63.78
N ASP E 202 17.55 55.52 62.81
CA ASP E 202 16.30 56.21 62.56
C ASP E 202 15.28 55.73 63.60
N GLU E 203 14.94 54.45 63.55
CA GLU E 203 13.98 53.84 64.46
C GLU E 203 14.54 52.60 65.16
N SER E 204 13.62 51.77 65.65
CA SER E 204 13.96 50.53 66.31
C SER E 204 13.09 49.46 65.65
N LEU E 205 13.69 48.32 65.29
CA LEU E 205 12.98 47.24 64.62
C LEU E 205 11.66 46.84 65.30
N THR E 206 10.56 47.09 64.59
CA THR E 206 9.22 46.77 65.07
C THR E 206 8.76 45.41 64.52
N VAL E 207 7.54 45.02 64.85
CA VAL E 207 7.04 43.73 64.38
C VAL E 207 6.81 43.66 62.89
N ASP E 208 6.17 44.69 62.32
CA ASP E 208 5.90 44.70 60.89
C ASP E 208 7.00 45.43 60.13
N ASN E 209 8.18 45.46 60.72
CA ASN E 209 9.33 46.14 60.14
C ASN E 209 10.54 45.19 60.04
N LEU E 210 10.55 44.16 60.87
CA LEU E 210 11.63 43.18 60.87
C LEU E 210 11.26 41.98 60.01
N SER E 211 12.25 41.43 59.32
CA SER E 211 12.06 40.28 58.44
C SER E 211 13.23 39.31 58.63
N ILE E 212 12.91 38.06 58.96
CA ILE E 212 13.94 37.04 59.17
C ILE E 212 13.69 35.76 58.37
N ALA E 213 14.77 35.18 57.87
CA ALA E 213 14.69 33.94 57.09
C ALA E 213 15.78 33.00 57.60
N ILE E 214 15.47 31.71 57.62
CA ILE E 214 16.44 30.72 58.08
C ILE E 214 16.43 29.43 57.24
N VAL E 215 17.58 28.75 57.22
CA VAL E 215 17.76 27.51 56.48
C VAL E 215 18.87 26.73 57.16
N GLY E 216 18.80 25.40 57.10
CA GLY E 216 19.84 24.58 57.71
C GLY E 216 19.55 23.10 57.81
N LYS E 217 20.55 22.36 58.31
CA LYS E 217 20.49 20.91 58.49
C LYS E 217 19.10 20.31 58.37
N ASP E 218 18.23 20.60 59.33
CA ASP E 218 16.88 20.09 59.27
C ASP E 218 15.87 21.22 59.27
N THR E 219 16.13 22.21 58.43
CA THR E 219 15.25 23.36 58.32
C THR E 219 15.18 23.88 56.89
N PRO E 220 14.04 23.66 56.22
CA PRO E 220 13.89 24.14 54.84
C PRO E 220 13.72 25.66 54.87
N PHE E 221 14.55 26.37 54.12
CA PHE E 221 14.51 27.82 54.06
C PHE E 221 13.09 28.34 54.27
N THR E 222 12.88 29.02 55.39
CA THR E 222 11.57 29.58 55.70
C THR E 222 11.69 31.04 56.13
N ILE E 223 10.66 31.82 55.84
CA ILE E 223 10.65 33.23 56.15
C ILE E 223 9.67 33.59 57.27
N TYR E 224 10.17 34.34 58.25
CA TYR E 224 9.33 34.76 59.37
C TYR E 224 9.08 36.27 59.30
N ASP E 225 7.81 36.66 59.36
CA ASP E 225 7.41 38.07 59.31
C ASP E 225 6.42 38.41 60.40
N GLY E 226 6.41 39.68 60.78
CA GLY E 226 5.48 40.16 61.80
C GLY E 226 5.46 39.34 63.06
N GLU E 227 4.24 39.06 63.54
CA GLU E 227 4.05 38.27 64.75
C GLU E 227 5.14 37.21 64.91
N ALA E 228 5.42 36.49 63.82
CA ALA E 228 6.42 35.44 63.83
C ALA E 228 7.80 35.88 64.33
N VAL E 229 8.15 37.15 64.16
CA VAL E 229 9.45 37.66 64.62
C VAL E 229 9.32 38.46 65.91
N ALA E 230 8.12 38.46 66.49
CA ALA E 230 7.86 39.19 67.73
C ALA E 230 8.82 38.74 68.83
N LYS E 231 8.91 37.44 69.06
CA LYS E 231 9.78 36.91 70.10
C LYS E 231 11.27 37.25 69.91
N TYR E 232 11.58 38.14 68.97
CA TYR E 232 12.97 38.53 68.72
C TYR E 232 13.21 40.02 68.87
N ILE E 233 12.14 40.77 69.07
CA ILE E 233 12.27 42.22 69.21
C ILE E 233 12.33 42.61 70.68
N GLY F 1 42.21 66.68 17.01
CA GLY F 1 41.23 66.99 18.11
C GLY F 1 41.41 66.12 19.34
N THR F 2 40.30 65.63 19.89
CA THR F 2 40.33 64.76 21.07
C THR F 2 39.09 63.87 21.14
N GLY F 3 39.00 63.09 22.21
CA GLY F 3 37.85 62.20 22.39
C GLY F 3 38.14 60.80 21.86
N TYR F 4 39.35 60.63 21.35
CA TYR F 4 39.79 59.34 20.81
C TYR F 4 39.78 58.22 21.83
N ASP F 5 39.61 58.59 23.11
CA ASP F 5 39.62 57.59 24.17
C ASP F 5 38.25 57.29 24.75
N LEU F 6 37.19 57.60 24.02
CA LEU F 6 35.85 57.35 24.52
C LEU F 6 35.20 56.14 23.87
N SER F 7 35.47 55.92 22.58
CA SER F 7 34.91 54.78 21.87
C SER F 7 35.96 53.67 21.82
N ASN F 8 35.52 52.43 22.03
CA ASN F 8 36.42 51.29 22.05
C ASN F 8 37.29 50.99 20.83
N SER F 9 36.71 50.84 19.64
CA SER F 9 37.59 50.48 18.52
C SER F 9 38.31 51.60 17.78
N VAL F 10 38.34 52.80 18.34
CA VAL F 10 38.98 53.94 17.68
C VAL F 10 40.50 54.03 17.77
N PHE F 11 41.11 54.51 16.69
CA PHE F 11 42.54 54.68 16.65
C PHE F 11 42.85 56.12 16.97
N SER F 12 43.75 56.36 17.92
CA SER F 12 44.13 57.72 18.24
C SER F 12 45.12 58.07 17.13
N PRO F 13 45.43 59.36 16.97
CA PRO F 13 46.38 59.79 15.93
C PRO F 13 47.72 59.08 15.92
N ASP F 14 48.11 58.51 17.06
CA ASP F 14 49.38 57.80 17.17
C ASP F 14 49.17 56.27 17.10
N GLY F 15 48.09 55.86 16.44
CA GLY F 15 47.80 54.44 16.27
C GLY F 15 47.52 53.59 17.48
N ARG F 16 47.17 54.21 18.61
CA ARG F 16 46.87 53.46 19.82
C ARG F 16 45.37 53.33 19.99
N ASN F 17 44.95 52.51 20.95
CA ASN F 17 43.54 52.32 21.24
C ASN F 17 43.35 52.46 22.74
N PHE F 18 43.23 53.71 23.19
CA PHE F 18 43.09 54.02 24.60
C PHE F 18 42.20 53.16 25.46
N GLN F 19 41.00 52.83 25.00
CA GLN F 19 40.12 52.00 25.80
C GLN F 19 40.84 50.74 26.27
N VAL F 20 41.59 50.13 25.35
CA VAL F 20 42.35 48.92 25.68
C VAL F 20 43.32 49.27 26.78
N GLU F 21 44.04 50.36 26.59
CA GLU F 21 45.02 50.83 27.55
C GLU F 21 44.40 51.12 28.90
N TYR F 22 43.21 51.71 28.87
CA TYR F 22 42.51 52.02 30.11
C TYR F 22 42.17 50.72 30.81
N ALA F 23 41.88 49.69 30.01
CA ALA F 23 41.54 48.39 30.56
C ALA F 23 42.72 47.89 31.37
N VAL F 24 43.91 48.02 30.80
CA VAL F 24 45.12 47.58 31.47
C VAL F 24 45.16 48.15 32.88
N LYS F 25 44.87 49.44 33.01
CA LYS F 25 44.89 50.08 34.32
C LYS F 25 44.08 49.27 35.32
N ALA F 26 42.92 48.78 34.88
CA ALA F 26 42.07 47.98 35.75
C ALA F 26 42.84 46.73 36.16
N VAL F 27 43.63 46.20 35.24
CA VAL F 27 44.43 45.01 35.50
C VAL F 27 45.52 45.32 36.53
N GLU F 28 46.31 46.36 36.26
CA GLU F 28 47.38 46.75 37.16
C GLU F 28 46.83 46.94 38.56
N ASN F 29 45.70 47.61 38.64
CA ASN F 29 45.07 47.85 39.93
C ASN F 29 44.64 46.56 40.63
N GLY F 30 44.65 45.44 39.90
CA GLY F 30 44.24 44.19 40.50
C GLY F 30 45.30 43.48 41.31
N THR F 31 44.91 42.31 41.85
CA THR F 31 45.76 41.44 42.65
C THR F 31 46.94 40.91 41.80
N THR F 32 47.98 40.40 42.46
CA THR F 32 49.12 39.89 41.73
C THR F 32 48.96 38.37 41.55
N SER F 33 49.32 37.88 40.37
CA SER F 33 49.22 36.46 40.06
C SER F 33 50.39 36.05 39.15
N ILE F 34 50.84 34.81 39.28
CA ILE F 34 51.98 34.38 38.48
C ILE F 34 51.90 32.96 37.91
N GLY F 35 52.81 32.71 36.97
CA GLY F 35 52.89 31.42 36.32
C GLY F 35 54.34 31.04 36.15
N ILE F 36 54.68 29.83 36.56
CA ILE F 36 56.03 29.34 36.45
C ILE F 36 56.02 28.07 35.63
N LYS F 37 56.84 28.05 34.59
CA LYS F 37 56.95 26.89 33.72
C LYS F 37 58.10 26.05 34.24
N CYS F 38 57.82 24.79 34.54
CA CYS F 38 58.88 23.91 35.05
C CYS F 38 59.34 22.95 33.95
N ASN F 39 60.12 21.94 34.32
CA ASN F 39 60.65 21.00 33.35
C ASN F 39 59.63 20.01 32.75
N ASP F 40 58.46 19.90 33.35
CA ASP F 40 57.43 18.99 32.81
C ASP F 40 56.01 19.42 33.20
N GLY F 41 55.78 20.72 33.18
CA GLY F 41 54.46 21.22 33.54
C GLY F 41 54.50 22.69 33.86
N VAL F 42 53.53 23.16 34.63
CA VAL F 42 53.46 24.57 34.99
C VAL F 42 52.83 24.75 36.36
N VAL F 43 53.13 25.89 36.98
CA VAL F 43 52.59 26.19 38.29
C VAL F 43 51.92 27.56 38.26
N PHE F 44 50.75 27.65 38.88
CA PHE F 44 50.03 28.92 38.91
C PHE F 44 49.83 29.27 40.38
N ALA F 45 49.96 30.56 40.68
CA ALA F 45 49.79 31.05 42.04
C ALA F 45 49.16 32.45 42.00
N VAL F 46 48.36 32.75 43.01
CA VAL F 46 47.72 34.06 43.04
C VAL F 46 47.52 34.57 44.47
N GLU F 47 47.58 35.89 44.60
CA GLU F 47 47.40 36.60 45.86
C GLU F 47 45.91 36.83 46.11
N LYS F 48 45.42 36.38 47.27
CA LYS F 48 44.02 36.58 47.60
C LYS F 48 43.91 37.49 48.81
N LEU F 49 43.69 38.77 48.60
CA LEU F 49 43.57 39.71 49.70
C LEU F 49 42.42 39.37 50.66
N ILE F 50 42.75 39.23 51.94
CA ILE F 50 41.75 38.93 52.95
C ILE F 50 41.21 40.24 53.49
N THR F 51 40.14 40.72 52.88
CA THR F 51 39.52 41.98 53.29
C THR F 51 39.07 41.97 54.75
N SER F 52 38.76 40.78 55.28
CA SER F 52 38.33 40.66 56.67
C SER F 52 38.33 39.23 57.18
N LYS F 53 38.06 39.08 58.47
CA LYS F 53 38.01 37.78 59.13
C LYS F 53 36.74 37.05 58.71
N LEU F 54 35.83 37.78 58.09
CA LEU F 54 34.56 37.21 57.68
C LEU F 54 34.64 36.31 56.45
N LEU F 55 35.66 36.51 55.61
CA LEU F 55 35.82 35.68 54.43
C LEU F 55 36.14 34.25 54.85
N VAL F 56 35.36 33.28 54.38
CA VAL F 56 35.62 31.90 54.73
C VAL F 56 36.96 31.55 54.09
N PRO F 57 37.96 31.21 54.92
CA PRO F 57 39.27 30.86 54.37
C PRO F 57 39.22 29.66 53.46
N GLN F 58 40.06 29.66 52.42
CA GLN F 58 40.13 28.57 51.46
C GLN F 58 38.93 28.43 50.53
N LYS F 59 37.82 29.09 50.86
CA LYS F 59 36.62 28.95 50.05
C LYS F 59 36.46 29.75 48.75
N ASN F 60 36.92 30.99 48.70
CA ASN F 60 36.75 31.76 47.48
C ASN F 60 37.86 31.51 46.46
N VAL F 61 37.83 30.33 45.83
CA VAL F 61 38.83 29.93 44.85
C VAL F 61 38.90 30.82 43.60
N LYS F 62 40.10 31.22 43.21
CA LYS F 62 40.29 32.09 42.04
C LYS F 62 40.84 31.39 40.81
N ILE F 63 41.68 30.39 41.00
CA ILE F 63 42.22 29.68 39.86
C ILE F 63 41.14 28.83 39.22
N GLN F 64 41.12 28.80 37.89
CA GLN F 64 40.12 28.02 37.18
C GLN F 64 40.76 27.04 36.23
N VAL F 65 40.08 25.91 36.04
CA VAL F 65 40.56 24.87 35.15
C VAL F 65 39.71 24.84 33.89
N VAL F 66 40.38 24.59 32.77
CA VAL F 66 39.71 24.48 31.50
C VAL F 66 39.98 23.05 31.06
N ASP F 67 38.91 22.34 30.74
CA ASP F 67 39.00 20.95 30.37
C ASP F 67 39.55 20.22 31.58
N ARG F 68 40.60 19.42 31.39
CA ARG F 68 41.16 18.67 32.50
C ARG F 68 42.67 18.85 32.57
N HIS F 69 43.23 19.68 31.70
CA HIS F 69 44.68 19.86 31.67
C HIS F 69 45.13 21.31 31.60
N ILE F 70 44.19 22.24 31.53
CA ILE F 70 44.57 23.63 31.44
C ILE F 70 44.20 24.37 32.71
N GLY F 71 45.11 25.23 33.15
CA GLY F 71 44.86 26.02 34.34
C GLY F 71 44.89 27.48 33.98
N CYS F 72 43.94 28.25 34.50
CA CYS F 72 43.87 29.69 34.23
C CYS F 72 43.77 30.51 35.49
N VAL F 73 44.51 31.62 35.50
CA VAL F 73 44.51 32.53 36.63
C VAL F 73 44.64 33.92 36.01
N TYR F 74 43.95 34.89 36.60
CA TYR F 74 43.99 36.25 36.09
C TYR F 74 43.96 37.32 37.17
N SER F 75 44.31 38.53 36.76
CA SER F 75 44.34 39.67 37.64
C SER F 75 43.53 40.77 37.00
N GLY F 76 42.74 41.46 37.81
CA GLY F 76 41.92 42.54 37.30
C GLY F 76 40.48 42.34 37.71
N LEU F 77 39.56 42.54 36.78
CA LEU F 77 38.14 42.36 37.06
C LEU F 77 37.81 40.87 37.03
N ILE F 78 37.64 40.29 38.21
CA ILE F 78 37.33 38.87 38.33
C ILE F 78 36.25 38.40 37.36
N PRO F 79 35.07 39.05 37.36
CA PRO F 79 34.00 38.62 36.46
C PRO F 79 34.42 38.50 35.01
N ASP F 80 35.20 39.47 34.51
CA ASP F 80 35.66 39.39 33.13
C ASP F 80 36.49 38.12 32.93
N GLY F 81 37.29 37.78 33.94
CA GLY F 81 38.12 36.59 33.88
C GLY F 81 37.31 35.33 33.77
N ARG F 82 36.30 35.19 34.62
CA ARG F 82 35.44 34.01 34.57
C ARG F 82 34.80 33.95 33.19
N HIS F 83 34.26 35.08 32.74
CA HIS F 83 33.64 35.16 31.43
C HIS F 83 34.58 34.58 30.39
N LEU F 84 35.85 34.98 30.43
CA LEU F 84 36.85 34.48 29.48
C LEU F 84 37.06 32.97 29.63
N VAL F 85 37.15 32.48 30.86
CA VAL F 85 37.35 31.06 31.09
C VAL F 85 36.14 30.29 30.55
N ASN F 86 34.95 30.84 30.77
CA ASN F 86 33.72 30.22 30.30
C ASN F 86 33.87 29.96 28.82
N ARG F 87 34.24 31.00 28.10
CA ARG F 87 34.45 30.92 26.67
C ARG F 87 35.51 29.89 26.37
N GLY F 88 36.60 29.93 27.12
CA GLY F 88 37.67 28.98 26.91
C GLY F 88 37.22 27.55 27.10
N ARG F 89 36.26 27.34 27.98
CA ARG F 89 35.77 26.00 28.21
C ARG F 89 34.97 25.51 27.02
N GLU F 90 34.08 26.35 26.48
CA GLU F 90 33.28 25.99 25.31
C GLU F 90 34.26 25.74 24.17
N GLU F 91 35.20 26.67 24.06
CA GLU F 91 36.22 26.64 23.04
C GLU F 91 36.91 25.27 23.00
N ALA F 92 37.31 24.79 24.17
CA ALA F 92 38.01 23.52 24.30
C ALA F 92 37.08 22.33 24.03
N ALA F 93 35.88 22.39 24.58
CA ALA F 93 34.89 21.32 24.39
C ALA F 93 34.60 21.09 22.92
N SER F 94 34.45 22.17 22.17
CA SER F 94 34.20 22.08 20.73
C SER F 94 35.39 21.37 20.05
N PHE F 95 36.59 21.82 20.39
CA PHE F 95 37.80 21.25 19.82
C PHE F 95 37.90 19.74 20.07
N LYS F 96 37.69 19.32 21.31
CA LYS F 96 37.77 17.90 21.63
C LYS F 96 36.65 17.10 20.93
N LYS F 97 35.48 17.71 20.82
CA LYS F 97 34.34 17.06 20.18
C LYS F 97 34.64 16.73 18.71
N LEU F 98 35.26 17.66 18.01
CA LEU F 98 35.57 17.44 16.61
C LEU F 98 36.87 16.67 16.37
N TYR F 99 37.90 17.01 17.13
CA TYR F 99 39.20 16.37 16.97
C TYR F 99 39.56 15.23 17.91
N LYS F 100 38.68 14.95 18.86
CA LYS F 100 38.87 13.86 19.82
C LYS F 100 39.97 14.12 20.85
N THR F 101 41.12 14.59 20.38
CA THR F 101 42.23 14.87 21.27
C THR F 101 41.98 16.18 22.01
N PRO F 102 42.21 16.19 23.34
CA PRO F 102 42.00 17.45 24.06
C PRO F 102 42.84 18.57 23.44
N ILE F 103 42.34 19.79 23.52
CA ILE F 103 43.00 20.94 22.91
C ILE F 103 44.41 21.27 23.40
N PRO F 104 45.37 21.37 22.46
CA PRO F 104 46.78 21.69 22.73
C PRO F 104 46.86 23.07 23.34
N ILE F 105 47.78 23.27 24.28
CA ILE F 105 47.87 24.58 24.92
C ILE F 105 47.98 25.72 23.94
N PRO F 106 48.87 25.61 22.94
CA PRO F 106 49.00 26.70 21.97
C PRO F 106 47.67 26.98 21.27
N ALA F 107 47.04 25.93 20.77
CA ALA F 107 45.77 26.07 20.08
C ALA F 107 44.79 26.79 21.00
N PHE F 108 44.75 26.36 22.26
CA PHE F 108 43.87 26.94 23.25
C PHE F 108 44.16 28.41 23.48
N ALA F 109 45.45 28.74 23.54
CA ALA F 109 45.84 30.12 23.78
C ALA F 109 45.28 31.00 22.69
N ASP F 110 45.46 30.60 21.43
CA ASP F 110 44.97 31.41 20.31
C ASP F 110 43.46 31.61 20.35
N ARG F 111 42.75 30.59 20.81
CA ARG F 111 41.31 30.68 20.91
C ARG F 111 40.95 31.84 21.81
N LEU F 112 41.60 31.92 22.97
CA LEU F 112 41.36 33.01 23.90
C LEU F 112 41.86 34.31 23.28
N GLY F 113 42.99 34.22 22.57
CA GLY F 113 43.56 35.38 21.92
C GLY F 113 42.59 35.98 20.93
N GLN F 114 42.15 35.17 19.96
CA GLN F 114 41.21 35.62 18.95
C GLN F 114 39.98 36.24 19.60
N TYR F 115 39.43 35.56 20.60
CA TYR F 115 38.24 36.04 21.30
C TYR F 115 38.45 37.40 21.95
N VAL F 116 39.55 37.54 22.69
CA VAL F 116 39.84 38.81 23.36
C VAL F 116 40.11 39.91 22.34
N GLN F 117 40.91 39.59 21.32
CA GLN F 117 41.24 40.56 20.27
C GLN F 117 39.92 41.05 19.66
N ALA F 118 38.96 40.13 19.56
CA ALA F 118 37.67 40.45 19.00
C ALA F 118 37.02 41.62 19.74
N HIS F 119 37.17 41.67 21.07
CA HIS F 119 36.56 42.74 21.86
C HIS F 119 37.29 44.08 21.78
N THR F 120 38.10 44.25 20.74
CA THR F 120 38.82 45.51 20.54
C THR F 120 38.54 45.97 19.12
N LEU F 121 37.59 45.30 18.48
CA LEU F 121 37.24 45.61 17.09
C LEU F 121 36.01 46.51 16.92
N TYR F 122 35.09 46.46 17.87
CA TYR F 122 33.86 47.25 17.80
C TYR F 122 33.73 48.14 19.02
N ASN F 123 32.95 49.20 18.90
CA ASN F 123 32.76 50.13 20.00
C ASN F 123 31.51 49.74 20.79
N SER F 124 30.88 48.65 20.39
CA SER F 124 29.69 48.20 21.06
C SER F 124 30.03 47.24 22.20
N VAL F 125 31.32 47.01 22.41
CA VAL F 125 31.74 46.15 23.51
C VAL F 125 32.94 46.75 24.22
N ARG F 126 33.19 46.26 25.42
CA ARG F 126 34.30 46.75 26.25
C ARG F 126 35.43 45.73 26.26
N PRO F 127 36.68 46.20 26.25
CA PRO F 127 37.81 45.25 26.27
C PRO F 127 37.85 44.52 27.61
N PHE F 128 38.48 43.36 27.63
CA PHE F 128 38.57 42.59 28.87
C PHE F 128 39.46 43.25 29.91
N GLY F 129 38.92 43.41 31.11
CA GLY F 129 39.67 44.02 32.19
C GLY F 129 40.53 43.03 32.97
N VAL F 130 41.23 42.16 32.24
CA VAL F 130 42.09 41.18 32.89
C VAL F 130 43.25 40.73 32.01
N SER F 131 44.29 40.21 32.66
CA SER F 131 45.44 39.64 32.00
C SER F 131 45.38 38.25 32.58
N THR F 132 45.58 37.24 31.73
CA THR F 132 45.47 35.88 32.20
C THR F 132 46.70 35.04 31.94
N ILE F 133 47.14 34.35 32.97
CA ILE F 133 48.28 33.45 32.86
C ILE F 133 47.62 32.06 32.81
N PHE F 134 48.01 31.24 31.84
CA PHE F 134 47.40 29.93 31.72
C PHE F 134 48.35 28.99 31.00
N GLY F 135 48.06 27.70 31.06
CA GLY F 135 48.92 26.74 30.41
C GLY F 135 48.59 25.32 30.83
N GLY F 136 49.49 24.39 30.51
CA GLY F 136 49.26 23.00 30.85
C GLY F 136 50.20 22.10 30.05
N VAL F 137 50.00 20.79 30.15
CA VAL F 137 50.83 19.82 29.46
C VAL F 137 50.11 19.18 28.28
N ASP F 138 50.76 19.06 27.15
CA ASP F 138 50.13 18.44 25.99
C ASP F 138 51.06 17.52 25.20
N LYS F 139 50.51 16.95 24.14
CA LYS F 139 51.20 16.02 23.22
C LYS F 139 52.71 16.23 23.10
N ASN F 140 53.17 17.47 23.25
CA ASN F 140 54.60 17.72 23.18
C ASN F 140 55.11 18.83 24.10
N GLY F 141 54.96 18.62 25.40
CA GLY F 141 55.48 19.61 26.33
C GLY F 141 54.50 20.33 27.22
N ALA F 142 55.05 21.29 27.94
CA ALA F 142 54.30 22.12 28.86
C ALA F 142 54.42 23.51 28.28
N HIS F 143 53.35 24.29 28.38
CA HIS F 143 53.38 25.64 27.86
C HIS F 143 52.79 26.60 28.87
N LEU F 144 53.35 27.81 28.91
CA LEU F 144 52.88 28.86 29.82
C LEU F 144 52.59 30.09 28.96
N TYR F 145 51.42 30.70 29.17
CA TYR F 145 51.04 31.86 28.38
C TYR F 145 50.48 32.98 29.22
N MET F 146 50.50 34.18 28.66
CA MET F 146 49.93 35.34 29.32
C MET F 146 49.21 36.16 28.24
N LEU F 147 47.96 36.50 28.51
CA LEU F 147 47.14 37.22 27.56
C LEU F 147 46.76 38.60 28.07
N GLU F 148 47.01 39.63 27.27
CA GLU F 148 46.68 41.00 27.65
C GLU F 148 45.32 41.40 27.10
N PRO F 149 44.77 42.53 27.56
CA PRO F 149 43.45 42.96 27.06
C PRO F 149 43.49 43.25 25.55
N SER F 150 44.64 43.64 25.04
CA SER F 150 44.78 43.95 23.62
C SER F 150 44.57 42.68 22.81
N GLY F 151 44.59 41.53 23.49
CA GLY F 151 44.46 40.27 22.80
C GLY F 151 45.85 39.67 22.64
N SER F 152 46.86 40.53 22.75
CA SER F 152 48.24 40.09 22.64
C SER F 152 48.58 39.01 23.67
N TYR F 153 49.40 38.05 23.27
CA TYR F 153 49.84 36.97 24.15
C TYR F 153 51.10 36.29 23.61
N TRP F 154 51.92 35.77 24.52
CA TRP F 154 53.16 35.07 24.14
C TRP F 154 53.40 33.92 25.10
N GLY F 155 54.35 33.06 24.73
CA GLY F 155 54.70 31.94 25.58
C GLY F 155 55.77 32.42 26.53
N TYR F 156 55.66 32.05 27.80
CA TYR F 156 56.63 32.48 28.79
C TYR F 156 57.32 31.36 29.55
N LYS F 157 58.43 31.73 30.20
CA LYS F 157 59.19 30.82 31.05
C LYS F 157 58.58 31.08 32.43
N GLY F 158 58.27 32.34 32.67
CA GLY F 158 57.66 32.76 33.91
C GLY F 158 56.84 33.99 33.57
N ALA F 159 55.73 34.20 34.27
CA ALA F 159 54.90 35.36 33.96
C ALA F 159 54.16 35.85 35.18
N ALA F 160 53.96 37.16 35.24
CA ALA F 160 53.27 37.75 36.35
C ALA F 160 52.50 38.99 35.93
N THR F 161 51.44 39.28 36.67
CA THR F 161 50.59 40.43 36.40
C THR F 161 49.86 40.84 37.68
N GLY F 162 49.42 42.09 37.73
CA GLY F 162 48.73 42.59 38.89
C GLY F 162 49.58 43.60 39.64
N LYS F 163 49.08 44.03 40.79
CA LYS F 163 49.78 45.00 41.63
C LYS F 163 51.29 44.82 41.69
N GLY F 164 51.74 43.69 42.25
CA GLY F 164 53.16 43.44 42.37
C GLY F 164 53.82 42.70 41.23
N ARG F 165 53.46 43.04 40.01
CA ARG F 165 54.02 42.36 38.85
C ARG F 165 55.53 42.56 38.69
N GLN F 166 56.03 43.75 39.02
CA GLN F 166 57.45 44.05 38.90
C GLN F 166 58.32 43.19 39.80
N SER F 167 57.90 43.05 41.06
CA SER F 167 58.62 42.22 42.01
C SER F 167 58.73 40.84 41.39
N ALA F 168 57.57 40.25 41.14
CA ALA F 168 57.51 38.93 40.54
C ALA F 168 58.47 38.84 39.37
N LYS F 169 58.22 39.59 38.31
CA LYS F 169 59.10 39.55 37.16
C LYS F 169 60.56 39.51 37.58
N ALA F 170 60.95 40.41 38.48
CA ALA F 170 62.33 40.44 38.96
C ALA F 170 62.73 39.07 39.51
N GLU F 171 61.95 38.56 40.45
CA GLU F 171 62.19 37.25 41.05
C GLU F 171 62.22 36.14 40.00
N LEU F 172 61.25 36.18 39.10
CA LEU F 172 61.17 35.18 38.04
C LEU F 172 62.45 35.20 37.21
N GLU F 173 62.92 36.38 36.85
CA GLU F 173 64.13 36.49 36.05
C GLU F 173 65.32 35.85 36.76
N LYS F 174 65.41 36.04 38.09
CA LYS F 174 66.49 35.45 38.86
C LYS F 174 66.47 33.96 38.62
N LEU F 175 65.31 33.34 38.89
CA LEU F 175 65.14 31.91 38.68
C LEU F 175 65.61 31.47 37.31
N VAL F 176 65.14 32.17 36.27
CA VAL F 176 65.52 31.83 34.90
C VAL F 176 67.05 31.74 34.81
N ASP F 177 67.73 32.74 35.36
CA ASP F 177 69.19 32.77 35.34
C ASP F 177 69.81 31.64 36.17
N HIS F 178 69.39 31.53 37.42
CA HIS F 178 69.93 30.52 38.34
C HIS F 178 69.46 29.08 38.14
N HIS F 179 68.86 28.78 37.00
CA HIS F 179 68.38 27.42 36.72
C HIS F 179 68.26 27.18 35.22
N PRO F 180 69.36 27.39 34.49
CA PRO F 180 69.37 27.18 33.04
C PRO F 180 68.95 25.79 32.58
N GLU F 181 69.06 24.81 33.46
CA GLU F 181 68.68 23.44 33.11
C GLU F 181 67.18 23.20 33.27
N GLY F 182 66.53 23.98 34.14
CA GLY F 182 65.11 23.81 34.33
C GLY F 182 64.69 23.47 35.74
N LEU F 183 63.66 24.15 36.22
CA LEU F 183 63.14 23.93 37.56
C LEU F 183 62.21 22.71 37.54
N SER F 184 61.93 22.14 38.71
CA SER F 184 61.06 20.98 38.79
C SER F 184 59.70 21.45 39.31
N ALA F 185 58.68 20.63 39.11
CA ALA F 185 57.35 20.98 39.57
C ALA F 185 57.39 21.26 41.07
N ARG F 186 57.94 20.29 41.82
CA ARG F 186 58.05 20.39 43.27
C ARG F 186 58.68 21.71 43.68
N GLU F 187 59.79 22.04 43.03
CA GLU F 187 60.52 23.28 43.29
C GLU F 187 59.66 24.48 42.93
N ALA F 188 59.17 24.50 41.69
CA ALA F 188 58.33 25.59 41.19
C ALA F 188 57.19 25.94 42.15
N VAL F 189 56.60 24.93 42.76
CA VAL F 189 55.51 25.15 43.70
C VAL F 189 55.98 26.08 44.81
N LYS F 190 57.04 25.68 45.51
CA LYS F 190 57.60 26.46 46.61
C LYS F 190 58.02 27.84 46.11
N GLN F 191 58.84 27.84 45.06
CA GLN F 191 59.37 29.04 44.45
C GLN F 191 58.27 30.04 44.15
N ALA F 192 57.14 29.52 43.68
CA ALA F 192 55.98 30.35 43.36
C ALA F 192 55.40 30.92 44.64
N ALA F 193 55.26 30.07 45.66
CA ALA F 193 54.73 30.51 46.95
C ALA F 193 55.55 31.68 47.47
N LYS F 194 56.87 31.58 47.30
CA LYS F 194 57.76 32.66 47.75
C LYS F 194 57.47 33.93 46.99
N ILE F 195 57.59 33.86 45.67
CA ILE F 195 57.36 35.04 44.82
C ILE F 195 56.03 35.75 45.08
N ILE F 196 55.01 35.02 45.51
CA ILE F 196 53.73 35.66 45.82
C ILE F 196 53.91 36.45 47.11
N TYR F 197 54.57 35.82 48.08
CA TYR F 197 54.85 36.45 49.36
C TYR F 197 55.64 37.74 49.18
N LEU F 198 56.71 37.66 48.40
CA LEU F 198 57.52 38.84 48.15
C LEU F 198 56.66 39.91 47.50
N ALA F 199 56.14 39.61 46.31
CA ALA F 199 55.29 40.54 45.57
C ALA F 199 54.12 41.09 46.37
N HIS F 200 53.85 40.51 47.54
CA HIS F 200 52.75 40.99 48.36
C HIS F 200 53.13 42.27 49.12
N GLU F 201 54.38 42.71 49.00
CA GLU F 201 54.83 43.92 49.68
C GLU F 201 54.19 45.20 49.15
N ASP F 202 53.73 45.16 47.90
CA ASP F 202 53.07 46.30 47.27
C ASP F 202 51.62 46.28 47.71
N ASN F 203 51.35 45.51 48.76
CA ASN F 203 49.99 45.36 49.30
C ASN F 203 50.06 44.91 50.77
N LYS F 204 51.26 45.05 51.34
CA LYS F 204 51.54 44.67 52.72
C LYS F 204 50.51 45.13 53.76
N GLU F 205 49.75 46.16 53.40
CA GLU F 205 48.73 46.71 54.29
C GLU F 205 47.64 45.70 54.66
N LYS F 206 47.24 44.88 53.69
CA LYS F 206 46.19 43.88 53.88
C LYS F 206 46.74 42.47 54.02
N ASP F 207 46.05 41.64 54.78
CA ASP F 207 46.46 40.25 54.96
C ASP F 207 45.91 39.48 53.76
N PHE F 208 46.60 38.41 53.35
CA PHE F 208 46.17 37.64 52.19
C PHE F 208 46.17 36.13 52.40
N GLU F 209 45.72 35.41 51.38
CA GLU F 209 45.66 33.96 51.41
C GLU F 209 46.25 33.44 50.12
N LEU F 210 47.23 32.54 50.23
CA LEU F 210 47.90 31.99 49.05
C LEU F 210 47.10 30.90 48.36
N GLU F 211 47.33 30.76 47.05
CA GLU F 211 46.64 29.73 46.25
C GLU F 211 47.58 29.27 45.13
N ILE F 212 47.83 27.97 45.07
CA ILE F 212 48.70 27.40 44.05
C ILE F 212 48.06 26.19 43.40
N SER F 213 48.38 25.98 42.12
CA SER F 213 47.88 24.83 41.38
C SER F 213 49.00 24.47 40.43
N TRP F 214 48.98 23.25 39.92
CA TRP F 214 50.04 22.83 39.02
C TRP F 214 49.61 21.74 38.06
N CYS F 215 50.35 21.63 36.97
CA CYS F 215 50.08 20.64 35.95
C CYS F 215 51.44 20.03 35.59
N SER F 216 51.72 18.84 36.09
CA SER F 216 53.00 18.18 35.83
C SER F 216 52.79 16.78 35.28
N LEU F 217 53.46 16.48 34.17
CA LEU F 217 53.36 15.18 33.51
C LEU F 217 53.73 14.05 34.46
N SER F 218 54.56 14.34 35.45
CA SER F 218 55.00 13.35 36.42
C SER F 218 54.34 13.48 37.79
N GLU F 219 54.12 14.71 38.24
CA GLU F 219 53.51 14.93 39.55
C GLU F 219 51.98 14.85 39.58
N THR F 220 51.34 15.16 38.46
CA THR F 220 49.86 15.15 38.40
C THR F 220 49.30 14.34 37.23
N ASN F 221 50.17 13.73 36.43
CA ASN F 221 49.74 12.94 35.30
C ASN F 221 49.25 13.80 34.11
N GLY F 222 49.72 15.03 34.04
CA GLY F 222 49.29 15.90 32.96
C GLY F 222 47.99 16.62 33.27
N LEU F 223 47.36 16.25 34.38
CA LEU F 223 46.10 16.85 34.78
C LEU F 223 46.33 18.01 35.74
N HIS F 224 45.51 19.06 35.61
CA HIS F 224 45.63 20.23 36.46
C HIS F 224 45.02 19.91 37.82
N LYS F 225 45.78 20.21 38.87
CA LYS F 225 45.32 19.96 40.22
C LYS F 225 45.75 21.09 41.16
N PHE F 226 44.97 21.27 42.22
CA PHE F 226 45.25 22.31 43.21
C PHE F 226 46.18 21.78 44.28
N VAL F 227 47.12 22.63 44.69
CA VAL F 227 48.05 22.25 45.73
C VAL F 227 47.28 22.47 47.03
N LYS F 228 47.01 21.40 47.76
CA LYS F 228 46.27 21.47 49.00
C LYS F 228 47.08 20.87 50.15
N GLY F 229 46.59 21.05 51.37
CA GLY F 229 47.24 20.50 52.55
C GLY F 229 48.75 20.57 52.68
N ASP F 230 49.35 19.45 53.09
CA ASP F 230 50.79 19.35 53.30
C ASP F 230 51.67 20.02 52.25
N LEU F 231 51.51 19.64 50.98
CA LEU F 231 52.33 20.23 49.95
C LEU F 231 52.21 21.73 49.96
N LEU F 232 51.01 22.22 50.27
CA LEU F 232 50.76 23.65 50.34
C LEU F 232 51.55 24.25 51.50
N GLN F 233 51.23 23.83 52.71
CA GLN F 233 51.90 24.32 53.91
C GLN F 233 53.42 24.35 53.72
N GLU F 234 53.94 23.27 53.15
CA GLU F 234 55.36 23.16 52.88
C GLU F 234 55.85 24.36 52.08
N ALA F 235 55.04 24.82 51.15
CA ALA F 235 55.40 25.96 50.31
C ALA F 235 55.22 27.25 51.09
N ILE F 236 54.11 27.36 51.83
CA ILE F 236 53.89 28.57 52.61
C ILE F 236 55.09 28.78 53.52
N ASP F 237 55.45 27.73 54.25
CA ASP F 237 56.58 27.82 55.15
C ASP F 237 57.85 28.18 54.38
N PHE F 238 58.15 27.45 53.32
CA PHE F 238 59.34 27.74 52.52
C PHE F 238 59.45 29.23 52.23
N ALA F 239 58.31 29.87 51.99
CA ALA F 239 58.28 31.30 51.70
C ALA F 239 58.47 32.09 53.00
N GLN F 240 57.52 31.94 53.93
CA GLN F 240 57.58 32.62 55.22
C GLN F 240 58.99 32.59 55.81
N LYS F 241 59.75 31.57 55.45
CA LYS F 241 61.10 31.43 55.92
C LYS F 241 62.02 32.42 55.21
N GLU F 242 61.92 32.47 53.89
CA GLU F 242 62.75 33.38 53.11
C GLU F 242 62.18 34.79 52.97
N ILE F 243 61.14 35.09 53.74
CA ILE F 243 60.54 36.42 53.73
C ILE F 243 61.29 37.16 54.83
N ASN F 244 62.16 36.43 55.52
CA ASN F 244 62.97 36.97 56.61
C ASN F 244 64.43 36.53 56.47
N ALA G 1 30.60 66.85 14.01
CA ALA G 1 31.71 67.53 13.27
C ALA G 1 33.05 66.79 13.46
N GLY G 2 33.71 67.05 14.59
CA GLY G 2 35.00 66.44 14.89
C GLY G 2 35.10 64.91 14.96
N TYR G 3 33.98 64.22 14.83
CA TYR G 3 33.99 62.76 14.87
C TYR G 3 34.37 62.14 13.55
N ASP G 4 34.55 62.98 12.53
CA ASP G 4 34.93 62.47 11.23
C ASP G 4 36.36 61.94 11.31
N ARG G 5 36.84 61.79 12.55
CA ARG G 5 38.18 61.29 12.79
C ARG G 5 38.19 60.05 13.67
N HIS G 6 37.01 59.61 14.09
CA HIS G 6 36.90 58.42 14.94
C HIS G 6 36.36 57.23 14.16
N ILE G 7 35.61 57.53 13.11
CA ILE G 7 35.03 56.50 12.27
C ILE G 7 35.41 56.73 10.82
N THR G 8 35.29 55.69 10.00
CA THR G 8 35.65 55.77 8.60
C THR G 8 34.69 56.53 7.69
N ILE G 9 34.61 57.83 7.88
CA ILE G 9 33.80 58.68 7.03
C ILE G 9 34.75 59.73 6.49
N PHE G 10 34.40 60.37 5.40
CA PHE G 10 35.29 61.35 4.82
C PHE G 10 35.49 62.60 5.63
N SER G 11 36.72 63.12 5.59
CA SER G 11 37.03 64.37 6.26
C SER G 11 36.67 65.37 5.15
N PRO G 12 36.65 66.66 5.46
CA PRO G 12 36.32 67.58 4.37
C PRO G 12 37.36 67.56 3.23
N GLU G 13 38.58 67.14 3.55
CA GLU G 13 39.63 67.07 2.54
C GLU G 13 39.49 65.78 1.75
N GLY G 14 38.53 64.96 2.16
CA GLY G 14 38.32 63.68 1.47
C GLY G 14 39.18 62.57 2.05
N ARG G 15 39.69 62.77 3.26
CA ARG G 15 40.54 61.78 3.89
C ARG G 15 39.79 60.91 4.89
N LEU G 16 40.44 59.82 5.29
CA LEU G 16 39.90 58.88 6.26
C LEU G 16 40.96 58.70 7.34
N TYR G 17 41.02 59.65 8.27
CA TYR G 17 42.01 59.60 9.33
C TYR G 17 42.17 58.24 9.96
N GLN G 18 41.05 57.60 10.31
CA GLN G 18 41.12 56.29 10.93
C GLN G 18 41.96 55.31 10.14
N VAL G 19 41.96 55.42 8.82
CA VAL G 19 42.78 54.52 8.01
C VAL G 19 44.24 54.94 8.19
N GLU G 20 44.45 56.25 8.16
CA GLU G 20 45.80 56.79 8.33
C GLU G 20 46.37 56.35 9.66
N TYR G 21 45.61 56.57 10.73
CA TYR G 21 46.08 56.18 12.06
C TYR G 21 46.38 54.69 12.14
N ALA G 22 45.56 53.89 11.48
CA ALA G 22 45.78 52.45 11.48
C ALA G 22 47.15 52.20 10.89
N PHE G 23 47.44 52.88 9.80
CA PHE G 23 48.74 52.76 9.14
C PHE G 23 49.83 53.02 10.17
N LYS G 24 49.59 54.01 11.02
CA LYS G 24 50.56 54.37 12.06
C LYS G 24 50.79 53.12 12.91
N ALA G 25 49.72 52.56 13.44
CA ALA G 25 49.80 51.37 14.28
C ALA G 25 50.73 50.29 13.73
N THR G 26 50.78 50.13 12.41
CA THR G 26 51.64 49.10 11.82
C THR G 26 53.10 49.17 12.23
N ASN G 27 53.56 50.35 12.61
CA ASN G 27 54.95 50.48 13.01
C ASN G 27 55.18 50.29 14.50
N GLN G 28 54.10 50.14 15.24
CA GLN G 28 54.15 49.97 16.68
C GLN G 28 55.10 48.90 17.22
N THR G 29 55.37 47.86 16.43
CA THR G 29 56.26 46.78 16.88
C THR G 29 57.73 47.13 16.66
N ASN G 30 57.97 48.17 15.87
CA ASN G 30 59.32 48.61 15.57
C ASN G 30 60.15 47.48 14.96
N ILE G 31 59.59 46.83 13.96
CA ILE G 31 60.26 45.74 13.28
C ILE G 31 60.18 45.93 11.77
N ASN G 32 61.30 45.67 11.10
CA ASN G 32 61.36 45.80 9.66
C ASN G 32 61.41 44.41 9.02
N SER G 33 60.84 44.30 7.83
CA SER G 33 60.82 43.03 7.10
C SER G 33 60.97 43.37 5.62
N LEU G 34 61.39 42.38 4.85
CA LEU G 34 61.55 42.60 3.42
C LEU G 34 61.42 41.26 2.72
N ALA G 35 61.07 41.31 1.45
CA ALA G 35 60.91 40.11 0.66
C ALA G 35 61.56 40.30 -0.71
N VAL G 36 62.12 39.22 -1.24
CA VAL G 36 62.76 39.26 -2.54
C VAL G 36 62.49 37.98 -3.28
N ARG G 37 62.66 38.02 -4.60
CA ARG G 37 62.40 36.84 -5.39
C ARG G 37 63.67 36.21 -6.00
N GLY G 38 63.78 34.91 -5.80
CA GLY G 38 64.90 34.16 -6.33
C GLY G 38 64.51 33.72 -7.72
N LYS G 39 65.24 32.76 -8.27
CA LYS G 39 64.94 32.27 -9.61
C LYS G 39 63.68 31.39 -9.52
N ASP G 40 63.60 30.61 -8.45
CA ASP G 40 62.46 29.73 -8.25
C ASP G 40 62.10 29.61 -6.76
N CYS G 41 62.04 30.75 -6.07
CA CYS G 41 61.70 30.77 -4.65
C CYS G 41 61.42 32.20 -4.24
N THR G 42 60.95 32.38 -3.02
CA THR G 42 60.66 33.70 -2.51
C THR G 42 61.06 33.68 -1.05
N VAL G 43 61.75 34.74 -0.61
CA VAL G 43 62.21 34.83 0.76
C VAL G 43 61.71 36.06 1.50
N VAL G 44 61.37 35.87 2.77
CA VAL G 44 60.94 36.99 3.58
C VAL G 44 61.84 36.99 4.81
N ILE G 45 62.32 38.18 5.15
CA ILE G 45 63.19 38.41 6.28
C ILE G 45 62.49 39.39 7.20
N SER G 46 62.59 39.14 8.50
CA SER G 46 61.98 40.04 9.44
C SER G 46 62.82 40.04 10.68
N GLN G 47 62.88 41.20 11.32
CA GLN G 47 63.64 41.33 12.55
C GLN G 47 62.87 40.61 13.64
N LYS G 48 63.61 40.00 14.56
CA LYS G 48 62.98 39.32 15.68
C LYS G 48 63.52 39.97 16.93
N LYS G 49 62.66 40.61 17.70
CA LYS G 49 63.11 41.27 18.91
C LYS G 49 62.41 40.74 20.15
N VAL G 50 63.15 40.03 20.99
CA VAL G 50 62.58 39.50 22.21
C VAL G 50 63.25 40.23 23.37
N PRO G 51 62.55 41.22 23.96
CA PRO G 51 63.11 41.98 25.07
C PRO G 51 63.01 41.24 26.41
N ASP G 52 61.78 40.88 26.81
CA ASP G 52 61.61 40.18 28.08
C ASP G 52 62.37 38.85 28.09
N LYS G 53 63.14 38.61 29.15
CA LYS G 53 63.90 37.37 29.26
C LYS G 53 62.97 36.22 29.58
N LEU G 54 61.86 36.55 30.23
CA LEU G 54 60.84 35.58 30.63
C LEU G 54 60.04 35.01 29.47
N LEU G 55 60.17 35.61 28.30
CA LEU G 55 59.47 35.15 27.11
C LEU G 55 60.11 33.89 26.56
N ASP G 56 59.28 33.07 25.90
CA ASP G 56 59.75 31.87 25.27
C ASP G 56 59.97 32.26 23.81
N PRO G 57 61.21 32.63 23.46
CA PRO G 57 61.63 33.04 22.11
C PRO G 57 60.98 32.30 20.96
N THR G 58 60.77 31.00 21.15
CA THR G 58 60.17 30.16 20.11
C THR G 58 58.70 30.46 19.81
N THR G 59 58.04 31.21 20.69
CA THR G 59 56.64 31.53 20.46
C THR G 59 56.46 32.97 20.01
N VAL G 60 57.56 33.61 19.65
CA VAL G 60 57.51 35.00 19.20
C VAL G 60 57.75 35.10 17.71
N SER G 61 56.67 35.25 16.92
CA SER G 61 56.84 35.34 15.48
C SER G 61 55.82 36.25 14.80
N TYR G 62 56.20 36.74 13.61
CA TYR G 62 55.32 37.59 12.81
C TYR G 62 55.29 37.05 11.38
N ILE G 63 55.76 35.80 11.25
CA ILE G 63 55.78 35.09 9.99
C ILE G 63 54.84 33.91 10.18
N PHE G 64 53.85 33.78 9.30
CA PHE G 64 52.88 32.70 9.40
C PHE G 64 52.83 31.81 8.16
N CYS G 65 52.34 30.58 8.36
CA CYS G 65 52.17 29.61 7.29
C CYS G 65 50.68 29.52 6.96
N ILE G 66 50.23 30.37 6.05
CA ILE G 66 48.82 30.39 5.67
C ILE G 66 48.40 29.05 5.07
N SER G 67 49.09 28.62 4.03
CA SER G 67 48.76 27.34 3.41
C SER G 67 50.06 26.65 3.05
N ARG G 68 49.95 25.42 2.57
CA ARG G 68 51.13 24.66 2.19
C ARG G 68 52.00 25.52 1.26
N THR G 69 51.37 26.41 0.49
CA THR G 69 52.13 27.24 -0.44
C THR G 69 52.25 28.74 -0.09
N ILE G 70 51.23 29.30 0.57
CA ILE G 70 51.27 30.71 0.93
C ILE G 70 51.97 30.97 2.26
N GLY G 71 52.79 32.01 2.24
CA GLY G 71 53.51 32.44 3.43
C GLY G 71 53.17 33.90 3.64
N MET G 72 52.88 34.28 4.87
CA MET G 72 52.54 35.67 5.15
C MET G 72 53.30 36.23 6.35
N VAL G 73 53.90 37.40 6.16
CA VAL G 73 54.63 38.08 7.23
C VAL G 73 53.81 39.34 7.52
N VAL G 74 53.75 39.72 8.79
CA VAL G 74 52.95 40.86 9.19
C VAL G 74 53.73 41.97 9.88
N ASN G 75 53.40 43.21 9.55
CA ASN G 75 54.01 44.36 10.21
C ASN G 75 52.89 45.03 10.98
N GLY G 76 52.93 44.90 12.30
CA GLY G 76 51.89 45.47 13.14
C GLY G 76 51.72 44.67 14.41
N PRO G 77 50.86 45.13 15.33
CA PRO G 77 50.56 44.49 16.62
C PRO G 77 50.17 43.03 16.42
N ILE G 78 50.75 42.15 17.20
CA ILE G 78 50.47 40.73 17.06
C ILE G 78 48.99 40.35 17.06
N PRO G 79 48.18 40.87 18.01
CA PRO G 79 46.78 40.45 17.97
C PRO G 79 46.10 40.68 16.59
N ASP G 80 46.28 41.85 15.99
CA ASP G 80 45.69 42.07 14.67
C ASP G 80 46.32 41.12 13.65
N ALA G 81 47.62 40.90 13.78
CA ALA G 81 48.32 40.02 12.86
C ALA G 81 47.77 38.61 12.93
N ARG G 82 47.55 38.09 14.13
CA ARG G 82 47.03 36.75 14.29
C ARG G 82 45.61 36.67 13.76
N ASN G 83 44.86 37.75 13.97
CA ASN G 83 43.49 37.83 13.49
C ASN G 83 43.58 37.65 11.98
N ALA G 84 44.36 38.51 11.35
CA ALA G 84 44.56 38.49 9.89
C ALA G 84 45.02 37.12 9.38
N ALA G 85 45.96 36.51 10.09
CA ALA G 85 46.49 35.23 9.70
C ALA G 85 45.42 34.13 9.72
N LEU G 86 44.65 34.09 10.79
CA LEU G 86 43.60 33.08 10.94
C LEU G 86 42.63 33.18 9.78
N ARG G 87 42.13 34.38 9.54
CA ARG G 87 41.20 34.62 8.44
C ARG G 87 41.81 34.17 7.13
N ALA G 88 43.06 34.54 6.90
CA ALA G 88 43.78 34.19 5.69
C ALA G 88 43.86 32.67 5.52
N LYS G 89 44.16 31.97 6.61
CA LYS G 89 44.25 30.51 6.57
C LYS G 89 42.90 29.91 6.22
N ALA G 90 41.86 30.43 6.88
CA ALA G 90 40.50 29.98 6.67
C ALA G 90 40.11 30.20 5.20
N GLU G 91 40.35 31.41 4.71
CA GLU G 91 40.04 31.74 3.33
C GLU G 91 40.77 30.77 2.39
N ALA G 92 42.05 30.55 2.64
CA ALA G 92 42.82 29.66 1.78
C ALA G 92 42.25 28.24 1.72
N ALA G 93 41.86 27.71 2.87
CA ALA G 93 41.31 26.35 2.92
C ALA G 93 40.01 26.26 2.13
N GLU G 94 39.08 27.15 2.46
CA GLU G 94 37.79 27.17 1.80
C GLU G 94 37.94 27.24 0.28
N PHE G 95 38.77 28.18 -0.19
CA PHE G 95 38.98 28.35 -1.61
C PHE G 95 39.34 27.02 -2.29
N ARG G 96 40.24 26.27 -1.66
CA ARG G 96 40.66 24.99 -2.20
C ARG G 96 39.43 24.07 -2.31
N TYR G 97 38.69 23.98 -1.21
CA TYR G 97 37.50 23.17 -1.13
C TYR G 97 36.48 23.49 -2.20
N LYS G 98 36.17 24.77 -2.35
CA LYS G 98 35.19 25.21 -3.32
C LYS G 98 35.63 25.19 -4.78
N TYR G 99 36.91 25.41 -5.05
CA TYR G 99 37.36 25.46 -6.44
C TYR G 99 38.29 24.37 -6.96
N GLY G 100 38.75 23.51 -6.06
CA GLY G 100 39.60 22.40 -6.46
C GLY G 100 41.07 22.64 -6.70
N TYR G 101 41.60 23.78 -6.28
CA TYR G 101 43.01 24.06 -6.45
C TYR G 101 43.43 25.14 -5.46
N ASP G 102 44.72 25.14 -5.15
CA ASP G 102 45.30 26.07 -4.20
C ASP G 102 45.13 27.54 -4.55
N MET G 103 44.64 28.30 -3.58
CA MET G 103 44.42 29.71 -3.78
C MET G 103 45.75 30.39 -4.11
N PRO G 104 45.78 31.14 -5.22
CA PRO G 104 47.00 31.83 -5.61
C PRO G 104 47.31 32.95 -4.64
N CYS G 105 48.58 33.21 -4.46
CA CYS G 105 49.03 34.26 -3.55
C CYS G 105 48.36 35.59 -3.82
N ASP G 106 48.39 36.02 -5.07
CA ASP G 106 47.77 37.29 -5.44
C ASP G 106 46.28 37.34 -5.12
N VAL G 107 45.61 36.21 -5.30
CA VAL G 107 44.18 36.11 -5.03
C VAL G 107 43.88 36.26 -3.54
N LEU G 108 44.62 35.51 -2.72
CA LEU G 108 44.45 35.60 -1.27
C LEU G 108 44.71 37.05 -0.85
N ALA G 109 45.68 37.67 -1.49
CA ALA G 109 45.98 39.06 -1.19
C ALA G 109 44.77 39.91 -1.54
N LYS G 110 44.28 39.79 -2.77
CA LYS G 110 43.13 40.58 -3.20
C LYS G 110 41.97 40.39 -2.24
N ARG G 111 41.73 39.14 -1.88
CA ARG G 111 40.64 38.81 -0.97
C ARG G 111 40.79 39.52 0.37
N MET G 112 42.00 39.51 0.91
CA MET G 112 42.25 40.16 2.18
C MET G 112 42.14 41.66 2.00
N ALA G 113 42.66 42.14 0.87
CA ALA G 113 42.60 43.58 0.59
C ALA G 113 41.16 44.02 0.59
N ASN G 114 40.30 43.22 -0.05
CA ASN G 114 38.88 43.52 -0.14
C ASN G 114 38.24 43.56 1.23
N LEU G 115 38.56 42.57 2.07
CA LEU G 115 38.02 42.54 3.43
C LEU G 115 38.40 43.82 4.16
N SER G 116 39.64 44.27 3.99
CA SER G 116 40.11 45.49 4.64
C SER G 116 39.39 46.69 4.07
N GLN G 117 39.19 46.70 2.75
CA GLN G 117 38.48 47.81 2.12
C GLN G 117 37.13 47.99 2.81
N ILE G 118 36.50 46.88 3.19
CA ILE G 118 35.21 46.95 3.86
C ILE G 118 35.29 47.75 5.15
N TYR G 119 36.28 47.47 6.00
CA TYR G 119 36.41 48.19 7.27
C TYR G 119 36.58 49.70 7.01
N THR G 120 37.02 50.00 5.80
CA THR G 120 37.25 51.35 5.30
C THR G 120 35.93 52.08 5.03
N GLN G 121 34.91 51.33 4.61
CA GLN G 121 33.60 51.88 4.27
C GLN G 121 32.54 51.73 5.36
N ARG G 122 32.47 50.55 5.99
CA ARG G 122 31.50 50.32 7.05
C ARG G 122 32.02 50.94 8.35
N ALA G 123 31.15 51.68 9.02
CA ALA G 123 31.54 52.36 10.24
C ALA G 123 31.69 51.56 11.54
N TYR G 124 31.16 50.34 11.59
CA TYR G 124 31.29 49.59 12.84
C TYR G 124 32.57 48.77 12.91
N MET G 125 33.15 48.51 11.74
CA MET G 125 34.40 47.74 11.65
C MET G 125 35.60 48.71 11.61
N ARG G 126 36.59 48.48 12.48
CA ARG G 126 37.79 49.30 12.49
C ARG G 126 38.81 48.60 11.60
N PRO G 127 39.73 49.37 11.01
CA PRO G 127 40.72 48.69 10.16
C PRO G 127 41.68 47.90 11.05
N LEU G 128 42.45 46.99 10.47
CA LEU G 128 43.41 46.24 11.25
C LEU G 128 44.72 46.99 11.06
N GLY G 129 45.42 47.25 12.17
CA GLY G 129 46.68 47.97 12.08
C GLY G 129 47.84 47.10 11.61
N VAL G 130 47.69 46.51 10.45
CA VAL G 130 48.74 45.66 9.96
C VAL G 130 48.94 45.82 8.47
N ILE G 131 50.09 45.33 8.01
CA ILE G 131 50.45 45.36 6.61
C ILE G 131 50.89 43.92 6.33
N LEU G 132 50.16 43.28 5.42
CA LEU G 132 50.42 41.89 5.10
C LEU G 132 51.21 41.67 3.82
N THR G 133 52.33 40.95 3.94
CA THR G 133 53.16 40.63 2.79
C THR G 133 52.98 39.14 2.56
N PHE G 134 52.40 38.77 1.43
CA PHE G 134 52.19 37.37 1.10
C PHE G 134 53.21 36.94 0.07
N VAL G 135 53.68 35.70 0.19
CA VAL G 135 54.67 35.17 -0.74
C VAL G 135 54.47 33.69 -0.99
N SER G 136 55.00 33.24 -2.11
CA SER G 136 54.90 31.85 -2.52
C SER G 136 55.51 31.77 -3.91
N VAL G 137 55.52 30.58 -4.47
CA VAL G 137 56.02 30.37 -5.81
C VAL G 137 54.79 29.90 -6.58
N ASP G 138 53.91 30.84 -6.88
CA ASP G 138 52.67 30.54 -7.59
C ASP G 138 52.89 29.59 -8.76
N GLU G 139 51.92 28.68 -8.98
CA GLU G 139 52.03 27.71 -10.05
C GLU G 139 51.77 28.29 -11.43
N GLU G 140 51.48 29.58 -11.50
CA GLU G 140 51.25 30.23 -12.78
C GLU G 140 52.10 31.48 -12.91
N LEU G 141 52.37 32.14 -11.79
CA LEU G 141 53.16 33.37 -11.81
C LEU G 141 54.57 33.20 -11.27
N GLY G 142 54.83 32.07 -10.63
CA GLY G 142 56.16 31.85 -10.10
C GLY G 142 56.36 32.63 -8.82
N PRO G 143 57.60 32.84 -8.36
CA PRO G 143 57.87 33.57 -7.14
C PRO G 143 56.98 34.80 -7.09
N SER G 144 56.21 34.96 -6.02
CA SER G 144 55.30 36.09 -5.92
C SER G 144 55.30 36.81 -4.59
N ILE G 145 55.25 38.13 -4.66
CA ILE G 145 55.19 38.97 -3.47
C ILE G 145 54.00 39.93 -3.62
N TYR G 146 53.02 39.80 -2.75
CA TYR G 146 51.83 40.66 -2.78
C TYR G 146 51.58 41.17 -1.36
N LYS G 147 51.47 42.48 -1.22
CA LYS G 147 51.25 43.09 0.08
C LYS G 147 50.02 44.01 0.09
N THR G 148 49.30 44.00 1.21
CA THR G 148 48.11 44.82 1.39
C THR G 148 48.29 45.66 2.64
N ASP G 149 47.49 46.71 2.76
CA ASP G 149 47.55 47.62 3.89
C ASP G 149 46.15 47.87 4.49
N PRO G 150 46.06 48.70 5.55
CA PRO G 150 44.76 48.97 6.17
C PRO G 150 43.83 49.81 5.29
N ALA G 151 44.33 50.26 4.15
CA ALA G 151 43.54 51.07 3.23
C ALA G 151 42.79 50.18 2.24
N GLY G 152 43.19 48.91 2.19
CA GLY G 152 42.55 47.98 1.29
C GLY G 152 43.29 47.88 -0.02
N TYR G 153 44.40 48.61 -0.10
CA TYR G 153 45.21 48.62 -1.30
C TYR G 153 46.12 47.40 -1.33
N TYR G 154 46.50 46.97 -2.55
CA TYR G 154 47.39 45.83 -2.69
C TYR G 154 48.00 45.82 -4.08
N VAL G 155 49.18 45.22 -4.17
CA VAL G 155 49.90 45.11 -5.45
C VAL G 155 51.03 44.11 -5.32
N GLY G 156 51.57 43.69 -6.45
CA GLY G 156 52.68 42.74 -6.46
C GLY G 156 53.99 43.51 -6.57
N TYR G 157 55.08 42.89 -6.09
CA TYR G 157 56.40 43.52 -6.13
C TYR G 157 57.51 42.57 -6.62
N LYS G 158 58.63 43.17 -7.03
CA LYS G 158 59.79 42.41 -7.48
C LYS G 158 60.50 42.07 -6.17
N ALA G 159 60.32 42.96 -5.21
CA ALA G 159 60.86 42.85 -3.87
C ALA G 159 60.26 44.05 -3.16
N THR G 160 60.16 43.98 -1.82
CA THR G 160 59.59 45.09 -1.05
C THR G 160 60.03 45.01 0.42
N ALA G 161 59.85 46.11 1.13
CA ALA G 161 60.23 46.18 2.54
C ALA G 161 59.18 46.95 3.28
N THR G 162 59.01 46.63 4.55
CA THR G 162 58.02 47.26 5.40
C THR G 162 58.57 47.47 6.82
N GLY G 163 58.16 48.55 7.46
CA GLY G 163 58.62 48.85 8.81
C GLY G 163 59.10 50.28 8.96
N PRO G 164 59.54 50.68 10.17
CA PRO G 164 60.03 52.04 10.40
C PRO G 164 61.09 52.47 9.39
N LYS G 165 62.11 51.65 9.21
CA LYS G 165 63.19 51.97 8.29
C LYS G 165 62.99 51.34 6.93
N GLN G 166 61.73 51.28 6.53
CA GLN G 166 61.33 50.74 5.25
C GLN G 166 61.97 51.47 4.08
N GLN G 167 62.02 52.80 4.17
CA GLN G 167 62.59 53.60 3.10
C GLN G 167 64.04 53.24 2.77
N GLU G 168 64.87 53.03 3.79
CA GLU G 168 66.26 52.68 3.53
C GLU G 168 66.33 51.31 2.86
N ILE G 169 65.63 50.34 3.43
CA ILE G 169 65.62 48.99 2.86
C ILE G 169 65.23 49.06 1.40
N THR G 170 64.19 49.85 1.10
CA THR G 170 63.67 50.00 -0.26
C THR G 170 64.69 50.59 -1.23
N THR G 171 65.19 51.78 -0.92
CA THR G 171 66.18 52.43 -1.78
C THR G 171 67.39 51.50 -1.96
N ASN G 172 67.74 50.77 -0.92
CA ASN G 172 68.85 49.84 -0.99
C ASN G 172 68.57 48.85 -2.12
N LEU G 173 67.44 48.18 -2.01
CA LEU G 173 67.01 47.21 -3.00
C LEU G 173 66.85 47.88 -4.36
N GLU G 174 66.21 49.05 -4.39
CA GLU G 174 66.00 49.78 -5.63
C GLU G 174 67.28 49.89 -6.41
N ASN G 175 68.32 50.32 -5.71
CA ASN G 175 69.62 50.49 -6.28
C ASN G 175 70.20 49.19 -6.81
N HIS G 176 70.21 48.16 -5.99
CA HIS G 176 70.74 46.90 -6.44
C HIS G 176 70.11 46.42 -7.74
N PHE G 177 68.83 46.70 -7.94
CA PHE G 177 68.17 46.26 -9.17
C PHE G 177 68.48 47.15 -10.37
N LYS G 178 68.59 48.45 -10.15
CA LYS G 178 68.92 49.38 -11.24
C LYS G 178 70.25 48.91 -11.81
N LYS G 179 71.03 48.28 -10.93
CA LYS G 179 72.35 47.75 -11.24
C LYS G 179 72.26 46.43 -12.01
N SER G 180 71.68 45.42 -11.36
CA SER G 180 71.54 44.08 -11.95
C SER G 180 70.72 44.04 -13.22
N LYS G 181 69.83 45.01 -13.38
CA LYS G 181 68.98 45.09 -14.58
C LYS G 181 68.02 43.91 -14.75
N ILE G 182 67.67 43.29 -13.62
CA ILE G 182 66.71 42.19 -13.61
C ILE G 182 65.77 42.43 -12.44
N ASP G 183 64.66 41.70 -12.40
CA ASP G 183 63.68 41.87 -11.35
C ASP G 183 63.70 40.74 -10.31
N HIS G 184 64.87 40.18 -10.04
CA HIS G 184 64.98 39.10 -9.06
C HIS G 184 66.43 38.76 -8.75
N ILE G 185 66.65 37.95 -7.72
CA ILE G 185 68.01 37.54 -7.36
C ILE G 185 68.34 36.33 -8.21
N ASN G 186 69.16 36.53 -9.25
CA ASN G 186 69.53 35.42 -10.13
C ASN G 186 70.33 34.33 -9.40
N GLU G 187 69.65 33.54 -8.56
CA GLU G 187 70.31 32.48 -7.82
C GLU G 187 69.49 31.19 -8.00
N GLU G 188 70.15 30.04 -7.93
CA GLU G 188 69.44 28.78 -8.09
C GLU G 188 69.01 28.21 -6.75
N SER G 189 69.74 28.56 -5.70
CA SER G 189 69.40 28.05 -4.37
C SER G 189 68.79 29.15 -3.52
N TRP G 190 67.82 28.78 -2.68
CA TRP G 190 67.19 29.74 -1.82
C TRP G 190 68.14 30.13 -0.68
N GLU G 191 69.08 29.25 -0.35
CA GLU G 191 70.05 29.51 0.72
C GLU G 191 70.81 30.79 0.41
N LYS G 192 71.17 30.95 -0.87
CA LYS G 192 71.88 32.13 -1.32
C LYS G 192 70.93 33.33 -1.38
N VAL G 193 69.71 33.09 -1.86
CA VAL G 193 68.72 34.17 -1.93
C VAL G 193 68.50 34.68 -0.51
N VAL G 194 68.46 33.76 0.45
CA VAL G 194 68.27 34.12 1.84
C VAL G 194 69.47 34.95 2.30
N GLU G 195 70.67 34.51 1.92
CA GLU G 195 71.87 35.21 2.29
C GLU G 195 71.86 36.62 1.73
N PHE G 196 71.39 36.76 0.49
CA PHE G 196 71.31 38.06 -0.15
C PHE G 196 70.35 38.94 0.64
N ALA G 197 69.19 38.38 0.96
CA ALA G 197 68.18 39.10 1.71
C ALA G 197 68.80 39.61 3.00
N ILE G 198 69.41 38.72 3.77
CA ILE G 198 70.01 39.10 5.04
C ILE G 198 71.13 40.13 4.85
N THR G 199 71.88 40.00 3.77
CA THR G 199 72.98 40.92 3.51
C THR G 199 72.45 42.32 3.28
N HIS G 200 71.70 42.50 2.19
CA HIS G 200 71.17 43.81 1.90
C HIS G 200 70.36 44.38 3.06
N MET G 201 69.86 43.50 3.93
CA MET G 201 69.10 43.95 5.10
C MET G 201 70.05 44.68 6.03
N ILE G 202 71.22 44.07 6.25
CA ILE G 202 72.24 44.64 7.12
C ILE G 202 72.78 45.97 6.60
N ASP G 203 73.08 46.05 5.31
CA ASP G 203 73.60 47.27 4.71
C ASP G 203 72.62 48.42 4.87
N ALA G 204 71.35 48.15 4.63
CA ALA G 204 70.33 49.17 4.73
C ALA G 204 70.09 49.63 6.16
N LEU G 205 70.04 48.69 7.10
CA LEU G 205 69.81 49.05 8.48
C LEU G 205 71.10 49.40 9.18
N GLY G 206 72.22 49.01 8.56
CA GLY G 206 73.52 49.28 9.15
C GLY G 206 73.68 48.54 10.47
N THR G 207 73.21 47.30 10.51
CA THR G 207 73.32 46.52 11.74
C THR G 207 73.74 45.08 11.49
N GLU G 208 74.42 44.53 12.49
CA GLU G 208 74.91 43.16 12.47
C GLU G 208 73.78 42.32 13.06
N PHE G 209 73.67 41.06 12.65
CA PHE G 209 72.60 40.21 13.17
C PHE G 209 73.12 38.89 13.74
N SER G 210 72.59 38.48 14.90
CA SER G 210 72.98 37.20 15.48
C SER G 210 71.98 36.22 14.86
N LYS G 211 71.92 34.99 15.35
CA LYS G 211 70.96 34.03 14.80
C LYS G 211 69.60 34.15 15.49
N ASN G 212 69.47 35.07 16.45
CA ASN G 212 68.20 35.27 17.15
C ASN G 212 67.67 36.67 16.93
N ASP G 213 68.18 37.35 15.91
CA ASP G 213 67.75 38.71 15.59
C ASP G 213 66.87 38.69 14.36
N LEU G 214 66.92 37.59 13.64
CA LEU G 214 66.13 37.44 12.43
C LEU G 214 65.10 36.34 12.52
N GLU G 215 64.26 36.31 11.49
CA GLU G 215 63.19 35.34 11.34
C GLU G 215 63.15 35.22 9.82
N VAL G 216 63.22 33.99 9.31
CA VAL G 216 63.21 33.80 7.87
C VAL G 216 62.17 32.79 7.39
N GLY G 217 61.54 33.12 6.28
CA GLY G 217 60.55 32.24 5.69
C GLY G 217 60.94 32.05 4.23
N VAL G 218 60.72 30.84 3.70
CA VAL G 218 61.08 30.57 2.33
C VAL G 218 59.98 29.85 1.57
N ALA G 219 59.67 30.36 0.38
CA ALA G 219 58.64 29.76 -0.45
C ALA G 219 59.29 29.12 -1.67
N THR G 220 58.87 27.91 -1.97
CA THR G 220 59.39 27.16 -3.11
C THR G 220 58.23 26.43 -3.78
N LYS G 221 58.53 25.81 -4.91
CA LYS G 221 57.52 25.03 -5.63
C LYS G 221 56.88 24.08 -4.64
N ASP G 222 55.57 24.24 -4.43
CA ASP G 222 54.80 23.38 -3.54
C ASP G 222 55.09 23.45 -2.05
N LYS G 223 55.85 24.43 -1.59
CA LYS G 223 56.07 24.52 -0.16
C LYS G 223 56.58 25.85 0.40
N PHE G 224 56.15 26.16 1.61
CA PHE G 224 56.58 27.36 2.31
C PHE G 224 56.92 26.94 3.74
N PHE G 225 58.17 27.20 4.13
CA PHE G 225 58.67 26.84 5.46
C PHE G 225 59.51 27.97 6.04
N THR G 226 59.66 27.98 7.36
CA THR G 226 60.45 29.01 8.04
C THR G 226 61.71 28.33 8.56
N LEU G 227 62.84 29.05 8.53
CA LEU G 227 64.13 28.52 8.99
C LEU G 227 64.24 28.54 10.50
N SER G 228 65.13 27.71 11.05
CA SER G 228 65.33 27.65 12.50
C SER G 228 66.54 28.47 12.89
N ALA G 229 66.69 28.72 14.18
CA ALA G 229 67.81 29.51 14.65
C ALA G 229 69.10 28.96 14.04
N GLU G 230 69.17 27.63 13.96
CA GLU G 230 70.34 26.97 13.41
C GLU G 230 70.44 27.09 11.90
N ASN G 231 69.31 27.07 11.21
CA ASN G 231 69.30 27.19 9.75
C ASN G 231 69.71 28.61 9.41
N ILE G 232 69.42 29.53 10.33
CA ILE G 232 69.77 30.93 10.17
C ILE G 232 71.28 31.06 10.38
N GLU G 233 71.75 30.56 11.52
CA GLU G 233 73.17 30.60 11.86
C GLU G 233 74.02 30.19 10.67
N GLU G 234 73.60 29.14 9.99
CA GLU G 234 74.29 28.63 8.81
C GLU G 234 74.41 29.74 7.77
N ARG G 235 73.30 30.45 7.56
CA ARG G 235 73.25 31.56 6.61
C ARG G 235 74.23 32.66 7.04
N LEU G 236 74.12 33.08 8.29
CA LEU G 236 74.97 34.12 8.88
C LEU G 236 76.47 33.80 8.77
N VAL G 237 76.80 32.53 8.97
CA VAL G 237 78.18 32.07 8.88
C VAL G 237 78.69 32.24 7.45
N ALA G 238 77.90 31.78 6.49
CA ALA G 238 78.28 31.88 5.09
C ALA G 238 78.53 33.32 4.64
N ILE G 239 77.60 34.23 4.91
CA ILE G 239 77.82 35.61 4.50
C ILE G 239 79.13 36.09 5.10
N ALA G 240 79.35 35.78 6.37
CA ALA G 240 80.55 36.17 7.09
C ALA G 240 81.80 35.92 6.24
N GLU G 241 81.99 34.67 5.83
CA GLU G 241 83.14 34.30 5.01
C GLU G 241 82.98 34.89 3.62
N GLN G 242 83.02 36.22 3.54
CA GLN G 242 82.85 36.91 2.28
C GLN G 242 83.16 38.40 2.51
N ASP G 243 82.96 38.84 3.76
CA ASP G 243 83.22 40.22 4.17
C ASP G 243 84.57 40.28 4.89
N THR H 1 19.91 9.70 -25.48
CA THR H 1 21.10 10.54 -25.81
C THR H 1 22.39 9.72 -25.75
N THR H 2 23.39 10.16 -26.50
CA THR H 2 24.68 9.48 -26.51
C THR H 2 25.81 10.50 -26.53
N ILE H 3 26.47 10.67 -25.39
CA ILE H 3 27.59 11.60 -25.30
C ILE H 3 28.84 10.79 -24.90
N VAL H 4 29.99 11.18 -25.46
CA VAL H 4 31.25 10.50 -25.16
C VAL H 4 32.41 11.48 -25.08
N GLY H 5 33.42 11.09 -24.30
CA GLY H 5 34.61 11.91 -24.15
C GLY H 5 35.82 11.04 -24.41
N VAL H 6 36.79 11.55 -25.16
CA VAL H 6 37.99 10.78 -25.46
C VAL H 6 39.21 11.66 -25.37
N LYS H 7 40.20 11.21 -24.61
CA LYS H 7 41.44 11.96 -24.45
C LYS H 7 42.39 11.49 -25.53
N PHE H 8 43.22 12.40 -26.02
CA PHE H 8 44.21 12.07 -27.04
C PHE H 8 45.54 12.74 -26.67
N ASN H 9 46.66 12.22 -27.20
CA ASN H 9 48.00 12.72 -26.89
C ASN H 9 48.16 14.20 -26.49
N ASN H 10 47.37 15.11 -27.05
CA ASN H 10 47.54 16.50 -26.68
C ASN H 10 46.24 17.29 -26.46
N GLY H 11 45.26 16.67 -25.82
CA GLY H 11 44.00 17.34 -25.56
C GLY H 11 42.86 16.37 -25.29
N VAL H 12 41.65 16.86 -25.50
CA VAL H 12 40.46 16.05 -25.26
C VAL H 12 39.35 16.42 -26.24
N VAL H 13 38.52 15.45 -26.56
CA VAL H 13 37.42 15.67 -27.48
C VAL H 13 36.12 15.05 -26.96
N ILE H 14 35.02 15.77 -27.11
CA ILE H 14 33.73 15.24 -26.69
C ILE H 14 32.76 15.35 -27.86
N ALA H 15 31.86 14.38 -27.95
CA ALA H 15 30.88 14.36 -29.02
C ALA H 15 29.56 13.82 -28.50
N ALA H 16 28.47 14.21 -29.14
CA ALA H 16 27.14 13.75 -28.74
C ALA H 16 26.22 13.68 -29.96
N ASP H 17 25.09 12.99 -29.82
CA ASP H 17 24.13 12.87 -30.92
C ASP H 17 23.26 14.14 -30.91
N THR H 18 22.28 14.21 -31.79
CA THR H 18 21.43 15.41 -31.86
C THR H 18 19.94 15.18 -31.62
N ARG H 19 19.54 13.95 -31.32
CA ARG H 19 18.13 13.63 -31.08
C ARG H 19 17.66 14.01 -29.67
N SER H 20 16.56 14.74 -29.63
CA SER H 20 15.94 15.20 -28.39
C SER H 20 14.53 14.61 -28.35
N THR H 21 14.22 13.79 -27.34
CA THR H 21 12.91 13.14 -27.29
C THR H 21 12.04 13.31 -26.06
N GLN H 22 10.74 13.37 -26.30
CA GLN H 22 9.72 13.46 -25.25
C GLN H 22 9.04 12.09 -25.32
N GLY H 23 9.29 11.23 -24.34
CA GLY H 23 8.69 9.91 -24.41
C GLY H 23 9.19 9.27 -25.69
N PRO H 24 8.32 8.69 -26.51
CA PRO H 24 8.81 8.07 -27.74
C PRO H 24 8.77 9.01 -28.95
N ILE H 25 8.49 10.27 -28.71
CA ILE H 25 8.40 11.25 -29.78
C ILE H 25 9.63 12.14 -29.90
N VAL H 26 10.14 12.29 -31.12
CA VAL H 26 11.29 13.14 -31.35
C VAL H 26 10.82 14.60 -31.42
N ALA H 27 11.19 15.37 -30.41
CA ALA H 27 10.82 16.78 -30.35
C ALA H 27 11.76 17.66 -31.17
N ASP H 28 13.05 17.32 -31.15
CA ASP H 28 14.03 18.07 -31.91
C ASP H 28 15.01 17.09 -32.56
N LYS H 29 15.00 17.06 -33.89
CA LYS H 29 15.84 16.16 -34.66
C LYS H 29 17.29 16.58 -34.69
N ASN H 30 17.56 17.84 -34.39
CA ASN H 30 18.92 18.34 -34.38
C ASN H 30 19.14 19.42 -33.33
N CYS H 31 19.21 19.01 -32.07
CA CYS H 31 19.46 19.98 -31.02
C CYS H 31 20.88 19.71 -30.55
N ALA H 32 21.61 20.75 -30.18
CA ALA H 32 22.99 20.59 -29.72
C ALA H 32 23.07 20.34 -28.21
N LYS H 33 23.72 19.25 -27.83
CA LYS H 33 23.86 18.88 -26.43
C LYS H 33 25.22 19.28 -25.87
N LEU H 34 26.06 19.84 -26.75
CA LEU H 34 27.39 20.29 -26.39
C LEU H 34 27.34 21.72 -25.87
N HIS H 35 27.66 21.90 -24.60
CA HIS H 35 27.63 23.22 -24.00
C HIS H 35 29.00 23.75 -23.68
N ARG H 36 29.07 25.06 -23.46
CA ARG H 36 30.33 25.70 -23.13
C ARG H 36 30.27 26.14 -21.67
N ILE H 37 31.26 25.77 -20.87
CA ILE H 37 31.29 26.21 -19.48
C ILE H 37 32.12 27.49 -19.53
N SER H 38 33.12 27.48 -20.41
CA SER H 38 34.00 28.61 -20.65
C SER H 38 34.58 28.29 -22.03
N PRO H 39 35.32 29.22 -22.64
CA PRO H 39 35.89 28.98 -23.96
C PRO H 39 36.54 27.62 -24.15
N LYS H 40 37.32 27.17 -23.17
CA LYS H 40 38.00 25.90 -23.34
C LYS H 40 37.58 24.73 -22.48
N ILE H 41 36.43 24.86 -21.82
CA ILE H 41 35.89 23.78 -21.00
C ILE H 41 34.51 23.55 -21.56
N TRP H 42 34.31 22.41 -22.23
CA TRP H 42 33.01 22.13 -22.81
C TRP H 42 32.21 21.05 -22.10
N CYS H 43 30.93 21.00 -22.41
CA CYS H 43 30.03 20.08 -21.77
C CYS H 43 29.08 19.30 -22.64
N ALA H 44 28.75 18.12 -22.14
CA ALA H 44 27.81 17.21 -22.78
C ALA H 44 26.86 16.76 -21.67
N GLY H 45 25.56 16.95 -21.90
CA GLY H 45 24.60 16.57 -20.88
C GLY H 45 23.60 15.51 -21.27
N ALA H 46 23.13 14.75 -20.29
CA ALA H 46 22.13 13.69 -20.49
C ALA H 46 21.20 13.75 -19.29
N GLY H 47 19.97 13.28 -19.45
CA GLY H 47 19.02 13.33 -18.35
C GLY H 47 18.05 14.48 -18.54
N THR H 48 17.46 14.99 -17.46
CA THR H 48 16.52 16.11 -17.57
C THR H 48 17.18 17.29 -18.30
N ALA H 49 16.65 17.62 -19.47
CA ALA H 49 17.20 18.70 -20.29
C ALA H 49 17.28 20.07 -19.61
N ALA H 50 16.18 20.51 -19.02
CA ALA H 50 16.17 21.80 -18.35
C ALA H 50 17.28 21.83 -17.33
N ASP H 51 17.58 20.67 -16.75
CA ASP H 51 18.63 20.58 -15.74
C ASP H 51 20.05 20.66 -16.27
N THR H 52 20.40 19.81 -17.24
CA THR H 52 21.75 19.87 -17.76
C THR H 52 22.00 21.28 -18.28
N GLU H 53 20.97 21.91 -18.82
CA GLU H 53 21.12 23.25 -19.34
C GLU H 53 21.35 24.24 -18.21
N ALA H 54 20.40 24.27 -17.28
CA ALA H 54 20.46 25.18 -16.15
C ALA H 54 21.78 25.09 -15.37
N VAL H 55 22.09 23.89 -14.91
CA VAL H 55 23.29 23.68 -14.13
C VAL H 55 24.55 24.00 -14.95
N THR H 56 24.53 23.70 -16.24
CA THR H 56 25.67 23.97 -17.10
C THR H 56 25.99 25.45 -17.14
N GLN H 57 24.95 26.27 -17.29
CA GLN H 57 25.12 27.71 -17.37
C GLN H 57 25.41 28.40 -16.04
N LEU H 58 24.79 27.92 -14.97
CA LEU H 58 25.01 28.50 -13.65
C LEU H 58 26.49 28.42 -13.34
N ILE H 59 27.03 27.21 -13.33
CA ILE H 59 28.46 27.03 -13.06
C ILE H 59 29.23 27.82 -14.10
N GLY H 60 28.74 27.79 -15.34
CA GLY H 60 29.38 28.53 -16.42
C GLY H 60 29.51 30.00 -16.06
N SER H 61 28.44 30.56 -15.52
CA SER H 61 28.42 31.96 -15.12
C SER H 61 29.41 32.20 -14.00
N ASN H 62 29.31 31.40 -12.94
CA ASN H 62 30.20 31.55 -11.80
C ASN H 62 31.65 31.40 -12.21
N ILE H 63 31.95 30.42 -13.05
CA ILE H 63 33.32 30.21 -13.52
C ILE H 63 33.83 31.50 -14.16
N GLU H 64 33.05 32.07 -15.07
CA GLU H 64 33.44 33.30 -15.74
C GLU H 64 33.71 34.40 -14.73
N LEU H 65 32.86 34.48 -13.71
CA LEU H 65 33.06 35.48 -12.68
C LEU H 65 34.34 35.17 -11.92
N HIS H 66 34.51 33.92 -11.51
CA HIS H 66 35.70 33.48 -10.78
C HIS H 66 36.98 33.80 -11.58
N SER H 67 36.95 33.49 -12.88
CA SER H 67 38.08 33.76 -13.76
C SER H 67 38.45 35.24 -13.71
N LEU H 68 37.45 36.09 -13.88
CA LEU H 68 37.67 37.53 -13.85
C LEU H 68 38.30 37.93 -12.52
N TYR H 69 37.74 37.41 -11.43
CA TYR H 69 38.23 37.71 -10.10
C TYR H 69 39.66 37.26 -9.85
N THR H 70 40.01 36.07 -10.31
CA THR H 70 41.38 35.55 -10.10
C THR H 70 42.34 35.85 -11.25
N SER H 71 41.84 36.52 -12.28
CA SER H 71 42.65 36.87 -13.43
C SER H 71 43.37 35.66 -14.02
N ARG H 72 42.74 34.49 -13.91
CA ARG H 72 43.31 33.25 -14.41
C ARG H 72 42.30 32.48 -15.27
N GLU H 73 42.82 31.63 -16.14
CA GLU H 73 41.98 30.80 -17.00
C GLU H 73 41.19 29.83 -16.12
N PRO H 74 39.91 29.59 -16.48
CA PRO H 74 39.07 28.67 -15.71
C PRO H 74 39.70 27.29 -15.72
N ARG H 75 39.69 26.61 -14.58
CA ARG H 75 40.25 25.26 -14.54
C ARG H 75 39.12 24.24 -14.53
N VAL H 76 39.27 23.20 -15.32
CA VAL H 76 38.25 22.16 -15.38
C VAL H 76 37.90 21.71 -13.96
N VAL H 77 38.89 21.40 -13.14
CA VAL H 77 38.62 20.96 -11.77
C VAL H 77 37.75 21.94 -10.99
N SER H 78 37.73 23.21 -11.40
CA SER H 78 36.87 24.17 -10.71
C SER H 78 35.43 23.91 -11.13
N ALA H 79 35.19 23.79 -12.43
CA ALA H 79 33.85 23.54 -12.91
C ALA H 79 33.35 22.21 -12.34
N LEU H 80 34.28 21.28 -12.16
CA LEU H 80 33.95 19.96 -11.65
C LEU H 80 33.60 19.98 -10.16
N GLN H 81 34.32 20.81 -9.41
CA GLN H 81 34.06 20.89 -7.99
C GLN H 81 32.78 21.68 -7.77
N MET H 82 32.59 22.69 -8.60
CA MET H 82 31.40 23.54 -8.51
C MET H 82 30.14 22.77 -8.91
N LEU H 83 30.26 21.98 -9.98
CA LEU H 83 29.13 21.20 -10.44
C LEU H 83 28.72 20.16 -9.40
N LYS H 84 29.64 19.29 -9.02
CA LYS H 84 29.33 18.25 -8.06
C LYS H 84 28.81 18.71 -6.70
N GLN H 85 29.38 19.76 -6.15
CA GLN H 85 28.90 20.22 -4.83
C GLN H 85 27.49 20.73 -4.95
N HIS H 86 27.17 21.32 -6.11
CA HIS H 86 25.83 21.84 -6.36
C HIS H 86 24.84 20.69 -6.52
N LEU H 87 25.19 19.73 -7.39
CA LEU H 87 24.34 18.57 -7.63
C LEU H 87 24.16 17.74 -6.37
N PHE H 88 25.24 17.54 -5.62
CA PHE H 88 25.14 16.78 -4.38
C PHE H 88 24.17 17.45 -3.43
N LYS H 89 24.27 18.77 -3.34
CA LYS H 89 23.38 19.52 -2.47
C LYS H 89 21.92 19.16 -2.73
N TYR H 90 21.55 19.04 -4.00
CA TYR H 90 20.18 18.71 -4.39
C TYR H 90 19.86 17.23 -4.43
N GLN H 91 20.62 16.44 -3.70
CA GLN H 91 20.39 15.01 -3.61
C GLN H 91 19.81 14.35 -4.84
N GLY H 92 20.36 14.65 -6.02
CA GLY H 92 19.88 14.03 -7.24
C GLY H 92 18.58 14.51 -7.85
N HIS H 93 17.94 15.50 -7.22
CA HIS H 93 16.70 16.01 -7.75
C HIS H 93 16.94 16.84 -9.01
N ILE H 94 18.20 17.14 -9.29
CA ILE H 94 18.53 17.88 -10.50
C ILE H 94 19.10 16.82 -11.45
N GLY H 95 18.20 16.24 -12.24
CA GLY H 95 18.58 15.19 -13.16
C GLY H 95 19.66 15.48 -14.18
N ALA H 96 20.82 15.93 -13.71
CA ALA H 96 21.91 16.27 -14.61
C ALA H 96 23.00 15.21 -14.61
N TYR H 97 23.37 14.77 -15.82
CA TYR H 97 24.42 13.78 -16.01
C TYR H 97 25.28 14.41 -17.07
N LEU H 98 26.52 14.73 -16.72
CA LEU H 98 27.40 15.39 -17.65
C LEU H 98 28.74 14.73 -17.86
N ILE H 99 29.33 15.04 -19.02
CA ILE H 99 30.67 14.57 -19.34
C ILE H 99 31.32 15.90 -19.66
N VAL H 100 32.16 16.38 -18.74
CA VAL H 100 32.84 17.65 -18.90
C VAL H 100 34.30 17.46 -19.26
N ALA H 101 34.76 18.19 -20.28
CA ALA H 101 36.15 18.10 -20.73
C ALA H 101 36.66 19.49 -21.04
N GLY H 102 37.98 19.61 -21.20
CA GLY H 102 38.55 20.90 -21.50
C GLY H 102 40.03 20.97 -21.17
N VAL H 103 40.62 22.11 -21.50
CA VAL H 103 42.03 22.34 -21.24
C VAL H 103 42.20 23.65 -20.48
N ASP H 104 43.26 23.71 -19.69
CA ASP H 104 43.57 24.88 -18.91
C ASP H 104 45.07 24.86 -18.64
N PRO H 105 45.61 25.88 -17.97
CA PRO H 105 47.05 25.92 -17.68
C PRO H 105 47.66 24.63 -17.16
N THR H 106 46.86 23.78 -16.53
CA THR H 106 47.39 22.55 -15.98
C THR H 106 47.31 21.30 -16.87
N GLY H 107 46.72 21.43 -18.06
CA GLY H 107 46.61 20.28 -18.94
C GLY H 107 45.23 20.03 -19.51
N SER H 108 45.02 18.82 -20.03
CA SER H 108 43.73 18.43 -20.61
C SER H 108 43.05 17.47 -19.64
N HIS H 109 41.75 17.65 -19.43
CA HIS H 109 40.99 16.81 -18.51
C HIS H 109 39.70 16.25 -19.09
N LEU H 110 39.24 15.15 -18.49
CA LEU H 110 38.01 14.49 -18.90
C LEU H 110 37.39 13.87 -17.67
N PHE H 111 36.17 14.33 -17.34
CA PHE H 111 35.43 13.85 -16.19
C PHE H 111 33.97 13.57 -16.53
N SER H 112 33.30 12.91 -15.61
CA SER H 112 31.88 12.63 -15.76
C SER H 112 31.27 12.92 -14.40
N ILE H 113 30.09 13.54 -14.40
CA ILE H 113 29.41 13.88 -13.17
C ILE H 113 28.01 13.33 -13.22
N HIS H 114 27.55 12.77 -12.11
CA HIS H 114 26.20 12.22 -12.06
C HIS H 114 25.29 13.05 -11.15
N ALA H 115 24.00 13.01 -11.47
CA ALA H 115 22.99 13.76 -10.72
C ALA H 115 23.15 13.78 -9.21
N HIS H 116 23.64 12.69 -8.62
CA HIS H 116 23.78 12.66 -7.17
C HIS H 116 24.99 13.38 -6.64
N GLY H 117 25.99 13.59 -7.48
CA GLY H 117 27.17 14.30 -7.04
C GLY H 117 28.50 13.61 -7.29
N SER H 118 28.50 12.30 -7.42
CA SER H 118 29.75 11.60 -7.65
C SER H 118 30.36 11.98 -9.00
N THR H 119 31.70 11.91 -9.09
CA THR H 119 32.43 12.21 -10.32
C THR H 119 33.44 11.11 -10.62
N ASP H 120 33.74 10.94 -11.90
CA ASP H 120 34.70 9.93 -12.34
C ASP H 120 35.74 10.56 -13.25
N VAL H 121 36.90 9.93 -13.33
CA VAL H 121 37.96 10.41 -14.19
C VAL H 121 38.42 9.24 -15.07
N GLY H 122 38.74 9.53 -16.33
CA GLY H 122 39.17 8.50 -17.25
C GLY H 122 39.65 9.04 -18.58
N TYR H 123 40.09 8.15 -19.47
CA TYR H 123 40.57 8.57 -20.78
C TYR H 123 39.46 8.53 -21.83
N TYR H 124 38.43 7.74 -21.54
CA TYR H 124 37.29 7.62 -22.42
C TYR H 124 36.07 7.34 -21.56
N LEU H 125 35.01 8.09 -21.80
CA LEU H 125 33.76 7.94 -21.05
C LEU H 125 32.55 8.13 -21.97
N SER H 126 31.39 7.67 -21.50
CA SER H 126 30.14 7.84 -22.25
C SER H 126 28.95 7.90 -21.28
N LEU H 127 27.88 8.58 -21.68
CA LEU H 127 26.69 8.68 -20.85
C LEU H 127 25.45 8.73 -21.72
N GLY H 128 24.32 8.37 -21.15
CA GLY H 128 23.08 8.41 -21.90
C GLY H 128 22.51 7.05 -22.22
N SER H 129 21.41 7.04 -22.99
CA SER H 129 20.74 5.81 -23.39
C SER H 129 21.65 5.06 -24.35
N GLY H 130 22.51 5.80 -25.05
CA GLY H 130 23.43 5.16 -25.98
C GLY H 130 24.72 4.79 -25.27
N SER H 131 24.73 5.09 -23.97
CA SER H 131 25.86 4.83 -23.09
C SER H 131 26.57 3.52 -23.41
N LEU H 132 25.82 2.43 -23.38
CA LEU H 132 26.36 1.10 -23.64
C LEU H 132 26.82 0.81 -25.06
N ALA H 133 26.07 1.29 -26.04
CA ALA H 133 26.44 1.07 -27.44
C ALA H 133 27.78 1.75 -27.71
N ALA H 134 27.89 3.00 -27.29
CA ALA H 134 29.13 3.76 -27.48
C ALA H 134 30.29 3.12 -26.72
N MET H 135 30.08 2.78 -25.45
CA MET H 135 31.15 2.17 -24.69
C MET H 135 31.64 0.90 -25.35
N ALA H 136 30.73 0.15 -25.97
CA ALA H 136 31.16 -1.08 -26.62
C ALA H 136 32.19 -0.73 -27.71
N VAL H 137 31.89 0.32 -28.46
CA VAL H 137 32.79 0.78 -29.50
C VAL H 137 34.11 1.25 -28.91
N LEU H 138 34.03 2.03 -27.84
CA LEU H 138 35.23 2.54 -27.18
C LEU H 138 36.06 1.39 -26.60
N GLU H 139 35.43 0.47 -25.90
CA GLU H 139 36.18 -0.63 -25.31
C GLU H 139 36.84 -1.47 -26.39
N SER H 140 36.42 -1.28 -27.63
CA SER H 140 36.97 -2.05 -28.73
C SER H 140 38.07 -1.37 -29.54
N HIS H 141 38.13 -0.04 -29.48
CA HIS H 141 39.13 0.68 -30.27
C HIS H 141 40.04 1.64 -29.53
N TRP H 142 39.69 1.99 -28.29
CA TRP H 142 40.54 2.90 -27.56
C TRP H 142 41.90 2.29 -27.33
N LYS H 143 42.92 3.12 -27.49
CA LYS H 143 44.29 2.70 -27.28
C LYS H 143 44.94 3.95 -26.72
N GLN H 144 46.06 3.78 -26.02
CA GLN H 144 46.76 4.90 -25.43
C GLN H 144 47.57 5.68 -26.44
N ASP H 145 47.57 7.00 -26.30
CA ASP H 145 48.30 7.88 -27.21
C ASP H 145 47.65 7.98 -28.58
N LEU H 146 46.39 8.40 -28.61
CA LEU H 146 45.67 8.57 -29.86
C LEU H 146 46.03 9.92 -30.45
N THR H 147 45.98 10.03 -31.78
CA THR H 147 46.27 11.31 -32.40
C THR H 147 44.96 12.07 -32.35
N LYS H 148 45.00 13.37 -32.58
CA LYS H 148 43.78 14.16 -32.55
C LYS H 148 42.75 13.56 -33.51
N GLU H 149 43.20 13.07 -34.66
CA GLU H 149 42.26 12.50 -35.63
C GLU H 149 41.72 11.15 -35.22
N GLU H 150 42.56 10.32 -34.62
CA GLU H 150 42.13 9.02 -34.17
C GLU H 150 41.05 9.23 -33.10
N ALA H 151 41.24 10.26 -32.28
CA ALA H 151 40.27 10.57 -31.25
C ALA H 151 38.94 10.96 -31.91
N ILE H 152 38.96 11.97 -32.78
CA ILE H 152 37.74 12.39 -33.46
C ILE H 152 37.00 11.19 -34.04
N LYS H 153 37.74 10.33 -34.72
CA LYS H 153 37.17 9.14 -35.36
C LYS H 153 36.53 8.22 -34.33
N LEU H 154 37.31 7.86 -33.32
CA LEU H 154 36.83 7.00 -32.26
C LEU H 154 35.57 7.53 -31.60
N ALA H 155 35.62 8.80 -31.19
CA ALA H 155 34.49 9.45 -30.53
C ALA H 155 33.31 9.53 -31.48
N SER H 156 33.59 9.86 -32.73
CA SER H 156 32.54 9.98 -33.73
C SER H 156 31.89 8.61 -34.00
N ASP H 157 32.70 7.56 -33.98
CA ASP H 157 32.20 6.23 -34.22
C ASP H 157 31.35 5.77 -33.05
N ALA H 158 31.79 6.08 -31.83
CA ALA H 158 31.08 5.69 -30.62
C ALA H 158 29.69 6.31 -30.59
N ILE H 159 29.61 7.58 -30.99
CA ILE H 159 28.32 8.26 -30.99
C ILE H 159 27.42 7.55 -31.99
N GLN H 160 27.97 7.22 -33.15
CA GLN H 160 27.18 6.53 -34.15
C GLN H 160 26.56 5.26 -33.59
N ALA H 161 27.38 4.46 -32.91
CA ALA H 161 26.90 3.23 -32.30
C ALA H 161 25.57 3.55 -31.62
N GLY H 162 25.56 4.67 -30.91
CA GLY H 162 24.35 5.10 -30.24
C GLY H 162 23.21 5.40 -31.21
N ILE H 163 23.48 6.23 -32.21
CA ILE H 163 22.45 6.58 -33.20
C ILE H 163 21.74 5.38 -33.82
N TRP H 164 22.53 4.49 -34.39
CA TRP H 164 22.01 3.30 -35.07
C TRP H 164 21.39 2.28 -34.15
N ASN H 165 22.10 1.92 -33.09
CA ASN H 165 21.60 0.90 -32.16
C ASN H 165 20.68 1.32 -31.04
N ASP H 166 20.72 2.60 -30.66
CA ASP H 166 19.85 3.09 -29.57
C ASP H 166 18.71 3.98 -30.07
N LEU H 167 17.51 3.67 -29.60
CA LEU H 167 16.33 4.42 -29.98
C LEU H 167 16.30 5.79 -29.33
N GLY H 168 16.99 5.91 -28.19
CA GLY H 168 17.03 7.18 -27.48
C GLY H 168 17.95 8.19 -28.14
N SER H 169 18.73 7.72 -29.10
CA SER H 169 19.67 8.58 -29.80
C SER H 169 19.50 8.46 -31.30
N GLY H 170 19.95 9.49 -32.02
CA GLY H 170 19.85 9.48 -33.46
C GLY H 170 20.23 10.80 -34.10
N SER H 171 20.01 10.89 -35.41
CA SER H 171 20.29 12.09 -36.20
C SER H 171 21.76 12.38 -36.51
N ASN H 172 22.28 13.48 -35.97
CA ASN H 172 23.65 13.89 -36.25
C ASN H 172 24.65 13.75 -35.12
N VAL H 173 25.91 14.00 -35.46
CA VAL H 173 27.00 13.93 -34.51
C VAL H 173 27.68 15.29 -34.36
N ASP H 174 27.68 15.83 -33.14
CA ASP H 174 28.34 17.11 -32.85
C ASP H 174 29.64 16.77 -32.13
N VAL H 175 30.71 17.44 -32.51
CA VAL H 175 32.01 17.20 -31.90
C VAL H 175 32.65 18.52 -31.53
N CYS H 176 33.49 18.50 -30.51
CA CYS H 176 34.23 19.69 -30.08
C CYS H 176 35.59 19.24 -29.61
N VAL H 177 36.63 19.73 -30.27
CA VAL H 177 38.00 19.37 -29.93
C VAL H 177 38.66 20.47 -29.12
N MET H 178 39.33 20.07 -28.05
CA MET H 178 40.04 21.00 -27.20
C MET H 178 41.47 20.53 -27.11
N GLU H 179 42.36 21.24 -27.81
CA GLU H 179 43.77 20.89 -27.81
C GLU H 179 44.52 21.80 -26.84
N ILE H 180 45.56 21.25 -26.22
CA ILE H 180 46.33 21.99 -25.23
C ILE H 180 46.71 23.43 -25.57
N GLY H 181 47.36 23.63 -26.70
CA GLY H 181 47.77 24.98 -27.04
C GLY H 181 46.89 25.85 -27.91
N LYS H 182 45.86 25.29 -28.52
CA LYS H 182 45.03 26.09 -29.41
C LYS H 182 43.66 26.44 -28.85
N ASP H 183 42.83 27.04 -29.70
CA ASP H 183 41.47 27.40 -29.34
C ASP H 183 40.66 26.12 -29.39
N ALA H 184 39.57 26.06 -28.63
CA ALA H 184 38.74 24.87 -28.67
C ALA H 184 37.94 25.00 -29.96
N GLU H 185 37.86 23.95 -30.76
CA GLU H 185 37.08 24.04 -31.98
C GLU H 185 35.85 23.13 -31.95
N TYR H 186 34.71 23.80 -31.92
CA TYR H 186 33.38 23.20 -31.88
C TYR H 186 32.96 22.92 -33.32
N LEU H 187 32.52 21.69 -33.58
CA LEU H 187 32.11 21.30 -34.92
C LEU H 187 30.67 20.81 -34.98
N ARG H 188 29.73 21.75 -34.98
CA ARG H 188 28.30 21.43 -35.05
C ARG H 188 28.00 20.59 -36.29
N ASN H 189 27.22 19.51 -36.11
CA ASN H 189 26.89 18.60 -37.21
C ASN H 189 28.12 18.17 -37.99
N TYR H 190 29.09 17.61 -37.27
CA TYR H 190 30.33 17.12 -37.86
C TYR H 190 29.98 15.94 -38.74
N LEU H 191 28.84 15.32 -38.45
CA LEU H 191 28.32 14.18 -39.21
C LEU H 191 26.81 14.29 -39.34
N THR H 192 26.32 14.02 -40.55
CA THR H 192 24.88 14.09 -40.83
C THR H 192 24.45 12.93 -41.75
N PRO H 193 24.43 11.70 -41.21
CA PRO H 193 24.05 10.50 -41.95
C PRO H 193 22.57 10.17 -41.94
N ASN H 194 21.75 11.08 -41.44
CA ASN H 194 20.30 10.83 -41.39
C ASN H 194 19.42 11.88 -42.06
N VAL H 195 19.68 12.18 -43.33
CA VAL H 195 18.88 13.15 -44.07
C VAL H 195 17.57 12.48 -44.53
N ARG H 196 16.45 13.16 -44.32
CA ARG H 196 15.15 12.62 -44.71
C ARG H 196 14.98 12.62 -46.23
N GLU H 197 14.69 11.44 -46.78
CA GLU H 197 14.50 11.30 -48.22
C GLU H 197 13.36 12.21 -48.66
N GLU H 198 13.40 12.63 -49.92
CA GLU H 198 12.36 13.51 -50.43
C GLU H 198 11.00 12.83 -50.34
N LYS H 199 10.00 13.56 -49.87
CA LYS H 199 8.67 12.99 -49.76
C LYS H 199 8.16 12.58 -51.13
N GLN H 200 7.22 11.65 -51.14
CA GLN H 200 6.66 11.11 -52.37
C GLN H 200 5.66 12.08 -53.02
N LYS H 201 5.35 13.16 -52.31
CA LYS H 201 4.36 14.12 -52.81
C LYS H 201 4.51 15.45 -52.08
N SER H 202 4.03 16.53 -52.68
CA SER H 202 4.09 17.85 -52.04
C SER H 202 2.71 18.07 -51.43
N TYR H 203 2.65 18.59 -50.22
CA TYR H 203 1.36 18.78 -49.59
C TYR H 203 0.96 20.24 -49.48
N LYS H 204 1.50 21.02 -50.40
CA LYS H 204 1.22 22.44 -50.48
C LYS H 204 -0.28 22.54 -50.88
N PHE H 205 -1.06 23.24 -50.07
CA PHE H 205 -2.49 23.38 -50.34
C PHE H 205 -2.80 24.51 -51.29
N PRO H 206 -3.87 24.36 -52.09
CA PRO H 206 -4.23 25.45 -53.01
C PRO H 206 -4.80 26.55 -52.10
N ARG H 207 -4.42 27.80 -52.34
CA ARG H 207 -4.89 28.90 -51.51
C ARG H 207 -6.41 29.04 -51.53
N GLY H 208 -6.97 29.29 -50.35
CA GLY H 208 -8.41 29.42 -50.22
C GLY H 208 -9.00 28.11 -49.72
N THR H 209 -8.14 27.11 -49.53
CA THR H 209 -8.57 25.80 -49.05
C THR H 209 -9.16 25.84 -47.64
N THR H 210 -8.60 26.71 -46.80
CA THR H 210 -9.07 26.84 -45.42
C THR H 210 -10.28 27.75 -45.28
N ALA H 211 -11.27 27.30 -44.50
CA ALA H 211 -12.48 28.10 -44.28
C ALA H 211 -12.21 29.14 -43.20
N VAL H 212 -12.33 30.42 -43.55
CA VAL H 212 -12.10 31.50 -42.61
C VAL H 212 -13.41 32.16 -42.19
N LEU H 213 -13.49 32.50 -40.90
CA LEU H 213 -14.69 33.15 -40.37
C LEU H 213 -14.52 34.66 -40.25
N LYS H 214 -13.41 35.07 -39.65
CA LYS H 214 -13.15 36.48 -39.44
C LYS H 214 -11.69 36.76 -39.76
N GLU H 215 -11.37 38.03 -39.97
CA GLU H 215 -10.00 38.39 -40.30
C GLU H 215 -9.73 39.83 -39.87
N SER H 216 -8.53 40.08 -39.35
CA SER H 216 -8.18 41.42 -38.91
C SER H 216 -6.68 41.62 -38.80
N ILE H 217 -6.27 42.89 -38.78
CA ILE H 217 -4.86 43.24 -38.67
C ILE H 217 -4.57 43.38 -37.18
N VAL H 218 -3.39 42.94 -36.77
CA VAL H 218 -2.99 43.01 -35.37
C VAL H 218 -2.11 44.23 -35.12
N ASN H 219 -2.42 44.96 -34.05
CA ASN H 219 -1.67 46.15 -33.69
C ASN H 219 -0.38 45.84 -32.93
N ILE H 220 0.74 45.88 -33.63
CA ILE H 220 2.04 45.61 -33.04
C ILE H 220 2.70 46.89 -32.51
N CYS H 221 2.36 48.01 -33.14
CA CYS H 221 2.90 49.33 -32.77
C CYS H 221 2.15 49.99 -31.61
N ASP H 222 2.91 50.33 -30.58
CA ASP H 222 2.37 50.97 -29.38
C ASP H 222 1.81 52.38 -29.62
N SER I 1 -6.13 14.44 -12.88
CA SER I 1 -4.79 14.06 -12.32
C SER I 1 -3.64 14.80 -13.00
N ASP I 2 -3.45 14.53 -14.29
CA ASP I 2 -2.40 15.19 -15.05
C ASP I 2 -2.86 16.60 -15.38
N PRO I 3 -2.25 17.60 -14.72
CA PRO I 3 -2.58 19.02 -14.91
C PRO I 3 -2.59 19.48 -16.37
N SER I 4 -1.76 18.86 -17.21
CA SER I 4 -1.70 19.26 -18.61
C SER I 4 -2.83 18.68 -19.44
N SER I 5 -3.77 18.02 -18.79
CA SER I 5 -4.88 17.42 -19.53
C SER I 5 -6.25 17.71 -18.93
N ILE I 6 -6.32 18.74 -18.08
CA ILE I 6 -7.59 19.10 -17.46
C ILE I 6 -8.37 19.99 -18.42
N ASN I 7 -7.68 21.00 -18.93
CA ASN I 7 -8.28 22.00 -19.81
C ASN I 7 -8.19 21.73 -21.30
N GLY I 8 -7.16 21.03 -21.75
CA GLY I 8 -7.00 20.72 -23.16
C GLY I 8 -6.55 21.90 -24.02
N GLY I 9 -6.43 21.68 -25.33
CA GLY I 9 -6.02 22.75 -26.21
C GLY I 9 -4.64 22.53 -26.81
N ILE I 10 -4.37 23.19 -27.94
CA ILE I 10 -3.09 23.06 -28.62
C ILE I 10 -2.62 24.38 -29.20
N VAL I 11 -1.34 24.40 -29.57
CA VAL I 11 -0.70 25.57 -30.16
C VAL I 11 0.36 25.03 -31.11
N VAL I 12 0.58 25.75 -32.20
CA VAL I 12 1.59 25.33 -33.17
C VAL I 12 2.18 26.56 -33.86
N ALA I 13 3.50 26.55 -34.02
CA ALA I 13 4.20 27.64 -34.66
C ALA I 13 5.00 27.09 -35.84
N MET I 14 5.11 27.88 -36.89
CA MET I 14 5.83 27.50 -38.09
C MET I 14 6.61 28.66 -38.69
N THR I 15 7.63 28.34 -39.47
CA THR I 15 8.43 29.37 -40.11
C THR I 15 8.27 29.30 -41.62
N GLY I 16 8.34 30.47 -42.25
CA GLY I 16 8.21 30.57 -43.69
C GLY I 16 9.11 31.67 -44.22
N LYS I 17 9.08 31.87 -45.54
CA LYS I 17 9.91 32.91 -46.15
C LYS I 17 9.62 34.29 -45.57
N ASP I 18 10.57 34.80 -44.80
CA ASP I 18 10.43 36.12 -44.17
C ASP I 18 9.13 36.25 -43.38
N CYS I 19 8.76 35.17 -42.70
CA CYS I 19 7.53 35.15 -41.92
C CYS I 19 7.48 33.97 -40.95
N VAL I 20 6.59 34.07 -39.98
CA VAL I 20 6.38 33.04 -38.98
C VAL I 20 4.88 33.01 -38.74
N ALA I 21 4.36 31.85 -38.37
CA ALA I 21 2.93 31.74 -38.11
C ALA I 21 2.72 30.93 -36.84
N ILE I 22 1.77 31.35 -36.02
CA ILE I 22 1.47 30.64 -34.79
C ILE I 22 -0.04 30.52 -34.66
N ALA I 23 -0.53 29.31 -34.40
CA ALA I 23 -1.97 29.11 -34.27
C ALA I 23 -2.34 28.28 -33.05
N CYS I 24 -3.58 28.43 -32.61
CA CYS I 24 -4.05 27.69 -31.44
C CYS I 24 -5.55 27.46 -31.57
N ASP I 25 -6.07 26.46 -30.85
CA ASP I 25 -7.50 26.19 -30.86
C ASP I 25 -8.11 27.16 -29.84
N LEU I 26 -9.42 27.08 -29.62
CA LEU I 26 -10.05 28.00 -28.69
C LEU I 26 -10.77 27.32 -27.54
N ARG I 27 -10.61 26.01 -27.42
CA ARG I 27 -11.28 25.28 -26.36
C ARG I 27 -10.66 25.43 -24.96
N LEU I 28 -11.53 25.35 -23.95
CA LEU I 28 -11.16 25.39 -22.55
C LEU I 28 -12.23 24.48 -21.99
N GLY I 29 -11.83 23.35 -21.45
CA GLY I 29 -12.84 22.47 -20.89
C GLY I 29 -12.41 22.04 -19.52
N SER I 30 -13.27 21.32 -18.84
CA SER I 30 -12.95 20.79 -17.53
C SER I 30 -13.17 19.29 -17.71
N GLN I 31 -12.15 18.64 -18.23
CA GLN I 31 -12.20 17.22 -18.51
C GLN I 31 -13.09 17.09 -19.73
N SER I 32 -14.12 16.25 -19.66
CA SER I 32 -15.00 16.04 -20.80
C SER I 32 -15.94 17.22 -21.06
N LEU I 33 -16.21 18.01 -20.02
CA LEU I 33 -17.11 19.15 -20.14
C LEU I 33 -16.48 20.36 -20.81
N GLY I 34 -16.99 20.72 -21.98
CA GLY I 34 -16.50 21.90 -22.65
C GLY I 34 -17.00 23.09 -21.86
N VAL I 35 -16.15 24.10 -21.65
CA VAL I 35 -16.57 25.27 -20.88
C VAL I 35 -16.55 26.58 -21.65
N SER I 36 -15.52 26.76 -22.48
CA SER I 36 -15.42 27.97 -23.27
C SER I 36 -14.88 27.70 -24.65
N ASN I 37 -15.40 28.43 -25.63
CA ASN I 37 -15.00 28.32 -27.03
C ASN I 37 -14.27 29.59 -27.47
N LYS I 38 -13.92 30.43 -26.50
CA LYS I 38 -13.24 31.66 -26.81
C LYS I 38 -11.92 31.84 -26.05
N PHE I 39 -11.38 30.75 -25.54
CA PHE I 39 -10.14 30.83 -24.79
C PHE I 39 -8.97 30.81 -25.76
N GLU I 40 -8.41 31.98 -26.04
CA GLU I 40 -7.28 32.05 -26.95
C GLU I 40 -6.01 31.73 -26.16
N LYS I 41 -5.04 31.12 -26.82
CA LYS I 41 -3.81 30.73 -26.16
C LYS I 41 -2.60 31.40 -26.78
N ILE I 42 -2.85 32.47 -27.52
CA ILE I 42 -1.77 33.23 -28.16
C ILE I 42 -1.82 34.67 -27.67
N PHE I 43 -0.71 35.14 -27.14
CA PHE I 43 -0.60 36.50 -26.64
C PHE I 43 0.63 37.09 -27.31
N HIS I 44 0.82 38.40 -27.15
CA HIS I 44 1.98 39.03 -27.73
C HIS I 44 2.39 40.23 -26.90
N TYR I 45 3.67 40.51 -26.91
CA TYR I 45 4.26 41.61 -26.18
C TYR I 45 5.13 42.29 -27.22
N GLY I 46 4.62 43.38 -27.79
CA GLY I 46 5.35 44.07 -28.82
C GLY I 46 5.13 43.26 -30.09
N HIS I 47 6.23 42.83 -30.71
CA HIS I 47 6.12 42.03 -31.92
C HIS I 47 6.50 40.60 -31.64
N VAL I 48 6.52 40.22 -30.37
CA VAL I 48 6.87 38.86 -30.01
C VAL I 48 5.59 38.16 -29.59
N PHE I 49 5.37 36.96 -30.13
CA PHE I 49 4.16 36.20 -29.83
C PHE I 49 4.38 34.95 -28.99
N LEU I 50 3.48 34.75 -28.03
CA LEU I 50 3.58 33.61 -27.13
C LEU I 50 2.31 32.79 -27.02
N GLY I 51 2.43 31.48 -27.24
CA GLY I 51 1.29 30.59 -27.13
C GLY I 51 1.53 29.72 -25.89
N ILE I 52 0.49 29.50 -25.09
CA ILE I 52 0.64 28.68 -23.89
C ILE I 52 -0.44 27.60 -23.80
N THR I 53 -0.06 26.33 -23.83
CA THR I 53 -1.03 25.26 -23.70
C THR I 53 -0.79 24.69 -22.31
N GLY I 54 -1.78 24.00 -21.76
CA GLY I 54 -1.62 23.44 -20.43
C GLY I 54 -2.70 23.86 -19.45
N LEU I 55 -2.37 23.89 -18.17
CA LEU I 55 -3.33 24.27 -17.14
C LEU I 55 -3.74 25.73 -17.31
N ALA I 56 -4.98 25.94 -17.77
CA ALA I 56 -5.52 27.29 -18.02
C ALA I 56 -5.15 28.37 -17.00
N THR I 57 -5.28 28.06 -15.71
CA THR I 57 -4.94 29.05 -14.69
C THR I 57 -3.48 29.50 -14.87
N ASP I 58 -2.60 28.54 -15.14
CA ASP I 58 -1.20 28.85 -15.37
C ASP I 58 -0.99 29.62 -16.65
N VAL I 59 -1.78 29.29 -17.68
CA VAL I 59 -1.70 29.98 -18.96
C VAL I 59 -1.99 31.47 -18.71
N THR I 60 -3.09 31.71 -17.99
CA THR I 60 -3.50 33.06 -17.65
C THR I 60 -2.39 33.75 -16.84
N THR I 61 -1.93 33.08 -15.79
CA THR I 61 -0.89 33.61 -14.91
C THR I 61 0.40 33.95 -15.63
N LEU I 62 0.92 33.01 -16.41
CA LEU I 62 2.15 33.27 -17.12
C LEU I 62 2.01 34.45 -18.06
N ASN I 63 0.86 34.56 -18.71
CA ASN I 63 0.66 35.68 -19.62
C ASN I 63 0.68 37.00 -18.86
N GLU I 64 0.06 37.01 -17.70
CA GLU I 64 0.04 38.21 -16.88
C GLU I 64 1.48 38.50 -16.44
N MET I 65 2.23 37.44 -16.14
CA MET I 65 3.62 37.61 -15.72
C MET I 65 4.51 38.19 -16.82
N PHE I 66 4.45 37.61 -18.01
CA PHE I 66 5.25 38.09 -19.13
C PHE I 66 4.84 39.47 -19.61
N ARG I 67 3.57 39.81 -19.45
CA ARG I 67 3.12 41.15 -19.85
C ARG I 67 3.94 42.05 -18.95
N TYR I 68 3.72 41.85 -17.65
CA TYR I 68 4.42 42.55 -16.57
C TYR I 68 5.93 42.72 -16.82
N LYS I 69 6.63 41.61 -17.04
CA LYS I 69 8.07 41.64 -17.25
C LYS I 69 8.53 42.36 -18.50
N THR I 70 7.87 42.11 -19.62
CA THR I 70 8.25 42.78 -20.86
C THR I 70 7.98 44.27 -20.75
N ASN I 71 6.96 44.65 -20.01
CA ASN I 71 6.65 46.05 -19.82
C ASN I 71 7.80 46.77 -19.12
N LEU I 72 8.27 46.19 -18.01
CA LEU I 72 9.39 46.77 -17.26
C LEU I 72 10.64 46.68 -18.11
N TYR I 73 10.70 45.71 -19.00
CA TYR I 73 11.86 45.58 -19.88
C TYR I 73 11.92 46.72 -20.88
N LYS I 74 10.78 47.02 -21.51
CA LYS I 74 10.72 48.09 -22.48
C LYS I 74 11.12 49.41 -21.82
N LEU I 75 10.55 49.68 -20.65
CA LEU I 75 10.84 50.92 -19.93
C LEU I 75 12.34 51.13 -19.69
N LYS I 76 13.05 50.06 -19.36
CA LYS I 76 14.47 50.16 -19.09
C LYS I 76 15.34 50.14 -20.34
N GLU I 77 15.13 49.12 -21.18
CA GLU I 77 15.88 48.98 -22.40
C GLU I 77 15.50 50.07 -23.39
N GLU I 78 14.31 50.64 -23.19
CA GLU I 78 13.77 51.67 -24.08
C GLU I 78 13.63 51.17 -25.51
N ARG I 79 13.31 49.88 -25.63
CA ARG I 79 13.09 49.22 -26.91
C ARG I 79 12.27 47.98 -26.61
N ALA I 80 11.61 47.43 -27.62
CA ALA I 80 10.78 46.25 -27.41
C ALA I 80 11.61 44.98 -27.40
N ILE I 81 11.28 44.07 -26.49
CA ILE I 81 11.99 42.80 -26.34
C ILE I 81 11.95 42.00 -27.66
N GLU I 82 13.04 41.28 -27.95
CA GLU I 82 13.13 40.47 -29.17
C GLU I 82 12.77 39.01 -28.93
N PRO I 83 12.49 38.26 -30.01
CA PRO I 83 12.14 36.86 -29.87
C PRO I 83 13.18 36.08 -29.09
N GLU I 84 14.39 36.03 -29.62
CA GLU I 84 15.49 35.30 -28.98
C GLU I 84 15.61 35.64 -27.50
N THR I 85 15.59 36.93 -27.20
CA THR I 85 15.71 37.38 -25.82
C THR I 85 14.52 36.91 -25.01
N PHE I 86 13.33 37.10 -25.56
CA PHE I 86 12.12 36.71 -24.84
C PHE I 86 12.18 35.24 -24.47
N THR I 87 12.56 34.42 -25.44
CA THR I 87 12.67 32.99 -25.26
C THR I 87 13.50 32.69 -24.03
N GLN I 88 14.61 33.41 -23.88
CA GLN I 88 15.49 33.24 -22.74
C GLN I 88 14.81 33.68 -21.45
N LEU I 89 13.97 34.70 -21.53
CA LEU I 89 13.27 35.19 -20.36
C LEU I 89 12.26 34.14 -19.93
N VAL I 90 11.58 33.56 -20.91
CA VAL I 90 10.59 32.54 -20.61
C VAL I 90 11.26 31.37 -19.90
N SER I 91 12.39 30.96 -20.45
CA SER I 91 13.16 29.86 -19.91
C SER I 91 13.54 30.09 -18.46
N SER I 92 14.26 31.16 -18.20
CA SER I 92 14.67 31.43 -16.83
C SER I 92 13.46 31.58 -15.92
N SER I 93 12.39 32.18 -16.42
CA SER I 93 11.19 32.36 -15.62
C SER I 93 10.59 31.03 -15.22
N LEU I 94 10.57 30.09 -16.15
CA LEU I 94 10.00 28.78 -15.85
C LEU I 94 10.90 27.95 -14.94
N TYR I 95 12.20 27.95 -15.24
CA TYR I 95 13.13 27.16 -14.44
C TYR I 95 13.19 27.64 -13.00
N GLU I 96 12.78 28.88 -12.80
CA GLU I 96 12.79 29.46 -11.48
C GLU I 96 11.77 28.78 -10.57
N ARG I 97 10.87 27.99 -11.16
CA ARG I 97 9.86 27.27 -10.39
C ARG I 97 10.13 25.78 -10.51
N ARG I 98 11.37 25.44 -10.87
CA ARG I 98 11.79 24.04 -11.06
C ARG I 98 11.10 22.96 -10.23
N PHE I 99 10.94 23.20 -8.93
CA PHE I 99 10.34 22.19 -8.07
C PHE I 99 8.93 22.53 -7.61
N GLY I 100 8.18 23.13 -8.51
CA GLY I 100 6.81 23.53 -8.26
C GLY I 100 6.45 24.34 -9.49
N PRO I 101 6.67 23.75 -10.68
CA PRO I 101 6.44 24.33 -12.00
C PRO I 101 5.03 24.62 -12.40
N TYR I 102 4.93 25.52 -13.38
CA TYR I 102 3.66 25.88 -13.96
C TYR I 102 3.48 24.78 -15.00
N PHE I 103 2.29 24.20 -15.07
CA PHE I 103 2.00 23.13 -16.00
C PHE I 103 1.58 23.65 -17.35
N VAL I 104 2.54 24.17 -18.10
CA VAL I 104 2.30 24.76 -19.40
C VAL I 104 3.34 24.32 -20.43
N GLY I 105 3.02 24.54 -21.70
CA GLY I 105 3.92 24.21 -22.78
C GLY I 105 4.03 25.41 -23.71
N PRO I 106 4.86 26.41 -23.35
CA PRO I 106 5.10 27.65 -24.09
C PRO I 106 5.66 27.51 -25.50
N VAL I 107 5.30 28.46 -26.36
CA VAL I 107 5.78 28.48 -27.73
C VAL I 107 5.96 29.93 -28.16
N VAL I 108 7.18 30.28 -28.54
CA VAL I 108 7.51 31.64 -28.97
C VAL I 108 7.65 31.76 -30.50
N ALA I 109 7.14 32.87 -31.02
CA ALA I 109 7.19 33.15 -32.45
C ALA I 109 7.28 34.66 -32.69
N GLY I 110 8.09 35.06 -33.67
CA GLY I 110 8.26 36.46 -33.99
C GLY I 110 9.40 36.64 -34.97
N ILE I 111 9.60 37.87 -35.42
CA ILE I 111 10.68 38.20 -36.36
C ILE I 111 11.60 39.18 -35.66
N ASN I 112 12.90 38.98 -35.78
CA ASN I 112 13.83 39.89 -35.14
C ASN I 112 13.79 41.24 -35.84
N SER I 113 13.14 42.21 -35.23
CA SER I 113 12.98 43.55 -35.78
C SER I 113 14.24 44.11 -36.43
N LYS I 114 15.41 43.67 -35.96
CA LYS I 114 16.64 44.20 -36.51
C LYS I 114 17.27 43.33 -37.60
N SER I 115 17.13 42.01 -37.47
CA SER I 115 17.71 41.10 -38.45
C SER I 115 16.67 40.50 -39.41
N GLY I 116 15.40 40.86 -39.22
CA GLY I 116 14.33 40.36 -40.08
C GLY I 116 14.16 38.85 -40.09
N LYS I 117 15.13 38.15 -39.49
CA LYS I 117 15.16 36.70 -39.40
C LYS I 117 13.98 36.11 -38.62
N PRO I 118 13.31 35.08 -39.18
CA PRO I 118 12.16 34.42 -38.53
C PRO I 118 12.64 33.59 -37.34
N PHE I 119 11.85 33.54 -36.27
CA PHE I 119 12.22 32.80 -35.08
C PHE I 119 11.06 32.20 -34.28
N ILE I 120 11.21 30.91 -33.93
CA ILE I 120 10.22 30.21 -33.11
C ILE I 120 10.96 29.27 -32.15
N ALA I 121 10.32 28.97 -31.04
CA ALA I 121 10.91 28.08 -30.05
C ALA I 121 9.88 27.50 -29.07
N GLY I 122 10.20 26.33 -28.51
CA GLY I 122 9.32 25.70 -27.57
C GLY I 122 10.05 25.30 -26.31
N PHE I 123 9.33 25.13 -25.20
CA PHE I 123 9.95 24.72 -23.95
C PHE I 123 9.04 23.71 -23.26
N ASP I 124 9.62 22.90 -22.37
CA ASP I 124 8.81 21.96 -21.60
C ASP I 124 8.34 22.75 -20.36
N LEU I 125 7.56 22.13 -19.49
CA LEU I 125 7.03 22.83 -18.30
C LEU I 125 8.07 23.46 -17.36
N ILE I 126 9.31 22.97 -17.39
CA ILE I 126 10.35 23.52 -16.51
C ILE I 126 11.40 24.37 -17.22
N GLY I 127 11.15 24.77 -18.47
CA GLY I 127 12.09 25.65 -19.16
C GLY I 127 13.04 25.19 -20.25
N CYS I 128 13.20 23.88 -20.48
CA CYS I 128 14.12 23.43 -21.54
C CYS I 128 13.70 23.93 -22.93
N ILE I 129 14.60 24.66 -23.56
CA ILE I 129 14.35 25.23 -24.88
C ILE I 129 14.52 24.24 -26.04
N ASP I 130 13.64 24.37 -27.03
CA ASP I 130 13.64 23.56 -28.24
C ASP I 130 13.61 24.56 -29.39
N GLU I 131 14.76 24.80 -30.01
CA GLU I 131 14.81 25.75 -31.11
C GLU I 131 14.98 25.07 -32.46
N ALA I 132 13.85 24.85 -33.13
CA ALA I 132 13.85 24.21 -34.43
C ALA I 132 13.65 25.33 -35.44
N LYS I 133 13.94 25.03 -36.70
CA LYS I 133 13.77 26.01 -37.75
C LYS I 133 12.38 25.84 -38.38
N ASP I 134 11.92 24.60 -38.49
CA ASP I 134 10.63 24.31 -39.10
C ASP I 134 9.39 24.58 -38.26
N PHE I 135 9.09 23.71 -37.30
CA PHE I 135 7.89 23.87 -36.47
C PHE I 135 8.02 23.47 -35.00
N ILE I 136 7.08 23.97 -34.20
CA ILE I 136 7.01 23.69 -32.77
C ILE I 136 5.56 23.37 -32.45
N VAL I 137 5.33 22.28 -31.73
CA VAL I 137 3.97 21.89 -31.38
C VAL I 137 3.81 21.75 -29.88
N SER I 138 2.57 21.86 -29.40
CA SER I 138 2.32 21.76 -27.98
C SER I 138 0.84 21.58 -27.70
N GLY I 139 0.51 20.80 -26.67
CA GLY I 139 -0.87 20.60 -26.34
C GLY I 139 -1.27 19.15 -26.22
N THR I 140 -2.57 18.92 -26.03
CA THR I 140 -3.13 17.59 -25.89
C THR I 140 -3.20 16.82 -27.21
N ALA I 141 -2.90 17.50 -28.32
CA ALA I 141 -2.91 16.85 -29.62
C ALA I 141 -1.55 17.05 -30.26
N SER I 142 -0.53 17.14 -29.41
CA SER I 142 0.84 17.34 -29.84
C SER I 142 1.35 16.18 -30.70
N ASP I 143 0.82 14.98 -30.45
CA ASP I 143 1.22 13.81 -31.22
C ASP I 143 0.71 13.96 -32.62
N GLN I 144 -0.58 14.31 -32.75
CA GLN I 144 -1.19 14.52 -34.05
C GLN I 144 -0.54 15.70 -34.77
N LEU I 145 -0.33 16.79 -34.04
CA LEU I 145 0.33 17.97 -34.61
C LEU I 145 1.68 17.60 -35.19
N PHE I 146 2.47 16.80 -34.45
CA PHE I 146 3.77 16.38 -34.94
C PHE I 146 3.60 15.67 -36.26
N GLY I 147 2.62 14.79 -36.28
CA GLY I 147 2.34 14.02 -37.49
C GLY I 147 1.92 14.91 -38.64
N MET I 148 0.99 15.82 -38.40
CA MET I 148 0.53 16.71 -39.46
C MET I 148 1.71 17.48 -40.02
N CYS I 149 2.36 18.24 -39.14
CA CYS I 149 3.50 19.05 -39.53
C CYS I 149 4.55 18.28 -40.30
N GLU I 150 5.04 17.19 -39.74
CA GLU I 150 6.07 16.42 -40.39
C GLU I 150 5.78 16.18 -41.88
N SER I 151 4.52 15.92 -42.20
CA SER I 151 4.12 15.67 -43.58
C SER I 151 3.78 16.95 -44.33
N LEU I 152 2.84 17.72 -43.79
CA LEU I 152 2.39 18.95 -44.41
C LEU I 152 3.45 20.03 -44.66
N TYR I 153 4.46 20.09 -43.80
CA TYR I 153 5.48 21.13 -43.89
C TYR I 153 6.53 21.01 -44.98
N GLU I 154 7.04 22.18 -45.39
CA GLU I 154 8.11 22.36 -46.37
C GLU I 154 8.62 23.79 -46.20
N PRO I 155 9.94 23.99 -46.30
CA PRO I 155 10.64 25.28 -46.16
C PRO I 155 10.19 26.45 -47.02
N ASN I 156 10.51 27.65 -46.54
CA ASN I 156 10.21 28.91 -47.24
C ASN I 156 8.83 29.14 -47.83
N LEU I 157 7.79 28.63 -47.19
CA LEU I 157 6.47 28.85 -47.72
C LEU I 157 6.17 30.35 -47.61
N GLU I 158 5.42 30.88 -48.57
CA GLU I 158 5.06 32.28 -48.55
C GLU I 158 3.95 32.45 -47.51
N PRO I 159 3.81 33.65 -46.95
CA PRO I 159 2.78 33.91 -45.96
C PRO I 159 1.40 33.32 -46.28
N GLU I 160 0.94 33.48 -47.51
CA GLU I 160 -0.38 32.98 -47.92
C GLU I 160 -0.42 31.45 -47.95
N ASP I 161 0.72 30.86 -48.27
CA ASP I 161 0.84 29.42 -48.33
C ASP I 161 0.98 28.86 -46.92
N LEU I 162 1.95 29.39 -46.17
CA LEU I 162 2.19 28.94 -44.81
C LEU I 162 0.87 28.92 -44.04
N PHE I 163 0.02 29.90 -44.32
CA PHE I 163 -1.25 29.99 -43.66
C PHE I 163 -2.08 28.72 -43.87
N GLU I 164 -2.25 28.34 -45.13
CA GLU I 164 -3.02 27.14 -45.46
C GLU I 164 -2.41 25.98 -44.71
N THR I 165 -1.09 25.87 -44.80
CA THR I 165 -0.35 24.78 -44.16
C THR I 165 -0.55 24.73 -42.66
N ILE I 166 -0.15 25.77 -41.95
CA ILE I 166 -0.32 25.76 -40.51
C ILE I 166 -1.79 25.51 -40.11
N SER I 167 -2.71 26.10 -40.87
CA SER I 167 -4.15 25.93 -40.59
C SER I 167 -4.64 24.49 -40.70
N GLN I 168 -4.25 23.82 -41.79
CA GLN I 168 -4.66 22.45 -42.00
C GLN I 168 -3.99 21.51 -41.02
N ALA I 169 -2.81 21.90 -40.52
CA ALA I 169 -2.09 21.08 -39.56
C ALA I 169 -2.82 21.19 -38.22
N LEU I 170 -3.17 22.42 -37.84
CA LEU I 170 -3.89 22.65 -36.59
C LEU I 170 -5.25 21.97 -36.63
N LEU I 171 -6.06 22.34 -37.61
CA LEU I 171 -7.39 21.80 -37.77
C LEU I 171 -7.47 20.28 -37.70
N ASN I 172 -6.82 19.60 -38.64
CA ASN I 172 -6.85 18.15 -38.71
C ASN I 172 -6.29 17.39 -37.50
N ALA I 173 -5.45 18.06 -36.71
CA ALA I 173 -4.90 17.42 -35.52
C ALA I 173 -5.93 17.54 -34.41
N ALA I 174 -6.44 18.76 -34.21
CA ALA I 174 -7.43 19.03 -33.17
C ALA I 174 -8.66 18.16 -33.31
N ASP I 175 -8.97 17.74 -34.54
CA ASP I 175 -10.15 16.91 -34.79
C ASP I 175 -9.96 15.47 -34.39
N ARG I 176 -8.72 15.11 -34.06
CA ARG I 176 -8.41 13.76 -33.60
C ARG I 176 -8.13 13.80 -32.09
N ASP I 177 -8.51 14.90 -31.45
CA ASP I 177 -8.31 15.08 -30.02
C ASP I 177 -9.61 15.49 -29.36
N ALA I 178 -10.06 14.68 -28.41
CA ALA I 178 -11.30 14.95 -27.69
C ALA I 178 -11.27 16.27 -26.92
N LEU I 179 -10.08 16.69 -26.49
CA LEU I 179 -9.96 17.90 -25.70
C LEU I 179 -9.59 19.19 -26.46
N SER I 180 -9.48 19.11 -27.78
CA SER I 180 -9.15 20.29 -28.58
C SER I 180 -10.20 20.62 -29.65
N GLY I 181 -10.21 21.88 -30.09
CA GLY I 181 -11.17 22.31 -31.09
C GLY I 181 -12.02 23.49 -30.66
N TRP I 182 -13.32 23.44 -30.98
CA TRP I 182 -14.25 24.51 -30.62
C TRP I 182 -13.80 25.86 -31.18
N GLY I 183 -13.15 25.83 -32.33
CA GLY I 183 -12.69 27.06 -32.92
C GLY I 183 -11.18 27.06 -33.00
N ALA I 184 -10.61 28.04 -33.69
CA ALA I 184 -9.17 28.13 -33.83
C ALA I 184 -8.86 29.50 -34.38
N VAL I 185 -7.64 29.98 -34.13
CA VAL I 185 -7.23 31.28 -34.62
C VAL I 185 -5.77 31.20 -35.09
N VAL I 186 -5.49 31.77 -36.27
CA VAL I 186 -4.15 31.73 -36.84
C VAL I 186 -3.56 33.11 -37.00
N TYR I 187 -2.25 33.21 -36.72
CA TYR I 187 -1.51 34.46 -36.82
C TYR I 187 -0.43 34.36 -37.89
N ILE I 188 -0.46 35.24 -38.88
CA ILE I 188 0.57 35.27 -39.92
C ILE I 188 1.36 36.52 -39.61
N ILE I 189 2.64 36.32 -39.31
CA ILE I 189 3.52 37.41 -38.93
C ILE I 189 4.63 37.71 -39.93
N LYS I 190 4.77 39.00 -40.26
CA LYS I 190 5.78 39.49 -41.19
C LYS I 190 6.45 40.69 -40.54
N LYS I 191 7.64 41.04 -41.00
CA LYS I 191 8.39 42.18 -40.47
C LYS I 191 7.55 43.42 -40.16
N ASP I 192 6.65 43.75 -41.08
CA ASP I 192 5.82 44.94 -40.96
C ASP I 192 4.39 44.73 -40.50
N GLU I 193 3.75 43.63 -40.93
CA GLU I 193 2.36 43.39 -40.52
C GLU I 193 2.05 41.99 -39.96
N VAL I 194 1.00 41.95 -39.13
CA VAL I 194 0.54 40.73 -38.49
C VAL I 194 -0.97 40.57 -38.72
N VAL I 195 -1.35 39.50 -39.40
CA VAL I 195 -2.75 39.22 -39.69
C VAL I 195 -3.26 38.06 -38.82
N LYS I 196 -4.49 38.23 -38.32
CA LYS I 196 -5.12 37.26 -37.45
C LYS I 196 -6.44 36.80 -38.05
N ARG I 197 -6.54 35.51 -38.37
CA ARG I 197 -7.77 34.95 -38.94
C ARG I 197 -8.37 33.83 -38.09
N TYR I 198 -9.69 33.82 -37.96
CA TYR I 198 -10.38 32.76 -37.21
C TYR I 198 -10.87 31.74 -38.21
N LEU I 199 -10.63 30.47 -37.91
CA LEU I 199 -11.03 29.39 -38.80
C LEU I 199 -12.40 28.82 -38.45
N LYS I 200 -13.00 28.14 -39.42
CA LYS I 200 -14.30 27.51 -39.22
C LYS I 200 -14.00 26.03 -39.08
N MET I 201 -14.54 25.41 -38.04
CA MET I 201 -14.29 24.00 -37.83
C MET I 201 -15.45 23.38 -37.09
N ARG I 202 -15.42 22.05 -36.95
CA ARG I 202 -16.48 21.33 -36.24
C ARG I 202 -16.63 21.96 -34.86
N GLN I 203 -17.69 21.61 -34.15
CA GLN I 203 -17.86 22.17 -32.82
C GLN I 203 -18.29 21.07 -31.88
N ASP I 204 -17.70 19.89 -32.05
CA ASP I 204 -18.04 18.73 -31.22
C ASP I 204 -16.84 18.02 -30.57
N MET J 1 -22.03 18.34 -5.24
CA MET J 1 -21.82 19.76 -4.82
C MET J 1 -23.13 20.58 -4.86
N ASP J 2 -23.04 21.84 -4.44
CA ASP J 2 -24.20 22.72 -4.42
C ASP J 2 -24.39 23.28 -5.83
N ILE J 3 -25.58 23.79 -6.11
CA ILE J 3 -25.85 24.36 -7.43
C ILE J 3 -25.51 25.84 -7.45
N ILE J 4 -24.80 26.24 -8.49
CA ILE J 4 -24.40 27.61 -8.69
C ILE J 4 -24.60 27.85 -10.17
N LEU J 5 -25.65 28.59 -10.49
CA LEU J 5 -25.97 28.89 -11.88
C LEU J 5 -25.85 30.37 -12.11
N GLY J 6 -25.56 30.74 -13.35
CA GLY J 6 -25.45 32.14 -13.66
C GLY J 6 -25.79 32.39 -15.10
N ILE J 7 -26.55 33.45 -15.34
CA ILE J 7 -26.92 33.81 -16.69
C ILE J 7 -27.01 35.32 -16.87
N ARG J 8 -26.33 35.79 -17.92
CA ARG J 8 -26.27 37.19 -18.28
C ARG J 8 -27.21 37.51 -19.44
N VAL J 9 -28.29 38.22 -19.13
CA VAL J 9 -29.26 38.61 -20.13
C VAL J 9 -28.93 39.99 -20.69
N GLN J 10 -29.93 40.65 -21.26
CA GLN J 10 -29.76 41.97 -21.85
C GLN J 10 -29.19 43.02 -20.90
N ASP J 11 -29.86 43.25 -19.79
CA ASP J 11 -29.40 44.29 -18.90
C ASP J 11 -29.10 43.89 -17.47
N SER J 12 -28.74 42.63 -17.27
CA SER J 12 -28.43 42.19 -15.92
C SER J 12 -27.90 40.79 -15.87
N VAL J 13 -27.50 40.38 -14.68
CA VAL J 13 -26.97 39.05 -14.44
C VAL J 13 -27.81 38.40 -13.35
N ILE J 14 -28.19 37.15 -13.59
CA ILE J 14 -29.00 36.42 -12.62
C ILE J 14 -28.20 35.26 -12.07
N LEU J 15 -28.21 35.15 -10.74
CA LEU J 15 -27.49 34.08 -10.07
C LEU J 15 -28.46 33.23 -9.26
N ALA J 16 -28.49 31.94 -9.57
CA ALA J 16 -29.36 31.01 -8.86
C ALA J 16 -28.41 30.11 -8.07
N SER J 17 -28.69 29.93 -6.79
CA SER J 17 -27.85 29.11 -5.92
C SER J 17 -28.69 28.29 -4.96
N SER J 18 -28.43 26.98 -4.89
CA SER J 18 -29.19 26.08 -4.01
C SER J 18 -29.15 26.54 -2.57
N LYS J 19 -30.15 26.13 -1.80
CA LYS J 19 -30.26 26.54 -0.42
C LYS J 19 -29.89 25.48 0.60
N ALA J 20 -29.65 24.26 0.14
CA ALA J 20 -29.31 23.19 1.06
C ALA J 20 -27.87 23.23 1.54
N VAL J 21 -27.69 22.82 2.80
CA VAL J 21 -26.37 22.74 3.40
C VAL J 21 -26.38 21.41 4.13
N THR J 22 -25.83 20.39 3.49
CA THR J 22 -25.79 19.05 4.05
C THR J 22 -24.47 18.71 4.67
N ARG J 23 -24.53 18.08 5.84
CA ARG J 23 -23.34 17.65 6.54
C ARG J 23 -23.52 16.19 6.88
N GLY J 24 -22.85 15.36 6.08
CA GLY J 24 -22.93 13.93 6.28
C GLY J 24 -24.26 13.35 5.87
N ILE J 25 -25.01 12.88 6.86
CA ILE J 25 -26.30 12.25 6.62
C ILE J 25 -27.51 13.17 6.78
N SER J 26 -27.33 14.31 7.44
CA SER J 26 -28.45 15.23 7.64
C SER J 26 -28.32 16.54 6.89
N VAL J 27 -29.46 17.09 6.48
CA VAL J 27 -29.51 18.36 5.78
C VAL J 27 -29.72 19.41 6.85
N LEU J 28 -28.62 20.01 7.32
CA LEU J 28 -28.66 21.01 8.38
C LEU J 28 -29.42 22.31 8.15
N LYS J 29 -29.54 22.73 6.90
CA LYS J 29 -30.24 23.98 6.62
C LYS J 29 -30.75 23.96 5.19
N ASP J 30 -31.94 24.51 4.99
CA ASP J 30 -32.54 24.55 3.66
C ASP J 30 -32.85 25.97 3.21
N SER J 31 -32.19 26.93 3.84
CA SER J 31 -32.38 28.34 3.55
C SER J 31 -31.06 29.09 3.41
N ASP J 32 -30.03 28.40 2.96
CA ASP J 32 -28.71 29.01 2.82
C ASP J 32 -28.57 29.95 1.62
N ASP J 33 -27.95 31.10 1.86
CA ASP J 33 -27.73 32.08 0.82
C ASP J 33 -26.23 32.05 0.45
N LYS J 34 -25.89 31.22 -0.54
CA LYS J 34 -24.49 31.05 -0.96
C LYS J 34 -23.97 32.21 -1.80
N THR J 35 -24.13 33.42 -1.28
CA THR J 35 -23.70 34.61 -1.98
C THR J 35 -23.24 35.77 -1.07
N ARG J 36 -22.37 36.62 -1.58
CA ARG J 36 -21.91 37.81 -0.86
C ARG J 36 -21.93 38.94 -1.86
N GLN J 37 -22.20 40.14 -1.38
CA GLN J 37 -22.19 41.31 -2.23
C GLN J 37 -20.86 42.04 -2.04
N LEU J 38 -20.06 42.07 -3.10
CA LEU J 38 -18.76 42.71 -3.02
C LEU J 38 -18.84 44.24 -3.14
N SER J 39 -19.84 44.72 -3.87
CA SER J 39 -20.04 46.16 -4.03
C SER J 39 -21.47 46.33 -4.53
N PRO J 40 -22.03 47.54 -4.40
CA PRO J 40 -23.40 47.78 -4.85
C PRO J 40 -23.81 47.11 -6.16
N HIS J 41 -22.89 47.02 -7.13
CA HIS J 41 -23.23 46.41 -8.40
C HIS J 41 -22.52 45.10 -8.74
N THR J 42 -21.84 44.50 -7.77
CA THR J 42 -21.15 43.25 -7.99
C THR J 42 -21.51 42.19 -6.96
N LEU J 43 -22.00 41.06 -7.45
CA LEU J 43 -22.40 39.93 -6.61
C LEU J 43 -21.62 38.68 -6.94
N MET J 44 -21.24 37.93 -5.91
CA MET J 44 -20.48 36.69 -6.09
C MET J 44 -21.09 35.54 -5.30
N SER J 45 -21.40 34.47 -6.03
CA SER J 45 -21.98 33.25 -5.46
C SER J 45 -20.80 32.28 -5.39
N PHE J 46 -20.90 31.26 -4.53
CA PHE J 46 -19.80 30.33 -4.37
C PHE J 46 -20.24 28.95 -3.88
N ALA J 47 -19.45 27.93 -4.20
CA ALA J 47 -19.75 26.56 -3.77
C ALA J 47 -18.44 25.80 -3.59
N GLY J 48 -18.37 24.99 -2.54
CA GLY J 48 -17.14 24.24 -2.30
C GLY J 48 -16.94 23.72 -0.90
N GLU J 49 -15.67 23.45 -0.58
CA GLU J 49 -15.26 22.92 0.72
C GLU J 49 -15.88 23.63 1.91
N ALA J 50 -16.49 22.84 2.78
CA ALA J 50 -17.15 23.30 4.00
C ALA J 50 -16.79 24.68 4.57
N GLY J 51 -15.63 24.82 5.20
CA GLY J 51 -15.33 26.11 5.77
C GLY J 51 -14.81 27.19 4.83
N ASP J 52 -13.93 26.78 3.92
CA ASP J 52 -13.30 27.67 2.96
C ASP J 52 -14.27 28.51 2.16
N THR J 53 -15.34 27.87 1.72
CA THR J 53 -16.34 28.52 0.92
C THR J 53 -16.70 29.93 1.42
N VAL J 54 -17.29 30.03 2.61
CA VAL J 54 -17.65 31.32 3.18
C VAL J 54 -16.43 32.17 3.54
N GLN J 55 -15.45 31.57 4.21
CA GLN J 55 -14.24 32.29 4.60
C GLN J 55 -13.68 33.07 3.44
N PHE J 56 -13.58 32.41 2.29
CA PHE J 56 -13.06 33.05 1.08
C PHE J 56 -13.98 34.17 0.62
N ALA J 57 -15.27 33.88 0.54
CA ALA J 57 -16.24 34.88 0.13
C ALA J 57 -16.12 36.13 0.99
N GLU J 58 -16.21 35.97 2.31
CA GLU J 58 -16.11 37.11 3.20
C GLU J 58 -14.77 37.81 3.11
N TYR J 59 -13.71 37.05 2.86
CA TYR J 59 -12.38 37.64 2.74
C TYR J 59 -12.37 38.57 1.53
N ILE J 60 -12.87 38.09 0.40
CA ILE J 60 -12.92 38.90 -0.82
C ILE J 60 -13.82 40.12 -0.63
N GLN J 61 -14.99 39.90 -0.04
CA GLN J 61 -15.91 41.00 0.21
C GLN J 61 -15.21 42.11 0.99
N ALA J 62 -14.59 41.76 2.12
CA ALA J 62 -13.89 42.72 2.97
C ALA J 62 -12.88 43.53 2.16
N ASN J 63 -12.06 42.85 1.36
CA ASN J 63 -11.08 43.56 0.55
C ASN J 63 -11.71 44.51 -0.44
N ILE J 64 -12.76 44.08 -1.13
CA ILE J 64 -13.39 44.97 -2.08
C ILE J 64 -13.96 46.21 -1.38
N GLN J 65 -14.63 46.00 -0.26
CA GLN J 65 -15.19 47.14 0.47
C GLN J 65 -14.07 48.11 0.86
N LEU J 66 -12.95 47.57 1.33
CA LEU J 66 -11.81 48.42 1.70
C LEU J 66 -11.36 49.26 0.52
N TYR J 67 -11.23 48.63 -0.65
CA TYR J 67 -10.82 49.35 -1.86
C TYR J 67 -11.80 50.48 -2.15
N SER J 68 -13.10 50.16 -2.08
CA SER J 68 -14.14 51.14 -2.34
C SER J 68 -13.98 52.34 -1.42
N ILE J 69 -13.76 52.11 -0.12
CA ILE J 69 -13.58 53.20 0.82
C ILE J 69 -12.34 54.03 0.46
N ARG J 70 -11.19 53.37 0.39
CA ARG J 70 -9.94 54.06 0.07
C ARG J 70 -10.04 54.98 -1.13
N GLU J 71 -10.54 54.47 -2.25
CA GLU J 71 -10.65 55.26 -3.48
C GLU J 71 -12.00 55.90 -3.76
N ASP J 72 -12.94 55.79 -2.81
CA ASP J 72 -14.28 56.33 -3.02
C ASP J 72 -14.67 56.05 -4.47
N TYR J 73 -14.69 54.77 -4.82
CA TYR J 73 -15.01 54.34 -6.17
C TYR J 73 -15.32 52.85 -6.15
N GLU J 74 -16.10 52.39 -7.14
CA GLU J 74 -16.46 50.98 -7.23
C GLU J 74 -15.73 50.34 -8.41
N LEU J 75 -14.82 49.42 -8.11
CA LEU J 75 -14.05 48.73 -9.14
C LEU J 75 -15.00 48.08 -10.12
N SER J 76 -14.60 48.04 -11.39
CA SER J 76 -15.43 47.43 -12.42
C SER J 76 -15.55 45.93 -12.16
N PRO J 77 -16.64 45.32 -12.64
CA PRO J 77 -16.78 43.88 -12.42
C PRO J 77 -15.52 43.15 -12.86
N GLN J 78 -15.01 43.52 -14.03
CA GLN J 78 -13.82 42.89 -14.56
C GLN J 78 -12.69 42.97 -13.57
N ALA J 79 -12.43 44.18 -13.06
CA ALA J 79 -11.36 44.37 -12.09
C ALA J 79 -11.52 43.40 -10.92
N VAL J 80 -12.70 43.41 -10.30
CA VAL J 80 -12.96 42.54 -9.17
C VAL J 80 -12.68 41.08 -9.46
N SER J 81 -13.07 40.59 -10.63
CA SER J 81 -12.84 39.18 -10.97
C SER J 81 -11.34 38.88 -11.15
N SER J 82 -10.60 39.83 -11.71
CA SER J 82 -9.17 39.63 -11.91
C SER J 82 -8.47 39.57 -10.56
N PHE J 83 -9.02 40.29 -9.59
CA PHE J 83 -8.47 40.31 -8.26
C PHE J 83 -8.75 38.96 -7.64
N VAL J 84 -9.99 38.50 -7.83
CA VAL J 84 -10.40 37.22 -7.29
C VAL J 84 -9.60 36.09 -7.92
N ARG J 85 -9.47 36.09 -9.24
CA ARG J 85 -8.72 35.02 -9.89
C ARG J 85 -7.33 34.98 -9.31
N GLN J 86 -6.71 36.14 -9.11
CA GLN J 86 -5.36 36.16 -8.57
C GLN J 86 -5.31 35.55 -7.19
N GLU J 87 -6.31 35.83 -6.37
CA GLU J 87 -6.35 35.27 -5.04
C GLU J 87 -6.42 33.76 -5.13
N LEU J 88 -7.36 33.22 -5.90
CA LEU J 88 -7.47 31.78 -6.02
C LEU J 88 -6.20 31.18 -6.61
N ALA J 89 -5.65 31.82 -7.63
CA ALA J 89 -4.43 31.32 -8.25
C ALA J 89 -3.27 31.21 -7.27
N LYS J 90 -3.27 32.03 -6.21
CA LYS J 90 -2.22 31.99 -5.19
C LYS J 90 -2.57 30.82 -4.29
N SER J 91 -3.79 30.83 -3.81
CA SER J 91 -4.28 29.79 -2.94
C SER J 91 -4.02 28.38 -3.48
N ILE J 92 -3.99 28.21 -4.79
CA ILE J 92 -3.79 26.87 -5.32
C ILE J 92 -2.42 26.25 -5.00
N ARG J 93 -1.38 27.05 -5.01
CA ARG J 93 -0.05 26.55 -4.71
C ARG J 93 0.37 26.80 -3.26
N SER J 94 -0.60 27.13 -2.39
CA SER J 94 -0.32 27.39 -0.99
C SER J 94 -0.37 26.11 -0.15
N ARG J 95 -0.05 26.23 1.14
CA ARG J 95 -0.05 25.07 2.02
C ARG J 95 -1.38 24.36 2.00
N ARG J 96 -2.46 25.08 2.30
CA ARG J 96 -3.80 24.50 2.26
C ARG J 96 -4.66 25.39 1.37
N PRO J 97 -4.91 24.96 0.13
CA PRO J 97 -5.72 25.70 -0.85
C PRO J 97 -7.20 25.86 -0.53
N TYR J 98 -7.72 27.02 -0.89
CA TYR J 98 -9.13 27.34 -0.72
C TYR J 98 -9.84 26.54 -1.81
N GLN J 99 -10.64 25.56 -1.41
CA GLN J 99 -11.36 24.81 -2.42
C GLN J 99 -12.73 25.46 -2.56
N VAL J 100 -12.77 26.54 -3.33
CA VAL J 100 -13.99 27.28 -3.53
C VAL J 100 -14.13 27.64 -5.01
N ASN J 101 -15.34 27.52 -5.54
CA ASN J 101 -15.60 27.88 -6.92
C ASN J 101 -16.57 29.04 -6.87
N VAL J 102 -16.37 30.04 -7.72
CA VAL J 102 -17.26 31.19 -7.67
C VAL J 102 -17.78 31.67 -9.00
N LEU J 103 -18.89 32.40 -8.92
CA LEU J 103 -19.51 33.02 -10.08
C LEU J 103 -19.60 34.48 -9.70
N ILE J 104 -19.06 35.34 -10.54
CA ILE J 104 -19.15 36.76 -10.22
C ILE J 104 -20.00 37.44 -11.29
N GLY J 105 -21.10 38.03 -10.84
CA GLY J 105 -22.01 38.73 -11.74
C GLY J 105 -22.13 40.16 -11.29
N GLY J 106 -21.85 41.08 -12.21
CA GLY J 106 -21.94 42.49 -11.88
C GLY J 106 -22.37 43.32 -13.07
N TYR J 107 -22.78 44.56 -12.80
CA TYR J 107 -23.21 45.47 -13.85
C TYR J 107 -22.18 46.57 -13.95
N ASP J 108 -21.52 46.66 -15.09
CA ASP J 108 -20.49 47.67 -15.30
C ASP J 108 -21.09 49.02 -15.63
N LYS J 109 -21.33 49.81 -14.60
CA LYS J 109 -21.92 51.14 -14.72
C LYS J 109 -21.24 52.07 -15.74
N LYS J 110 -19.96 51.82 -16.02
CA LYS J 110 -19.25 52.66 -16.98
C LYS J 110 -19.52 52.16 -18.38
N LYS J 111 -19.60 50.84 -18.56
CA LYS J 111 -19.88 50.25 -19.86
C LYS J 111 -21.39 50.07 -20.09
N ASN J 112 -22.15 50.17 -19.00
CA ASN J 112 -23.59 49.99 -19.03
C ASN J 112 -23.97 48.69 -19.69
N LYS J 113 -23.28 47.64 -19.26
CA LYS J 113 -23.48 46.28 -19.75
C LYS J 113 -23.27 45.31 -18.59
N PRO J 114 -24.04 44.22 -18.55
CA PRO J 114 -23.87 43.25 -17.46
C PRO J 114 -22.77 42.27 -17.83
N GLU J 115 -22.06 41.76 -16.82
CA GLU J 115 -20.98 40.81 -17.05
C GLU J 115 -21.04 39.63 -16.05
N LEU J 116 -20.78 38.42 -16.56
CA LEU J 116 -20.78 37.21 -15.74
C LEU J 116 -19.44 36.49 -15.83
N TYR J 117 -18.78 36.33 -14.68
CA TYR J 117 -17.48 35.68 -14.63
C TYR J 117 -17.54 34.35 -13.90
N GLN J 118 -16.85 33.37 -14.45
CA GLN J 118 -16.82 32.05 -13.85
C GLN J 118 -15.36 31.73 -13.50
N ILE J 119 -15.11 31.42 -12.22
CA ILE J 119 -13.76 31.12 -11.77
C ILE J 119 -13.74 29.89 -10.85
N ASP J 120 -12.92 28.89 -11.17
CA ASP J 120 -12.85 27.71 -10.32
C ASP J 120 -11.71 27.87 -9.33
N TYR J 121 -11.67 27.02 -8.31
CA TYR J 121 -10.65 27.12 -7.27
C TYR J 121 -9.20 27.12 -7.76
N LEU J 122 -8.96 26.69 -9.00
CA LEU J 122 -7.59 26.69 -9.52
C LEU J 122 -7.20 28.10 -9.95
N GLY J 123 -8.20 28.97 -10.01
CA GLY J 123 -7.97 30.32 -10.47
C GLY J 123 -8.13 30.32 -11.97
N THR J 124 -9.10 29.54 -12.45
CA THR J 124 -9.38 29.46 -13.89
C THR J 124 -10.57 30.37 -14.14
N LYS J 125 -10.31 31.51 -14.78
CA LYS J 125 -11.38 32.45 -15.06
C LYS J 125 -11.74 32.50 -16.53
N VAL J 126 -13.03 32.66 -16.79
CA VAL J 126 -13.54 32.74 -18.15
C VAL J 126 -14.82 33.55 -18.01
N GLU J 127 -15.14 34.33 -19.04
CA GLU J 127 -16.35 35.15 -19.02
C GLU J 127 -17.41 34.50 -19.90
N LEU J 128 -18.65 34.41 -19.43
CA LEU J 128 -19.67 33.74 -20.21
C LEU J 128 -21.07 34.37 -20.26
N PRO J 129 -21.93 33.87 -21.16
CA PRO J 129 -23.30 34.36 -21.29
C PRO J 129 -24.03 33.69 -20.15
N TYR J 130 -23.56 32.49 -19.81
CA TYR J 130 -24.12 31.70 -18.72
C TYR J 130 -23.11 30.65 -18.28
N GLY J 131 -23.00 30.44 -16.97
CA GLY J 131 -22.05 29.47 -16.45
C GLY J 131 -22.59 28.70 -15.27
N ALA J 132 -21.82 27.72 -14.83
CA ALA J 132 -22.20 26.88 -13.70
C ALA J 132 -20.98 26.13 -13.18
N HIS J 133 -20.97 25.82 -11.90
CA HIS J 133 -19.86 25.09 -11.32
C HIS J 133 -20.28 23.69 -10.88
N GLY J 134 -19.36 22.74 -11.00
CA GLY J 134 -19.64 21.38 -10.64
C GLY J 134 -20.43 20.64 -11.71
N TYR J 135 -21.33 19.76 -11.28
CA TYR J 135 -22.14 18.96 -12.19
C TYR J 135 -23.31 19.76 -12.75
N SER J 136 -23.60 20.87 -12.10
CA SER J 136 -24.71 21.71 -12.52
C SER J 136 -24.73 21.97 -14.03
N GLY J 137 -23.56 22.22 -14.61
CA GLY J 137 -23.47 22.47 -16.02
C GLY J 137 -23.96 21.32 -16.88
N PHE J 138 -23.53 20.10 -16.55
CA PHE J 138 -23.91 18.91 -17.29
C PHE J 138 -25.39 18.77 -17.60
N TYR J 139 -26.25 19.11 -16.65
CA TYR J 139 -27.70 19.00 -16.82
C TYR J 139 -28.35 20.20 -17.50
N THR J 140 -27.79 21.38 -17.26
CA THR J 140 -28.35 22.62 -17.77
C THR J 140 -27.79 23.26 -19.04
N PHE J 141 -26.53 23.00 -19.36
CA PHE J 141 -25.96 23.63 -20.56
C PHE J 141 -26.69 23.34 -21.87
N SER J 142 -27.18 22.11 -22.05
CA SER J 142 -27.85 21.80 -23.29
C SER J 142 -29.10 22.69 -23.43
N LEU J 143 -29.74 23.02 -22.30
CA LEU J 143 -30.92 23.87 -22.34
C LEU J 143 -30.52 25.31 -22.66
N LEU J 144 -29.56 25.84 -21.92
CA LEU J 144 -29.10 27.21 -22.13
C LEU J 144 -28.54 27.36 -23.53
N ASP J 145 -27.69 26.44 -23.96
CA ASP J 145 -27.13 26.50 -25.30
C ASP J 145 -28.28 26.69 -26.28
N HIS J 146 -29.38 25.99 -26.01
CA HIS J 146 -30.55 26.02 -26.87
C HIS J 146 -31.34 27.33 -26.81
N HIS J 147 -31.91 27.64 -25.66
CA HIS J 147 -32.72 28.84 -25.50
C HIS J 147 -32.02 30.16 -25.18
N TYR J 148 -30.71 30.18 -25.05
CA TYR J 148 -30.08 31.45 -24.72
C TYR J 148 -30.04 32.45 -25.85
N ARG J 149 -30.40 33.69 -25.55
CA ARG J 149 -30.38 34.78 -26.51
C ARG J 149 -29.87 36.05 -25.80
N PRO J 150 -28.83 36.70 -26.36
CA PRO J 150 -28.22 37.92 -25.80
C PRO J 150 -29.19 39.03 -25.41
N ASP J 151 -30.25 39.18 -26.20
CA ASP J 151 -31.26 40.23 -25.97
C ASP J 151 -32.40 39.81 -25.06
N MET J 152 -32.29 38.64 -24.44
CA MET J 152 -33.33 38.18 -23.53
C MET J 152 -33.63 39.23 -22.48
N THR J 153 -34.87 39.29 -22.03
CA THR J 153 -35.25 40.25 -21.01
C THR J 153 -35.03 39.57 -19.66
N THR J 154 -34.97 40.35 -18.60
CA THR J 154 -34.76 39.78 -17.28
C THR J 154 -35.83 38.74 -16.97
N GLU J 155 -37.02 38.94 -17.52
CA GLU J 155 -38.10 37.99 -17.27
C GLU J 155 -37.87 36.69 -18.04
N GLU J 156 -37.39 36.79 -19.27
CA GLU J 156 -37.13 35.62 -20.09
C GLU J 156 -36.03 34.81 -19.41
N GLY J 157 -35.03 35.50 -18.91
CA GLY J 157 -33.92 34.84 -18.23
C GLY J 157 -34.42 33.99 -17.10
N LEU J 158 -35.23 34.57 -16.22
CA LEU J 158 -35.76 33.83 -15.09
C LEU J 158 -36.52 32.59 -15.57
N ASP J 159 -37.24 32.73 -16.68
CA ASP J 159 -38.01 31.61 -17.21
C ASP J 159 -37.08 30.48 -17.64
N LEU J 160 -35.97 30.85 -18.28
CA LEU J 160 -34.99 29.87 -18.73
C LEU J 160 -34.37 29.19 -17.51
N LEU J 161 -34.04 29.98 -16.48
CA LEU J 161 -33.46 29.42 -15.26
C LEU J 161 -34.42 28.43 -14.66
N LYS J 162 -35.67 28.87 -14.50
CA LYS J 162 -36.70 28.01 -13.94
C LYS J 162 -36.69 26.68 -14.67
N LEU J 163 -36.58 26.72 -15.98
CA LEU J 163 -36.55 25.51 -16.78
C LEU J 163 -35.36 24.66 -16.35
N CYS J 164 -34.19 25.30 -16.26
CA CYS J 164 -32.95 24.63 -15.86
C CYS J 164 -33.11 23.98 -14.50
N VAL J 165 -33.59 24.76 -13.54
CA VAL J 165 -33.79 24.24 -12.20
C VAL J 165 -34.71 23.03 -12.23
N GLN J 166 -35.69 23.01 -13.12
CA GLN J 166 -36.61 21.88 -13.18
C GLN J 166 -35.90 20.64 -13.68
N GLU J 167 -35.08 20.79 -14.72
CA GLU J 167 -34.32 19.67 -15.26
C GLU J 167 -33.38 19.18 -14.18
N LEU J 168 -32.85 20.11 -13.39
CA LEU J 168 -31.94 19.77 -12.30
C LEU J 168 -32.69 19.01 -11.21
N GLU J 169 -33.91 19.43 -10.93
CA GLU J 169 -34.68 18.75 -9.90
C GLU J 169 -35.09 17.37 -10.37
N LYS J 170 -35.18 17.17 -11.68
CA LYS J 170 -35.59 15.88 -12.21
C LYS J 170 -34.51 14.82 -12.33
N ARG J 171 -33.39 15.17 -12.96
CA ARG J 171 -32.32 14.21 -13.20
C ARG J 171 -31.19 14.15 -12.18
N MET J 172 -31.17 15.08 -11.22
CA MET J 172 -30.11 15.06 -10.24
C MET J 172 -30.52 14.32 -8.97
N PRO J 173 -29.67 13.40 -8.49
CA PRO J 173 -29.85 12.55 -7.32
C PRO J 173 -30.09 13.27 -6.00
N MET J 174 -29.47 14.43 -5.83
CA MET J 174 -29.58 15.16 -4.57
C MET J 174 -30.67 16.22 -4.48
N ASP J 175 -31.21 16.37 -3.28
CA ASP J 175 -32.26 17.35 -3.02
C ASP J 175 -31.52 18.60 -2.58
N PHE J 176 -31.35 19.58 -3.45
CA PHE J 176 -30.65 20.80 -3.06
C PHE J 176 -31.56 21.87 -2.45
N LYS J 177 -32.76 21.45 -2.09
CA LYS J 177 -33.76 22.32 -1.46
C LYS J 177 -34.08 23.62 -2.20
N GLY J 178 -34.11 23.55 -3.54
CA GLY J 178 -34.42 24.73 -4.33
C GLY J 178 -33.33 25.78 -4.35
N VAL J 179 -33.57 26.89 -5.03
CA VAL J 179 -32.56 27.92 -5.12
C VAL J 179 -33.04 29.31 -4.79
N ILE J 180 -32.08 30.19 -4.51
CA ILE J 180 -32.34 31.59 -4.22
C ILE J 180 -31.84 32.31 -5.46
N VAL J 181 -32.64 33.20 -6.00
CA VAL J 181 -32.25 33.93 -7.20
C VAL J 181 -32.04 35.41 -6.93
N LYS J 182 -31.03 35.98 -7.58
CA LYS J 182 -30.75 37.40 -7.41
C LYS J 182 -30.45 38.08 -8.75
N ILE J 183 -30.85 39.33 -8.87
CA ILE J 183 -30.60 40.08 -10.11
C ILE J 183 -29.60 41.20 -9.83
N VAL J 184 -28.68 41.38 -10.75
CA VAL J 184 -27.69 42.45 -10.60
C VAL J 184 -27.87 43.29 -11.87
N ASP J 185 -28.16 44.57 -11.71
CA ASP J 185 -28.34 45.45 -12.87
C ASP J 185 -27.91 46.88 -12.55
N LYS J 186 -28.22 47.78 -13.48
CA LYS J 186 -27.84 49.18 -13.34
C LYS J 186 -28.28 49.78 -12.00
N ASP J 187 -29.32 49.21 -11.41
CA ASP J 187 -29.82 49.73 -10.14
C ASP J 187 -29.35 48.96 -8.91
N GLY J 188 -28.44 48.02 -9.09
CA GLY J 188 -27.94 47.27 -7.95
C GLY J 188 -28.30 45.80 -7.92
N ILE J 189 -28.38 45.27 -6.70
CA ILE J 189 -28.68 43.86 -6.47
C ILE J 189 -29.96 43.67 -5.67
N ARG J 190 -30.86 42.82 -6.17
CA ARG J 190 -32.12 42.52 -5.48
C ARG J 190 -32.41 41.03 -5.60
N GLN J 191 -33.17 40.50 -4.63
CA GLN J 191 -33.49 39.08 -4.59
C GLN J 191 -34.93 38.75 -4.93
N VAL J 192 -35.11 37.91 -5.95
CA VAL J 192 -36.43 37.47 -6.39
C VAL J 192 -37.02 36.56 -5.32
N ASP J 193 -37.61 37.16 -4.28
CA ASP J 193 -38.19 36.40 -3.17
C ASP J 193 -39.33 35.45 -3.55
N ASP J 194 -39.63 35.36 -4.83
CA ASP J 194 -40.71 34.47 -5.29
C ASP J 194 -40.32 33.62 -6.50
N PHE J 195 -39.52 32.60 -6.24
CA PHE J 195 -39.08 31.69 -7.30
C PHE J 195 -39.49 30.27 -6.87
N GLN J 196 -39.98 30.17 -5.63
CA GLN J 196 -40.45 28.90 -5.06
C GLN J 196 -41.67 28.45 -5.86
N ALA J 197 -42.08 29.32 -6.77
CA ALA J 197 -43.22 29.11 -7.65
C ALA J 197 -43.42 30.38 -8.47
N GLN J 198 -42.55 30.58 -9.46
CA GLN J 198 -42.61 31.76 -10.32
C GLN J 198 -43.06 31.35 -11.73
N THR K 1 -23.58 10.28 20.99
CA THR K 1 -23.96 11.57 21.66
C THR K 1 -25.07 12.27 20.91
N THR K 2 -25.98 12.89 21.65
CA THR K 2 -27.07 13.62 21.03
C THR K 2 -27.25 14.97 21.73
N THR K 3 -27.23 16.04 20.94
CA THR K 3 -27.40 17.39 21.47
C THR K 3 -28.31 18.17 20.53
N LEU K 4 -29.17 18.99 21.12
CA LEU K 4 -30.06 19.81 20.32
C LEU K 4 -30.26 21.17 20.96
N ALA K 5 -30.75 22.10 20.16
CA ALA K 5 -31.03 23.44 20.63
C ALA K 5 -31.97 24.07 19.61
N PHE K 6 -33.01 24.73 20.10
CA PHE K 6 -33.94 25.38 19.21
C PHE K 6 -34.47 26.67 19.80
N ARG K 7 -34.84 27.56 18.88
CA ARG K 7 -35.36 28.89 19.18
C ARG K 7 -36.88 28.88 19.20
N PHE K 8 -37.47 29.72 20.05
CA PHE K 8 -38.93 29.82 20.14
C PHE K 8 -39.33 31.08 20.87
N GLN K 9 -40.62 31.36 20.88
CA GLN K 9 -41.15 32.52 21.56
C GLN K 9 -40.41 32.80 22.88
N GLY K 10 -40.34 31.81 23.76
CA GLY K 10 -39.70 32.02 25.04
C GLY K 10 -38.19 31.87 25.15
N GLY K 11 -37.47 32.17 24.09
CA GLY K 11 -36.01 32.06 24.13
C GLY K 11 -35.43 30.82 23.44
N ILE K 12 -34.46 30.20 24.08
CA ILE K 12 -33.83 29.02 23.50
C ILE K 12 -33.87 27.84 24.46
N ILE K 13 -34.04 26.65 23.90
CA ILE K 13 -34.06 25.42 24.69
C ILE K 13 -32.85 24.59 24.29
N VAL K 14 -32.12 24.09 25.28
CA VAL K 14 -30.94 23.29 24.99
C VAL K 14 -31.06 21.96 25.72
N ALA K 15 -30.89 20.88 24.96
CA ALA K 15 -30.97 19.53 25.52
C ALA K 15 -29.84 18.66 24.98
N VAL K 16 -29.19 17.93 25.88
CA VAL K 16 -28.08 17.06 25.51
C VAL K 16 -28.17 15.75 26.28
N ASP K 17 -27.44 14.71 25.84
CA ASP K 17 -27.47 13.45 26.57
C ASP K 17 -26.24 13.48 27.46
N SER K 18 -25.83 12.36 28.05
CA SER K 18 -24.67 12.41 28.93
C SER K 18 -23.78 11.19 28.93
N ARG K 19 -23.79 10.44 27.84
CA ARG K 19 -22.97 9.23 27.73
C ARG K 19 -21.65 9.51 27.02
N ALA K 20 -20.58 8.96 27.57
CA ALA K 20 -19.26 9.12 27.00
C ALA K 20 -18.73 7.75 26.61
N THR K 21 -18.54 7.54 25.30
CA THR K 21 -18.07 6.25 24.82
C THR K 21 -16.78 6.27 24.01
N ALA K 22 -15.96 5.26 24.26
CA ALA K 22 -14.71 5.05 23.54
C ALA K 22 -15.01 3.70 22.88
N GLY K 23 -15.71 3.75 21.75
CA GLY K 23 -16.08 2.54 21.05
C GLY K 23 -17.36 2.04 21.67
N ASN K 24 -17.40 0.76 22.03
CA ASN K 24 -18.58 0.19 22.65
C ASN K 24 -18.45 0.40 24.15
N TRP K 25 -17.30 0.91 24.57
CA TRP K 25 -17.05 1.15 25.97
C TRP K 25 -17.74 2.41 26.48
N VAL K 26 -18.61 2.25 27.47
CA VAL K 26 -19.32 3.36 28.05
C VAL K 26 -18.45 3.91 29.18
N ALA K 27 -17.67 4.94 28.87
CA ALA K 27 -16.78 5.54 29.85
C ALA K 27 -17.53 6.19 31.01
N SER K 28 -18.61 6.88 30.68
CA SER K 28 -19.42 7.52 31.70
C SER K 28 -20.82 7.79 31.18
N GLN K 29 -21.76 7.89 32.12
CA GLN K 29 -23.16 8.15 31.77
C GLN K 29 -23.54 9.46 32.43
N THR K 30 -22.61 9.99 33.22
CA THR K 30 -22.83 11.20 33.98
C THR K 30 -22.01 12.39 33.52
N VAL K 31 -21.89 12.55 32.22
CA VAL K 31 -21.07 13.61 31.68
C VAL K 31 -21.79 14.91 31.30
N LYS K 32 -21.09 16.05 31.44
CA LYS K 32 -21.66 17.36 31.10
C LYS K 32 -21.31 17.76 29.69
N LYS K 33 -22.30 17.73 28.81
CA LYS K 33 -22.06 18.08 27.42
C LYS K 33 -22.49 19.50 27.07
N VAL K 34 -22.79 20.31 28.09
CA VAL K 34 -23.17 21.70 27.85
C VAL K 34 -22.14 22.57 28.52
N ILE K 35 -21.39 23.33 27.75
CA ILE K 35 -20.39 24.20 28.33
C ILE K 35 -21.02 25.55 28.67
N GLU K 36 -20.94 25.91 29.95
CA GLU K 36 -21.49 27.18 30.41
C GLU K 36 -20.42 28.24 30.17
N ILE K 37 -20.41 28.73 28.94
CA ILE K 37 -19.45 29.74 28.52
C ILE K 37 -19.44 30.84 29.54
N ASN K 38 -20.64 31.37 29.82
CA ASN K 38 -20.85 32.40 30.83
C ASN K 38 -22.36 32.45 31.06
N PRO K 39 -22.81 33.19 32.08
CA PRO K 39 -24.21 33.34 32.45
C PRO K 39 -25.22 33.60 31.33
N PHE K 40 -24.76 33.99 30.15
CA PHE K 40 -25.69 34.28 29.05
C PHE K 40 -25.48 33.41 27.83
N LEU K 41 -24.32 32.77 27.76
CA LEU K 41 -23.98 31.94 26.64
C LEU K 41 -23.80 30.46 26.95
N LEU K 42 -24.38 29.62 26.09
CA LEU K 42 -24.28 28.17 26.24
C LEU K 42 -23.70 27.49 25.00
N GLY K 43 -22.81 26.53 25.20
CA GLY K 43 -22.23 25.80 24.08
C GLY K 43 -22.49 24.31 24.25
N THR K 44 -22.76 23.61 23.14
CA THR K 44 -23.01 22.18 23.21
C THR K 44 -21.78 21.38 22.79
N MET K 45 -21.55 20.26 23.47
CA MET K 45 -20.40 19.41 23.21
C MET K 45 -20.72 18.18 22.36
N ALA K 46 -20.04 18.05 21.24
CA ALA K 46 -20.24 16.91 20.33
C ALA K 46 -18.96 16.72 19.54
N GLY K 47 -18.51 15.49 19.39
CA GLY K 47 -17.27 15.25 18.67
C GLY K 47 -16.15 15.01 19.67
N GLY K 48 -15.08 15.78 19.59
CA GLY K 48 -13.99 15.60 20.53
C GLY K 48 -14.23 16.34 21.83
N ALA K 49 -14.29 15.61 22.93
CA ALA K 49 -14.52 16.23 24.23
C ALA K 49 -13.49 17.32 24.50
N ALA K 50 -12.24 16.93 24.56
CA ALA K 50 -11.17 17.88 24.82
C ALA K 50 -11.36 19.13 23.97
N ASP K 51 -11.44 18.96 22.65
CA ASP K 51 -11.60 20.09 21.73
C ASP K 51 -12.74 21.02 22.08
N CYS K 52 -13.96 20.49 22.25
CA CYS K 52 -15.11 21.33 22.60
C CYS K 52 -14.89 21.98 23.96
N GLN K 53 -14.62 21.16 24.96
CA GLN K 53 -14.40 21.63 26.33
C GLN K 53 -13.32 22.72 26.41
N PHE K 54 -12.11 22.39 25.98
CA PHE K 54 -11.01 23.34 26.02
C PHE K 54 -11.30 24.61 25.23
N TRP K 55 -11.65 24.47 23.95
CA TRP K 55 -11.89 25.64 23.11
C TRP K 55 -13.09 26.50 23.42
N GLU K 56 -14.10 25.92 24.04
CA GLU K 56 -15.26 26.73 24.39
C GLU K 56 -14.98 27.46 25.69
N THR K 57 -14.20 26.85 26.58
CA THR K 57 -13.85 27.50 27.84
C THR K 57 -12.98 28.70 27.45
N TRP K 58 -12.10 28.49 26.48
CA TRP K 58 -11.24 29.55 25.99
C TRP K 58 -12.17 30.65 25.47
N LEU K 59 -13.16 30.25 24.65
CA LEU K 59 -14.09 31.22 24.09
C LEU K 59 -14.60 32.10 25.21
N GLY K 60 -14.96 31.49 26.33
CA GLY K 60 -15.46 32.24 27.47
C GLY K 60 -14.49 33.34 27.84
N SER K 61 -13.22 32.98 28.04
CA SER K 61 -12.21 33.97 28.38
C SER K 61 -12.23 35.11 27.36
N GLN K 62 -12.41 34.75 26.09
CA GLN K 62 -12.43 35.75 25.04
C GLN K 62 -13.62 36.69 25.13
N CYS K 63 -14.79 36.16 25.47
CA CYS K 63 -15.99 36.99 25.59
C CYS K 63 -15.79 37.97 26.73
N ARG K 64 -15.38 37.45 27.88
CA ARG K 64 -15.13 38.27 29.06
C ARG K 64 -14.24 39.47 28.72
N LEU K 65 -13.19 39.21 27.94
CA LEU K 65 -12.26 40.24 27.52
C LEU K 65 -12.95 41.24 26.60
N HIS K 66 -13.80 40.75 25.69
CA HIS K 66 -14.50 41.65 24.78
C HIS K 66 -15.32 42.62 25.61
N GLU K 67 -16.07 42.08 26.56
CA GLU K 67 -16.90 42.89 27.41
C GLU K 67 -16.11 43.88 28.28
N LEU K 68 -14.93 43.48 28.78
CA LEU K 68 -14.16 44.42 29.58
C LEU K 68 -13.69 45.56 28.71
N ARG K 69 -13.37 45.22 27.47
CA ARG K 69 -12.85 46.18 26.50
C ARG K 69 -13.88 47.13 25.89
N GLU K 70 -15.04 46.59 25.52
CA GLU K 70 -16.08 47.36 24.89
C GLU K 70 -17.21 47.77 25.82
N LYS K 71 -17.08 47.41 27.09
CA LYS K 71 -18.10 47.76 28.07
C LYS K 71 -19.49 47.46 27.55
N GLU K 72 -19.62 46.39 26.79
CA GLU K 72 -20.90 45.97 26.23
C GLU K 72 -20.97 44.47 25.96
N ARG K 73 -22.01 43.84 26.47
CA ARG K 73 -22.26 42.42 26.32
C ARG K 73 -22.09 41.94 24.87
N ILE K 74 -21.12 41.05 24.65
CA ILE K 74 -20.83 40.51 23.31
C ILE K 74 -22.04 39.86 22.62
N SER K 75 -22.12 39.99 21.30
CA SER K 75 -23.24 39.41 20.56
C SER K 75 -22.99 37.96 20.25
N VAL K 76 -24.06 37.17 20.17
CA VAL K 76 -23.93 35.75 19.89
C VAL K 76 -23.26 35.57 18.54
N ALA K 77 -23.48 36.52 17.65
CA ALA K 77 -22.88 36.45 16.33
C ALA K 77 -21.37 36.56 16.45
N ALA K 78 -20.92 37.45 17.33
CA ALA K 78 -19.50 37.67 17.53
C ALA K 78 -18.84 36.57 18.34
N ALA K 79 -19.49 36.17 19.42
CA ALA K 79 -18.93 35.12 20.26
C ALA K 79 -18.72 33.85 19.45
N SER K 80 -19.70 33.53 18.62
CA SER K 80 -19.64 32.33 17.78
C SER K 80 -18.56 32.43 16.71
N LYS K 81 -18.37 33.62 16.14
CA LYS K 81 -17.36 33.78 15.09
C LYS K 81 -15.95 33.70 15.66
N ILE K 82 -15.80 34.04 16.94
CA ILE K 82 -14.49 33.96 17.59
C ILE K 82 -14.10 32.48 17.53
N LEU K 83 -15.02 31.62 17.97
CA LEU K 83 -14.77 30.18 17.97
C LEU K 83 -14.50 29.71 16.55
N SER K 84 -15.49 29.93 15.70
CA SER K 84 -15.43 29.57 14.29
C SER K 84 -14.09 29.90 13.65
N ASN K 85 -13.68 31.16 13.77
CA ASN K 85 -12.42 31.61 13.18
C ASN K 85 -11.20 30.91 13.77
N LEU K 86 -11.23 30.63 15.08
CA LEU K 86 -10.14 29.94 15.75
C LEU K 86 -10.08 28.55 15.15
N VAL K 87 -11.19 27.85 15.25
CA VAL K 87 -11.30 26.50 14.72
C VAL K 87 -10.80 26.44 13.26
N TYR K 88 -11.21 27.42 12.45
CA TYR K 88 -10.79 27.44 11.06
C TYR K 88 -9.28 27.52 10.92
N GLN K 89 -8.64 28.20 11.88
CA GLN K 89 -7.19 28.34 11.87
C GLN K 89 -6.55 26.95 11.88
N TYR K 90 -7.19 26.02 12.57
CA TYR K 90 -6.67 24.68 12.68
C TYR K 90 -7.17 23.72 11.63
N LYS K 91 -8.04 24.18 10.74
CA LYS K 91 -8.60 23.30 9.70
C LYS K 91 -7.50 22.41 9.16
N GLY K 92 -7.75 21.10 9.17
CA GLY K 92 -6.77 20.14 8.69
C GLY K 92 -6.01 19.43 9.79
N ALA K 93 -5.75 20.11 10.90
CA ALA K 93 -5.01 19.54 12.02
C ALA K 93 -5.66 18.36 12.74
N GLY K 94 -6.96 18.16 12.58
CA GLY K 94 -7.57 17.04 13.26
C GLY K 94 -8.59 17.38 14.34
N LEU K 95 -8.77 18.66 14.65
CA LEU K 95 -9.75 19.05 15.65
C LEU K 95 -11.08 18.44 15.26
N SER K 96 -11.82 17.94 16.25
CA SER K 96 -13.12 17.34 15.99
C SER K 96 -14.19 17.94 16.86
N MET K 97 -15.12 18.67 16.25
CA MET K 97 -16.20 19.27 17.03
C MET K 97 -17.37 19.84 16.23
N GLY K 98 -18.57 19.54 16.71
CA GLY K 98 -19.80 20.00 16.12
C GLY K 98 -20.46 20.67 17.31
N THR K 99 -20.74 21.97 17.22
CA THR K 99 -21.28 22.64 18.37
C THR K 99 -22.31 23.72 18.08
N MET K 100 -23.15 23.98 19.08
CA MET K 100 -24.16 25.02 19.02
C MET K 100 -23.81 26.07 20.05
N ILE K 101 -23.61 27.30 19.58
CA ILE K 101 -23.31 28.43 20.45
C ILE K 101 -24.65 29.16 20.53
N CYS K 102 -25.29 29.07 21.70
CA CYS K 102 -26.60 29.65 21.95
C CYS K 102 -26.58 30.87 22.87
N GLY K 103 -27.29 31.91 22.46
CA GLY K 103 -27.35 33.11 23.28
C GLY K 103 -28.61 33.94 23.05
N TYR K 104 -28.87 34.87 23.97
CA TYR K 104 -30.05 35.72 23.86
C TYR K 104 -29.66 37.15 24.18
N THR K 105 -29.37 37.93 23.16
CA THR K 105 -28.99 39.33 23.36
C THR K 105 -30.13 40.24 22.94
N ARG K 106 -30.24 41.35 23.65
CA ARG K 106 -31.28 42.33 23.38
C ARG K 106 -31.23 42.71 21.91
N LYS K 107 -30.03 42.85 21.40
CA LYS K 107 -29.80 43.23 20.01
C LYS K 107 -30.19 42.15 19.00
N GLU K 108 -29.97 40.88 19.34
CA GLU K 108 -30.26 39.76 18.43
C GLU K 108 -31.47 38.89 18.81
N GLY K 109 -31.78 38.84 20.09
CA GLY K 109 -32.88 38.01 20.54
C GLY K 109 -32.40 36.59 20.71
N PRO K 110 -33.25 35.58 20.49
CA PRO K 110 -32.76 34.21 20.66
C PRO K 110 -31.86 33.92 19.47
N THR K 111 -30.65 33.44 19.73
CA THR K 111 -29.75 33.13 18.63
C THR K 111 -28.91 31.87 18.85
N ILE K 112 -28.91 31.01 17.83
CA ILE K 112 -28.19 29.75 17.83
C ILE K 112 -27.28 29.65 16.60
N TYR K 113 -25.99 29.39 16.85
CA TYR K 113 -25.03 29.25 15.77
C TYR K 113 -24.39 27.88 15.81
N TYR K 114 -24.50 27.16 14.70
CA TYR K 114 -23.90 25.84 14.58
C TYR K 114 -22.47 26.09 14.08
N VAL K 115 -21.49 25.58 14.81
CA VAL K 115 -20.10 25.77 14.43
C VAL K 115 -19.41 24.43 14.52
N ASP K 116 -18.72 24.02 13.47
CA ASP K 116 -18.01 22.74 13.50
C ASP K 116 -16.54 22.91 13.11
N SER K 117 -15.75 21.88 13.41
CA SER K 117 -14.32 21.88 13.13
C SER K 117 -13.95 21.95 11.66
N ASP K 118 -14.93 21.88 10.79
CA ASP K 118 -14.67 21.97 9.36
C ASP K 118 -14.55 23.45 9.01
N GLY K 119 -15.02 24.30 9.92
CA GLY K 119 -14.97 25.73 9.70
C GLY K 119 -16.34 26.31 9.44
N THR K 120 -17.34 25.43 9.42
CA THR K 120 -18.71 25.85 9.15
C THR K 120 -19.34 26.60 10.32
N ARG K 121 -20.01 27.70 10.00
CA ARG K 121 -20.72 28.54 10.96
C ARG K 121 -22.08 28.80 10.33
N LEU K 122 -23.13 28.31 10.99
CA LEU K 122 -24.50 28.45 10.51
C LEU K 122 -25.47 28.96 11.54
N LYS K 123 -26.24 29.97 11.16
CA LYS K 123 -27.25 30.50 12.07
C LYS K 123 -28.52 29.72 11.74
N GLY K 124 -29.30 29.35 12.77
CA GLY K 124 -30.53 28.61 12.51
C GLY K 124 -31.48 28.56 13.68
N ASP K 125 -32.63 27.90 13.49
CA ASP K 125 -33.64 27.80 14.54
C ASP K 125 -33.63 26.44 15.24
N ILE K 126 -33.33 25.39 14.49
CA ILE K 126 -33.29 24.05 15.05
C ILE K 126 -31.99 23.39 14.60
N PHE K 127 -31.30 22.77 15.55
CA PHE K 127 -30.04 22.08 15.24
C PHE K 127 -29.87 20.88 16.14
N CYS K 128 -29.40 19.78 15.55
CA CYS K 128 -29.12 18.55 16.30
C CYS K 128 -27.76 18.07 15.85
N VAL K 129 -26.88 17.88 16.82
CA VAL K 129 -25.54 17.42 16.52
C VAL K 129 -25.20 16.20 17.35
N GLY K 130 -24.64 15.20 16.69
CA GLY K 130 -24.26 13.99 17.40
C GLY K 130 -24.67 12.74 16.66
N SER K 131 -24.11 11.62 17.11
CA SER K 131 -24.39 10.32 16.51
C SER K 131 -25.85 9.95 16.68
N GLY K 132 -26.61 10.79 17.39
CA GLY K 132 -28.03 10.52 17.61
C GLY K 132 -28.93 11.57 17.00
N GLN K 133 -28.34 12.58 16.39
CA GLN K 133 -29.10 13.65 15.79
C GLN K 133 -30.33 13.28 14.97
N THR K 134 -30.19 12.33 14.05
CA THR K 134 -31.32 11.97 13.22
C THR K 134 -32.57 11.59 14.01
N PHE K 135 -32.37 10.90 15.14
CA PHE K 135 -33.47 10.46 15.98
C PHE K 135 -34.20 11.65 16.60
N ALA K 136 -33.41 12.59 17.11
CA ALA K 136 -33.97 13.79 17.72
C ALA K 136 -34.68 14.67 16.70
N TYR K 137 -34.07 14.89 15.54
CA TYR K 137 -34.69 15.71 14.51
C TYR K 137 -36.10 15.22 14.24
N GLY K 138 -36.30 13.90 14.29
CA GLY K 138 -37.63 13.36 14.06
C GLY K 138 -38.67 13.96 14.99
N VAL K 139 -38.51 13.72 16.28
CA VAL K 139 -39.40 14.25 17.29
C VAL K 139 -39.56 15.76 17.12
N LEU K 140 -38.42 16.44 17.07
CA LEU K 140 -38.40 17.89 16.92
C LEU K 140 -39.19 18.44 15.74
N ASP K 141 -38.80 18.08 14.53
CA ASP K 141 -39.46 18.56 13.33
C ASP K 141 -40.98 18.51 13.33
N SER K 142 -41.55 17.43 13.88
CA SER K 142 -43.00 17.26 13.91
C SER K 142 -43.74 17.95 15.07
N ASN K 143 -43.03 18.26 16.14
CA ASN K 143 -43.67 18.92 17.27
C ASN K 143 -43.26 20.35 17.46
N TYR K 144 -42.38 20.86 16.61
CA TYR K 144 -41.94 22.23 16.79
C TYR K 144 -42.94 23.25 16.24
N LYS K 145 -43.21 24.24 17.08
CA LYS K 145 -44.09 25.38 16.78
C LYS K 145 -43.38 26.54 17.47
N TRP K 146 -43.35 27.71 16.82
CA TRP K 146 -42.68 28.85 17.43
C TRP K 146 -43.36 29.28 18.73
N ASP K 147 -44.68 29.11 18.75
CA ASP K 147 -45.52 29.49 19.87
C ASP K 147 -45.61 28.52 21.02
N LEU K 148 -44.56 27.75 21.23
CA LEU K 148 -44.54 26.78 22.31
C LEU K 148 -44.31 27.47 23.63
N SER K 149 -44.88 26.93 24.69
CA SER K 149 -44.71 27.50 26.02
C SER K 149 -43.39 26.99 26.55
N VAL K 150 -42.68 27.82 27.32
CA VAL K 150 -41.40 27.38 27.88
C VAL K 150 -41.49 26.01 28.55
N GLU K 151 -42.65 25.68 29.09
CA GLU K 151 -42.84 24.40 29.76
C GLU K 151 -42.88 23.26 28.73
N ASP K 152 -43.68 23.45 27.69
CA ASP K 152 -43.81 22.46 26.62
C ASP K 152 -42.49 22.36 25.86
N ALA K 153 -41.93 23.52 25.52
CA ALA K 153 -40.67 23.59 24.81
C ALA K 153 -39.65 22.72 25.53
N LEU K 154 -39.50 22.96 26.84
CA LEU K 154 -38.57 22.17 27.64
C LEU K 154 -38.84 20.69 27.50
N TYR K 155 -40.13 20.32 27.45
CA TYR K 155 -40.47 18.91 27.31
C TYR K 155 -40.03 18.40 25.94
N LEU K 156 -40.46 19.06 24.88
CA LEU K 156 -40.12 18.67 23.52
C LEU K 156 -38.64 18.31 23.42
N GLY K 157 -37.80 19.13 24.05
CA GLY K 157 -36.39 18.86 24.04
C GLY K 157 -36.14 17.55 24.74
N LYS K 158 -36.44 17.52 26.03
CA LYS K 158 -36.24 16.32 26.84
C LYS K 158 -36.71 15.07 26.09
N ARG K 159 -37.90 15.15 25.53
CA ARG K 159 -38.45 14.01 24.81
C ARG K 159 -37.58 13.61 23.63
N SER K 160 -37.14 14.59 22.87
CA SER K 160 -36.29 14.32 21.71
C SER K 160 -34.99 13.60 22.09
N ILE K 161 -34.29 14.10 23.11
CA ILE K 161 -33.06 13.45 23.54
C ILE K 161 -33.42 12.02 23.90
N LEU K 162 -34.58 11.84 24.56
CA LEU K 162 -35.02 10.49 24.95
C LEU K 162 -35.14 9.59 23.72
N ALA K 163 -35.77 10.11 22.66
CA ALA K 163 -35.94 9.34 21.44
C ALA K 163 -34.59 8.79 21.02
N ALA K 164 -33.60 9.67 20.94
CA ALA K 164 -32.25 9.27 20.56
C ALA K 164 -31.66 8.28 21.56
N ALA K 165 -31.55 8.68 22.82
CA ALA K 165 -30.99 7.81 23.85
C ALA K 165 -31.44 6.36 23.68
N HIS K 166 -32.72 6.18 23.34
CA HIS K 166 -33.29 4.85 23.16
C HIS K 166 -32.67 4.05 22.00
N ARG K 167 -32.74 4.61 20.78
CA ARG K 167 -32.21 3.97 19.58
C ARG K 167 -30.68 4.03 19.43
N ASP K 168 -30.08 5.19 19.76
CA ASP K 168 -28.63 5.33 19.65
C ASP K 168 -27.87 4.64 20.78
N ALA K 169 -26.94 3.78 20.36
CA ALA K 169 -26.11 3.01 21.29
C ALA K 169 -25.08 3.93 21.92
N TYR K 170 -24.77 5.03 21.25
CA TYR K 170 -23.77 5.96 21.75
C TYR K 170 -24.36 7.16 22.50
N SER K 171 -25.68 7.12 22.72
CA SER K 171 -26.35 8.19 23.44
C SER K 171 -27.14 7.58 24.59
N GLY K 172 -27.27 8.36 25.66
CA GLY K 172 -28.02 7.88 26.81
C GLY K 172 -27.52 8.50 28.10
N GLY K 173 -27.66 7.74 29.19
CA GLY K 173 -27.23 8.22 30.49
C GLY K 173 -28.33 9.06 31.15
N SER K 174 -28.43 10.32 30.74
CA SER K 174 -29.43 11.21 31.30
C SER K 174 -29.59 12.42 30.40
N VAL K 175 -30.60 13.23 30.68
CA VAL K 175 -30.86 14.42 29.90
C VAL K 175 -30.64 15.66 30.73
N ASN K 176 -29.95 16.65 30.15
CA ASN K 176 -29.71 17.92 30.82
C ASN K 176 -30.43 18.98 30.02
N LEU K 177 -31.23 19.78 30.72
CA LEU K 177 -32.03 20.83 30.09
C LEU K 177 -31.56 22.22 30.44
N TYR K 178 -31.77 23.12 29.49
CA TYR K 178 -31.41 24.51 29.70
C TYR K 178 -32.38 25.43 28.97
N HIS K 179 -32.75 26.51 29.65
CA HIS K 179 -33.62 27.49 29.04
C HIS K 179 -32.77 28.75 28.99
N VAL K 180 -32.60 29.29 27.79
CA VAL K 180 -31.80 30.50 27.64
C VAL K 180 -32.73 31.69 27.40
N THR K 181 -32.63 32.67 28.29
CA THR K 181 -33.44 33.88 28.20
C THR K 181 -32.48 35.05 28.12
N GLU K 182 -33.00 36.21 27.74
CA GLU K 182 -32.19 37.41 27.62
C GLU K 182 -31.43 37.75 28.89
N ASP K 183 -31.97 37.35 30.04
CA ASP K 183 -31.30 37.65 31.30
C ASP K 183 -30.25 36.61 31.61
N GLY K 184 -30.23 35.54 30.82
CA GLY K 184 -29.27 34.47 31.02
C GLY K 184 -29.96 33.12 30.91
N TRP K 185 -29.22 32.04 31.11
CA TRP K 185 -29.80 30.71 31.03
C TRP K 185 -30.22 30.18 32.39
N ILE K 186 -31.25 29.35 32.40
CA ILE K 186 -31.76 28.76 33.62
C ILE K 186 -31.58 27.26 33.45
N TYR K 187 -30.82 26.63 34.35
CA TYR K 187 -30.62 25.19 34.25
C TYR K 187 -31.97 24.57 34.58
N HIS K 188 -32.29 23.46 33.94
CA HIS K 188 -33.57 22.81 34.22
C HIS K 188 -33.44 21.34 34.60
N GLY K 189 -32.41 21.05 35.39
CA GLY K 189 -32.18 19.71 35.89
C GLY K 189 -31.69 18.60 34.99
N ASN K 190 -31.22 17.55 35.66
CA ASN K 190 -30.70 16.37 35.02
C ASN K 190 -31.71 15.25 35.19
N HIS K 191 -32.07 14.62 34.08
CA HIS K 191 -33.06 13.56 34.11
C HIS K 191 -32.53 12.23 33.62
N ASP K 192 -32.41 11.29 34.53
CA ASP K 192 -31.93 9.96 34.20
C ASP K 192 -32.83 9.31 33.14
N VAL K 193 -32.22 8.88 32.05
CA VAL K 193 -32.96 8.24 30.96
C VAL K 193 -33.52 6.92 31.45
N GLY K 194 -32.81 6.34 32.42
CA GLY K 194 -33.26 5.07 32.98
C GLY K 194 -34.70 5.21 33.43
N GLU K 195 -34.93 6.13 34.36
CA GLU K 195 -36.27 6.35 34.88
C GLU K 195 -37.16 7.14 33.94
N LEU K 196 -36.61 8.16 33.30
CA LEU K 196 -37.40 8.97 32.38
C LEU K 196 -38.10 8.15 31.32
N PHE K 197 -37.42 7.11 30.82
CA PHE K 197 -37.99 6.26 29.78
C PHE K 197 -39.32 5.63 30.18
N TRP K 198 -39.31 4.87 31.27
CA TRP K 198 -40.50 4.21 31.77
C TRP K 198 -41.62 5.23 32.03
N LYS K 199 -41.25 6.32 32.68
CA LYS K 199 -42.19 7.38 32.99
C LYS K 199 -42.84 7.80 31.69
N VAL K 200 -42.09 8.41 30.80
CA VAL K 200 -42.62 8.87 29.51
C VAL K 200 -43.39 7.77 28.78
N LYS K 201 -42.96 6.53 28.94
CA LYS K 201 -43.64 5.44 28.26
C LYS K 201 -45.06 5.26 28.77
N GLU K 202 -45.16 5.14 30.09
CA GLU K 202 -46.45 4.98 30.73
C GLU K 202 -47.33 6.20 30.51
N GLU K 203 -46.88 7.33 31.06
CA GLU K 203 -47.62 8.59 30.96
C GLU K 203 -47.99 9.04 29.55
N GLU K 204 -47.16 8.71 28.57
CA GLU K 204 -47.41 9.14 27.21
C GLU K 204 -47.97 8.06 26.29
N GLY K 205 -47.74 6.79 26.66
CA GLY K 205 -48.23 5.67 25.87
C GLY K 205 -47.33 5.25 24.72
N SER K 206 -46.27 6.02 24.48
CA SER K 206 -45.32 5.75 23.41
C SER K 206 -44.40 4.59 23.77
N PHE K 207 -43.50 4.24 22.86
CA PHE K 207 -42.58 3.13 23.07
C PHE K 207 -43.41 1.90 23.38
N ASN K 208 -44.51 1.78 22.66
CA ASN K 208 -45.40 0.65 22.86
C ASN K 208 -44.66 -0.68 22.79
N ASN K 209 -43.85 -0.82 21.75
CA ASN K 209 -43.10 -2.04 21.50
C ASN K 209 -42.27 -2.59 22.67
N VAL K 210 -41.62 -1.71 23.42
CA VAL K 210 -40.81 -2.15 24.55
C VAL K 210 -41.72 -2.73 25.64
N ILE K 211 -41.32 -3.85 26.22
CA ILE K 211 -42.10 -4.49 27.29
C ILE K 211 -41.77 -3.90 28.65
N GLY K 212 -42.76 -3.25 29.26
CA GLY K 212 -42.53 -2.64 30.55
C GLY K 212 -43.42 -3.19 31.66
N GLN L 1 9.62 1.39 11.31
CA GLN L 1 9.67 2.84 11.67
C GLN L 1 9.61 2.98 13.21
N PHE L 2 10.18 4.07 13.74
CA PHE L 2 10.18 4.31 15.19
C PHE L 2 8.84 4.74 15.75
N ASN L 3 8.38 4.01 16.76
CA ASN L 3 7.12 4.30 17.44
C ASN L 3 7.45 4.98 18.77
N PRO L 4 7.04 6.25 18.92
CA PRO L 4 7.29 7.03 20.12
C PRO L 4 6.56 6.60 21.38
N TYR L 5 5.51 5.78 21.22
CA TYR L 5 4.70 5.32 22.35
C TYR L 5 4.89 3.87 22.78
N GLY L 6 4.49 3.57 24.02
CA GLY L 6 4.60 2.22 24.54
C GLY L 6 3.53 2.02 25.60
N ASP L 7 3.29 0.79 26.06
CA ASP L 7 2.28 0.54 27.08
C ASP L 7 2.80 -0.26 28.27
N ASN L 8 2.89 0.38 29.44
CA ASN L 8 3.40 -0.28 30.63
C ASN L 8 2.30 -0.90 31.47
N GLY L 9 1.13 -1.04 30.89
CA GLY L 9 0.00 -1.64 31.61
C GLY L 9 -0.32 -1.04 32.96
N GLY L 10 -0.85 -1.87 33.85
CA GLY L 10 -1.21 -1.38 35.17
C GLY L 10 -2.60 -0.76 35.19
N THR L 11 -3.15 -0.63 36.39
CA THR L 11 -4.48 -0.05 36.56
C THR L 11 -4.52 0.77 37.84
N ILE L 12 -5.27 1.86 37.79
CA ILE L 12 -5.41 2.76 38.93
C ILE L 12 -6.88 3.04 39.20
N LEU L 13 -7.20 3.33 40.45
CA LEU L 13 -8.57 3.60 40.85
C LEU L 13 -8.61 4.82 41.78
N GLY L 14 -9.66 5.61 41.65
CA GLY L 14 -9.78 6.78 42.50
C GLY L 14 -11.20 6.94 43.00
N ILE L 15 -11.38 6.92 44.32
CA ILE L 15 -12.71 7.05 44.89
C ILE L 15 -12.77 8.20 45.88
N ALA L 16 -13.84 8.98 45.79
CA ALA L 16 -14.01 10.13 46.67
C ALA L 16 -15.04 9.90 47.76
N GLY L 17 -14.59 10.03 49.01
CA GLY L 17 -15.49 9.87 50.14
C GLY L 17 -15.95 11.26 50.57
N GLU L 18 -17.02 11.33 51.34
CA GLU L 18 -17.54 12.61 51.79
C GLU L 18 -16.51 13.59 52.36
N ASP L 19 -15.54 13.11 53.13
CA ASP L 19 -14.54 13.99 53.70
C ASP L 19 -13.14 13.42 53.50
N PHE L 20 -13.02 12.51 52.55
CA PHE L 20 -11.75 11.88 52.23
C PHE L 20 -11.78 11.47 50.75
N ALA L 21 -10.68 10.88 50.29
CA ALA L 21 -10.56 10.42 48.92
C ALA L 21 -9.34 9.53 48.82
N VAL L 22 -9.40 8.53 47.94
CA VAL L 22 -8.29 7.62 47.76
C VAL L 22 -7.96 7.43 46.28
N LEU L 23 -6.68 7.23 46.02
CA LEU L 23 -6.18 7.01 44.67
C LEU L 23 -5.23 5.82 44.78
N ALA L 24 -5.69 4.66 44.32
CA ALA L 24 -4.90 3.45 44.36
C ALA L 24 -4.46 3.02 42.96
N GLY L 25 -3.43 2.18 42.92
CA GLY L 25 -2.93 1.69 41.66
C GLY L 25 -2.00 0.55 41.98
N ASP L 26 -1.94 -0.47 41.13
CA ASP L 26 -1.03 -1.59 41.40
C ASP L 26 0.40 -1.11 41.18
N THR L 27 1.36 -1.89 41.66
CA THR L 27 2.75 -1.49 41.53
C THR L 27 3.52 -2.26 40.44
N ARG L 28 2.80 -2.96 39.58
CA ARG L 28 3.43 -3.70 38.49
C ARG L 28 3.60 -2.82 37.25
N ASN L 29 4.74 -2.97 36.60
CA ASN L 29 5.06 -2.20 35.40
C ASN L 29 5.54 -3.23 34.41
N ILE L 30 4.85 -3.33 33.28
CA ILE L 30 5.25 -4.34 32.31
C ILE L 30 5.45 -3.83 30.88
N THR L 31 5.97 -4.72 30.05
CA THR L 31 6.21 -4.49 28.64
C THR L 31 5.81 -5.79 27.95
N ASP L 32 4.79 -5.72 27.10
CA ASP L 32 4.34 -6.92 26.39
C ASP L 32 4.07 -8.01 27.42
N TYR L 33 4.79 -9.12 27.33
CA TYR L 33 4.57 -10.20 28.27
C TYR L 33 5.58 -10.31 29.40
N SER L 34 6.53 -9.38 29.46
CA SER L 34 7.52 -9.40 30.53
C SER L 34 7.15 -8.41 31.60
N ILE L 35 7.68 -8.63 32.80
CA ILE L 35 7.43 -7.73 33.91
C ILE L 35 8.72 -6.94 34.11
N ASN L 36 8.61 -5.61 34.12
CA ASN L 36 9.77 -4.76 34.30
C ASN L 36 10.06 -4.59 35.77
N SER L 37 9.01 -4.51 36.56
CA SER L 37 9.17 -4.35 37.99
C SER L 37 7.89 -4.72 38.71
N ARG L 38 8.05 -5.35 39.88
CA ARG L 38 6.89 -5.73 40.67
C ARG L 38 6.56 -4.57 41.58
N TYR L 39 7.49 -3.62 41.69
CA TYR L 39 7.26 -2.43 42.51
C TYR L 39 7.84 -1.15 41.93
N GLU L 40 6.96 -0.39 41.29
CA GLU L 40 7.31 0.89 40.67
C GLU L 40 6.09 1.78 40.95
N PRO L 41 6.08 2.48 42.09
CA PRO L 41 4.98 3.36 42.48
C PRO L 41 4.41 4.13 41.31
N LYS L 42 3.11 4.12 41.20
CA LYS L 42 2.44 4.76 40.09
C LYS L 42 1.60 5.96 40.51
N VAL L 43 1.25 6.04 41.78
CA VAL L 43 0.45 7.15 42.32
C VAL L 43 1.38 8.02 43.17
N PHE L 44 1.33 9.35 42.98
CA PHE L 44 2.22 10.26 43.72
C PHE L 44 1.55 11.36 44.51
N ASP L 45 2.25 11.79 45.55
CA ASP L 45 1.80 12.88 46.41
C ASP L 45 2.49 14.11 45.82
N CYS L 46 1.71 15.12 45.42
CA CYS L 46 2.30 16.31 44.81
C CYS L 46 2.26 17.58 45.65
N GLY L 47 1.93 17.46 46.93
CA GLY L 47 1.88 18.63 47.78
C GLY L 47 0.47 19.19 47.80
N ASP L 48 0.28 20.29 48.53
CA ASP L 48 -1.03 20.93 48.64
C ASP L 48 -2.17 19.91 48.71
N ASN L 49 -1.91 18.81 49.41
CA ASN L 49 -2.87 17.74 49.61
C ASN L 49 -3.49 17.22 48.32
N ILE L 50 -2.62 16.93 47.35
CA ILE L 50 -3.05 16.42 46.06
C ILE L 50 -2.28 15.17 45.68
N VAL L 51 -3.01 14.15 45.24
CA VAL L 51 -2.40 12.91 44.80
C VAL L 51 -2.80 12.76 43.34
N MET L 52 -1.83 12.43 42.51
CA MET L 52 -2.07 12.29 41.08
C MET L 52 -1.45 11.03 40.49
N SER L 53 -2.04 10.54 39.41
CA SER L 53 -1.53 9.36 38.72
C SER L 53 -1.87 9.45 37.23
N ALA L 54 -0.87 9.16 36.40
CA ALA L 54 -1.04 9.22 34.95
C ALA L 54 -0.73 7.86 34.38
N ASN L 55 -1.71 6.96 34.42
CA ASN L 55 -1.50 5.61 33.91
C ASN L 55 -1.49 5.54 32.39
N GLY L 56 -0.81 4.52 31.86
CA GLY L 56 -0.72 4.36 30.42
C GLY L 56 0.71 4.18 29.99
N PHE L 57 1.22 5.09 29.18
CA PHE L 57 2.60 5.02 28.71
C PHE L 57 3.54 5.71 29.71
N ALA L 58 4.14 4.90 30.59
CA ALA L 58 5.06 5.35 31.64
C ALA L 58 5.85 6.62 31.38
N ALA L 59 6.62 6.64 30.31
CA ALA L 59 7.42 7.81 29.99
C ALA L 59 6.56 9.06 29.99
N ASP L 60 5.44 9.01 29.29
CA ASP L 60 4.54 10.16 29.23
C ASP L 60 3.91 10.45 30.58
N GLY L 61 3.65 9.40 31.34
CA GLY L 61 3.06 9.57 32.65
C GLY L 61 4.00 10.32 33.58
N ASP L 62 5.26 9.88 33.65
CA ASP L 62 6.23 10.53 34.52
C ASP L 62 6.46 11.98 34.12
N ALA L 63 6.53 12.22 32.83
CA ALA L 63 6.76 13.57 32.33
C ALA L 63 5.65 14.50 32.80
N LEU L 64 4.42 14.03 32.77
CA LEU L 64 3.28 14.84 33.19
C LEU L 64 3.34 15.11 34.69
N VAL L 65 3.40 14.04 35.48
CA VAL L 65 3.48 14.14 36.94
C VAL L 65 4.62 15.07 37.35
N LYS L 66 5.76 14.90 36.70
CA LYS L 66 6.93 15.73 36.98
C LYS L 66 6.58 17.19 36.65
N ARG L 67 5.98 17.39 35.48
CA ARG L 67 5.62 18.71 35.02
C ARG L 67 4.55 19.36 35.89
N PHE L 68 3.62 18.54 36.40
CA PHE L 68 2.58 19.08 37.27
C PHE L 68 3.14 19.52 38.62
N LYS L 69 3.90 18.63 39.26
CA LYS L 69 4.51 18.94 40.55
C LYS L 69 5.26 20.25 40.46
N ASN L 70 6.01 20.40 39.37
CA ASN L 70 6.79 21.60 39.15
C ASN L 70 5.86 22.79 38.91
N SER L 71 4.62 22.51 38.53
CA SER L 71 3.63 23.56 38.29
C SER L 71 3.14 24.05 39.65
N VAL L 72 3.01 23.12 40.59
CA VAL L 72 2.60 23.44 41.94
C VAL L 72 3.66 24.35 42.57
N LYS L 73 4.91 23.91 42.47
CA LYS L 73 6.05 24.64 43.01
C LYS L 73 6.03 26.10 42.57
N TRP L 74 5.86 26.32 41.28
CA TRP L 74 5.82 27.66 40.72
C TRP L 74 4.54 28.38 41.06
N TYR L 75 3.52 27.64 41.45
CA TYR L 75 2.29 28.30 41.82
C TYR L 75 2.60 29.11 43.07
N HIS L 76 3.27 28.46 44.02
CA HIS L 76 3.65 29.11 45.28
C HIS L 76 4.57 30.29 45.04
N PHE L 77 5.57 30.11 44.19
CA PHE L 77 6.50 31.18 43.87
C PHE L 77 5.78 32.40 43.31
N ASP L 78 4.74 32.17 42.52
CA ASP L 78 4.02 33.26 41.88
C ASP L 78 2.82 33.83 42.61
N HIS L 79 2.32 33.14 43.63
CA HIS L 79 1.16 33.66 44.34
C HIS L 79 1.26 33.53 45.85
N ASN L 80 2.34 34.07 46.41
CA ASN L 80 2.59 34.04 47.84
C ASN L 80 2.13 32.71 48.46
N ASP L 81 2.88 31.65 48.22
CA ASP L 81 2.56 30.33 48.76
C ASP L 81 1.10 29.91 48.85
N LYS L 82 0.23 30.51 48.04
CA LYS L 82 -1.20 30.14 48.07
C LYS L 82 -1.38 28.65 47.77
N LYS L 83 -2.34 28.03 48.44
CA LYS L 83 -2.58 26.62 48.22
C LYS L 83 -3.31 26.44 46.89
N LEU L 84 -2.91 25.39 46.17
CA LEU L 84 -3.52 25.08 44.89
C LEU L 84 -4.72 24.18 45.13
N SER L 85 -5.91 24.75 45.05
CA SER L 85 -7.13 23.98 45.26
C SER L 85 -7.23 22.89 44.22
N ILE L 86 -7.84 21.78 44.61
CA ILE L 86 -8.00 20.63 43.71
C ILE L 86 -8.59 21.03 42.36
N ASN L 87 -9.62 21.86 42.37
CA ASN L 87 -10.27 22.29 41.15
C ASN L 87 -9.29 23.05 40.25
N SER L 88 -8.45 23.87 40.88
CA SER L 88 -7.46 24.63 40.12
C SER L 88 -6.44 23.65 39.55
N ALA L 89 -5.98 22.71 40.37
CA ALA L 89 -5.01 21.74 39.91
C ALA L 89 -5.53 21.12 38.61
N ALA L 90 -6.76 20.63 38.65
CA ALA L 90 -7.41 20.00 37.51
C ALA L 90 -7.37 20.88 36.25
N ARG L 91 -7.87 22.11 36.37
CA ARG L 91 -7.86 23.02 35.23
C ARG L 91 -6.44 23.23 34.71
N ASN L 92 -5.50 23.25 35.62
CA ASN L 92 -4.10 23.43 35.27
C ASN L 92 -3.68 22.25 34.39
N ILE L 93 -3.96 21.04 34.88
CA ILE L 93 -3.63 19.81 34.16
C ILE L 93 -4.29 19.72 32.80
N GLN L 94 -5.50 20.27 32.65
CA GLN L 94 -6.17 20.23 31.34
C GLN L 94 -5.28 20.93 30.35
N HIS L 95 -4.69 22.05 30.76
CA HIS L 95 -3.81 22.79 29.87
C HIS L 95 -2.51 22.07 29.62
N LEU L 96 -1.96 21.45 30.66
CA LEU L 96 -0.72 20.72 30.52
C LEU L 96 -0.96 19.70 29.41
N LEU L 97 -2.05 18.97 29.54
CA LEU L 97 -2.40 17.94 28.57
C LEU L 97 -2.76 18.45 27.19
N TYR L 98 -3.69 19.41 27.12
CA TYR L 98 -4.10 19.92 25.82
C TYR L 98 -2.94 20.56 25.08
N GLY L 99 -1.90 20.93 25.83
CA GLY L 99 -0.72 21.53 25.23
C GLY L 99 -0.08 20.59 24.22
N LYS L 100 -0.22 19.28 24.44
CA LYS L 100 0.34 18.30 23.53
C LYS L 100 -0.77 17.62 22.73
N ARG L 101 -1.81 18.41 22.41
CA ARG L 101 -2.96 17.93 21.66
C ARG L 101 -2.61 17.18 20.39
N PHE L 102 -1.52 17.54 19.74
CA PHE L 102 -1.14 16.86 18.50
C PHE L 102 0.07 15.94 18.59
N PHE L 103 0.34 15.50 19.82
CA PHE L 103 1.42 14.56 20.15
C PHE L 103 1.15 14.35 21.63
N PRO L 104 0.00 13.76 21.94
CA PRO L 104 -0.54 13.44 23.26
C PRO L 104 0.32 12.70 24.24
N TYR L 105 0.05 12.94 25.52
CA TYR L 105 0.71 12.22 26.57
C TYR L 105 -0.17 10.99 26.51
N TYR L 106 0.40 9.87 26.11
CA TYR L 106 -0.40 8.66 25.99
C TYR L 106 -0.76 8.14 27.38
N VAL L 107 -1.53 8.92 28.13
CA VAL L 107 -1.90 8.52 29.48
C VAL L 107 -3.28 8.96 29.92
N HIS L 108 -3.89 8.15 30.78
CA HIS L 108 -5.19 8.46 31.35
C HIS L 108 -4.85 8.91 32.76
N THR L 109 -5.15 10.16 33.08
CA THR L 109 -4.79 10.66 34.40
C THR L 109 -5.95 10.99 35.36
N ILE L 110 -5.70 10.71 36.64
CA ILE L 110 -6.66 10.95 37.73
C ILE L 110 -5.95 11.62 38.90
N ILE L 111 -6.62 12.56 39.56
CA ILE L 111 -6.05 13.21 40.73
C ILE L 111 -7.09 13.18 41.84
N ALA L 112 -6.63 13.20 43.09
CA ALA L 112 -7.55 13.15 44.22
C ALA L 112 -7.16 14.09 45.34
N GLY L 113 -8.17 14.47 46.12
CA GLY L 113 -7.96 15.37 47.24
C GLY L 113 -9.27 15.85 47.82
N LEU L 114 -9.23 16.97 48.54
CA LEU L 114 -10.43 17.53 49.14
C LEU L 114 -10.64 18.87 48.46
N ASP L 115 -11.91 19.21 48.20
CA ASP L 115 -12.21 20.49 47.56
C ASP L 115 -12.07 21.59 48.60
N GLU L 116 -12.55 22.77 48.25
CA GLU L 116 -12.47 23.91 49.15
C GLU L 116 -13.47 23.87 50.30
N ASP L 117 -14.38 22.90 50.28
CA ASP L 117 -15.36 22.77 51.36
C ASP L 117 -14.99 21.57 52.23
N GLY L 118 -13.80 21.02 52.01
CA GLY L 118 -13.35 19.88 52.78
C GLY L 118 -13.87 18.55 52.26
N LYS L 119 -14.75 18.61 51.27
CA LYS L 119 -15.33 17.40 50.71
C LYS L 119 -14.33 16.61 49.87
N GLY L 120 -14.55 15.30 49.78
CA GLY L 120 -13.69 14.44 48.99
C GLY L 120 -13.90 14.69 47.51
N ALA L 121 -12.82 14.64 46.73
CA ALA L 121 -12.94 14.89 45.31
C ALA L 121 -11.95 14.14 44.43
N VAL L 122 -12.42 13.83 43.22
CA VAL L 122 -11.62 13.13 42.23
C VAL L 122 -11.88 13.76 40.87
N TYR L 123 -10.80 13.95 40.12
CA TYR L 123 -10.89 14.52 38.78
C TYR L 123 -10.12 13.57 37.88
N SER L 124 -10.75 13.12 36.81
CA SER L 124 -10.08 12.22 35.89
C SER L 124 -10.04 12.88 34.52
N PHE L 125 -8.99 12.56 33.76
CA PHE L 125 -8.79 13.15 32.44
C PHE L 125 -8.75 12.23 31.22
N ASP L 126 -8.73 12.92 30.10
CA ASP L 126 -8.67 12.41 28.74
C ASP L 126 -7.19 12.48 28.39
N PRO L 127 -6.74 11.71 27.40
CA PRO L 127 -5.30 11.83 27.09
C PRO L 127 -4.96 13.23 26.56
N VAL L 128 -5.98 13.97 26.14
CA VAL L 128 -5.74 15.31 25.64
C VAL L 128 -6.35 16.42 26.50
N GLY L 129 -6.79 16.06 27.71
CA GLY L 129 -7.30 17.06 28.60
C GLY L 129 -8.77 17.24 28.94
N SER L 130 -9.67 16.53 28.29
CA SER L 130 -11.06 16.73 28.67
C SER L 130 -11.14 16.16 30.09
N TYR L 131 -11.98 16.75 30.93
CA TYR L 131 -12.08 16.28 32.32
C TYR L 131 -13.42 16.54 32.98
N GLU L 132 -13.62 15.91 34.13
CA GLU L 132 -14.86 16.03 34.90
C GLU L 132 -14.58 15.70 36.36
N ARG L 133 -15.39 16.21 37.27
CA ARG L 133 -15.19 15.84 38.65
C ARG L 133 -16.02 14.58 38.78
N GLU L 134 -15.57 13.61 39.56
CA GLU L 134 -16.33 12.37 39.69
C GLU L 134 -16.29 11.72 41.05
N GLN L 135 -17.20 10.73 41.20
CA GLN L 135 -17.35 9.96 42.43
C GLN L 135 -16.15 9.03 42.54
N CYS L 136 -16.06 8.15 41.56
CA CYS L 136 -14.98 7.19 41.48
C CYS L 136 -14.71 6.92 40.02
N ARG L 137 -13.45 6.60 39.71
CA ARG L 137 -13.01 6.33 38.35
C ARG L 137 -11.82 5.37 38.36
N ALA L 138 -11.88 4.39 37.47
CA ALA L 138 -10.81 3.41 37.33
C ALA L 138 -10.22 3.71 35.95
N GLY L 139 -8.90 3.66 35.85
CA GLY L 139 -8.26 3.93 34.58
C GLY L 139 -7.16 2.92 34.36
N GLY L 140 -6.94 2.54 33.11
CA GLY L 140 -5.89 1.57 32.85
C GLY L 140 -6.49 0.25 32.40
N ALA L 141 -5.62 -0.71 32.13
CA ALA L 141 -6.02 -2.03 31.67
C ALA L 141 -7.39 -2.55 32.13
N ALA L 142 -7.50 -2.85 33.41
CA ALA L 142 -8.72 -3.40 33.99
C ALA L 142 -9.90 -2.44 34.19
N ALA L 143 -9.74 -1.19 33.78
CA ALA L 143 -10.81 -0.21 33.96
C ALA L 143 -12.19 -0.76 33.57
N SER L 144 -12.24 -1.53 32.49
CA SER L 144 -13.50 -2.12 32.03
C SER L 144 -14.05 -3.19 32.96
N LEU L 145 -13.19 -3.75 33.83
CA LEU L 145 -13.59 -4.76 34.79
C LEU L 145 -14.03 -4.13 36.11
N ILE L 146 -13.34 -3.08 36.52
CA ILE L 146 -13.64 -2.38 37.77
C ILE L 146 -14.93 -1.57 37.77
N MET L 147 -15.07 -0.64 36.83
CA MET L 147 -16.26 0.22 36.74
C MET L 147 -17.63 -0.42 36.92
N PRO L 148 -17.95 -1.49 36.16
CA PRO L 148 -19.26 -2.12 36.31
C PRO L 148 -19.51 -2.48 37.77
N PHE L 149 -18.47 -3.01 38.40
CA PHE L 149 -18.51 -3.39 39.81
C PHE L 149 -18.82 -2.17 40.67
N LEU L 150 -18.07 -1.09 40.45
CA LEU L 150 -18.26 0.15 41.18
C LEU L 150 -19.66 0.73 40.96
N ASP L 151 -20.20 0.62 39.75
CA ASP L 151 -21.53 1.14 39.53
C ASP L 151 -22.51 0.43 40.44
N ASN L 152 -22.24 -0.84 40.68
CA ASN L 152 -23.10 -1.66 41.50
C ASN L 152 -22.88 -1.51 43.00
N GLN L 153 -21.64 -1.68 43.46
CA GLN L 153 -21.34 -1.61 44.89
C GLN L 153 -21.12 -0.23 45.49
N VAL L 154 -21.22 0.83 44.69
CA VAL L 154 -21.02 2.18 45.23
C VAL L 154 -22.21 3.09 44.95
N ASN L 155 -22.80 2.96 43.77
CA ASN L 155 -23.95 3.79 43.44
C ASN L 155 -25.17 2.90 43.46
N PHE L 156 -25.01 1.71 44.02
CA PHE L 156 -26.07 0.70 44.12
C PHE L 156 -26.95 0.63 42.88
N LYS L 157 -26.34 0.66 41.72
CA LYS L 157 -27.09 0.58 40.46
C LYS L 157 -27.78 -0.78 40.28
N ASN L 158 -28.94 -0.76 39.63
CA ASN L 158 -29.71 -1.97 39.38
C ASN L 158 -30.19 -2.70 40.64
N GLN L 159 -29.78 -2.20 41.81
CA GLN L 159 -30.19 -2.79 43.07
C GLN L 159 -31.44 -2.05 43.57
N TYR L 160 -32.44 -2.81 44.00
CA TYR L 160 -33.68 -2.24 44.51
C TYR L 160 -34.03 -2.78 45.89
N GLU L 161 -35.10 -2.23 46.47
CA GLU L 161 -35.57 -2.66 47.78
C GLU L 161 -36.26 -4.00 47.69
N PRO L 162 -35.86 -4.96 48.53
CA PRO L 162 -36.52 -6.26 48.45
C PRO L 162 -38.02 -6.09 48.66
N GLY L 163 -38.83 -6.75 47.83
CA GLY L 163 -40.26 -6.64 47.98
C GLY L 163 -40.93 -5.42 47.39
N THR L 164 -40.16 -4.40 47.02
CA THR L 164 -40.77 -3.19 46.44
C THR L 164 -41.08 -3.36 44.96
N ASN L 165 -40.72 -4.52 44.41
CA ASN L 165 -40.96 -4.80 43.00
C ASN L 165 -40.07 -3.87 42.16
N GLY L 166 -38.84 -3.66 42.62
CA GLY L 166 -37.95 -2.77 41.90
C GLY L 166 -38.57 -1.40 41.69
N LYS L 167 -39.47 -1.03 42.59
CA LYS L 167 -40.16 0.25 42.54
C LYS L 167 -39.47 1.27 43.45
N VAL L 168 -38.56 0.78 44.29
CA VAL L 168 -37.81 1.62 45.22
C VAL L 168 -36.32 1.29 45.13
N LYS L 169 -35.53 2.26 44.68
CA LYS L 169 -34.09 2.05 44.54
C LYS L 169 -33.41 1.95 45.89
N LYS L 170 -32.47 1.02 46.01
CA LYS L 170 -31.76 0.86 47.26
C LYS L 170 -31.15 2.23 47.55
N PRO L 171 -31.32 2.73 48.78
CA PRO L 171 -30.80 4.03 49.22
C PRO L 171 -29.28 4.17 49.16
N LEU L 172 -28.83 5.35 48.74
CA LEU L 172 -27.41 5.66 48.58
C LEU L 172 -26.65 6.01 49.85
N LYS L 173 -26.80 5.23 50.91
CA LYS L 173 -26.08 5.52 52.15
C LYS L 173 -24.60 5.62 51.80
N TYR L 174 -23.86 6.62 52.30
CA TYR L 174 -22.46 6.70 51.92
C TYR L 174 -21.40 6.05 52.81
N LEU L 175 -20.39 5.52 52.11
CA LEU L 175 -19.26 4.78 52.64
C LEU L 175 -18.15 5.49 53.39
N SER L 176 -17.59 4.78 54.35
CA SER L 176 -16.50 5.27 55.18
C SER L 176 -15.19 4.95 54.49
N VAL L 177 -14.12 5.58 54.95
CA VAL L 177 -12.82 5.34 54.36
C VAL L 177 -12.46 3.84 54.42
N GLU L 178 -13.03 3.13 55.40
CA GLU L 178 -12.74 1.71 55.55
C GLU L 178 -13.54 0.85 54.59
N GLU L 179 -14.78 1.24 54.34
CA GLU L 179 -15.64 0.49 53.42
C GLU L 179 -15.13 0.71 51.99
N VAL L 180 -14.52 1.87 51.76
CA VAL L 180 -13.97 2.18 50.45
C VAL L 180 -12.72 1.34 50.22
N ILE L 181 -11.80 1.33 51.19
CA ILE L 181 -10.56 0.55 51.07
C ILE L 181 -10.89 -0.91 50.79
N LYS L 182 -12.03 -1.41 51.27
CA LYS L 182 -12.42 -2.80 51.02
C LYS L 182 -12.70 -2.97 49.53
N LEU L 183 -13.61 -2.14 49.03
CA LEU L 183 -14.00 -2.18 47.63
C LEU L 183 -12.79 -2.08 46.71
N VAL L 184 -11.85 -1.22 47.08
CA VAL L 184 -10.64 -1.04 46.28
C VAL L 184 -9.86 -2.35 46.21
N ARG L 185 -9.52 -2.91 47.37
CA ARG L 185 -8.77 -4.16 47.42
C ARG L 185 -9.48 -5.26 46.66
N ASP L 186 -10.80 -5.33 46.83
CA ASP L 186 -11.56 -6.35 46.14
C ASP L 186 -11.52 -6.08 44.64
N SER L 187 -11.45 -4.81 44.25
CA SER L 187 -11.39 -4.48 42.85
C SER L 187 -10.07 -4.96 42.25
N PHE L 188 -8.98 -4.77 42.98
CA PHE L 188 -7.70 -5.19 42.46
C PHE L 188 -7.49 -6.69 42.53
N THR L 189 -7.97 -7.33 43.60
CA THR L 189 -7.79 -8.77 43.67
C THR L 189 -8.57 -9.40 42.51
N SER L 190 -9.74 -8.83 42.19
CA SER L 190 -10.53 -9.33 41.08
C SER L 190 -9.81 -9.05 39.77
N ALA L 191 -9.44 -7.79 39.56
CA ALA L 191 -8.74 -7.43 38.35
C ALA L 191 -7.50 -8.30 38.17
N THR L 192 -6.73 -8.49 39.24
CA THR L 192 -5.51 -9.31 39.23
C THR L 192 -5.77 -10.74 38.78
N GLU L 193 -6.97 -11.24 39.08
CA GLU L 193 -7.37 -12.59 38.71
C GLU L 193 -7.63 -12.75 37.22
N ARG L 194 -8.35 -11.79 36.64
CA ARG L 194 -8.71 -11.86 35.23
C ARG L 194 -7.90 -11.07 34.21
N HIS L 195 -6.95 -10.26 34.69
CA HIS L 195 -6.12 -9.47 33.78
C HIS L 195 -4.64 -9.69 34.04
N ILE L 196 -3.94 -10.14 32.99
CA ILE L 196 -2.52 -10.45 33.09
C ILE L 196 -1.59 -9.27 33.31
N GLN L 197 -2.10 -8.05 33.18
CA GLN L 197 -1.26 -6.88 33.37
C GLN L 197 -1.33 -6.36 34.80
N VAL L 198 -2.33 -6.82 35.56
CA VAL L 198 -2.50 -6.37 36.93
C VAL L 198 -2.01 -7.40 37.95
N GLY L 199 -1.39 -6.92 39.02
CA GLY L 199 -0.89 -7.80 40.04
C GLY L 199 0.32 -7.28 40.80
N ASP L 200 1.07 -8.19 41.40
CA ASP L 200 2.27 -7.86 42.17
C ASP L 200 1.95 -7.09 43.45
N GLY L 201 1.57 -5.83 43.32
CA GLY L 201 1.26 -5.01 44.49
C GLY L 201 0.21 -3.93 44.30
N LEU L 202 -0.45 -3.56 45.40
CA LEU L 202 -1.46 -2.51 45.40
C LEU L 202 -1.08 -1.43 46.41
N GLU L 203 -0.92 -0.21 45.94
CA GLU L 203 -0.56 0.90 46.81
C GLU L 203 -1.68 1.91 46.81
N ILE L 204 -2.14 2.28 48.01
CA ILE L 204 -3.23 3.23 48.15
C ILE L 204 -2.80 4.48 48.88
N LEU L 205 -3.22 5.64 48.38
CA LEU L 205 -2.92 6.91 49.03
C LEU L 205 -4.26 7.46 49.49
N ILE L 206 -4.36 7.78 50.78
CA ILE L 206 -5.60 8.30 51.34
C ILE L 206 -5.46 9.77 51.72
N VAL L 207 -6.39 10.58 51.23
CA VAL L 207 -6.34 12.01 51.51
C VAL L 207 -7.49 12.46 52.41
N THR L 208 -7.09 13.02 53.55
CA THR L 208 -8.00 13.53 54.56
C THR L 208 -7.52 14.91 54.95
N LYS L 209 -8.25 15.55 55.86
CA LYS L 209 -7.88 16.88 56.31
C LYS L 209 -6.55 16.86 57.03
N ASP L 210 -6.09 15.67 57.39
CA ASP L 210 -4.83 15.56 58.10
C ASP L 210 -3.65 15.26 57.19
N GLY L 211 -3.89 15.28 55.89
CA GLY L 211 -2.81 15.01 54.94
C GLY L 211 -2.93 13.75 54.12
N VAL L 212 -1.79 13.25 53.66
CA VAL L 212 -1.75 12.06 52.82
C VAL L 212 -1.15 10.85 53.53
N ARG L 213 -1.85 9.72 53.47
CA ARG L 213 -1.38 8.49 54.07
C ARG L 213 -1.32 7.37 53.02
N LYS L 214 -0.41 6.42 53.18
CA LYS L 214 -0.26 5.31 52.24
C LYS L 214 -0.47 3.96 52.90
N GLU L 215 -0.97 3.00 52.13
CA GLU L 215 -1.19 1.64 52.59
C GLU L 215 -0.79 0.71 51.46
N PHE L 216 -0.12 -0.39 51.80
CA PHE L 216 0.30 -1.33 50.78
C PHE L 216 -0.22 -2.73 51.00
N TYR L 217 -0.56 -3.40 49.91
CA TYR L 217 -1.06 -4.77 49.98
C TYR L 217 -0.50 -5.55 48.81
N GLU L 218 -0.12 -6.80 49.06
CA GLU L 218 0.41 -7.65 48.01
C GLU L 218 -0.68 -8.11 47.05
N LEU L 219 -0.27 -8.53 45.87
CA LEU L 219 -1.20 -9.03 44.84
C LEU L 219 -0.51 -10.20 44.15
N LYS L 220 -1.29 -11.18 43.69
CA LYS L 220 -0.72 -12.34 43.02
C LYS L 220 0.32 -11.96 41.98
N ARG L 221 1.51 -12.51 42.13
CA ARG L 221 2.65 -12.23 41.25
C ARG L 221 2.74 -13.04 39.97
N ASP L 222 1.72 -13.83 39.65
CA ASP L 222 1.78 -14.64 38.43
C ASP L 222 1.32 -13.91 37.17
N THR M 1 13.91 9.90 13.57
CA THR M 1 13.66 8.44 13.47
C THR M 1 14.78 7.80 12.70
N GLN M 2 15.27 6.70 13.24
CA GLN M 2 16.38 5.98 12.64
C GLN M 2 16.18 4.48 12.76
N GLN M 3 17.26 3.73 12.54
CA GLN M 3 17.25 2.28 12.65
C GLN M 3 18.65 1.89 13.07
N PRO M 4 18.77 1.07 14.11
CA PRO M 4 20.08 0.63 14.61
C PRO M 4 20.88 -0.15 13.58
N ILE M 5 22.21 0.03 13.59
CA ILE M 5 23.10 -0.67 12.67
C ILE M 5 24.00 -1.62 13.44
N VAL M 6 25.01 -1.10 14.13
CA VAL M 6 25.88 -1.97 14.92
C VAL M 6 25.25 -2.05 16.30
N THR M 7 25.04 -3.26 16.81
CA THR M 7 24.38 -3.39 18.10
C THR M 7 24.94 -4.32 19.16
N GLY M 8 24.61 -4.00 20.42
CA GLY M 8 25.06 -4.80 21.54
C GLY M 8 23.85 -5.50 22.15
N THR M 9 24.01 -6.74 22.54
CA THR M 9 22.90 -7.49 23.10
C THR M 9 22.58 -7.15 24.57
N SER M 10 22.15 -8.15 25.33
CA SER M 10 21.76 -7.97 26.73
C SER M 10 22.72 -7.26 27.66
N VAL M 11 22.15 -6.79 28.76
CA VAL M 11 22.87 -6.14 29.85
C VAL M 11 22.08 -6.60 31.07
N ILE M 12 22.71 -7.43 31.89
CA ILE M 12 22.06 -7.95 33.08
C ILE M 12 22.66 -7.34 34.34
N SER M 13 21.87 -7.29 35.39
CA SER M 13 22.32 -6.72 36.65
C SER M 13 21.34 -7.01 37.78
N MET M 14 21.86 -6.95 39.00
CA MET M 14 21.07 -7.20 40.20
C MET M 14 21.81 -6.52 41.33
N LYS M 15 21.13 -6.39 42.46
CA LYS M 15 21.75 -5.76 43.61
C LYS M 15 21.78 -6.75 44.78
N TYR M 16 22.92 -6.79 45.47
CA TYR M 16 23.07 -7.66 46.63
C TYR M 16 23.19 -6.77 47.87
N ASP M 17 23.39 -7.38 49.03
CA ASP M 17 23.49 -6.65 50.30
C ASP M 17 24.40 -5.41 50.33
N ASN M 18 25.57 -5.51 49.73
CA ASN M 18 26.53 -4.40 49.76
C ASN M 18 26.70 -3.57 48.50
N GLY M 19 25.89 -3.83 47.48
CA GLY M 19 26.03 -3.05 46.27
C GLY M 19 25.34 -3.65 45.07
N VAL M 20 25.92 -3.42 43.90
CA VAL M 20 25.34 -3.94 42.68
C VAL M 20 26.37 -4.55 41.74
N ILE M 21 25.89 -5.42 40.85
CA ILE M 21 26.74 -6.05 39.86
C ILE M 21 26.06 -5.82 38.52
N ILE M 22 26.86 -5.67 37.47
CA ILE M 22 26.32 -5.48 36.14
C ILE M 22 27.25 -6.12 35.12
N ALA M 23 26.69 -6.74 34.10
CA ALA M 23 27.49 -7.39 33.08
C ALA M 23 26.95 -7.21 31.65
N ALA M 24 27.82 -7.40 30.67
CA ALA M 24 27.49 -7.27 29.25
C ALA M 24 28.59 -7.86 28.41
N ASP M 25 28.24 -8.76 27.50
CA ASP M 25 29.26 -9.38 26.65
C ASP M 25 29.95 -8.30 25.84
N ASN M 26 31.02 -8.67 25.14
CA ASN M 26 31.78 -7.69 24.38
C ASN M 26 31.60 -7.74 22.89
N LEU M 27 30.36 -7.91 22.45
CA LEU M 27 30.09 -8.00 21.02
C LEU M 27 29.41 -6.78 20.41
N GLY M 28 29.69 -6.55 19.14
CA GLY M 28 29.09 -5.46 18.40
C GLY M 28 28.60 -6.07 17.11
N SER M 29 27.38 -6.60 17.13
CA SER M 29 26.79 -7.24 15.96
C SER M 29 26.37 -6.26 14.86
N TYR M 30 26.31 -6.78 13.65
CA TYR M 30 25.91 -6.01 12.49
C TYR M 30 24.92 -6.92 11.83
N GLY M 31 23.69 -6.89 12.31
CA GLY M 31 22.70 -7.77 11.73
C GLY M 31 23.07 -9.14 12.25
N SER M 32 23.08 -10.15 11.40
CA SER M 32 23.43 -11.50 11.84
C SER M 32 24.94 -11.70 11.91
N LEU M 33 25.69 -10.77 11.34
CA LEU M 33 27.15 -10.83 11.35
C LEU M 33 27.75 -10.39 12.68
N LEU M 34 28.44 -11.31 13.36
CA LEU M 34 29.07 -10.99 14.63
C LEU M 34 30.33 -10.21 14.27
N ARG M 35 30.16 -8.98 13.85
CA ARG M 35 31.28 -8.16 13.39
C ARG M 35 32.37 -7.72 14.35
N PHE M 36 32.01 -7.11 15.47
CA PHE M 36 33.04 -6.65 16.41
C PHE M 36 33.11 -7.34 17.76
N ASN M 37 34.31 -7.81 18.11
CA ASN M 37 34.48 -8.52 19.36
C ASN M 37 35.24 -7.87 20.48
N GLY M 38 35.69 -6.63 20.31
CA GLY M 38 36.41 -5.99 21.39
C GLY M 38 35.62 -4.84 21.97
N VAL M 39 34.30 -4.93 21.89
CA VAL M 39 33.46 -3.85 22.38
C VAL M 39 33.12 -3.89 23.85
N GLU M 40 33.51 -2.84 24.57
CA GLU M 40 33.22 -2.76 25.99
C GLU M 40 31.91 -2.01 26.10
N ARG M 41 30.90 -2.67 26.63
CA ARG M 41 29.60 -2.04 26.76
C ARG M 41 29.30 -1.60 28.18
N LEU M 42 30.32 -1.61 29.03
CA LEU M 42 30.18 -1.17 30.41
C LEU M 42 31.00 0.11 30.60
N ILE M 43 30.29 1.23 30.78
CA ILE M 43 30.93 2.53 30.97
C ILE M 43 30.93 2.91 32.43
N PRO M 44 32.13 3.00 33.04
CA PRO M 44 32.18 3.36 34.45
C PRO M 44 32.35 4.87 34.52
N VAL M 45 31.55 5.51 35.37
CA VAL M 45 31.63 6.96 35.54
C VAL M 45 32.01 7.23 36.98
N GLY M 46 33.24 7.68 37.18
CA GLY M 46 33.70 7.94 38.52
C GLY M 46 34.06 6.60 39.14
N ASP M 47 33.80 6.45 40.44
CA ASP M 47 34.13 5.20 41.12
C ASP M 47 32.94 4.68 41.93
N ASN M 48 31.75 5.15 41.60
CA ASN M 48 30.55 4.74 42.29
C ASN M 48 29.45 4.38 41.31
N THR M 49 29.75 4.53 40.01
CA THR M 49 28.76 4.27 38.98
C THR M 49 29.32 3.56 37.75
N VAL M 50 28.52 2.66 37.19
CA VAL M 50 28.85 1.95 35.95
C VAL M 50 27.59 1.88 35.11
N VAL M 51 27.67 2.41 33.88
CA VAL M 51 26.53 2.45 32.97
C VAL M 51 26.63 1.37 31.91
N GLY M 52 25.68 0.44 31.90
CA GLY M 52 25.67 -0.63 30.92
C GLY M 52 24.73 -0.28 29.78
N ILE M 53 25.24 -0.29 28.56
CA ILE M 53 24.45 0.09 27.41
C ILE M 53 24.29 -1.00 26.34
N SER M 54 23.10 -1.09 25.78
CA SER M 54 22.83 -2.04 24.72
C SER M 54 22.12 -1.24 23.63
N GLY M 55 22.08 -1.79 22.42
CA GLY M 55 21.43 -1.06 21.36
C GLY M 55 22.43 -0.60 20.35
N ASP M 56 22.11 0.48 19.66
CA ASP M 56 22.98 1.02 18.63
C ASP M 56 24.34 1.41 19.21
N ILE M 57 25.40 0.79 18.72
CA ILE M 57 26.73 1.07 19.21
C ILE M 57 27.19 2.50 18.96
N SER M 58 26.86 3.05 17.79
CA SER M 58 27.28 4.42 17.49
C SER M 58 26.64 5.35 18.50
N ASP M 59 25.41 5.03 18.89
CA ASP M 59 24.68 5.82 19.87
C ASP M 59 25.32 5.62 21.23
N MET M 60 25.69 4.38 21.55
CA MET M 60 26.35 4.07 22.82
C MET M 60 27.59 4.96 22.92
N GLN M 61 28.46 4.86 21.93
CA GLN M 61 29.68 5.66 21.90
C GLN M 61 29.39 7.12 22.22
N HIS M 62 28.30 7.63 21.67
CA HIS M 62 27.86 9.01 21.88
C HIS M 62 27.54 9.29 23.34
N ILE M 63 26.77 8.40 23.94
CA ILE M 63 26.39 8.54 25.34
C ILE M 63 27.64 8.51 26.20
N GLU M 64 28.65 7.83 25.68
CA GLU M 64 29.92 7.69 26.36
C GLU M 64 30.63 9.05 26.45
N ARG M 65 30.74 9.71 25.31
CA ARG M 65 31.37 11.03 25.23
C ARG M 65 30.55 12.00 26.07
N LEU M 66 29.25 11.76 26.18
CA LEU M 66 28.38 12.61 26.97
C LEU M 66 28.74 12.50 28.44
N LEU M 67 29.07 11.30 28.87
CA LEU M 67 29.43 11.05 30.25
C LEU M 67 30.80 11.65 30.57
N LYS M 68 31.79 11.44 29.70
CA LYS M 68 33.11 11.99 29.97
C LYS M 68 32.98 13.50 30.16
N ASP M 69 32.03 14.10 29.47
CA ASP M 69 31.81 15.53 29.57
C ASP M 69 31.16 15.88 30.88
N LEU M 70 30.19 15.08 31.27
CA LEU M 70 29.50 15.31 32.52
C LEU M 70 30.56 15.40 33.61
N VAL M 71 31.46 14.43 33.61
CA VAL M 71 32.55 14.39 34.58
C VAL M 71 33.35 15.70 34.54
N THR M 72 34.00 15.95 33.40
CA THR M 72 34.79 17.16 33.18
C THR M 72 34.05 18.41 33.67
N GLU M 73 32.80 18.55 33.26
CA GLU M 73 31.98 19.69 33.63
C GLU M 73 31.78 19.80 35.13
N ASN M 74 31.52 18.67 35.78
CA ASN M 74 31.29 18.66 37.22
C ASN M 74 32.51 19.12 37.99
N ALA M 75 33.68 18.99 37.37
CA ALA M 75 34.92 19.38 37.99
C ALA M 75 35.12 20.90 37.97
N TYR M 76 34.58 21.56 36.95
CA TYR M 76 34.70 23.02 36.84
C TYR M 76 34.18 23.77 38.07
N ASP M 77 35.01 24.67 38.60
CA ASP M 77 34.66 25.50 39.76
C ASP M 77 34.05 24.68 40.89
N ASN M 78 34.51 23.44 41.04
CA ASN M 78 34.01 22.55 42.06
C ASN M 78 35.13 21.99 42.92
N PRO M 79 35.46 22.67 44.03
CA PRO M 79 36.53 22.21 44.92
C PRO M 79 36.22 20.91 45.65
N LEU M 80 34.99 20.42 45.49
CA LEU M 80 34.57 19.17 46.11
C LEU M 80 34.20 18.12 45.04
N ALA M 81 34.86 18.20 43.89
CA ALA M 81 34.59 17.30 42.77
C ALA M 81 34.87 15.85 43.11
N ASP M 82 35.87 15.63 43.96
CA ASP M 82 36.22 14.27 44.35
C ASP M 82 35.70 13.98 45.75
N ALA M 83 34.79 14.83 46.24
CA ALA M 83 34.23 14.65 47.56
C ALA M 83 32.71 14.74 47.55
N GLU M 84 32.16 15.56 48.45
CA GLU M 84 30.70 15.72 48.56
C GLU M 84 30.01 16.12 47.26
N GLU M 85 30.71 16.81 46.37
CA GLU M 85 30.11 17.24 45.12
C GLU M 85 30.56 16.45 43.90
N ALA M 86 30.75 15.16 44.08
CA ALA M 86 31.14 14.30 42.97
C ALA M 86 29.84 13.76 42.38
N LEU M 87 29.93 13.22 41.18
CA LEU M 87 28.76 12.68 40.51
C LEU M 87 28.17 11.48 41.24
N GLU M 88 26.87 11.56 41.52
CA GLU M 88 26.15 10.47 42.18
C GLU M 88 25.53 9.62 41.09
N PRO M 89 25.36 8.32 41.35
CA PRO M 89 24.75 7.50 40.31
C PRO M 89 23.41 8.12 39.89
N SER M 90 22.59 8.47 40.88
CA SER M 90 21.30 9.07 40.61
C SER M 90 21.41 10.27 39.67
N TYR M 91 22.41 11.12 39.91
CA TYR M 91 22.60 12.30 39.06
C TYR M 91 22.78 11.87 37.60
N ILE M 92 23.69 10.93 37.38
CA ILE M 92 24.01 10.44 36.05
C ILE M 92 22.81 9.85 35.36
N PHE M 93 22.04 9.04 36.09
CA PHE M 93 20.87 8.44 35.50
C PHE M 93 19.85 9.51 35.11
N GLU M 94 19.44 10.29 36.10
CA GLU M 94 18.46 11.33 35.87
C GLU M 94 18.81 12.14 34.62
N TYR M 95 20.10 12.38 34.43
CA TYR M 95 20.59 13.11 33.27
C TYR M 95 20.29 12.36 31.99
N LEU M 96 20.81 11.13 31.90
CA LEU M 96 20.60 10.28 30.75
C LEU M 96 19.10 10.11 30.48
N ALA M 97 18.35 9.80 31.53
CA ALA M 97 16.91 9.58 31.40
C ALA M 97 16.31 10.81 30.72
N THR M 98 16.76 11.98 31.16
CA THR M 98 16.29 13.25 30.61
C THR M 98 16.57 13.33 29.13
N VAL M 99 17.81 13.06 28.78
CA VAL M 99 18.23 13.08 27.39
C VAL M 99 17.41 12.10 26.58
N MET M 100 17.40 10.84 27.01
CA MET M 100 16.67 9.81 26.30
C MET M 100 15.25 10.18 25.94
N TYR M 101 14.50 10.71 26.91
CA TYR M 101 13.11 11.08 26.68
C TYR M 101 12.95 12.29 25.76
N GLN M 102 13.89 13.24 25.84
CA GLN M 102 13.83 14.41 24.97
C GLN M 102 14.01 13.98 23.53
N ARG M 103 14.99 13.11 23.31
CA ARG M 103 15.26 12.59 21.98
C ARG M 103 14.08 11.81 21.41
N ARG M 104 13.44 10.98 22.21
CA ARG M 104 12.30 10.23 21.66
C ARG M 104 11.20 11.24 21.38
N SER M 105 11.10 12.25 22.24
CA SER M 105 10.07 13.27 22.09
C SER M 105 10.30 14.17 20.90
N LYS M 106 11.49 14.10 20.33
CA LYS M 106 11.82 14.89 19.14
C LYS M 106 11.87 13.90 17.98
N MET M 107 11.27 12.73 18.18
CA MET M 107 11.24 11.70 17.16
C MET M 107 12.61 11.31 16.61
N ASN M 108 13.64 11.48 17.44
CA ASN M 108 15.00 11.13 17.03
C ASN M 108 15.72 10.47 18.23
N PRO M 109 15.33 9.23 18.57
CA PRO M 109 15.89 8.48 19.69
C PRO M 109 17.35 8.09 19.57
N LEU M 110 17.89 7.70 20.72
CA LEU M 110 19.24 7.18 20.84
C LEU M 110 18.81 5.72 21.03
N TRP M 111 18.97 4.92 19.98
CA TRP M 111 18.52 3.54 20.01
C TRP M 111 19.17 2.62 21.02
N ASN M 112 18.90 2.87 22.30
CA ASN M 112 19.49 2.08 23.37
C ASN M 112 18.56 1.69 24.50
N ALA M 113 19.08 0.80 25.32
CA ALA M 113 18.44 0.32 26.53
C ALA M 113 19.62 0.51 27.49
N ILE M 114 19.43 1.28 28.54
CA ILE M 114 20.53 1.54 29.46
C ILE M 114 20.21 1.15 30.89
N ILE M 115 21.23 0.66 31.59
CA ILE M 115 21.08 0.31 32.99
C ILE M 115 22.21 0.98 33.75
N VAL M 116 21.83 1.90 34.65
CA VAL M 116 22.81 2.61 35.45
C VAL M 116 22.85 1.96 36.82
N ALA M 117 24.01 1.42 37.19
CA ALA M 117 24.19 0.74 38.47
C ALA M 117 25.31 1.39 39.26
N GLY M 118 25.09 1.53 40.56
CA GLY M 118 26.11 2.12 41.40
C GLY M 118 25.67 2.22 42.86
N VAL M 119 26.53 2.84 43.66
CA VAL M 119 26.27 3.03 45.08
C VAL M 119 26.25 4.52 45.41
N GLN M 120 25.17 4.96 46.02
CA GLN M 120 25.02 6.37 46.40
C GLN M 120 25.99 6.70 47.52
N SER M 121 26.24 7.99 47.73
CA SER M 121 27.15 8.45 48.77
C SER M 121 26.86 7.84 50.15
N ASN M 122 25.58 7.74 50.49
CA ASN M 122 25.15 7.19 51.77
C ASN M 122 25.16 5.66 51.79
N GLY M 123 25.76 5.05 50.77
CA GLY M 123 25.82 3.59 50.71
C GLY M 123 24.71 2.88 49.97
N ASP M 124 23.60 3.58 49.74
CA ASP M 124 22.45 3.00 49.04
C ASP M 124 22.81 2.46 47.67
N GLN M 125 22.21 1.33 47.31
CA GLN M 125 22.44 0.73 46.01
C GLN M 125 21.52 1.41 45.02
N PHE M 126 22.06 1.73 43.85
CA PHE M 126 21.24 2.37 42.82
C PHE M 126 21.23 1.48 41.58
N LEU M 127 20.04 1.14 41.13
CA LEU M 127 19.88 0.32 39.96
C LEU M 127 18.62 0.74 39.26
N ARG M 128 18.76 1.44 38.14
CA ARG M 128 17.59 1.88 37.39
C ARG M 128 17.84 1.71 35.88
N TYR M 129 16.74 1.58 35.13
CA TYR M 129 16.77 1.36 33.68
C TYR M 129 16.07 2.46 32.89
N VAL M 130 16.56 2.73 31.68
CA VAL M 130 15.96 3.73 30.81
C VAL M 130 16.26 3.33 29.38
N ASN M 131 15.25 3.38 28.50
CA ASN M 131 15.49 2.99 27.11
C ASN M 131 15.20 4.14 26.14
N LEU M 132 15.24 3.83 24.84
CA LEU M 132 15.01 4.82 23.79
C LEU M 132 13.67 5.55 23.85
N LEU M 133 12.67 4.95 24.52
CA LEU M 133 11.36 5.58 24.65
C LEU M 133 11.36 6.56 25.81
N GLY M 134 12.36 6.47 26.67
CA GLY M 134 12.44 7.35 27.83
C GLY M 134 11.78 6.70 29.02
N VAL M 135 11.41 5.44 28.87
CA VAL M 135 10.78 4.70 29.96
C VAL M 135 11.81 4.35 31.02
N THR M 136 11.41 4.44 32.29
CA THR M 136 12.31 4.13 33.39
C THR M 136 11.65 3.28 34.47
N TYR M 137 12.47 2.43 35.10
CA TYR M 137 12.00 1.60 36.20
C TYR M 137 13.13 0.94 36.98
N SER M 138 12.84 0.59 38.24
CA SER M 138 13.80 -0.06 39.12
C SER M 138 13.25 -1.35 39.70
N SER M 139 14.15 -2.32 39.88
CA SER M 139 13.79 -3.63 40.42
C SER M 139 15.08 -4.25 40.95
N PRO M 140 14.98 -5.20 41.90
CA PRO M 140 16.17 -5.85 42.45
C PRO M 140 17.06 -6.44 41.35
N THR M 141 16.47 -6.79 40.22
CA THR M 141 17.23 -7.31 39.09
C THR M 141 16.72 -6.57 37.85
N LEU M 142 17.64 -6.23 36.95
CA LEU M 142 17.29 -5.52 35.72
C LEU M 142 18.12 -6.01 34.54
N ALA M 143 17.45 -6.30 33.44
CA ALA M 143 18.12 -6.77 32.23
C ALA M 143 17.47 -6.15 31.00
N THR M 144 18.28 -5.95 29.96
CA THR M 144 17.77 -5.39 28.71
C THR M 144 17.67 -6.52 27.69
N GLY M 145 16.95 -6.24 26.60
CA GLY M 145 16.80 -7.23 25.55
C GLY M 145 16.55 -8.65 26.02
N PHE M 146 17.33 -9.58 25.48
CA PHE M 146 17.21 -10.99 25.81
C PHE M 146 17.29 -11.33 27.29
N GLY M 147 18.22 -10.69 27.98
CA GLY M 147 18.38 -10.93 29.40
C GLY M 147 17.08 -10.71 30.13
N ALA M 148 16.26 -9.81 29.60
CA ALA M 148 14.98 -9.52 30.21
C ALA M 148 14.13 -10.77 30.29
N HIS M 149 14.30 -11.67 29.31
CA HIS M 149 13.50 -12.89 29.27
C HIS M 149 14.10 -14.11 29.96
N MET M 150 15.40 -14.30 29.79
CA MET M 150 16.07 -15.45 30.39
C MET M 150 16.83 -15.11 31.65
N ALA M 151 17.54 -13.99 31.64
CA ALA M 151 18.31 -13.57 32.79
C ALA M 151 17.46 -13.23 34.02
N ASN M 152 16.42 -12.42 33.84
CA ASN M 152 15.60 -12.05 34.99
C ASN M 152 15.04 -13.23 35.77
N PRO M 153 14.43 -14.22 35.07
CA PRO M 153 13.87 -15.37 35.79
C PRO M 153 14.88 -16.04 36.72
N LEU M 154 16.12 -16.16 36.28
CA LEU M 154 17.17 -16.77 37.08
C LEU M 154 17.52 -15.89 38.27
N LEU M 155 17.83 -14.62 38.00
CA LEU M 155 18.19 -13.67 39.05
C LEU M 155 17.07 -13.44 40.06
N ARG M 156 15.82 -13.47 39.62
CA ARG M 156 14.73 -13.25 40.54
C ARG M 156 14.54 -14.42 41.51
N LYS M 157 15.26 -15.52 41.29
CA LYS M 157 15.18 -16.68 42.16
C LYS M 157 16.17 -16.52 43.32
N VAL M 158 17.07 -15.54 43.19
CA VAL M 158 18.06 -15.24 44.22
C VAL M 158 17.56 -14.07 45.05
N VAL M 159 16.93 -13.11 44.38
CA VAL M 159 16.36 -11.94 45.04
C VAL M 159 14.99 -11.69 44.42
N ASP M 160 13.98 -12.33 45.00
CA ASP M 160 12.62 -12.23 44.51
C ASP M 160 11.99 -10.89 44.87
N ARG M 161 12.27 -10.41 46.09
CA ARG M 161 11.74 -9.13 46.51
C ARG M 161 12.84 -8.36 47.23
N GLU M 162 12.50 -7.19 47.76
CA GLU M 162 13.47 -6.34 48.43
C GLU M 162 14.14 -6.99 49.63
N SER M 163 13.35 -7.55 50.52
CA SER M 163 13.86 -8.22 51.71
C SER M 163 14.98 -9.22 51.42
N ASP M 164 15.13 -9.57 50.15
CA ASP M 164 16.17 -10.53 49.76
C ASP M 164 17.53 -9.88 49.52
N ILE M 165 17.55 -8.58 49.23
CA ILE M 165 18.82 -7.92 48.94
C ILE M 165 19.81 -8.09 50.08
N PRO M 166 19.41 -7.70 51.31
CA PRO M 166 20.29 -7.83 52.47
C PRO M 166 20.79 -9.25 52.70
N LYS M 167 20.03 -10.23 52.25
CA LYS M 167 20.40 -11.62 52.42
C LYS M 167 21.32 -12.16 51.32
N THR M 168 21.53 -11.39 50.26
CA THR M 168 22.36 -11.87 49.16
C THR M 168 23.79 -11.36 49.18
N THR M 169 24.74 -12.29 49.17
CA THR M 169 26.16 -11.94 49.20
C THR M 169 26.73 -11.75 47.80
N VAL M 170 27.88 -11.11 47.72
CA VAL M 170 28.54 -10.87 46.46
C VAL M 170 28.87 -12.17 45.73
N GLN M 171 29.11 -13.23 46.50
CA GLN M 171 29.44 -14.53 45.94
C GLN M 171 28.21 -15.12 45.29
N VAL M 172 27.13 -15.14 46.04
CA VAL M 172 25.87 -15.69 45.52
C VAL M 172 25.44 -14.85 44.32
N ALA M 173 25.49 -13.52 44.47
CA ALA M 173 25.11 -12.62 43.39
C ALA M 173 25.97 -12.80 42.14
N GLU M 174 27.28 -12.56 42.26
CA GLU M 174 28.16 -12.69 41.12
C GLU M 174 28.02 -14.03 40.41
N GLU M 175 27.72 -15.05 41.19
CA GLU M 175 27.55 -16.39 40.66
C GLU M 175 26.29 -16.41 39.80
N ALA M 176 25.19 -15.95 40.39
CA ALA M 176 23.91 -15.90 39.70
C ALA M 176 24.09 -15.23 38.34
N ILE M 177 24.77 -14.10 38.33
CA ILE M 177 25.01 -13.37 37.11
C ILE M 177 25.87 -14.14 36.10
N VAL M 178 26.98 -14.70 36.56
CA VAL M 178 27.84 -15.44 35.64
C VAL M 178 27.08 -16.58 34.99
N ASN M 179 26.19 -17.22 35.74
CA ASN M 179 25.43 -18.31 35.17
C ASN M 179 24.50 -17.77 34.09
N ALA M 180 23.86 -16.64 34.39
CA ALA M 180 22.94 -16.01 33.46
C ALA M 180 23.67 -15.73 32.15
N MET M 181 24.87 -15.20 32.23
CA MET M 181 25.65 -14.90 31.04
C MET M 181 25.84 -16.17 30.21
N ARG M 182 26.08 -17.29 30.87
CA ARG M 182 26.26 -18.55 30.15
C ARG M 182 24.95 -18.98 29.49
N VAL M 183 23.84 -18.83 30.21
CA VAL M 183 22.54 -19.20 29.67
C VAL M 183 22.27 -18.39 28.40
N LEU M 184 22.45 -17.07 28.48
CA LEU M 184 22.25 -16.22 27.32
C LEU M 184 23.17 -16.64 26.17
N TYR M 185 24.36 -17.13 26.49
CA TYR M 185 25.28 -17.56 25.46
C TYR M 185 24.73 -18.79 24.75
N TYR M 186 23.91 -19.56 25.47
CA TYR M 186 23.30 -20.76 24.93
C TYR M 186 22.13 -20.45 24.00
N ARG M 187 21.24 -19.55 24.41
CA ARG M 187 20.07 -19.26 23.61
C ARG M 187 19.96 -17.93 22.88
N ASP M 188 20.96 -17.05 23.00
CA ASP M 188 20.91 -15.76 22.30
C ASP M 188 21.87 -15.81 21.12
N ALA M 189 21.32 -15.79 19.90
CA ALA M 189 22.13 -15.88 18.67
C ALA M 189 22.94 -14.63 18.35
N ARG M 190 22.92 -13.67 19.25
CA ARG M 190 23.67 -12.43 19.05
C ARG M 190 24.55 -12.20 20.28
N SER M 191 24.94 -13.28 20.94
CA SER M 191 25.78 -13.16 22.12
C SER M 191 27.18 -13.69 21.85
N SER M 192 28.09 -13.25 22.71
CA SER M 192 29.50 -13.62 22.64
C SER M 192 29.86 -14.39 23.91
N ARG M 193 30.93 -15.17 23.85
CA ARG M 193 31.36 -15.93 25.01
C ARG M 193 32.15 -15.05 25.97
N ASN M 194 32.72 -13.97 25.44
CA ASN M 194 33.49 -13.04 26.24
C ASN M 194 32.64 -11.90 26.73
N PHE M 195 32.81 -11.54 27.99
CA PHE M 195 32.02 -10.45 28.54
C PHE M 195 32.78 -9.68 29.60
N SER M 196 32.11 -8.68 30.17
CA SER M 196 32.71 -7.88 31.22
C SER M 196 31.75 -7.85 32.39
N LEU M 197 32.31 -7.85 33.59
CA LEU M 197 31.49 -7.83 34.78
C LEU M 197 32.06 -6.76 35.68
N ALA M 198 31.20 -6.11 36.44
CA ALA M 198 31.65 -5.07 37.34
C ALA M 198 30.83 -5.07 38.62
N ILE M 199 31.51 -4.87 39.75
CA ILE M 199 30.84 -4.83 41.03
C ILE M 199 31.07 -3.44 41.59
N ILE M 200 30.10 -2.94 42.32
CA ILE M 200 30.20 -1.63 42.95
C ILE M 200 29.69 -1.86 44.37
N ASP M 201 30.64 -2.18 45.24
CA ASP M 201 30.40 -2.47 46.65
C ASP M 201 30.67 -1.24 47.51
N LYS M 202 29.74 -0.91 48.41
CA LYS M 202 29.91 0.26 49.25
C LYS M 202 31.16 0.21 50.15
N ASN M 203 31.89 -0.89 50.10
CA ASN M 203 33.09 -1.03 50.91
C ASN M 203 34.31 -1.21 50.04
N THR M 204 34.31 -2.29 49.25
CA THR M 204 35.43 -2.58 48.37
C THR M 204 35.53 -1.60 47.19
N GLY M 205 34.44 -0.86 46.95
CA GLY M 205 34.42 0.10 45.86
C GLY M 205 34.02 -0.46 44.50
N LEU M 206 34.73 -0.05 43.45
CA LEU M 206 34.43 -0.51 42.11
C LEU M 206 35.48 -1.49 41.63
N THR M 207 35.02 -2.68 41.27
CA THR M 207 35.88 -3.74 40.75
C THR M 207 35.42 -3.99 39.31
N PHE M 208 36.32 -3.82 38.36
CA PHE M 208 35.94 -4.01 36.97
C PHE M 208 36.68 -5.16 36.31
N LYS M 209 35.98 -6.28 36.12
CA LYS M 209 36.56 -7.47 35.53
C LYS M 209 36.37 -7.54 34.01
N LYS M 210 37.47 -7.64 33.28
CA LYS M 210 37.44 -7.71 31.83
C LYS M 210 37.83 -9.08 31.26
N ASN M 211 37.52 -9.27 29.99
CA ASN M 211 37.85 -10.50 29.29
C ASN M 211 37.38 -11.81 29.89
N LEU M 212 36.29 -11.79 30.65
CA LEU M 212 35.77 -13.02 31.23
C LEU M 212 35.31 -13.95 30.11
N GLN M 213 34.94 -15.17 30.46
CA GLN M 213 34.47 -16.14 29.49
C GLN M 213 33.50 -17.12 30.11
N VAL M 214 32.54 -17.54 29.32
CA VAL M 214 31.56 -18.50 29.81
C VAL M 214 32.32 -19.81 29.87
N GLU M 215 32.33 -20.42 31.06
CA GLU M 215 33.01 -21.69 31.25
C GLU M 215 32.00 -22.74 31.71
N ASN M 216 32.48 -23.96 31.90
CA ASN M 216 31.65 -25.06 32.36
C ASN M 216 30.35 -25.20 31.56
N MET M 217 30.48 -25.34 30.24
CA MET M 217 29.31 -25.50 29.39
C MET M 217 29.01 -26.98 29.15
N LYS M 218 27.72 -27.32 29.11
CA LYS M 218 27.27 -28.68 28.87
C LYS M 218 26.93 -28.88 27.39
N TRP M 219 27.78 -29.62 26.68
CA TRP M 219 27.54 -29.88 25.26
C TRP M 219 27.59 -31.36 24.95
N ASP M 220 28.16 -32.15 25.86
CA ASP M 220 28.31 -33.58 25.64
C ASP M 220 27.06 -34.32 25.13
N PHE M 221 25.91 -34.07 25.75
CA PHE M 221 24.69 -34.75 25.33
C PHE M 221 24.37 -34.56 23.83
N ALA M 222 25.07 -33.64 23.18
CA ALA M 222 24.86 -33.38 21.77
C ALA M 222 25.20 -34.60 20.91
N LYS M 223 26.12 -35.44 21.40
CA LYS M 223 26.56 -36.63 20.67
C LYS M 223 25.48 -37.68 20.56
N ASP M 224 24.56 -37.71 21.53
CA ASP M 224 23.48 -38.68 21.56
C ASP M 224 22.27 -38.24 20.75
N ILE M 225 22.24 -36.97 20.39
CA ILE M 225 21.13 -36.44 19.62
C ILE M 225 21.38 -36.63 18.14
N LYS M 226 20.62 -37.52 17.51
CA LYS M 226 20.76 -37.73 16.07
C LYS M 226 19.39 -37.85 15.42
N GLY M 227 19.27 -37.29 14.22
CA GLY M 227 18.01 -37.32 13.51
C GLY M 227 17.08 -36.28 14.09
N TYR M 228 15.88 -36.19 13.55
CA TYR M 228 14.90 -35.22 14.03
C TYR M 228 13.56 -35.91 14.23
N GLY M 229 13.62 -37.18 14.61
CA GLY M 229 12.40 -37.96 14.84
C GLY M 229 12.59 -39.48 14.76
N THR M 230 12.63 -40.02 13.54
CA THR M 230 12.76 -41.46 13.37
C THR M 230 14.16 -41.98 13.07
N GLN M 231 15.05 -41.11 12.63
CA GLN M 231 16.42 -41.54 12.32
C GLN M 231 17.08 -42.19 13.53
N LYS M 232 17.86 -43.24 13.27
CA LYS M 232 18.51 -43.95 14.36
C LYS M 232 20.02 -43.75 14.49
N ILE M 233 20.73 -43.60 13.37
CA ILE M 233 22.19 -43.39 13.43
C ILE M 233 22.60 -41.94 13.15
N THR N 1 32.04 -3.54 -4.28
CA THR N 1 33.34 -2.95 -3.82
C THR N 1 34.00 -3.77 -2.72
N SER N 2 35.32 -3.92 -2.83
CA SER N 2 36.11 -4.66 -1.85
C SER N 2 37.29 -3.80 -1.38
N ILE N 3 37.29 -3.45 -0.11
CA ILE N 3 38.36 -2.62 0.44
C ILE N 3 38.84 -3.13 1.80
N MET N 4 40.10 -2.82 2.13
CA MET N 4 40.67 -3.23 3.40
C MET N 4 41.94 -2.42 3.68
N ALA N 5 42.26 -2.26 4.97
CA ALA N 5 43.46 -1.55 5.39
C ALA N 5 44.12 -2.47 6.42
N VAL N 6 45.44 -2.63 6.31
CA VAL N 6 46.19 -3.51 7.21
C VAL N 6 47.44 -2.85 7.79
N THR N 7 47.59 -2.92 9.11
CA THR N 7 48.75 -2.35 9.77
C THR N 7 49.78 -3.43 9.95
N PHE N 8 51.02 -3.12 9.59
CA PHE N 8 52.12 -4.06 9.73
C PHE N 8 53.30 -3.34 10.39
N LYS N 9 54.39 -4.06 10.57
CA LYS N 9 55.61 -3.56 11.20
C LYS N 9 56.07 -2.11 10.88
N ASP N 10 56.10 -1.75 9.60
CA ASP N 10 56.58 -0.44 9.20
C ASP N 10 55.55 0.65 8.95
N GLY N 11 54.27 0.28 8.98
CA GLY N 11 53.24 1.28 8.76
C GLY N 11 51.88 0.66 8.49
N VAL N 12 51.30 0.99 7.34
CA VAL N 12 49.99 0.45 6.95
C VAL N 12 49.76 0.50 5.43
N ILE N 13 48.97 -0.44 4.94
CA ILE N 13 48.66 -0.53 3.53
C ILE N 13 47.14 -0.51 3.31
N LEU N 14 46.71 0.20 2.28
CA LEU N 14 45.28 0.29 1.94
C LEU N 14 45.10 -0.40 0.60
N GLY N 15 44.10 -1.27 0.50
CA GLY N 15 43.85 -1.97 -0.74
C GLY N 15 42.40 -1.86 -1.15
N ALA N 16 42.15 -1.96 -2.46
CA ALA N 16 40.80 -1.85 -2.99
C ALA N 16 40.71 -2.36 -4.43
N ASP N 17 39.50 -2.74 -4.86
CA ASP N 17 39.31 -3.17 -6.24
C ASP N 17 39.06 -1.88 -7.00
N SER N 18 38.68 -1.96 -8.27
CA SER N 18 38.49 -0.74 -9.03
C SER N 18 37.16 -0.70 -9.77
N ARG N 19 36.21 -1.49 -9.31
CA ARG N 19 34.92 -1.55 -9.97
C ARG N 19 33.75 -0.88 -9.27
N THR N 20 33.12 0.08 -9.95
CA THR N 20 31.92 0.72 -9.42
C THR N 20 30.85 0.40 -10.45
N THR N 21 29.74 -0.12 -9.96
CA THR N 21 28.64 -0.52 -10.82
C THR N 21 27.34 0.13 -10.41
N THR N 22 26.48 0.28 -11.40
CA THR N 22 25.15 0.80 -11.20
C THR N 22 24.33 -0.31 -11.83
N GLY N 23 23.84 -1.21 -10.99
CA GLY N 23 23.09 -2.33 -11.48
C GLY N 23 24.08 -3.42 -11.84
N ALA N 24 23.93 -4.03 -13.01
CA ALA N 24 24.85 -5.08 -13.41
C ALA N 24 25.85 -4.46 -14.35
N TYR N 25 25.67 -3.18 -14.66
CA TYR N 25 26.58 -2.48 -15.57
C TYR N 25 27.73 -1.90 -14.81
N ILE N 26 28.94 -2.14 -15.31
CA ILE N 26 30.12 -1.61 -14.66
C ILE N 26 30.37 -0.21 -15.21
N ALA N 27 29.93 0.79 -14.46
CA ALA N 27 30.06 2.20 -14.82
C ALA N 27 31.52 2.60 -15.03
N ASN N 28 32.36 2.23 -14.07
CA ASN N 28 33.80 2.54 -14.14
C ASN N 28 34.53 1.27 -13.73
N ARG N 29 35.51 0.84 -14.54
CA ARG N 29 36.27 -0.37 -14.21
C ARG N 29 37.69 -0.08 -13.73
N VAL N 30 38.04 1.20 -13.65
CA VAL N 30 39.36 1.59 -13.19
C VAL N 30 39.20 2.67 -12.12
N THR N 31 38.21 2.51 -11.27
CA THR N 31 37.93 3.46 -10.18
C THR N 31 39.06 3.47 -9.14
N ASP N 32 39.28 4.63 -8.53
CA ASP N 32 40.30 4.76 -7.49
C ASP N 32 39.59 4.98 -6.16
N LYS N 33 39.39 3.91 -5.43
CA LYS N 33 38.69 3.98 -4.16
C LYS N 33 39.59 4.36 -2.98
N LEU N 34 40.87 4.55 -3.27
CA LEU N 34 41.84 4.93 -2.25
C LEU N 34 42.01 6.44 -2.32
N THR N 35 41.30 7.15 -1.43
CA THR N 35 41.31 8.60 -1.39
C THR N 35 42.19 9.23 -0.31
N ARG N 36 42.91 10.29 -0.68
CA ARG N 36 43.80 10.97 0.24
C ARG N 36 43.17 12.16 0.95
N VAL N 37 43.15 12.13 2.28
CA VAL N 37 42.59 13.25 3.02
C VAL N 37 43.73 14.10 3.59
N HIS N 38 44.90 13.48 3.70
CA HIS N 38 46.10 14.17 4.19
C HIS N 38 47.34 13.39 3.77
N ASP N 39 48.48 14.06 3.77
CA ASP N 39 49.74 13.46 3.38
C ASP N 39 49.84 11.99 3.74
N LYS N 40 49.76 11.67 5.02
CA LYS N 40 49.84 10.28 5.39
C LYS N 40 48.60 9.74 6.08
N ILE N 41 47.44 10.25 5.65
CA ILE N 41 46.15 9.80 6.16
C ILE N 41 45.30 9.62 4.91
N TRP N 42 44.96 8.37 4.60
CA TRP N 42 44.16 8.04 3.43
C TRP N 42 42.91 7.29 3.89
N CYS N 43 42.00 7.01 2.95
CA CYS N 43 40.78 6.28 3.30
C CYS N 43 40.30 5.36 2.18
N CYS N 44 39.49 4.38 2.55
CA CYS N 44 38.92 3.46 1.61
C CYS N 44 37.44 3.77 1.63
N ARG N 45 36.88 4.01 0.45
CA ARG N 45 35.48 4.37 0.35
C ARG N 45 34.57 3.27 -0.16
N SER N 46 33.47 3.07 0.57
CA SER N 46 32.45 2.07 0.22
C SER N 46 31.07 2.71 0.47
N GLY N 47 30.15 2.47 -0.44
CA GLY N 47 28.82 3.03 -0.30
C GLY N 47 28.50 3.97 -1.45
N SER N 48 27.66 4.96 -1.16
CA SER N 48 27.29 5.93 -2.17
C SER N 48 28.52 6.71 -2.60
N ALA N 49 28.98 6.50 -3.83
CA ALA N 49 30.15 7.23 -4.30
C ALA N 49 29.94 8.71 -4.02
N ALA N 50 28.76 9.21 -4.38
CA ALA N 50 28.46 10.60 -4.15
C ALA N 50 28.69 10.95 -2.69
N ASP N 51 28.19 10.13 -1.77
CA ASP N 51 28.35 10.41 -0.35
C ASP N 51 29.78 10.33 0.17
N THR N 52 30.49 9.25 -0.11
CA THR N 52 31.87 9.11 0.36
C THR N 52 32.79 10.20 -0.22
N GLN N 53 32.63 10.50 -1.52
CA GLN N 53 33.43 11.55 -2.16
C GLN N 53 33.19 12.89 -1.43
N ALA N 54 31.93 13.22 -1.22
CA ALA N 54 31.54 14.45 -0.54
C ALA N 54 32.12 14.48 0.86
N ILE N 55 31.98 13.36 1.59
CA ILE N 55 32.49 13.27 2.95
C ILE N 55 34.00 13.47 2.95
N ALA N 56 34.70 12.63 2.18
CA ALA N 56 36.15 12.71 2.08
C ALA N 56 36.53 14.14 1.76
N ASP N 57 35.99 14.68 0.67
CA ASP N 57 36.27 16.04 0.26
C ASP N 57 36.19 17.03 1.43
N ILE N 58 35.18 16.88 2.26
CA ILE N 58 35.02 17.75 3.40
C ILE N 58 36.08 17.47 4.44
N VAL N 59 36.34 16.19 4.70
CA VAL N 59 37.34 15.82 5.67
C VAL N 59 38.67 16.45 5.30
N GLN N 60 39.08 16.26 4.05
CA GLN N 60 40.33 16.83 3.58
C GLN N 60 40.36 18.30 3.93
N TYR N 61 39.29 19.02 3.57
CA TYR N 61 39.17 20.44 3.85
C TYR N 61 39.51 20.69 5.31
N HIS N 62 38.81 20.00 6.20
CA HIS N 62 39.04 20.15 7.62
C HIS N 62 40.48 19.89 8.05
N LEU N 63 41.04 18.77 7.62
CA LEU N 63 42.41 18.45 7.98
C LEU N 63 43.38 19.52 7.47
N GLU N 64 43.11 20.07 6.29
CA GLU N 64 43.98 21.11 5.74
C GLU N 64 43.96 22.36 6.61
N LEU N 65 42.80 22.74 7.13
CA LEU N 65 42.69 23.93 7.98
C LEU N 65 43.26 23.62 9.36
N TYR N 66 43.11 22.37 9.80
CA TYR N 66 43.61 21.93 11.09
C TYR N 66 45.13 22.10 11.02
N THR N 67 45.71 21.57 9.96
CA THR N 67 47.14 21.66 9.73
C THR N 67 47.61 23.12 9.75
N SER N 68 46.92 23.98 9.01
CA SER N 68 47.27 25.41 8.96
C SER N 68 47.45 25.98 10.34
N GLN N 69 46.64 25.49 11.27
CA GLN N 69 46.69 26.02 12.62
C GLN N 69 47.42 25.20 13.66
N TYR N 70 47.25 23.89 13.62
CA TYR N 70 47.85 23.06 14.65
C TYR N 70 48.87 22.02 14.23
N GLY N 71 49.38 22.13 13.00
CA GLY N 71 50.35 21.15 12.55
C GLY N 71 49.67 19.87 12.09
N THR N 72 50.47 18.85 11.79
CA THR N 72 49.90 17.60 11.31
C THR N 72 48.92 16.97 12.29
N PRO N 73 47.74 16.55 11.78
CA PRO N 73 46.71 15.93 12.58
C PRO N 73 47.02 14.44 12.81
N SER N 74 46.47 13.88 13.88
CA SER N 74 46.70 12.47 14.17
C SER N 74 45.73 11.63 13.36
N THR N 75 46.09 10.39 13.10
CA THR N 75 45.19 9.53 12.37
C THR N 75 43.88 9.46 13.14
N GLU N 76 43.99 9.45 14.47
CA GLU N 76 42.81 9.39 15.32
C GLU N 76 41.91 10.59 15.05
N THR N 77 42.50 11.77 14.95
CA THR N 77 41.73 12.98 14.67
C THR N 77 41.02 12.87 13.31
N ALA N 78 41.73 12.38 12.31
CA ALA N 78 41.17 12.22 10.97
C ALA N 78 39.94 11.33 11.08
N ALA N 79 40.08 10.22 11.80
CA ALA N 79 38.95 9.31 11.97
C ALA N 79 37.83 10.06 12.67
N SER N 80 38.18 10.83 13.69
CA SER N 80 37.17 11.58 14.44
C SER N 80 36.35 12.47 13.52
N VAL N 81 37.00 13.19 12.60
CA VAL N 81 36.26 14.05 11.68
C VAL N 81 35.30 13.24 10.79
N PHE N 82 35.76 12.10 10.30
CA PHE N 82 34.93 11.25 9.46
C PHE N 82 33.70 10.87 10.26
N LYS N 83 33.95 10.29 11.42
CA LYS N 83 32.88 9.85 12.30
C LYS N 83 31.86 10.96 12.57
N GLU N 84 32.38 12.13 12.90
CA GLU N 84 31.53 13.27 13.19
C GLU N 84 30.53 13.48 12.05
N LEU N 85 31.03 13.60 10.83
CA LEU N 85 30.14 13.78 9.69
C LEU N 85 29.23 12.57 9.52
N CYS N 86 29.80 11.37 9.46
CA CYS N 86 28.99 10.17 9.28
C CYS N 86 27.90 9.91 10.33
N TYR N 87 28.21 10.13 11.61
CA TYR N 87 27.25 9.89 12.68
C TYR N 87 26.15 10.94 12.75
N GLU N 88 26.60 12.19 12.79
CA GLU N 88 25.73 13.34 12.87
C GLU N 88 24.79 13.44 11.65
N ASN N 89 25.11 12.75 10.56
CA ASN N 89 24.32 12.80 9.34
C ASN N 89 23.93 11.41 8.87
N LYS N 90 23.82 10.48 9.82
CA LYS N 90 23.48 9.08 9.50
C LYS N 90 22.24 8.89 8.63
N ASP N 91 21.20 9.67 8.88
CA ASP N 91 19.95 9.59 8.13
C ASP N 91 20.03 9.79 6.61
N ASN N 92 21.02 10.58 6.17
CA ASN N 92 21.15 10.87 4.75
C ASN N 92 22.42 10.36 4.12
N LEU N 93 23.11 9.48 4.82
CA LEU N 93 24.35 8.93 4.30
C LEU N 93 24.34 7.42 4.24
N THR N 94 25.08 6.90 3.28
CA THR N 94 25.23 5.48 3.09
C THR N 94 26.69 5.38 2.74
N ALA N 95 27.53 5.45 3.77
CA ALA N 95 28.96 5.38 3.59
C ALA N 95 29.64 4.54 4.65
N GLY N 96 30.57 3.71 4.19
CA GLY N 96 31.35 2.86 5.07
C GLY N 96 32.79 3.22 4.72
N ILE N 97 33.48 3.90 5.62
CA ILE N 97 34.86 4.31 5.36
C ILE N 97 35.93 3.66 6.25
N ILE N 98 37.05 3.28 5.64
CA ILE N 98 38.19 2.72 6.38
C ILE N 98 39.22 3.84 6.37
N VAL N 99 39.63 4.28 7.54
CA VAL N 99 40.61 5.35 7.63
C VAL N 99 41.95 4.80 8.08
N ALA N 100 42.97 4.96 7.24
CA ALA N 100 44.31 4.47 7.56
C ALA N 100 45.30 5.61 7.45
N GLY N 101 46.28 5.61 8.34
CA GLY N 101 47.29 6.66 8.31
C GLY N 101 48.59 6.26 8.99
N TYR N 102 49.61 7.08 8.81
CA TYR N 102 50.90 6.80 9.43
C TYR N 102 51.45 7.96 10.26
N ASP N 103 51.68 7.65 11.53
CA ASP N 103 52.19 8.58 12.51
C ASP N 103 53.58 8.04 12.82
N ASP N 104 54.50 8.91 13.18
CA ASP N 104 55.86 8.43 13.48
C ASP N 104 55.92 7.86 14.90
N LYS N 105 55.05 8.41 15.75
CA LYS N 105 54.95 7.98 17.14
C LYS N 105 54.09 6.73 17.24
N ASN N 106 52.97 6.73 16.53
CA ASN N 106 52.02 5.61 16.55
C ASN N 106 52.22 4.58 15.45
N LYS N 107 53.06 4.89 14.48
CA LYS N 107 53.32 4.00 13.36
C LYS N 107 52.05 3.91 12.50
N GLY N 108 51.56 2.71 12.24
CA GLY N 108 50.37 2.57 11.43
C GLY N 108 49.10 2.40 12.25
N GLU N 109 48.01 3.02 11.82
CA GLU N 109 46.73 2.89 12.51
C GLU N 109 45.57 2.72 11.53
N VAL N 110 44.60 1.90 11.92
CA VAL N 110 43.42 1.64 11.10
C VAL N 110 42.14 1.81 11.89
N TYR N 111 41.25 2.65 11.39
CA TYR N 111 39.95 2.91 12.00
C TYR N 111 38.88 2.58 10.98
N THR N 112 37.79 1.96 11.43
CA THR N 112 36.71 1.62 10.54
C THR N 112 35.43 2.30 10.99
N ILE N 113 34.75 2.90 10.04
CA ILE N 113 33.50 3.58 10.32
C ILE N 113 32.41 2.95 9.45
N PRO N 114 31.63 2.03 10.04
CA PRO N 114 30.56 1.34 9.35
C PRO N 114 29.35 2.25 9.22
N LEU N 115 28.30 1.77 8.55
CA LEU N 115 27.10 2.55 8.34
C LEU N 115 26.65 3.41 9.51
N GLY N 116 26.45 2.79 10.67
CA GLY N 116 26.00 3.56 11.82
C GLY N 116 26.62 4.92 12.13
N GLY N 117 27.93 5.03 11.98
CA GLY N 117 28.58 6.27 12.30
C GLY N 117 29.51 6.00 13.48
N SER N 118 29.57 4.74 13.89
CA SER N 118 30.42 4.33 15.01
C SER N 118 31.87 4.23 14.52
N VAL N 119 32.83 4.26 15.45
CA VAL N 119 34.24 4.15 15.07
C VAL N 119 34.86 2.94 15.72
N HIS N 120 35.75 2.27 15.00
CA HIS N 120 36.41 1.10 15.53
C HIS N 120 37.87 1.07 15.10
N LYS N 121 38.78 1.03 16.08
CA LYS N 121 40.20 0.96 15.75
C LYS N 121 40.54 -0.52 15.76
N LEU N 122 41.36 -0.96 14.82
CA LEU N 122 41.69 -2.37 14.74
C LEU N 122 43.03 -2.58 14.04
N PRO N 123 43.58 -3.81 14.13
CA PRO N 123 44.85 -4.16 13.49
C PRO N 123 44.68 -4.06 11.99
N TYR N 124 43.50 -4.42 11.52
CA TYR N 124 43.16 -4.36 10.11
C TYR N 124 41.65 -4.37 10.02
N ALA N 125 41.13 -3.94 8.88
CA ALA N 125 39.70 -3.91 8.68
C ALA N 125 39.40 -4.09 7.22
N ILE N 126 38.27 -4.75 6.96
CA ILE N 126 37.79 -5.06 5.63
C ILE N 126 36.35 -4.57 5.49
N ALA N 127 35.98 -4.12 4.29
CA ALA N 127 34.64 -3.61 4.08
C ALA N 127 34.23 -3.73 2.62
N GLY N 128 33.00 -3.32 2.34
CA GLY N 128 32.49 -3.40 0.99
C GLY N 128 31.83 -4.75 0.78
N SER N 129 30.89 -4.81 -0.15
CA SER N 129 30.17 -6.04 -0.45
C SER N 129 31.06 -7.28 -0.44
N GLY N 130 32.19 -7.22 -1.14
CA GLY N 130 33.08 -8.36 -1.22
C GLY N 130 33.67 -8.86 0.08
N SER N 131 33.85 -7.95 1.04
CA SER N 131 34.44 -8.31 2.32
C SER N 131 33.83 -9.55 2.98
N THR N 132 32.52 -9.71 2.89
CA THR N 132 31.86 -10.85 3.54
C THR N 132 32.50 -12.18 3.18
N PHE N 133 32.95 -12.32 1.94
CA PHE N 133 33.53 -13.56 1.46
C PHE N 133 34.92 -13.85 1.97
N ILE N 134 35.57 -12.85 2.53
CA ILE N 134 36.92 -13.06 3.00
C ILE N 134 37.06 -12.91 4.52
N TYR N 135 35.93 -12.87 5.22
CA TYR N 135 36.00 -12.77 6.67
C TYR N 135 36.77 -13.99 7.18
N GLY N 136 36.39 -15.17 6.72
CA GLY N 136 37.05 -16.38 7.16
C GLY N 136 38.53 -16.38 6.84
N TYR N 137 38.85 -16.18 5.56
CA TYR N 137 40.24 -16.16 5.11
C TYR N 137 41.09 -15.19 5.93
N CYS N 138 40.73 -13.91 5.89
CA CYS N 138 41.48 -12.89 6.61
C CYS N 138 41.73 -13.21 8.08
N ASP N 139 40.71 -13.67 8.78
CA ASP N 139 40.88 -13.99 10.18
C ASP N 139 41.92 -15.08 10.38
N LYS N 140 41.98 -16.03 9.46
CA LYS N 140 42.93 -17.12 9.56
C LYS N 140 44.32 -16.76 9.07
N ASN N 141 44.44 -15.67 8.32
CA ASN N 141 45.76 -15.30 7.78
C ASN N 141 46.40 -14.01 8.29
N PHE N 142 45.63 -13.13 8.90
CA PHE N 142 46.24 -11.93 9.38
C PHE N 142 47.19 -12.24 10.52
N ARG N 143 48.30 -11.52 10.54
CA ARG N 143 49.32 -11.64 11.58
C ARG N 143 49.82 -10.23 11.86
N GLU N 144 50.12 -9.92 13.11
CA GLU N 144 50.62 -8.59 13.38
C GLU N 144 52.11 -8.44 13.12
N ASN N 145 52.52 -7.23 12.79
CA ASN N 145 53.91 -6.97 12.52
C ASN N 145 54.45 -7.78 11.38
N MET N 146 53.68 -7.85 10.30
CA MET N 146 54.13 -8.57 9.13
C MET N 146 55.08 -7.60 8.44
N SER N 147 55.73 -8.04 7.36
CA SER N 147 56.63 -7.19 6.62
C SER N 147 55.86 -6.56 5.46
N LYS N 148 56.40 -5.50 4.90
CA LYS N 148 55.72 -4.87 3.79
C LYS N 148 55.35 -5.92 2.74
N GLU N 149 56.29 -6.78 2.38
CA GLU N 149 56.02 -7.80 1.38
C GLU N 149 54.92 -8.76 1.82
N GLU N 150 54.95 -9.17 3.07
CA GLU N 150 53.93 -10.10 3.59
C GLU N 150 52.55 -9.46 3.55
N THR N 151 52.49 -8.21 3.99
CA THR N 151 51.25 -7.46 4.03
C THR N 151 50.69 -7.26 2.63
N VAL N 152 51.53 -6.86 1.69
CA VAL N 152 51.06 -6.66 0.33
C VAL N 152 50.50 -7.97 -0.22
N ASP N 153 51.07 -9.09 0.21
CA ASP N 153 50.61 -10.41 -0.24
C ASP N 153 49.29 -10.77 0.40
N PHE N 154 49.17 -10.46 1.68
CA PHE N 154 47.95 -10.73 2.43
C PHE N 154 46.79 -9.99 1.75
N ILE N 155 46.99 -8.69 1.54
CA ILE N 155 45.98 -7.87 0.89
C ILE N 155 45.68 -8.41 -0.51
N LYS N 156 46.72 -8.59 -1.32
CA LYS N 156 46.51 -9.09 -2.67
C LYS N 156 45.70 -10.38 -2.73
N HIS N 157 45.96 -11.30 -1.81
CA HIS N 157 45.23 -12.57 -1.79
C HIS N 157 43.80 -12.37 -1.34
N SER N 158 43.62 -11.68 -0.22
CA SER N 158 42.27 -11.43 0.28
C SER N 158 41.42 -10.82 -0.83
N LEU N 159 41.80 -9.63 -1.30
CA LEU N 159 41.04 -8.97 -2.36
C LEU N 159 40.82 -9.79 -3.61
N SER N 160 41.84 -10.51 -4.07
CA SER N 160 41.67 -11.30 -5.27
C SER N 160 40.51 -12.25 -5.03
N GLN N 161 40.38 -12.75 -3.81
CA GLN N 161 39.28 -13.65 -3.48
C GLN N 161 37.96 -12.89 -3.41
N ALA N 162 37.96 -11.75 -2.71
CA ALA N 162 36.76 -10.94 -2.61
C ALA N 162 36.27 -10.72 -4.03
N ILE N 163 37.18 -10.32 -4.91
CA ILE N 163 36.84 -10.08 -6.30
C ILE N 163 36.31 -11.35 -6.97
N LYS N 164 36.90 -12.48 -6.62
CA LYS N 164 36.51 -13.77 -7.18
C LYS N 164 35.03 -14.07 -7.05
N TRP N 165 34.54 -13.94 -5.82
CA TRP N 165 33.15 -14.21 -5.50
C TRP N 165 32.16 -13.06 -5.69
N ASP N 166 32.56 -11.85 -5.30
CA ASP N 166 31.67 -10.70 -5.41
C ASP N 166 31.70 -10.03 -6.79
N GLY N 167 30.57 -10.08 -7.48
CA GLY N 167 30.48 -9.48 -8.80
C GLY N 167 30.46 -7.97 -8.74
N SER N 168 30.18 -7.43 -7.56
CA SER N 168 30.15 -5.98 -7.39
C SER N 168 31.57 -5.45 -7.34
N SER N 169 32.53 -6.37 -7.22
CA SER N 169 33.95 -6.02 -7.14
C SER N 169 34.69 -6.54 -8.37
N GLY N 170 35.84 -5.94 -8.66
CA GLY N 170 36.59 -6.38 -9.82
C GLY N 170 37.58 -5.36 -10.33
N GLY N 171 38.15 -5.64 -11.49
CA GLY N 171 39.11 -4.74 -12.10
C GLY N 171 40.51 -4.97 -11.55
N VAL N 172 41.24 -3.88 -11.31
CA VAL N 172 42.59 -3.97 -10.78
C VAL N 172 42.57 -3.85 -9.26
N ILE N 173 43.65 -4.26 -8.61
CA ILE N 173 43.74 -4.14 -7.16
C ILE N 173 44.71 -3.01 -6.90
N ARG N 174 44.23 -1.92 -6.31
CA ARG N 174 45.11 -0.80 -6.00
C ARG N 174 45.53 -0.87 -4.54
N MET N 175 46.70 -0.35 -4.24
CA MET N 175 47.16 -0.33 -2.87
C MET N 175 47.91 0.95 -2.62
N VAL N 176 48.04 1.31 -1.35
CA VAL N 176 48.77 2.50 -0.99
C VAL N 176 49.52 2.20 0.29
N VAL N 177 50.84 2.34 0.24
CA VAL N 177 51.67 2.06 1.40
C VAL N 177 52.02 3.32 2.18
N LEU N 178 51.65 3.32 3.45
CA LEU N 178 51.90 4.42 4.33
C LEU N 178 52.96 4.06 5.36
N THR N 179 54.16 4.62 5.18
CA THR N 179 55.29 4.37 6.08
C THR N 179 56.13 5.62 6.29
N ALA N 180 57.13 5.51 7.16
CA ALA N 180 58.00 6.65 7.45
C ALA N 180 58.67 7.07 6.15
N ALA N 181 58.99 6.07 5.33
CA ALA N 181 59.66 6.27 4.05
C ALA N 181 58.88 7.20 3.10
N GLY N 182 57.56 7.16 3.20
CA GLY N 182 56.76 8.00 2.33
C GLY N 182 55.51 7.27 1.88
N VAL N 183 54.95 7.72 0.76
CA VAL N 183 53.74 7.14 0.21
C VAL N 183 54.03 6.39 -1.08
N GLU N 184 53.53 5.15 -1.18
CA GLU N 184 53.76 4.33 -2.35
C GLU N 184 52.49 3.71 -2.94
N ARG N 185 52.24 4.02 -4.21
CA ARG N 185 51.09 3.48 -4.94
C ARG N 185 51.45 2.12 -5.52
N LEU N 186 50.52 1.17 -5.49
CA LEU N 186 50.75 -0.14 -6.06
C LEU N 186 49.54 -0.53 -6.89
N ILE N 187 49.75 -1.33 -7.92
CA ILE N 187 48.66 -1.76 -8.76
C ILE N 187 48.94 -3.20 -9.18
N PHE N 188 47.90 -3.99 -9.36
CA PHE N 188 48.04 -5.39 -9.77
C PHE N 188 46.88 -5.65 -10.70
N TYR N 189 47.19 -6.19 -11.87
CA TYR N 189 46.19 -6.45 -12.87
C TYR N 189 45.57 -7.83 -12.79
N PRO N 190 44.41 -8.01 -13.43
CA PRO N 190 43.70 -9.30 -13.43
C PRO N 190 44.65 -10.47 -13.61
N ASP N 191 45.31 -10.49 -14.76
CA ASP N 191 46.23 -11.56 -15.10
C ASP N 191 47.14 -12.00 -13.97
N GLU N 192 47.39 -11.13 -13.00
CA GLU N 192 48.24 -11.53 -11.90
C GLU N 192 47.44 -12.18 -10.77
N TYR N 193 46.67 -11.37 -10.04
CA TYR N 193 45.91 -11.88 -8.91
C TYR N 193 44.85 -12.96 -9.21
N GLU N 194 44.38 -13.05 -10.44
CA GLU N 194 43.36 -14.04 -10.79
C GLU N 194 43.86 -15.46 -10.60
N GLN N 195 45.13 -15.70 -10.88
CA GLN N 195 45.66 -17.04 -10.75
C GLN N 195 46.46 -17.25 -9.49
N LEU N 196 45.94 -16.77 -8.36
CA LEU N 196 46.63 -16.93 -7.09
C LEU N 196 45.92 -18.03 -6.32
N MET O 1 -10.40 -51.63 -17.63
CA MET O 1 -10.52 -51.74 -16.14
C MET O 1 -11.87 -51.15 -15.73
N THR O 2 -11.85 -50.38 -14.65
CA THR O 2 -13.04 -49.73 -14.11
C THR O 2 -14.17 -50.73 -13.88
N ASP O 3 -14.55 -50.83 -12.61
CA ASP O 3 -15.62 -51.71 -12.19
C ASP O 3 -16.84 -51.36 -13.04
N ARG O 4 -17.19 -52.23 -13.97
CA ARG O 4 -18.35 -51.99 -14.82
C ARG O 4 -19.55 -52.71 -14.21
N TYR O 5 -19.33 -53.27 -13.02
CA TYR O 5 -20.36 -53.99 -12.28
C TYR O 5 -21.08 -52.98 -11.37
N SER O 6 -21.83 -52.07 -11.97
CA SER O 6 -22.56 -51.04 -11.22
C SER O 6 -23.95 -51.48 -10.80
N PHE O 7 -24.39 -52.65 -11.27
CA PHE O 7 -25.71 -53.18 -10.95
C PHE O 7 -25.68 -54.12 -9.75
N SER O 8 -26.81 -54.31 -9.10
CA SER O 8 -26.89 -55.17 -7.93
C SER O 8 -26.60 -56.62 -8.33
N LEU O 9 -25.93 -57.35 -7.44
CA LEU O 9 -25.63 -58.76 -7.69
C LEU O 9 -26.59 -59.60 -6.83
N THR O 10 -27.38 -58.90 -6.02
CA THR O 10 -28.36 -59.52 -5.16
C THR O 10 -29.69 -58.96 -5.68
N THR O 11 -30.60 -59.83 -6.09
CA THR O 11 -31.88 -59.35 -6.59
C THR O 11 -33.02 -60.24 -6.12
N PHE O 12 -34.25 -59.77 -6.25
CA PHE O 12 -35.40 -60.55 -5.82
C PHE O 12 -35.72 -61.63 -6.85
N SER O 13 -35.96 -62.85 -6.35
CA SER O 13 -36.33 -63.95 -7.23
C SER O 13 -37.86 -63.97 -7.22
N PRO O 14 -38.48 -64.58 -8.23
CA PRO O 14 -39.94 -64.65 -8.33
C PRO O 14 -40.63 -65.06 -7.02
N SER O 15 -40.01 -65.96 -6.26
CA SER O 15 -40.59 -66.41 -4.99
C SER O 15 -40.49 -65.33 -3.91
N GLY O 16 -39.66 -64.31 -4.16
CA GLY O 16 -39.49 -63.22 -3.22
C GLY O 16 -38.21 -63.36 -2.41
N LYS O 17 -37.47 -64.43 -2.68
CA LYS O 17 -36.22 -64.67 -1.96
C LYS O 17 -35.11 -63.78 -2.49
N LEU O 18 -34.09 -63.59 -1.67
CA LEU O 18 -32.91 -62.82 -2.06
C LEU O 18 -31.75 -63.82 -1.97
N GLY O 19 -31.63 -64.63 -3.02
CA GLY O 19 -30.63 -65.66 -3.14
C GLY O 19 -29.32 -65.45 -2.41
N GLN O 20 -28.55 -64.46 -2.86
CA GLN O 20 -27.25 -64.19 -2.27
C GLN O 20 -27.24 -64.07 -0.75
N ILE O 21 -28.31 -63.52 -0.19
CA ILE O 21 -28.40 -63.40 1.27
C ILE O 21 -28.63 -64.79 1.82
N ASP O 22 -29.54 -65.53 1.18
CA ASP O 22 -29.84 -66.89 1.61
C ASP O 22 -28.56 -67.71 1.62
N TYR O 23 -27.84 -67.68 0.51
CA TYR O 23 -26.61 -68.43 0.39
C TYR O 23 -25.61 -67.96 1.44
N ALA O 24 -25.56 -66.66 1.65
CA ALA O 24 -24.66 -66.10 2.65
C ALA O 24 -24.93 -66.79 3.98
N LEU O 25 -26.19 -66.89 4.34
CA LEU O 25 -26.60 -67.54 5.58
C LEU O 25 -26.11 -68.98 5.61
N THR O 26 -26.29 -69.67 4.48
CA THR O 26 -25.86 -71.05 4.34
C THR O 26 -24.38 -71.14 4.72
N ALA O 27 -23.61 -70.17 4.25
CA ALA O 27 -22.18 -70.13 4.54
C ALA O 27 -21.97 -69.99 6.04
N VAL O 28 -22.84 -69.22 6.68
CA VAL O 28 -22.75 -69.01 8.12
C VAL O 28 -22.99 -70.31 8.87
N LYS O 29 -24.01 -71.04 8.44
CA LYS O 29 -24.38 -72.32 9.02
C LYS O 29 -23.26 -73.37 9.02
N GLN O 30 -22.29 -73.21 8.11
CA GLN O 30 -21.17 -74.14 8.02
C GLN O 30 -20.10 -73.72 9.02
N GLY O 31 -20.09 -72.43 9.36
CA GLY O 31 -19.08 -71.90 10.26
C GLY O 31 -19.07 -72.48 11.66
N VAL O 32 -17.88 -72.52 12.26
CA VAL O 32 -17.73 -73.03 13.63
C VAL O 32 -18.74 -72.30 14.52
N THR O 33 -19.28 -72.99 15.51
CA THR O 33 -20.25 -72.37 16.38
C THR O 33 -19.63 -71.32 17.28
N SER O 34 -20.41 -70.29 17.60
CA SER O 34 -20.03 -69.21 18.51
C SER O 34 -21.31 -68.79 19.26
N LEU O 35 -21.16 -68.29 20.47
CA LEU O 35 -22.34 -67.93 21.25
C LEU O 35 -22.17 -66.71 22.16
N GLY O 36 -23.28 -66.26 22.70
CA GLY O 36 -23.25 -65.12 23.59
C GLY O 36 -24.30 -65.27 24.68
N ILE O 37 -23.95 -64.87 25.90
CA ILE O 37 -24.87 -64.95 27.02
C ILE O 37 -24.82 -63.64 27.79
N LYS O 38 -25.98 -63.15 28.17
CA LYS O 38 -26.07 -61.91 28.94
C LYS O 38 -26.43 -62.22 30.37
N ALA O 39 -25.61 -61.74 31.30
CA ALA O 39 -25.86 -61.92 32.72
C ALA O 39 -26.35 -60.57 33.25
N THR O 40 -26.65 -60.51 34.54
CA THR O 40 -27.13 -59.27 35.15
C THR O 40 -26.03 -58.23 35.25
N ASN O 41 -24.78 -58.67 35.30
CA ASN O 41 -23.69 -57.71 35.41
C ASN O 41 -22.57 -58.03 34.43
N GLY O 42 -22.95 -58.27 33.18
CA GLY O 42 -21.95 -58.56 32.17
C GLY O 42 -22.48 -59.45 31.07
N VAL O 43 -21.70 -59.59 30.01
CA VAL O 43 -22.08 -60.44 28.89
C VAL O 43 -20.87 -61.29 28.58
N VAL O 44 -21.08 -62.44 27.95
CA VAL O 44 -19.97 -63.30 27.59
C VAL O 44 -20.17 -63.83 26.18
N ILE O 45 -19.10 -63.79 25.40
CA ILE O 45 -19.12 -64.29 24.03
C ILE O 45 -17.98 -65.28 23.91
N ALA O 46 -18.21 -66.38 23.22
CA ALA O 46 -17.18 -67.40 23.04
C ALA O 46 -17.38 -68.17 21.74
N THR O 47 -16.28 -68.74 21.26
CA THR O 47 -16.28 -69.52 20.02
C THR O 47 -15.11 -70.50 20.08
N GLU O 48 -15.03 -71.40 19.10
CA GLU O 48 -13.97 -72.39 19.06
C GLU O 48 -12.83 -71.98 18.15
N LYS O 49 -11.59 -72.09 18.63
CA LYS O 49 -10.43 -71.74 17.81
C LYS O 49 -10.00 -72.93 16.96
N LYS O 50 -10.78 -73.21 15.93
CA LYS O 50 -10.56 -74.32 14.99
C LYS O 50 -9.24 -74.25 14.25
N SER O 51 -8.14 -74.51 14.94
CA SER O 51 -6.83 -74.45 14.30
C SER O 51 -6.84 -75.38 13.09
N SER O 52 -6.59 -74.81 11.91
CA SER O 52 -6.58 -75.57 10.66
C SER O 52 -5.25 -76.28 10.38
N SER O 53 -4.49 -76.51 11.45
CA SER O 53 -3.18 -77.19 11.41
C SER O 53 -2.50 -76.96 12.76
N PRO O 54 -1.81 -77.97 13.28
CA PRO O 54 -1.13 -77.84 14.57
C PRO O 54 0.08 -76.92 14.47
N LEU O 55 0.54 -76.68 13.24
CA LEU O 55 1.67 -75.81 13.00
C LEU O 55 1.26 -74.34 13.12
N ALA O 56 -0.02 -74.10 12.90
CA ALA O 56 -0.57 -72.76 12.97
C ALA O 56 -0.64 -72.32 14.42
N MET O 57 -0.42 -71.04 14.64
CA MET O 57 -0.46 -70.46 15.98
C MET O 57 -1.85 -69.84 16.11
N SER O 58 -2.73 -70.56 16.79
CA SER O 58 -4.11 -70.13 16.97
C SER O 58 -4.28 -68.80 17.74
N GLU O 59 -3.26 -68.41 18.50
CA GLU O 59 -3.32 -67.14 19.24
C GLU O 59 -3.36 -66.02 18.21
N THR O 60 -2.43 -66.10 17.24
CA THR O 60 -2.32 -65.10 16.18
C THR O 60 -3.54 -65.11 15.29
N LEU O 61 -4.70 -65.35 15.89
CA LEU O 61 -5.94 -65.37 15.14
C LEU O 61 -7.07 -65.24 16.14
N SER O 62 -7.51 -64.00 16.35
CA SER O 62 -8.59 -63.75 17.28
C SER O 62 -9.94 -63.75 16.59
N LYS O 63 -10.81 -64.65 17.03
CA LYS O 63 -12.16 -64.71 16.50
C LYS O 63 -13.00 -63.75 17.33
N VAL O 64 -12.49 -63.38 18.50
CA VAL O 64 -13.15 -62.45 19.41
C VAL O 64 -12.35 -61.15 19.37
N SER O 65 -12.95 -60.11 18.80
CA SER O 65 -12.28 -58.82 18.67
C SER O 65 -12.93 -57.70 19.47
N LEU O 66 -12.13 -56.71 19.84
CA LEU O 66 -12.61 -55.54 20.56
C LEU O 66 -12.93 -54.49 19.53
N LEU O 67 -14.08 -53.84 19.67
CA LEU O 67 -14.48 -52.79 18.75
C LEU O 67 -14.21 -51.42 19.39
N THR O 68 -14.58 -51.32 20.68
CA THR O 68 -14.37 -50.12 21.49
C THR O 68 -14.07 -50.69 22.86
N PRO O 69 -13.54 -49.88 23.78
CA PRO O 69 -13.23 -50.44 25.11
C PRO O 69 -14.42 -51.04 25.89
N ASP O 70 -15.63 -50.90 25.36
CA ASP O 70 -16.82 -51.45 26.01
C ASP O 70 -17.62 -52.34 25.07
N ILE O 71 -17.05 -52.70 23.93
CA ILE O 71 -17.76 -53.53 22.96
C ILE O 71 -16.85 -54.55 22.29
N GLY O 72 -17.30 -55.79 22.25
CA GLY O 72 -16.55 -56.84 21.61
C GLY O 72 -17.44 -57.57 20.63
N ALA O 73 -16.83 -58.24 19.66
CA ALA O 73 -17.63 -58.97 18.69
C ALA O 73 -17.02 -60.32 18.40
N VAL O 74 -17.86 -61.22 17.92
CA VAL O 74 -17.43 -62.57 17.56
C VAL O 74 -18.33 -62.99 16.42
N TYR O 75 -17.89 -63.97 15.63
CA TYR O 75 -18.69 -64.38 14.48
C TYR O 75 -18.73 -65.88 14.24
N SER O 76 -19.35 -66.21 13.11
CA SER O 76 -19.51 -67.55 12.60
C SER O 76 -19.73 -67.31 11.12
N GLY O 77 -18.88 -67.91 10.30
CA GLY O 77 -18.99 -67.72 8.87
C GLY O 77 -17.61 -67.59 8.29
N MET O 78 -17.43 -66.64 7.37
CA MET O 78 -16.14 -66.45 6.73
C MET O 78 -15.21 -65.50 7.46
N GLY O 79 -14.13 -66.04 8.02
CA GLY O 79 -13.16 -65.23 8.73
C GLY O 79 -12.69 -63.98 8.01
N PRO O 80 -12.27 -64.08 6.74
CA PRO O 80 -11.81 -62.88 6.05
C PRO O 80 -12.87 -61.76 6.03
N ASP O 81 -14.12 -62.10 5.72
CA ASP O 81 -15.17 -61.10 5.72
C ASP O 81 -15.30 -60.45 7.09
N TYR O 82 -15.19 -61.28 8.14
CA TYR O 82 -15.28 -60.79 9.51
C TYR O 82 -14.16 -59.81 9.82
N ARG O 83 -12.95 -60.18 9.43
CA ARG O 83 -11.79 -59.34 9.68
C ARG O 83 -11.97 -57.91 9.15
N VAL O 84 -12.35 -57.78 7.88
CA VAL O 84 -12.53 -56.45 7.32
C VAL O 84 -13.69 -55.76 8.02
N LEU O 85 -14.71 -56.51 8.40
CA LEU O 85 -15.86 -55.91 9.08
C LEU O 85 -15.42 -55.33 10.40
N VAL O 86 -14.51 -56.01 11.08
CA VAL O 86 -14.02 -55.53 12.36
C VAL O 86 -13.26 -54.22 12.16
N ASP O 87 -12.41 -54.15 11.13
CA ASP O 87 -11.65 -52.94 10.87
C ASP O 87 -12.64 -51.82 10.61
N LYS O 88 -13.58 -52.07 9.70
CA LYS O 88 -14.58 -51.07 9.38
C LYS O 88 -15.36 -50.65 10.60
N SER O 89 -15.71 -51.61 11.45
CA SER O 89 -16.46 -51.32 12.66
C SER O 89 -15.67 -50.43 13.60
N ARG O 90 -14.42 -50.79 13.84
CA ARG O 90 -13.61 -50.00 14.74
C ARG O 90 -13.49 -48.58 14.25
N LYS O 91 -13.36 -48.41 12.94
CA LYS O 91 -13.22 -47.08 12.39
C LYS O 91 -14.51 -46.28 12.44
N VAL O 92 -15.61 -46.87 11.96
CA VAL O 92 -16.88 -46.16 11.97
C VAL O 92 -17.21 -45.67 13.38
N ALA O 93 -16.76 -46.41 14.39
CA ALA O 93 -17.00 -46.05 15.78
C ALA O 93 -16.37 -44.71 16.08
N HIS O 94 -15.26 -44.41 15.40
CA HIS O 94 -14.56 -43.14 15.60
C HIS O 94 -15.13 -42.05 14.71
N THR O 95 -15.02 -42.26 13.40
CA THR O 95 -15.48 -41.31 12.39
C THR O 95 -16.91 -40.85 12.53
N SER O 96 -17.81 -41.77 12.85
CA SER O 96 -19.21 -41.40 12.98
C SER O 96 -19.70 -41.27 14.41
N TYR O 97 -18.79 -41.05 15.35
CA TYR O 97 -19.24 -40.95 16.72
C TYR O 97 -18.23 -40.34 17.68
N LYS O 98 -17.12 -41.03 17.95
CA LYS O 98 -16.17 -40.47 18.88
C LYS O 98 -15.67 -39.11 18.44
N ARG O 99 -15.40 -38.96 17.14
CA ARG O 99 -14.90 -37.71 16.58
C ARG O 99 -15.97 -36.61 16.52
N ILE O 100 -17.16 -36.91 17.01
CA ILE O 100 -18.27 -35.97 17.01
C ILE O 100 -18.71 -35.65 18.43
N TYR O 101 -18.94 -36.69 19.21
CA TYR O 101 -19.41 -36.55 20.58
C TYR O 101 -18.33 -36.74 21.64
N GLY O 102 -17.12 -37.09 21.21
CA GLY O 102 -16.06 -37.27 22.17
C GLY O 102 -16.20 -38.47 23.08
N GLU O 103 -17.13 -39.36 22.75
CA GLU O 103 -17.32 -40.57 23.54
C GLU O 103 -17.62 -41.72 22.58
N TYR O 104 -17.33 -42.95 23.00
CA TYR O 104 -17.57 -44.12 22.17
C TYR O 104 -19.05 -44.36 22.02
N PRO O 105 -19.46 -44.89 20.86
CA PRO O 105 -20.87 -45.17 20.59
C PRO O 105 -21.47 -46.27 21.48
N PRO O 106 -22.78 -46.17 21.77
CA PRO O 106 -23.46 -47.16 22.59
C PRO O 106 -23.74 -48.42 21.76
N THR O 107 -23.56 -49.58 22.37
CA THR O 107 -23.75 -50.85 21.67
C THR O 107 -24.78 -50.85 20.53
N LYS O 108 -26.03 -50.50 20.83
CA LYS O 108 -27.04 -50.52 19.78
C LYS O 108 -26.69 -49.72 18.51
N LEU O 109 -26.12 -48.54 18.69
CA LEU O 109 -25.76 -47.70 17.55
C LEU O 109 -24.62 -48.27 16.74
N LEU O 110 -23.55 -48.69 17.42
CA LEU O 110 -22.40 -49.26 16.72
C LEU O 110 -22.92 -50.44 15.91
N VAL O 111 -23.80 -51.23 16.52
CA VAL O 111 -24.39 -52.39 15.85
C VAL O 111 -25.11 -51.89 14.60
N SER O 112 -25.95 -50.88 14.80
CA SER O 112 -26.69 -50.29 13.70
C SER O 112 -25.72 -49.92 12.56
N GLU O 113 -24.58 -49.36 12.94
CA GLU O 113 -23.57 -48.97 11.96
C GLU O 113 -23.10 -50.17 11.15
N VAL O 114 -22.66 -51.21 11.87
CA VAL O 114 -22.17 -52.44 11.24
C VAL O 114 -23.24 -53.01 10.34
N ALA O 115 -24.48 -53.04 10.85
CA ALA O 115 -25.60 -53.55 10.11
C ALA O 115 -25.73 -52.80 8.78
N LYS O 116 -25.60 -51.48 8.83
CA LYS O 116 -25.71 -50.67 7.63
C LYS O 116 -24.70 -51.14 6.60
N ILE O 117 -23.45 -51.28 7.04
CA ILE O 117 -22.36 -51.71 6.19
C ILE O 117 -22.74 -52.98 5.48
N MET O 118 -23.27 -53.94 6.24
CA MET O 118 -23.67 -55.20 5.64
C MET O 118 -24.85 -55.00 4.69
N GLN O 119 -25.85 -54.23 5.11
CA GLN O 119 -27.00 -54.00 4.24
C GLN O 119 -26.59 -53.52 2.87
N GLU O 120 -25.64 -52.59 2.84
CA GLU O 120 -25.19 -52.04 1.57
C GLU O 120 -24.56 -53.08 0.66
N ALA O 121 -23.88 -54.05 1.25
CA ALA O 121 -23.24 -55.13 0.50
C ALA O 121 -24.32 -56.09 -0.01
N THR O 122 -25.56 -55.74 0.30
CA THR O 122 -26.73 -56.52 -0.08
C THR O 122 -27.44 -55.83 -1.24
N GLN O 123 -27.02 -54.59 -1.51
CA GLN O 123 -27.68 -53.81 -2.55
C GLN O 123 -26.75 -52.99 -3.46
N SER O 124 -25.60 -52.54 -2.95
CA SER O 124 -24.69 -51.75 -3.78
C SER O 124 -24.30 -52.50 -5.02
N GLY O 125 -23.84 -51.78 -6.04
CA GLY O 125 -23.45 -52.43 -7.27
C GLY O 125 -22.17 -53.25 -7.20
N GLY O 126 -22.18 -54.38 -7.90
CA GLY O 126 -21.01 -55.24 -7.97
C GLY O 126 -20.41 -55.87 -6.73
N VAL O 127 -21.23 -56.38 -5.82
CA VAL O 127 -20.68 -57.02 -4.63
C VAL O 127 -21.58 -58.15 -4.13
N ARG O 128 -21.08 -58.88 -3.16
CA ARG O 128 -21.84 -59.99 -2.57
C ARG O 128 -22.01 -59.70 -1.09
N PRO O 129 -23.12 -60.19 -0.51
CA PRO O 129 -23.32 -59.94 0.91
C PRO O 129 -22.13 -60.50 1.68
N PHE O 130 -21.94 -60.06 2.91
CA PHE O 130 -20.84 -60.59 3.70
C PHE O 130 -21.28 -61.99 4.09
N GLY O 131 -20.33 -62.92 4.14
CA GLY O 131 -20.69 -64.28 4.49
C GLY O 131 -20.52 -64.56 5.96
N VAL O 132 -21.03 -63.67 6.80
CA VAL O 132 -20.89 -63.90 8.23
C VAL O 132 -22.08 -63.40 9.04
N SER O 133 -22.11 -63.82 10.29
CA SER O 133 -23.11 -63.40 11.24
C SER O 133 -22.29 -63.02 12.45
N LEU O 134 -22.68 -61.92 13.11
CA LEU O 134 -21.93 -61.44 14.25
C LEU O 134 -22.79 -61.39 15.50
N LEU O 135 -22.12 -61.53 16.63
CA LEU O 135 -22.74 -61.44 17.94
C LEU O 135 -21.88 -60.39 18.60
N ILE O 136 -22.46 -59.22 18.83
CA ILE O 136 -21.73 -58.12 19.44
C ILE O 136 -22.26 -57.88 20.85
N ALA O 137 -21.35 -57.77 21.81
CA ALA O 137 -21.73 -57.54 23.20
C ALA O 137 -21.04 -56.29 23.73
N GLY O 138 -21.82 -55.40 24.32
CA GLY O 138 -21.22 -54.19 24.85
C GLY O 138 -21.97 -53.65 26.05
N HIS O 139 -21.56 -52.49 26.50
CA HIS O 139 -22.19 -51.84 27.63
C HIS O 139 -22.03 -50.33 27.57
N ASP O 140 -23.15 -49.61 27.61
CA ASP O 140 -23.10 -48.16 27.62
C ASP O 140 -23.95 -47.65 28.78
N GLU O 141 -23.46 -46.59 29.40
CA GLU O 141 -24.10 -45.96 30.57
C GLU O 141 -25.62 -45.91 30.61
N PHE O 142 -26.26 -45.59 29.50
CA PHE O 142 -27.71 -45.48 29.53
C PHE O 142 -28.49 -46.74 29.12
N ASN O 143 -27.81 -47.73 28.57
CA ASN O 143 -28.49 -48.95 28.17
C ASN O 143 -27.99 -50.20 28.91
N GLY O 144 -26.93 -50.03 29.69
CA GLY O 144 -26.38 -51.15 30.43
C GLY O 144 -25.69 -52.16 29.52
N PHE O 145 -25.93 -53.45 29.77
CA PHE O 145 -25.33 -54.48 28.95
C PHE O 145 -26.32 -54.93 27.89
N SER O 146 -25.80 -55.28 26.73
CA SER O 146 -26.65 -55.78 25.65
C SER O 146 -25.86 -56.71 24.75
N LEU O 147 -26.60 -57.53 24.01
CA LEU O 147 -26.04 -58.50 23.09
C LEU O 147 -26.89 -58.49 21.83
N TYR O 148 -26.24 -58.33 20.69
CA TYR O 148 -26.96 -58.28 19.43
C TYR O 148 -26.40 -59.30 18.45
N GLN O 149 -27.20 -59.57 17.42
CA GLN O 149 -26.81 -60.49 16.37
C GLN O 149 -27.01 -59.74 15.06
N VAL O 150 -26.04 -59.84 14.16
CA VAL O 150 -26.16 -59.16 12.88
C VAL O 150 -26.01 -60.19 11.78
N ASP O 151 -27.01 -60.29 10.92
CA ASP O 151 -27.00 -61.25 9.82
C ASP O 151 -26.60 -60.57 8.51
N PRO O 152 -26.22 -61.37 7.50
CA PRO O 152 -25.80 -60.88 6.18
C PRO O 152 -26.81 -59.94 5.52
N SER O 153 -28.08 -60.10 5.89
CA SER O 153 -29.14 -59.28 5.35
C SER O 153 -28.95 -57.86 5.85
N GLY O 154 -28.30 -57.73 7.00
CA GLY O 154 -28.09 -56.43 7.59
C GLY O 154 -29.06 -56.28 8.73
N SER O 155 -29.83 -57.34 8.98
CA SER O 155 -30.80 -57.33 10.06
C SER O 155 -30.12 -57.64 11.38
N TYR O 156 -30.64 -57.08 12.46
CA TYR O 156 -30.06 -57.34 13.78
C TYR O 156 -31.15 -57.39 14.83
N PHE O 157 -30.85 -58.11 15.91
CA PHE O 157 -31.78 -58.25 17.01
C PHE O 157 -31.03 -58.44 18.33
N PRO O 158 -31.69 -58.10 19.44
CA PRO O 158 -31.10 -58.21 20.77
C PRO O 158 -31.47 -59.55 21.38
N TRP O 159 -30.51 -60.17 22.07
CA TRP O 159 -30.76 -61.47 22.69
C TRP O 159 -30.36 -61.49 24.15
N LYS O 160 -30.95 -62.41 24.88
CA LYS O 160 -30.61 -62.59 26.28
C LYS O 160 -29.46 -63.58 26.22
N ALA O 161 -29.52 -64.46 25.21
CA ALA O 161 -28.51 -65.49 24.94
C ALA O 161 -28.86 -66.20 23.64
N THR O 162 -27.85 -66.58 22.87
CA THR O 162 -28.09 -67.26 21.60
C THR O 162 -26.77 -67.74 21.02
N ALA O 163 -26.87 -68.56 19.98
CA ALA O 163 -25.69 -69.09 19.31
C ALA O 163 -25.94 -69.10 17.81
N ILE O 164 -24.86 -69.15 17.05
CA ILE O 164 -24.93 -69.17 15.59
C ILE O 164 -23.86 -70.11 15.07
N GLY O 165 -24.00 -70.52 13.81
CA GLY O 165 -23.04 -71.42 13.21
C GLY O 165 -23.43 -72.87 13.33
N LYS O 166 -22.53 -73.75 12.88
CA LYS O 166 -22.71 -75.20 12.90
C LYS O 166 -23.86 -75.72 13.76
N GLY O 167 -23.61 -75.83 15.06
CA GLY O 167 -24.63 -76.34 15.97
C GLY O 167 -25.37 -75.30 16.80
N SER O 168 -25.94 -74.33 16.11
CA SER O 168 -26.68 -73.26 16.77
C SER O 168 -28.02 -73.78 17.29
N VAL O 169 -28.67 -74.63 16.50
CA VAL O 169 -29.97 -75.20 16.87
C VAL O 169 -29.91 -75.89 18.21
N ALA O 170 -28.95 -76.80 18.36
CA ALA O 170 -28.77 -77.54 19.60
C ALA O 170 -28.38 -76.59 20.73
N ALA O 171 -27.37 -75.77 20.47
CA ALA O 171 -26.88 -74.82 21.47
C ALA O 171 -27.99 -73.91 21.97
N LYS O 172 -28.77 -73.36 21.05
CA LYS O 172 -29.86 -72.48 21.45
C LYS O 172 -30.77 -73.20 22.45
N THR O 173 -31.08 -74.45 22.16
CA THR O 173 -31.94 -75.24 23.04
C THR O 173 -31.29 -75.36 24.40
N PHE O 174 -30.05 -75.82 24.44
CA PHE O 174 -29.36 -75.98 25.71
C PHE O 174 -29.32 -74.68 26.50
N LEU O 175 -29.25 -73.55 25.79
CA LEU O 175 -29.20 -72.26 26.46
C LEU O 175 -30.53 -71.88 27.10
N GLU O 176 -31.62 -72.09 26.36
CA GLU O 176 -32.94 -71.76 26.88
C GLU O 176 -33.15 -72.44 28.23
N LYS O 177 -32.70 -73.68 28.33
CA LYS O 177 -32.84 -74.46 29.56
C LYS O 177 -32.07 -73.91 30.76
N ARG O 178 -30.92 -73.28 30.50
CA ARG O 178 -30.10 -72.79 31.59
C ARG O 178 -30.13 -71.27 31.84
N TRP O 179 -30.77 -70.51 30.95
CA TRP O 179 -30.81 -69.07 31.13
C TRP O 179 -31.94 -68.57 32.02
N ASN O 180 -31.63 -67.57 32.83
CA ASN O 180 -32.60 -66.94 33.72
C ASN O 180 -32.16 -65.49 33.90
N ASP O 181 -33.09 -64.63 34.33
CA ASP O 181 -32.78 -63.22 34.50
C ASP O 181 -32.11 -62.88 35.82
N GLU O 182 -31.40 -63.84 36.40
CA GLU O 182 -30.72 -63.60 37.67
C GLU O 182 -29.27 -64.10 37.69
N LEU O 183 -28.77 -64.46 36.51
CA LEU O 183 -27.40 -64.95 36.38
C LEU O 183 -26.33 -63.91 36.69
N GLU O 184 -25.29 -64.33 37.38
CA GLU O 184 -24.18 -63.44 37.70
C GLU O 184 -23.19 -63.76 36.58
N LEU O 185 -22.30 -62.82 36.22
CA LEU O 185 -21.36 -63.07 35.13
C LEU O 185 -20.73 -64.46 35.09
N GLU O 186 -20.17 -64.92 36.21
CA GLU O 186 -19.55 -66.24 36.28
C GLU O 186 -20.47 -67.34 35.79
N ASP O 187 -21.70 -67.33 36.29
CA ASP O 187 -22.71 -68.32 35.93
C ASP O 187 -22.80 -68.44 34.41
N ALA O 188 -22.91 -67.30 33.73
CA ALA O 188 -23.02 -67.28 32.27
C ALA O 188 -21.75 -67.84 31.64
N ILE O 189 -20.59 -67.45 32.16
CA ILE O 189 -19.31 -67.94 31.64
C ILE O 189 -19.34 -69.46 31.74
N HIS O 190 -19.78 -69.93 32.91
CA HIS O 190 -19.87 -71.36 33.16
C HIS O 190 -20.75 -72.00 32.10
N ILE O 191 -21.98 -71.48 31.99
CA ILE O 191 -22.95 -71.98 31.03
C ILE O 191 -22.44 -71.91 29.59
N ALA O 192 -21.60 -70.92 29.32
CA ALA O 192 -21.04 -70.75 27.99
C ALA O 192 -20.14 -71.95 27.72
N LEU O 193 -19.18 -72.16 28.63
CA LEU O 193 -18.25 -73.25 28.54
C LEU O 193 -18.94 -74.60 28.33
N LEU O 194 -20.03 -74.83 29.06
CA LEU O 194 -20.76 -76.08 28.92
C LEU O 194 -21.37 -76.16 27.53
N THR O 195 -22.13 -75.14 27.17
CA THR O 195 -22.79 -75.09 25.87
C THR O 195 -21.81 -75.30 24.73
N LEU O 196 -20.62 -74.73 24.88
CA LEU O 196 -19.61 -74.84 23.84
C LEU O 196 -19.04 -76.25 23.74
N LYS O 197 -18.91 -76.93 24.89
CA LYS O 197 -18.37 -78.29 24.92
C LYS O 197 -19.08 -79.25 23.96
N GLU O 198 -20.40 -79.17 23.90
CA GLU O 198 -21.15 -80.04 23.01
C GLU O 198 -20.73 -79.84 21.55
N SER O 199 -20.51 -78.59 21.18
CA SER O 199 -20.13 -78.23 19.83
C SER O 199 -18.67 -78.52 19.50
N VAL O 200 -17.90 -78.95 20.49
CA VAL O 200 -16.49 -79.24 20.28
C VAL O 200 -16.22 -80.74 20.14
N GLU O 201 -15.59 -81.12 19.04
CA GLU O 201 -15.26 -82.52 18.76
C GLU O 201 -14.03 -82.98 19.53
N GLY O 202 -12.91 -82.29 19.30
CA GLY O 202 -11.67 -82.68 19.94
C GLY O 202 -11.32 -82.01 21.26
N GLU O 203 -10.08 -81.52 21.35
CA GLU O 203 -9.60 -80.87 22.55
C GLU O 203 -10.47 -79.70 22.97
N PHE O 204 -10.75 -79.63 24.28
CA PHE O 204 -11.59 -78.57 24.82
C PHE O 204 -10.83 -77.96 25.99
N ASN O 205 -10.06 -76.92 25.71
CA ASN O 205 -9.27 -76.26 26.74
C ASN O 205 -8.99 -74.81 26.35
N GLY O 206 -8.42 -74.06 27.30
CA GLY O 206 -8.12 -72.65 27.07
C GLY O 206 -7.27 -72.30 25.86
N ASP O 207 -6.88 -73.31 25.07
CA ASP O 207 -6.08 -73.04 23.88
C ASP O 207 -6.91 -73.28 22.62
N THR O 208 -8.03 -73.98 22.79
CA THR O 208 -8.90 -74.29 21.66
C THR O 208 -10.18 -73.47 21.77
N ILE O 209 -10.37 -72.85 22.94
CA ILE O 209 -11.54 -72.02 23.20
C ILE O 209 -11.10 -70.57 23.39
N GLU O 210 -11.79 -69.67 22.70
CA GLU O 210 -11.52 -68.24 22.79
C GLU O 210 -12.76 -67.67 23.47
N LEU O 211 -12.57 -66.86 24.50
CA LEU O 211 -13.73 -66.30 25.19
C LEU O 211 -13.45 -64.93 25.78
N ALA O 212 -14.41 -64.02 25.65
CA ALA O 212 -14.25 -62.66 26.16
C ALA O 212 -15.50 -62.23 26.90
N ILE O 213 -15.33 -61.26 27.79
CA ILE O 213 -16.46 -60.77 28.57
C ILE O 213 -16.55 -59.26 28.57
N ILE O 214 -17.75 -58.76 28.82
CA ILE O 214 -18.02 -57.34 28.89
C ILE O 214 -18.56 -57.18 30.31
N GLY O 215 -17.73 -56.70 31.23
CA GLY O 215 -18.18 -56.56 32.61
C GLY O 215 -17.76 -55.29 33.32
N ASP O 216 -17.11 -55.46 34.47
CA ASP O 216 -16.64 -54.32 35.25
C ASP O 216 -15.46 -53.66 34.57
N GLU O 217 -15.22 -52.42 34.94
CA GLU O 217 -14.11 -51.65 34.38
C GLU O 217 -12.77 -52.16 34.92
N ASN O 218 -11.78 -52.29 34.03
CA ASN O 218 -10.46 -52.78 34.40
C ASN O 218 -9.44 -51.65 34.38
N PRO O 219 -9.39 -50.86 35.46
CA PRO O 219 -8.46 -49.74 35.58
C PRO O 219 -7.02 -50.18 35.38
N ASP O 220 -6.78 -51.46 35.63
CA ASP O 220 -5.46 -52.02 35.47
C ASP O 220 -5.12 -52.17 33.99
N LEU O 221 -6.13 -52.05 33.14
CA LEU O 221 -5.96 -52.18 31.70
C LEU O 221 -6.14 -50.86 30.98
N LEU O 222 -6.03 -49.75 31.71
CA LEU O 222 -6.20 -48.42 31.13
C LEU O 222 -4.89 -47.87 30.61
N GLY O 223 -3.80 -48.16 31.32
CA GLY O 223 -2.49 -47.72 30.88
C GLY O 223 -1.99 -46.42 31.51
N TYR O 224 -2.87 -45.72 32.22
CA TYR O 224 -2.53 -44.46 32.88
C TYR O 224 -3.46 -44.20 34.05
N THR O 225 -3.02 -43.33 34.95
CA THR O 225 -3.79 -42.98 36.14
C THR O 225 -3.71 -41.49 36.41
N GLY O 226 -4.79 -40.93 36.95
CA GLY O 226 -4.80 -39.52 37.27
C GLY O 226 -6.14 -38.90 36.95
N ILE O 227 -6.88 -39.53 36.04
CA ILE O 227 -8.19 -39.02 35.66
C ILE O 227 -9.26 -39.91 36.26
N PRO O 228 -9.88 -39.49 37.37
CA PRO O 228 -10.93 -40.23 38.07
C PRO O 228 -12.02 -40.82 37.16
N THR O 229 -12.60 -39.98 36.33
CA THR O 229 -13.67 -40.40 35.42
C THR O 229 -13.31 -41.55 34.46
N ASP O 230 -12.01 -41.75 34.21
CA ASP O 230 -11.57 -42.82 33.32
C ASP O 230 -11.14 -44.03 34.17
N LYS O 231 -12.00 -45.05 34.21
CA LYS O 231 -11.72 -46.23 35.04
C LYS O 231 -11.22 -47.51 34.33
N GLY O 232 -11.13 -47.47 33.00
CA GLY O 232 -10.66 -48.64 32.28
C GLY O 232 -11.75 -49.26 31.41
N PRO O 233 -11.38 -50.18 30.49
CA PRO O 233 -12.31 -50.85 29.59
C PRO O 233 -13.08 -51.99 30.25
N ARG O 234 -14.34 -52.16 29.86
CA ARG O 234 -15.16 -53.22 30.42
C ARG O 234 -14.94 -54.52 29.67
N PHE O 235 -14.35 -54.41 28.48
CA PHE O 235 -14.08 -55.57 27.64
C PHE O 235 -12.77 -56.24 28.02
N ARG O 236 -12.85 -57.51 28.36
CA ARG O 236 -11.65 -58.26 28.71
C ARG O 236 -11.71 -59.64 28.10
N LYS O 237 -10.64 -60.03 27.42
CA LYS O 237 -10.55 -61.33 26.80
C LYS O 237 -9.91 -62.24 27.85
N LEU O 238 -10.51 -63.42 28.07
CA LEU O 238 -9.96 -64.34 29.06
C LEU O 238 -8.69 -65.01 28.55
N THR O 239 -7.77 -65.23 29.48
CA THR O 239 -6.49 -65.84 29.15
C THR O 239 -6.65 -67.35 29.06
N SER O 240 -5.74 -67.98 28.33
CA SER O 240 -5.76 -69.43 28.16
C SER O 240 -5.91 -70.05 29.56
N GLN O 241 -5.14 -69.52 30.50
CA GLN O 241 -5.17 -69.99 31.87
C GLN O 241 -6.54 -69.79 32.53
N GLU O 242 -7.02 -68.55 32.54
CA GLU O 242 -8.30 -68.23 33.15
C GLU O 242 -9.43 -69.14 32.70
N ILE O 243 -9.31 -69.66 31.49
CA ILE O 243 -10.34 -70.55 30.95
C ILE O 243 -10.25 -71.94 31.58
N ASN O 244 -9.03 -72.46 31.69
CA ASN O 244 -8.81 -73.78 32.27
C ASN O 244 -9.24 -73.93 33.72
N ASP O 245 -8.95 -72.91 34.52
CA ASP O 245 -9.35 -72.94 35.92
C ASP O 245 -10.85 -73.18 36.02
N ARG O 246 -11.61 -72.51 35.16
CA ARG O 246 -13.06 -72.65 35.16
C ARG O 246 -13.51 -73.97 34.54
N LEU O 247 -12.64 -74.59 33.74
CA LEU O 247 -12.96 -75.86 33.10
C LEU O 247 -12.90 -77.00 34.12
N GLU O 248 -12.12 -76.80 35.18
CA GLU O 248 -11.99 -77.80 36.24
C GLU O 248 -13.28 -77.86 37.06
N ALA O 249 -13.95 -76.71 37.20
CA ALA O 249 -15.21 -76.65 37.94
C ALA O 249 -16.34 -76.87 36.93
N LEU O 250 -16.06 -77.65 35.89
CA LEU O 250 -17.02 -77.94 34.83
C LEU O 250 -18.01 -79.02 35.28
N GLY P 1 -17.45 -58.89 -21.35
CA GLY P 1 -17.67 -57.80 -20.34
C GLY P 1 -18.55 -58.20 -19.17
N SER P 2 -19.10 -57.20 -18.47
CA SER P 2 -19.98 -57.41 -17.31
C SER P 2 -21.42 -57.75 -17.68
N ARG P 3 -21.92 -57.10 -18.73
CA ARG P 3 -23.29 -57.26 -19.23
C ARG P 3 -23.85 -58.66 -19.02
N ARG P 4 -22.97 -59.64 -19.06
CA ARG P 4 -23.33 -61.04 -18.89
C ARG P 4 -24.08 -61.32 -17.60
N TYR P 5 -23.58 -60.79 -16.49
CA TYR P 5 -24.16 -61.00 -15.18
C TYR P 5 -25.18 -59.96 -14.72
N ASP P 6 -25.58 -59.05 -15.62
CA ASP P 6 -26.52 -57.99 -15.29
C ASP P 6 -27.99 -58.46 -15.35
N SER P 7 -28.64 -58.46 -14.18
CA SER P 7 -30.04 -58.87 -14.04
C SER P 7 -31.02 -57.89 -14.69
N ARG P 8 -30.64 -56.62 -14.72
CA ARG P 8 -31.50 -55.58 -15.29
C ARG P 8 -32.73 -55.45 -14.41
N THR P 9 -32.50 -54.93 -13.21
CA THR P 9 -33.56 -54.75 -12.23
C THR P 9 -34.57 -53.70 -12.59
N THR P 10 -34.35 -52.96 -13.67
CA THR P 10 -35.30 -51.92 -14.02
C THR P 10 -36.00 -52.03 -15.36
N ILE P 11 -36.36 -53.24 -15.77
CA ILE P 11 -37.06 -53.39 -17.05
C ILE P 11 -38.50 -53.83 -16.89
N PHE P 12 -39.28 -53.60 -17.94
CA PHE P 12 -40.69 -53.95 -17.98
C PHE P 12 -40.92 -55.38 -18.46
N SER P 13 -41.91 -56.05 -17.91
CA SER P 13 -42.25 -57.40 -18.38
C SER P 13 -43.04 -57.11 -19.64
N PRO P 14 -43.20 -58.10 -20.53
CA PRO P 14 -43.97 -57.82 -21.74
C PRO P 14 -45.38 -57.30 -21.42
N GLU P 15 -45.78 -57.49 -20.17
CA GLU P 15 -47.10 -57.07 -19.67
C GLU P 15 -47.02 -55.67 -19.05
N GLY P 16 -45.86 -55.03 -19.16
CA GLY P 16 -45.70 -53.70 -18.61
C GLY P 16 -45.62 -53.67 -17.10
N ARG P 17 -45.08 -54.73 -16.50
CA ARG P 17 -44.94 -54.80 -15.05
C ARG P 17 -43.47 -54.72 -14.70
N LEU P 18 -43.18 -54.39 -13.45
CA LEU P 18 -41.79 -54.29 -13.00
C LEU P 18 -41.40 -55.51 -12.20
N TYR P 19 -40.78 -56.46 -12.87
CA TYR P 19 -40.35 -57.70 -12.24
C TYR P 19 -39.93 -57.55 -10.79
N GLN P 20 -38.80 -56.87 -10.57
CA GLN P 20 -38.28 -56.69 -9.22
C GLN P 20 -39.31 -56.15 -8.23
N VAL P 21 -40.07 -55.15 -8.65
CA VAL P 21 -41.09 -54.58 -7.76
C VAL P 21 -42.02 -55.70 -7.33
N GLU P 22 -42.61 -56.37 -8.31
CA GLU P 22 -43.53 -57.48 -8.10
C GLU P 22 -42.93 -58.49 -7.15
N TYR P 23 -41.73 -58.97 -7.48
CA TYR P 23 -41.04 -59.96 -6.66
C TYR P 23 -40.78 -59.45 -5.24
N ALA P 24 -40.38 -58.19 -5.14
CA ALA P 24 -40.10 -57.58 -3.85
C ALA P 24 -41.38 -57.56 -3.03
N LEU P 25 -42.49 -57.27 -3.68
CA LEU P 25 -43.81 -57.24 -3.05
C LEU P 25 -44.10 -58.62 -2.49
N GLU P 26 -43.75 -59.64 -3.26
CA GLU P 26 -43.94 -61.02 -2.85
C GLU P 26 -43.13 -61.23 -1.58
N SER P 27 -41.93 -60.66 -1.58
CA SER P 27 -41.05 -60.77 -0.42
C SER P 27 -41.82 -60.23 0.77
N ILE P 28 -42.33 -59.00 0.60
CA ILE P 28 -43.09 -58.31 1.63
C ILE P 28 -44.23 -59.16 2.21
N SER P 29 -44.98 -59.81 1.31
CA SER P 29 -46.11 -60.64 1.71
C SER P 29 -45.81 -61.70 2.77
N HIS P 30 -44.54 -62.02 2.98
CA HIS P 30 -44.19 -63.01 3.98
C HIS P 30 -43.73 -62.36 5.27
N ALA P 31 -43.76 -61.04 5.31
CA ALA P 31 -43.32 -60.29 6.50
C ALA P 31 -44.45 -60.12 7.51
N GLY P 32 -44.09 -60.07 8.79
CA GLY P 32 -45.09 -59.90 9.84
C GLY P 32 -46.11 -58.84 9.46
N THR P 33 -47.38 -59.09 9.74
CA THR P 33 -48.43 -58.14 9.40
C THR P 33 -48.39 -56.89 10.26
N ALA P 34 -48.65 -55.76 9.61
CA ALA P 34 -48.68 -54.47 10.30
C ALA P 34 -49.99 -53.78 9.94
N ILE P 35 -50.60 -53.13 10.92
CA ILE P 35 -51.87 -52.47 10.70
C ILE P 35 -51.88 -51.03 11.17
N GLY P 36 -52.63 -50.22 10.44
CA GLY P 36 -52.79 -48.83 10.77
C GLY P 36 -54.26 -48.49 10.66
N ILE P 37 -54.84 -48.01 11.75
CA ILE P 37 -56.24 -47.62 11.77
C ILE P 37 -56.31 -46.19 12.30
N MET P 38 -57.03 -45.36 11.55
CA MET P 38 -57.15 -43.96 11.89
C MET P 38 -58.52 -43.60 12.49
N ALA P 39 -58.50 -43.19 13.75
CA ALA P 39 -59.71 -42.78 14.47
C ALA P 39 -59.82 -41.26 14.48
N SER P 40 -61.00 -40.76 14.84
CA SER P 40 -61.24 -39.32 14.87
C SER P 40 -60.36 -38.59 15.88
N ASP P 41 -59.96 -39.28 16.93
CA ASP P 41 -59.13 -38.67 17.95
C ASP P 41 -57.72 -39.23 18.04
N GLY P 42 -57.26 -39.89 16.99
CA GLY P 42 -55.91 -40.45 16.99
C GLY P 42 -55.67 -41.56 15.99
N ILE P 43 -54.44 -42.03 15.91
CA ILE P 43 -54.09 -43.11 14.99
C ILE P 43 -53.48 -44.28 15.74
N VAL P 44 -53.66 -45.48 15.19
CA VAL P 44 -53.13 -46.67 15.83
C VAL P 44 -52.26 -47.48 14.89
N LEU P 45 -51.08 -47.81 15.37
CA LEU P 45 -50.16 -48.63 14.61
C LEU P 45 -49.92 -49.90 15.39
N ALA P 46 -50.19 -51.04 14.74
CA ALA P 46 -49.99 -52.33 15.37
C ALA P 46 -49.23 -53.27 14.43
N ALA P 47 -48.24 -53.98 14.95
CA ALA P 47 -47.46 -54.89 14.12
C ALA P 47 -47.13 -56.20 14.82
N GLU P 48 -47.06 -57.28 14.03
CA GLU P 48 -46.77 -58.60 14.56
C GLU P 48 -45.32 -58.92 14.29
N ARG P 49 -44.54 -59.08 15.36
CA ARG P 49 -43.13 -59.42 15.23
C ARG P 49 -43.00 -60.81 14.62
N LYS P 50 -42.36 -60.90 13.47
CA LYS P 50 -42.18 -62.18 12.82
C LYS P 50 -41.03 -62.90 13.55
N VAL P 51 -41.20 -64.19 13.80
CA VAL P 51 -40.22 -65.03 14.48
C VAL P 51 -39.74 -64.48 15.83
N THR P 52 -39.71 -65.36 16.83
CA THR P 52 -39.26 -64.98 18.18
C THR P 52 -38.74 -66.22 18.93
N SER P 53 -37.96 -65.96 19.96
CA SER P 53 -37.39 -67.00 20.81
C SER P 53 -37.54 -66.57 22.24
N THR P 54 -37.39 -67.51 23.16
CA THR P 54 -37.51 -67.18 24.57
C THR P 54 -36.43 -66.18 24.95
N LEU P 55 -35.21 -66.45 24.48
CA LEU P 55 -34.07 -65.58 24.80
C LEU P 55 -34.08 -64.21 24.12
N LEU P 56 -34.92 -64.02 23.10
CA LEU P 56 -34.97 -62.74 22.42
C LEU P 56 -35.33 -61.64 23.39
N GLU P 57 -34.50 -60.59 23.43
CA GLU P 57 -34.71 -59.44 24.31
C GLU P 57 -35.80 -58.60 23.67
N GLN P 58 -36.95 -58.49 24.32
CA GLN P 58 -38.03 -57.71 23.72
C GLN P 58 -38.15 -56.27 24.23
N ASP P 59 -37.47 -55.97 25.33
CA ASP P 59 -37.50 -54.63 25.89
C ASP P 59 -36.65 -53.69 25.04
N THR P 60 -35.51 -54.18 24.60
CA THR P 60 -34.57 -53.41 23.78
C THR P 60 -34.89 -53.48 22.29
N SER P 61 -35.90 -54.26 21.94
CA SER P 61 -36.26 -54.42 20.52
C SER P 61 -37.24 -53.39 19.94
N THR P 62 -37.19 -53.28 18.62
CA THR P 62 -38.02 -52.36 17.82
C THR P 62 -37.71 -52.70 16.37
N GLU P 63 -38.44 -53.66 15.82
CA GLU P 63 -38.20 -54.07 14.45
C GLU P 63 -39.29 -53.63 13.46
N LYS P 64 -40.34 -52.99 13.96
CA LYS P 64 -41.41 -52.58 13.05
C LYS P 64 -42.01 -51.18 13.25
N LEU P 65 -41.89 -50.61 14.44
CA LEU P 65 -42.42 -49.28 14.69
C LEU P 65 -41.29 -48.31 14.92
N TYR P 66 -41.13 -47.39 13.99
CA TYR P 66 -40.07 -46.40 14.07
C TYR P 66 -40.61 -44.98 14.07
N LYS P 67 -39.97 -44.13 14.85
CA LYS P 67 -40.37 -42.75 14.94
C LYS P 67 -39.58 -41.96 13.90
N LEU P 68 -40.27 -41.14 13.12
CA LEU P 68 -39.58 -40.33 12.10
C LEU P 68 -39.47 -38.89 12.60
N ASN P 69 -40.57 -38.44 13.17
CA ASN P 69 -40.74 -37.09 13.64
C ASN P 69 -41.45 -37.18 14.98
N ASP P 70 -41.83 -36.05 15.55
CA ASP P 70 -42.55 -36.09 16.81
C ASP P 70 -44.02 -36.24 16.47
N LYS P 71 -44.32 -36.11 15.17
CA LYS P 71 -45.69 -36.19 14.69
C LYS P 71 -45.89 -37.28 13.64
N ILE P 72 -44.79 -37.90 13.22
CA ILE P 72 -44.88 -38.96 12.22
C ILE P 72 -44.14 -40.21 12.62
N ALA P 73 -44.80 -41.35 12.44
CA ALA P 73 -44.23 -42.67 12.77
C ALA P 73 -44.62 -43.66 11.67
N VAL P 74 -43.78 -44.67 11.46
CA VAL P 74 -44.07 -45.67 10.43
C VAL P 74 -44.03 -47.08 10.97
N ALA P 75 -44.79 -47.95 10.33
CA ALA P 75 -44.84 -49.35 10.66
C ALA P 75 -44.18 -50.03 9.45
N VAL P 76 -43.20 -50.91 9.71
CA VAL P 76 -42.46 -51.57 8.65
C VAL P 76 -42.86 -53.01 8.34
N ALA P 77 -42.85 -53.34 7.05
CA ALA P 77 -43.15 -54.69 6.60
C ALA P 77 -42.13 -55.00 5.51
N GLY P 78 -41.21 -55.91 5.80
CA GLY P 78 -40.18 -56.26 4.84
C GLY P 78 -38.77 -56.24 5.44
N LEU P 79 -37.76 -56.03 4.60
CA LEU P 79 -36.37 -55.98 5.05
C LEU P 79 -36.10 -54.88 6.08
N THR P 80 -35.86 -55.28 7.32
CA THR P 80 -35.57 -54.33 8.40
C THR P 80 -34.45 -53.37 7.99
N ALA P 81 -33.33 -53.94 7.57
CA ALA P 81 -32.16 -53.19 7.16
C ALA P 81 -32.47 -52.18 6.05
N ASP P 82 -33.18 -52.62 5.01
CA ASP P 82 -33.52 -51.71 3.92
C ASP P 82 -34.36 -50.59 4.49
N ALA P 83 -35.36 -50.96 5.30
CA ALA P 83 -36.25 -50.01 5.92
C ALA P 83 -35.46 -48.92 6.62
N GLU P 84 -34.50 -49.31 7.45
CA GLU P 84 -33.70 -48.34 8.19
C GLU P 84 -33.02 -47.34 7.28
N ILE P 85 -32.40 -47.82 6.22
CA ILE P 85 -31.75 -46.92 5.28
C ILE P 85 -32.73 -45.82 4.90
N LEU P 86 -33.95 -46.22 4.55
CA LEU P 86 -34.99 -45.29 4.15
C LEU P 86 -35.47 -44.43 5.30
N ILE P 87 -35.69 -45.06 6.45
CA ILE P 87 -36.14 -44.34 7.62
C ILE P 87 -35.21 -43.19 7.94
N ASN P 88 -33.91 -43.44 7.85
CA ASN P 88 -32.96 -42.39 8.15
C ASN P 88 -33.07 -41.22 7.19
N THR P 89 -33.09 -41.49 5.90
CA THR P 89 -33.18 -40.38 4.94
C THR P 89 -34.52 -39.66 5.14
N ALA P 90 -35.50 -40.41 5.64
CA ALA P 90 -36.81 -39.82 5.91
C ALA P 90 -36.60 -38.81 7.02
N ARG P 91 -36.01 -39.27 8.13
CA ARG P 91 -35.74 -38.41 9.28
C ARG P 91 -34.97 -37.15 8.89
N ILE P 92 -33.88 -37.29 8.14
CA ILE P 92 -33.13 -36.12 7.71
C ILE P 92 -34.06 -35.18 6.96
N HIS P 93 -34.81 -35.69 5.98
CA HIS P 93 -35.72 -34.83 5.22
C HIS P 93 -36.60 -33.97 6.12
N ALA P 94 -37.23 -34.60 7.12
CA ALA P 94 -38.09 -33.88 8.04
C ALA P 94 -37.35 -32.68 8.65
N GLN P 95 -36.15 -32.93 9.15
CA GLN P 95 -35.34 -31.90 9.76
C GLN P 95 -34.95 -30.77 8.80
N ASN P 96 -34.63 -31.11 7.55
CA ASN P 96 -34.28 -30.09 6.57
C ASN P 96 -35.47 -29.16 6.41
N TYR P 97 -36.65 -29.75 6.20
CA TYR P 97 -37.87 -28.98 6.04
C TYR P 97 -38.04 -28.04 7.23
N LEU P 98 -37.84 -28.58 8.43
CA LEU P 98 -37.97 -27.80 9.64
C LEU P 98 -36.99 -26.62 9.61
N LYS P 99 -35.71 -26.91 9.36
CA LYS P 99 -34.72 -25.85 9.33
C LYS P 99 -35.03 -24.80 8.27
N THR P 100 -35.56 -25.22 7.13
CA THR P 100 -35.86 -24.27 6.06
C THR P 100 -37.08 -23.41 6.29
N TYR P 101 -38.15 -24.02 6.80
CA TYR P 101 -39.39 -23.30 7.01
C TYR P 101 -39.79 -23.01 8.44
N ASN P 102 -39.06 -23.55 9.41
CA ASN P 102 -39.41 -23.37 10.81
C ASN P 102 -40.85 -23.79 11.08
N GLU P 103 -41.21 -24.94 10.50
CA GLU P 103 -42.52 -25.55 10.65
C GLU P 103 -42.29 -27.05 10.40
N ASP P 104 -43.00 -27.91 11.13
CA ASP P 104 -42.83 -29.34 10.96
C ASP P 104 -43.32 -29.74 9.57
N ILE P 105 -42.65 -30.73 8.98
CA ILE P 105 -43.01 -31.17 7.65
C ILE P 105 -44.39 -31.83 7.57
N PRO P 106 -45.26 -31.32 6.68
CA PRO P 106 -46.60 -31.87 6.48
C PRO P 106 -46.44 -33.35 6.15
N VAL P 107 -47.30 -34.19 6.72
CA VAL P 107 -47.18 -35.63 6.48
C VAL P 107 -47.00 -36.06 5.04
N GLU P 108 -47.94 -35.72 4.15
CA GLU P 108 -47.82 -36.11 2.75
C GLU P 108 -46.49 -35.76 2.12
N ILE P 109 -46.04 -34.54 2.35
CA ILE P 109 -44.76 -34.08 1.82
C ILE P 109 -43.64 -35.08 2.15
N LEU P 110 -43.53 -35.48 3.41
CA LEU P 110 -42.51 -36.44 3.79
C LEU P 110 -42.76 -37.75 3.07
N VAL P 111 -43.98 -38.27 3.19
CA VAL P 111 -44.32 -39.54 2.53
C VAL P 111 -43.97 -39.55 1.05
N ARG P 112 -44.40 -38.51 0.31
CA ARG P 112 -44.11 -38.44 -1.12
C ARG P 112 -42.60 -38.54 -1.40
N ARG P 113 -41.81 -37.71 -0.72
CA ARG P 113 -40.38 -37.70 -0.90
C ARG P 113 -39.81 -39.11 -0.77
N LEU P 114 -40.12 -39.76 0.34
CA LEU P 114 -39.63 -41.12 0.56
C LEU P 114 -40.09 -42.02 -0.57
N SER P 115 -41.32 -41.83 -1.03
CA SER P 115 -41.87 -42.65 -2.11
C SER P 115 -41.13 -42.45 -3.42
N ASP P 116 -40.75 -41.21 -3.69
CA ASP P 116 -40.03 -40.87 -4.92
C ASP P 116 -38.66 -41.53 -4.93
N ILE P 117 -38.05 -41.60 -3.75
CA ILE P 117 -36.75 -42.23 -3.61
C ILE P 117 -36.89 -43.67 -4.09
N LYS P 118 -37.92 -44.34 -3.61
CA LYS P 118 -38.17 -45.73 -4.00
C LYS P 118 -38.40 -45.79 -5.49
N GLN P 119 -39.26 -44.91 -6.00
CA GLN P 119 -39.57 -44.88 -7.42
C GLN P 119 -38.28 -44.81 -8.21
N GLY P 120 -37.30 -44.08 -7.69
CA GLY P 120 -36.03 -43.96 -8.39
C GLY P 120 -35.38 -45.30 -8.69
N TYR P 121 -35.22 -46.11 -7.64
CA TYR P 121 -34.61 -47.43 -7.78
C TYR P 121 -35.38 -48.27 -8.79
N THR P 122 -36.50 -47.74 -9.25
CA THR P 122 -37.38 -48.43 -10.18
C THR P 122 -37.15 -48.08 -11.65
N GLN P 123 -36.63 -46.88 -11.89
CA GLN P 123 -36.44 -46.41 -13.25
C GLN P 123 -35.00 -46.30 -13.72
N HIS P 124 -34.07 -46.36 -12.77
CA HIS P 124 -32.66 -46.23 -13.13
C HIS P 124 -31.71 -46.69 -12.01
N GLY P 125 -30.47 -46.96 -12.39
CA GLY P 125 -29.49 -47.36 -11.40
C GLY P 125 -29.05 -48.81 -11.44
N GLY P 126 -29.88 -49.66 -12.02
CA GLY P 126 -29.54 -51.07 -12.12
C GLY P 126 -29.44 -51.75 -10.76
N LEU P 127 -29.94 -51.09 -9.72
CA LEU P 127 -29.91 -51.64 -8.37
C LEU P 127 -31.25 -52.28 -8.03
N ARG P 128 -31.26 -53.15 -7.02
CA ARG P 128 -32.48 -53.81 -6.62
C ARG P 128 -33.32 -52.87 -5.77
N PRO P 129 -34.66 -52.95 -5.90
CA PRO P 129 -35.58 -52.10 -5.14
C PRO P 129 -35.47 -52.44 -3.65
N PHE P 130 -35.96 -51.55 -2.80
CA PHE P 130 -35.93 -51.82 -1.38
C PHE P 130 -37.14 -52.73 -1.12
N GLY P 131 -36.90 -53.82 -0.39
CA GLY P 131 -37.99 -54.74 -0.09
C GLY P 131 -38.68 -54.26 1.17
N VAL P 132 -39.37 -53.14 1.06
CA VAL P 132 -40.06 -52.54 2.19
C VAL P 132 -41.37 -51.85 1.85
N SER P 133 -42.32 -51.99 2.77
CA SER P 133 -43.61 -51.33 2.65
C SER P 133 -43.80 -50.60 3.98
N PHE P 134 -44.28 -49.37 3.89
CA PHE P 134 -44.48 -48.56 5.08
C PHE P 134 -45.92 -48.15 5.29
N ILE P 135 -46.29 -48.01 6.55
CA ILE P 135 -47.61 -47.50 6.90
C ILE P 135 -47.21 -46.24 7.66
N TYR P 136 -47.60 -45.08 7.13
CA TYR P 136 -47.27 -43.82 7.79
C TYR P 136 -48.44 -43.30 8.62
N ALA P 137 -48.17 -43.06 9.90
CA ALA P 137 -49.18 -42.53 10.81
C ALA P 137 -48.66 -41.18 11.31
N GLY P 138 -49.37 -40.11 10.96
CA GLY P 138 -48.91 -38.80 11.37
C GLY P 138 -49.96 -37.72 11.38
N TYR P 139 -49.58 -36.58 11.93
CA TYR P 139 -50.47 -35.44 12.06
C TYR P 139 -49.85 -34.09 11.73
N ASP P 140 -50.61 -33.25 11.04
CA ASP P 140 -50.16 -31.91 10.72
C ASP P 140 -51.36 -30.97 10.74
N ASP P 141 -51.10 -29.68 10.88
CA ASP P 141 -52.16 -28.68 10.97
C ASP P 141 -52.87 -28.38 9.66
N ARG P 142 -52.91 -29.34 8.75
CA ARG P 142 -53.60 -29.08 7.50
C ARG P 142 -54.58 -30.16 7.17
N TYR P 143 -54.27 -31.39 7.56
CA TYR P 143 -55.13 -32.52 7.29
C TYR P 143 -55.28 -33.31 8.57
N GLY P 144 -54.60 -32.86 9.61
CA GLY P 144 -54.64 -33.54 10.89
C GLY P 144 -54.14 -34.98 10.81
N TYR P 145 -54.92 -35.89 11.38
CA TYR P 145 -54.58 -37.29 11.37
C TYR P 145 -54.66 -37.86 9.96
N GLN P 146 -53.53 -38.43 9.52
CA GLN P 146 -53.42 -39.02 8.21
C GLN P 146 -52.75 -40.38 8.31
N LEU P 147 -53.15 -41.28 7.42
CA LEU P 147 -52.60 -42.63 7.39
C LEU P 147 -52.23 -42.93 5.94
N TYR P 148 -50.94 -43.14 5.70
CA TYR P 148 -50.45 -43.42 4.35
C TYR P 148 -49.80 -44.79 4.25
N THR P 149 -49.58 -45.23 3.02
CA THR P 149 -48.95 -46.52 2.83
C THR P 149 -48.12 -46.48 1.55
N SER P 150 -46.87 -46.92 1.64
CA SER P 150 -46.01 -46.96 0.46
C SER P 150 -45.32 -48.31 0.33
N ASN P 151 -45.11 -48.73 -0.93
CA ASN P 151 -44.50 -50.02 -1.25
C ASN P 151 -43.26 -49.83 -2.13
N PRO P 152 -42.56 -50.93 -2.45
CA PRO P 152 -41.36 -50.92 -3.28
C PRO P 152 -41.46 -50.22 -4.63
N SER P 153 -42.67 -50.16 -5.20
CA SER P 153 -42.85 -49.52 -6.49
C SER P 153 -42.70 -48.01 -6.44
N GLY P 154 -42.95 -47.42 -5.28
CA GLY P 154 -42.82 -45.98 -5.18
C GLY P 154 -44.18 -45.31 -5.19
N ASN P 155 -45.21 -46.12 -5.04
CA ASN P 155 -46.56 -45.60 -5.03
C ASN P 155 -47.02 -45.49 -3.57
N TYR P 156 -47.88 -44.52 -3.31
CA TYR P 156 -48.39 -44.34 -1.97
C TYR P 156 -49.83 -43.87 -2.05
N THR P 157 -50.58 -44.19 -1.00
CA THR P 157 -51.98 -43.81 -0.91
C THR P 157 -52.44 -43.61 0.52
N GLY P 158 -53.58 -42.95 0.67
CA GLY P 158 -54.13 -42.66 1.98
C GLY P 158 -55.22 -43.63 2.37
N TRP P 159 -55.35 -43.87 3.67
CA TRP P 159 -56.34 -44.81 4.18
C TRP P 159 -56.93 -44.41 5.51
N LYS P 160 -58.04 -45.08 5.87
CA LYS P 160 -58.71 -44.85 7.13
C LYS P 160 -58.24 -46.00 8.02
N ALA P 161 -57.90 -47.10 7.36
CA ALA P 161 -57.40 -48.30 8.01
C ALA P 161 -56.76 -49.16 6.91
N ILE P 162 -55.60 -49.73 7.20
CA ILE P 162 -54.92 -50.55 6.22
C ILE P 162 -53.88 -51.45 6.87
N SER P 163 -53.49 -52.48 6.12
CA SER P 163 -52.50 -53.42 6.58
C SER P 163 -51.48 -53.69 5.49
N VAL P 164 -50.31 -54.17 5.89
CA VAL P 164 -49.24 -54.49 4.96
C VAL P 164 -48.53 -55.73 5.47
N GLY P 165 -47.98 -56.50 4.54
CA GLY P 165 -47.30 -57.71 4.92
C GLY P 165 -48.15 -58.93 4.64
N ALA P 166 -48.05 -59.91 5.53
CA ALA P 166 -48.77 -61.18 5.41
C ALA P 166 -50.29 -61.09 5.54
N ASN P 167 -50.96 -61.94 4.78
CA ASN P 167 -52.41 -62.01 4.80
C ASN P 167 -53.07 -60.65 4.83
N THR P 168 -52.68 -59.76 3.93
CA THR P 168 -53.29 -58.43 3.90
C THR P 168 -54.74 -58.55 3.47
N SER P 169 -54.99 -59.50 2.57
CA SER P 169 -56.33 -59.75 2.04
C SER P 169 -57.33 -60.02 3.17
N ALA P 170 -57.04 -61.02 3.99
CA ALA P 170 -57.88 -61.36 5.12
C ALA P 170 -58.04 -60.12 5.98
N ALA P 171 -56.92 -59.54 6.40
CA ALA P 171 -56.90 -58.35 7.25
C ALA P 171 -57.77 -57.20 6.72
N GLN P 172 -57.59 -56.85 5.45
CA GLN P 172 -58.34 -55.76 4.85
C GLN P 172 -59.84 -56.01 4.92
N THR P 173 -60.25 -57.26 4.69
CA THR P 173 -61.67 -57.61 4.72
C THR P 173 -62.26 -57.46 6.12
N LEU P 174 -61.52 -57.94 7.12
CA LEU P 174 -61.96 -57.84 8.51
C LEU P 174 -62.08 -56.39 8.97
N LEU P 175 -61.16 -55.54 8.51
CA LEU P 175 -61.15 -54.13 8.86
C LEU P 175 -62.29 -53.41 8.15
N GLN P 176 -62.49 -53.76 6.88
CA GLN P 176 -63.52 -53.16 6.05
C GLN P 176 -64.90 -53.55 6.54
N MET P 177 -64.94 -54.60 7.35
CA MET P 177 -66.17 -55.14 7.88
C MET P 177 -66.59 -54.51 9.21
N ASP P 178 -65.61 -54.03 10.00
CA ASP P 178 -65.91 -53.43 11.29
C ASP P 178 -65.39 -52.01 11.49
N TYR P 179 -64.98 -51.36 10.41
CA TYR P 179 -64.50 -50.01 10.55
C TYR P 179 -65.64 -49.01 10.39
N LYS P 180 -65.65 -47.97 11.22
CA LYS P 180 -66.66 -46.92 11.14
C LYS P 180 -65.99 -45.54 11.34
N ASP P 181 -66.33 -44.60 10.47
CA ASP P 181 -65.78 -43.24 10.50
C ASP P 181 -65.72 -42.58 11.86
N ASP P 182 -66.79 -42.68 12.61
CA ASP P 182 -66.87 -42.09 13.94
C ASP P 182 -66.11 -42.86 15.01
N MET P 183 -65.26 -43.79 14.61
CA MET P 183 -64.50 -44.58 15.57
C MET P 183 -63.68 -43.74 16.52
N LYS P 184 -63.28 -44.36 17.63
CA LYS P 184 -62.49 -43.69 18.66
C LYS P 184 -61.24 -44.53 18.88
N VAL P 185 -60.11 -43.87 19.09
CA VAL P 185 -58.83 -44.55 19.30
C VAL P 185 -58.94 -45.88 20.03
N ASP P 186 -59.59 -45.88 21.17
CA ASP P 186 -59.73 -47.11 21.94
C ASP P 186 -60.45 -48.17 21.14
N ASP P 187 -61.32 -47.74 20.24
CA ASP P 187 -62.04 -48.68 19.39
C ASP P 187 -61.05 -49.29 18.40
N ALA P 188 -60.24 -48.42 17.78
CA ALA P 188 -59.24 -48.84 16.81
C ALA P 188 -58.23 -49.81 17.42
N ILE P 189 -57.70 -49.44 18.58
CA ILE P 189 -56.73 -50.27 19.27
C ILE P 189 -57.26 -51.69 19.33
N GLU P 190 -58.54 -51.79 19.71
CA GLU P 190 -59.18 -53.10 19.83
C GLU P 190 -59.30 -53.75 18.46
N LEU P 191 -59.98 -53.09 17.51
CA LEU P 191 -60.15 -53.61 16.16
C LEU P 191 -58.81 -54.14 15.63
N ALA P 192 -57.77 -53.35 15.82
CA ALA P 192 -56.44 -53.72 15.36
C ALA P 192 -56.04 -55.08 15.90
N LEU P 193 -55.99 -55.21 17.22
CA LEU P 193 -55.63 -56.47 17.87
C LEU P 193 -56.47 -57.65 17.40
N LYS P 194 -57.77 -57.42 17.23
CA LYS P 194 -58.67 -58.46 16.77
C LYS P 194 -58.26 -58.93 15.39
N THR P 195 -58.06 -57.97 14.49
CA THR P 195 -57.68 -58.30 13.12
C THR P 195 -56.41 -59.14 13.09
N LEU P 196 -55.38 -58.70 13.79
CA LEU P 196 -54.12 -59.43 13.83
C LEU P 196 -54.33 -60.80 14.43
N SER P 197 -55.15 -60.84 15.47
CA SER P 197 -55.46 -62.09 16.17
C SER P 197 -56.08 -63.15 15.23
N LYS P 198 -56.78 -62.68 14.21
CA LYS P 198 -57.44 -63.57 13.26
C LYS P 198 -56.64 -63.84 11.99
N THR P 199 -55.51 -63.15 11.81
CA THR P 199 -54.68 -63.33 10.62
C THR P 199 -53.36 -64.05 10.93
N THR P 200 -52.91 -63.91 12.17
CA THR P 200 -51.67 -64.54 12.60
C THR P 200 -51.52 -65.98 12.16
N ASP P 201 -50.31 -66.36 11.80
CA ASP P 201 -50.05 -67.73 11.39
C ASP P 201 -49.53 -68.48 12.62
N SER P 202 -49.45 -67.77 13.73
CA SER P 202 -48.96 -68.35 14.98
C SER P 202 -50.11 -68.83 15.84
N SER P 203 -49.79 -69.67 16.82
CA SER P 203 -50.78 -70.24 17.74
C SER P 203 -51.73 -69.17 18.27
N ALA P 204 -51.23 -68.43 19.26
CA ALA P 204 -52.01 -67.36 19.85
C ALA P 204 -51.27 -66.06 19.60
N LEU P 205 -51.83 -64.97 20.10
CA LEU P 205 -51.23 -63.66 19.93
C LEU P 205 -50.84 -63.19 21.31
N THR P 206 -49.55 -63.28 21.63
CA THR P 206 -49.04 -62.85 22.92
C THR P 206 -48.34 -61.51 22.81
N TYR P 207 -48.24 -60.80 23.92
CA TYR P 207 -47.60 -59.48 23.94
C TYR P 207 -46.16 -59.50 23.43
N ASP P 208 -45.42 -60.57 23.73
CA ASP P 208 -44.04 -60.67 23.30
C ASP P 208 -43.88 -60.60 21.78
N ARG P 209 -44.96 -60.86 21.05
CA ARG P 209 -44.91 -60.85 19.60
C ARG P 209 -45.59 -59.63 18.96
N LEU P 210 -45.75 -58.55 19.72
CA LEU P 210 -46.43 -57.37 19.21
C LEU P 210 -45.76 -56.04 19.52
N GLU P 211 -45.96 -55.08 18.63
CA GLU P 211 -45.45 -53.74 18.81
C GLU P 211 -46.68 -52.86 18.61
N PHE P 212 -46.86 -51.92 19.53
CA PHE P 212 -48.00 -51.03 19.48
C PHE P 212 -47.60 -49.58 19.67
N ALA P 213 -48.23 -48.72 18.87
CA ALA P 213 -47.96 -47.29 18.94
C ALA P 213 -49.20 -46.50 18.58
N THR P 214 -49.45 -45.41 19.31
CA THR P 214 -50.60 -44.54 19.08
C THR P 214 -50.19 -43.07 18.99
N ILE P 215 -50.87 -42.32 18.11
CA ILE P 215 -50.60 -40.90 17.94
C ILE P 215 -51.83 -40.10 18.30
N ARG P 216 -51.96 -39.75 19.57
CA ARG P 216 -53.10 -38.98 20.02
C ARG P 216 -52.73 -37.56 20.36
N LYS P 217 -53.76 -36.75 20.58
CA LYS P 217 -53.57 -35.36 20.93
C LYS P 217 -54.17 -35.12 22.32
N GLY P 218 -53.65 -35.85 23.31
CA GLY P 218 -54.11 -35.75 24.69
C GLY P 218 -54.84 -34.45 24.98
N ALA P 219 -56.18 -34.52 25.08
CA ALA P 219 -57.03 -33.37 25.34
C ALA P 219 -56.45 -32.46 26.43
N ASN P 220 -55.92 -33.08 27.48
CA ASN P 220 -55.30 -32.36 28.60
C ASN P 220 -53.89 -31.92 28.17
N ASP P 221 -53.84 -31.01 27.20
CA ASP P 221 -52.57 -30.51 26.67
C ASP P 221 -52.84 -29.60 25.46
N GLY P 222 -53.27 -30.21 24.34
CA GLY P 222 -53.54 -29.44 23.14
C GLY P 222 -52.47 -29.62 22.07
N GLU P 223 -51.62 -30.63 22.26
CA GLU P 223 -50.54 -30.95 21.32
C GLU P 223 -50.57 -32.43 20.95
N VAL P 224 -49.79 -32.82 19.94
CA VAL P 224 -49.73 -34.21 19.47
C VAL P 224 -48.68 -35.06 20.19
N TYR P 225 -49.10 -36.23 20.65
CA TYR P 225 -48.19 -37.13 21.35
C TYR P 225 -48.11 -38.53 20.72
N GLN P 226 -46.89 -39.07 20.64
CA GLN P 226 -46.66 -40.40 20.11
C GLN P 226 -46.32 -41.30 21.29
N LYS P 227 -46.97 -42.44 21.37
CA LYS P 227 -46.73 -43.36 22.47
C LYS P 227 -46.41 -44.76 21.97
N ILE P 228 -45.14 -45.15 22.00
CA ILE P 228 -44.79 -46.50 21.59
C ILE P 228 -44.91 -47.36 22.85
N PHE P 229 -45.93 -48.20 22.89
CA PHE P 229 -46.20 -49.05 24.04
C PHE P 229 -45.04 -49.96 24.40
N LYS P 230 -44.86 -50.13 25.71
CA LYS P 230 -43.79 -50.97 26.25
C LYS P 230 -44.33 -52.38 26.43
N PRO P 231 -43.43 -53.37 26.50
CA PRO P 231 -43.88 -54.75 26.66
C PRO P 231 -45.04 -54.87 27.66
N GLN P 232 -44.86 -54.22 28.81
CA GLN P 232 -45.89 -54.26 29.85
C GLN P 232 -47.20 -53.64 29.36
N GLU P 233 -47.10 -52.50 28.69
CA GLU P 233 -48.27 -51.81 28.18
C GLU P 233 -49.05 -52.61 27.14
N ILE P 234 -48.37 -53.52 26.44
CA ILE P 234 -49.04 -54.34 25.44
C ILE P 234 -49.70 -55.52 26.14
N LYS P 235 -49.00 -56.09 27.13
CA LYS P 235 -49.54 -57.22 27.88
C LYS P 235 -50.88 -56.83 28.50
N ASP P 236 -50.96 -55.58 28.94
CA ASP P 236 -52.18 -55.05 29.55
C ASP P 236 -53.28 -54.99 28.52
N ILE P 237 -53.16 -54.03 27.61
CA ILE P 237 -54.14 -53.82 26.54
C ILE P 237 -54.56 -55.12 25.88
N LEU P 238 -53.71 -56.14 25.97
CA LEU P 238 -54.00 -57.44 25.37
C LEU P 238 -55.01 -58.21 26.23
N VAL P 239 -54.90 -58.07 27.54
CA VAL P 239 -55.81 -58.73 28.48
C VAL P 239 -57.16 -58.02 28.44
N LYS P 240 -57.11 -56.71 28.60
CA LYS P 240 -58.29 -55.85 28.61
C LYS P 240 -59.22 -56.13 27.43
N THR P 241 -58.69 -56.02 26.22
CA THR P 241 -59.50 -56.25 25.02
C THR P 241 -59.97 -57.69 25.01
N GLY P 242 -59.68 -58.41 26.08
CA GLY P 242 -60.12 -59.79 26.20
C GLY P 242 -59.47 -60.79 25.27
N ILE P 243 -58.16 -60.91 25.37
CA ILE P 243 -57.41 -61.85 24.56
C ILE P 243 -56.42 -62.46 25.52
N THR P 244 -56.39 -61.89 26.73
CA THR P 244 -55.50 -62.31 27.81
C THR P 244 -54.08 -62.49 27.30
N GLY Q 1 -23.47 -44.45 -12.61
CA GLY Q 1 -22.42 -45.33 -13.17
C GLY Q 1 -23.00 -46.44 -14.02
N TYR Q 2 -24.29 -46.70 -13.85
CA TYR Q 2 -24.95 -47.75 -14.61
C TYR Q 2 -25.50 -47.14 -15.90
N ASP Q 3 -25.01 -47.61 -17.05
CA ASP Q 3 -25.49 -47.06 -18.32
C ASP Q 3 -25.92 -48.11 -19.34
N ARG Q 4 -26.29 -49.30 -18.87
CA ARG Q 4 -26.70 -50.37 -19.80
C ARG Q 4 -27.84 -49.88 -20.68
N ALA Q 5 -27.68 -50.06 -21.99
CA ALA Q 5 -28.70 -49.66 -22.94
C ALA Q 5 -29.89 -50.60 -22.78
N LEU Q 6 -30.92 -50.15 -22.08
CA LEU Q 6 -32.10 -50.96 -21.86
C LEU Q 6 -33.13 -50.79 -22.98
N SER Q 7 -33.20 -49.60 -23.55
CA SER Q 7 -34.13 -49.34 -24.64
C SER Q 7 -33.30 -49.44 -25.90
N ILE Q 8 -33.44 -50.54 -26.63
CA ILE Q 8 -32.71 -50.74 -27.87
C ILE Q 8 -33.60 -51.33 -28.97
N PHE Q 9 -33.09 -51.32 -30.19
CA PHE Q 9 -33.84 -51.85 -31.32
C PHE Q 9 -33.79 -53.36 -31.38
N SER Q 10 -34.86 -53.94 -31.92
CA SER Q 10 -34.94 -55.38 -32.10
C SER Q 10 -34.90 -55.55 -33.62
N PRO Q 11 -34.71 -56.78 -34.11
CA PRO Q 11 -34.65 -57.07 -35.54
C PRO Q 11 -35.78 -56.52 -36.41
N ASP Q 12 -36.99 -56.44 -35.84
CA ASP Q 12 -38.13 -55.94 -36.61
C ASP Q 12 -38.25 -54.43 -36.53
N GLY Q 13 -37.27 -53.79 -35.90
CA GLY Q 13 -37.27 -52.33 -35.79
C GLY Q 13 -38.11 -51.77 -34.66
N HIS Q 14 -38.33 -52.56 -33.62
CA HIS Q 14 -39.11 -52.13 -32.47
C HIS Q 14 -38.24 -51.91 -31.24
N ILE Q 15 -38.70 -51.07 -30.32
CA ILE Q 15 -37.97 -50.83 -29.10
C ILE Q 15 -38.89 -51.37 -27.99
N PHE Q 16 -38.71 -52.65 -27.68
CA PHE Q 16 -39.54 -53.34 -26.70
C PHE Q 16 -39.80 -52.69 -25.34
N GLN Q 17 -38.80 -52.00 -24.78
CA GLN Q 17 -39.03 -51.37 -23.49
C GLN Q 17 -40.06 -50.24 -23.58
N VAL Q 18 -40.11 -49.57 -24.72
CA VAL Q 18 -41.08 -48.50 -24.95
C VAL Q 18 -42.45 -49.14 -25.21
N GLU Q 19 -42.43 -50.21 -26.00
CA GLU Q 19 -43.65 -50.95 -26.34
C GLU Q 19 -44.26 -51.44 -25.03
N TYR Q 20 -43.41 -51.98 -24.16
CA TYR Q 20 -43.87 -52.49 -22.88
C TYR Q 20 -44.33 -51.38 -21.96
N ALA Q 21 -43.68 -50.22 -22.07
CA ALA Q 21 -44.10 -49.08 -21.26
C ALA Q 21 -45.56 -48.84 -21.62
N LEU Q 22 -45.90 -48.93 -22.91
CA LEU Q 22 -47.28 -48.75 -23.35
C LEU Q 22 -48.22 -49.76 -22.70
N GLU Q 23 -47.76 -51.00 -22.57
CA GLU Q 23 -48.56 -52.07 -21.95
C GLU Q 23 -48.93 -51.68 -20.52
N ALA Q 24 -48.08 -50.90 -19.88
CA ALA Q 24 -48.32 -50.44 -18.52
C ALA Q 24 -49.43 -49.38 -18.55
N VAL Q 25 -49.47 -48.61 -19.63
CA VAL Q 25 -50.49 -47.58 -19.79
C VAL Q 25 -51.86 -48.25 -19.95
N LYS Q 26 -51.93 -49.26 -20.81
CA LYS Q 26 -53.18 -49.99 -21.06
C LYS Q 26 -53.80 -50.45 -19.75
N ARG Q 27 -52.96 -50.84 -18.81
CA ARG Q 27 -53.40 -51.32 -17.52
C ARG Q 27 -53.83 -50.21 -16.54
N GLY Q 28 -53.34 -48.99 -16.76
CA GLY Q 28 -53.70 -47.89 -15.88
C GLY Q 28 -55.17 -47.52 -15.99
N THR Q 29 -55.70 -46.80 -15.00
CA THR Q 29 -57.11 -46.40 -15.04
C THR Q 29 -57.36 -45.46 -16.21
N CYS Q 30 -58.55 -45.56 -16.79
CA CYS Q 30 -58.88 -44.73 -17.94
C CYS Q 30 -58.82 -43.25 -17.63
N ALA Q 31 -58.62 -42.47 -18.67
CA ALA Q 31 -58.55 -41.03 -18.58
C ALA Q 31 -59.09 -40.46 -19.88
N VAL Q 32 -59.90 -39.42 -19.78
CA VAL Q 32 -60.47 -38.82 -20.98
C VAL Q 32 -60.45 -37.30 -20.95
N GLY Q 33 -60.38 -36.71 -22.13
CA GLY Q 33 -60.38 -35.26 -22.24
C GLY Q 33 -61.12 -34.79 -23.48
N VAL Q 34 -62.04 -33.86 -23.27
CA VAL Q 34 -62.83 -33.33 -24.37
C VAL Q 34 -62.82 -31.81 -24.27
N LYS Q 35 -62.65 -31.15 -25.40
CA LYS Q 35 -62.61 -29.71 -25.41
C LYS Q 35 -63.89 -29.11 -25.96
N GLY Q 36 -64.45 -28.17 -25.19
CA GLY Q 36 -65.66 -27.48 -25.57
C GLY Q 36 -65.34 -26.31 -26.46
N LYS Q 37 -66.18 -25.29 -26.45
CA LYS Q 37 -65.94 -24.13 -27.29
C LYS Q 37 -65.26 -23.05 -26.45
N ASN Q 38 -65.30 -23.26 -25.14
CA ASN Q 38 -64.73 -22.30 -24.20
C ASN Q 38 -64.33 -23.03 -22.93
N CYS Q 39 -63.84 -24.26 -23.10
CA CYS Q 39 -63.40 -25.05 -21.95
C CYS Q 39 -62.86 -26.40 -22.39
N VAL Q 40 -62.28 -27.11 -21.44
CA VAL Q 40 -61.75 -28.45 -21.68
C VAL Q 40 -62.08 -29.17 -20.39
N VAL Q 41 -62.46 -30.44 -20.50
CA VAL Q 41 -62.81 -31.22 -19.32
C VAL Q 41 -61.99 -32.51 -19.25
N LEU Q 42 -61.48 -32.79 -18.05
CA LEU Q 42 -60.70 -33.99 -17.84
C LEU Q 42 -61.40 -34.96 -16.89
N GLY Q 43 -61.59 -36.19 -17.35
CA GLY Q 43 -62.25 -37.20 -16.54
C GLY Q 43 -61.32 -38.39 -16.38
N CYS Q 44 -61.42 -39.06 -15.23
CA CYS Q 44 -60.60 -40.21 -14.94
C CYS Q 44 -61.38 -41.15 -14.05
N GLU Q 45 -61.24 -42.46 -14.25
CA GLU Q 45 -61.95 -43.42 -13.44
C GLU Q 45 -61.13 -43.77 -12.20
N ARG Q 46 -61.80 -44.16 -11.13
CA ARG Q 46 -61.12 -44.54 -9.89
C ARG Q 46 -61.25 -46.04 -9.65
N ARG Q 47 -60.12 -46.71 -9.54
CA ARG Q 47 -60.09 -48.16 -9.32
C ARG Q 47 -60.97 -48.53 -8.11
N SER Q 48 -61.15 -49.84 -7.91
CA SER Q 48 -61.93 -50.35 -6.78
C SER Q 48 -61.34 -51.67 -6.23
N THR Q 49 -60.09 -51.96 -6.61
CA THR Q 49 -59.36 -53.16 -6.17
C THR Q 49 -59.32 -53.20 -4.63
N LEU Q 50 -59.43 -52.02 -4.03
CA LEU Q 50 -59.45 -51.81 -2.58
C LEU Q 50 -60.21 -50.49 -2.34
N LYS Q 51 -61.26 -50.54 -1.53
CA LYS Q 51 -62.04 -49.33 -1.22
C LYS Q 51 -62.16 -49.25 0.30
N LEU Q 52 -61.64 -48.16 0.86
CA LEU Q 52 -61.64 -47.91 2.30
C LEU Q 52 -60.59 -46.81 2.42
N GLN Q 53 -60.43 -46.11 1.31
CA GLN Q 53 -59.48 -45.03 1.17
C GLN Q 53 -59.90 -43.75 1.82
N ASP Q 54 -58.94 -42.84 1.89
CA ASP Q 54 -59.16 -41.51 2.46
C ASP Q 54 -58.98 -40.55 1.28
N THR Q 55 -60.01 -40.45 0.45
CA THR Q 55 -59.98 -39.59 -0.74
C THR Q 55 -59.36 -38.20 -0.53
N ARG Q 56 -59.57 -37.59 0.63
CA ARG Q 56 -59.02 -36.28 0.92
C ARG Q 56 -57.52 -36.19 0.60
N ILE Q 57 -56.76 -37.14 1.12
CA ILE Q 57 -55.32 -37.17 0.94
C ILE Q 57 -54.77 -38.04 -0.20
N THR Q 58 -55.43 -39.16 -0.50
CA THR Q 58 -54.96 -40.02 -1.59
C THR Q 58 -54.75 -39.18 -2.85
N PRO Q 59 -53.51 -39.15 -3.36
CA PRO Q 59 -53.17 -38.38 -4.56
C PRO Q 59 -54.22 -38.44 -5.68
N SER Q 60 -54.71 -37.27 -6.09
CA SER Q 60 -55.71 -37.16 -7.16
C SER Q 60 -55.09 -37.37 -8.54
N LYS Q 61 -55.90 -37.77 -9.52
CA LYS Q 61 -55.43 -38.04 -10.87
C LYS Q 61 -55.17 -36.83 -11.76
N VAL Q 62 -55.86 -35.73 -11.50
CA VAL Q 62 -55.65 -34.54 -12.30
C VAL Q 62 -54.72 -33.60 -11.53
N SER Q 63 -53.65 -33.16 -12.19
CA SER Q 63 -52.69 -32.27 -11.54
C SER Q 63 -52.55 -30.94 -12.28
N LYS Q 64 -52.22 -29.90 -11.52
CA LYS Q 64 -52.03 -28.58 -12.10
C LYS Q 64 -50.54 -28.37 -12.22
N ILE Q 65 -50.06 -28.05 -13.42
CA ILE Q 65 -48.65 -27.77 -13.59
C ILE Q 65 -48.50 -26.27 -13.29
N ASP Q 66 -49.55 -25.52 -13.61
CA ASP Q 66 -49.59 -24.07 -13.32
C ASP Q 66 -51.08 -23.74 -13.12
N SER Q 67 -51.38 -22.47 -12.86
CA SER Q 67 -52.78 -22.10 -12.61
C SER Q 67 -53.68 -22.15 -13.83
N HIS Q 68 -53.10 -22.34 -15.02
CA HIS Q 68 -53.89 -22.38 -16.26
C HIS Q 68 -53.71 -23.67 -17.07
N VAL Q 69 -52.93 -24.62 -16.54
CA VAL Q 69 -52.70 -25.87 -17.24
C VAL Q 69 -52.74 -27.07 -16.31
N VAL Q 70 -53.38 -28.13 -16.78
CA VAL Q 70 -53.50 -29.35 -16.01
C VAL Q 70 -53.03 -30.56 -16.79
N LEU Q 71 -52.70 -31.62 -16.07
CA LEU Q 71 -52.23 -32.83 -16.70
C LEU Q 71 -52.72 -34.09 -16.00
N SER Q 72 -53.40 -34.95 -16.76
CA SER Q 72 -53.90 -36.22 -16.24
C SER Q 72 -53.09 -37.30 -16.93
N PHE Q 73 -53.14 -38.52 -16.43
CA PHE Q 73 -52.33 -39.57 -17.03
C PHE Q 73 -52.90 -40.98 -16.81
N SER Q 74 -52.28 -41.94 -17.47
CA SER Q 74 -52.63 -43.35 -17.36
C SER Q 74 -51.32 -44.12 -17.32
N GLY Q 75 -51.17 -44.97 -16.32
CA GLY Q 75 -49.95 -45.74 -16.20
C GLY Q 75 -49.46 -45.81 -14.78
N LEU Q 76 -48.17 -46.03 -14.61
CA LEU Q 76 -47.57 -46.11 -13.28
C LEU Q 76 -47.67 -44.76 -12.59
N ASN Q 77 -48.28 -44.75 -11.41
CA ASN Q 77 -48.42 -43.50 -10.67
C ASN Q 77 -47.08 -42.89 -10.30
N ALA Q 78 -46.23 -43.69 -9.64
CA ALA Q 78 -44.91 -43.19 -9.25
C ALA Q 78 -44.21 -42.48 -10.42
N ASP Q 79 -44.25 -43.09 -11.60
CA ASP Q 79 -43.62 -42.48 -12.77
C ASP Q 79 -44.24 -41.14 -13.12
N SER Q 80 -45.56 -41.02 -12.97
CA SER Q 80 -46.22 -39.76 -13.28
C SER Q 80 -45.73 -38.61 -12.40
N ARG Q 81 -45.48 -38.89 -11.12
CA ARG Q 81 -45.02 -37.85 -10.21
C ARG Q 81 -43.77 -37.16 -10.74
N ILE Q 82 -42.80 -37.96 -11.16
CA ILE Q 82 -41.54 -37.43 -11.70
C ILE Q 82 -41.80 -36.47 -12.86
N LEU Q 83 -42.66 -36.87 -13.79
CA LEU Q 83 -42.98 -36.01 -14.93
C LEU Q 83 -43.68 -34.74 -14.49
N ILE Q 84 -44.65 -34.87 -13.59
CA ILE Q 84 -45.38 -33.71 -13.10
C ILE Q 84 -44.46 -32.71 -12.44
N GLU Q 85 -43.53 -33.21 -11.63
CA GLU Q 85 -42.59 -32.32 -10.95
C GLU Q 85 -41.80 -31.51 -11.96
N LYS Q 86 -41.12 -32.21 -12.87
CA LYS Q 86 -40.32 -31.55 -13.88
C LYS Q 86 -41.14 -30.52 -14.65
N ALA Q 87 -42.38 -30.88 -14.97
CA ALA Q 87 -43.26 -29.99 -15.72
C ALA Q 87 -43.54 -28.71 -14.96
N ARG Q 88 -43.82 -28.85 -13.66
CA ARG Q 88 -44.12 -27.71 -12.79
C ARG Q 88 -42.93 -26.77 -12.64
N VAL Q 89 -41.74 -27.35 -12.55
CA VAL Q 89 -40.55 -26.56 -12.43
C VAL Q 89 -40.31 -25.81 -13.74
N GLU Q 90 -40.37 -26.54 -14.85
CA GLU Q 90 -40.17 -25.88 -16.13
C GLU Q 90 -41.17 -24.76 -16.30
N ALA Q 91 -42.35 -24.96 -15.73
CA ALA Q 91 -43.40 -23.96 -15.82
C ALA Q 91 -42.94 -22.68 -15.14
N GLN Q 92 -42.47 -22.78 -13.90
CA GLN Q 92 -42.00 -21.62 -13.14
C GLN Q 92 -40.76 -20.97 -13.77
N SER Q 93 -39.87 -21.82 -14.29
CA SER Q 93 -38.65 -21.34 -14.92
C SER Q 93 -38.97 -20.51 -16.15
N HIS Q 94 -39.89 -21.02 -16.96
CA HIS Q 94 -40.31 -20.35 -18.17
C HIS Q 94 -40.84 -18.94 -17.86
N ARG Q 95 -41.68 -18.85 -16.81
CA ARG Q 95 -42.25 -17.56 -16.41
C ARG Q 95 -41.12 -16.62 -15.98
N LEU Q 96 -40.17 -17.17 -15.22
CA LEU Q 96 -39.03 -16.41 -14.70
C LEU Q 96 -38.12 -15.82 -15.78
N THR Q 97 -37.93 -16.55 -16.88
CA THR Q 97 -37.05 -16.05 -17.93
C THR Q 97 -37.75 -15.37 -19.11
N LEU Q 98 -38.95 -15.84 -19.46
CA LEU Q 98 -39.70 -15.27 -20.58
C LEU Q 98 -40.70 -14.23 -20.10
N GLU Q 99 -40.92 -14.19 -18.79
CA GLU Q 99 -41.87 -13.26 -18.22
C GLU Q 99 -43.24 -13.48 -18.83
N ASP Q 100 -43.61 -14.76 -18.99
CA ASP Q 100 -44.90 -15.13 -19.53
C ASP Q 100 -45.10 -16.63 -19.29
N PRO Q 101 -46.23 -17.03 -18.71
CA PRO Q 101 -46.50 -18.46 -18.45
C PRO Q 101 -46.47 -19.28 -19.72
N VAL Q 102 -46.14 -20.56 -19.60
CA VAL Q 102 -46.05 -21.46 -20.76
C VAL Q 102 -47.38 -21.66 -21.47
N THR Q 103 -47.29 -21.93 -22.77
CA THR Q 103 -48.48 -22.21 -23.56
C THR Q 103 -48.70 -23.69 -23.29
N VAL Q 104 -49.90 -24.20 -23.58
CA VAL Q 104 -50.16 -25.61 -23.34
C VAL Q 104 -49.27 -26.47 -24.23
N GLU Q 105 -49.14 -26.06 -25.48
CA GLU Q 105 -48.32 -26.80 -26.44
C GLU Q 105 -46.90 -26.91 -25.92
N TYR Q 106 -46.31 -25.76 -25.60
CA TYR Q 106 -44.94 -25.71 -25.09
C TYR Q 106 -44.73 -26.66 -23.93
N LEU Q 107 -45.60 -26.57 -22.94
CA LEU Q 107 -45.50 -27.40 -21.74
C LEU Q 107 -45.63 -28.86 -22.12
N THR Q 108 -46.44 -29.14 -23.13
CA THR Q 108 -46.63 -30.51 -23.59
C THR Q 108 -45.33 -30.96 -24.25
N ARG Q 109 -44.85 -30.12 -25.17
CA ARG Q 109 -43.62 -30.41 -25.90
C ARG Q 109 -42.48 -30.71 -24.92
N TYR Q 110 -42.49 -30.03 -23.78
CA TYR Q 110 -41.44 -30.25 -22.79
C TYR Q 110 -41.57 -31.64 -22.18
N VAL Q 111 -42.74 -31.95 -21.64
CA VAL Q 111 -42.97 -33.24 -21.02
C VAL Q 111 -42.65 -34.35 -22.00
N ALA Q 112 -43.15 -34.24 -23.22
CA ALA Q 112 -42.89 -35.24 -24.26
C ALA Q 112 -41.39 -35.44 -24.45
N GLY Q 113 -40.66 -34.33 -24.54
CA GLY Q 113 -39.23 -34.40 -24.71
C GLY Q 113 -38.59 -35.19 -23.58
N VAL Q 114 -38.99 -34.90 -22.35
CA VAL Q 114 -38.45 -35.60 -21.19
C VAL Q 114 -38.64 -37.09 -21.44
N GLN Q 115 -39.85 -37.47 -21.79
CA GLN Q 115 -40.15 -38.87 -22.04
C GLN Q 115 -39.24 -39.46 -23.11
N GLN Q 116 -39.21 -38.82 -24.27
CA GLN Q 116 -38.38 -39.30 -25.38
C GLN Q 116 -36.92 -39.54 -24.96
N ARG Q 117 -36.43 -38.68 -24.07
CA ARG Q 117 -35.05 -38.79 -23.59
C ARG Q 117 -34.85 -40.13 -22.89
N TYR Q 118 -35.81 -40.51 -22.04
CA TYR Q 118 -35.72 -41.77 -21.32
C TYR Q 118 -35.81 -43.00 -22.23
N THR Q 119 -36.04 -42.79 -23.52
CA THR Q 119 -36.12 -43.90 -24.45
C THR Q 119 -34.79 -44.16 -25.15
N GLN Q 120 -33.83 -43.25 -24.99
CA GLN Q 120 -32.51 -43.47 -25.61
C GLN Q 120 -31.36 -42.95 -24.76
N SER Q 121 -31.42 -43.29 -23.48
CA SER Q 121 -30.41 -42.93 -22.48
C SER Q 121 -30.05 -44.18 -21.68
N GLY Q 122 -28.78 -44.38 -21.42
CA GLY Q 122 -28.36 -45.55 -20.68
C GLY Q 122 -28.77 -45.62 -19.22
N GLY Q 123 -28.90 -46.85 -18.71
CA GLY Q 123 -29.27 -47.03 -17.32
C GLY Q 123 -30.70 -46.71 -16.92
N VAL Q 124 -31.52 -46.23 -17.85
CA VAL Q 124 -32.92 -45.89 -17.52
C VAL Q 124 -33.97 -46.50 -18.44
N ARG Q 125 -35.13 -46.78 -17.88
CA ARG Q 125 -36.25 -47.34 -18.63
C ARG Q 125 -37.23 -46.22 -18.93
N PRO Q 126 -38.07 -46.37 -19.96
CA PRO Q 126 -39.05 -45.35 -20.31
C PRO Q 126 -40.11 -45.21 -19.24
N PHE Q 127 -40.85 -44.10 -19.28
CA PHE Q 127 -41.92 -43.88 -18.32
C PHE Q 127 -43.13 -44.73 -18.68
N GLY Q 128 -43.68 -45.42 -17.70
CA GLY Q 128 -44.86 -46.22 -17.98
C GLY Q 128 -46.05 -45.28 -17.86
N VAL Q 129 -46.02 -44.18 -18.62
CA VAL Q 129 -47.09 -43.19 -18.55
C VAL Q 129 -47.46 -42.58 -19.90
N SER Q 130 -48.71 -42.13 -19.98
CA SER Q 130 -49.27 -41.44 -21.15
C SER Q 130 -50.01 -40.26 -20.53
N THR Q 131 -49.98 -39.10 -21.16
CA THR Q 131 -50.63 -37.96 -20.55
C THR Q 131 -51.53 -37.11 -21.41
N LEU Q 132 -52.47 -36.47 -20.72
CA LEU Q 132 -53.40 -35.54 -21.32
C LEU Q 132 -53.06 -34.24 -20.63
N ILE Q 133 -52.72 -33.23 -21.43
CA ILE Q 133 -52.37 -31.92 -20.89
C ILE Q 133 -53.37 -30.94 -21.51
N ALA Q 134 -54.11 -30.25 -20.66
CA ALA Q 134 -55.11 -29.31 -21.15
C ALA Q 134 -55.01 -27.97 -20.46
N GLY Q 135 -55.54 -26.94 -21.12
CA GLY Q 135 -55.48 -25.62 -20.54
C GLY Q 135 -55.63 -24.55 -21.60
N PHE Q 136 -55.41 -23.31 -21.18
CA PHE Q 136 -55.53 -22.18 -22.07
C PHE Q 136 -54.27 -21.33 -22.11
N ASP Q 137 -53.79 -21.07 -23.32
CA ASP Q 137 -52.61 -20.24 -23.52
C ASP Q 137 -52.88 -18.90 -22.85
N PRO Q 138 -51.82 -18.19 -22.42
CA PRO Q 138 -52.02 -16.89 -21.78
C PRO Q 138 -52.75 -15.88 -22.68
N ARG Q 139 -53.70 -15.16 -22.10
CA ARG Q 139 -54.46 -14.15 -22.84
C ARG Q 139 -55.18 -14.74 -24.08
N ASP Q 140 -55.48 -16.03 -24.01
CA ASP Q 140 -56.14 -16.73 -25.10
C ASP Q 140 -57.32 -17.51 -24.55
N ASP Q 141 -58.41 -17.56 -25.29
CA ASP Q 141 -59.60 -18.27 -24.85
C ASP Q 141 -59.89 -19.57 -25.60
N GLU Q 142 -59.07 -19.85 -26.61
CA GLU Q 142 -59.23 -21.08 -27.39
C GLU Q 142 -58.67 -22.25 -26.56
N PRO Q 143 -59.50 -23.26 -26.27
CA PRO Q 143 -59.05 -24.41 -25.47
C PRO Q 143 -57.97 -25.27 -26.14
N LYS Q 144 -57.17 -25.93 -25.32
CA LYS Q 144 -56.07 -26.78 -25.79
C LYS Q 144 -56.09 -28.12 -25.08
N LEU Q 145 -55.94 -29.19 -25.85
CA LEU Q 145 -55.94 -30.54 -25.31
C LEU Q 145 -54.85 -31.33 -26.02
N TYR Q 146 -53.88 -31.82 -25.26
CA TYR Q 146 -52.78 -32.58 -25.85
C TYR Q 146 -52.60 -33.92 -25.20
N GLN Q 147 -51.89 -34.81 -25.89
CA GLN Q 147 -51.63 -36.14 -25.36
C GLN Q 147 -50.20 -36.55 -25.67
N THR Q 148 -49.59 -37.31 -24.76
CA THR Q 148 -48.23 -37.80 -24.94
C THR Q 148 -48.18 -39.28 -24.57
N GLU Q 149 -47.14 -39.96 -25.02
CA GLU Q 149 -46.94 -41.38 -24.73
C GLU Q 149 -45.48 -41.67 -24.42
N PRO Q 150 -45.19 -42.85 -23.86
CA PRO Q 150 -43.81 -43.20 -23.54
C PRO Q 150 -42.82 -42.95 -24.66
N SER Q 151 -43.23 -43.18 -25.90
CA SER Q 151 -42.33 -42.98 -27.05
C SER Q 151 -41.79 -41.56 -27.13
N GLY Q 152 -42.55 -40.61 -26.59
CA GLY Q 152 -42.14 -39.22 -26.62
C GLY Q 152 -42.96 -38.41 -27.62
N ILE Q 153 -43.79 -39.11 -28.40
CA ILE Q 153 -44.65 -38.48 -29.39
C ILE Q 153 -45.78 -37.72 -28.71
N TYR Q 154 -46.25 -36.65 -29.35
CA TYR Q 154 -47.36 -35.87 -28.82
C TYR Q 154 -48.11 -35.19 -29.96
N SER Q 155 -49.38 -34.89 -29.71
CA SER Q 155 -50.22 -34.23 -30.70
C SER Q 155 -51.49 -33.77 -30.00
N SER Q 156 -52.21 -32.83 -30.60
CA SER Q 156 -53.43 -32.35 -29.98
C SER Q 156 -54.66 -33.08 -30.50
N TRP Q 157 -55.71 -33.08 -29.68
CA TRP Q 157 -56.97 -33.75 -30.01
C TRP Q 157 -58.18 -32.87 -29.68
N SER Q 158 -59.33 -33.23 -30.24
CA SER Q 158 -60.57 -32.52 -29.99
C SER Q 158 -61.14 -33.18 -28.74
N ALA Q 159 -60.81 -34.45 -28.60
CA ALA Q 159 -61.21 -35.26 -27.47
C ALA Q 159 -60.35 -36.52 -27.59
N GLN Q 160 -59.90 -37.06 -26.46
CA GLN Q 160 -59.07 -38.23 -26.50
C GLN Q 160 -59.11 -38.95 -25.17
N THR Q 161 -58.73 -40.22 -25.19
CA THR Q 161 -58.74 -41.02 -23.99
C THR Q 161 -57.55 -41.97 -23.99
N ILE Q 162 -57.09 -42.32 -22.80
CA ILE Q 162 -55.96 -43.23 -22.65
C ILE Q 162 -56.25 -44.11 -21.43
N GLY Q 163 -55.58 -45.26 -21.35
CA GLY Q 163 -55.81 -46.15 -20.23
C GLY Q 163 -56.61 -47.37 -20.66
N ARG Q 164 -56.98 -48.19 -19.68
CA ARG Q 164 -57.74 -49.41 -19.96
C ARG Q 164 -59.10 -49.11 -20.55
N ASN Q 165 -59.40 -49.82 -21.64
CA ASN Q 165 -60.67 -49.66 -22.33
C ASN Q 165 -60.77 -48.31 -23.04
N SER Q 166 -59.64 -47.66 -23.25
CA SER Q 166 -59.63 -46.37 -23.94
C SER Q 166 -60.11 -46.63 -25.37
N LYS Q 167 -59.96 -47.89 -25.79
CA LYS Q 167 -60.36 -48.33 -27.12
C LYS Q 167 -61.86 -48.04 -27.24
N THR Q 168 -62.60 -48.62 -26.31
CA THR Q 168 -64.05 -48.47 -26.26
C THR Q 168 -64.46 -47.01 -26.26
N VAL Q 169 -64.09 -46.30 -25.19
CA VAL Q 169 -64.44 -44.89 -25.04
C VAL Q 169 -64.01 -44.01 -26.20
N ARG Q 170 -62.90 -44.34 -26.87
CA ARG Q 170 -62.49 -43.51 -27.99
C ARG Q 170 -63.58 -43.60 -29.05
N GLU Q 171 -64.06 -44.82 -29.29
CA GLU Q 171 -65.14 -45.05 -30.26
C GLU Q 171 -66.30 -44.13 -29.92
N PHE Q 172 -66.80 -44.28 -28.69
CA PHE Q 172 -67.90 -43.47 -28.22
C PHE Q 172 -67.68 -42.04 -28.66
N LEU Q 173 -66.51 -41.52 -28.34
CA LEU Q 173 -66.16 -40.14 -28.69
C LEU Q 173 -66.08 -39.93 -30.19
N GLU Q 174 -65.60 -40.93 -30.93
CA GLU Q 174 -65.48 -40.79 -32.37
C GLU Q 174 -66.84 -40.70 -33.05
N LYS Q 175 -67.85 -41.28 -32.42
CA LYS Q 175 -69.20 -41.24 -32.99
C LYS Q 175 -70.14 -40.45 -32.10
N ASN Q 176 -69.58 -39.51 -31.36
CA ASN Q 176 -70.36 -38.66 -30.47
C ASN Q 176 -69.73 -37.27 -30.36
N TYR Q 177 -68.65 -37.03 -31.11
CA TYR Q 177 -68.01 -35.73 -31.07
C TYR Q 177 -67.98 -35.12 -32.47
N ASP Q 178 -68.79 -34.07 -32.64
CA ASP Q 178 -68.89 -33.37 -33.89
C ASP Q 178 -68.02 -32.12 -33.80
N ARG Q 179 -66.94 -32.09 -34.58
CA ARG Q 179 -66.06 -30.92 -34.58
C ARG Q 179 -66.83 -29.69 -35.07
N LYS Q 180 -67.87 -29.95 -35.87
CA LYS Q 180 -68.73 -28.89 -36.41
C LYS Q 180 -69.33 -28.08 -35.27
N GLU Q 181 -69.84 -28.79 -34.26
CA GLU Q 181 -70.46 -28.14 -33.11
C GLU Q 181 -69.97 -28.77 -31.80
N PRO Q 182 -68.77 -28.41 -31.37
CA PRO Q 182 -68.24 -28.97 -30.12
C PRO Q 182 -69.09 -28.48 -28.96
N PRO Q 183 -69.17 -29.25 -27.87
CA PRO Q 183 -69.96 -28.86 -26.70
C PRO Q 183 -69.80 -27.37 -26.40
N ALA Q 184 -70.78 -26.57 -26.80
CA ALA Q 184 -70.72 -25.12 -26.60
C ALA Q 184 -70.99 -24.68 -25.17
N THR Q 185 -71.10 -25.62 -24.24
CA THR Q 185 -71.35 -25.27 -22.85
C THR Q 185 -70.54 -26.11 -21.90
N VAL Q 186 -70.16 -25.52 -20.78
CA VAL Q 186 -69.40 -26.23 -19.78
C VAL Q 186 -70.24 -27.45 -19.41
N GLU Q 187 -71.55 -27.25 -19.26
CA GLU Q 187 -72.47 -28.34 -18.90
C GLU Q 187 -72.50 -29.47 -19.92
N GLU Q 188 -72.76 -29.14 -21.19
CA GLU Q 188 -72.81 -30.17 -22.21
C GLU Q 188 -71.45 -30.78 -22.53
N CYS Q 189 -70.39 -30.07 -22.16
CA CYS Q 189 -69.05 -30.58 -22.39
C CYS Q 189 -68.76 -31.62 -21.33
N VAL Q 190 -69.14 -31.30 -20.09
CA VAL Q 190 -68.92 -32.23 -18.98
C VAL Q 190 -69.81 -33.45 -19.13
N LYS Q 191 -71.02 -33.26 -19.64
CA LYS Q 191 -71.95 -34.37 -19.84
C LYS Q 191 -71.34 -35.39 -20.79
N LEU Q 192 -70.88 -34.92 -21.94
CA LEU Q 192 -70.28 -35.80 -22.93
C LEU Q 192 -69.13 -36.59 -22.34
N THR Q 193 -68.39 -35.96 -21.42
CA THR Q 193 -67.27 -36.63 -20.77
C THR Q 193 -67.78 -37.80 -19.94
N VAL Q 194 -68.70 -37.51 -19.02
CA VAL Q 194 -69.26 -38.54 -18.16
C VAL Q 194 -69.86 -39.69 -19.00
N ARG Q 195 -70.58 -39.31 -20.05
CA ARG Q 195 -71.19 -40.32 -20.93
C ARG Q 195 -70.15 -41.30 -21.46
N SER Q 196 -68.99 -40.76 -21.82
CA SER Q 196 -67.91 -41.60 -22.36
C SER Q 196 -67.30 -42.50 -21.30
N LEU Q 197 -67.16 -41.99 -20.08
CA LEU Q 197 -66.59 -42.79 -19.01
C LEU Q 197 -67.56 -43.88 -18.56
N LEU Q 198 -68.85 -43.59 -18.63
CA LEU Q 198 -69.87 -44.56 -18.24
C LEU Q 198 -69.80 -45.80 -19.13
N GLU Q 199 -69.32 -45.61 -20.34
CA GLU Q 199 -69.16 -46.70 -21.27
C GLU Q 199 -68.20 -47.74 -20.72
N VAL Q 200 -67.37 -47.33 -19.76
CA VAL Q 200 -66.38 -48.25 -19.20
C VAL Q 200 -66.32 -48.38 -17.67
N VAL Q 201 -66.72 -47.34 -16.95
CA VAL Q 201 -66.65 -47.37 -15.49
C VAL Q 201 -67.68 -48.28 -14.82
N GLN Q 202 -68.79 -48.54 -15.50
CA GLN Q 202 -69.84 -49.40 -14.95
C GLN Q 202 -70.29 -48.85 -13.59
N THR Q 203 -71.30 -47.97 -13.64
CA THR Q 203 -71.86 -47.32 -12.46
C THR Q 203 -70.83 -47.06 -11.37
N GLY Q 204 -70.29 -45.85 -11.38
CA GLY Q 204 -69.29 -45.49 -10.40
C GLY Q 204 -69.35 -44.02 -10.08
N ALA Q 205 -70.35 -43.62 -9.29
CA ALA Q 205 -70.49 -42.22 -8.91
C ALA Q 205 -69.21 -41.76 -8.22
N LYS Q 206 -68.65 -42.63 -7.35
CA LYS Q 206 -67.42 -42.32 -6.64
C LYS Q 206 -66.20 -42.75 -7.45
N ASN Q 207 -66.47 -43.45 -8.57
CA ASN Q 207 -65.42 -43.94 -9.44
C ASN Q 207 -65.17 -43.02 -10.64
N ILE Q 208 -65.67 -41.80 -10.56
CA ILE Q 208 -65.49 -40.84 -11.64
C ILE Q 208 -65.28 -39.42 -11.15
N GLU Q 209 -64.13 -38.84 -11.50
CA GLU Q 209 -63.81 -37.47 -11.10
C GLU Q 209 -63.60 -36.58 -12.32
N ILE Q 210 -64.35 -35.47 -12.36
CA ILE Q 210 -64.26 -34.51 -13.45
C ILE Q 210 -63.65 -33.20 -12.97
N THR Q 211 -62.81 -32.59 -13.83
CA THR Q 211 -62.19 -31.30 -13.54
C THR Q 211 -62.47 -30.43 -14.78
N VAL Q 212 -62.96 -29.23 -14.56
CA VAL Q 212 -63.26 -28.32 -15.67
C VAL Q 212 -62.31 -27.15 -15.72
N VAL Q 213 -61.71 -26.95 -16.89
CA VAL Q 213 -60.74 -25.87 -17.06
C VAL Q 213 -61.27 -24.82 -18.03
N LYS Q 214 -61.40 -23.58 -17.54
CA LYS Q 214 -61.89 -22.45 -18.34
C LYS Q 214 -60.75 -21.45 -18.57
N PRO Q 215 -60.96 -20.49 -19.51
CA PRO Q 215 -59.93 -19.50 -19.79
C PRO Q 215 -59.51 -18.71 -18.54
N ASP Q 216 -58.31 -18.15 -18.58
CA ASP Q 216 -57.77 -17.35 -17.48
C ASP Q 216 -57.64 -18.03 -16.12
N SER Q 217 -56.96 -19.17 -16.09
CA SER Q 217 -56.73 -19.89 -14.85
C SER Q 217 -57.98 -20.23 -14.05
N ASP Q 218 -59.08 -20.52 -14.73
CA ASP Q 218 -60.32 -20.88 -14.07
C ASP Q 218 -60.43 -22.41 -14.04
N ILE Q 219 -59.84 -23.02 -13.02
CA ILE Q 219 -59.85 -24.46 -12.88
C ILE Q 219 -60.59 -24.90 -11.62
N VAL Q 220 -61.43 -25.92 -11.76
CA VAL Q 220 -62.19 -26.43 -10.63
C VAL Q 220 -62.58 -27.90 -10.84
N ALA Q 221 -62.54 -28.66 -9.74
CA ALA Q 221 -62.90 -30.07 -9.77
C ALA Q 221 -64.29 -30.24 -9.15
N LEU Q 222 -65.12 -31.07 -9.77
CA LEU Q 222 -66.48 -31.33 -9.29
C LEU Q 222 -66.50 -32.29 -8.10
N SER Q 223 -67.58 -32.23 -7.34
CA SER Q 223 -67.74 -33.12 -6.18
C SER Q 223 -68.68 -34.25 -6.58
N SER Q 224 -68.60 -35.35 -5.84
CA SER Q 224 -69.43 -36.51 -6.10
C SER Q 224 -70.81 -36.12 -6.62
N GLU Q 225 -71.53 -35.32 -5.83
CA GLU Q 225 -72.88 -34.87 -6.17
C GLU Q 225 -72.98 -34.27 -7.57
N GLU Q 226 -72.26 -33.17 -7.78
CA GLU Q 226 -72.25 -32.49 -9.07
C GLU Q 226 -72.16 -33.50 -10.20
N ILE Q 227 -71.24 -34.44 -10.04
CA ILE Q 227 -71.03 -35.48 -11.04
C ILE Q 227 -72.22 -36.45 -11.01
N ASN Q 228 -72.56 -36.90 -9.82
CA ASN Q 228 -73.67 -37.83 -9.61
C ASN Q 228 -74.92 -37.35 -10.34
N GLN Q 229 -75.11 -36.03 -10.33
CA GLN Q 229 -76.26 -35.42 -10.99
C GLN Q 229 -76.21 -35.67 -12.49
N TYR Q 230 -75.02 -35.52 -13.07
CA TYR Q 230 -74.85 -35.75 -14.50
C TYR Q 230 -75.15 -37.19 -14.86
N VAL Q 231 -74.69 -38.10 -14.00
CA VAL Q 231 -74.90 -39.53 -14.23
C VAL Q 231 -76.41 -39.80 -14.25
N THR Q 232 -77.09 -39.36 -13.18
CA THR Q 232 -78.53 -39.54 -13.04
C THR Q 232 -79.29 -39.08 -14.28
N GLN Q 233 -79.05 -37.83 -14.68
CA GLN Q 233 -79.72 -37.28 -15.86
C GLN Q 233 -79.40 -38.08 -17.12
N ILE Q 234 -78.28 -38.80 -17.11
CA ILE Q 234 -77.87 -39.59 -18.27
C ILE Q 234 -78.52 -40.98 -18.30
N GLU Q 235 -78.74 -41.58 -17.13
CA GLU Q 235 -79.36 -42.91 -17.09
C GLU Q 235 -80.82 -42.80 -17.50
N GLN Q 236 -81.38 -41.61 -17.31
CA GLN Q 236 -82.75 -41.34 -17.68
C GLN Q 236 -82.86 -41.20 -19.20
N GLU Q 237 -81.83 -40.62 -19.82
CA GLU Q 237 -81.83 -40.45 -21.26
C GLU Q 237 -81.97 -41.83 -21.91
N LYS Q 238 -81.44 -42.86 -21.25
CA LYS Q 238 -81.50 -44.24 -21.73
C LYS Q 238 -82.88 -44.85 -21.51
N GLN Q 239 -83.31 -44.88 -20.26
CA GLN Q 239 -84.60 -45.44 -19.88
C GLN Q 239 -85.76 -44.78 -20.63
N GLU Q 240 -85.66 -43.48 -20.89
CA GLU Q 240 -86.69 -42.75 -21.63
C GLU Q 240 -86.67 -43.21 -23.08
N GLN Q 241 -86.52 -44.52 -23.27
CA GLN Q 241 -86.46 -45.13 -24.59
C GLN Q 241 -86.32 -46.64 -24.48
N ASP R 1 -26.32 -60.28 -22.84
CA ASP R 1 -26.93 -60.06 -24.19
C ASP R 1 -25.84 -59.93 -25.27
N ARG R 2 -25.66 -58.71 -25.76
CA ARG R 2 -24.66 -58.40 -26.80
C ARG R 2 -24.52 -56.88 -26.90
N GLY R 3 -23.31 -56.40 -27.14
CA GLY R 3 -23.08 -54.96 -27.23
C GLY R 3 -24.00 -54.27 -28.23
N VAL R 4 -24.33 -53.01 -27.96
CA VAL R 4 -25.21 -52.26 -28.85
C VAL R 4 -24.47 -51.74 -30.07
N SER R 5 -23.14 -51.82 -30.06
CA SER R 5 -22.35 -51.36 -31.19
C SER R 5 -21.55 -52.51 -31.80
N THR R 6 -22.14 -53.71 -31.77
CA THR R 6 -21.50 -54.91 -32.31
C THR R 6 -21.67 -55.05 -33.82
N PHE R 7 -20.75 -55.80 -34.44
CA PHE R 7 -20.77 -56.07 -35.86
C PHE R 7 -21.34 -57.44 -36.19
N SER R 8 -22.13 -57.52 -37.25
CA SER R 8 -22.69 -58.79 -37.69
C SER R 8 -21.60 -59.41 -38.57
N PRO R 9 -21.65 -60.75 -38.75
CA PRO R 9 -20.63 -61.39 -39.58
C PRO R 9 -20.48 -60.77 -40.97
N GLU R 10 -21.54 -60.14 -41.46
CA GLU R 10 -21.51 -59.51 -42.77
C GLU R 10 -21.01 -58.08 -42.67
N GLY R 11 -20.31 -57.78 -41.58
CA GLY R 11 -19.75 -56.46 -41.37
C GLY R 11 -20.72 -55.29 -41.26
N ARG R 12 -21.88 -55.53 -40.65
CA ARG R 12 -22.86 -54.45 -40.48
C ARG R 12 -23.12 -54.27 -39.00
N LEU R 13 -23.65 -53.11 -38.62
CA LEU R 13 -23.93 -52.84 -37.22
C LEU R 13 -25.40 -53.17 -36.95
N PHE R 14 -25.63 -54.16 -36.11
CA PHE R 14 -26.99 -54.58 -35.79
C PHE R 14 -27.92 -53.41 -35.45
N GLN R 15 -27.64 -52.71 -34.36
CA GLN R 15 -28.50 -51.61 -33.97
C GLN R 15 -28.83 -50.67 -35.09
N VAL R 16 -27.93 -50.51 -36.05
CA VAL R 16 -28.20 -49.60 -37.16
C VAL R 16 -29.17 -50.19 -38.16
N GLU R 17 -28.96 -51.46 -38.51
CA GLU R 17 -29.84 -52.14 -39.46
C GLU R 17 -31.26 -52.12 -38.93
N TYR R 18 -31.41 -52.62 -37.70
CA TYR R 18 -32.70 -52.67 -37.03
C TYR R 18 -33.33 -51.28 -37.02
N SER R 19 -32.47 -50.26 -36.94
CA SER R 19 -32.92 -48.89 -36.94
C SER R 19 -33.67 -48.60 -38.24
N LEU R 20 -33.08 -49.04 -39.35
CA LEU R 20 -33.66 -48.84 -40.68
C LEU R 20 -35.00 -49.54 -40.85
N GLU R 21 -35.22 -50.61 -40.09
CA GLU R 21 -36.46 -51.36 -40.16
C GLU R 21 -37.62 -50.56 -39.58
N ALA R 22 -37.31 -49.78 -38.55
CA ALA R 22 -38.33 -48.97 -37.90
C ALA R 22 -38.69 -47.80 -38.82
N ILE R 23 -37.69 -47.32 -39.55
CA ILE R 23 -37.87 -46.21 -40.47
C ILE R 23 -38.87 -46.64 -41.54
N LYS R 24 -38.78 -47.90 -41.95
CA LYS R 24 -39.67 -48.47 -42.96
C LYS R 24 -41.15 -48.38 -42.57
N LEU R 25 -41.41 -48.46 -41.27
CA LEU R 25 -42.77 -48.39 -40.75
C LEU R 25 -43.27 -46.96 -40.70
N GLY R 26 -42.35 -46.00 -40.76
CA GLY R 26 -42.72 -44.60 -40.71
C GLY R 26 -43.50 -44.06 -41.89
N SER R 27 -44.19 -42.95 -41.67
CA SER R 27 -44.98 -42.28 -42.70
C SER R 27 -44.13 -41.88 -43.89
N THR R 28 -44.70 -41.96 -45.09
CA THR R 28 -43.98 -41.61 -46.30
C THR R 28 -43.64 -40.13 -46.40
N ALA R 29 -42.43 -39.83 -46.88
CA ALA R 29 -41.94 -38.45 -47.05
C ALA R 29 -41.17 -38.38 -48.37
N ILE R 30 -41.41 -37.35 -49.16
CA ILE R 30 -40.75 -37.24 -50.46
C ILE R 30 -40.13 -35.89 -50.74
N GLY R 31 -38.98 -35.92 -51.41
CA GLY R 31 -38.28 -34.69 -51.76
C GLY R 31 -37.90 -34.66 -53.23
N ILE R 32 -38.10 -33.51 -53.86
CA ILE R 32 -37.78 -33.33 -55.28
C ILE R 32 -36.98 -32.03 -55.46
N ALA R 33 -35.79 -32.14 -56.03
CA ALA R 33 -34.95 -30.98 -56.26
C ALA R 33 -35.13 -30.47 -57.71
N THR R 34 -35.17 -29.16 -57.87
CA THR R 34 -35.32 -28.56 -59.20
C THR R 34 -34.59 -27.22 -59.21
N LYS R 35 -34.17 -26.78 -60.40
CA LYS R 35 -33.46 -25.52 -60.54
C LYS R 35 -34.32 -24.31 -60.19
N GLU R 36 -35.50 -24.57 -59.62
CA GLU R 36 -36.42 -23.52 -59.23
C GLU R 36 -36.76 -23.65 -57.74
N GLY R 37 -36.19 -24.67 -57.10
CA GLY R 37 -36.45 -24.88 -55.70
C GLY R 37 -36.52 -26.37 -55.38
N VAL R 38 -36.70 -26.69 -54.11
CA VAL R 38 -36.78 -28.07 -53.67
C VAL R 38 -38.12 -28.23 -52.96
N VAL R 39 -38.81 -29.32 -53.23
CA VAL R 39 -40.11 -29.56 -52.58
C VAL R 39 -40.06 -30.75 -51.65
N LEU R 40 -40.66 -30.57 -50.48
CA LEU R 40 -40.70 -31.61 -49.48
C LEU R 40 -42.17 -31.90 -49.18
N GLY R 41 -42.53 -33.17 -49.20
CA GLY R 41 -43.91 -33.54 -48.93
C GLY R 41 -44.00 -34.71 -47.97
N VAL R 42 -44.99 -34.67 -47.09
CA VAL R 42 -45.17 -35.74 -46.13
C VAL R 42 -46.60 -36.22 -45.94
N GLU R 43 -46.72 -37.49 -45.57
CA GLU R 43 -48.01 -38.12 -45.30
C GLU R 43 -48.29 -37.92 -43.81
N LYS R 44 -49.25 -37.06 -43.46
CA LYS R 44 -49.58 -36.83 -42.06
C LYS R 44 -49.86 -38.16 -41.37
N ARG R 45 -50.87 -38.88 -41.85
CA ARG R 45 -51.24 -40.18 -41.29
C ARG R 45 -51.66 -40.16 -39.83
N ALA R 46 -52.76 -39.47 -39.51
CA ALA R 46 -53.25 -39.42 -38.14
C ALA R 46 -53.84 -40.81 -37.80
N THR R 47 -53.87 -41.16 -36.51
CA THR R 47 -54.37 -42.47 -36.09
C THR R 47 -55.80 -42.49 -35.61
N SER R 48 -56.49 -41.36 -35.76
CA SER R 48 -57.88 -41.26 -35.31
C SER R 48 -58.46 -39.93 -35.76
N PRO R 49 -59.70 -39.93 -36.28
CA PRO R 49 -60.37 -38.72 -36.75
C PRO R 49 -60.45 -37.60 -35.71
N LEU R 50 -60.22 -37.94 -34.45
CA LEU R 50 -60.26 -36.97 -33.36
C LEU R 50 -58.97 -36.18 -33.21
N LEU R 51 -57.89 -36.70 -33.81
CA LEU R 51 -56.57 -36.07 -33.77
C LEU R 51 -56.53 -34.89 -34.74
N GLU R 52 -56.27 -33.69 -34.22
CA GLU R 52 -56.22 -32.50 -35.06
C GLU R 52 -55.01 -32.57 -35.99
N SER R 53 -55.28 -32.96 -37.23
CA SER R 53 -54.25 -33.14 -38.27
C SER R 53 -53.15 -32.09 -38.44
N ASP R 54 -53.39 -30.83 -38.08
CA ASP R 54 -52.33 -29.84 -38.26
C ASP R 54 -51.33 -29.79 -37.09
N SER R 55 -51.54 -30.62 -36.08
CA SER R 55 -50.61 -30.67 -34.97
C SER R 55 -49.57 -31.74 -35.30
N ILE R 56 -49.69 -32.30 -36.50
CA ILE R 56 -48.74 -33.32 -36.97
C ILE R 56 -47.68 -32.53 -37.71
N GLU R 57 -46.52 -32.38 -37.08
CA GLU R 57 -45.43 -31.62 -37.67
C GLU R 57 -44.28 -32.51 -38.10
N LYS R 58 -44.27 -32.89 -39.37
CA LYS R 58 -43.21 -33.75 -39.88
C LYS R 58 -42.31 -33.03 -40.86
N ILE R 59 -42.58 -31.73 -41.04
CA ILE R 59 -41.78 -30.87 -41.90
C ILE R 59 -41.45 -29.66 -41.04
N VAL R 60 -40.18 -29.42 -40.80
CA VAL R 60 -39.77 -28.30 -39.97
C VAL R 60 -38.71 -27.45 -40.61
N GLU R 61 -38.59 -26.23 -40.13
CA GLU R 61 -37.58 -25.31 -40.64
C GLU R 61 -36.35 -25.30 -39.75
N ILE R 62 -35.18 -25.46 -40.38
CA ILE R 62 -33.91 -25.45 -39.64
C ILE R 62 -33.35 -24.03 -39.68
N ASP R 63 -33.49 -23.41 -40.85
CA ASP R 63 -33.08 -22.03 -41.07
C ASP R 63 -33.88 -21.50 -42.26
N ARG R 64 -33.71 -20.24 -42.62
CA ARG R 64 -34.48 -19.69 -43.73
C ARG R 64 -34.11 -20.29 -45.07
N HIS R 65 -32.94 -20.91 -45.17
CA HIS R 65 -32.53 -21.51 -46.44
C HIS R 65 -32.46 -23.03 -46.33
N ILE R 66 -32.89 -23.57 -45.19
CA ILE R 66 -32.87 -25.00 -44.96
C ILE R 66 -34.13 -25.49 -44.26
N GLY R 67 -34.69 -26.57 -44.78
CA GLY R 67 -35.88 -27.16 -44.20
C GLY R 67 -35.74 -28.67 -44.30
N CYS R 68 -36.47 -29.41 -43.46
CA CYS R 68 -36.35 -30.85 -43.56
C CYS R 68 -37.62 -31.57 -43.19
N ALA R 69 -37.74 -32.80 -43.73
CA ALA R 69 -38.88 -33.66 -43.47
C ALA R 69 -38.34 -34.92 -42.80
N MET R 70 -39.16 -35.51 -41.93
CA MET R 70 -38.76 -36.70 -41.20
C MET R 70 -39.61 -37.92 -41.52
N SER R 71 -39.18 -39.08 -41.03
CA SER R 71 -39.89 -40.32 -41.28
C SER R 71 -39.39 -41.40 -40.31
N GLY R 72 -40.31 -42.06 -39.63
CA GLY R 72 -39.93 -43.09 -38.68
C GLY R 72 -40.31 -42.63 -37.29
N LEU R 73 -39.52 -42.98 -36.27
CA LEU R 73 -39.79 -42.53 -34.91
C LEU R 73 -39.51 -41.01 -34.87
N THR R 74 -40.54 -40.19 -35.08
CA THR R 74 -40.37 -38.74 -35.11
C THR R 74 -39.90 -38.05 -33.83
N ALA R 75 -40.23 -38.61 -32.67
CA ALA R 75 -39.80 -38.00 -31.41
C ALA R 75 -38.27 -37.99 -31.35
N ASP R 76 -37.65 -39.00 -31.96
CA ASP R 76 -36.19 -39.10 -31.99
C ASP R 76 -35.58 -37.93 -32.75
N ALA R 77 -36.35 -37.39 -33.69
CA ALA R 77 -35.87 -36.30 -34.51
C ALA R 77 -35.84 -34.93 -33.85
N ARG R 78 -36.54 -34.74 -32.75
CA ARG R 78 -36.56 -33.43 -32.11
C ARG R 78 -35.17 -32.89 -31.83
N SER R 79 -34.38 -33.65 -31.07
CA SER R 79 -33.02 -33.25 -30.72
C SER R 79 -32.15 -33.09 -31.96
N MET R 80 -32.43 -33.85 -33.01
CA MET R 80 -31.67 -33.75 -34.25
C MET R 80 -31.91 -32.38 -34.86
N ILE R 81 -33.16 -31.92 -34.81
CA ILE R 81 -33.51 -30.63 -35.36
C ILE R 81 -32.97 -29.49 -34.50
N GLU R 82 -32.99 -29.70 -33.18
CA GLU R 82 -32.47 -28.70 -32.27
C GLU R 82 -30.99 -28.53 -32.62
N HIS R 83 -30.29 -29.66 -32.72
CA HIS R 83 -28.88 -29.61 -33.07
C HIS R 83 -28.65 -28.96 -34.42
N ALA R 84 -29.53 -29.25 -35.38
CA ALA R 84 -29.41 -28.67 -36.71
C ALA R 84 -29.60 -27.16 -36.66
N ARG R 85 -30.67 -26.71 -36.01
CA ARG R 85 -30.95 -25.29 -35.92
C ARG R 85 -29.79 -24.54 -35.25
N THR R 86 -29.30 -25.11 -34.15
CA THR R 86 -28.19 -24.52 -33.40
C THR R 86 -26.94 -24.42 -34.26
N ALA R 87 -26.65 -25.47 -35.03
CA ALA R 87 -25.49 -25.48 -35.91
C ALA R 87 -25.59 -24.34 -36.91
N ALA R 88 -26.73 -24.21 -37.58
CA ALA R 88 -26.95 -23.16 -38.56
C ALA R 88 -26.76 -21.80 -37.91
N VAL R 89 -27.54 -21.52 -36.86
CA VAL R 89 -27.44 -20.26 -36.14
C VAL R 89 -25.98 -20.03 -35.69
N THR R 90 -25.42 -20.98 -34.94
CA THR R 90 -24.05 -20.85 -34.48
C THR R 90 -23.12 -20.52 -35.63
N HIS R 91 -23.22 -21.27 -36.73
CA HIS R 91 -22.35 -20.99 -37.86
C HIS R 91 -22.46 -19.53 -38.26
N ASN R 92 -23.69 -19.02 -38.29
CA ASN R 92 -23.86 -17.65 -38.68
C ASN R 92 -23.21 -16.68 -37.72
N LEU R 93 -23.32 -16.96 -36.43
CA LEU R 93 -22.73 -16.09 -35.41
C LEU R 93 -21.20 -15.99 -35.60
N TYR R 94 -20.55 -17.13 -35.85
CA TYR R 94 -19.11 -17.12 -36.03
C TYR R 94 -18.66 -16.56 -37.37
N TYR R 95 -19.37 -16.87 -38.44
CA TYR R 95 -18.92 -16.43 -39.74
C TYR R 95 -19.67 -15.37 -40.50
N ASP R 96 -20.74 -14.83 -39.92
CA ASP R 96 -21.51 -13.80 -40.60
C ASP R 96 -21.89 -14.26 -42.02
N GLU R 97 -22.62 -15.36 -42.11
CA GLU R 97 -23.01 -15.91 -43.40
C GLU R 97 -23.91 -17.12 -43.16
N ASP R 98 -24.42 -17.71 -44.24
CA ASP R 98 -25.28 -18.87 -44.16
C ASP R 98 -24.46 -20.15 -44.20
N ILE R 99 -24.90 -21.14 -43.43
CA ILE R 99 -24.22 -22.43 -43.39
C ILE R 99 -24.59 -23.21 -44.65
N ASN R 100 -23.60 -23.88 -45.25
CA ASN R 100 -23.88 -24.67 -46.44
C ASN R 100 -24.75 -25.88 -46.13
N VAL R 101 -25.75 -26.10 -46.96
CA VAL R 101 -26.68 -27.23 -46.78
C VAL R 101 -25.94 -28.53 -46.53
N GLU R 102 -24.87 -28.74 -47.28
CA GLU R 102 -24.09 -29.96 -47.14
C GLU R 102 -23.49 -30.03 -45.75
N SER R 103 -22.86 -28.91 -45.34
CA SER R 103 -22.23 -28.80 -44.03
C SER R 103 -23.23 -29.08 -42.92
N LEU R 104 -24.37 -28.39 -42.98
CA LEU R 104 -25.42 -28.58 -41.97
C LEU R 104 -25.72 -30.09 -41.87
N THR R 105 -25.95 -30.72 -43.02
CA THR R 105 -26.27 -32.13 -43.06
C THR R 105 -25.16 -32.95 -42.41
N GLN R 106 -23.92 -32.68 -42.80
CA GLN R 106 -22.78 -33.39 -42.25
C GLN R 106 -22.79 -33.30 -40.74
N SER R 107 -23.09 -32.10 -40.23
CA SER R 107 -23.15 -31.84 -38.80
C SER R 107 -24.16 -32.75 -38.11
N VAL R 108 -25.35 -32.85 -38.70
CA VAL R 108 -26.41 -33.70 -38.16
C VAL R 108 -25.97 -35.16 -38.12
N CYS R 109 -25.49 -35.65 -39.25
CA CYS R 109 -25.05 -37.03 -39.36
C CYS R 109 -23.97 -37.36 -38.34
N ASP R 110 -23.22 -36.35 -37.94
CA ASP R 110 -22.18 -36.57 -36.96
C ASP R 110 -22.73 -37.14 -35.66
N LEU R 111 -23.99 -36.85 -35.35
CA LEU R 111 -24.60 -37.37 -34.11
C LEU R 111 -24.86 -38.86 -34.24
N ALA R 112 -25.34 -39.24 -35.41
CA ALA R 112 -25.70 -40.62 -35.73
C ALA R 112 -25.04 -41.77 -34.95
N LEU R 113 -23.77 -42.04 -35.23
CA LEU R 113 -23.06 -43.16 -34.57
C LEU R 113 -22.58 -42.93 -33.13
N ARG R 114 -22.94 -41.78 -32.55
CA ARG R 114 -22.56 -41.50 -31.18
C ARG R 114 -23.42 -42.27 -30.21
N PHE R 115 -23.41 -43.60 -30.32
CA PHE R 115 -24.19 -44.40 -29.40
C PHE R 115 -23.34 -45.55 -28.88
N GLY R 116 -23.83 -46.22 -27.84
CA GLY R 116 -23.10 -47.33 -27.26
C GLY R 116 -23.18 -47.32 -25.75
N GLU R 117 -22.40 -48.20 -25.11
CA GLU R 117 -22.38 -48.31 -23.66
C GLU R 117 -21.00 -47.95 -23.09
N GLY R 118 -20.12 -47.50 -23.98
CA GLY R 118 -18.77 -47.12 -23.55
C GLY R 118 -17.73 -47.27 -24.65
N ALA R 119 -18.13 -46.95 -25.89
CA ALA R 119 -17.24 -47.04 -27.06
C ALA R 119 -16.03 -46.09 -26.96
N SER R 120 -14.84 -46.69 -26.86
CA SER R 120 -13.57 -45.94 -26.75
C SER R 120 -13.25 -45.07 -27.98
N GLY R 121 -13.53 -43.77 -27.88
CA GLY R 121 -13.26 -42.86 -28.98
C GLY R 121 -13.60 -41.41 -28.64
N GLU R 122 -14.30 -41.24 -27.51
CA GLU R 122 -14.73 -39.93 -27.00
C GLU R 122 -15.75 -40.18 -25.90
N GLU R 123 -16.91 -39.51 -25.98
CA GLU R 123 -17.93 -39.72 -24.98
C GLU R 123 -19.33 -39.81 -25.60
N ARG R 124 -19.52 -40.86 -26.41
CA ARG R 124 -20.80 -41.12 -27.09
C ARG R 124 -21.86 -41.70 -26.15
N LEU R 125 -22.52 -40.81 -25.42
CA LEU R 125 -23.55 -41.21 -24.48
C LEU R 125 -24.94 -41.11 -25.14
N MET R 126 -25.42 -42.25 -25.62
CA MET R 126 -26.72 -42.36 -26.28
C MET R 126 -26.95 -43.86 -26.45
N SER R 127 -27.82 -44.43 -25.62
CA SER R 127 -28.08 -45.86 -25.64
C SER R 127 -28.38 -46.54 -26.97
N ARG R 128 -28.92 -45.80 -27.92
CA ARG R 128 -29.29 -46.41 -29.21
C ARG R 128 -29.23 -45.43 -30.37
N PRO R 129 -29.26 -45.97 -31.59
CA PRO R 129 -29.22 -45.14 -32.79
C PRO R 129 -30.56 -44.42 -32.92
N PHE R 130 -30.62 -43.41 -33.78
CA PHE R 130 -31.86 -42.68 -34.00
C PHE R 130 -32.78 -43.56 -34.83
N GLY R 131 -34.07 -43.53 -34.51
CA GLY R 131 -35.02 -44.34 -35.27
C GLY R 131 -35.79 -43.51 -36.29
N VAL R 132 -35.10 -42.58 -36.95
CA VAL R 132 -35.73 -41.72 -37.92
C VAL R 132 -34.74 -41.27 -38.98
N ALA R 133 -35.21 -41.21 -40.22
CA ALA R 133 -34.38 -40.75 -41.33
C ALA R 133 -34.81 -39.32 -41.63
N LEU R 134 -34.01 -38.57 -42.36
CA LEU R 134 -34.37 -37.19 -42.65
C LEU R 134 -34.06 -36.73 -44.06
N LEU R 135 -34.94 -35.89 -44.57
CA LEU R 135 -34.76 -35.33 -45.90
C LEU R 135 -34.46 -33.87 -45.62
N ILE R 136 -33.21 -33.48 -45.81
CA ILE R 136 -32.80 -32.10 -45.59
C ILE R 136 -32.71 -31.41 -46.94
N ALA R 137 -33.46 -30.34 -47.10
CA ALA R 137 -33.45 -29.62 -48.37
C ALA R 137 -33.13 -28.16 -48.15
N GLY R 138 -32.34 -27.59 -49.04
CA GLY R 138 -32.01 -26.20 -48.89
C GLY R 138 -31.29 -25.61 -50.09
N HIS R 139 -30.81 -24.40 -49.92
CA HIS R 139 -30.10 -23.71 -50.98
C HIS R 139 -28.94 -22.91 -50.41
N ASP R 140 -27.86 -22.83 -51.18
CA ASP R 140 -26.69 -22.05 -50.79
C ASP R 140 -25.98 -21.65 -52.07
N ALA R 141 -25.38 -20.48 -52.07
CA ALA R 141 -24.69 -19.95 -53.24
C ALA R 141 -23.64 -20.82 -53.88
N ASP R 142 -23.08 -21.77 -53.16
CA ASP R 142 -22.03 -22.60 -53.74
C ASP R 142 -22.54 -23.80 -54.54
N ASP R 143 -23.59 -24.46 -54.04
CA ASP R 143 -24.17 -25.63 -54.68
C ASP R 143 -25.67 -25.52 -54.92
N GLY R 144 -26.13 -24.32 -55.25
CA GLY R 144 -27.56 -24.12 -55.51
C GLY R 144 -28.50 -24.93 -54.65
N TYR R 145 -29.60 -25.39 -55.25
CA TYR R 145 -30.59 -26.19 -54.54
C TYR R 145 -30.12 -27.62 -54.31
N GLN R 146 -30.32 -28.11 -53.09
CA GLN R 146 -29.89 -29.45 -52.71
C GLN R 146 -30.88 -30.22 -51.83
N LEU R 147 -30.88 -31.53 -52.00
CA LEU R 147 -31.71 -32.45 -51.21
C LEU R 147 -30.80 -33.54 -50.68
N PHE R 148 -30.89 -33.79 -49.39
CA PHE R 148 -30.05 -34.80 -48.74
C PHE R 148 -30.89 -35.76 -47.94
N HIS R 149 -30.36 -36.97 -47.78
CA HIS R 149 -31.03 -38.01 -47.01
C HIS R 149 -30.06 -38.42 -45.90
N ALA R 150 -30.41 -38.09 -44.66
CA ALA R 150 -29.55 -38.45 -43.54
C ALA R 150 -30.08 -39.69 -42.84
N GLU R 151 -29.26 -40.73 -42.76
CA GLU R 151 -29.70 -41.96 -42.11
C GLU R 151 -29.04 -42.10 -40.76
N PRO R 152 -29.57 -42.97 -39.89
CA PRO R 152 -29.01 -43.19 -38.56
C PRO R 152 -27.63 -43.87 -38.63
N SER R 153 -27.21 -44.18 -39.85
CA SER R 153 -25.93 -44.82 -40.09
C SER R 153 -24.83 -43.78 -40.06
N GLY R 154 -25.23 -42.52 -40.16
CA GLY R 154 -24.26 -41.45 -40.14
C GLY R 154 -23.96 -41.00 -41.55
N THR R 155 -24.23 -41.86 -42.53
CA THR R 155 -23.97 -41.49 -43.92
C THR R 155 -25.17 -40.74 -44.48
N PHE R 156 -24.89 -39.83 -45.40
CA PHE R 156 -25.94 -39.05 -46.04
C PHE R 156 -25.64 -39.01 -47.53
N TYR R 157 -26.69 -39.02 -48.33
CA TYR R 157 -26.55 -39.01 -49.77
C TYR R 157 -27.29 -37.81 -50.33
N ARG R 158 -26.89 -37.38 -51.50
CA ARG R 158 -27.59 -36.28 -52.13
C ARG R 158 -28.44 -36.89 -53.24
N TYR R 159 -29.69 -36.45 -53.36
CA TYR R 159 -30.59 -36.98 -54.38
C TYR R 159 -31.24 -35.87 -55.18
N ASN R 160 -31.60 -36.18 -56.42
CA ASN R 160 -32.28 -35.22 -57.28
C ASN R 160 -33.73 -35.31 -56.83
N ALA R 161 -34.04 -36.45 -56.24
CA ALA R 161 -35.36 -36.74 -55.71
C ALA R 161 -35.18 -37.96 -54.82
N LYS R 162 -35.97 -38.06 -53.76
CA LYS R 162 -35.84 -39.20 -52.85
C LYS R 162 -37.09 -39.35 -52.01
N ALA R 163 -37.41 -40.60 -51.69
CA ALA R 163 -38.58 -40.90 -50.88
C ALA R 163 -38.23 -41.92 -49.81
N ILE R 164 -38.59 -41.60 -48.57
CA ILE R 164 -38.31 -42.47 -47.44
C ILE R 164 -39.61 -42.75 -46.73
N GLY R 165 -39.68 -43.90 -46.06
CA GLY R 165 -40.91 -44.25 -45.34
C GLY R 165 -41.51 -45.54 -45.85
N SER R 166 -42.77 -45.80 -45.49
CA SER R 166 -43.44 -47.02 -45.92
C SER R 166 -43.56 -47.19 -47.43
N GLY R 167 -43.89 -46.13 -48.15
CA GLY R 167 -44.02 -46.27 -49.59
C GLY R 167 -42.78 -45.88 -50.38
N SER R 168 -41.60 -45.98 -49.77
CA SER R 168 -40.35 -45.60 -50.42
C SER R 168 -39.93 -46.37 -51.69
N GLU R 169 -39.71 -47.68 -51.57
CA GLU R 169 -39.29 -48.48 -52.72
C GLU R 169 -40.23 -48.29 -53.90
N GLY R 170 -41.51 -48.04 -53.61
CA GLY R 170 -42.49 -47.82 -54.64
C GLY R 170 -42.36 -46.41 -55.19
N ALA R 171 -42.51 -45.43 -54.31
CA ALA R 171 -42.41 -44.03 -54.68
C ALA R 171 -41.09 -43.75 -55.39
N GLN R 172 -40.00 -44.28 -54.84
CA GLN R 172 -38.69 -44.07 -55.43
C GLN R 172 -38.68 -44.52 -56.89
N ALA R 173 -39.31 -45.67 -57.14
CA ALA R 173 -39.40 -46.21 -58.49
C ALA R 173 -40.08 -45.17 -59.37
N GLU R 174 -41.14 -44.58 -58.86
CA GLU R 174 -41.88 -43.57 -59.60
C GLU R 174 -40.94 -42.43 -59.96
N LEU R 175 -40.37 -41.82 -58.92
CA LEU R 175 -39.44 -40.70 -59.08
C LEU R 175 -38.40 -41.01 -60.14
N LEU R 176 -37.92 -42.25 -60.14
CA LEU R 176 -36.91 -42.70 -61.09
C LEU R 176 -37.28 -42.37 -62.53
N ASN R 177 -38.56 -42.53 -62.84
CA ASN R 177 -39.05 -42.27 -64.20
C ASN R 177 -39.52 -40.84 -64.37
N GLU R 178 -40.19 -40.31 -63.36
CA GLU R 178 -40.75 -38.96 -63.41
C GLU R 178 -39.75 -37.81 -63.37
N TRP R 179 -38.59 -38.02 -62.78
CA TRP R 179 -37.59 -36.95 -62.64
C TRP R 179 -36.70 -36.65 -63.85
N HIS R 180 -36.50 -35.36 -64.11
CA HIS R 180 -35.64 -34.89 -65.18
C HIS R 180 -35.09 -33.50 -64.81
N SER R 181 -33.86 -33.24 -65.23
CA SER R 181 -33.16 -31.99 -64.93
C SER R 181 -33.85 -30.67 -65.23
N SER R 182 -34.98 -30.69 -65.90
CA SER R 182 -35.65 -29.44 -66.23
C SER R 182 -37.05 -29.24 -65.65
N LEU R 183 -37.37 -30.00 -64.60
CA LEU R 183 -38.66 -29.88 -63.95
C LEU R 183 -38.83 -28.46 -63.42
N THR R 184 -40.08 -28.05 -63.25
CA THR R 184 -40.37 -26.72 -62.72
C THR R 184 -40.87 -26.95 -61.28
N LEU R 185 -40.96 -25.88 -60.49
CA LEU R 185 -41.41 -26.05 -59.12
C LEU R 185 -42.83 -26.61 -59.04
N LYS R 186 -43.72 -26.12 -59.89
CA LYS R 186 -45.10 -26.60 -59.90
C LYS R 186 -45.17 -28.06 -60.31
N GLU R 187 -44.35 -28.43 -61.29
CA GLU R 187 -44.34 -29.82 -61.74
C GLU R 187 -43.94 -30.68 -60.56
N ALA R 188 -42.86 -30.28 -59.90
CA ALA R 188 -42.34 -30.99 -58.74
C ALA R 188 -43.45 -31.14 -57.68
N GLU R 189 -44.16 -30.06 -57.42
CA GLU R 189 -45.23 -30.08 -56.43
C GLU R 189 -46.24 -31.14 -56.78
N LEU R 190 -46.89 -30.98 -57.93
CA LEU R 190 -47.88 -31.95 -58.39
C LEU R 190 -47.31 -33.35 -58.26
N LEU R 191 -46.10 -33.52 -58.79
CA LEU R 191 -45.40 -34.80 -58.76
C LEU R 191 -45.34 -35.39 -57.35
N VAL R 192 -44.87 -34.61 -56.37
CA VAL R 192 -44.80 -35.11 -55.00
C VAL R 192 -46.21 -35.51 -54.58
N LEU R 193 -47.13 -34.58 -54.80
CA LEU R 193 -48.55 -34.74 -54.49
C LEU R 193 -49.12 -36.04 -55.10
N LYS R 194 -48.66 -36.37 -56.31
CA LYS R 194 -49.12 -37.58 -56.97
C LYS R 194 -48.56 -38.83 -56.31
N ILE R 195 -47.24 -38.97 -56.30
CA ILE R 195 -46.63 -40.14 -55.69
C ILE R 195 -47.11 -40.36 -54.25
N LEU R 196 -47.37 -39.30 -53.50
CA LEU R 196 -47.87 -39.45 -52.13
C LEU R 196 -49.22 -40.15 -52.17
N LYS R 197 -50.07 -39.71 -53.09
CA LYS R 197 -51.39 -40.27 -53.25
C LYS R 197 -51.35 -41.77 -53.58
N GLN R 198 -50.37 -42.18 -54.40
CA GLN R 198 -50.25 -43.58 -54.79
C GLN R 198 -49.88 -44.52 -53.65
N VAL R 199 -48.94 -44.10 -52.81
CA VAL R 199 -48.49 -44.94 -51.70
C VAL R 199 -49.23 -44.76 -50.38
N MET R 200 -49.98 -43.68 -50.25
CA MET R 200 -50.74 -43.45 -49.02
C MET R 200 -51.95 -44.37 -48.90
N GLU R 201 -52.09 -45.00 -47.74
CA GLU R 201 -53.22 -45.89 -47.49
C GLU R 201 -54.52 -45.10 -47.64
N GLU R 202 -54.45 -43.83 -47.24
CA GLU R 202 -55.61 -42.94 -47.29
C GLU R 202 -55.74 -42.18 -48.60
N LYS R 203 -56.90 -41.56 -48.78
CA LYS R 203 -57.16 -40.79 -49.97
C LYS R 203 -56.62 -39.41 -49.67
N LEU R 204 -55.46 -39.10 -50.26
CA LEU R 204 -54.79 -37.83 -50.06
C LEU R 204 -55.70 -36.61 -50.21
N ASP R 205 -55.74 -35.78 -49.17
CA ASP R 205 -56.52 -34.55 -49.17
C ASP R 205 -55.65 -33.54 -48.43
N GLU R 206 -56.02 -32.26 -48.42
CA GLU R 206 -55.20 -31.25 -47.78
C GLU R 206 -55.15 -31.36 -46.26
N ASN R 207 -55.55 -32.49 -45.72
CA ASN R 207 -55.51 -32.67 -44.27
C ASN R 207 -54.66 -33.83 -43.80
N ASN R 208 -54.37 -34.78 -44.68
CA ASN R 208 -53.53 -35.91 -44.30
C ASN R 208 -52.22 -35.88 -45.07
N ALA R 209 -51.98 -34.77 -45.75
CA ALA R 209 -50.76 -34.58 -46.52
C ALA R 209 -50.37 -33.11 -46.37
N GLN R 210 -49.07 -32.84 -46.50
CA GLN R 210 -48.56 -31.48 -46.36
C GLN R 210 -47.37 -31.26 -47.30
N LEU R 211 -47.37 -30.11 -47.97
CA LEU R 211 -46.29 -29.77 -48.89
C LEU R 211 -45.46 -28.63 -48.33
N SER R 212 -44.32 -28.37 -48.97
CA SER R 212 -43.43 -27.30 -48.56
C SER R 212 -42.30 -27.21 -49.56
N CYS R 213 -41.63 -26.07 -49.57
CA CYS R 213 -40.51 -25.88 -50.48
C CYS R 213 -39.56 -24.86 -49.91
N ILE R 214 -38.44 -24.67 -50.61
CA ILE R 214 -37.44 -23.71 -50.21
C ILE R 214 -36.90 -23.15 -51.51
N THR R 215 -36.92 -21.82 -51.62
CA THR R 215 -36.45 -21.15 -52.81
C THR R 215 -35.57 -19.97 -52.43
N LYS R 216 -34.48 -19.82 -53.17
CA LYS R 216 -33.52 -18.76 -52.93
C LYS R 216 -34.22 -17.47 -52.55
N GLN R 217 -35.29 -17.13 -53.26
CA GLN R 217 -36.01 -15.90 -52.98
C GLN R 217 -36.68 -15.84 -51.62
N ASP R 218 -37.73 -16.62 -51.42
CA ASP R 218 -38.47 -16.59 -50.15
C ASP R 218 -38.07 -17.61 -49.11
N GLY R 219 -37.00 -18.34 -49.38
CA GLY R 219 -36.55 -19.34 -48.42
C GLY R 219 -37.52 -20.48 -48.19
N PHE R 220 -37.44 -21.07 -47.01
CA PHE R 220 -38.31 -22.20 -46.67
C PHE R 220 -39.67 -21.77 -46.14
N LYS R 221 -40.71 -22.35 -46.75
CA LYS R 221 -42.10 -22.07 -46.38
C LYS R 221 -42.89 -23.37 -46.42
N ILE R 222 -43.83 -23.52 -45.50
CA ILE R 222 -44.66 -24.70 -45.50
C ILE R 222 -45.98 -24.25 -46.13
N TYR R 223 -46.48 -25.02 -47.10
CA TYR R 223 -47.74 -24.68 -47.76
C TYR R 223 -48.90 -24.89 -46.80
N ASP R 224 -49.72 -23.86 -46.60
CA ASP R 224 -50.88 -24.01 -45.72
C ASP R 224 -51.90 -24.85 -46.49
N ASN R 225 -52.85 -25.42 -45.76
CA ASN R 225 -53.87 -26.26 -46.37
C ASN R 225 -54.54 -25.74 -47.63
N GLU R 226 -55.02 -24.49 -47.62
CA GLU R 226 -55.67 -23.92 -48.80
C GLU R 226 -54.77 -23.96 -50.03
N LYS R 227 -53.50 -23.61 -49.83
CA LYS R 227 -52.55 -23.60 -50.93
C LYS R 227 -52.38 -24.98 -51.56
N THR R 228 -52.34 -26.01 -50.71
CA THR R 228 -52.18 -27.38 -51.17
C THR R 228 -53.49 -27.89 -51.77
N ALA R 229 -54.59 -27.66 -51.05
CA ALA R 229 -55.92 -28.07 -51.49
C ALA R 229 -56.05 -27.89 -52.99
N GLU R 230 -55.81 -26.67 -53.47
CA GLU R 230 -55.89 -26.34 -54.89
C GLU R 230 -54.91 -27.14 -55.72
N LEU R 231 -53.68 -27.27 -55.24
CA LEU R 231 -52.67 -28.03 -55.96
C LEU R 231 -53.10 -29.49 -56.13
N ILE R 232 -53.96 -29.96 -55.23
CA ILE R 232 -54.45 -31.33 -55.31
C ILE R 232 -55.49 -31.38 -56.42
N LYS R 233 -56.39 -30.41 -56.41
CA LYS R 233 -57.44 -30.26 -57.41
C LYS R 233 -56.77 -30.21 -58.79
N GLU R 234 -55.82 -29.30 -58.96
CA GLU R 234 -55.11 -29.16 -60.22
C GLU R 234 -54.52 -30.49 -60.71
N LEU R 235 -54.18 -31.36 -59.77
CA LEU R 235 -53.60 -32.66 -60.10
C LEU R 235 -54.70 -33.62 -60.55
N LYS R 236 -55.80 -33.65 -59.80
CA LYS R 236 -56.93 -34.52 -60.13
C LYS R 236 -57.31 -34.27 -61.59
N GLU R 237 -57.34 -32.99 -61.95
CA GLU R 237 -57.70 -32.58 -63.29
C GLU R 237 -56.69 -33.04 -64.34
N LYS R 238 -55.41 -32.74 -64.12
CA LYS R 238 -54.39 -33.14 -65.08
C LYS R 238 -54.28 -34.65 -65.27
N GLU R 239 -54.76 -35.41 -64.28
CA GLU R 239 -54.72 -36.87 -64.36
C GLU R 239 -55.93 -37.40 -65.13
N ALA R 240 -57.09 -36.82 -64.86
CA ALA R 240 -58.31 -37.22 -65.54
C ALA R 240 -58.25 -36.70 -66.97
N ALA R 241 -57.23 -35.89 -67.26
CA ALA R 241 -57.02 -35.32 -68.58
C ALA R 241 -56.33 -36.30 -69.53
N GLU R 242 -56.27 -37.56 -69.11
CA GLU R 242 -55.66 -38.65 -69.88
C GLU R 242 -55.12 -39.74 -68.97
N PHE S 1 -19.29 -72.68 -31.91
CA PHE S 1 -17.98 -71.97 -31.99
C PHE S 1 -18.23 -70.46 -32.14
N ARG S 2 -17.61 -69.86 -33.16
CA ARG S 2 -17.70 -68.44 -33.47
C ARG S 2 -18.77 -67.66 -32.70
N ASN S 3 -20.01 -68.11 -32.83
CA ASN S 3 -21.14 -67.46 -32.17
C ASN S 3 -20.87 -67.10 -30.70
N ASN S 4 -20.14 -67.97 -30.01
CA ASN S 4 -19.82 -67.74 -28.60
C ASN S 4 -18.59 -66.86 -28.41
N TYR S 5 -17.93 -66.52 -29.51
CA TYR S 5 -16.72 -65.71 -29.42
C TYR S 5 -16.70 -64.44 -30.28
N ASP S 6 -17.85 -63.98 -30.73
CA ASP S 6 -17.87 -62.80 -31.57
C ASP S 6 -18.84 -61.73 -31.09
N GLY S 7 -19.21 -61.78 -29.82
CA GLY S 7 -20.15 -60.80 -29.30
C GLY S 7 -19.53 -59.44 -29.07
N ASP S 8 -18.21 -59.41 -28.95
CA ASP S 8 -17.45 -58.17 -28.72
C ASP S 8 -15.96 -58.36 -29.01
N THR S 9 -15.22 -57.26 -29.12
CA THR S 9 -13.81 -57.33 -29.43
C THR S 9 -12.94 -57.83 -28.30
N VAL S 10 -13.43 -57.70 -27.08
CA VAL S 10 -12.65 -58.12 -25.93
C VAL S 10 -12.48 -59.63 -25.78
N THR S 11 -13.08 -60.40 -26.69
CA THR S 11 -12.99 -61.87 -26.61
C THR S 11 -12.16 -62.55 -27.72
N PHE S 12 -11.32 -63.49 -27.31
CA PHE S 12 -10.48 -64.25 -28.23
C PHE S 12 -11.19 -65.56 -28.54
N SER S 13 -11.10 -66.05 -29.77
CA SER S 13 -11.72 -67.33 -30.06
C SER S 13 -10.69 -68.33 -29.57
N PRO S 14 -11.05 -69.61 -29.47
CA PRO S 14 -10.10 -70.62 -29.00
C PRO S 14 -8.89 -70.80 -29.92
N THR S 15 -8.99 -70.34 -31.16
CA THR S 15 -7.90 -70.46 -32.12
C THR S 15 -7.05 -69.19 -32.16
N GLY S 16 -7.44 -68.18 -31.37
CA GLY S 16 -6.70 -66.93 -31.29
C GLY S 16 -7.15 -65.84 -32.26
N ARG S 17 -8.44 -65.83 -32.59
CA ARG S 17 -8.96 -64.84 -33.53
C ARG S 17 -9.89 -63.82 -32.88
N LEU S 18 -10.05 -62.69 -33.55
CA LEU S 18 -10.90 -61.60 -33.07
C LEU S 18 -11.95 -61.36 -34.14
N PHE S 19 -12.99 -62.17 -34.11
CA PHE S 19 -14.07 -62.07 -35.09
C PHE S 19 -14.61 -60.68 -35.28
N GLN S 20 -14.97 -60.01 -34.18
CA GLN S 20 -15.50 -58.66 -34.30
C GLN S 20 -14.62 -57.84 -35.25
N VAL S 21 -13.31 -58.06 -35.17
CA VAL S 21 -12.38 -57.35 -36.03
C VAL S 21 -12.54 -57.88 -37.44
N GLU S 22 -12.55 -59.20 -37.56
CA GLU S 22 -12.69 -59.84 -38.85
C GLU S 22 -13.98 -59.42 -39.52
N TYR S 23 -15.02 -59.22 -38.73
CA TYR S 23 -16.30 -58.81 -39.25
C TYR S 23 -16.12 -57.42 -39.81
N ALA S 24 -15.41 -56.58 -39.06
CA ALA S 24 -15.15 -55.21 -39.49
C ALA S 24 -14.47 -55.29 -40.85
N LEU S 25 -13.41 -56.09 -40.94
CA LEU S 25 -12.68 -56.27 -42.19
C LEU S 25 -13.64 -56.60 -43.32
N GLU S 26 -14.68 -57.35 -43.01
CA GLU S 26 -15.65 -57.73 -44.01
C GLU S 26 -16.33 -56.51 -44.62
N ALA S 27 -16.70 -55.56 -43.76
CA ALA S 27 -17.37 -54.34 -44.22
C ALA S 27 -16.55 -53.65 -45.30
N ILE S 28 -15.24 -53.85 -45.26
CA ILE S 28 -14.34 -53.25 -46.23
C ILE S 28 -14.57 -53.88 -47.60
N LYS S 29 -14.48 -55.21 -47.65
CA LYS S 29 -14.68 -55.94 -48.90
C LYS S 29 -16.00 -55.61 -49.56
N GLN S 30 -17.02 -55.35 -48.76
CA GLN S 30 -18.34 -55.02 -49.28
C GLN S 30 -18.33 -53.62 -49.90
N GLY S 31 -17.39 -52.79 -49.46
CA GLY S 31 -17.29 -51.43 -49.96
C GLY S 31 -16.72 -51.31 -51.37
N SER S 32 -17.05 -50.20 -52.05
CA SER S 32 -16.58 -49.96 -53.41
C SER S 32 -15.06 -49.98 -53.49
N VAL S 33 -14.52 -50.33 -54.66
CA VAL S 33 -13.08 -50.40 -54.84
C VAL S 33 -12.40 -49.04 -54.99
N THR S 34 -11.10 -49.04 -54.70
CA THR S 34 -10.26 -47.84 -54.80
C THR S 34 -8.83 -48.37 -54.90
N VAL S 35 -7.99 -47.66 -55.65
CA VAL S 35 -6.61 -48.12 -55.85
C VAL S 35 -5.58 -47.04 -55.56
N GLY S 36 -4.40 -47.47 -55.14
CA GLY S 36 -3.31 -46.56 -54.83
C GLY S 36 -2.01 -47.08 -55.42
N LEU S 37 -1.21 -46.16 -55.96
CA LEU S 37 0.09 -46.51 -56.55
C LEU S 37 0.97 -45.26 -56.61
N ARG S 38 2.28 -45.46 -56.55
CA ARG S 38 3.23 -44.36 -56.58
C ARG S 38 4.47 -44.65 -57.42
N SER S 39 5.15 -43.58 -57.83
CA SER S 39 6.38 -43.70 -58.60
C SER S 39 7.46 -43.25 -57.61
N ASN S 40 8.38 -42.40 -58.05
CA ASN S 40 9.40 -41.91 -57.16
C ASN S 40 9.22 -40.41 -57.02
N THR S 41 8.19 -39.90 -57.67
CA THR S 41 7.89 -38.47 -57.61
C THR S 41 6.42 -38.22 -57.28
N HIS S 42 5.54 -39.15 -57.61
CA HIS S 42 4.13 -38.95 -57.32
C HIS S 42 3.43 -40.16 -56.71
N ALA S 43 2.26 -39.91 -56.14
CA ALA S 43 1.45 -40.95 -55.54
C ALA S 43 0.03 -40.65 -55.98
N VAL S 44 -0.65 -41.66 -56.47
CA VAL S 44 -2.01 -41.49 -56.96
C VAL S 44 -3.03 -42.39 -56.31
N LEU S 45 -4.23 -41.83 -56.16
CA LEU S 45 -5.36 -42.53 -55.60
C LEU S 45 -6.47 -42.53 -56.63
N VAL S 46 -6.89 -43.71 -57.06
CA VAL S 46 -7.99 -43.81 -58.01
C VAL S 46 -9.10 -44.52 -57.27
N ALA S 47 -10.31 -43.98 -57.32
CA ALA S 47 -11.42 -44.59 -56.62
C ALA S 47 -12.70 -44.62 -57.45
N LEU S 48 -13.49 -45.67 -57.20
CA LEU S 48 -14.77 -45.87 -57.86
C LEU S 48 -15.88 -45.46 -56.88
N LYS S 49 -16.52 -44.34 -57.13
CA LYS S 49 -17.59 -43.89 -56.24
C LYS S 49 -18.89 -44.65 -56.54
N ARG S 50 -19.54 -45.15 -55.49
CA ARG S 50 -20.78 -45.90 -55.64
C ARG S 50 -21.98 -44.96 -55.49
N ASN S 51 -23.11 -45.32 -56.07
CA ASN S 51 -24.32 -44.51 -55.97
C ASN S 51 -25.53 -45.36 -55.62
N ALA S 52 -26.45 -44.80 -54.84
CA ALA S 52 -27.64 -45.52 -54.43
C ALA S 52 -28.59 -45.76 -55.61
N ASP S 53 -29.32 -44.71 -55.98
CA ASP S 53 -30.25 -44.73 -57.10
C ASP S 53 -29.55 -44.00 -58.23
N GLU S 54 -30.30 -43.70 -59.28
CA GLU S 54 -29.75 -42.96 -60.41
C GLU S 54 -30.18 -41.52 -60.19
N LEU S 55 -30.69 -41.27 -58.99
CA LEU S 55 -31.13 -39.95 -58.58
C LEU S 55 -30.18 -39.48 -57.49
N SER S 56 -29.42 -40.41 -56.92
CA SER S 56 -28.46 -40.10 -55.86
C SER S 56 -27.07 -39.76 -56.39
N SER S 57 -26.28 -39.13 -55.54
CA SER S 57 -24.92 -38.73 -55.86
C SER S 57 -24.02 -39.93 -55.65
N TYR S 58 -22.80 -39.83 -56.15
CA TYR S 58 -21.81 -40.91 -55.99
C TYR S 58 -20.94 -40.46 -54.82
N GLN S 59 -21.11 -41.12 -53.68
CA GLN S 59 -20.39 -40.81 -52.45
C GLN S 59 -18.87 -40.66 -52.57
N LYS S 60 -18.35 -39.57 -52.01
CA LYS S 60 -16.93 -39.25 -52.05
C LYS S 60 -16.08 -40.33 -51.38
N LYS S 61 -14.94 -40.66 -51.97
CA LYS S 61 -14.08 -41.69 -51.41
C LYS S 61 -12.70 -41.15 -51.06
N ILE S 62 -12.42 -39.91 -51.44
CA ILE S 62 -11.11 -39.32 -51.15
C ILE S 62 -11.17 -38.10 -50.22
N ILE S 63 -10.32 -38.13 -49.19
CA ILE S 63 -10.24 -37.05 -48.20
C ILE S 63 -8.82 -36.54 -48.05
N LYS S 64 -8.67 -35.22 -48.09
CA LYS S 64 -7.37 -34.59 -47.95
C LYS S 64 -7.14 -34.32 -46.48
N CYS S 65 -5.96 -34.71 -45.99
CA CYS S 65 -5.62 -34.53 -44.59
C CYS S 65 -4.71 -33.32 -44.36
N ASP S 66 -3.88 -33.04 -45.36
CA ASP S 66 -2.97 -31.90 -45.32
C ASP S 66 -2.55 -31.59 -46.77
N GLU S 67 -1.63 -30.65 -46.94
CA GLU S 67 -1.18 -30.28 -48.27
C GLU S 67 -0.30 -31.33 -48.91
N HIS S 68 0.27 -32.20 -48.09
CA HIS S 68 1.17 -33.21 -48.59
C HIS S 68 0.68 -34.64 -48.32
N MET S 69 -0.55 -34.79 -47.83
CA MET S 69 -1.07 -36.12 -47.52
C MET S 69 -2.57 -36.24 -47.68
N GLY S 70 -3.02 -37.42 -48.08
CA GLY S 70 -4.44 -37.67 -48.25
C GLY S 70 -4.72 -39.16 -48.26
N LEU S 71 -5.98 -39.55 -48.41
CA LEU S 71 -6.33 -40.96 -48.41
C LEU S 71 -7.68 -41.26 -49.08
N SER S 72 -7.89 -42.55 -49.37
CA SER S 72 -9.14 -43.01 -49.97
C SER S 72 -9.71 -44.03 -49.00
N LEU S 73 -11.03 -44.07 -48.92
CA LEU S 73 -11.73 -44.96 -47.99
C LEU S 73 -12.49 -46.11 -48.67
N ALA S 74 -12.75 -47.16 -47.92
CA ALA S 74 -13.49 -48.31 -48.42
C ALA S 74 -14.21 -48.96 -47.26
N GLY S 75 -15.49 -48.61 -47.09
CA GLY S 75 -16.25 -49.17 -46.00
C GLY S 75 -17.15 -48.13 -45.34
N LEU S 76 -17.25 -48.16 -44.01
CA LEU S 76 -18.10 -47.21 -43.28
C LEU S 76 -17.59 -45.78 -43.47
N ALA S 77 -18.30 -45.00 -44.27
CA ALA S 77 -17.92 -43.62 -44.52
C ALA S 77 -17.63 -42.87 -43.21
N PRO S 78 -18.56 -42.91 -42.24
CA PRO S 78 -18.38 -42.22 -40.96
C PRO S 78 -17.01 -42.47 -40.34
N ASP S 79 -16.62 -43.73 -40.22
CA ASP S 79 -15.32 -44.05 -39.64
C ASP S 79 -14.16 -43.40 -40.38
N ALA S 80 -14.27 -43.32 -41.70
CA ALA S 80 -13.20 -42.70 -42.47
C ALA S 80 -13.13 -41.24 -42.05
N ARG S 81 -14.29 -40.65 -41.81
CA ARG S 81 -14.38 -39.25 -41.39
C ARG S 81 -13.67 -39.10 -40.06
N VAL S 82 -14.06 -39.91 -39.09
CA VAL S 82 -13.47 -39.91 -37.76
C VAL S 82 -11.96 -40.00 -37.86
N LEU S 83 -11.48 -41.06 -38.51
CA LEU S 83 -10.05 -41.33 -38.68
C LEU S 83 -9.30 -40.27 -39.47
N SER S 84 -9.83 -39.90 -40.64
CA SER S 84 -9.18 -38.89 -41.49
C SER S 84 -9.11 -37.57 -40.72
N ASN S 85 -10.14 -37.31 -39.92
CA ASN S 85 -10.15 -36.09 -39.14
C ASN S 85 -9.01 -36.17 -38.13
N TYR S 86 -8.93 -37.29 -37.41
CA TYR S 86 -7.86 -37.46 -36.43
C TYR S 86 -6.52 -37.35 -37.10
N LEU S 87 -6.44 -37.73 -38.37
CA LEU S 87 -5.19 -37.63 -39.10
C LEU S 87 -4.91 -36.17 -39.42
N ARG S 88 -5.96 -35.41 -39.72
CA ARG S 88 -5.80 -33.98 -40.02
C ARG S 88 -5.20 -33.26 -38.82
N GLN S 89 -5.75 -33.53 -37.63
CA GLN S 89 -5.26 -32.92 -36.41
C GLN S 89 -3.78 -33.27 -36.19
N GLN S 90 -3.44 -34.54 -36.34
CA GLN S 90 -2.06 -34.94 -36.14
C GLN S 90 -1.10 -34.19 -37.08
N CYS S 91 -1.55 -33.91 -38.29
CA CYS S 91 -0.71 -33.17 -39.23
C CYS S 91 -0.60 -31.73 -38.72
N ASN S 92 -1.75 -31.12 -38.52
CA ASN S 92 -1.87 -29.76 -38.03
C ASN S 92 -0.96 -29.56 -36.81
N TYR S 93 -1.06 -30.48 -35.86
CA TYR S 93 -0.24 -30.43 -34.64
C TYR S 93 1.24 -30.41 -34.97
N SER S 94 1.66 -31.33 -35.83
CA SER S 94 3.08 -31.41 -36.20
C SER S 94 3.59 -30.11 -36.77
N SER S 95 2.76 -29.46 -37.59
CA SER S 95 3.14 -28.20 -38.21
C SER S 95 3.15 -27.05 -37.24
N LEU S 96 2.05 -26.88 -36.51
CA LEU S 96 1.96 -25.80 -35.55
C LEU S 96 3.08 -25.86 -34.52
N VAL S 97 3.21 -27.01 -33.86
CA VAL S 97 4.23 -27.14 -32.83
C VAL S 97 5.68 -27.23 -33.30
N PHE S 98 5.96 -28.11 -34.26
CA PHE S 98 7.33 -28.28 -34.74
C PHE S 98 7.66 -27.64 -36.07
N ASN S 99 6.66 -27.05 -36.71
CA ASN S 99 6.87 -26.41 -38.00
C ASN S 99 7.46 -27.48 -38.91
N ARG S 100 6.93 -28.69 -38.77
CA ARG S 100 7.38 -29.87 -39.50
C ARG S 100 6.22 -30.62 -40.10
N LYS S 101 6.33 -30.98 -41.37
CA LYS S 101 5.26 -31.72 -42.02
C LYS S 101 5.32 -33.13 -41.48
N LEU S 102 4.16 -33.74 -41.23
CA LEU S 102 4.09 -35.10 -40.68
C LEU S 102 4.52 -36.18 -41.66
N ALA S 103 5.49 -36.99 -41.24
CA ALA S 103 6.01 -38.07 -42.07
C ALA S 103 4.92 -39.10 -42.33
N VAL S 104 4.77 -39.49 -43.60
CA VAL S 104 3.74 -40.46 -43.95
C VAL S 104 3.90 -41.71 -43.10
N GLU S 105 5.13 -42.13 -42.88
CA GLU S 105 5.36 -43.31 -42.07
C GLU S 105 4.80 -43.12 -40.68
N ARG S 106 4.98 -41.91 -40.16
CA ARG S 106 4.52 -41.56 -38.84
C ARG S 106 2.99 -41.54 -38.78
N ALA S 107 2.36 -40.95 -39.80
CA ALA S 107 0.90 -40.88 -39.86
C ALA S 107 0.34 -42.30 -39.77
N GLY S 108 1.05 -43.24 -40.38
CA GLY S 108 0.61 -44.63 -40.35
C GLY S 108 0.62 -45.22 -38.96
N HIS S 109 1.69 -44.97 -38.20
CA HIS S 109 1.82 -45.49 -36.85
C HIS S 109 0.67 -44.98 -35.96
N LEU S 110 0.35 -43.70 -36.12
CA LEU S 110 -0.71 -43.11 -35.34
C LEU S 110 -2.03 -43.79 -35.67
N LEU S 111 -2.33 -43.91 -36.96
CA LEU S 111 -3.55 -44.56 -37.38
C LEU S 111 -3.63 -45.97 -36.81
N CYS S 112 -2.54 -46.71 -36.88
CA CYS S 112 -2.52 -48.06 -36.35
C CYS S 112 -2.86 -48.02 -34.86
N ASP S 113 -2.12 -47.24 -34.09
CA ASP S 113 -2.34 -47.17 -32.66
C ASP S 113 -3.75 -46.72 -32.27
N LYS S 114 -4.39 -45.91 -33.12
CA LYS S 114 -5.73 -45.44 -32.81
C LYS S 114 -6.73 -46.56 -32.99
N ALA S 115 -6.53 -47.35 -34.05
CA ALA S 115 -7.40 -48.48 -34.35
C ALA S 115 -7.26 -49.58 -33.32
N GLN S 116 -6.03 -49.85 -32.91
CA GLN S 116 -5.73 -50.89 -31.93
C GLN S 116 -6.49 -50.71 -30.63
N LYS S 117 -6.68 -49.45 -30.21
CA LYS S 117 -7.38 -49.15 -28.98
C LYS S 117 -8.82 -49.64 -28.93
N ASN S 118 -9.45 -49.73 -30.10
CA ASN S 118 -10.83 -50.19 -30.19
C ASN S 118 -10.93 -51.70 -30.33
N THR S 119 -9.81 -52.40 -30.17
CA THR S 119 -9.79 -53.84 -30.31
C THR S 119 -9.33 -54.58 -29.06
N GLN S 120 -9.18 -53.86 -27.94
CA GLN S 120 -8.72 -54.50 -26.70
C GLN S 120 -9.56 -54.09 -25.49
N SER S 121 -10.49 -53.18 -25.70
CA SER S 121 -11.35 -52.68 -24.62
C SER S 121 -12.82 -53.03 -24.81
N TYR S 122 -13.49 -53.27 -23.69
CA TYR S 122 -14.89 -53.60 -23.67
C TYR S 122 -15.71 -52.38 -24.06
N GLY S 123 -16.78 -52.61 -24.80
CA GLY S 123 -17.65 -51.50 -25.17
C GLY S 123 -17.49 -50.93 -26.56
N GLY S 124 -16.24 -50.81 -27.01
CA GLY S 124 -16.01 -50.26 -28.33
C GLY S 124 -16.34 -51.24 -29.44
N ARG S 125 -16.04 -50.82 -30.67
CA ARG S 125 -16.24 -51.66 -31.83
C ARG S 125 -15.08 -51.27 -32.71
N PRO S 126 -14.58 -52.20 -33.54
CA PRO S 126 -13.45 -51.83 -34.39
C PRO S 126 -13.94 -50.86 -35.47
N TYR S 127 -13.01 -50.12 -36.06
CA TYR S 127 -13.41 -49.22 -37.11
C TYR S 127 -13.74 -50.14 -38.27
N GLY S 128 -14.75 -49.78 -39.05
CA GLY S 128 -15.14 -50.61 -40.17
C GLY S 128 -14.82 -49.96 -41.50
N VAL S 129 -13.57 -49.55 -41.67
CA VAL S 129 -13.19 -48.93 -42.91
C VAL S 129 -11.73 -49.17 -43.25
N GLY S 130 -11.45 -49.29 -44.54
CA GLY S 130 -10.10 -49.50 -45.01
C GLY S 130 -9.64 -48.17 -45.56
N LEU S 131 -8.35 -47.90 -45.51
CA LEU S 131 -7.85 -46.63 -46.01
C LEU S 131 -6.54 -46.78 -46.75
N LEU S 132 -6.38 -45.98 -47.80
CA LEU S 132 -5.16 -45.97 -48.58
C LEU S 132 -4.65 -44.54 -48.47
N ILE S 133 -3.48 -44.40 -47.84
CA ILE S 133 -2.91 -43.08 -47.64
C ILE S 133 -1.69 -42.87 -48.52
N ILE S 134 -1.69 -41.78 -49.28
CA ILE S 134 -0.55 -41.46 -50.12
C ILE S 134 -0.08 -40.09 -49.64
N GLY S 135 1.17 -39.77 -49.94
CA GLY S 135 1.68 -38.48 -49.54
C GLY S 135 3.14 -38.35 -49.90
N TYR S 136 3.58 -37.10 -50.07
CA TYR S 136 4.97 -36.82 -50.40
C TYR S 136 5.56 -36.07 -49.20
N ASP S 137 6.58 -36.64 -48.58
CA ASP S 137 7.20 -36.01 -47.43
C ASP S 137 8.71 -35.84 -47.62
N LYS S 138 9.45 -35.81 -46.52
CA LYS S 138 10.89 -35.64 -46.58
C LYS S 138 11.67 -36.82 -47.17
N SER S 139 10.98 -37.91 -47.50
CA SER S 139 11.68 -39.05 -48.08
C SER S 139 10.92 -39.53 -49.31
N GLY S 140 10.37 -38.56 -50.05
CA GLY S 140 9.67 -38.87 -51.28
C GLY S 140 8.22 -39.28 -51.19
N ALA S 141 7.76 -39.95 -52.24
CA ALA S 141 6.38 -40.41 -52.34
C ALA S 141 6.14 -41.64 -51.47
N HIS S 142 4.90 -41.79 -51.00
CA HIS S 142 4.53 -42.90 -50.15
C HIS S 142 3.10 -43.34 -50.37
N LEU S 143 2.85 -44.62 -50.09
CA LEU S 143 1.53 -45.24 -50.20
C LEU S 143 1.37 -46.22 -49.04
N LEU S 144 0.32 -46.02 -48.25
CA LEU S 144 0.03 -46.84 -47.10
C LEU S 144 -1.33 -47.51 -47.19
N GLU S 145 -1.43 -48.70 -46.60
CA GLU S 145 -2.72 -49.40 -46.58
C GLU S 145 -3.08 -49.65 -45.13
N PHE S 146 -4.26 -49.16 -44.74
CA PHE S 146 -4.74 -49.27 -43.37
C PHE S 146 -5.91 -50.24 -43.17
N GLN S 147 -5.73 -51.22 -42.29
CA GLN S 147 -6.79 -52.18 -41.98
C GLN S 147 -7.22 -51.97 -40.53
N PRO S 148 -8.55 -51.94 -40.27
CA PRO S 148 -9.16 -51.76 -38.95
C PRO S 148 -8.54 -52.64 -37.88
N SER S 149 -7.85 -53.67 -38.33
CA SER S 149 -7.19 -54.58 -37.41
C SER S 149 -6.07 -53.80 -36.76
N GLY S 150 -5.67 -52.72 -37.43
CA GLY S 150 -4.60 -51.89 -36.93
C GLY S 150 -3.33 -52.07 -37.74
N ASN S 151 -3.39 -52.97 -38.72
CA ASN S 151 -2.25 -53.25 -39.57
C ASN S 151 -2.12 -52.27 -40.73
N VAL S 152 -1.01 -51.54 -40.74
CA VAL S 152 -0.73 -50.56 -41.78
C VAL S 152 0.57 -50.95 -42.48
N THR S 153 0.50 -51.11 -43.79
CA THR S 153 1.67 -51.51 -44.56
C THR S 153 2.03 -50.49 -45.64
N GLU S 154 3.32 -50.40 -45.95
CA GLU S 154 3.77 -49.49 -47.00
C GLU S 154 3.99 -50.28 -48.27
N LEU S 155 3.33 -49.85 -49.34
CA LEU S 155 3.42 -50.54 -50.61
C LEU S 155 3.74 -49.59 -51.76
N TYR S 156 3.96 -50.15 -52.95
CA TYR S 156 4.23 -49.36 -54.14
C TYR S 156 2.87 -49.05 -54.74
N GLY S 157 1.95 -49.98 -54.53
CA GLY S 157 0.59 -49.84 -55.02
C GLY S 157 -0.31 -50.90 -54.41
N THR S 158 -1.62 -50.64 -54.42
CA THR S 158 -2.57 -51.60 -53.89
C THR S 158 -4.00 -51.13 -54.09
N ALA S 159 -4.93 -51.97 -53.64
CA ALA S 159 -6.34 -51.65 -53.75
C ALA S 159 -7.07 -52.43 -52.66
N ILE S 160 -8.24 -51.92 -52.29
CA ILE S 160 -9.07 -52.54 -51.26
C ILE S 160 -10.52 -52.39 -51.67
N GLY S 161 -11.35 -53.30 -51.19
CA GLY S 161 -12.76 -53.28 -51.51
C GLY S 161 -13.17 -54.51 -52.32
N ALA S 162 -14.33 -54.40 -52.98
CA ALA S 162 -14.85 -55.49 -53.80
C ALA S 162 -14.10 -55.66 -55.11
N ARG S 163 -13.73 -56.90 -55.42
CA ARG S 163 -13.04 -57.21 -56.67
C ARG S 163 -11.68 -56.53 -56.71
N SER S 164 -11.33 -55.88 -55.61
CA SER S 164 -10.06 -55.16 -55.51
C SER S 164 -8.89 -56.03 -55.96
N GLN S 165 -9.08 -57.34 -55.85
CA GLN S 165 -8.04 -58.30 -56.23
C GLN S 165 -7.62 -58.14 -57.69
N GLY S 166 -8.57 -57.75 -58.54
CA GLY S 166 -8.24 -57.57 -59.94
C GLY S 166 -7.09 -56.61 -60.13
N ALA S 167 -7.30 -55.39 -59.63
CA ALA S 167 -6.31 -54.32 -59.71
C ALA S 167 -5.02 -54.70 -58.97
N LYS S 168 -5.17 -55.32 -57.81
CA LYS S 168 -4.02 -55.71 -57.01
C LYS S 168 -3.07 -56.63 -57.80
N THR S 169 -3.63 -57.51 -58.61
CA THR S 169 -2.81 -58.41 -59.42
C THR S 169 -2.17 -57.58 -60.52
N TYR S 170 -3.00 -56.81 -61.23
CA TYR S 170 -2.53 -55.96 -62.31
C TYR S 170 -1.34 -55.12 -61.87
N LEU S 171 -1.46 -54.51 -60.70
CA LEU S 171 -0.37 -53.68 -60.16
C LEU S 171 0.86 -54.52 -59.88
N GLU S 172 0.66 -55.69 -59.28
CA GLU S 172 1.74 -56.59 -58.93
C GLU S 172 2.52 -56.98 -60.18
N ARG S 173 1.84 -56.86 -61.31
CA ARG S 173 2.38 -57.17 -62.62
C ARG S 173 3.07 -55.94 -63.21
N THR S 174 2.33 -54.84 -63.31
CA THR S 174 2.83 -53.58 -63.87
C THR S 174 3.85 -52.88 -62.96
N LEU S 175 4.27 -53.56 -61.89
CA LEU S 175 5.22 -52.98 -60.93
C LEU S 175 6.39 -52.25 -61.58
N ASP S 176 7.38 -53.01 -62.02
CA ASP S 176 8.58 -52.46 -62.65
C ASP S 176 8.30 -51.30 -63.61
N THR S 177 7.09 -51.26 -64.15
CA THR S 177 6.68 -50.23 -65.10
C THR S 177 6.33 -48.88 -64.49
N PHE S 178 5.24 -48.83 -63.71
CA PHE S 178 4.80 -47.57 -63.10
C PHE S 178 5.76 -46.99 -62.06
N ILE S 179 6.45 -47.85 -61.31
CA ILE S 179 7.38 -47.40 -60.29
C ILE S 179 8.40 -46.45 -60.87
N LYS S 180 8.42 -46.36 -62.20
CA LYS S 180 9.36 -45.48 -62.88
C LYS S 180 8.68 -44.33 -63.60
N ILE S 181 7.39 -44.13 -63.33
CA ILE S 181 6.68 -43.03 -63.97
C ILE S 181 6.95 -41.72 -63.21
N ASP S 182 8.23 -41.36 -63.16
CA ASP S 182 8.67 -40.15 -62.49
C ASP S 182 8.56 -38.95 -63.43
N GLY S 183 8.18 -37.80 -62.89
CA GLY S 183 8.08 -36.61 -63.71
C GLY S 183 6.88 -36.53 -64.64
N ASN S 184 6.06 -37.58 -64.66
CA ASN S 184 4.90 -37.53 -65.53
C ASN S 184 3.64 -37.99 -64.81
N PRO S 185 2.93 -37.05 -64.18
CA PRO S 185 1.70 -37.38 -63.47
C PRO S 185 0.67 -38.08 -64.36
N ASP S 186 0.27 -37.45 -65.46
CA ASP S 186 -0.70 -38.03 -66.37
C ASP S 186 -0.54 -39.54 -66.53
N GLU S 187 0.71 -39.98 -66.76
CA GLU S 187 0.99 -41.39 -66.91
C GLU S 187 0.64 -42.21 -65.68
N LEU S 188 1.02 -41.73 -64.50
CA LEU S 188 0.70 -42.45 -63.27
C LEU S 188 -0.80 -42.57 -63.09
N ILE S 189 -1.54 -41.49 -63.34
CA ILE S 189 -2.99 -41.55 -63.20
C ILE S 189 -3.57 -42.57 -64.18
N LYS S 190 -3.13 -42.52 -65.44
CA LYS S 190 -3.62 -43.46 -66.45
C LYS S 190 -3.34 -44.89 -65.98
N ALA S 191 -2.11 -45.12 -65.52
CA ALA S 191 -1.70 -46.43 -65.03
C ALA S 191 -2.56 -46.80 -63.83
N GLY S 192 -3.10 -45.77 -63.18
CA GLY S 192 -3.96 -46.01 -62.03
C GLY S 192 -5.35 -46.40 -62.47
N VAL S 193 -5.91 -45.63 -63.39
CA VAL S 193 -7.24 -45.89 -63.91
C VAL S 193 -7.30 -47.30 -64.52
N GLU S 194 -6.22 -47.68 -65.18
CA GLU S 194 -6.13 -48.99 -65.83
C GLU S 194 -6.12 -50.14 -64.81
N ALA S 195 -5.65 -49.86 -63.60
CA ALA S 195 -5.59 -50.87 -62.55
C ALA S 195 -6.97 -51.02 -61.93
N ILE S 196 -7.66 -49.91 -61.76
CA ILE S 196 -8.98 -49.93 -61.15
C ILE S 196 -10.03 -50.59 -62.05
N SER S 197 -9.94 -50.33 -63.35
CA SER S 197 -10.91 -50.91 -64.29
C SER S 197 -10.72 -52.43 -64.34
N GLN S 198 -9.64 -52.91 -63.74
CA GLN S 198 -9.34 -54.34 -63.68
C GLN S 198 -10.19 -54.98 -62.60
N SER S 199 -10.98 -54.17 -61.89
CA SER S 199 -11.83 -54.67 -60.82
C SER S 199 -13.28 -54.32 -61.07
N LEU S 200 -13.57 -53.78 -62.25
CA LEU S 200 -14.94 -53.43 -62.62
C LEU S 200 -15.66 -54.74 -62.95
N ARG S 201 -16.91 -54.66 -63.39
CA ARG S 201 -17.68 -55.86 -63.73
C ARG S 201 -19.13 -55.47 -63.90
N ASP S 202 -19.58 -54.55 -63.05
CA ASP S 202 -20.94 -54.06 -63.08
C ASP S 202 -21.07 -53.04 -64.23
N GLU S 203 -20.33 -51.94 -64.13
CA GLU S 203 -20.36 -50.89 -65.14
C GLU S 203 -18.95 -50.54 -65.63
N SER S 204 -18.84 -49.33 -66.20
CA SER S 204 -17.58 -48.80 -66.71
C SER S 204 -17.46 -47.40 -66.11
N LEU S 205 -16.29 -47.08 -65.57
CA LEU S 205 -16.07 -45.78 -64.95
C LEU S 205 -16.50 -44.58 -65.81
N THR S 206 -17.52 -43.87 -65.31
CA THR S 206 -18.08 -42.70 -65.97
C THR S 206 -17.45 -41.43 -65.41
N VAL S 207 -17.89 -40.27 -65.89
CA VAL S 207 -17.34 -39.00 -65.43
C VAL S 207 -17.70 -38.68 -63.98
N ASP S 208 -18.97 -38.83 -63.62
CA ASP S 208 -19.38 -38.54 -62.24
C ASP S 208 -19.35 -39.80 -61.38
N ASN S 209 -18.49 -40.73 -61.76
CA ASN S 209 -18.35 -42.00 -61.05
C ASN S 209 -16.88 -42.26 -60.68
N LEU S 210 -15.97 -41.63 -61.42
CA LEU S 210 -14.55 -41.80 -61.18
C LEU S 210 -14.04 -40.67 -60.29
N SER S 211 -13.10 -41.00 -59.41
CA SER S 211 -12.52 -40.03 -58.49
C SER S 211 -11.02 -40.26 -58.40
N ILE S 212 -10.24 -39.21 -58.68
CA ILE S 212 -8.78 -39.31 -58.63
C ILE S 212 -8.12 -38.22 -57.79
N ALA S 213 -7.08 -38.61 -57.07
CA ALA S 213 -6.34 -37.69 -56.22
C ALA S 213 -4.84 -37.91 -56.47
N ILE S 214 -4.07 -36.82 -56.45
CA ILE S 214 -2.63 -36.91 -56.67
C ILE S 214 -1.82 -35.99 -55.74
N VAL S 215 -0.58 -36.39 -55.48
CA VAL S 215 0.33 -35.63 -54.63
C VAL S 215 1.75 -35.99 -55.03
N GLY S 216 2.68 -35.04 -54.87
CA GLY S 216 4.06 -35.32 -55.24
C GLY S 216 5.00 -34.13 -55.28
N LYS S 217 6.27 -34.42 -55.57
CA LYS S 217 7.35 -33.42 -55.63
C LYS S 217 6.87 -31.99 -55.71
N ASP S 218 6.25 -31.61 -56.82
CA ASP S 218 5.75 -30.25 -56.94
C ASP S 218 4.26 -30.24 -57.18
N THR S 219 3.55 -31.03 -56.39
CA THR S 219 2.11 -31.15 -56.51
C THR S 219 1.42 -31.33 -55.16
N PRO S 220 0.74 -30.28 -54.68
CA PRO S 220 0.05 -30.39 -53.39
C PRO S 220 -1.17 -31.28 -53.57
N PHE S 221 -1.28 -32.31 -52.74
CA PHE S 221 -2.41 -33.25 -52.81
C PHE S 221 -3.68 -32.54 -53.28
N THR S 222 -4.14 -32.92 -54.46
CA THR S 222 -5.34 -32.34 -55.03
C THR S 222 -6.27 -33.43 -55.55
N ILE S 223 -7.57 -33.15 -55.50
CA ILE S 223 -8.56 -34.11 -55.92
C ILE S 223 -9.29 -33.72 -57.20
N TYR S 224 -9.35 -34.65 -58.15
CA TYR S 224 -10.04 -34.39 -59.41
C TYR S 224 -11.33 -35.21 -59.51
N ASP S 225 -12.42 -34.51 -59.80
CA ASP S 225 -13.73 -35.13 -59.93
C ASP S 225 -14.46 -34.70 -61.19
N GLY S 226 -15.36 -35.56 -61.66
CA GLY S 226 -16.14 -35.28 -62.86
C GLY S 226 -15.32 -34.80 -64.06
N GLU S 227 -15.81 -33.75 -64.70
CA GLU S 227 -15.15 -33.17 -65.85
C GLU S 227 -13.63 -33.29 -65.74
N ALA S 228 -13.10 -32.95 -64.58
CA ALA S 228 -11.67 -33.00 -64.33
C ALA S 228 -11.02 -34.36 -64.63
N VAL S 229 -11.78 -35.45 -64.50
CA VAL S 229 -11.23 -36.78 -64.79
C VAL S 229 -11.70 -37.31 -66.15
N ALA S 230 -12.37 -36.46 -66.92
CA ALA S 230 -12.88 -36.84 -68.24
C ALA S 230 -11.75 -37.35 -69.13
N LYS S 231 -10.69 -36.56 -69.23
CA LYS S 231 -9.55 -36.93 -70.06
C LYS S 231 -8.86 -38.24 -69.64
N TYR S 232 -9.48 -39.00 -68.74
CA TYR S 232 -8.91 -40.27 -68.30
C TYR S 232 -9.84 -41.45 -68.52
N ILE S 233 -11.07 -41.18 -68.95
CA ILE S 233 -12.03 -42.23 -69.18
C ILE S 233 -12.03 -42.65 -70.65
N GLY T 1 -19.61 -76.85 -14.78
CA GLY T 1 -20.33 -76.39 -16.02
C GLY T 1 -19.36 -76.04 -17.13
N THR T 2 -19.62 -74.92 -17.81
CA THR T 2 -18.77 -74.45 -18.91
C THR T 2 -18.88 -72.94 -19.11
N GLY T 3 -18.19 -72.42 -20.13
CA GLY T 3 -18.24 -71.00 -20.42
C GLY T 3 -17.10 -70.25 -19.76
N TYR T 4 -16.27 -70.99 -19.03
CA TYR T 4 -15.13 -70.43 -18.34
C TYR T 4 -14.14 -69.77 -19.27
N ASP T 5 -14.30 -69.97 -20.57
CA ASP T 5 -13.36 -69.41 -21.53
C ASP T 5 -13.92 -68.24 -22.32
N LEU T 6 -14.97 -67.60 -21.79
CA LEU T 6 -15.57 -66.47 -22.49
C LEU T 6 -15.18 -65.13 -21.87
N SER T 7 -15.06 -65.09 -20.55
CA SER T 7 -14.68 -63.87 -19.84
C SER T 7 -13.18 -63.90 -19.52
N ASN T 8 -12.52 -62.76 -19.71
CA ASN T 8 -11.09 -62.70 -19.50
C ASN T 8 -10.51 -63.05 -18.14
N SER T 9 -10.95 -62.44 -17.05
CA SER T 9 -10.30 -62.77 -15.79
C SER T 9 -10.78 -64.00 -15.02
N VAL T 10 -11.59 -64.85 -15.67
CA VAL T 10 -12.13 -66.04 -14.99
C VAL T 10 -11.21 -67.24 -14.83
N PHE T 11 -11.34 -67.92 -13.70
CA PHE T 11 -10.56 -69.12 -13.44
C PHE T 11 -11.40 -70.32 -13.81
N SER T 12 -10.84 -71.21 -14.63
CA SER T 12 -11.55 -72.42 -14.98
C SER T 12 -11.36 -73.31 -13.76
N PRO T 13 -12.13 -74.39 -13.65
CA PRO T 13 -12.02 -75.31 -12.50
C PRO T 13 -10.63 -75.86 -12.23
N ASP T 14 -9.76 -75.80 -13.24
CA ASP T 14 -8.39 -76.30 -13.08
C ASP T 14 -7.41 -75.16 -12.92
N GLY T 15 -7.89 -74.02 -12.43
CA GLY T 15 -7.03 -72.87 -12.18
C GLY T 15 -6.37 -72.18 -13.36
N ARG T 16 -6.88 -72.41 -14.56
CA ARG T 16 -6.31 -71.78 -15.75
C ARG T 16 -7.16 -70.57 -16.14
N ASN T 17 -6.67 -69.80 -17.11
CA ASN T 17 -7.40 -68.64 -17.60
C ASN T 17 -7.39 -68.70 -19.13
N PHE T 18 -8.31 -69.47 -19.67
CA PHE T 18 -8.39 -69.69 -21.11
C PHE T 18 -8.18 -68.51 -22.05
N GLN T 19 -8.77 -67.36 -21.76
CA GLN T 19 -8.59 -66.22 -22.64
C GLN T 19 -7.11 -65.95 -22.87
N VAL T 20 -6.32 -66.04 -21.81
CA VAL T 20 -4.88 -65.83 -21.90
C VAL T 20 -4.32 -66.87 -22.87
N GLU T 21 -4.70 -68.12 -22.64
CA GLU T 21 -4.25 -69.23 -23.47
C GLU T 21 -4.66 -69.06 -24.92
N TYR T 22 -5.86 -68.57 -25.14
CA TYR T 22 -6.35 -68.33 -26.49
C TYR T 22 -5.50 -67.27 -27.14
N ALA T 23 -5.04 -66.32 -26.33
CA ALA T 23 -4.21 -65.24 -26.83
C ALA T 23 -2.92 -65.85 -27.37
N VAL T 24 -2.35 -66.78 -26.62
CA VAL T 24 -1.13 -67.44 -27.05
C VAL T 24 -1.29 -67.96 -28.47
N LYS T 25 -2.42 -68.61 -28.74
CA LYS T 25 -2.68 -69.14 -30.08
C LYS T 25 -2.43 -68.06 -31.15
N ALA T 26 -2.87 -66.85 -30.86
CA ALA T 26 -2.67 -65.75 -31.79
C ALA T 26 -1.18 -65.53 -31.98
N VAL T 27 -0.44 -65.71 -30.90
CA VAL T 27 1.02 -65.54 -30.92
C VAL T 27 1.65 -66.62 -31.77
N GLU T 28 1.34 -67.88 -31.46
CA GLU T 28 1.90 -69.01 -32.20
C GLU T 28 1.62 -68.81 -33.69
N ASN T 29 0.41 -68.41 -34.01
CA ASN T 29 0.03 -68.19 -35.40
C ASN T 29 0.84 -67.08 -36.07
N GLY T 30 1.57 -66.31 -35.27
CA GLY T 30 2.33 -65.22 -35.85
C GLY T 30 3.69 -65.59 -36.40
N THR T 31 4.39 -64.59 -36.91
CA THR T 31 5.74 -64.72 -37.48
C THR T 31 6.73 -65.18 -36.42
N THR T 32 7.89 -65.65 -36.85
CA THR T 32 8.89 -66.11 -35.89
C THR T 32 9.88 -64.97 -35.61
N SER T 33 10.29 -64.83 -34.35
CA SER T 33 11.25 -63.80 -33.96
C SER T 33 12.13 -64.34 -32.85
N ILE T 34 13.37 -63.87 -32.80
CA ILE T 34 14.31 -64.35 -31.79
C ILE T 34 15.22 -63.33 -31.14
N GLY T 35 15.82 -63.77 -30.04
CA GLY T 35 16.74 -62.93 -29.30
C GLY T 35 17.94 -63.74 -28.86
N ILE T 36 19.14 -63.22 -29.12
CA ILE T 36 20.35 -63.90 -28.74
C ILE T 36 21.16 -62.99 -27.85
N LYS T 37 21.51 -63.50 -26.68
CA LYS T 37 22.31 -62.75 -25.71
C LYS T 37 23.76 -63.09 -25.98
N CYS T 38 24.58 -62.07 -26.23
CA CYS T 38 26.00 -62.32 -26.49
C CYS T 38 26.83 -61.96 -25.25
N ASN T 39 28.14 -61.89 -25.42
CA ASN T 39 29.03 -61.59 -24.30
C ASN T 39 29.03 -60.14 -23.80
N ASP T 40 28.44 -59.23 -24.57
CA ASP T 40 28.37 -57.84 -24.15
C ASP T 40 27.20 -57.09 -24.80
N GLY T 41 26.07 -57.77 -24.93
CA GLY T 41 24.92 -57.15 -25.53
C GLY T 41 23.89 -58.18 -25.95
N VAL T 42 23.04 -57.81 -26.89
CA VAL T 42 22.01 -58.72 -27.37
C VAL T 42 21.71 -58.48 -28.83
N VAL T 43 21.13 -59.49 -29.47
CA VAL T 43 20.77 -59.38 -30.88
C VAL T 43 19.32 -59.79 -31.07
N PHE T 44 18.61 -59.02 -31.87
CA PHE T 44 17.20 -59.31 -32.14
C PHE T 44 17.04 -59.50 -33.64
N ALA T 45 16.23 -60.48 -34.00
CA ALA T 45 15.98 -60.79 -35.40
C ALA T 45 14.53 -61.23 -35.57
N VAL T 46 13.95 -60.93 -36.73
CA VAL T 46 12.57 -61.30 -36.97
C VAL T 46 12.28 -61.60 -38.44
N GLU T 47 11.36 -62.53 -38.66
CA GLU T 47 10.93 -62.94 -39.98
C GLU T 47 9.85 -62.01 -40.50
N LYS T 48 10.05 -61.42 -41.67
CA LYS T 48 9.05 -60.53 -42.25
C LYS T 48 8.50 -61.13 -43.53
N LEU T 49 7.37 -61.81 -43.44
CA LEU T 49 6.78 -62.42 -44.63
C LEU T 49 6.45 -61.42 -45.74
N ILE T 50 6.97 -61.67 -46.93
CA ILE T 50 6.73 -60.79 -48.06
C ILE T 50 5.48 -61.29 -48.78
N THR T 51 4.33 -60.77 -48.39
CA THR T 51 3.06 -61.16 -48.99
C THR T 51 3.02 -60.92 -50.50
N SER T 52 3.81 -59.96 -50.98
CA SER T 52 3.83 -59.66 -52.41
C SER T 52 4.99 -58.76 -52.80
N LYS T 53 5.15 -58.56 -54.11
CA LYS T 53 6.20 -57.70 -54.66
C LYS T 53 5.87 -56.25 -54.42
N LEU T 54 4.63 -56.00 -54.01
CA LEU T 54 4.17 -54.63 -53.76
C LEU T 54 4.70 -54.00 -52.48
N LEU T 55 5.07 -54.84 -51.52
CA LEU T 55 5.60 -54.34 -50.25
C LEU T 55 6.94 -53.66 -50.50
N VAL T 56 7.06 -52.40 -50.11
CA VAL T 56 8.33 -51.71 -50.30
C VAL T 56 9.35 -52.43 -49.42
N PRO T 57 10.36 -53.03 -50.04
CA PRO T 57 11.38 -53.73 -49.26
C PRO T 57 12.10 -52.82 -48.26
N GLN T 58 12.46 -53.38 -47.11
CA GLN T 58 13.17 -52.62 -46.08
C GLN T 58 12.34 -51.57 -45.35
N LYS T 59 11.19 -51.21 -45.90
CA LYS T 59 10.37 -50.16 -45.29
C LYS T 59 9.48 -50.46 -44.10
N ASN T 60 8.83 -51.62 -44.06
CA ASN T 60 7.93 -51.91 -42.94
C ASN T 60 8.65 -52.51 -41.74
N VAL T 61 9.42 -51.66 -41.06
CA VAL T 61 10.21 -52.07 -39.88
C VAL T 61 9.39 -52.62 -38.71
N LYS T 62 9.80 -53.75 -38.16
CA LYS T 62 9.07 -54.37 -37.06
C LYS T 62 9.74 -54.22 -35.71
N ILE T 63 11.07 -54.20 -35.68
CA ILE T 63 11.75 -54.07 -34.41
C ILE T 63 11.59 -52.65 -33.90
N GLN T 64 11.38 -52.52 -32.59
CA GLN T 64 11.20 -51.20 -32.00
C GLN T 64 12.19 -50.95 -30.89
N VAL T 65 12.55 -49.68 -30.73
CA VAL T 65 13.48 -49.30 -29.68
C VAL T 65 12.74 -48.56 -28.59
N VAL T 66 13.18 -48.80 -27.35
CA VAL T 66 12.62 -48.14 -26.20
C VAL T 66 13.79 -47.37 -25.60
N ASP T 67 13.58 -46.07 -25.43
CA ASP T 67 14.61 -45.18 -24.93
C ASP T 67 15.72 -45.17 -25.99
N ARG T 68 16.95 -45.44 -25.57
CA ARG T 68 18.06 -45.44 -26.50
C ARG T 68 18.92 -46.71 -26.33
N HIS T 69 18.52 -47.61 -25.45
CA HIS T 69 19.31 -48.81 -25.20
C HIS T 69 18.51 -50.11 -25.18
N ILE T 70 17.19 -50.01 -25.33
CA ILE T 70 16.38 -51.20 -25.27
C ILE T 70 15.79 -51.50 -26.64
N GLY T 71 15.81 -52.79 -26.98
CA GLY T 71 15.27 -53.23 -28.25
C GLY T 71 14.14 -54.20 -28.00
N CYS T 72 13.05 -54.03 -28.74
CA CYS T 72 11.88 -54.89 -28.59
C CYS T 72 11.41 -55.45 -29.93
N VAL T 73 11.06 -56.74 -29.91
CA VAL T 73 10.56 -57.42 -31.08
C VAL T 73 9.51 -58.39 -30.56
N TYR T 74 8.43 -58.56 -31.31
CA TYR T 74 7.37 -59.45 -30.89
C TYR T 74 6.74 -60.22 -32.04
N SER T 75 5.99 -61.25 -31.68
CA SER T 75 5.30 -62.09 -32.63
C SER T 75 3.84 -62.17 -32.23
N GLY T 76 2.95 -62.11 -33.22
CA GLY T 76 1.53 -62.17 -32.93
C GLY T 76 0.83 -60.98 -33.57
N LEU T 77 -0.07 -60.36 -32.82
CA LEU T 77 -0.79 -59.19 -33.31
C LEU T 77 0.10 -57.98 -33.21
N ILE T 78 0.61 -57.53 -34.35
CA ILE T 78 1.49 -56.38 -34.41
C ILE T 78 0.99 -55.18 -33.60
N PRO T 79 -0.24 -54.73 -33.86
CA PRO T 79 -0.77 -53.58 -33.12
C PRO T 79 -0.64 -53.72 -31.60
N ASP T 80 -0.94 -54.89 -31.07
CA ASP T 80 -0.82 -55.11 -29.62
C ASP T 80 0.62 -54.87 -29.20
N GLY T 81 1.55 -55.32 -30.04
CA GLY T 81 2.96 -55.16 -29.76
C GLY T 81 3.35 -53.70 -29.66
N ARG T 82 2.96 -52.90 -30.66
CA ARG T 82 3.27 -51.48 -30.65
C ARG T 82 2.69 -50.86 -29.39
N HIS T 83 1.42 -51.17 -29.13
CA HIS T 83 0.73 -50.66 -27.95
C HIS T 83 1.61 -50.89 -26.71
N LEU T 84 2.13 -52.10 -26.58
CA LEU T 84 2.98 -52.45 -25.44
C LEU T 84 4.27 -51.62 -25.43
N VAL T 85 4.90 -51.46 -26.59
CA VAL T 85 6.13 -50.68 -26.68
C VAL T 85 5.84 -49.23 -26.30
N ASN T 86 4.69 -48.72 -26.75
CA ASN T 86 4.30 -47.35 -26.45
C ASN T 86 4.34 -47.20 -24.94
N ARG T 87 3.66 -48.10 -24.27
CA ARG T 87 3.63 -48.10 -22.81
C ARG T 87 5.05 -48.18 -22.25
N GLY T 88 5.84 -49.07 -22.83
CA GLY T 88 7.21 -49.25 -22.38
C GLY T 88 7.99 -47.97 -22.51
N ARG T 89 7.68 -47.19 -23.53
CA ARG T 89 8.38 -45.95 -23.74
C ARG T 89 8.06 -44.93 -22.65
N GLU T 90 6.78 -44.79 -22.34
CA GLU T 90 6.34 -43.87 -21.29
C GLU T 90 6.95 -44.36 -19.99
N GLU T 91 6.84 -45.66 -19.79
CA GLU T 91 7.36 -46.33 -18.61
C GLU T 91 8.81 -45.94 -18.37
N ALA T 92 9.62 -46.00 -19.43
CA ALA T 92 11.05 -45.69 -19.34
C ALA T 92 11.30 -44.19 -19.13
N ALA T 93 10.57 -43.38 -19.87
CA ALA T 93 10.68 -41.92 -19.78
C ALA T 93 10.44 -41.44 -18.36
N SER T 94 9.42 -42.00 -17.72
CA SER T 94 9.10 -41.65 -16.34
C SER T 94 10.28 -42.00 -15.44
N PHE T 95 10.77 -43.22 -15.59
CA PHE T 95 11.89 -43.71 -14.79
C PHE T 95 13.11 -42.81 -14.89
N LYS T 96 13.49 -42.45 -16.12
CA LYS T 96 14.66 -41.59 -16.31
C LYS T 96 14.42 -40.19 -15.74
N LYS T 97 13.19 -39.70 -15.87
CA LYS T 97 12.83 -38.38 -15.38
C LYS T 97 13.03 -38.27 -13.89
N LEU T 98 12.62 -39.31 -13.17
CA LEU T 98 12.74 -39.29 -11.72
C LEU T 98 14.12 -39.73 -11.22
N TYR T 99 14.66 -40.79 -11.82
CA TYR T 99 15.95 -41.31 -11.39
C TYR T 99 17.18 -40.91 -12.16
N LYS T 100 16.98 -40.14 -13.23
CA LYS T 100 18.07 -39.64 -14.06
C LYS T 100 18.75 -40.70 -14.91
N THR T 101 19.07 -41.83 -14.29
CA THR T 101 19.72 -42.91 -14.99
C THR T 101 18.72 -43.65 -15.87
N PRO T 102 19.08 -43.92 -17.13
CA PRO T 102 18.13 -44.65 -17.97
C PRO T 102 17.73 -45.98 -17.29
N ILE T 103 16.50 -46.41 -17.55
CA ILE T 103 15.97 -47.62 -16.94
C ILE T 103 16.72 -48.90 -17.22
N PRO T 104 17.10 -49.62 -16.14
CA PRO T 104 17.83 -50.91 -16.19
C PRO T 104 16.94 -51.95 -16.88
N ILE T 105 17.53 -52.82 -17.70
CA ILE T 105 16.73 -53.80 -18.40
C ILE T 105 15.78 -54.58 -17.50
N PRO T 106 16.27 -55.10 -16.35
CA PRO T 106 15.38 -55.84 -15.47
C PRO T 106 14.18 -55.00 -15.03
N ALA T 107 14.47 -53.78 -14.54
CA ALA T 107 13.43 -52.87 -14.10
C ALA T 107 12.42 -52.68 -15.21
N PHE T 108 12.94 -52.46 -16.41
CA PHE T 108 12.09 -52.26 -17.59
C PHE T 108 11.25 -53.47 -17.87
N ALA T 109 11.83 -54.65 -17.74
CA ALA T 109 11.08 -55.87 -18.01
C ALA T 109 9.87 -55.97 -17.11
N ASP T 110 10.07 -55.73 -15.82
CA ASP T 110 8.98 -55.81 -14.85
C ASP T 110 7.87 -54.83 -15.17
N ARG T 111 8.25 -53.65 -15.65
CA ARG T 111 7.27 -52.63 -15.99
C ARG T 111 6.33 -53.21 -17.03
N LEU T 112 6.89 -53.83 -18.07
CA LEU T 112 6.06 -54.44 -19.10
C LEU T 112 5.32 -55.62 -18.51
N GLY T 113 5.99 -56.35 -17.62
CA GLY T 113 5.38 -57.51 -16.97
C GLY T 113 4.13 -57.13 -16.20
N GLN T 114 4.29 -56.21 -15.26
CA GLN T 114 3.19 -55.71 -14.46
C GLN T 114 2.04 -55.24 -15.34
N TYR T 115 2.35 -54.44 -16.37
CA TYR T 115 1.35 -53.91 -17.29
C TYR T 115 0.59 -55.01 -18.01
N VAL T 116 1.32 -55.98 -18.58
CA VAL T 116 0.67 -57.09 -19.27
C VAL T 116 -0.14 -57.95 -18.30
N GLN T 117 0.44 -58.25 -17.14
CA GLN T 117 -0.23 -59.06 -16.12
C GLN T 117 -1.55 -58.36 -15.79
N ALA T 118 -1.50 -57.04 -15.81
CA ALA T 118 -2.66 -56.23 -15.51
C ALA T 118 -3.84 -56.58 -16.41
N HIS T 119 -3.57 -56.81 -17.69
CA HIS T 119 -4.64 -57.13 -18.63
C HIS T 119 -5.18 -58.55 -18.53
N THR T 120 -4.93 -59.21 -17.40
CA THR T 120 -5.45 -60.56 -17.18
C THR T 120 -6.21 -60.55 -15.87
N LEU T 121 -6.43 -59.35 -15.34
CA LEU T 121 -7.13 -59.18 -14.06
C LEU T 121 -8.62 -58.85 -14.16
N TYR T 122 -9.02 -58.19 -15.25
CA TYR T 122 -10.41 -57.78 -15.43
C TYR T 122 -10.96 -58.37 -16.71
N ASN T 123 -12.28 -58.49 -16.80
CA ASN T 123 -12.91 -59.05 -17.99
C ASN T 123 -13.28 -57.93 -18.96
N SER T 124 -12.96 -56.71 -18.58
CA SER T 124 -13.26 -55.55 -19.41
C SER T 124 -12.15 -55.26 -20.41
N VAL T 125 -11.10 -56.09 -20.38
CA VAL T 125 -10.00 -55.92 -21.33
C VAL T 125 -9.57 -57.26 -21.89
N ARG T 126 -8.82 -57.22 -22.99
CA ARG T 126 -8.35 -58.43 -23.64
C ARG T 126 -6.86 -58.60 -23.39
N PRO T 127 -6.41 -59.85 -23.21
CA PRO T 127 -4.97 -60.05 -22.97
C PRO T 127 -4.19 -59.69 -24.22
N PHE T 128 -2.90 -59.43 -24.06
CA PHE T 128 -2.06 -59.07 -25.19
C PHE T 128 -1.81 -60.26 -26.11
N GLY T 129 -2.08 -60.04 -27.40
CA GLY T 129 -1.87 -61.09 -28.38
C GLY T 129 -0.45 -61.14 -28.92
N VAL T 130 0.54 -61.05 -28.03
CA VAL T 130 1.93 -61.09 -28.46
C VAL T 130 2.87 -61.58 -27.37
N SER T 131 4.02 -62.05 -27.81
CA SER T 131 5.10 -62.47 -26.93
C SER T 131 6.20 -61.55 -27.39
N THR T 132 6.92 -60.96 -26.45
CA THR T 132 7.95 -60.02 -26.81
C THR T 132 9.32 -60.39 -26.30
N ILE T 133 10.31 -60.32 -27.19
CA ILE T 133 11.69 -60.57 -26.81
C ILE T 133 12.27 -59.16 -26.77
N PHE T 134 12.98 -58.83 -25.69
CA PHE T 134 13.54 -57.50 -25.57
C PHE T 134 14.77 -57.54 -24.64
N GLY T 135 15.56 -56.50 -24.65
CA GLY T 135 16.72 -56.46 -23.81
C GLY T 135 17.62 -55.30 -24.15
N GLY T 136 18.84 -55.33 -23.62
CA GLY T 136 19.80 -54.27 -23.87
C GLY T 136 20.93 -54.31 -22.87
N VAL T 137 21.79 -53.28 -22.89
CA VAL T 137 22.94 -53.21 -21.99
C VAL T 137 22.74 -52.15 -20.91
N ASP T 138 23.09 -52.48 -19.68
CA ASP T 138 22.93 -51.51 -18.61
C ASP T 138 24.07 -51.55 -17.61
N LYS T 139 23.99 -50.67 -16.61
CA LYS T 139 24.98 -50.51 -15.53
C LYS T 139 25.77 -51.79 -15.17
N ASN T 140 25.17 -52.96 -15.34
CA ASN T 140 25.89 -54.17 -15.04
C ASN T 140 25.55 -55.36 -15.94
N GLY T 141 25.81 -55.21 -17.22
CA GLY T 141 25.57 -56.32 -18.12
C GLY T 141 24.56 -56.13 -19.21
N ALA T 142 24.31 -57.24 -19.90
CA ALA T 142 23.35 -57.28 -21.00
C ALA T 142 22.29 -58.24 -20.52
N HIS T 143 21.05 -57.97 -20.87
CA HIS T 143 19.97 -58.85 -20.46
C HIS T 143 19.04 -59.11 -21.63
N LEU T 144 18.52 -60.33 -21.69
CA LEU T 144 17.58 -60.75 -22.73
C LEU T 144 16.33 -61.27 -22.02
N TYR T 145 15.15 -60.81 -22.44
CA TYR T 145 13.91 -61.22 -21.81
C TYR T 145 12.85 -61.62 -22.83
N MET T 146 11.88 -62.40 -22.37
CA MET T 146 10.76 -62.79 -23.20
C MET T 146 9.51 -62.71 -22.31
N LEU T 147 8.50 -62.02 -22.82
CA LEU T 147 7.26 -61.81 -22.08
C LEU T 147 6.08 -62.48 -22.75
N GLU T 148 5.34 -63.28 -21.99
CA GLU T 148 4.16 -63.98 -22.53
C GLU T 148 2.88 -63.16 -22.25
N PRO T 149 1.74 -63.55 -22.87
CA PRO T 149 0.51 -62.82 -22.62
C PRO T 149 0.06 -62.92 -21.17
N SER T 150 0.42 -64.01 -20.51
CA SER T 150 0.05 -64.20 -19.11
C SER T 150 0.74 -63.16 -18.24
N GLY T 151 1.72 -62.47 -18.80
CA GLY T 151 2.46 -61.47 -18.05
C GLY T 151 3.77 -62.12 -17.63
N SER T 152 3.80 -63.44 -17.66
CA SER T 152 5.01 -64.18 -17.30
C SER T 152 6.20 -63.81 -18.17
N TYR T 153 7.38 -63.75 -17.55
CA TYR T 153 8.60 -63.42 -18.28
C TYR T 153 9.82 -63.87 -17.48
N TRP T 154 10.90 -64.20 -18.20
CA TRP T 154 12.15 -64.63 -17.57
C TRP T 154 13.35 -64.12 -18.38
N GLY T 155 14.52 -64.23 -17.78
CA GLY T 155 15.74 -63.83 -18.46
C GLY T 155 16.23 -65.02 -19.27
N TYR T 156 16.65 -64.78 -20.50
CA TYR T 156 17.12 -65.86 -21.36
C TYR T 156 18.53 -65.69 -21.91
N LYS T 157 19.06 -66.81 -22.39
CA LYS T 157 20.38 -66.85 -23.03
C LYS T 157 20.02 -66.65 -24.51
N GLY T 158 18.92 -67.28 -24.89
CA GLY T 158 18.41 -67.18 -26.24
C GLY T 158 16.92 -67.34 -26.12
N ALA T 159 16.15 -66.74 -27.02
CA ALA T 159 14.71 -66.86 -26.95
C ALA T 159 14.08 -66.70 -28.30
N ALA T 160 12.98 -67.42 -28.49
CA ALA T 160 12.27 -67.38 -29.75
C ALA T 160 10.78 -67.59 -29.56
N THR T 161 10.01 -67.05 -30.49
CA THR T 161 8.56 -67.17 -30.44
C THR T 161 7.99 -66.99 -31.85
N GLY T 162 6.78 -67.49 -32.06
CA GLY T 162 6.16 -67.39 -33.37
C GLY T 162 6.09 -68.75 -34.04
N LYS T 163 5.64 -68.75 -35.30
CA LYS T 163 5.49 -69.97 -36.09
C LYS T 163 6.61 -70.98 -35.87
N GLY T 164 7.82 -70.59 -36.24
CA GLY T 164 8.95 -71.51 -36.12
C GLY T 164 9.75 -71.43 -34.84
N ARG T 165 9.05 -71.29 -33.72
CA ARG T 165 9.73 -71.19 -32.44
C ARG T 165 10.54 -72.43 -32.05
N GLN T 166 10.02 -73.60 -32.39
CA GLN T 166 10.68 -74.86 -32.05
C GLN T 166 12.04 -75.00 -32.73
N SER T 167 12.07 -74.69 -34.02
CA SER T 167 13.31 -74.76 -34.77
C SER T 167 14.31 -73.89 -34.03
N ALA T 168 13.98 -72.61 -33.93
CA ALA T 168 14.82 -71.65 -33.25
C ALA T 168 15.32 -72.21 -31.94
N LYS T 169 14.41 -72.46 -31.00
CA LYS T 169 14.82 -73.00 -29.71
C LYS T 169 15.86 -74.08 -29.90
N ALA T 170 15.59 -75.04 -30.78
CA ALA T 170 16.53 -76.12 -31.03
C ALA T 170 17.91 -75.56 -31.38
N GLU T 171 17.95 -74.71 -32.40
CA GLU T 171 19.19 -74.07 -32.85
C GLU T 171 19.85 -73.29 -31.74
N LEU T 172 19.04 -72.52 -31.00
CA LEU T 172 19.57 -71.73 -29.91
C LEU T 172 20.24 -72.62 -28.88
N GLU T 173 19.59 -73.75 -28.56
CA GLU T 173 20.16 -74.65 -27.57
C GLU T 173 21.51 -75.16 -28.03
N LYS T 174 21.64 -75.45 -29.32
CA LYS T 174 22.92 -75.92 -29.86
C LYS T 174 23.99 -74.90 -29.51
N LEU T 175 23.76 -73.66 -29.90
CA LEU T 175 24.67 -72.55 -29.63
C LEU T 175 25.08 -72.51 -28.16
N VAL T 176 24.08 -72.54 -27.28
CA VAL T 176 24.36 -72.51 -25.84
C VAL T 176 25.39 -73.58 -25.50
N ASP T 177 25.17 -74.79 -26.00
CA ASP T 177 26.08 -75.90 -25.75
C ASP T 177 27.45 -75.68 -26.37
N HIS T 178 27.47 -75.39 -27.67
CA HIS T 178 28.72 -75.19 -28.40
C HIS T 178 29.46 -73.87 -28.18
N HIS T 179 29.11 -73.14 -27.12
CA HIS T 179 29.78 -71.87 -26.83
C HIS T 179 29.63 -71.51 -25.36
N PRO T 180 30.06 -72.42 -24.46
CA PRO T 180 29.97 -72.19 -23.02
C PRO T 180 30.66 -70.91 -22.53
N GLU T 181 31.62 -70.41 -23.31
CA GLU T 181 32.33 -69.19 -22.93
C GLU T 181 31.58 -67.92 -23.31
N GLY T 182 30.73 -68.02 -24.33
CA GLY T 182 29.96 -66.86 -24.74
C GLY T 182 30.19 -66.42 -26.17
N LEU T 183 29.10 -66.16 -26.87
CA LEU T 183 29.14 -65.72 -28.26
C LEU T 183 29.47 -64.23 -28.30
N SER T 184 29.90 -63.72 -29.45
CA SER T 184 30.21 -62.29 -29.58
C SER T 184 29.09 -61.64 -30.37
N ALA T 185 28.99 -60.32 -30.26
CA ALA T 185 27.94 -59.59 -30.97
C ALA T 185 28.01 -59.92 -32.45
N ARG T 186 29.21 -59.74 -33.02
CA ARG T 186 29.46 -60.01 -34.43
C ARG T 186 28.94 -61.37 -34.83
N GLU T 187 29.30 -62.37 -34.03
CA GLU T 187 28.89 -63.75 -34.26
C GLU T 187 27.39 -63.89 -34.15
N ALA T 188 26.85 -63.42 -33.02
CA ALA T 188 25.42 -63.47 -32.74
C ALA T 188 24.59 -62.94 -33.89
N VAL T 189 25.06 -61.87 -34.52
CA VAL T 189 24.35 -61.28 -35.64
C VAL T 189 24.13 -62.32 -36.74
N LYS T 190 25.23 -62.90 -37.22
CA LYS T 190 25.19 -63.93 -38.26
C LYS T 190 24.35 -65.12 -37.80
N GLN T 191 24.71 -65.65 -36.63
CA GLN T 191 24.05 -66.79 -36.04
C GLN T 191 22.53 -66.62 -36.02
N ALA T 192 22.12 -65.41 -35.69
CA ALA T 192 20.71 -65.06 -35.63
C ALA T 192 20.13 -65.10 -37.04
N ALA T 193 20.84 -64.51 -37.99
CA ALA T 193 20.38 -64.48 -39.37
C ALA T 193 20.12 -65.91 -39.84
N LYS T 194 21.01 -66.81 -39.44
CA LYS T 194 20.86 -68.21 -39.82
C LYS T 194 19.59 -68.78 -39.23
N ILE T 195 19.50 -68.74 -37.90
CA ILE T 195 18.34 -69.28 -37.20
C ILE T 195 17.00 -68.78 -37.74
N ILE T 196 16.95 -67.56 -38.25
CA ILE T 196 15.70 -67.05 -38.82
C ILE T 196 15.45 -67.80 -40.12
N TYR T 197 16.52 -67.94 -40.91
CA TYR T 197 16.43 -68.66 -42.17
C TYR T 197 15.94 -70.10 -41.96
N LEU T 198 16.55 -70.79 -41.01
CA LEU T 198 16.16 -72.15 -40.72
C LEU T 198 14.70 -72.17 -40.31
N ALA T 199 14.39 -71.51 -39.20
CA ALA T 199 13.03 -71.45 -38.69
C ALA T 199 12.00 -71.00 -39.71
N HIS T 200 12.45 -70.50 -40.86
CA HIS T 200 11.52 -70.05 -41.89
C HIS T 200 10.92 -71.23 -42.67
N GLU T 201 11.38 -72.44 -42.38
CA GLU T 201 10.88 -73.63 -43.06
C GLU T 201 9.43 -73.96 -42.74
N ASP T 202 8.96 -73.49 -41.60
CA ASP T 202 7.58 -73.71 -41.17
C ASP T 202 6.72 -72.64 -41.84
N ASN T 203 7.29 -72.00 -42.86
CA ASN T 203 6.62 -70.94 -43.60
C ASN T 203 7.23 -70.81 -44.99
N LYS T 204 8.00 -71.83 -45.37
CA LYS T 204 8.70 -71.89 -46.66
C LYS T 204 7.87 -71.51 -47.87
N GLU T 205 6.55 -71.59 -47.73
CA GLU T 205 5.63 -71.25 -48.82
C GLU T 205 5.76 -69.80 -49.28
N LYS T 206 5.94 -68.89 -48.33
CA LYS T 206 6.05 -67.47 -48.61
C LYS T 206 7.49 -66.95 -48.55
N ASP T 207 7.78 -65.93 -49.36
CA ASP T 207 9.11 -65.35 -49.37
C ASP T 207 9.14 -64.33 -48.21
N PHE T 208 10.31 -64.12 -47.61
CA PHE T 208 10.41 -63.20 -46.49
C PHE T 208 11.58 -62.22 -46.57
N GLU T 209 11.64 -61.32 -45.60
CA GLU T 209 12.70 -60.31 -45.52
C GLU T 209 13.26 -60.31 -44.10
N LEU T 210 14.58 -60.46 -43.99
CA LEU T 210 15.23 -60.50 -42.69
C LEU T 210 15.40 -59.14 -42.05
N GLU T 211 15.46 -59.12 -40.71
CA GLU T 211 15.63 -57.87 -39.97
C GLU T 211 16.38 -58.18 -38.67
N ILE T 212 17.50 -57.50 -38.47
CA ILE T 212 18.31 -57.70 -37.27
C ILE T 212 18.70 -56.38 -36.64
N SER T 213 18.86 -56.39 -35.33
CA SER T 213 19.28 -55.20 -34.60
C SER T 213 20.12 -55.73 -33.46
N TRP T 214 20.93 -54.87 -32.86
CA TRP T 214 21.77 -55.32 -31.77
C TRP T 214 22.16 -54.20 -30.81
N CYS T 215 22.53 -54.61 -29.60
CA CYS T 215 22.94 -53.69 -28.57
C CYS T 215 24.18 -54.28 -27.94
N SER T 216 25.35 -53.72 -28.29
CA SER T 216 26.62 -54.21 -27.78
C SER T 216 27.43 -53.08 -27.17
N LEU T 217 27.91 -53.31 -25.96
CA LEU T 217 28.70 -52.32 -25.23
C LEU T 217 29.94 -51.91 -26.01
N SER T 218 30.42 -52.81 -26.86
CA SER T 218 31.61 -52.55 -27.66
C SER T 218 31.32 -52.26 -29.15
N GLU T 219 30.32 -52.93 -29.71
CA GLU T 219 30.00 -52.71 -31.11
C GLU T 219 29.08 -51.53 -31.38
N THR T 220 28.24 -51.17 -30.42
CA THR T 220 27.29 -50.06 -30.60
C THR T 220 27.31 -49.04 -29.48
N ASN T 221 28.22 -49.22 -28.51
CA ASN T 221 28.35 -48.29 -27.39
C ASN T 221 27.20 -48.41 -26.39
N GLY T 222 26.55 -49.57 -26.34
CA GLY T 222 25.45 -49.73 -25.40
C GLY T 222 24.14 -49.26 -25.97
N LEU T 223 24.18 -48.62 -27.14
CA LEU T 223 22.99 -48.12 -27.81
C LEU T 223 22.44 -49.13 -28.78
N HIS T 224 21.12 -49.20 -28.87
CA HIS T 224 20.46 -50.13 -29.78
C HIS T 224 20.52 -49.55 -31.20
N LYS T 225 20.96 -50.39 -32.13
CA LYS T 225 21.07 -49.97 -33.53
C LYS T 225 20.65 -51.10 -34.45
N PHE T 226 20.18 -50.73 -35.64
CA PHE T 226 19.77 -51.70 -36.63
C PHE T 226 20.94 -52.13 -37.49
N VAL T 227 20.99 -53.42 -37.81
CA VAL T 227 22.05 -53.94 -38.65
C VAL T 227 21.59 -53.62 -40.07
N LYS T 228 22.35 -52.75 -40.74
CA LYS T 228 22.02 -52.34 -42.11
C LYS T 228 23.18 -52.63 -43.05
N GLY T 229 22.92 -52.47 -44.35
CA GLY T 229 23.94 -52.68 -45.37
C GLY T 229 24.89 -53.87 -45.25
N ASP T 230 26.18 -53.61 -45.45
CA ASP T 230 27.23 -54.63 -45.41
C ASP T 230 27.12 -55.65 -44.28
N LEU T 231 27.09 -55.20 -43.03
CA LEU T 231 27.02 -56.13 -41.92
C LEU T 231 25.81 -57.04 -42.08
N LEU T 232 24.73 -56.49 -42.62
CA LEU T 232 23.51 -57.25 -42.83
C LEU T 232 23.76 -58.31 -43.89
N GLN T 233 24.07 -57.87 -45.11
CA GLN T 233 24.33 -58.79 -46.22
C GLN T 233 25.25 -59.93 -45.78
N GLU T 234 26.30 -59.57 -45.05
CA GLU T 234 27.25 -60.55 -44.54
C GLU T 234 26.55 -61.64 -43.75
N ALA T 235 25.52 -61.26 -43.01
CA ALA T 235 24.78 -62.23 -42.22
C ALA T 235 23.82 -63.00 -43.11
N ILE T 236 23.13 -62.31 -44.03
CA ILE T 236 22.21 -63.01 -44.92
C ILE T 236 22.99 -64.10 -45.63
N ASP T 237 24.12 -63.73 -46.22
CA ASP T 237 24.94 -64.69 -46.93
C ASP T 237 25.34 -65.81 -45.98
N PHE T 238 25.92 -65.47 -44.83
CA PHE T 238 26.33 -66.49 -43.88
C PHE T 238 25.24 -67.54 -43.70
N ALA T 239 23.99 -67.10 -43.71
CA ALA T 239 22.85 -68.00 -43.54
C ALA T 239 22.60 -68.77 -44.84
N GLN T 240 22.26 -68.02 -45.89
CA GLN T 240 22.01 -68.62 -47.20
C GLN T 240 23.01 -69.69 -47.54
N LYS T 241 24.22 -69.56 -46.99
CA LYS T 241 25.28 -70.52 -47.22
C LYS T 241 25.02 -71.80 -46.44
N GLU T 242 24.69 -71.66 -45.15
CA GLU T 242 24.42 -72.82 -44.32
C GLU T 242 22.98 -73.32 -44.39
N ILE T 243 22.22 -72.79 -45.33
CA ILE T 243 20.84 -73.22 -45.52
C ILE T 243 20.94 -74.36 -46.56
N ASN T 244 22.17 -74.57 -47.03
CA ASN T 244 22.47 -75.62 -48.02
C ASN T 244 23.71 -76.41 -47.59
N ALA U 1 -27.90 -67.87 -13.68
CA ALA U 1 -27.82 -69.09 -12.81
C ALA U 1 -26.38 -69.63 -12.73
N GLY U 2 -25.97 -70.38 -13.76
CA GLY U 2 -24.64 -70.97 -13.79
C GLY U 2 -23.42 -70.05 -13.74
N TYR U 3 -23.62 -68.75 -13.74
CA TYR U 3 -22.51 -67.80 -13.69
C TYR U 3 -22.03 -67.58 -12.27
N ASP U 4 -22.69 -68.20 -11.31
CA ASP U 4 -22.28 -68.05 -9.92
C ASP U 4 -20.95 -68.78 -9.73
N ARG U 5 -20.34 -69.15 -10.85
CA ARG U 5 -19.06 -69.84 -10.82
C ARG U 5 -17.97 -69.10 -11.60
N HIS U 6 -18.33 -67.97 -12.19
CA HIS U 6 -17.37 -67.16 -12.95
C HIS U 6 -16.96 -65.93 -12.18
N ILE U 7 -17.83 -65.46 -11.29
CA ILE U 7 -17.55 -64.28 -10.49
C ILE U 7 -17.72 -64.60 -9.02
N THR U 8 -17.13 -63.77 -8.17
CA THR U 8 -17.19 -64.00 -6.73
C THR U 8 -18.52 -63.73 -6.03
N ILE U 9 -19.53 -64.54 -6.34
CA ILE U 9 -20.83 -64.41 -5.69
C ILE U 9 -21.09 -65.79 -5.08
N PHE U 10 -21.97 -65.85 -4.10
CA PHE U 10 -22.23 -67.12 -3.46
C PHE U 10 -22.92 -68.14 -4.32
N SER U 11 -22.55 -69.39 -4.12
CA SER U 11 -23.17 -70.50 -4.84
C SER U 11 -24.31 -70.81 -3.87
N PRO U 12 -25.27 -71.67 -4.27
CA PRO U 12 -26.35 -71.95 -3.32
C PRO U 12 -25.86 -72.65 -2.06
N GLU U 13 -24.69 -73.29 -2.12
CA GLU U 13 -24.14 -73.96 -0.94
C GLU U 13 -23.38 -72.94 -0.11
N GLY U 14 -23.30 -71.72 -0.62
CA GLY U 14 -22.60 -70.67 0.11
C GLY U 14 -21.12 -70.64 -0.23
N ARG U 15 -20.76 -71.23 -1.35
CA ARG U 15 -19.37 -71.25 -1.75
C ARG U 15 -19.03 -70.21 -2.78
N LEU U 16 -17.74 -70.02 -2.99
CA LEU U 16 -17.22 -69.07 -3.96
C LEU U 16 -16.23 -69.82 -4.84
N TYR U 17 -16.74 -70.55 -5.81
CA TYR U 17 -15.90 -71.35 -6.70
C TYR U 17 -14.67 -70.62 -7.21
N GLN U 18 -14.84 -69.39 -7.68
CA GLN U 18 -13.72 -68.64 -8.18
C GLN U 18 -12.57 -68.58 -7.19
N VAL U 19 -12.87 -68.51 -5.90
CA VAL U 19 -11.80 -68.49 -4.90
C VAL U 19 -11.15 -69.87 -4.86
N GLU U 20 -12.00 -70.91 -4.90
CA GLU U 20 -11.53 -72.28 -4.87
C GLU U 20 -10.62 -72.52 -6.07
N TYR U 21 -11.09 -72.19 -7.26
CA TYR U 21 -10.28 -72.39 -8.45
C TYR U 21 -8.97 -71.63 -8.37
N ALA U 22 -9.01 -70.42 -7.80
CA ALA U 22 -7.79 -69.64 -7.68
C ALA U 22 -6.81 -70.48 -6.84
N PHE U 23 -7.33 -71.08 -5.77
CA PHE U 23 -6.51 -71.92 -4.91
C PHE U 23 -5.85 -72.98 -5.76
N LYS U 24 -6.60 -73.52 -6.71
CA LYS U 24 -6.07 -74.55 -7.60
C LYS U 24 -4.84 -73.98 -8.29
N ALA U 25 -5.02 -72.85 -8.95
CA ALA U 25 -3.94 -72.18 -9.67
C ALA U 25 -2.62 -72.13 -8.90
N THR U 26 -2.69 -71.96 -7.59
CA THR U 26 -1.46 -71.88 -6.79
C THR U 26 -0.51 -73.05 -6.96
N ASN U 27 -1.03 -74.21 -7.35
CA ASN U 27 -0.17 -75.36 -7.52
C ASN U 27 0.37 -75.52 -8.93
N GLN U 28 -0.11 -74.67 -9.83
CA GLN U 28 0.28 -74.72 -11.23
C GLN U 28 1.78 -74.78 -11.53
N THR U 29 2.60 -74.23 -10.63
CA THR U 29 4.05 -74.23 -10.84
C THR U 29 4.69 -75.54 -10.39
N ASN U 30 3.92 -76.35 -9.68
CA ASN U 30 4.40 -77.63 -9.19
C ASN U 30 5.69 -77.48 -8.35
N ILE U 31 5.66 -76.53 -7.43
CA ILE U 31 6.80 -76.27 -6.58
C ILE U 31 6.37 -76.25 -5.11
N ASN U 32 7.17 -76.86 -4.25
CA ASN U 32 6.87 -76.88 -2.83
C ASN U 32 7.83 -75.96 -2.11
N SER U 33 7.36 -75.36 -1.02
CA SER U 33 8.18 -74.46 -0.21
C SER U 33 7.80 -74.68 1.25
N LEU U 34 8.68 -74.30 2.15
CA LEU U 34 8.39 -74.45 3.56
C LEU U 34 9.19 -73.40 4.33
N ALA U 35 8.74 -73.09 5.54
CA ALA U 35 9.43 -72.11 6.36
C ALA U 35 9.48 -72.62 7.80
N VAL U 36 10.56 -72.31 8.49
CA VAL U 36 10.72 -72.73 9.88
C VAL U 36 11.40 -71.62 10.65
N ARG U 37 11.28 -71.67 11.96
CA ARG U 37 11.86 -70.66 12.81
C ARG U 37 13.03 -71.13 13.64
N GLY U 38 14.12 -70.38 13.56
CA GLY U 38 15.31 -70.70 14.32
C GLY U 38 15.17 -70.01 15.66
N LYS U 39 16.27 -69.89 16.39
CA LYS U 39 16.23 -69.24 17.69
C LYS U 39 16.09 -67.74 17.44
N ASP U 40 16.81 -67.23 16.44
CA ASP U 40 16.77 -65.81 16.11
C ASP U 40 16.88 -65.58 14.60
N CYS U 41 16.08 -66.31 13.84
CA CYS U 41 16.08 -66.19 12.39
C CYS U 41 14.90 -66.97 11.85
N THR U 42 14.64 -66.81 10.56
CA THR U 42 13.55 -67.49 9.90
C THR U 42 14.07 -67.89 8.53
N VAL U 43 13.78 -69.12 8.12
CA VAL U 43 14.24 -69.64 6.85
C VAL U 43 13.10 -70.13 5.95
N VAL U 44 13.23 -69.84 4.66
CA VAL U 44 12.25 -70.32 3.71
C VAL U 44 13.02 -71.10 2.65
N ILE U 45 12.48 -72.26 2.31
CA ILE U 45 13.07 -73.16 1.33
C ILE U 45 12.05 -73.34 0.23
N SER U 46 12.49 -73.35 -1.01
CA SER U 46 11.57 -73.55 -2.09
C SER U 46 12.29 -74.28 -3.18
N GLN U 47 11.56 -75.12 -3.89
CA GLN U 47 12.15 -75.87 -4.98
C GLN U 47 12.38 -74.90 -6.14
N LYS U 48 13.46 -75.12 -6.89
CA LYS U 48 13.76 -74.29 -8.04
C LYS U 48 13.84 -75.23 -9.22
N LYS U 49 12.91 -75.07 -10.16
CA LYS U 49 12.89 -75.92 -11.32
C LYS U 49 13.04 -75.15 -12.62
N VAL U 50 14.19 -75.32 -13.27
CA VAL U 50 14.43 -74.64 -14.53
C VAL U 50 14.49 -75.70 -15.61
N PRO U 51 13.40 -75.86 -16.38
CA PRO U 51 13.36 -76.85 -17.44
C PRO U 51 14.07 -76.39 -18.73
N ASP U 52 13.63 -75.27 -19.29
CA ASP U 52 14.23 -74.78 -20.53
C ASP U 52 15.72 -74.48 -20.31
N LYS U 53 16.57 -74.98 -21.19
CA LYS U 53 18.02 -74.74 -21.08
C LYS U 53 18.35 -73.31 -21.47
N LEU U 54 17.50 -72.74 -22.32
CA LEU U 54 17.66 -71.38 -22.81
C LEU U 54 17.39 -70.30 -21.75
N LEU U 55 16.82 -70.71 -20.62
CA LEU U 55 16.52 -69.79 -19.54
C LEU U 55 17.78 -69.41 -18.80
N ASP U 56 17.76 -68.21 -18.23
CA ASP U 56 18.87 -67.71 -17.45
C ASP U 56 18.48 -68.02 -16.01
N PRO U 57 18.93 -69.18 -15.48
CA PRO U 57 18.68 -69.67 -14.12
C PRO U 57 18.64 -68.61 -13.05
N THR U 58 19.50 -67.61 -13.16
CA THR U 58 19.57 -66.53 -12.17
C THR U 58 18.36 -65.61 -12.14
N THR U 59 17.52 -65.65 -13.17
CA THR U 59 16.34 -64.79 -13.19
C THR U 59 15.07 -65.57 -12.89
N VAL U 60 15.22 -66.78 -12.39
CA VAL U 60 14.08 -67.62 -12.07
C VAL U 60 13.92 -67.75 -10.56
N SER U 61 13.01 -66.96 -9.98
CA SER U 61 12.80 -67.03 -8.55
C SER U 61 11.35 -66.81 -8.11
N TYR U 62 11.02 -67.33 -6.92
CA TYR U 62 9.71 -67.18 -6.34
C TYR U 62 9.88 -66.70 -4.90
N ILE U 63 11.09 -66.22 -4.60
CA ILE U 63 11.42 -65.68 -3.29
C ILE U 63 11.74 -64.22 -3.55
N PHE U 64 11.08 -63.33 -2.82
CA PHE U 64 11.28 -61.89 -3.01
C PHE U 64 11.73 -61.18 -1.74
N CYS U 65 12.36 -60.01 -1.93
CA CYS U 65 12.81 -59.17 -0.82
C CYS U 65 11.87 -57.97 -0.74
N ILE U 66 10.79 -58.12 0.03
CA ILE U 66 9.82 -57.05 0.17
C ILE U 66 10.45 -55.81 0.78
N SER U 67 11.05 -55.97 1.95
CA SER U 67 11.70 -54.84 2.60
C SER U 67 12.98 -55.33 3.22
N ARG U 68 13.77 -54.40 3.76
CA ARG U 68 15.02 -54.76 4.39
C ARG U 68 14.79 -55.90 5.39
N THR U 69 13.60 -55.96 5.98
CA THR U 69 13.30 -57.00 6.95
C THR U 69 12.31 -58.10 6.51
N ILE U 70 11.35 -57.76 5.66
CA ILE U 70 10.37 -58.75 5.21
C ILE U 70 10.83 -59.54 4.00
N GLY U 71 10.57 -60.84 4.06
CA GLY U 71 10.91 -61.75 2.99
C GLY U 71 9.63 -62.48 2.62
N MET U 72 9.34 -62.60 1.34
CA MET U 72 8.13 -63.27 0.90
C MET U 72 8.38 -64.29 -0.21
N VAL U 73 7.86 -65.50 -0.01
CA VAL U 73 7.99 -66.57 -0.98
C VAL U 73 6.56 -66.80 -1.50
N VAL U 74 6.45 -67.11 -2.79
CA VAL U 74 5.14 -67.28 -3.41
C VAL U 74 4.92 -68.64 -4.03
N ASN U 75 3.73 -69.18 -3.86
CA ASN U 75 3.37 -70.45 -4.48
C ASN U 75 2.28 -70.10 -5.49
N GLY U 76 2.61 -70.16 -6.77
CA GLY U 76 1.64 -69.84 -7.79
C GLY U 76 2.34 -69.25 -9.01
N PRO U 77 1.59 -68.99 -10.09
CA PRO U 77 2.08 -68.42 -11.36
C PRO U 77 2.91 -67.17 -11.13
N ILE U 78 4.08 -67.09 -11.75
CA ILE U 78 4.94 -65.93 -11.53
C ILE U 78 4.29 -64.57 -11.74
N PRO U 79 3.54 -64.36 -12.85
CA PRO U 79 2.93 -63.02 -13.00
C PRO U 79 2.11 -62.54 -11.78
N ASP U 80 1.24 -63.40 -11.23
CA ASP U 80 0.48 -63.01 -10.05
C ASP U 80 1.43 -62.81 -8.88
N ALA U 81 2.45 -63.65 -8.77
CA ALA U 81 3.42 -63.54 -7.69
C ALA U 81 4.15 -62.20 -7.74
N ARG U 82 4.60 -61.79 -8.92
CA ARG U 82 5.29 -60.52 -9.08
C ARG U 82 4.35 -59.34 -8.80
N ASN U 83 3.10 -59.51 -9.20
CA ASN U 83 2.08 -58.49 -8.93
C ASN U 83 2.02 -58.33 -7.42
N ALA U 84 1.76 -59.43 -6.72
CA ALA U 84 1.68 -59.46 -5.25
C ALA U 84 2.93 -58.89 -4.60
N ALA U 85 4.09 -59.28 -5.10
CA ALA U 85 5.36 -58.80 -4.55
C ALA U 85 5.48 -57.27 -4.65
N LEU U 86 5.21 -56.73 -5.84
CA LEU U 86 5.29 -55.30 -6.07
C LEU U 86 4.43 -54.54 -5.09
N ARG U 87 3.16 -54.93 -5.03
CA ARG U 87 2.21 -54.31 -4.13
C ARG U 87 2.70 -54.36 -2.69
N ALA U 88 3.22 -55.53 -2.30
CA ALA U 88 3.73 -55.74 -0.95
C ALA U 88 4.90 -54.80 -0.65
N LYS U 89 5.79 -54.65 -1.62
CA LYS U 89 6.94 -53.76 -1.45
C LYS U 89 6.45 -52.32 -1.30
N ALA U 90 5.54 -51.92 -2.18
CA ALA U 90 4.96 -50.59 -2.13
C ALA U 90 4.32 -50.34 -0.78
N GLU U 91 3.49 -51.27 -0.35
CA GLU U 91 2.82 -51.15 0.94
C GLU U 91 3.85 -51.00 2.05
N ALA U 92 4.89 -51.82 2.03
CA ALA U 92 5.91 -51.76 3.07
C ALA U 92 6.61 -50.40 3.14
N ALA U 93 6.94 -49.84 1.99
CA ALA U 93 7.62 -48.55 1.95
C ALA U 93 6.72 -47.45 2.50
N GLU U 94 5.51 -47.35 1.96
CA GLU U 94 4.56 -46.36 2.39
C GLU U 94 4.35 -46.40 3.91
N PHE U 95 4.10 -47.59 4.44
CA PHE U 95 3.88 -47.76 5.88
C PHE U 95 5.02 -47.14 6.69
N ARG U 96 6.24 -47.36 6.26
CA ARG U 96 7.38 -46.79 6.97
C ARG U 96 7.26 -45.27 6.96
N TYR U 97 7.03 -44.73 5.76
CA TYR U 97 6.90 -43.30 5.54
C TYR U 97 5.84 -42.63 6.40
N LYS U 98 4.65 -43.23 6.42
CA LYS U 98 3.53 -42.71 7.18
C LYS U 98 3.60 -42.92 8.68
N TYR U 99 4.20 -44.01 9.14
CA TYR U 99 4.24 -44.28 10.57
C TYR U 99 5.56 -44.23 11.30
N GLY U 100 6.65 -44.07 10.56
CA GLY U 100 7.96 -43.96 11.18
C GLY U 100 8.69 -45.21 11.64
N TYR U 101 8.23 -46.38 11.22
CA TYR U 101 8.90 -47.61 11.60
C TYR U 101 8.52 -48.71 10.62
N ASP U 102 9.38 -49.71 10.54
CA ASP U 102 9.20 -50.82 9.62
C ASP U 102 7.94 -51.62 9.83
N MET U 103 7.20 -51.82 8.74
CA MET U 103 5.97 -52.58 8.79
C MET U 103 6.24 -53.99 9.28
N PRO U 104 5.53 -54.43 10.32
CA PRO U 104 5.72 -55.77 10.86
C PRO U 104 5.23 -56.81 9.87
N CYS U 105 5.89 -57.95 9.88
CA CYS U 105 5.55 -59.05 8.99
C CYS U 105 4.06 -59.40 9.03
N ASP U 106 3.55 -59.59 10.24
CA ASP U 106 2.14 -59.93 10.41
C ASP U 106 1.22 -58.86 9.86
N VAL U 107 1.62 -57.60 10.00
CA VAL U 107 0.81 -56.49 9.53
C VAL U 107 0.76 -56.48 8.00
N LEU U 108 1.92 -56.60 7.36
CA LEU U 108 1.98 -56.64 5.91
C LEU U 108 1.13 -57.82 5.43
N ALA U 109 1.15 -58.91 6.18
CA ALA U 109 0.36 -60.08 5.83
C ALA U 109 -1.11 -59.71 5.89
N LYS U 110 -1.53 -59.15 7.02
CA LYS U 110 -2.93 -58.77 7.21
C LYS U 110 -3.38 -57.85 6.09
N ARG U 111 -2.52 -56.88 5.80
CA ARG U 111 -2.81 -55.92 4.76
C ARG U 111 -3.05 -56.58 3.40
N MET U 112 -2.18 -57.54 3.07
CA MET U 112 -2.29 -58.25 1.81
C MET U 112 -3.51 -59.16 1.86
N ALA U 113 -3.75 -59.76 3.01
CA ALA U 113 -4.90 -60.65 3.18
C ALA U 113 -6.16 -59.84 2.91
N ASN U 114 -6.22 -58.64 3.48
CA ASN U 114 -7.37 -57.76 3.31
C ASN U 114 -7.58 -57.41 1.84
N LEU U 115 -6.50 -57.06 1.15
CA LEU U 115 -6.59 -56.74 -0.27
C LEU U 115 -7.19 -57.92 -1.03
N SER U 116 -6.77 -59.13 -0.68
CA SER U 116 -7.28 -60.33 -1.33
C SER U 116 -8.74 -60.54 -0.99
N GLN U 117 -9.08 -60.27 0.26
CA GLN U 117 -10.47 -60.43 0.70
C GLN U 117 -11.35 -59.58 -0.21
N ILE U 118 -10.87 -58.40 -0.61
CA ILE U 118 -11.63 -57.52 -1.49
C ILE U 118 -11.98 -58.21 -2.82
N TYR U 119 -11.00 -58.84 -3.46
CA TYR U 119 -11.25 -59.50 -4.74
C TYR U 119 -12.32 -60.60 -4.58
N THR U 120 -12.45 -61.04 -3.33
CA THR U 120 -13.39 -62.06 -2.90
C THR U 120 -14.84 -61.54 -2.90
N GLN U 121 -14.99 -60.24 -2.60
CA GLN U 121 -16.30 -59.59 -2.52
C GLN U 121 -16.69 -58.77 -3.75
N ARG U 122 -15.75 -58.01 -4.31
CA ARG U 122 -16.02 -57.20 -5.49
C ARG U 122 -15.94 -58.10 -6.71
N ALA U 123 -16.94 -57.98 -7.58
CA ALA U 123 -17.04 -58.81 -8.78
C ALA U 123 -16.13 -58.49 -9.97
N TYR U 124 -15.53 -57.30 -10.02
CA TYR U 124 -14.67 -57.00 -11.16
C TYR U 124 -13.22 -57.41 -10.96
N MET U 125 -12.83 -57.59 -9.69
CA MET U 125 -11.48 -58.01 -9.34
C MET U 125 -11.43 -59.54 -9.16
N ARG U 126 -10.50 -60.20 -9.85
CA ARG U 126 -10.35 -61.66 -9.73
C ARG U 126 -9.31 -61.91 -8.65
N PRO U 127 -9.39 -63.05 -7.96
CA PRO U 127 -8.40 -63.29 -6.92
C PRO U 127 -7.04 -63.56 -7.58
N LEU U 128 -5.97 -63.49 -6.80
CA LEU U 128 -4.65 -63.78 -7.37
C LEU U 128 -4.39 -65.24 -7.03
N GLY U 129 -3.97 -66.02 -8.03
CA GLY U 129 -3.72 -67.43 -7.80
C GLY U 129 -2.42 -67.71 -7.09
N VAL U 130 -2.24 -67.11 -5.91
CA VAL U 130 -1.01 -67.32 -5.18
C VAL U 130 -1.26 -67.47 -3.70
N ILE U 131 -0.22 -67.96 -3.02
CA ILE U 131 -0.25 -68.13 -1.59
C ILE U 131 1.07 -67.50 -1.14
N LEU U 132 0.96 -66.46 -0.31
CA LEU U 132 2.13 -65.74 0.14
C LEU U 132 2.56 -66.07 1.56
N THR U 133 3.82 -66.46 1.69
CA THR U 133 4.41 -66.80 2.98
C THR U 133 5.40 -65.69 3.30
N PHE U 134 5.09 -64.90 4.32
CA PHE U 134 5.97 -63.80 4.71
C PHE U 134 6.79 -64.22 5.92
N VAL U 135 8.04 -63.76 5.96
CA VAL U 135 8.90 -64.07 7.08
C VAL U 135 9.85 -62.93 7.41
N SER U 136 10.35 -62.96 8.63
CA SER U 136 11.27 -61.95 9.12
C SER U 136 11.48 -62.26 10.58
N VAL U 137 12.31 -61.44 11.22
CA VAL U 137 12.56 -61.58 12.64
C VAL U 137 12.01 -60.28 13.23
N ASP U 138 10.68 -60.22 13.32
CA ASP U 138 10.01 -59.03 13.84
C ASP U 138 10.68 -58.48 15.08
N GLU U 139 10.70 -57.15 15.21
CA GLU U 139 11.33 -56.51 16.36
C GLU U 139 10.51 -56.60 17.63
N GLU U 140 9.34 -57.21 17.54
CA GLU U 140 8.50 -57.37 18.72
C GLU U 140 8.09 -58.82 18.91
N LEU U 141 7.93 -59.53 17.81
CA LEU U 141 7.52 -60.93 17.85
C LEU U 141 8.64 -61.92 17.59
N GLY U 142 9.77 -61.44 17.09
CA GLY U 142 10.88 -62.33 16.78
C GLY U 142 10.61 -63.08 15.50
N PRO U 143 11.33 -64.18 15.23
CA PRO U 143 11.12 -64.95 14.01
C PRO U 143 9.64 -65.10 13.72
N SER U 144 9.22 -64.69 12.53
CA SER U 144 7.80 -64.76 12.20
C SER U 144 7.45 -65.33 10.83
N ILE U 145 6.42 -66.15 10.81
CA ILE U 145 5.95 -66.75 9.58
C ILE U 145 4.45 -66.48 9.47
N TYR U 146 4.05 -65.71 8.45
CA TYR U 146 2.65 -65.39 8.23
C TYR U 146 2.33 -65.64 6.76
N LYS U 147 1.28 -66.41 6.50
CA LYS U 147 0.89 -66.75 5.13
C LYS U 147 -0.56 -66.45 4.84
N THR U 148 -0.81 -66.00 3.62
CA THR U 148 -2.16 -65.65 3.19
C THR U 148 -2.50 -66.44 1.94
N ASP U 149 -3.79 -66.52 1.62
CA ASP U 149 -4.26 -67.24 0.45
C ASP U 149 -5.23 -66.40 -0.38
N PRO U 150 -5.74 -66.95 -1.49
CA PRO U 150 -6.70 -66.22 -2.34
C PRO U 150 -8.06 -65.98 -1.70
N ALA U 151 -8.25 -66.57 -0.53
CA ALA U 151 -9.51 -66.43 0.20
C ALA U 151 -9.48 -65.21 1.10
N GLY U 152 -8.28 -64.69 1.32
CA GLY U 152 -8.14 -63.52 2.17
C GLY U 152 -7.80 -63.92 3.59
N TYR U 153 -7.66 -65.22 3.80
CA TYR U 153 -7.35 -65.75 5.11
C TYR U 153 -5.85 -65.62 5.39
N TYR U 154 -5.49 -65.54 6.67
CA TYR U 154 -4.08 -65.45 7.03
C TYR U 154 -3.88 -65.81 8.49
N VAL U 155 -2.68 -66.27 8.84
CA VAL U 155 -2.38 -66.64 10.21
C VAL U 155 -0.88 -66.85 10.33
N GLY U 156 -0.40 -66.90 11.58
CA GLY U 156 1.02 -67.12 11.82
C GLY U 156 1.27 -68.60 12.08
N TYR U 157 2.50 -69.05 11.86
CA TYR U 157 2.86 -70.44 12.06
C TYR U 157 4.19 -70.61 12.80
N LYS U 158 4.41 -71.81 13.35
CA LYS U 158 5.65 -72.14 14.04
C LYS U 158 6.59 -72.55 12.89
N ALA U 159 5.95 -73.08 11.85
CA ALA U 159 6.59 -73.53 10.61
C ALA U 159 5.41 -73.91 9.71
N THR U 160 5.61 -73.91 8.40
CA THR U 160 4.55 -74.26 7.46
C THR U 160 5.12 -74.66 6.11
N ALA U 161 4.30 -75.31 5.30
CA ALA U 161 4.71 -75.73 3.97
C ALA U 161 3.58 -75.48 3.01
N THR U 162 3.91 -75.27 1.74
CA THR U 162 2.93 -74.99 0.69
C THR U 162 3.36 -75.65 -0.61
N GLY U 163 2.39 -76.11 -1.39
CA GLY U 163 2.69 -76.74 -2.66
C GLY U 163 1.94 -78.06 -2.84
N PRO U 164 2.16 -78.76 -3.96
CA PRO U 164 1.48 -80.04 -4.23
C PRO U 164 1.65 -81.04 -3.11
N LYS U 165 2.90 -81.24 -2.70
CA LYS U 165 3.19 -82.21 -1.63
C LYS U 165 3.32 -81.52 -0.28
N GLN U 166 2.48 -80.51 -0.09
CA GLN U 166 2.43 -79.75 1.14
C GLN U 166 2.11 -80.62 2.34
N GLN U 167 1.14 -81.52 2.17
CA GLN U 167 0.72 -82.39 3.25
C GLN U 167 1.87 -83.22 3.85
N GLU U 168 2.71 -83.81 2.99
CA GLU U 168 3.82 -84.61 3.51
C GLU U 168 4.78 -83.70 4.28
N ILE U 169 5.15 -82.58 3.68
CA ILE U 169 6.08 -81.64 4.31
C ILE U 169 5.55 -81.27 5.69
N THR U 170 4.25 -80.99 5.76
CA THR U 170 3.61 -80.59 7.01
C THR U 170 3.66 -81.68 8.09
N THR U 171 3.12 -82.85 7.77
CA THR U 171 3.13 -83.95 8.74
C THR U 171 4.55 -84.26 9.17
N ASN U 172 5.50 -84.11 8.26
CA ASN U 172 6.90 -84.35 8.58
C ASN U 172 7.28 -83.39 9.71
N LEU U 173 7.08 -82.10 9.46
CA LEU U 173 7.38 -81.07 10.44
C LEU U 173 6.57 -81.28 11.71
N GLU U 174 5.27 -81.54 11.55
CA GLU U 174 4.38 -81.77 12.68
C GLU U 174 5.01 -82.75 13.64
N ASN U 175 5.44 -83.88 13.09
CA ASN U 175 6.06 -84.94 13.85
C ASN U 175 7.31 -84.48 14.57
N HIS U 176 8.22 -83.88 13.83
CA HIS U 176 9.45 -83.42 14.46
C HIS U 176 9.19 -82.53 15.67
N PHE U 177 8.14 -81.73 15.64
CA PHE U 177 7.86 -80.87 16.77
C PHE U 177 7.19 -81.58 17.93
N LYS U 178 6.31 -82.55 17.64
CA LYS U 178 5.65 -83.31 18.70
C LYS U 178 6.76 -83.94 19.51
N LYS U 179 7.86 -84.19 18.82
CA LYS U 179 9.06 -84.82 19.37
C LYS U 179 9.89 -83.83 20.20
N SER U 180 10.39 -82.78 19.55
CA SER U 180 11.21 -81.76 20.21
C SER U 180 10.51 -81.02 21.34
N LYS U 181 9.17 -80.97 21.28
CA LYS U 181 8.39 -80.30 22.31
C LYS U 181 8.62 -78.78 22.40
N ILE U 182 9.03 -78.19 21.28
CA ILE U 182 9.25 -76.75 21.20
C ILE U 182 8.66 -76.31 19.87
N ASP U 183 8.52 -75.00 19.71
CA ASP U 183 7.92 -74.44 18.49
C ASP U 183 8.95 -73.79 17.55
N HIS U 184 10.16 -74.34 17.52
CA HIS U 184 11.21 -73.78 16.66
C HIS U 184 12.45 -74.68 16.61
N ILE U 185 13.37 -74.38 15.70
CA ILE U 185 14.60 -75.16 15.59
C ILE U 185 15.59 -74.56 16.57
N ASN U 186 15.79 -75.22 17.70
CA ASN U 186 16.71 -74.70 18.72
C ASN U 186 18.15 -74.64 18.21
N GLU U 187 18.43 -73.70 17.33
CA GLU U 187 19.78 -73.54 16.78
C GLU U 187 20.21 -72.07 16.91
N GLU U 188 21.51 -71.82 17.03
CA GLU U 188 21.99 -70.45 17.17
C GLU U 188 22.36 -69.86 15.83
N SER U 189 22.73 -70.71 14.89
CA SER U 189 23.12 -70.24 13.57
C SER U 189 22.04 -70.56 12.55
N TRP U 190 21.85 -69.65 11.60
CA TRP U 190 20.85 -69.87 10.57
C TRP U 190 21.33 -70.92 9.58
N GLU U 191 22.65 -71.08 9.47
CA GLU U 191 23.24 -72.06 8.56
C GLU U 191 22.69 -73.45 8.91
N LYS U 192 22.61 -73.73 10.20
CA LYS U 192 22.11 -75.01 10.67
C LYS U 192 20.59 -75.07 10.49
N VAL U 193 19.90 -73.96 10.77
CA VAL U 193 18.45 -73.92 10.60
C VAL U 193 18.15 -74.18 9.13
N VAL U 194 18.97 -73.62 8.25
CA VAL U 194 18.79 -73.82 6.83
C VAL U 194 19.00 -75.29 6.52
N GLU U 195 20.05 -75.87 7.11
CA GLU U 195 20.37 -77.30 6.89
C GLU U 195 19.20 -78.18 7.35
N PHE U 196 18.61 -77.82 8.48
CA PHE U 196 17.47 -78.57 8.99
C PHE U 196 16.32 -78.47 8.00
N ALA U 197 16.05 -77.25 7.55
CA ALA U 197 14.98 -77.00 6.59
C ALA U 197 15.19 -77.90 5.37
N ILE U 198 16.38 -77.83 4.78
CA ILE U 198 16.68 -78.64 3.60
C ILE U 198 16.61 -80.14 3.90
N THR U 199 17.01 -80.53 5.11
CA THR U 199 16.98 -81.93 5.46
C THR U 199 15.55 -82.43 5.51
N HIS U 200 14.76 -81.90 6.42
CA HIS U 200 13.38 -82.34 6.53
C HIS U 200 12.62 -82.19 5.22
N MET U 201 13.09 -81.30 4.35
CA MET U 201 12.46 -81.13 3.05
C MET U 201 12.66 -82.40 2.24
N ILE U 202 13.90 -82.89 2.25
CA ILE U 202 14.28 -84.10 1.52
C ILE U 202 13.53 -85.35 2.01
N ASP U 203 13.46 -85.53 3.33
CA ASP U 203 12.78 -86.68 3.91
C ASP U 203 11.32 -86.71 3.51
N ALA U 204 10.68 -85.55 3.55
CA ALA U 204 9.28 -85.45 3.21
C ALA U 204 9.00 -85.67 1.73
N LEU U 205 9.83 -85.09 0.87
CA LEU U 205 9.63 -85.25 -0.56
C LEU U 205 10.31 -86.51 -1.06
N GLY U 206 11.21 -87.06 -0.24
CA GLY U 206 11.93 -88.26 -0.63
C GLY U 206 12.80 -88.00 -1.85
N THR U 207 13.45 -86.83 -1.88
CA THR U 207 14.31 -86.49 -3.01
C THR U 207 15.61 -85.85 -2.59
N GLU U 208 16.64 -86.09 -3.42
CA GLU U 208 17.97 -85.57 -3.23
C GLU U 208 17.98 -84.20 -3.94
N PHE U 209 18.79 -83.26 -3.44
CA PHE U 209 18.85 -81.93 -4.05
C PHE U 209 20.26 -81.51 -4.43
N SER U 210 20.40 -80.93 -5.62
CA SER U 210 21.71 -80.43 -6.04
C SER U 210 21.70 -78.98 -5.54
N LYS U 211 22.67 -78.16 -5.93
CA LYS U 211 22.70 -76.78 -5.47
C LYS U 211 21.85 -75.89 -6.37
N ASN U 212 21.23 -76.48 -7.41
CA ASN U 212 20.38 -75.71 -8.32
C ASN U 212 18.95 -76.20 -8.30
N ASP U 213 18.60 -76.96 -7.27
CA ASP U 213 17.25 -77.50 -7.13
C ASP U 213 16.49 -76.72 -6.06
N LEU U 214 17.23 -75.98 -5.25
CA LEU U 214 16.65 -75.20 -4.17
C LEU U 214 16.83 -73.70 -4.35
N GLU U 215 16.15 -72.97 -3.47
CA GLU U 215 16.18 -71.53 -3.42
C GLU U 215 16.02 -71.30 -1.93
N VAL U 216 16.89 -70.52 -1.34
CA VAL U 216 16.79 -70.28 0.10
C VAL U 216 16.82 -68.80 0.47
N GLY U 217 16.00 -68.45 1.46
CA GLY U 217 15.94 -67.07 1.93
C GLY U 217 16.09 -67.12 3.44
N VAL U 218 16.77 -66.14 4.00
CA VAL U 218 16.96 -66.12 5.45
C VAL U 218 16.68 -64.77 6.06
N ALA U 219 15.91 -64.77 7.13
CA ALA U 219 15.56 -63.56 7.83
C ALA U 219 16.25 -63.53 9.19
N THR U 220 16.86 -62.39 9.50
CA THR U 220 17.57 -62.20 10.76
C THR U 220 17.28 -60.81 11.27
N LYS U 221 17.76 -60.53 12.49
CA LYS U 221 17.57 -59.21 13.09
C LYS U 221 18.05 -58.17 12.09
N ASP U 222 17.12 -57.33 11.66
CA ASP U 222 17.42 -56.25 10.73
C ASP U 222 17.79 -56.62 9.28
N LYS U 223 17.61 -57.88 8.89
CA LYS U 223 17.90 -58.21 7.50
C LYS U 223 17.32 -59.51 6.95
N PHE U 224 17.01 -59.48 5.67
CA PHE U 224 16.50 -60.65 4.94
C PHE U 224 17.25 -60.75 3.62
N PHE U 225 17.94 -61.87 3.42
CA PHE U 225 18.74 -62.11 2.23
C PHE U 225 18.54 -63.53 1.71
N THR U 226 18.82 -63.75 0.43
CA THR U 226 18.67 -65.06 -0.17
C THR U 226 20.07 -65.62 -0.41
N LEU U 227 20.23 -66.94 -0.27
CA LEU U 227 21.53 -67.59 -0.46
C LEU U 227 21.82 -67.81 -1.94
N SER U 228 23.10 -67.97 -2.26
CA SER U 228 23.53 -68.19 -3.65
C SER U 228 23.75 -69.68 -3.89
N ALA U 229 23.84 -70.06 -5.16
CA ALA U 229 24.05 -71.46 -5.51
C ALA U 229 25.19 -72.00 -4.65
N GLU U 230 26.22 -71.18 -4.48
CA GLU U 230 27.37 -71.59 -3.69
C GLU U 230 27.11 -71.63 -2.19
N ASN U 231 26.29 -70.70 -1.70
CA ASN U 231 25.97 -70.66 -0.28
C ASN U 231 25.11 -71.88 0.01
N ILE U 232 24.40 -72.34 -1.00
CA ILE U 232 23.53 -73.51 -0.89
C ILE U 232 24.42 -74.74 -0.86
N GLU U 233 25.29 -74.85 -1.86
CA GLU U 233 26.21 -75.98 -1.98
C GLU U 233 26.86 -76.26 -0.63
N GLU U 234 27.27 -75.19 0.04
CA GLU U 234 27.92 -75.30 1.34
C GLU U 234 26.99 -76.03 2.30
N ARG U 235 25.72 -75.64 2.29
CA ARG U 235 24.69 -76.26 3.13
C ARG U 235 24.57 -77.76 2.79
N LEU U 236 24.38 -78.05 1.50
CA LEU U 236 24.24 -79.41 0.99
C LEU U 236 25.42 -80.29 1.37
N VAL U 237 26.61 -79.73 1.32
CA VAL U 237 27.81 -80.46 1.67
C VAL U 237 27.78 -80.85 3.15
N ALA U 238 27.47 -79.88 4.00
CA ALA U 238 27.42 -80.14 5.43
C ALA U 238 26.43 -81.24 5.81
N ILE U 239 25.19 -81.15 5.32
CA ILE U 239 24.22 -82.20 5.67
C ILE U 239 24.79 -83.54 5.25
N ALA U 240 25.36 -83.58 4.05
CA ALA U 240 25.95 -84.81 3.52
C ALA U 240 26.80 -85.51 4.57
N GLU U 241 27.80 -84.81 5.11
CA GLU U 241 28.68 -85.36 6.12
C GLU U 241 27.92 -85.53 7.42
N GLN U 242 26.93 -86.41 7.40
CA GLN U 242 26.09 -86.65 8.58
C GLN U 242 25.22 -87.86 8.29
N ASP U 243 24.95 -88.09 7.00
CA ASP U 243 24.14 -89.22 6.53
C ASP U 243 25.09 -90.34 6.05
N THR V 1 1.41 -19.32 27.59
CA THR V 1 1.52 -20.75 28.06
C THR V 1 2.98 -21.17 28.28
N THR V 2 3.18 -22.13 29.17
CA THR V 2 4.52 -22.65 29.45
C THR V 2 4.48 -24.17 29.58
N ILE V 3 4.97 -24.87 28.56
CA ILE V 3 5.01 -26.33 28.58
C ILE V 3 6.47 -26.75 28.46
N VAL V 4 6.83 -27.82 29.15
CA VAL V 4 8.20 -28.34 29.12
C VAL V 4 8.23 -29.86 29.16
N GLY V 5 9.30 -30.43 28.60
CA GLY V 5 9.47 -31.86 28.60
C GLY V 5 10.86 -32.15 29.11
N VAL V 6 11.00 -33.16 29.96
CA VAL V 6 12.30 -33.51 30.52
C VAL V 6 12.46 -35.02 30.58
N LYS V 7 13.55 -35.52 30.00
CA LYS V 7 13.83 -36.94 30.01
C LYS V 7 14.61 -37.26 31.28
N PHE V 8 14.39 -38.45 31.83
CA PHE V 8 15.11 -38.88 33.02
C PHE V 8 15.52 -40.34 32.83
N ASN V 9 16.55 -40.78 33.56
CA ASN V 9 17.09 -42.15 33.45
C ASN V 9 16.17 -43.28 32.97
N ASN V 10 14.88 -43.24 33.33
CA ASN V 10 14.01 -44.33 32.88
C ASN V 10 12.63 -43.90 32.39
N GLY V 11 12.58 -42.81 31.64
CA GLY V 11 11.31 -42.33 31.13
C GLY V 11 11.33 -40.85 30.77
N VAL V 12 10.14 -40.26 30.72
CA VAL V 12 10.01 -38.87 30.35
C VAL V 12 8.86 -38.21 31.10
N VAL V 13 8.98 -36.91 31.35
CA VAL V 13 7.96 -36.16 32.05
C VAL V 13 7.67 -34.84 31.36
N ILE V 14 6.39 -34.46 31.30
CA ILE V 14 6.02 -33.20 30.70
C ILE V 14 5.13 -32.47 31.68
N ALA V 15 5.25 -31.15 31.69
CA ALA V 15 4.46 -30.32 32.59
C ALA V 15 4.09 -29.03 31.88
N ALA V 16 2.99 -28.41 32.31
CA ALA V 16 2.53 -27.16 31.73
C ALA V 16 1.79 -26.33 32.78
N ASP V 17 1.59 -25.04 32.50
CA ASP V 17 0.89 -24.17 33.44
C ASP V 17 -0.61 -24.35 33.19
N THR V 18 -1.45 -23.59 33.89
CA THR V 18 -2.89 -23.74 33.72
C THR V 18 -3.64 -22.51 33.24
N ARG V 19 -2.92 -21.43 32.97
CA ARG V 19 -3.55 -20.18 32.53
C ARG V 19 -3.92 -20.21 31.03
N SER V 20 -5.16 -19.85 30.75
CA SER V 20 -5.70 -19.80 29.39
C SER V 20 -6.16 -18.36 29.16
N THR V 21 -5.59 -17.67 28.18
CA THR V 21 -5.95 -16.26 27.97
C THR V 21 -6.43 -15.80 26.60
N GLN V 22 -7.37 -14.86 26.62
CA GLN V 22 -7.91 -14.24 25.41
C GLN V 22 -7.36 -12.82 25.47
N GLY V 23 -6.40 -12.52 24.61
CA GLY V 23 -5.82 -11.18 24.67
C GLY V 23 -5.24 -11.04 26.06
N PRO V 24 -5.49 -9.93 26.77
CA PRO V 24 -4.91 -9.81 28.11
C PRO V 24 -5.82 -10.31 29.21
N ILE V 25 -6.91 -10.96 28.83
CA ILE V 25 -7.88 -11.45 29.80
C ILE V 25 -7.78 -12.95 30.06
N VAL V 26 -7.74 -13.33 31.34
CA VAL V 26 -7.67 -14.73 31.70
C VAL V 26 -9.06 -15.35 31.56
N ALA V 27 -9.23 -16.22 30.57
CA ALA V 27 -10.52 -16.88 30.34
C ALA V 27 -10.71 -18.10 31.24
N ASP V 28 -9.62 -18.84 31.48
CA ASP V 28 -9.68 -20.02 32.34
C ASP V 28 -8.43 -20.02 33.21
N LYS V 29 -8.63 -19.90 34.52
CA LYS V 29 -7.54 -19.87 35.47
C LYS V 29 -6.91 -21.23 35.72
N ASN V 30 -7.63 -22.29 35.37
CA ASN V 30 -7.11 -23.64 35.56
C ASN V 30 -7.60 -24.60 34.49
N CYS V 31 -7.04 -24.50 33.29
CA CYS V 31 -7.43 -25.40 32.23
C CYS V 31 -6.24 -26.30 32.03
N ALA V 32 -6.49 -27.56 31.67
CA ALA V 32 -5.40 -28.50 31.48
C ALA V 32 -4.92 -28.51 30.03
N LYS V 33 -3.61 -28.32 29.86
CA LYS V 33 -3.01 -28.29 28.53
C LYS V 33 -2.34 -29.62 28.19
N LEU V 34 -2.37 -30.54 29.15
CA LEU V 34 -1.78 -31.87 28.97
C LEU V 34 -2.82 -32.80 28.38
N HIS V 35 -2.54 -33.27 27.16
CA HIS V 35 -3.45 -34.16 26.45
C HIS V 35 -2.88 -35.56 26.32
N ARG V 36 -3.76 -36.50 26.03
CA ARG V 36 -3.35 -37.87 25.88
C ARG V 36 -3.48 -38.23 24.39
N ILE V 37 -2.44 -38.80 23.80
CA ILE V 37 -2.51 -39.21 22.40
C ILE V 37 -2.96 -40.67 22.48
N SER V 38 -2.45 -41.35 23.51
CA SER V 38 -2.77 -42.74 23.80
C SER V 38 -2.38 -42.85 25.28
N PRO V 39 -2.70 -43.97 25.94
CA PRO V 39 -2.36 -44.13 27.35
C PRO V 39 -0.97 -43.71 27.77
N LYS V 40 0.03 -44.05 26.96
CA LYS V 40 1.40 -43.70 27.35
C LYS V 40 2.14 -42.67 26.50
N ILE V 41 1.40 -41.97 25.65
CA ILE V 41 1.99 -40.91 24.84
C ILE V 41 1.17 -39.67 25.18
N TRP V 42 1.79 -38.73 25.88
CA TRP V 42 1.08 -37.51 26.27
C TRP V 42 1.49 -36.27 25.52
N CYS V 43 0.63 -35.26 25.60
CA CYS V 43 0.84 -34.03 24.88
C CYS V 43 0.69 -32.73 25.64
N ALA V 44 1.43 -31.74 25.18
CA ALA V 44 1.38 -30.39 25.73
C ALA V 44 1.29 -29.47 24.51
N GLY V 45 0.28 -28.61 24.50
CA GLY V 45 0.12 -27.72 23.37
C GLY V 45 0.19 -26.24 23.68
N ALA V 46 0.60 -25.47 22.67
CA ALA V 46 0.72 -24.02 22.78
C ALA V 46 0.26 -23.44 21.43
N GLY V 47 -0.21 -22.19 21.44
CA GLY V 47 -0.67 -21.58 20.20
C GLY V 47 -2.18 -21.61 20.13
N THR V 48 -2.76 -21.62 18.93
CA THR V 48 -4.22 -21.65 18.79
C THR V 48 -4.80 -22.86 19.53
N ALA V 49 -5.57 -22.60 20.57
CA ALA V 49 -6.17 -23.66 21.39
C ALA V 49 -7.02 -24.68 20.64
N ALA V 50 -7.97 -24.20 19.85
CA ALA V 50 -8.82 -25.10 19.09
C ALA V 50 -7.96 -26.04 18.27
N ASP V 51 -6.79 -25.54 17.84
CA ASP V 51 -5.89 -26.33 17.02
C ASP V 51 -5.11 -27.39 17.78
N THR V 52 -4.41 -27.02 18.84
CA THR V 52 -3.67 -28.02 19.59
C THR V 52 -4.64 -29.12 20.06
N GLU V 53 -5.87 -28.73 20.35
CA GLU V 53 -6.88 -29.68 20.78
C GLU V 53 -7.28 -30.60 19.62
N ALA V 54 -7.77 -29.99 18.55
CA ALA V 54 -8.21 -30.72 17.37
C ALA V 54 -7.16 -31.69 16.85
N VAL V 55 -6.00 -31.16 16.52
CA VAL V 55 -4.93 -31.98 15.98
C VAL V 55 -4.49 -33.06 16.97
N THR V 56 -4.49 -32.74 18.26
CA THR V 56 -4.09 -33.70 19.28
C THR V 56 -5.00 -34.93 19.29
N GLN V 57 -6.30 -34.70 19.18
CA GLN V 57 -7.27 -35.77 19.17
C GLN V 57 -7.37 -36.53 17.86
N LEU V 58 -7.25 -35.82 16.74
CA LEU V 58 -7.33 -36.48 15.44
C LEU V 58 -6.25 -37.56 15.38
N ILE V 59 -5.00 -37.16 15.57
CA ILE V 59 -3.91 -38.12 15.56
C ILE V 59 -4.19 -39.14 16.65
N GLY V 60 -4.67 -38.66 17.80
CA GLY V 60 -4.98 -39.56 18.90
C GLY V 60 -5.93 -40.65 18.46
N SER V 61 -6.96 -40.27 17.70
CA SER V 61 -7.94 -41.22 17.20
C SER V 61 -7.29 -42.19 16.23
N ASN V 62 -6.59 -41.65 15.25
CA ASN V 62 -5.93 -42.51 14.27
C ASN V 62 -4.95 -43.46 14.91
N ILE V 63 -4.16 -42.97 15.86
CA ILE V 63 -3.21 -43.82 16.56
C ILE V 63 -3.94 -45.01 17.18
N GLU V 64 -5.01 -44.72 17.93
CA GLU V 64 -5.78 -45.80 18.56
C GLU V 64 -6.26 -46.79 17.50
N LEU V 65 -6.72 -46.29 16.36
CA LEU V 65 -7.17 -47.18 15.31
C LEU V 65 -5.97 -47.99 14.81
N HIS V 66 -4.86 -47.32 14.54
CA HIS V 66 -3.65 -47.97 14.04
C HIS V 66 -3.19 -49.06 15.01
N SER V 67 -3.20 -48.74 16.31
CA SER V 67 -2.81 -49.69 17.34
C SER V 67 -3.67 -50.95 17.25
N LEU V 68 -4.98 -50.77 17.18
CA LEU V 68 -5.91 -51.90 17.07
C LEU V 68 -5.59 -52.72 15.83
N TYR V 69 -5.37 -52.05 14.71
CA TYR V 69 -5.07 -52.73 13.46
C TYR V 69 -3.77 -53.52 13.49
N THR V 70 -2.72 -52.95 14.09
CA THR V 70 -1.43 -53.62 14.17
C THR V 70 -1.24 -54.43 15.43
N SER V 71 -2.23 -54.43 16.31
CA SER V 71 -2.15 -55.19 17.54
C SER V 71 -0.87 -54.89 18.31
N ARG V 72 -0.39 -53.65 18.19
CA ARG V 72 0.82 -53.20 18.87
C ARG V 72 0.61 -51.87 19.61
N GLU V 73 1.44 -51.63 20.62
CA GLU V 73 1.37 -50.40 21.39
C GLU V 73 1.73 -49.24 20.47
N PRO V 74 1.02 -48.10 20.61
CA PRO V 74 1.30 -46.92 19.78
C PRO V 74 2.73 -46.49 20.01
N ARG V 75 3.43 -46.12 18.94
CA ARG V 75 4.80 -45.64 19.08
C ARG V 75 4.84 -44.12 18.96
N VAL V 76 5.59 -43.49 19.86
CA VAL V 76 5.69 -42.04 19.82
C VAL V 76 6.01 -41.57 18.39
N VAL V 77 7.02 -42.16 17.77
CA VAL V 77 7.40 -41.76 16.41
C VAL V 77 6.22 -41.82 15.44
N SER V 78 5.20 -42.61 15.74
CA SER V 78 4.06 -42.67 14.85
C SER V 78 3.23 -41.39 15.02
N ALA V 79 2.94 -41.04 16.27
CA ALA V 79 2.19 -39.83 16.53
C ALA V 79 2.95 -38.64 15.99
N LEU V 80 4.29 -38.72 16.05
CA LEU V 80 5.15 -37.63 15.58
C LEU V 80 5.16 -37.51 14.07
N GLN V 81 5.13 -38.63 13.39
CA GLN V 81 5.14 -38.62 11.94
C GLN V 81 3.76 -38.19 11.47
N MET V 82 2.74 -38.68 12.15
CA MET V 82 1.35 -38.37 11.82
C MET V 82 1.04 -36.90 12.06
N LEU V 83 1.52 -36.38 13.18
CA LEU V 83 1.30 -34.97 13.51
C LEU V 83 1.96 -34.06 12.49
N LYS V 84 3.27 -34.19 12.34
CA LYS V 84 4.01 -33.32 11.42
C LYS V 84 3.56 -33.35 9.97
N GLN V 85 3.25 -34.52 9.43
CA GLN V 85 2.84 -34.57 8.04
C GLN V 85 1.50 -33.85 7.89
N HIS V 86 0.69 -33.91 8.94
CA HIS V 86 -0.61 -33.25 8.92
C HIS V 86 -0.41 -31.72 8.98
N LEU V 87 0.37 -31.29 9.97
CA LEU V 87 0.64 -29.87 10.14
C LEU V 87 1.33 -29.28 8.92
N PHE V 88 2.30 -30.01 8.38
CA PHE V 88 3.02 -29.53 7.22
C PHE V 88 2.05 -29.31 6.06
N LYS V 89 1.15 -30.25 5.91
CA LYS V 89 0.17 -30.17 4.84
C LYS V 89 -0.53 -28.83 4.88
N TYR V 90 -0.90 -28.39 6.08
CA TYR V 90 -1.61 -27.12 6.25
C TYR V 90 -0.74 -25.89 6.33
N GLN V 91 0.46 -25.99 5.79
CA GLN V 91 1.40 -24.88 5.78
C GLN V 91 1.32 -23.90 6.96
N GLY V 92 1.28 -24.43 8.18
CA GLY V 92 1.22 -23.56 9.36
C GLY V 92 -0.08 -22.86 9.71
N HIS V 93 -1.13 -23.08 8.91
CA HIS V 93 -2.41 -22.46 9.19
C HIS V 93 -3.07 -23.09 10.39
N ILE V 94 -2.54 -24.22 10.85
CA ILE V 94 -3.04 -24.87 12.04
C ILE V 94 -2.05 -24.52 13.15
N GLY V 95 -2.32 -23.41 13.81
CA GLY V 95 -1.44 -22.91 14.87
C GLY V 95 -1.16 -23.84 16.03
N ALA V 96 -0.67 -25.04 15.73
CA ALA V 96 -0.36 -26.01 16.77
C ALA V 96 1.12 -26.10 17.05
N TYR V 97 1.48 -26.01 18.31
CA TYR V 97 2.87 -26.13 18.75
C TYR V 97 2.77 -27.09 19.90
N LEU V 98 3.39 -28.26 19.74
CA LEU V 98 3.31 -29.29 20.75
C LEU V 98 4.64 -29.83 21.22
N ILE V 99 4.61 -30.37 22.43
CA ILE V 99 5.76 -31.04 23.01
C ILE V 99 5.15 -32.40 23.33
N VAL V 100 5.47 -33.40 22.53
CA VAL V 100 4.93 -34.73 22.71
C VAL V 100 5.97 -35.67 23.33
N ALA V 101 5.56 -36.41 24.35
CA ALA V 101 6.44 -37.35 25.02
C ALA V 101 5.70 -38.63 25.31
N GLY V 102 6.44 -39.67 25.66
CA GLY V 102 5.80 -40.94 25.95
C GLY V 102 6.73 -42.12 25.89
N VAL V 103 6.22 -43.29 26.23
CA VAL V 103 7.01 -44.51 26.20
C VAL V 103 6.28 -45.56 25.38
N ASP V 104 7.04 -46.46 24.78
CA ASP V 104 6.50 -47.53 23.97
C ASP V 104 7.53 -48.65 23.96
N PRO V 105 7.22 -49.78 23.31
CA PRO V 105 8.16 -50.90 23.27
C PRO V 105 9.62 -50.54 22.96
N THR V 106 9.84 -49.42 22.27
CA THR V 106 11.19 -49.04 21.91
C THR V 106 11.90 -48.09 22.86
N GLY V 107 11.23 -47.65 23.91
CA GLY V 107 11.87 -46.73 24.85
C GLY V 107 11.07 -45.48 25.20
N SER V 108 11.75 -44.48 25.76
CA SER V 108 11.11 -43.23 26.14
C SER V 108 11.56 -42.16 25.15
N HIS V 109 10.62 -41.33 24.70
CA HIS V 109 10.91 -40.29 23.74
C HIS V 109 10.41 -38.91 24.14
N LEU V 110 11.03 -37.87 23.55
CA LEU V 110 10.66 -36.49 23.81
C LEU V 110 10.90 -35.71 22.53
N PHE V 111 9.83 -35.13 21.99
CA PHE V 111 9.90 -34.35 20.75
C PHE V 111 9.12 -33.05 20.87
N SER V 112 9.33 -32.16 19.91
CA SER V 112 8.58 -30.92 19.85
C SER V 112 8.19 -30.77 18.39
N ILE V 113 6.97 -30.29 18.15
CA ILE V 113 6.50 -30.11 16.79
C ILE V 113 5.98 -28.70 16.64
N HIS V 114 6.28 -28.08 15.51
CA HIS V 114 5.83 -26.72 15.28
C HIS V 114 4.79 -26.66 14.18
N ALA V 115 3.93 -25.65 14.26
CA ALA V 115 2.86 -25.45 13.31
C ALA V 115 3.18 -25.70 11.84
N HIS V 116 4.41 -25.38 11.43
CA HIS V 116 4.76 -25.58 10.04
C HIS V 116 5.08 -27.01 9.66
N GLY V 117 5.45 -27.81 10.65
CA GLY V 117 5.75 -29.20 10.37
C GLY V 117 7.08 -29.71 10.86
N SER V 118 8.03 -28.83 11.10
CA SER V 118 9.34 -29.28 11.59
C SER V 118 9.24 -29.90 12.98
N THR V 119 10.14 -30.83 13.29
CA THR V 119 10.16 -31.48 14.60
C THR V 119 11.58 -31.50 15.15
N ASP V 120 11.70 -31.49 16.47
CA ASP V 120 13.00 -31.51 17.13
C ASP V 120 13.05 -32.62 18.16
N VAL V 121 14.25 -33.07 18.47
CA VAL V 121 14.42 -34.11 19.47
C VAL V 121 15.44 -33.60 20.51
N GLY V 122 15.23 -33.96 21.77
CA GLY V 122 16.14 -33.51 22.80
C GLY V 122 15.82 -34.12 24.15
N TYR V 123 16.63 -33.80 25.17
CA TYR V 123 16.42 -34.33 26.51
C TYR V 123 15.57 -33.40 27.36
N TYR V 124 15.51 -32.13 26.97
CA TYR V 124 14.71 -31.13 27.64
C TYR V 124 14.29 -30.09 26.63
N LEU V 125 13.00 -29.78 26.62
CA LEU V 125 12.43 -28.80 25.69
C LEU V 125 11.37 -27.95 26.37
N SER V 126 11.02 -26.82 25.75
CA SER V 126 9.96 -25.96 26.28
C SER V 126 9.31 -25.19 25.13
N LEU V 127 8.06 -24.81 25.30
CA LEU V 127 7.33 -24.07 24.27
C LEU V 127 6.34 -23.11 24.90
N GLY V 128 5.98 -22.06 24.18
CA GLY V 128 5.02 -21.11 24.70
C GLY V 128 5.60 -19.75 25.04
N SER V 129 4.78 -18.88 25.60
CA SER V 129 5.21 -17.55 25.98
C SER V 129 6.21 -17.65 27.13
N GLY V 130 6.09 -18.72 27.92
CA GLY V 130 7.00 -18.92 29.05
C GLY V 130 8.22 -19.69 28.59
N SER V 131 8.22 -19.99 27.29
CA SER V 131 9.29 -20.73 26.63
C SER V 131 10.67 -20.36 27.17
N LEU V 132 11.02 -19.09 27.06
CA LEU V 132 12.32 -18.58 27.51
C LEU V 132 12.59 -18.62 29.00
N ALA V 133 11.59 -18.30 29.82
CA ALA V 133 11.76 -18.32 31.27
C ALA V 133 12.08 -19.75 31.70
N ALA V 134 11.28 -20.69 31.22
CA ALA V 134 11.49 -22.10 31.55
C ALA V 134 12.85 -22.60 31.06
N MET V 135 13.17 -22.32 29.81
CA MET V 135 14.44 -22.77 29.27
C MET V 135 15.58 -22.24 30.09
N ALA V 136 15.47 -21.01 30.59
CA ALA V 136 16.54 -20.46 31.40
C ALA V 136 16.76 -21.38 32.62
N VAL V 137 15.66 -21.80 33.23
CA VAL V 137 15.73 -22.70 34.37
C VAL V 137 16.32 -24.06 33.98
N LEU V 138 15.89 -24.59 32.85
CA LEU V 138 16.40 -25.88 32.36
C LEU V 138 17.87 -25.79 32.02
N GLU V 139 18.27 -24.76 31.29
CA GLU V 139 19.68 -24.63 30.92
C GLU V 139 20.55 -24.49 32.15
N SER V 140 19.93 -24.18 33.29
CA SER V 140 20.69 -24.01 34.51
C SER V 140 20.74 -25.24 35.44
N HIS V 141 19.80 -26.16 35.30
CA HIS V 141 19.78 -27.30 36.18
C HIS V 141 19.78 -28.68 35.53
N TRP V 142 19.48 -28.74 34.24
CA TRP V 142 19.46 -30.03 33.58
C TRP V 142 20.84 -30.67 33.63
N LYS V 143 20.86 -31.96 33.92
CA LYS V 143 22.08 -32.74 33.97
C LYS V 143 21.66 -34.10 33.45
N GLN V 144 22.63 -34.85 32.94
CA GLN V 144 22.35 -36.16 32.39
C GLN V 144 22.13 -37.19 33.48
N ASP V 145 21.17 -38.09 33.24
CA ASP V 145 20.85 -39.14 34.19
C ASP V 145 20.12 -38.62 35.42
N LEU V 146 18.98 -37.97 35.20
CA LEU V 146 18.19 -37.43 36.29
C LEU V 146 17.31 -38.55 36.84
N THR V 147 16.98 -38.49 38.12
CA THR V 147 16.11 -39.49 38.69
C THR V 147 14.71 -39.02 38.36
N LYS V 148 13.72 -39.91 38.49
CA LYS V 148 12.36 -39.52 38.21
C LYS V 148 11.96 -38.29 39.04
N GLU V 149 12.43 -38.20 40.28
CA GLU V 149 12.09 -37.06 41.12
C GLU V 149 12.81 -35.80 40.72
N GLU V 150 14.08 -35.94 40.33
CA GLU V 150 14.85 -34.78 39.91
C GLU V 150 14.18 -34.19 38.67
N ALA V 151 13.67 -35.07 37.81
CA ALA V 151 12.99 -34.63 36.61
C ALA V 151 11.72 -33.85 37.01
N ILE V 152 10.84 -34.47 37.80
CA ILE V 152 9.62 -33.79 38.23
C ILE V 152 9.94 -32.39 38.76
N LYS V 153 10.93 -32.34 39.64
CA LYS V 153 11.34 -31.08 40.26
C LYS V 153 11.77 -30.07 39.21
N LEU V 154 12.70 -30.48 38.34
CA LEU V 154 13.24 -29.63 37.29
C LEU V 154 12.13 -29.10 36.40
N ALA V 155 11.30 -30.03 35.91
CA ALA V 155 10.19 -29.66 35.03
C ALA V 155 9.22 -28.75 35.76
N SER V 156 8.92 -29.09 37.01
CA SER V 156 8.01 -28.30 37.81
C SER V 156 8.57 -26.88 38.07
N ASP V 157 9.89 -26.79 38.26
CA ASP V 157 10.54 -25.51 38.50
C ASP V 157 10.52 -24.66 37.24
N ALA V 158 10.77 -25.31 36.10
CA ALA V 158 10.78 -24.62 34.82
C ALA V 158 9.42 -24.02 34.50
N ILE V 159 8.35 -24.75 34.79
CA ILE V 159 7.02 -24.22 34.53
C ILE V 159 6.80 -23.01 35.40
N GLN V 160 7.19 -23.10 36.66
CA GLN V 160 7.03 -22.00 37.58
C GLN V 160 7.66 -20.74 37.03
N ALA V 161 8.91 -20.86 36.56
CA ALA V 161 9.61 -19.73 35.97
C ALA V 161 8.64 -19.02 35.05
N GLY V 162 7.91 -19.81 34.27
CA GLY V 162 6.92 -19.24 33.36
C GLY V 162 5.83 -18.51 34.10
N ILE V 163 5.19 -19.17 35.06
CA ILE V 163 4.11 -18.56 35.84
C ILE V 163 4.46 -17.19 36.43
N TRP V 164 5.55 -17.15 37.18
CA TRP V 164 5.98 -15.93 37.84
C TRP V 164 6.48 -14.85 36.91
N ASN V 165 7.38 -15.22 36.02
CA ASN V 165 7.98 -14.25 35.13
C ASN V 165 7.24 -13.94 33.82
N ASP V 166 6.39 -14.85 33.36
CA ASP V 166 5.65 -14.60 32.12
C ASP V 166 4.17 -14.29 32.35
N LEU V 167 3.69 -13.24 31.69
CA LEU V 167 2.31 -12.83 31.84
C LEU V 167 1.39 -13.76 31.09
N GLY V 168 1.92 -14.43 30.07
CA GLY V 168 1.12 -15.35 29.29
C GLY V 168 0.84 -16.65 30.02
N SER V 169 1.55 -16.84 31.12
CA SER V 169 1.42 -18.05 31.93
C SER V 169 1.15 -17.74 33.39
N GLY V 170 0.54 -18.70 34.07
CA GLY V 170 0.25 -18.53 35.48
C GLY V 170 -0.61 -19.65 36.07
N SER V 171 -1.03 -19.44 37.31
CA SER V 171 -1.87 -20.39 38.04
C SER V 171 -1.20 -21.64 38.59
N ASN V 172 -1.59 -22.80 38.05
CA ASN V 172 -1.06 -24.07 38.53
C ASN V 172 -0.12 -24.80 37.59
N VAL V 173 0.45 -25.89 38.09
CA VAL V 173 1.36 -26.72 37.34
C VAL V 173 0.79 -28.14 37.21
N ASP V 174 0.61 -28.60 35.96
CA ASP V 174 0.14 -29.95 35.71
C ASP V 174 1.34 -30.76 35.25
N VAL V 175 1.48 -31.98 35.78
CA VAL V 175 2.59 -32.83 35.40
C VAL V 175 2.09 -34.21 35.04
N CYS V 176 2.81 -34.91 34.17
CA CYS V 176 2.48 -36.27 33.78
C CYS V 176 3.77 -37.03 33.57
N VAL V 177 3.96 -38.07 34.37
CA VAL V 177 5.18 -38.88 34.29
C VAL V 177 4.94 -40.16 33.53
N MET V 178 5.84 -40.46 32.60
CA MET V 178 5.73 -41.68 31.82
C MET V 178 7.03 -42.46 32.01
N GLU V 179 6.95 -43.53 32.79
CA GLU V 179 8.12 -44.34 33.05
C GLU V 179 8.09 -45.58 32.15
N ILE V 180 9.26 -46.04 31.75
CA ILE V 180 9.38 -47.19 30.84
C ILE V 180 8.50 -48.39 31.15
N GLY V 181 8.60 -48.93 32.36
CA GLY V 181 7.79 -50.10 32.66
C GLY V 181 6.42 -49.95 33.30
N LYS V 182 6.08 -48.75 33.77
CA LYS V 182 4.80 -48.60 34.44
C LYS V 182 3.73 -47.85 33.63
N ASP V 183 2.60 -47.58 34.28
CA ASP V 183 1.52 -46.84 33.66
C ASP V 183 1.95 -45.37 33.68
N ALA V 184 1.41 -44.58 32.77
CA ALA V 184 1.76 -43.18 32.75
C ALA V 184 0.93 -42.58 33.88
N GLU V 185 1.54 -41.76 34.74
CA GLU V 185 0.76 -41.14 35.80
C GLU V 185 0.65 -39.62 35.66
N TYR V 186 -0.59 -39.21 35.36
CA TYR V 186 -0.99 -37.83 35.15
C TYR V 186 -1.31 -37.21 36.52
N LEU V 187 -0.71 -36.04 36.79
CA LEU V 187 -0.91 -35.38 38.07
C LEU V 187 -1.48 -33.98 37.93
N ARG V 188 -2.79 -33.90 37.69
CA ARG V 188 -3.47 -32.63 37.55
C ARG V 188 -3.22 -31.75 38.77
N ASN V 189 -2.91 -30.48 38.55
CA ASN V 189 -2.65 -29.55 39.65
C ASN V 189 -1.66 -30.13 40.65
N TYR V 190 -0.50 -30.53 40.14
CA TYR V 190 0.57 -31.07 40.97
C TYR V 190 1.09 -29.96 41.86
N LEU V 191 0.87 -28.71 41.43
CA LEU V 191 1.26 -27.52 42.18
C LEU V 191 0.19 -26.46 42.07
N THR V 192 -0.15 -25.83 43.19
CA THR V 192 -1.17 -24.77 43.20
C THR V 192 -0.75 -23.62 44.12
N PRO V 193 0.26 -22.84 43.68
CA PRO V 193 0.79 -21.70 44.43
C PRO V 193 0.08 -20.36 44.21
N ASN V 194 -1.06 -20.38 43.51
CA ASN V 194 -1.80 -19.15 43.23
C ASN V 194 -3.27 -19.15 43.67
N VAL V 195 -3.53 -19.43 44.94
CA VAL V 195 -4.89 -19.43 45.45
C VAL V 195 -5.31 -17.99 45.74
N ARG V 196 -6.51 -17.63 45.31
CA ARG V 196 -7.01 -16.27 45.51
C ARG V 196 -7.36 -16.01 46.98
N GLU V 197 -6.75 -14.99 47.56
CA GLU V 197 -7.01 -14.64 48.96
C GLU V 197 -8.50 -14.35 49.14
N GLU V 198 -9.01 -14.56 50.35
CA GLU V 198 -10.43 -14.33 50.60
C GLU V 198 -10.77 -12.88 50.33
N LYS V 199 -11.89 -12.65 49.64
CA LYS V 199 -12.30 -11.29 49.35
C LYS V 199 -12.56 -10.54 50.65
N GLN V 200 -12.46 -9.21 50.58
CA GLN V 200 -12.63 -8.35 51.74
C GLN V 200 -14.10 -8.20 52.14
N LYS V 201 -15.00 -8.72 51.30
CA LYS V 201 -16.43 -8.60 51.56
C LYS V 201 -17.22 -9.65 50.76
N SER V 202 -18.43 -9.97 51.19
CA SER V 202 -19.26 -10.92 50.48
C SER V 202 -20.21 -10.08 49.64
N TYR V 203 -20.44 -10.49 48.39
CA TYR V 203 -21.32 -9.69 47.55
C TYR V 203 -22.64 -10.35 47.28
N LYS V 204 -23.03 -11.21 48.21
CA LYS V 204 -24.28 -11.92 48.14
C LYS V 204 -25.38 -10.86 48.26
N PHE V 205 -26.27 -10.80 47.28
CA PHE V 205 -27.34 -9.81 47.30
C PHE V 205 -28.55 -10.25 48.10
N PRO V 206 -29.26 -9.30 48.72
CA PRO V 206 -30.46 -9.67 49.47
C PRO V 206 -31.50 -10.06 48.41
N ARG V 207 -32.22 -11.15 48.63
CA ARG V 207 -33.21 -11.58 47.65
C ARG V 207 -34.29 -10.54 47.40
N GLY V 208 -34.64 -10.38 46.13
CA GLY V 208 -35.64 -9.41 45.74
C GLY V 208 -34.97 -8.15 45.25
N THR V 209 -33.64 -8.13 45.29
CA THR V 209 -32.86 -6.98 44.84
C THR V 209 -33.04 -6.69 43.34
N THR V 210 -33.19 -7.73 42.55
CA THR V 210 -33.35 -7.56 41.12
C THR V 210 -34.79 -7.27 40.71
N ALA V 211 -34.96 -6.31 39.80
CA ALA V 211 -36.29 -5.95 39.33
C ALA V 211 -36.72 -6.93 38.23
N VAL V 212 -37.81 -7.65 38.47
CA VAL V 212 -38.33 -8.60 37.50
C VAL V 212 -39.59 -8.10 36.82
N LEU V 213 -39.71 -8.38 35.52
CA LEU V 213 -40.87 -7.95 34.75
C LEU V 213 -41.86 -9.08 34.55
N LYS V 214 -41.36 -10.23 34.11
CA LYS V 214 -42.19 -11.37 33.85
C LYS V 214 -41.51 -12.64 34.37
N GLU V 215 -42.28 -13.70 34.54
CA GLU V 215 -41.72 -14.93 35.06
C GLU V 215 -42.54 -16.11 34.58
N SER V 216 -41.86 -17.21 34.26
CA SER V 216 -42.57 -18.40 33.78
C SER V 216 -41.73 -19.65 33.91
N ILE V 217 -42.41 -20.80 33.86
CA ILE V 217 -41.75 -22.09 33.95
C ILE V 217 -41.41 -22.51 32.53
N VAL V 218 -40.26 -23.15 32.36
CA VAL V 218 -39.83 -23.59 31.05
C VAL V 218 -40.11 -25.08 30.87
N ASN V 219 -40.68 -25.41 29.72
CA ASN V 219 -41.03 -26.79 29.39
C ASN V 219 -39.84 -27.60 28.88
N ILE V 220 -39.25 -28.40 29.76
CA ILE V 220 -38.12 -29.24 29.41
C ILE V 220 -38.57 -30.61 28.92
N CYS V 221 -39.73 -31.06 29.40
CA CYS V 221 -40.28 -32.36 29.00
C CYS V 221 -41.06 -32.33 27.69
N ASP V 222 -40.67 -33.21 26.77
CA ASP V 222 -41.30 -33.31 25.45
C ASP V 222 -42.75 -33.81 25.50
N SER W 1 -16.85 -4.03 10.53
CA SER W 1 -15.62 -4.82 10.20
C SER W 1 -15.54 -6.11 11.00
N ASP W 2 -15.41 -5.99 12.32
CA ASP W 2 -15.35 -7.16 13.19
C ASP W 2 -16.75 -7.73 13.33
N PRO W 3 -17.01 -8.89 12.72
CA PRO W 3 -18.30 -9.57 12.76
C PRO W 3 -18.89 -9.75 14.15
N SER W 4 -18.03 -9.91 15.15
CA SER W 4 -18.52 -10.10 16.51
C SER W 4 -18.98 -8.82 17.20
N SER W 5 -18.98 -7.72 16.47
CA SER W 5 -19.38 -6.44 17.05
C SER W 5 -20.36 -5.66 16.19
N ILE W 6 -21.05 -6.34 15.28
CA ILE W 6 -22.02 -5.68 14.43
C ILE W 6 -23.35 -5.62 15.17
N ASN W 7 -23.74 -6.77 15.72
CA ASN W 7 -25.02 -6.92 16.42
C ASN W 7 -25.02 -6.70 17.92
N GLY W 8 -23.90 -6.98 18.57
CA GLY W 8 -23.80 -6.79 20.01
C GLY W 8 -24.53 -7.83 20.84
N GLY W 9 -24.48 -7.68 22.16
CA GLY W 9 -25.17 -8.62 23.02
C GLY W 9 -24.23 -9.46 23.85
N ILE W 10 -24.72 -9.99 24.96
CA ILE W 10 -23.91 -10.82 25.85
C ILE W 10 -24.68 -12.01 26.40
N VAL W 11 -23.94 -12.94 27.00
CA VAL W 11 -24.50 -14.14 27.58
C VAL W 11 -23.59 -14.49 28.74
N VAL W 12 -24.15 -15.08 29.79
CA VAL W 12 -23.35 -15.47 30.93
C VAL W 12 -23.97 -16.67 31.62
N ALA W 13 -23.15 -17.64 32.00
CA ALA W 13 -23.63 -18.82 32.67
C ALA W 13 -22.89 -18.96 33.99
N MET W 14 -23.58 -19.49 35.01
CA MET W 14 -23.01 -19.68 36.33
C MET W 14 -23.47 -20.97 36.98
N THR W 15 -22.68 -21.46 37.92
CA THR W 15 -23.04 -22.69 38.61
C THR W 15 -23.36 -22.42 40.07
N GLY W 16 -24.27 -23.21 40.61
CA GLY W 16 -24.67 -23.07 42.01
C GLY W 16 -25.01 -24.43 42.59
N LYS W 17 -25.36 -24.46 43.87
CA LYS W 17 -25.70 -25.71 44.53
C LYS W 17 -26.83 -26.45 43.80
N ASP W 18 -26.48 -27.56 43.16
CA ASP W 18 -27.45 -28.38 42.43
C ASP W 18 -28.27 -27.55 41.43
N CYS W 19 -27.59 -26.61 40.77
CA CYS W 19 -28.25 -25.74 39.80
C CYS W 19 -27.24 -25.01 38.93
N VAL W 20 -27.74 -24.48 37.82
CA VAL W 20 -26.92 -23.70 36.89
C VAL W 20 -27.84 -22.60 36.39
N ALA W 21 -27.25 -21.46 36.03
CA ALA W 21 -28.04 -20.33 35.53
C ALA W 21 -27.36 -19.73 34.33
N ILE W 22 -28.16 -19.37 33.33
CA ILE W 22 -27.63 -18.78 32.11
C ILE W 22 -28.49 -17.59 31.72
N ALA W 23 -27.86 -16.44 31.49
CA ALA W 23 -28.62 -15.25 31.14
C ALA W 23 -28.05 -14.52 29.94
N CYS W 24 -28.89 -13.72 29.29
CA CYS W 24 -28.45 -12.96 28.13
C CYS W 24 -29.26 -11.68 28.01
N ASP W 25 -28.72 -10.69 27.30
CA ASP W 25 -29.46 -9.44 27.09
C ASP W 25 -30.42 -9.71 25.92
N LEU W 26 -31.15 -8.69 25.49
CA LEU W 26 -32.09 -8.90 24.40
C LEU W 26 -31.86 -8.00 23.19
N ARG W 27 -30.76 -7.28 23.19
CA ARG W 27 -30.49 -6.36 22.10
C ARG W 27 -29.97 -7.02 20.83
N LEU W 28 -30.31 -6.40 19.70
CA LEU W 28 -29.87 -6.82 18.36
C LEU W 28 -29.81 -5.46 17.70
N GLY W 29 -28.61 -5.04 17.30
CA GLY W 29 -28.52 -3.76 16.67
C GLY W 29 -27.68 -3.89 15.43
N SER W 30 -27.60 -2.82 14.66
CA SER W 30 -26.77 -2.81 13.47
C SER W 30 -25.84 -1.65 13.73
N GLN W 31 -24.75 -1.94 14.45
CA GLN W 31 -23.78 -0.94 14.84
C GLN W 31 -24.46 -0.09 15.91
N SER W 32 -24.49 1.22 15.72
CA SER W 32 -25.10 2.10 16.71
C SER W 32 -26.62 2.03 16.70
N LEU W 33 -27.21 1.65 15.58
CA LEU W 33 -28.66 1.57 15.49
C LEU W 33 -29.27 0.35 16.15
N GLY W 34 -30.05 0.58 17.20
CA GLY W 34 -30.71 -0.54 17.85
C GLY W 34 -31.83 -1.00 16.90
N VAL W 35 -32.00 -2.31 16.76
CA VAL W 35 -33.01 -2.83 15.85
C VAL W 35 -34.10 -3.66 16.52
N SER W 36 -33.71 -4.48 17.49
CA SER W 36 -34.68 -5.29 18.20
C SER W 36 -34.34 -5.43 19.67
N ASN W 37 -35.40 -5.45 20.47
CA ASN W 37 -35.28 -5.57 21.92
C ASN W 37 -35.82 -6.93 22.38
N LYS W 38 -36.05 -7.82 21.42
CA LYS W 38 -36.58 -9.13 21.75
C LYS W 38 -35.74 -10.27 21.21
N PHE W 39 -34.49 -9.98 20.86
CA PHE W 39 -33.62 -11.03 20.34
C PHE W 39 -33.01 -11.82 21.49
N GLU W 40 -33.57 -12.98 21.77
CA GLU W 40 -33.04 -13.79 22.86
C GLU W 40 -31.86 -14.57 22.31
N LYS W 41 -30.89 -14.84 23.18
CA LYS W 41 -29.70 -15.55 22.76
C LYS W 41 -29.51 -16.85 23.51
N ILE W 42 -30.59 -17.33 24.13
CA ILE W 42 -30.56 -18.58 24.87
C ILE W 42 -31.58 -19.54 24.28
N PHE W 43 -31.09 -20.72 23.90
CA PHE W 43 -31.96 -21.75 23.34
C PHE W 43 -31.73 -23.01 24.16
N HIS W 44 -32.57 -24.01 23.94
CA HIS W 44 -32.39 -25.25 24.66
C HIS W 44 -32.89 -26.42 23.82
N TYR W 45 -32.25 -27.55 24.02
CA TYR W 45 -32.58 -28.77 23.31
C TYR W 45 -32.69 -29.78 24.44
N GLY W 46 -33.93 -30.09 24.82
CA GLY W 46 -34.13 -31.01 25.91
C GLY W 46 -33.88 -30.23 27.18
N HIS W 47 -32.96 -30.71 28.00
CA HIS W 47 -32.65 -30.01 29.24
C HIS W 47 -31.28 -29.37 29.12
N VAL W 48 -30.77 -29.24 27.90
CA VAL W 48 -29.48 -28.61 27.70
C VAL W 48 -29.70 -27.23 27.14
N PHE W 49 -29.05 -26.23 27.73
CA PHE W 49 -29.20 -24.85 27.28
C PHE W 49 -27.99 -24.26 26.59
N LEU W 50 -28.26 -23.54 25.50
CA LEU W 50 -27.22 -22.90 24.72
C LEU W 50 -27.41 -21.41 24.47
N GLY W 51 -26.39 -20.62 24.79
CA GLY W 51 -26.43 -19.19 24.56
C GLY W 51 -25.43 -18.88 23.44
N ILE W 52 -25.80 -18.03 22.49
CA ILE W 52 -24.90 -17.69 21.39
C ILE W 52 -24.78 -16.19 21.21
N THR W 53 -23.59 -15.63 21.40
CA THR W 53 -23.40 -14.20 21.20
C THR W 53 -22.60 -14.09 19.91
N GLY W 54 -22.64 -12.95 19.25
CA GLY W 54 -21.90 -12.81 18.02
C GLY W 54 -22.75 -12.36 16.84
N LEU W 55 -22.34 -12.73 15.64
CA LEU W 55 -23.08 -12.35 14.44
C LEU W 55 -24.47 -12.98 14.43
N ALA W 56 -25.50 -12.16 14.64
CA ALA W 56 -26.88 -12.63 14.70
C ALA W 56 -27.28 -13.70 13.69
N THR W 57 -26.94 -13.49 12.42
CA THR W 57 -27.28 -14.47 11.41
C THR W 57 -26.72 -15.84 11.80
N ASP W 58 -25.47 -15.86 12.28
CA ASP W 58 -24.82 -17.09 12.71
C ASP W 58 -25.48 -17.66 13.95
N VAL W 59 -25.90 -16.78 14.85
CA VAL W 59 -26.57 -17.21 16.08
C VAL W 59 -27.82 -17.98 15.67
N THR W 60 -28.60 -17.39 14.76
CA THR W 60 -29.82 -18.00 14.25
C THR W 60 -29.50 -19.34 13.58
N THR W 61 -28.51 -19.31 12.68
CA THR W 61 -28.09 -20.50 11.95
C THR W 61 -27.61 -21.63 12.86
N LEU W 62 -26.71 -21.32 13.78
CA LEU W 62 -26.23 -22.36 14.67
C LEU W 62 -27.37 -22.96 15.48
N ASN W 63 -28.29 -22.13 15.92
CA ASN W 63 -29.41 -22.66 16.69
C ASN W 63 -30.26 -23.61 15.86
N GLU W 64 -30.48 -23.25 14.61
CA GLU W 64 -31.26 -24.09 13.73
C GLU W 64 -30.46 -25.39 13.51
N MET W 65 -29.14 -25.28 13.41
CA MET W 65 -28.30 -26.45 13.21
C MET W 65 -28.34 -27.40 14.39
N PHE W 66 -28.14 -26.88 15.59
CA PHE W 66 -28.15 -27.73 16.78
C PHE W 66 -29.53 -28.30 17.10
N ARG W 67 -30.58 -27.58 16.70
CA ARG W 67 -31.93 -28.11 16.93
C ARG W 67 -31.93 -29.38 16.11
N TYR W 68 -31.70 -29.19 14.81
CA TYR W 68 -31.61 -30.26 13.81
C TYR W 68 -30.80 -31.47 14.29
N LYS W 69 -29.54 -31.25 14.69
CA LYS W 69 -28.67 -32.32 15.14
C LYS W 69 -29.12 -33.04 16.40
N THR W 70 -29.54 -32.29 17.42
CA THR W 70 -30.00 -32.93 18.65
C THR W 70 -31.26 -33.74 18.39
N ASN W 71 -32.07 -33.27 17.45
CA ASN W 71 -33.29 -33.99 17.11
C ASN W 71 -32.95 -35.37 16.58
N LEU W 72 -32.04 -35.42 15.60
CA LEU W 72 -31.64 -36.67 15.02
C LEU W 72 -30.92 -37.50 16.06
N TYR W 73 -30.31 -36.82 17.04
CA TYR W 73 -29.59 -37.54 18.09
C TYR W 73 -30.57 -38.26 19.00
N LYS W 74 -31.63 -37.57 19.40
CA LYS W 74 -32.62 -38.18 20.27
C LYS W 74 -33.24 -39.39 19.58
N LEU W 75 -33.63 -39.24 18.32
CA LEU W 75 -34.25 -40.34 17.58
C LEU W 75 -33.39 -41.61 17.57
N LYS W 76 -32.08 -41.45 17.44
CA LYS W 76 -31.17 -42.60 17.40
C LYS W 76 -30.81 -43.12 18.79
N GLU W 77 -30.31 -42.24 19.64
CA GLU W 77 -29.92 -42.62 20.99
C GLU W 77 -31.14 -42.97 21.82
N GLU W 78 -32.31 -42.51 21.37
CA GLU W 78 -33.57 -42.70 22.08
C GLU W 78 -33.50 -42.16 23.50
N ARG W 79 -32.79 -41.04 23.65
CA ARG W 79 -32.66 -40.35 24.93
C ARG W 79 -32.22 -38.94 24.58
N ALA W 80 -32.38 -38.01 25.51
CA ALA W 80 -32.01 -36.63 25.26
C ALA W 80 -30.52 -36.41 25.49
N ILE W 81 -29.92 -35.62 24.61
CA ILE W 81 -28.49 -35.31 24.66
C ILE W 81 -28.13 -34.66 26.00
N GLU W 82 -26.95 -34.98 26.53
CA GLU W 82 -26.49 -34.42 27.80
C GLU W 82 -25.60 -33.19 27.62
N PRO W 83 -25.39 -32.42 28.69
CA PRO W 83 -24.56 -31.23 28.59
C PRO W 83 -23.17 -31.56 28.05
N GLU W 84 -22.42 -32.37 28.79
CA GLU W 84 -21.08 -32.74 28.38
C GLU W 84 -21.02 -33.17 26.93
N THR W 85 -21.93 -34.06 26.54
CA THR W 85 -21.95 -34.53 25.17
C THR W 85 -22.26 -33.41 24.20
N PHE W 86 -23.24 -32.58 24.55
CA PHE W 86 -23.63 -31.49 23.67
C PHE W 86 -22.43 -30.58 23.41
N THR W 87 -21.73 -30.25 24.49
CA THR W 87 -20.56 -29.38 24.42
C THR W 87 -19.61 -29.92 23.35
N GLN W 88 -19.38 -31.23 23.36
CA GLN W 88 -18.51 -31.85 22.39
C GLN W 88 -19.06 -31.73 20.99
N LEU W 89 -20.39 -31.80 20.86
CA LEU W 89 -21.02 -31.68 19.56
C LEU W 89 -20.81 -30.27 19.03
N VAL W 90 -21.00 -29.28 19.92
CA VAL W 90 -20.82 -27.89 19.55
C VAL W 90 -19.40 -27.68 19.05
N SER W 91 -18.45 -28.21 19.81
CA SER W 91 -17.05 -28.07 19.49
C SER W 91 -16.72 -28.62 18.10
N SER W 92 -17.01 -29.90 17.88
CA SER W 92 -16.71 -30.49 16.59
C SER W 92 -17.45 -29.76 15.46
N SER W 93 -18.68 -29.33 15.74
CA SER W 93 -19.49 -28.62 14.75
C SER W 93 -18.81 -27.32 14.34
N LEU W 94 -18.28 -26.60 15.32
CA LEU W 94 -17.62 -25.34 15.03
C LEU W 94 -16.27 -25.53 14.37
N TYR W 95 -15.47 -26.48 14.86
CA TYR W 95 -14.14 -26.71 14.29
C TYR W 95 -14.23 -27.17 12.85
N GLU W 96 -15.37 -27.72 12.50
CA GLU W 96 -15.60 -28.20 11.16
C GLU W 96 -15.60 -27.06 10.14
N ARG W 97 -15.68 -25.83 10.64
CA ARG W 97 -15.68 -24.65 9.77
C ARG W 97 -14.40 -23.85 10.05
N ARG W 98 -13.41 -24.52 10.63
CA ARG W 98 -12.13 -23.90 10.99
C ARG W 98 -11.63 -22.74 10.12
N PHE W 99 -11.70 -22.88 8.80
CA PHE W 99 -11.20 -21.83 7.93
C PHE W 99 -12.29 -21.03 7.22
N GLY W 100 -13.38 -20.80 7.94
CA GLY W 100 -14.52 -20.05 7.43
C GLY W 100 -15.55 -20.23 8.54
N PRO W 101 -15.15 -19.92 9.78
CA PRO W 101 -15.95 -20.02 11.00
C PRO W 101 -17.16 -19.13 11.14
N TYR W 102 -18.05 -19.57 12.02
CA TYR W 102 -19.24 -18.82 12.34
C TYR W 102 -18.69 -17.89 13.41
N PHE W 103 -19.05 -16.61 13.33
CA PHE W 103 -18.57 -15.63 14.29
C PHE W 103 -19.48 -15.57 15.51
N VAL W 104 -19.37 -16.59 16.35
CA VAL W 104 -20.19 -16.69 17.55
C VAL W 104 -19.36 -17.08 18.77
N GLY W 105 -19.96 -16.91 19.93
CA GLY W 105 -19.29 -17.25 21.18
C GLY W 105 -20.26 -18.06 22.02
N PRO W 106 -20.40 -19.36 21.73
CA PRO W 106 -21.30 -20.31 22.42
C PRO W 106 -21.05 -20.52 23.91
N VAL W 107 -22.13 -20.80 24.63
CA VAL W 107 -22.06 -21.08 26.05
C VAL W 107 -23.09 -22.15 26.40
N VAL W 108 -22.61 -23.26 26.96
CA VAL W 108 -23.49 -24.38 27.34
C VAL W 108 -23.74 -24.45 28.85
N ALA W 109 -24.99 -24.77 29.20
CA ALA W 109 -25.42 -24.90 30.58
C ALA W 109 -26.54 -25.94 30.72
N GLY W 110 -26.45 -26.73 31.78
CA GLY W 110 -27.44 -27.76 32.05
C GLY W 110 -26.99 -28.65 33.18
N ILE W 111 -27.86 -29.57 33.57
CA ILE W 111 -27.57 -30.51 34.64
C ILE W 111 -27.58 -31.90 34.04
N ASN W 112 -26.61 -32.73 34.37
CA ASN W 112 -26.59 -34.07 33.81
C ASN W 112 -27.73 -34.88 34.42
N SER W 113 -28.78 -35.10 33.62
CA SER W 113 -29.96 -35.84 34.05
C SER W 113 -29.67 -37.10 34.85
N LYS W 114 -28.51 -37.71 34.63
CA LYS W 114 -28.21 -38.93 35.33
C LYS W 114 -27.33 -38.74 36.57
N SER W 115 -26.42 -37.77 36.52
CA SER W 115 -25.53 -37.53 37.65
C SER W 115 -25.91 -36.29 38.46
N GLY W 116 -26.97 -35.60 38.03
CA GLY W 116 -27.43 -34.39 38.72
C GLY W 116 -26.41 -33.27 38.82
N LYS W 117 -25.17 -33.58 38.45
CA LYS W 117 -24.05 -32.64 38.47
C LYS W 117 -24.25 -31.42 37.54
N PRO W 118 -24.02 -30.20 38.06
CA PRO W 118 -24.16 -28.97 37.27
C PRO W 118 -23.02 -28.85 36.27
N PHE W 119 -23.33 -28.31 35.08
CA PHE W 119 -22.33 -28.18 34.02
C PHE W 119 -22.48 -27.00 33.08
N ILE W 120 -21.38 -26.29 32.85
CA ILE W 120 -21.37 -25.16 31.95
C ILE W 120 -20.05 -25.15 31.20
N ALA W 121 -20.04 -24.55 30.02
CA ALA W 121 -18.83 -24.48 29.21
C ALA W 121 -18.92 -23.41 28.11
N GLY W 122 -17.75 -22.92 27.70
CA GLY W 122 -17.70 -21.91 26.66
C GLY W 122 -16.70 -22.28 25.59
N PHE W 123 -16.86 -21.71 24.40
CA PHE W 123 -15.96 -21.99 23.30
C PHE W 123 -15.68 -20.70 22.54
N ASP W 124 -14.55 -20.65 21.83
CA ASP W 124 -14.24 -19.49 21.00
C ASP W 124 -14.93 -19.76 19.64
N LEU W 125 -14.83 -18.83 18.69
CA LEU W 125 -15.50 -18.99 17.39
C LEU W 125 -15.13 -20.25 16.59
N ILE W 126 -13.97 -20.86 16.87
CA ILE W 126 -13.57 -22.06 16.14
C ILE W 126 -13.65 -23.37 16.95
N GLY W 127 -14.31 -23.33 18.11
CA GLY W 127 -14.46 -24.57 18.87
C GLY W 127 -13.69 -24.88 20.15
N CYS W 128 -12.66 -24.12 20.48
CA CYS W 128 -11.91 -24.42 21.71
C CYS W 128 -12.77 -24.33 22.97
N ILE W 129 -12.85 -25.44 23.69
CA ILE W 129 -13.64 -25.54 24.91
C ILE W 129 -12.97 -24.93 26.16
N ASP W 130 -13.80 -24.27 26.96
CA ASP W 130 -13.40 -23.65 28.22
C ASP W 130 -14.37 -24.20 29.26
N GLU W 131 -13.91 -25.16 30.05
CA GLU W 131 -14.76 -25.76 31.07
C GLU W 131 -14.37 -25.32 32.48
N ALA W 132 -15.04 -24.28 32.96
CA ALA W 132 -14.79 -23.77 34.29
C ALA W 132 -15.93 -24.27 35.17
N LYS W 133 -15.72 -24.21 36.47
CA LYS W 133 -16.73 -24.64 37.42
C LYS W 133 -17.58 -23.44 37.83
N ASP W 134 -16.96 -22.27 37.94
CA ASP W 134 -17.69 -21.07 38.35
C ASP W 134 -18.55 -20.40 37.29
N PHE W 135 -17.94 -19.67 36.36
CA PHE W 135 -18.69 -18.95 35.34
C PHE W 135 -18.06 -18.88 33.94
N ILE W 136 -18.91 -18.57 32.96
CA ILE W 136 -18.51 -18.45 31.56
C ILE W 136 -19.17 -17.18 31.04
N VAL W 137 -18.40 -16.34 30.37
CA VAL W 137 -18.95 -15.09 29.83
C VAL W 137 -18.70 -15.01 28.34
N SER W 138 -19.49 -14.19 27.66
CA SER W 138 -19.35 -14.05 26.21
C SER W 138 -20.11 -12.84 25.70
N GLY W 139 -19.57 -12.16 24.69
CA GLY W 139 -20.28 -11.01 24.16
C GLY W 139 -19.43 -9.76 24.10
N THR W 140 -20.07 -8.66 23.71
CA THR W 140 -19.41 -7.37 23.57
C THR W 140 -19.12 -6.72 24.91
N ALA W 141 -19.59 -7.32 25.99
CA ALA W 141 -19.33 -6.76 27.31
C ALA W 141 -18.69 -7.85 28.16
N SER W 142 -17.96 -8.74 27.48
CA SER W 142 -17.31 -9.87 28.14
C SER W 142 -16.26 -9.41 29.14
N ASP W 143 -15.69 -8.24 28.90
CA ASP W 143 -14.68 -7.72 29.81
C ASP W 143 -15.36 -7.32 31.10
N GLN W 144 -16.45 -6.58 30.98
CA GLN W 144 -17.20 -6.16 32.14
C GLN W 144 -17.78 -7.39 32.85
N LEU W 145 -18.34 -8.32 32.09
CA LEU W 145 -18.90 -9.54 32.68
C LEU W 145 -17.84 -10.27 33.51
N PHE W 146 -16.63 -10.37 32.97
CA PHE W 146 -15.54 -11.03 33.68
C PHE W 146 -15.33 -10.32 35.02
N GLY W 147 -15.31 -8.99 34.95
CA GLY W 147 -15.11 -8.20 36.14
C GLY W 147 -16.23 -8.38 37.14
N MET W 148 -17.47 -8.32 36.69
CA MET W 148 -18.61 -8.49 37.58
C MET W 148 -18.51 -9.83 38.27
N CYS W 149 -18.52 -10.88 37.45
CA CYS W 149 -18.45 -12.24 37.95
C CYS W 149 -17.33 -12.46 38.94
N GLU W 150 -16.11 -12.13 38.56
CA GLU W 150 -14.98 -12.34 39.44
C GLU W 150 -15.23 -11.85 40.86
N SER W 151 -15.92 -10.71 40.99
CA SER W 151 -16.21 -10.14 42.29
C SER W 151 -17.51 -10.68 42.89
N LEU W 152 -18.59 -10.54 42.14
CA LEU W 152 -19.91 -10.98 42.59
C LEU W 152 -20.07 -12.47 42.92
N TYR W 153 -19.32 -13.32 42.24
CA TYR W 153 -19.46 -14.77 42.43
C TYR W 153 -18.86 -15.40 43.69
N GLU W 154 -19.46 -16.53 44.08
CA GLU W 154 -19.05 -17.36 45.21
C GLU W 154 -19.77 -18.70 45.02
N PRO W 155 -19.09 -19.80 45.33
CA PRO W 155 -19.57 -21.20 45.22
C PRO W 155 -20.87 -21.57 45.91
N ASN W 156 -21.50 -22.62 45.39
CA ASN W 156 -22.74 -23.19 45.93
C ASN W 156 -23.90 -22.27 46.26
N LEU W 157 -24.08 -21.19 45.52
CA LEU W 157 -25.19 -20.32 45.80
C LEU W 157 -26.48 -21.11 45.53
N GLU W 158 -27.51 -20.84 46.31
CA GLU W 158 -28.78 -21.51 46.11
C GLU W 158 -29.46 -20.87 44.92
N PRO W 159 -30.37 -21.59 44.25
CA PRO W 159 -31.07 -21.07 43.08
C PRO W 159 -31.57 -19.64 43.21
N GLU W 160 -32.20 -19.30 44.33
CA GLU W 160 -32.73 -17.95 44.55
C GLU W 160 -31.62 -16.91 44.69
N ASP W 161 -30.49 -17.35 45.24
CA ASP W 161 -29.34 -16.47 45.42
C ASP W 161 -28.58 -16.33 44.11
N LEU W 162 -28.25 -17.45 43.49
CA LEU W 162 -27.54 -17.44 42.21
C LEU W 162 -28.25 -16.50 41.25
N PHE W 163 -29.58 -16.51 41.31
CA PHE W 163 -30.37 -15.64 40.43
C PHE W 163 -29.99 -14.18 40.60
N GLU W 164 -30.02 -13.70 41.84
CA GLU W 164 -29.68 -12.31 42.11
C GLU W 164 -28.29 -12.04 41.58
N THR W 165 -27.37 -12.95 41.90
CA THR W 165 -25.99 -12.83 41.46
C THR W 165 -25.81 -12.74 39.96
N ILE W 166 -26.22 -13.78 39.24
CA ILE W 166 -26.09 -13.75 37.79
C ILE W 166 -26.79 -12.54 37.19
N SER W 167 -27.95 -12.17 37.74
CA SER W 167 -28.71 -11.03 37.23
C SER W 167 -27.96 -9.70 37.39
N GLN W 168 -27.39 -9.47 38.56
CA GLN W 168 -26.67 -8.24 38.80
C GLN W 168 -25.38 -8.19 38.01
N ALA W 169 -24.83 -9.36 37.68
CA ALA W 169 -23.60 -9.43 36.91
C ALA W 169 -23.92 -9.05 35.47
N LEU W 170 -25.00 -9.65 34.95
CA LEU W 170 -25.44 -9.37 33.59
C LEU W 170 -25.82 -7.90 33.45
N LEU W 171 -26.77 -7.47 34.25
CA LEU W 171 -27.25 -6.10 34.23
C LEU W 171 -26.16 -5.03 34.26
N ASN W 172 -25.39 -4.99 35.35
CA ASN W 172 -24.34 -4.01 35.51
C ASN W 172 -23.23 -4.02 34.47
N ALA W 173 -23.05 -5.14 33.79
CA ALA W 173 -22.02 -5.20 32.75
C ALA W 173 -22.61 -4.60 31.48
N ALA W 174 -23.80 -5.06 31.10
CA ALA W 174 -24.48 -4.58 29.91
C ALA W 174 -24.63 -3.08 29.90
N ASP W 175 -24.74 -2.49 31.09
CA ASP W 175 -24.91 -1.05 31.20
C ASP W 175 -23.64 -0.24 30.94
N ARG W 176 -22.51 -0.95 30.85
CA ARG W 176 -21.23 -0.31 30.56
C ARG W 176 -20.85 -0.66 29.12
N ASP W 177 -21.82 -1.16 28.36
CA ASP W 177 -21.60 -1.54 26.97
C ASP W 177 -22.64 -0.89 26.05
N ALA W 178 -22.16 -0.08 25.12
CA ALA W 178 -23.04 0.61 24.18
C ALA W 178 -23.86 -0.34 23.33
N LEU W 179 -23.34 -1.54 23.06
CA LEU W 179 -24.02 -2.50 22.22
C LEU W 179 -24.88 -3.56 22.92
N SER W 180 -24.96 -3.49 24.25
CA SER W 180 -25.77 -4.46 25.01
C SER W 180 -26.86 -3.81 25.84
N GLY W 181 -27.88 -4.61 26.18
CA GLY W 181 -28.98 -4.10 26.99
C GLY W 181 -30.34 -4.28 26.34
N TRP W 182 -31.19 -3.26 26.45
CA TRP W 182 -32.53 -3.32 25.86
C TRP W 182 -33.34 -4.50 26.39
N GLY W 183 -33.09 -4.86 27.64
CA GLY W 183 -33.80 -5.99 28.21
C GLY W 183 -32.84 -7.11 28.52
N ALA W 184 -33.31 -8.13 29.23
CA ALA W 184 -32.47 -9.26 29.59
C ALA W 184 -33.37 -10.36 30.09
N VAL W 185 -32.92 -11.61 30.00
CA VAL W 185 -33.71 -12.74 30.46
C VAL W 185 -32.79 -13.74 31.18
N VAL W 186 -33.23 -14.23 32.34
CA VAL W 186 -32.42 -15.15 33.13
C VAL W 186 -33.09 -16.51 33.28
N TYR W 187 -32.28 -17.57 33.20
CA TYR W 187 -32.75 -18.93 33.34
C TYR W 187 -32.14 -19.58 34.57
N ILE W 188 -32.98 -20.07 35.48
CA ILE W 188 -32.49 -20.76 36.67
C ILE W 188 -32.85 -22.23 36.42
N ILE W 189 -31.83 -23.07 36.34
CA ILE W 189 -32.01 -24.48 36.04
C ILE W 189 -31.68 -25.44 37.19
N LYS W 190 -32.61 -26.36 37.44
CA LYS W 190 -32.48 -27.37 38.49
C LYS W 190 -32.85 -28.72 37.87
N LYS W 191 -32.39 -29.80 38.49
CA LYS W 191 -32.68 -31.17 38.00
C LYS W 191 -34.09 -31.39 37.48
N ASP W 192 -35.07 -30.86 38.21
CA ASP W 192 -36.47 -31.02 37.85
C ASP W 192 -37.17 -29.83 37.18
N GLU W 193 -36.84 -28.61 37.57
CA GLU W 193 -37.49 -27.45 36.96
C GLU W 193 -36.56 -26.34 36.47
N VAL W 194 -37.07 -25.60 35.48
CA VAL W 194 -36.36 -24.48 34.87
C VAL W 194 -37.25 -23.24 34.85
N VAL W 195 -36.80 -22.19 35.54
CA VAL W 195 -37.55 -20.94 35.61
C VAL W 195 -36.89 -19.87 34.75
N LYS W 196 -37.71 -19.11 34.03
CA LYS W 196 -37.24 -18.06 33.14
C LYS W 196 -37.85 -16.72 33.56
N ARG W 197 -37.01 -15.76 33.92
CA ARG W 197 -37.49 -14.45 34.34
C ARG W 197 -36.92 -13.33 33.49
N TYR W 198 -37.74 -12.33 33.15
CA TYR W 198 -37.27 -11.18 32.38
C TYR W 198 -36.99 -10.06 33.36
N LEU W 199 -35.83 -9.43 33.20
CA LEU W 199 -35.44 -8.34 34.08
C LEU W 199 -35.85 -6.97 33.57
N LYS W 200 -35.90 -5.98 34.46
CA LYS W 200 -36.23 -4.62 34.08
C LYS W 200 -34.91 -3.87 34.11
N MET W 201 -34.61 -3.15 33.03
CA MET W 201 -33.37 -2.41 32.97
C MET W 201 -33.53 -1.18 32.09
N ARG W 202 -32.51 -0.34 32.07
CA ARG W 202 -32.52 0.87 31.26
C ARG W 202 -32.88 0.45 29.84
N GLN W 203 -33.18 1.42 28.98
CA GLN W 203 -33.50 1.09 27.60
C GLN W 203 -32.80 2.08 26.69
N ASP W 204 -31.54 2.41 27.03
CA ASP W 204 -30.78 3.38 26.24
C ASP W 204 -29.37 2.90 25.86
N MET X 1 -28.78 4.64 0.08
CA MET X 1 -29.64 3.52 -0.39
C MET X 1 -31.08 3.97 -0.63
N ASP X 2 -31.90 3.04 -1.13
CA ASP X 2 -33.31 3.32 -1.39
C ASP X 2 -34.09 3.19 -0.09
N ILE X 3 -35.28 3.76 -0.04
CA ILE X 3 -36.10 3.67 1.16
C ILE X 3 -37.01 2.44 1.13
N ILE X 4 -36.99 1.72 2.23
CA ILE X 4 -37.79 0.52 2.41
C ILE X 4 -38.34 0.63 3.82
N LEU X 5 -39.62 0.95 3.91
CA LEU X 5 -40.28 1.09 5.19
C LEU X 5 -41.34 0.05 5.34
N GLY X 6 -41.60 -0.34 6.57
CA GLY X 6 -42.62 -1.32 6.81
C GLY X 6 -43.28 -1.12 8.16
N ILE X 7 -44.60 -1.24 8.19
CA ILE X 7 -45.33 -1.08 9.43
C ILE X 7 -46.55 -2.00 9.48
N ARG X 8 -46.62 -2.75 10.57
CA ARG X 8 -47.69 -3.70 10.84
C ARG X 8 -48.74 -3.12 11.81
N VAL X 9 -49.92 -2.81 11.27
CA VAL X 9 -50.99 -2.26 12.07
C VAL X 9 -51.90 -3.38 12.56
N GLN X 10 -53.13 -3.02 12.92
CA GLN X 10 -54.10 -3.99 13.43
C GLN X 10 -54.36 -5.19 12.52
N ASP X 11 -54.79 -4.91 11.30
CA ASP X 11 -55.13 -6.01 10.40
C ASP X 11 -54.41 -6.06 9.09
N SER X 12 -53.20 -5.52 9.04
CA SER X 12 -52.45 -5.57 7.79
C SER X 12 -51.04 -5.03 7.93
N VAL X 13 -50.29 -5.15 6.84
CA VAL X 13 -48.92 -4.69 6.81
C VAL X 13 -48.81 -3.72 5.64
N ILE X 14 -48.16 -2.59 5.89
CA ILE X 14 -47.97 -1.58 4.87
C ILE X 14 -46.50 -1.45 4.53
N LEU X 15 -46.20 -1.48 3.24
CA LEU X 15 -44.83 -1.34 2.78
C LEU X 15 -44.69 -0.11 1.88
N ALA X 16 -43.80 0.80 2.28
CA ALA X 16 -43.55 1.99 1.50
C ALA X 16 -42.13 1.82 0.96
N SER X 17 -41.96 2.06 -0.34
CA SER X 17 -40.68 1.90 -0.97
C SER X 17 -40.45 3.00 -2.01
N SER X 18 -39.30 3.67 -1.93
CA SER X 18 -38.97 4.76 -2.85
C SER X 18 -39.05 4.34 -4.32
N LYS X 19 -39.28 5.31 -5.19
CA LYS X 19 -39.44 5.02 -6.62
C LYS X 19 -38.25 5.37 -7.48
N ALA X 20 -37.25 6.02 -6.90
CA ALA X 20 -36.07 6.41 -7.65
C ALA X 20 -35.08 5.28 -7.90
N VAL X 21 -34.48 5.32 -9.08
CA VAL X 21 -33.46 4.34 -9.46
C VAL X 21 -32.35 5.18 -10.09
N THR X 22 -31.35 5.50 -9.28
CA THR X 22 -30.23 6.31 -9.73
C THR X 22 -29.00 5.50 -10.11
N ARG X 23 -28.40 5.86 -11.22
CA ARG X 23 -27.20 5.20 -11.67
C ARG X 23 -26.16 6.27 -11.92
N GLY X 24 -25.25 6.40 -10.97
CA GLY X 24 -24.20 7.38 -11.08
C GLY X 24 -24.69 8.79 -10.84
N ILE X 25 -24.68 9.59 -11.91
CA ILE X 25 -25.07 10.98 -11.84
C ILE X 25 -26.51 11.27 -12.26
N SER X 26 -27.13 10.33 -12.96
CA SER X 26 -28.50 10.53 -13.40
C SER X 26 -29.53 9.61 -12.75
N VAL X 27 -30.73 10.14 -12.56
CA VAL X 27 -31.82 9.38 -11.97
C VAL X 27 -32.57 8.78 -13.15
N LEU X 28 -32.24 7.54 -13.47
CA LEU X 28 -32.83 6.83 -14.59
C LEU X 28 -34.34 6.55 -14.58
N LYS X 29 -34.93 6.43 -13.40
CA LYS X 29 -36.36 6.15 -13.33
C LYS X 29 -36.90 6.64 -12.00
N ASP X 30 -38.11 7.19 -12.04
CA ASP X 30 -38.76 7.72 -10.84
C ASP X 30 -40.09 7.04 -10.56
N SER X 31 -40.26 5.86 -11.16
CA SER X 31 -41.48 5.09 -11.02
C SER X 31 -41.20 3.62 -10.71
N ASP X 32 -40.10 3.34 -10.03
CA ASP X 32 -39.73 1.97 -9.71
C ASP X 32 -40.53 1.34 -8.59
N ASP X 33 -40.96 0.10 -8.80
CA ASP X 33 -41.72 -0.65 -7.81
C ASP X 33 -40.80 -1.71 -7.20
N LYS X 34 -40.10 -1.35 -6.12
CA LYS X 34 -39.16 -2.25 -5.46
C LYS X 34 -39.81 -3.36 -4.62
N THR X 35 -40.74 -4.07 -5.25
CA THR X 35 -41.47 -5.12 -4.57
C THR X 35 -41.89 -6.28 -5.48
N ARG X 36 -42.06 -7.47 -4.89
CA ARG X 36 -42.52 -8.64 -5.64
C ARG X 36 -43.55 -9.30 -4.74
N GLN X 37 -44.51 -9.97 -5.35
CA GLN X 37 -45.53 -10.66 -4.60
C GLN X 37 -45.19 -12.15 -4.62
N LEU X 38 -44.86 -12.69 -3.46
CA LEU X 38 -44.49 -14.09 -3.36
C LEU X 38 -45.71 -15.02 -3.38
N SER X 39 -46.83 -14.54 -2.85
CA SER X 39 -48.06 -15.34 -2.83
C SER X 39 -49.19 -14.35 -2.58
N PRO X 40 -50.44 -14.73 -2.89
CA PRO X 40 -51.58 -13.85 -2.69
C PRO X 40 -51.55 -13.00 -1.41
N HIS X 41 -51.04 -13.56 -0.32
CA HIS X 41 -51.00 -12.80 0.93
C HIS X 41 -49.63 -12.46 1.48
N THR X 42 -48.60 -12.63 0.66
CA THR X 42 -47.24 -12.30 1.11
C THR X 42 -46.52 -11.41 0.09
N LEU X 43 -46.06 -10.25 0.59
CA LEU X 43 -45.35 -9.28 -0.22
C LEU X 43 -43.94 -9.01 0.33
N MET X 44 -42.98 -8.87 -0.58
CA MET X 44 -41.60 -8.61 -0.19
C MET X 44 -41.01 -7.44 -0.97
N SER X 45 -40.55 -6.43 -0.23
CA SER X 45 -39.92 -5.24 -0.78
C SER X 45 -38.42 -5.47 -0.59
N PHE X 46 -37.59 -4.80 -1.39
CA PHE X 46 -36.14 -5.01 -1.29
C PHE X 46 -35.32 -3.80 -1.75
N ALA X 47 -34.09 -3.70 -1.24
CA ALA X 47 -33.20 -2.61 -1.60
C ALA X 47 -31.77 -3.10 -1.51
N GLY X 48 -30.93 -2.68 -2.46
CA GLY X 48 -29.54 -3.10 -2.42
C GLY X 48 -28.80 -3.03 -3.74
N GLU X 49 -27.72 -3.82 -3.84
CA GLU X 49 -26.86 -3.88 -5.01
C GLU X 49 -27.60 -3.99 -6.34
N ALA X 50 -27.27 -3.06 -7.24
CA ALA X 50 -27.84 -2.96 -8.57
C ALA X 50 -28.53 -4.18 -9.18
N GLY X 51 -27.77 -5.18 -9.60
CA GLY X 51 -28.44 -6.31 -10.22
C GLY X 51 -29.06 -7.35 -9.29
N ASP X 52 -28.34 -7.65 -8.22
CA ASP X 52 -28.76 -8.65 -7.23
C ASP X 52 -30.15 -8.42 -6.68
N THR X 53 -30.42 -7.17 -6.35
CA THR X 53 -31.70 -6.79 -5.78
C THR X 53 -32.91 -7.51 -6.46
N VAL X 54 -33.18 -7.20 -7.73
CA VAL X 54 -34.28 -7.83 -8.45
C VAL X 54 -34.06 -9.33 -8.65
N GLN X 55 -32.86 -9.71 -9.10
CA GLN X 55 -32.55 -11.12 -9.33
C GLN X 55 -32.96 -11.97 -8.16
N PHE X 56 -32.59 -11.53 -6.96
CA PHE X 56 -32.93 -12.25 -5.75
C PHE X 56 -34.43 -12.28 -5.54
N ALA X 57 -35.07 -11.12 -5.66
CA ALA X 57 -36.51 -11.02 -5.49
C ALA X 57 -37.23 -12.00 -6.40
N GLU X 58 -36.96 -11.93 -7.70
CA GLU X 58 -37.59 -12.83 -8.66
C GLU X 58 -37.26 -14.29 -8.39
N TYR X 59 -36.05 -14.55 -7.92
CA TYR X 59 -35.65 -15.93 -7.61
C TYR X 59 -36.53 -16.46 -6.49
N ILE X 60 -36.68 -15.68 -5.42
CA ILE X 60 -37.51 -16.08 -4.29
C ILE X 60 -38.97 -16.24 -4.71
N GLN X 61 -39.48 -15.27 -5.48
CA GLN X 61 -40.85 -15.32 -5.96
C GLN X 61 -41.11 -16.65 -6.70
N ALA X 62 -40.25 -16.94 -7.66
CA ALA X 62 -40.37 -18.17 -8.45
C ALA X 62 -40.46 -19.39 -7.56
N ASN X 63 -39.55 -19.51 -6.59
CA ASN X 63 -39.57 -20.65 -5.69
C ASN X 63 -40.86 -20.73 -4.89
N ILE X 64 -41.33 -19.61 -4.35
CA ILE X 64 -42.55 -19.66 -3.58
C ILE X 64 -43.72 -20.10 -4.46
N GLN X 65 -43.85 -19.54 -5.65
CA GLN X 65 -44.92 -19.93 -6.55
C GLN X 65 -44.86 -21.44 -6.82
N LEU X 66 -43.66 -21.96 -7.06
CA LEU X 66 -43.49 -23.40 -7.31
C LEU X 66 -44.01 -24.20 -6.11
N TYR X 67 -43.66 -23.77 -4.89
CA TYR X 67 -44.13 -24.47 -3.70
C TYR X 67 -45.65 -24.47 -3.67
N SER X 68 -46.23 -23.29 -3.91
CA SER X 68 -47.67 -23.14 -3.93
C SER X 68 -48.32 -24.13 -4.89
N ILE X 69 -47.80 -24.23 -6.11
CA ILE X 69 -48.35 -25.17 -7.06
C ILE X 69 -48.23 -26.62 -6.56
N ARG X 70 -47.00 -27.03 -6.27
CA ARG X 70 -46.76 -28.39 -5.80
C ARG X 70 -47.70 -28.83 -4.68
N GLU X 71 -47.85 -28.03 -3.64
CA GLU X 71 -48.70 -28.41 -2.53
C GLU X 71 -50.09 -27.81 -2.52
N ASP X 72 -50.46 -27.11 -3.59
CA ASP X 72 -51.77 -26.43 -3.63
C ASP X 72 -52.05 -25.85 -2.23
N TYR X 73 -51.17 -24.95 -1.80
CA TYR X 73 -51.27 -24.35 -0.48
C TYR X 73 -50.35 -23.13 -0.45
N GLU X 74 -50.68 -22.17 0.41
CA GLU X 74 -49.87 -20.97 0.56
C GLU X 74 -49.11 -20.99 1.88
N LEU X 75 -47.79 -21.09 1.80
CA LEU X 75 -46.93 -21.12 2.98
C LEU X 75 -47.23 -19.90 3.84
N SER X 76 -47.13 -20.07 5.15
CA SER X 76 -47.38 -18.99 6.07
C SER X 76 -46.30 -17.93 5.91
N PRO X 77 -46.61 -16.67 6.26
CA PRO X 77 -45.61 -15.61 6.12
C PRO X 77 -44.33 -16.05 6.81
N GLN X 78 -44.47 -16.57 8.03
CA GLN X 78 -43.31 -17.01 8.78
C GLN X 78 -42.46 -17.99 7.98
N ALA X 79 -43.12 -19.01 7.43
CA ALA X 79 -42.40 -20.01 6.64
C ALA X 79 -41.61 -19.34 5.54
N VAL X 80 -42.29 -18.52 4.74
CA VAL X 80 -41.63 -17.83 3.65
C VAL X 80 -40.39 -17.05 4.09
N SER X 81 -40.48 -16.34 5.21
CA SER X 81 -39.33 -15.58 5.69
C SER X 81 -38.18 -16.49 6.13
N SER X 82 -38.50 -17.64 6.73
CA SER X 82 -37.45 -18.55 7.17
C SER X 82 -36.74 -19.14 5.96
N PHE X 83 -37.47 -19.26 4.87
CA PHE X 83 -36.91 -19.78 3.64
C PHE X 83 -36.00 -18.72 3.07
N VAL X 84 -36.47 -17.48 3.10
CA VAL X 84 -35.70 -16.36 2.60
C VAL X 84 -34.44 -16.15 3.45
N ARG X 85 -34.57 -16.18 4.77
CA ARG X 85 -33.39 -15.99 5.60
C ARG X 85 -32.35 -17.04 5.27
N GLN X 86 -32.79 -18.28 5.09
CA GLN X 86 -31.84 -19.34 4.78
C GLN X 86 -31.13 -19.08 3.47
N GLU X 87 -31.87 -18.57 2.48
CA GLU X 87 -31.26 -18.26 1.19
C GLU X 87 -30.19 -17.20 1.38
N LEU X 88 -30.53 -16.08 2.01
CA LEU X 88 -29.53 -15.03 2.23
C LEU X 88 -28.37 -15.56 3.06
N ALA X 89 -28.65 -16.32 4.11
CA ALA X 89 -27.59 -16.86 4.96
C ALA X 89 -26.60 -17.73 4.19
N LYS X 90 -27.05 -18.34 3.08
CA LYS X 90 -26.18 -19.17 2.24
C LYS X 90 -25.37 -18.21 1.39
N SER X 91 -26.09 -17.33 0.72
CA SER X 91 -25.49 -16.33 -0.14
C SER X 91 -24.36 -15.55 0.54
N ILE X 92 -24.42 -15.37 1.86
CA ILE X 92 -23.38 -14.60 2.52
C ILE X 92 -21.99 -15.23 2.46
N ARG X 93 -21.92 -16.55 2.57
CA ARG X 93 -20.62 -17.23 2.53
C ARG X 93 -20.30 -17.82 1.16
N SER X 94 -21.03 -17.37 0.14
CA SER X 94 -20.82 -17.86 -1.23
C SER X 94 -19.76 -17.02 -1.96
N ARG X 95 -19.44 -17.44 -3.18
CA ARG X 95 -18.43 -16.73 -3.98
C ARG X 95 -18.77 -15.26 -4.12
N ARG X 96 -19.95 -14.96 -4.64
CA ARG X 96 -20.38 -13.58 -4.78
C ARG X 96 -21.75 -13.47 -4.11
N PRO X 97 -21.79 -12.90 -2.89
CA PRO X 97 -23.03 -12.72 -2.13
C PRO X 97 -24.04 -11.74 -2.68
N TYR X 98 -25.32 -12.09 -2.51
CA TYR X 98 -26.43 -11.26 -2.94
C TYR X 98 -26.45 -10.13 -1.92
N GLN X 99 -26.18 -8.90 -2.35
CA GLN X 99 -26.24 -7.78 -1.42
C GLN X 99 -27.64 -7.18 -1.55
N VAL X 100 -28.59 -7.81 -0.88
CA VAL X 100 -29.98 -7.38 -0.94
C VAL X 100 -30.58 -7.43 0.46
N ASN X 101 -31.36 -6.41 0.79
CA ASN X 101 -32.03 -6.34 2.09
C ASN X 101 -33.52 -6.39 1.79
N VAL X 102 -34.26 -7.15 2.58
CA VAL X 102 -35.68 -7.24 2.31
C VAL X 102 -36.60 -7.06 3.50
N LEU X 103 -37.83 -6.72 3.18
CA LEU X 103 -38.89 -6.57 4.16
C LEU X 103 -39.97 -7.50 3.66
N ILE X 104 -40.43 -8.41 4.52
CA ILE X 104 -41.48 -9.30 4.08
C ILE X 104 -42.71 -9.06 4.95
N GLY X 105 -43.79 -8.65 4.28
CA GLY X 105 -45.03 -8.37 4.98
C GLY X 105 -46.11 -9.26 4.41
N GLY X 106 -46.79 -9.99 5.29
CA GLY X 106 -47.84 -10.88 4.86
C GLY X 106 -48.92 -11.03 5.91
N TYR X 107 -50.06 -11.57 5.49
CA TYR X 107 -51.19 -11.79 6.38
C TYR X 107 -51.36 -13.29 6.55
N ASP X 108 -51.19 -13.76 7.77
CA ASP X 108 -51.29 -15.18 8.06
C ASP X 108 -52.75 -15.60 8.19
N LYS X 109 -53.34 -16.01 7.07
CA LYS X 109 -54.74 -16.43 7.02
C LYS X 109 -55.14 -17.49 8.05
N LYS X 110 -54.18 -18.24 8.56
CA LYS X 110 -54.49 -19.26 9.56
C LYS X 110 -54.53 -18.62 10.95
N LYS X 111 -53.63 -17.69 11.19
CA LYS X 111 -53.58 -16.99 12.49
C LYS X 111 -54.46 -15.74 12.48
N ASN X 112 -54.85 -15.32 11.28
CA ASN X 112 -55.65 -14.11 11.08
C ASN X 112 -55.03 -12.91 11.77
N LYS X 113 -53.72 -12.76 11.52
CA LYS X 113 -52.93 -11.68 12.07
C LYS X 113 -51.88 -11.29 11.04
N PRO X 114 -51.56 -9.99 10.95
CA PRO X 114 -50.56 -9.54 9.98
C PRO X 114 -49.17 -9.70 10.59
N GLU X 115 -48.17 -9.96 9.75
CA GLU X 115 -46.80 -10.12 10.22
C GLU X 115 -45.79 -9.37 9.33
N LEU X 116 -44.80 -8.73 9.95
CA LEU X 116 -43.76 -7.99 9.23
C LEU X 116 -42.37 -8.52 9.59
N TYR X 117 -41.64 -8.99 8.58
CA TYR X 117 -40.30 -9.53 8.78
C TYR X 117 -39.23 -8.65 8.15
N GLN X 118 -38.15 -8.45 8.88
CA GLN X 118 -37.05 -7.66 8.38
C GLN X 118 -35.82 -8.57 8.29
N ILE X 119 -35.21 -8.64 7.11
CA ILE X 119 -34.04 -9.50 6.92
C ILE X 119 -32.97 -8.79 6.10
N ASP X 120 -31.75 -8.70 6.63
CA ASP X 120 -30.66 -8.03 5.89
C ASP X 120 -29.88 -9.05 5.07
N TYR X 121 -29.05 -8.58 4.16
CA TYR X 121 -28.30 -9.49 3.29
C TYR X 121 -27.45 -10.54 4.01
N LEU X 122 -27.19 -10.36 5.31
CA LEU X 122 -26.39 -11.35 6.04
C LEU X 122 -27.25 -12.53 6.44
N GLY X 123 -28.56 -12.36 6.25
CA GLY X 123 -29.48 -13.40 6.65
C GLY X 123 -29.83 -13.15 8.11
N THR X 124 -29.94 -11.87 8.48
CA THR X 124 -30.30 -11.50 9.84
C THR X 124 -31.80 -11.19 9.82
N LYS X 125 -32.59 -12.09 10.41
CA LYS X 125 -34.04 -11.91 10.45
C LYS X 125 -34.54 -11.57 11.84
N VAL X 126 -35.52 -10.68 11.87
CA VAL X 126 -36.14 -10.27 13.11
C VAL X 126 -37.56 -9.85 12.72
N GLU X 127 -38.51 -10.07 13.61
CA GLU X 127 -39.91 -9.70 13.33
C GLU X 127 -40.24 -8.41 14.08
N LEU X 128 -40.90 -7.46 13.42
CA LEU X 128 -41.18 -6.20 14.09
C LEU X 128 -42.56 -5.57 13.86
N PRO X 129 -42.88 -4.52 14.64
CA PRO X 129 -44.16 -3.82 14.50
C PRO X 129 -43.96 -2.92 13.29
N TYR X 130 -42.71 -2.49 13.11
CA TYR X 130 -42.30 -1.63 12.01
C TYR X 130 -40.78 -1.73 11.82
N GLY X 131 -40.34 -1.77 10.56
CA GLY X 131 -38.93 -1.88 10.28
C GLY X 131 -38.52 -1.05 9.08
N ALA X 132 -37.21 -1.00 8.85
CA ALA X 132 -36.64 -0.24 7.74
C ALA X 132 -35.20 -0.69 7.50
N HIS X 133 -34.76 -0.59 6.25
CA HIS X 133 -33.40 -0.98 5.92
C HIS X 133 -32.56 0.23 5.54
N GLY X 134 -31.27 0.17 5.88
CA GLY X 134 -30.38 1.27 5.58
C GLY X 134 -30.49 2.41 6.57
N TYR X 135 -30.37 3.63 6.05
CA TYR X 135 -30.44 4.84 6.86
C TYR X 135 -31.87 5.23 7.15
N SER X 136 -32.80 4.65 6.40
CA SER X 136 -34.21 4.95 6.56
C SER X 136 -34.66 4.92 8.02
N GLY X 137 -34.18 3.91 8.75
CA GLY X 137 -34.55 3.78 10.16
C GLY X 137 -34.13 4.97 11.02
N PHE X 138 -32.90 5.43 10.86
CA PHE X 138 -32.37 6.56 11.62
C PHE X 138 -33.28 7.79 11.69
N TYR X 139 -33.94 8.13 10.57
CA TYR X 139 -34.82 9.29 10.50
C TYR X 139 -36.24 9.03 10.97
N THR X 140 -36.71 7.81 10.75
CA THR X 140 -38.09 7.45 11.07
C THR X 140 -38.41 6.70 12.36
N PHE X 141 -37.47 5.94 12.91
CA PHE X 141 -37.75 5.21 14.13
C PHE X 141 -38.20 6.04 15.32
N SER X 142 -37.66 7.24 15.49
CA SER X 142 -38.07 8.05 16.63
C SER X 142 -39.54 8.41 16.50
N LEU X 143 -40.02 8.56 15.27
CA LEU X 143 -41.42 8.88 15.03
C LEU X 143 -42.29 7.67 15.32
N LEU X 144 -41.94 6.54 14.70
CA LEU X 144 -42.69 5.31 14.89
C LEU X 144 -42.68 4.88 16.36
N ASP X 145 -41.51 4.91 16.99
CA ASP X 145 -41.41 4.54 18.40
C ASP X 145 -42.45 5.34 19.17
N HIS X 146 -42.62 6.60 18.77
CA HIS X 146 -43.54 7.52 19.40
C HIS X 146 -45.01 7.26 19.13
N HIS X 147 -45.41 7.38 17.87
CA HIS X 147 -46.81 7.18 17.49
C HIS X 147 -47.30 5.77 17.19
N TYR X 148 -46.44 4.76 17.26
CA TYR X 148 -46.93 3.43 16.95
C TYR X 148 -47.82 2.81 18.02
N ARG X 149 -48.93 2.23 17.58
CA ARG X 149 -49.90 1.57 18.45
C ARG X 149 -50.41 0.30 17.74
N PRO X 150 -50.31 -0.87 18.41
CA PRO X 150 -50.73 -2.17 17.88
C PRO X 150 -52.13 -2.21 17.26
N ASP X 151 -53.04 -1.44 17.84
CA ASP X 151 -54.42 -1.41 17.36
C ASP X 151 -54.70 -0.35 16.30
N MET X 152 -53.65 0.29 15.80
CA MET X 152 -53.85 1.31 14.77
C MET X 152 -54.66 0.75 13.62
N THR X 153 -55.43 1.61 12.97
CA THR X 153 -56.23 1.18 11.84
C THR X 153 -55.36 1.36 10.59
N THR X 154 -55.75 0.71 9.49
CA THR X 154 -54.97 0.84 8.27
C THR X 154 -54.83 2.29 7.87
N GLU X 155 -55.83 3.11 8.20
CA GLU X 155 -55.77 4.53 7.85
C GLU X 155 -54.79 5.30 8.74
N GLU X 156 -54.75 4.94 10.03
CA GLU X 156 -53.83 5.58 10.97
C GLU X 156 -52.40 5.25 10.55
N GLY X 157 -52.18 3.98 10.17
CA GLY X 157 -50.87 3.55 9.74
C GLY X 157 -50.36 4.40 8.58
N LEU X 158 -51.17 4.55 7.54
CA LEU X 158 -50.78 5.36 6.39
C LEU X 158 -50.44 6.78 6.83
N ASP X 159 -51.19 7.32 7.79
CA ASP X 159 -50.94 8.67 8.28
C ASP X 159 -49.56 8.75 8.93
N LEU X 160 -49.22 7.73 9.71
CA LEU X 160 -47.95 7.68 10.39
C LEU X 160 -46.86 7.57 9.35
N LEU X 161 -47.05 6.72 8.34
CA LEU X 161 -46.05 6.59 7.28
C LEU X 161 -45.84 7.91 6.58
N LYS X 162 -46.94 8.55 6.21
CA LYS X 162 -46.88 9.84 5.54
C LYS X 162 -45.99 10.77 6.35
N LEU X 163 -46.18 10.74 7.67
CA LEU X 163 -45.38 11.58 8.55
C LEU X 163 -43.91 11.23 8.40
N CYS X 164 -43.61 9.93 8.43
CA CYS X 164 -42.25 9.43 8.30
C CYS X 164 -41.65 9.88 6.98
N VAL X 165 -42.39 9.67 5.90
CA VAL X 165 -41.91 10.05 4.59
C VAL X 165 -41.60 11.52 4.54
N GLN X 166 -42.37 12.33 5.27
CA GLN X 166 -42.12 13.77 5.26
C GLN X 166 -40.81 14.13 5.96
N GLU X 167 -40.56 13.48 7.10
CA GLU X 167 -39.33 13.69 7.85
C GLU X 167 -38.19 13.23 6.96
N LEU X 168 -38.41 12.15 6.22
CA LEU X 168 -37.39 11.62 5.32
C LEU X 168 -37.14 12.59 4.18
N GLU X 169 -38.19 13.22 3.68
CA GLU X 169 -38.00 14.15 2.59
C GLU X 169 -37.31 15.42 3.08
N LYS X 170 -37.42 15.69 4.38
CA LYS X 170 -36.82 16.90 4.92
C LYS X 170 -35.35 16.82 5.29
N ARG X 171 -35.01 15.80 6.07
CA ARG X 171 -33.64 15.64 6.55
C ARG X 171 -32.68 14.76 5.74
N MET X 172 -33.19 14.07 4.73
CA MET X 172 -32.35 13.20 3.92
C MET X 172 -31.88 13.93 2.67
N PRO X 173 -30.56 13.86 2.40
CA PRO X 173 -29.85 14.47 1.28
C PRO X 173 -30.31 14.09 -0.12
N MET X 174 -30.76 12.84 -0.27
CA MET X 174 -31.18 12.34 -1.58
C MET X 174 -32.65 12.44 -1.91
N ASP X 175 -32.92 12.67 -3.18
CA ASP X 175 -34.28 12.77 -3.69
C ASP X 175 -34.68 11.35 -4.11
N PHE X 176 -35.44 10.64 -3.29
CA PHE X 176 -35.83 9.28 -3.66
C PHE X 176 -37.11 9.24 -4.47
N LYS X 177 -37.51 10.38 -5.00
CA LYS X 177 -38.69 10.50 -5.83
C LYS X 177 -39.99 9.92 -5.25
N GLY X 178 -40.19 10.09 -3.95
CA GLY X 178 -41.40 9.59 -3.32
C GLY X 178 -41.48 8.09 -3.18
N VAL X 179 -42.58 7.58 -2.61
CA VAL X 179 -42.70 6.15 -2.43
C VAL X 179 -43.99 5.55 -2.94
N ILE X 180 -43.98 4.24 -3.13
CA ILE X 180 -45.14 3.49 -3.57
C ILE X 180 -45.56 2.72 -2.32
N VAL X 181 -46.84 2.77 -1.99
CA VAL X 181 -47.34 2.09 -0.80
C VAL X 181 -48.27 0.94 -1.13
N LYS X 182 -48.15 -0.13 -0.38
CA LYS X 182 -48.99 -1.30 -0.58
C LYS X 182 -49.51 -1.88 0.73
N ILE X 183 -50.74 -2.39 0.68
CA ILE X 183 -51.34 -2.98 1.87
C ILE X 183 -51.49 -4.48 1.67
N VAL X 184 -51.16 -5.24 2.72
CA VAL X 184 -51.31 -6.68 2.66
C VAL X 184 -52.24 -7.01 3.82
N ASP X 185 -53.37 -7.65 3.51
CA ASP X 185 -54.32 -8.01 4.56
C ASP X 185 -55.05 -9.31 4.24
N LYS X 186 -56.08 -9.61 5.02
CA LYS X 186 -56.87 -10.82 4.82
C LYS X 186 -57.37 -10.98 3.41
N ASP X 187 -57.52 -9.88 2.69
CA ASP X 187 -58.03 -9.95 1.33
C ASP X 187 -56.96 -9.87 0.26
N GLY X 188 -55.70 -9.93 0.65
CA GLY X 188 -54.62 -9.88 -0.33
C GLY X 188 -53.76 -8.63 -0.33
N ILE X 189 -53.21 -8.33 -1.49
CA ILE X 189 -52.32 -7.18 -1.66
C ILE X 189 -52.88 -6.17 -2.65
N ARG X 190 -52.90 -4.89 -2.25
CA ARG X 190 -53.37 -3.81 -3.11
C ARG X 190 -52.47 -2.60 -2.93
N GLN X 191 -52.39 -1.77 -3.96
CA GLN X 191 -51.54 -0.58 -3.95
C GLN X 191 -52.27 0.75 -3.83
N VAL X 192 -51.93 1.51 -2.79
CA VAL X 192 -52.52 2.82 -2.54
C VAL X 192 -52.07 3.79 -3.62
N ASP X 193 -52.72 3.74 -4.78
CA ASP X 193 -52.35 4.59 -5.91
C ASP X 193 -52.44 6.10 -5.66
N ASP X 194 -52.77 6.49 -4.43
CA ASP X 194 -52.88 7.90 -4.10
C ASP X 194 -52.19 8.27 -2.78
N PHE X 195 -50.86 8.33 -2.82
CA PHE X 195 -50.07 8.70 -1.65
C PHE X 195 -49.22 9.90 -2.04
N GLN X 196 -49.26 10.25 -3.33
CA GLN X 196 -48.52 11.39 -3.87
C GLN X 196 -49.10 12.65 -3.24
N ALA X 197 -50.17 12.45 -2.49
CA ALA X 197 -50.88 13.52 -1.78
C ALA X 197 -52.10 12.88 -1.10
N GLN X 198 -51.84 12.17 0.00
CA GLN X 198 -52.90 11.51 0.75
C GLN X 198 -53.11 12.22 2.10
N THR Y 1 -19.45 9.17 -25.34
CA THR Y 1 -20.54 8.53 -26.12
C THR Y 1 -21.90 8.97 -25.63
N THR Y 2 -22.81 9.19 -26.55
CA THR Y 2 -24.17 9.55 -26.18
C THR Y 2 -25.18 8.74 -27.00
N THR Y 3 -26.09 8.07 -26.30
CA THR Y 3 -27.10 7.27 -26.96
C THR Y 3 -28.43 7.50 -26.25
N LEU Y 4 -29.51 7.55 -27.03
CA LEU Y 4 -30.84 7.74 -26.47
C LEU Y 4 -31.86 6.93 -27.24
N ALA Y 5 -33.01 6.75 -26.62
CA ALA Y 5 -34.11 6.02 -27.22
C ALA Y 5 -35.35 6.37 -26.40
N PHE Y 6 -36.43 6.69 -27.10
CA PHE Y 6 -37.66 7.02 -26.42
C PHE Y 6 -38.87 6.52 -27.18
N ARG Y 7 -39.93 6.27 -26.42
CA ARG Y 7 -41.21 5.76 -26.90
C ARG Y 7 -42.17 6.90 -27.19
N PHE Y 8 -43.03 6.72 -28.18
CA PHE Y 8 -44.04 7.72 -28.51
C PHE Y 8 -45.11 7.13 -29.40
N GLN Y 9 -46.16 7.91 -29.64
CA GLN Y 9 -47.26 7.48 -30.49
C GLN Y 9 -46.78 6.64 -31.67
N GLY Y 10 -45.84 7.17 -32.46
CA GLY Y 10 -45.34 6.47 -33.64
C GLY Y 10 -44.26 5.43 -33.47
N GLY Y 11 -44.21 4.77 -32.32
CA GLY Y 11 -43.18 3.76 -32.11
C GLY Y 11 -42.01 4.21 -31.25
N ILE Y 12 -40.79 3.84 -31.67
CA ILE Y 12 -39.60 4.20 -30.91
C ILE Y 12 -38.58 4.94 -31.77
N ILE Y 13 -37.90 5.89 -31.16
CA ILE Y 13 -36.86 6.66 -31.85
C ILE Y 13 -35.53 6.35 -31.18
N VAL Y 14 -34.52 6.05 -32.00
CA VAL Y 14 -33.21 5.73 -31.47
C VAL Y 14 -32.17 6.64 -32.10
N ALA Y 15 -31.39 7.30 -31.24
CA ALA Y 15 -30.34 8.21 -31.70
C ALA Y 15 -29.05 7.98 -30.92
N VAL Y 16 -27.94 7.92 -31.63
CA VAL Y 16 -26.65 7.69 -31.02
C VAL Y 16 -25.60 8.58 -31.70
N ASP Y 17 -24.45 8.75 -31.08
CA ASP Y 17 -23.38 9.54 -31.69
C ASP Y 17 -22.45 8.53 -32.38
N SER Y 18 -21.25 8.92 -32.78
CA SER Y 18 -20.40 7.95 -33.45
C SER Y 18 -18.91 8.11 -33.22
N ARG Y 19 -18.54 8.70 -32.09
CA ARG Y 19 -17.14 8.91 -31.76
C ARG Y 19 -16.61 7.80 -30.87
N ALA Y 20 -15.41 7.31 -31.19
CA ALA Y 20 -14.79 6.25 -30.42
C ALA Y 20 -13.50 6.79 -29.83
N THR Y 21 -13.44 6.92 -28.51
CA THR Y 21 -12.25 7.44 -27.86
C THR Y 21 -11.56 6.54 -26.85
N ALA Y 22 -10.22 6.57 -26.88
CA ALA Y 22 -9.39 5.84 -25.95
C ALA Y 22 -8.68 6.98 -25.24
N GLY Y 23 -9.35 7.55 -24.25
CA GLY Y 23 -8.78 8.68 -23.53
C GLY Y 23 -9.13 9.93 -24.33
N ASN Y 24 -8.15 10.78 -24.58
CA ASN Y 24 -8.40 12.00 -25.35
C ASN Y 24 -8.23 11.66 -26.82
N TRP Y 25 -7.80 10.43 -27.09
CA TRP Y 25 -7.59 9.98 -28.44
C TRP Y 25 -8.89 9.63 -29.14
N VAL Y 26 -9.16 10.31 -30.24
CA VAL Y 26 -10.35 10.06 -31.03
C VAL Y 26 -10.01 8.96 -32.03
N ALA Y 27 -10.33 7.72 -31.68
CA ALA Y 27 -10.03 6.58 -32.54
C ALA Y 27 -10.81 6.63 -33.84
N SER Y 28 -12.07 7.01 -33.77
CA SER Y 28 -12.91 7.11 -34.95
C SER Y 28 -14.09 8.02 -34.69
N GLN Y 29 -14.62 8.57 -35.77
CA GLN Y 29 -15.77 9.47 -35.69
C GLN Y 29 -16.89 8.85 -36.51
N THR Y 30 -16.56 7.74 -37.16
CA THR Y 30 -17.48 7.03 -38.05
C THR Y 30 -17.90 5.63 -37.54
N VAL Y 31 -18.14 5.53 -36.25
CA VAL Y 31 -18.49 4.25 -35.67
C VAL Y 31 -19.99 3.98 -35.51
N LYS Y 32 -20.38 2.70 -35.62
CA LYS Y 32 -21.79 2.29 -35.48
C LYS Y 32 -22.10 1.86 -34.06
N LYS Y 33 -22.85 2.68 -33.34
CA LYS Y 33 -23.20 2.37 -31.96
C LYS Y 33 -24.59 1.77 -31.80
N VAL Y 34 -25.21 1.40 -32.91
CA VAL Y 34 -26.53 0.78 -32.85
C VAL Y 34 -26.41 -0.62 -33.42
N ILE Y 35 -26.61 -1.63 -32.59
CA ILE Y 35 -26.52 -3.00 -33.06
C ILE Y 35 -27.88 -3.44 -33.60
N GLU Y 36 -27.89 -3.81 -34.88
CA GLU Y 36 -29.10 -4.30 -35.52
C GLU Y 36 -29.23 -5.77 -35.18
N ILE Y 37 -29.81 -6.03 -34.00
CA ILE Y 37 -29.99 -7.38 -33.50
C ILE Y 37 -30.65 -8.19 -34.60
N ASN Y 38 -31.77 -7.67 -35.11
CA ASN Y 38 -32.52 -8.26 -36.22
C ASN Y 38 -33.49 -7.19 -36.69
N PRO Y 39 -34.15 -7.42 -37.83
CA PRO Y 39 -35.12 -6.48 -38.43
C PRO Y 39 -36.16 -5.82 -37.52
N PHE Y 40 -36.34 -6.35 -36.32
CA PHE Y 40 -37.34 -5.78 -35.41
C PHE Y 40 -36.75 -5.27 -34.11
N LEU Y 41 -35.54 -5.71 -33.80
CA LEU Y 41 -34.89 -5.32 -32.56
C LEU Y 41 -33.62 -4.50 -32.74
N LEU Y 42 -33.50 -3.45 -31.93
CA LEU Y 42 -32.34 -2.56 -31.96
C LEU Y 42 -31.67 -2.46 -30.58
N GLY Y 43 -30.34 -2.49 -30.57
CA GLY Y 43 -29.60 -2.36 -29.31
C GLY Y 43 -28.63 -1.19 -29.40
N THR Y 44 -28.47 -0.45 -28.30
CA THR Y 44 -27.55 0.68 -28.30
C THR Y 44 -26.24 0.33 -27.61
N MET Y 45 -25.15 0.84 -28.17
CA MET Y 45 -23.80 0.57 -27.67
C MET Y 45 -23.23 1.70 -26.80
N ALA Y 46 -22.88 1.37 -25.56
CA ALA Y 46 -22.32 2.34 -24.63
C ALA Y 46 -21.49 1.58 -23.60
N GLY Y 47 -20.29 2.07 -23.32
CA GLY Y 47 -19.43 1.36 -22.37
C GLY Y 47 -18.37 0.61 -23.14
N GLY Y 48 -18.27 -0.69 -22.94
CA GLY Y 48 -17.28 -1.46 -23.67
C GLY Y 48 -17.77 -1.88 -25.04
N ALA Y 49 -17.09 -1.40 -26.09
CA ALA Y 49 -17.49 -1.75 -27.46
C ALA Y 49 -17.59 -3.27 -27.64
N ALA Y 50 -16.47 -3.96 -27.44
CA ALA Y 50 -16.44 -5.40 -27.59
C ALA Y 50 -17.63 -6.02 -26.88
N ASP Y 51 -17.79 -5.73 -25.59
CA ASP Y 51 -18.87 -6.30 -24.81
C ASP Y 51 -20.25 -6.10 -25.42
N CYS Y 52 -20.60 -4.87 -25.74
CA CYS Y 52 -21.91 -4.59 -26.34
C CYS Y 52 -22.04 -5.29 -27.69
N GLN Y 53 -21.08 -5.02 -28.56
CA GLN Y 53 -21.08 -5.59 -29.90
C GLN Y 53 -21.19 -7.12 -29.87
N PHE Y 54 -20.22 -7.77 -29.24
CA PHE Y 54 -20.21 -9.21 -29.17
C PHE Y 54 -21.48 -9.80 -28.52
N TRP Y 55 -21.80 -9.34 -27.31
CA TRP Y 55 -22.96 -9.90 -26.61
C TRP Y 55 -24.31 -9.59 -27.19
N GLU Y 56 -24.45 -8.49 -27.92
CA GLU Y 56 -25.74 -8.17 -28.52
C GLU Y 56 -25.91 -8.96 -29.82
N THR Y 57 -24.80 -9.20 -30.53
CA THR Y 57 -24.84 -10.01 -31.74
C THR Y 57 -25.25 -11.41 -31.30
N TRP Y 58 -24.67 -11.85 -30.18
CA TRP Y 58 -24.98 -13.16 -29.64
C TRP Y 58 -26.48 -13.17 -29.37
N LEU Y 59 -26.96 -12.11 -28.71
CA LEU Y 59 -28.39 -12.01 -28.39
C LEU Y 59 -29.19 -12.30 -29.66
N GLY Y 60 -28.76 -11.71 -30.77
CA GLY Y 60 -29.45 -11.92 -32.03
C GLY Y 60 -29.60 -13.40 -32.30
N SER Y 61 -28.49 -14.12 -32.26
CA SER Y 61 -28.53 -15.54 -32.50
C SER Y 61 -29.54 -16.20 -31.57
N GLN Y 62 -29.60 -15.75 -30.33
CA GLN Y 62 -30.52 -16.32 -29.37
C GLN Y 62 -31.99 -16.06 -29.73
N CYS Y 63 -32.30 -14.86 -30.22
CA CYS Y 63 -33.66 -14.53 -30.60
C CYS Y 63 -34.09 -15.41 -31.76
N ARG Y 64 -33.23 -15.47 -32.77
CA ARG Y 64 -33.48 -16.29 -33.95
C ARG Y 64 -33.85 -17.73 -33.58
N LEU Y 65 -33.14 -18.28 -32.61
CA LEU Y 65 -33.37 -19.62 -32.12
C LEU Y 65 -34.70 -19.71 -31.40
N HIS Y 66 -35.03 -18.69 -30.61
CA HIS Y 66 -36.31 -18.68 -29.90
C HIS Y 66 -37.43 -18.78 -30.93
N GLU Y 67 -37.33 -17.95 -31.95
CA GLU Y 67 -38.34 -17.91 -33.00
C GLU Y 67 -38.43 -19.21 -33.80
N LEU Y 68 -37.30 -19.85 -34.07
CA LEU Y 68 -37.36 -21.11 -34.80
C LEU Y 68 -38.05 -22.17 -33.94
N ARG Y 69 -37.79 -22.10 -32.64
CA ARG Y 69 -38.32 -23.05 -31.66
C ARG Y 69 -39.80 -22.87 -31.32
N GLU Y 70 -40.21 -21.62 -31.09
CA GLU Y 70 -41.58 -21.30 -30.71
C GLU Y 70 -42.45 -20.80 -31.84
N LYS Y 71 -41.89 -20.74 -33.04
CA LYS Y 71 -42.63 -20.29 -34.21
C LYS Y 71 -43.42 -19.00 -33.90
N GLU Y 72 -42.82 -18.13 -33.09
CA GLU Y 72 -43.44 -16.87 -32.72
C GLU Y 72 -42.39 -15.80 -32.36
N ARG Y 73 -42.53 -14.64 -32.99
CA ARG Y 73 -41.63 -13.52 -32.78
C ARG Y 73 -41.41 -13.21 -31.29
N ILE Y 74 -40.17 -13.34 -30.83
CA ILE Y 74 -39.80 -13.09 -29.43
C ILE Y 74 -40.20 -11.71 -28.92
N SER Y 75 -40.58 -11.64 -27.65
CA SER Y 75 -40.98 -10.37 -27.04
C SER Y 75 -39.78 -9.56 -26.59
N VAL Y 76 -39.90 -8.24 -26.63
CA VAL Y 76 -38.81 -7.37 -26.22
C VAL Y 76 -38.46 -7.65 -24.79
N ALA Y 77 -39.47 -8.05 -24.01
CA ALA Y 77 -39.25 -8.35 -22.61
C ALA Y 77 -38.35 -9.57 -22.48
N ALA Y 78 -38.59 -10.56 -23.33
CA ALA Y 78 -37.80 -11.79 -23.31
C ALA Y 78 -36.42 -11.60 -23.92
N ALA Y 79 -36.34 -10.92 -25.06
CA ALA Y 79 -35.06 -10.69 -25.72
C ALA Y 79 -34.12 -9.95 -24.77
N SER Y 80 -34.65 -8.95 -24.11
CA SER Y 80 -33.86 -8.15 -23.18
C SER Y 80 -33.40 -8.94 -21.96
N LYS Y 81 -34.26 -9.82 -21.45
CA LYS Y 81 -33.91 -10.59 -20.27
C LYS Y 81 -32.84 -11.64 -20.59
N ILE Y 82 -32.78 -12.08 -21.84
CA ILE Y 82 -31.77 -13.05 -22.24
C ILE Y 82 -30.43 -12.35 -21.99
N LEU Y 83 -30.29 -11.15 -22.55
CA LEU Y 83 -29.07 -10.37 -22.40
C LEU Y 83 -28.78 -10.16 -20.92
N SER Y 84 -29.71 -9.49 -20.27
CA SER Y 84 -29.63 -9.19 -18.84
C SER Y 84 -29.12 -10.37 -18.03
N ASN Y 85 -29.78 -11.51 -18.16
CA ASN Y 85 -29.40 -12.71 -17.42
C ASN Y 85 -28.00 -13.20 -17.74
N LEU Y 86 -27.61 -13.08 -19.00
CA LEU Y 86 -26.27 -13.49 -19.45
C LEU Y 86 -25.29 -12.59 -18.72
N VAL Y 87 -25.46 -11.28 -18.95
CA VAL Y 87 -24.62 -10.27 -18.34
C VAL Y 87 -24.51 -10.48 -16.82
N TYR Y 88 -25.63 -10.79 -16.17
CA TYR Y 88 -25.61 -10.99 -14.74
C TYR Y 88 -24.72 -12.17 -14.36
N GLN Y 89 -24.66 -13.16 -15.23
CA GLN Y 89 -23.82 -14.33 -15.00
C GLN Y 89 -22.37 -13.90 -14.79
N TYR Y 90 -21.97 -12.86 -15.51
CA TYR Y 90 -20.62 -12.35 -15.44
C TYR Y 90 -20.41 -11.26 -14.41
N LYS Y 91 -21.47 -10.86 -13.71
CA LYS Y 91 -21.33 -9.79 -12.72
C LYS Y 91 -20.04 -9.99 -11.95
N GLY Y 92 -19.23 -8.93 -11.89
CA GLY Y 92 -17.96 -8.99 -11.18
C GLY Y 92 -16.75 -9.15 -12.08
N ALA Y 93 -16.92 -9.88 -13.18
CA ALA Y 93 -15.83 -10.13 -14.12
C ALA Y 93 -15.25 -8.92 -14.84
N GLY Y 94 -15.96 -7.80 -14.85
CA GLY Y 94 -15.43 -6.64 -15.55
C GLY Y 94 -16.15 -6.20 -16.82
N LEU Y 95 -17.17 -6.94 -17.25
CA LEU Y 95 -17.91 -6.55 -18.44
C LEU Y 95 -18.38 -5.11 -18.24
N SER Y 96 -18.33 -4.32 -19.30
CA SER Y 96 -18.77 -2.95 -19.18
C SER Y 96 -19.76 -2.61 -20.26
N MET Y 97 -21.01 -2.35 -19.88
CA MET Y 97 -22.02 -2.00 -20.87
C MET Y 97 -23.33 -1.43 -20.33
N GLY Y 98 -23.80 -0.38 -21.00
CA GLY Y 98 -25.04 0.26 -20.66
C GLY Y 98 -25.76 0.23 -21.98
N THR Y 99 -26.93 -0.40 -22.03
CA THR Y 99 -27.59 -0.52 -23.31
C THR Y 99 -29.10 -0.46 -23.27
N MET Y 100 -29.68 -0.08 -24.41
CA MET Y 100 -31.12 -0.02 -24.58
C MET Y 100 -31.51 -1.06 -25.61
N ILE Y 101 -32.38 -1.98 -25.22
CA ILE Y 101 -32.88 -3.03 -26.12
C ILE Y 101 -34.28 -2.52 -26.48
N CYS Y 102 -34.42 -2.07 -27.72
CA CYS Y 102 -35.66 -1.50 -28.21
C CYS Y 102 -36.40 -2.37 -29.22
N GLY Y 103 -37.70 -2.51 -29.02
CA GLY Y 103 -38.50 -3.33 -29.92
C GLY Y 103 -39.97 -2.93 -29.96
N TYR Y 104 -40.67 -3.40 -30.99
CA TYR Y 104 -42.08 -3.08 -31.16
C TYR Y 104 -42.87 -4.35 -31.52
N THR Y 105 -43.41 -5.01 -30.51
CA THR Y 105 -44.17 -6.21 -30.74
C THR Y 105 -45.66 -5.94 -30.58
N ARG Y 106 -46.45 -6.63 -31.40
CA ARG Y 106 -47.89 -6.51 -31.37
C ARG Y 106 -48.38 -6.68 -29.95
N LYS Y 107 -47.80 -7.65 -29.25
CA LYS Y 107 -48.15 -7.96 -27.88
C LYS Y 107 -47.77 -6.87 -26.88
N GLU Y 108 -46.62 -6.22 -27.07
CA GLU Y 108 -46.13 -5.19 -26.14
C GLU Y 108 -46.20 -3.75 -26.64
N GLY Y 109 -46.15 -3.57 -27.96
CA GLY Y 109 -46.18 -2.24 -28.51
C GLY Y 109 -44.77 -1.68 -28.49
N PRO Y 110 -44.60 -0.35 -28.35
CA PRO Y 110 -43.24 0.17 -28.33
C PRO Y 110 -42.64 -0.20 -26.98
N THR Y 111 -41.46 -0.80 -27.00
CA THR Y 111 -40.83 -1.18 -25.75
C THR Y 111 -39.32 -0.99 -25.73
N ILE Y 112 -38.86 -0.36 -24.66
CA ILE Y 112 -37.45 -0.07 -24.44
C ILE Y 112 -36.99 -0.58 -23.07
N TYR Y 113 -35.94 -1.38 -23.09
CA TYR Y 113 -35.37 -1.94 -21.86
C TYR Y 113 -33.92 -1.51 -21.68
N TYR Y 114 -33.64 -0.85 -20.56
CA TYR Y 114 -32.29 -0.43 -20.26
C TYR Y 114 -31.64 -1.62 -19.55
N VAL Y 115 -30.50 -2.06 -20.06
CA VAL Y 115 -29.81 -3.20 -19.47
C VAL Y 115 -28.34 -2.84 -19.35
N ASP Y 116 -27.77 -3.00 -18.15
CA ASP Y 116 -26.35 -2.69 -17.98
C ASP Y 116 -25.59 -3.85 -17.37
N SER Y 117 -24.27 -3.79 -17.45
CA SER Y 117 -23.39 -4.83 -16.94
C SER Y 117 -23.45 -5.05 -15.45
N ASP Y 118 -24.16 -4.19 -14.73
CA ASP Y 118 -24.30 -4.35 -13.29
C ASP Y 118 -25.38 -5.40 -13.04
N GLY Y 119 -26.17 -5.68 -14.07
CA GLY Y 119 -27.26 -6.65 -13.96
C GLY Y 119 -28.63 -5.98 -13.97
N THR Y 120 -28.62 -4.66 -14.05
CA THR Y 120 -29.85 -3.90 -14.06
C THR Y 120 -30.62 -4.03 -15.37
N ARG Y 121 -31.92 -4.23 -15.24
CA ARG Y 121 -32.86 -4.34 -16.36
C ARG Y 121 -34.04 -3.43 -16.00
N LEU Y 122 -34.24 -2.39 -16.79
CA LEU Y 122 -35.31 -1.41 -16.56
C LEU Y 122 -36.15 -1.09 -17.77
N LYS Y 123 -37.46 -1.16 -17.60
CA LYS Y 123 -38.35 -0.82 -18.69
C LYS Y 123 -38.65 0.66 -18.52
N GLY Y 124 -38.70 1.41 -19.63
CA GLY Y 124 -38.97 2.83 -19.52
C GLY Y 124 -39.37 3.49 -20.83
N ASP Y 125 -39.65 4.79 -20.78
CA ASP Y 125 -40.05 5.54 -21.96
C ASP Y 125 -38.93 6.36 -22.56
N ILE Y 126 -38.08 6.90 -21.69
CA ILE Y 126 -36.95 7.73 -22.12
C ILE Y 126 -35.69 7.23 -21.42
N PHE Y 127 -34.62 7.04 -22.19
CA PHE Y 127 -33.36 6.59 -21.63
C PHE Y 127 -32.20 7.19 -22.39
N CYS Y 128 -31.18 7.62 -21.66
CA CYS Y 128 -29.96 8.17 -22.26
C CYS Y 128 -28.78 7.51 -21.56
N VAL Y 129 -27.91 6.90 -22.34
CA VAL Y 129 -26.75 6.24 -21.77
C VAL Y 129 -25.50 6.73 -22.45
N GLY Y 130 -24.48 7.01 -21.64
CA GLY Y 130 -23.22 7.47 -22.17
C GLY Y 130 -22.67 8.66 -21.41
N SER Y 131 -21.41 8.98 -21.69
CA SER Y 131 -20.72 10.08 -21.06
C SER Y 131 -21.37 11.40 -21.43
N GLY Y 132 -22.36 11.35 -22.32
CA GLY Y 132 -23.03 12.57 -22.73
C GLY Y 132 -24.50 12.61 -22.38
N GLN Y 133 -24.99 11.55 -21.75
CA GLN Y 133 -26.38 11.43 -21.38
C GLN Y 133 -27.04 12.67 -20.76
N THR Y 134 -26.39 13.25 -19.76
CA THR Y 134 -26.98 14.41 -19.10
C THR Y 134 -27.36 15.53 -20.05
N PHE Y 135 -26.54 15.75 -21.07
CA PHE Y 135 -26.80 16.80 -22.05
C PHE Y 135 -28.04 16.49 -22.85
N ALA Y 136 -28.16 15.25 -23.30
CA ALA Y 136 -29.30 14.82 -24.09
C ALA Y 136 -30.60 14.84 -23.28
N TYR Y 137 -30.55 14.34 -22.04
CA TYR Y 137 -31.74 14.34 -21.21
C TYR Y 137 -32.34 15.73 -21.15
N GLY Y 138 -31.48 16.75 -21.12
CA GLY Y 138 -31.97 18.13 -21.06
C GLY Y 138 -32.93 18.43 -22.20
N VAL Y 139 -32.43 18.38 -23.42
CA VAL Y 139 -33.22 18.64 -24.60
C VAL Y 139 -34.47 17.75 -24.56
N LEU Y 140 -34.27 16.45 -24.39
CA LEU Y 140 -35.35 15.47 -24.35
C LEU Y 140 -36.47 15.78 -23.36
N ASP Y 141 -36.14 15.83 -22.07
CA ASP Y 141 -37.13 16.09 -21.05
C ASP Y 141 -38.08 17.27 -21.31
N SER Y 142 -37.54 18.35 -21.85
CA SER Y 142 -38.36 19.55 -22.11
C SER Y 142 -39.15 19.55 -23.42
N ASN Y 143 -38.75 18.72 -24.38
CA ASN Y 143 -39.47 18.69 -25.63
C ASN Y 143 -40.24 17.41 -25.86
N TYR Y 144 -40.18 16.48 -24.92
CA TYR Y 144 -40.89 15.25 -25.15
C TYR Y 144 -42.37 15.35 -24.87
N LYS Y 145 -43.15 14.82 -25.80
CA LYS Y 145 -44.62 14.75 -25.74
C LYS Y 145 -44.91 13.40 -26.38
N TRP Y 146 -45.86 12.66 -25.84
CA TRP Y 146 -46.20 11.37 -26.39
C TRP Y 146 -46.74 11.50 -27.81
N ASP Y 147 -47.45 12.59 -28.04
CA ASP Y 147 -48.10 12.86 -29.32
C ASP Y 147 -47.23 13.50 -30.38
N LEU Y 148 -45.95 13.21 -30.35
CA LEU Y 148 -45.05 13.76 -31.34
C LEU Y 148 -45.20 13.03 -32.65
N SER Y 149 -44.99 13.73 -33.75
CA SER Y 149 -45.09 13.13 -35.07
C SER Y 149 -43.76 12.44 -35.34
N VAL Y 150 -43.79 11.30 -36.03
CA VAL Y 150 -42.54 10.60 -36.33
C VAL Y 150 -41.46 11.52 -36.89
N GLU Y 151 -41.88 12.56 -37.61
CA GLU Y 151 -40.93 13.50 -38.21
C GLU Y 151 -40.28 14.36 -37.12
N ASP Y 152 -41.11 14.92 -36.24
CA ASP Y 152 -40.63 15.75 -35.13
C ASP Y 152 -39.84 14.89 -34.15
N ALA Y 153 -40.40 13.74 -33.81
CA ALA Y 153 -39.75 12.79 -32.90
C ALA Y 153 -38.32 12.56 -33.39
N LEU Y 154 -38.19 12.19 -34.66
CA LEU Y 154 -36.87 11.96 -35.24
C LEU Y 154 -35.97 13.18 -35.03
N TYR Y 155 -36.53 14.37 -35.18
CA TYR Y 155 -35.71 15.56 -34.99
C TYR Y 155 -35.28 15.66 -33.54
N LEU Y 156 -36.23 15.65 -32.61
CA LEU Y 156 -35.94 15.75 -31.17
C LEU Y 156 -34.73 14.89 -30.80
N GLY Y 157 -34.70 13.68 -31.33
CA GLY Y 157 -33.58 12.80 -31.07
C GLY Y 157 -32.33 13.43 -31.63
N LYS Y 158 -32.28 13.57 -32.95
CA LYS Y 158 -31.13 14.17 -33.61
C LYS Y 158 -30.63 15.40 -32.86
N ARG Y 159 -31.55 16.30 -32.53
CA ARG Y 159 -31.19 17.51 -31.84
C ARG Y 159 -30.52 17.21 -30.51
N SER Y 160 -31.09 16.28 -29.74
CA SER Y 160 -30.53 15.92 -28.45
C SER Y 160 -29.09 15.40 -28.55
N ILE Y 161 -28.84 14.46 -29.47
CA ILE Y 161 -27.49 13.95 -29.64
C ILE Y 161 -26.60 15.14 -29.96
N LEU Y 162 -27.11 16.07 -30.76
CA LEU Y 162 -26.33 17.26 -31.13
C LEU Y 162 -25.93 18.03 -29.88
N ALA Y 163 -26.89 18.24 -28.98
CA ALA Y 163 -26.65 18.95 -27.73
C ALA Y 163 -25.42 18.35 -27.05
N ALA Y 164 -25.44 17.03 -26.88
CA ALA Y 164 -24.35 16.31 -26.25
C ALA Y 164 -23.07 16.45 -27.06
N ALA Y 165 -23.08 16.03 -28.32
CA ALA Y 165 -21.89 16.11 -29.16
C ALA Y 165 -21.14 17.43 -28.97
N HIS Y 166 -21.89 18.51 -28.82
CA HIS Y 166 -21.29 19.84 -28.65
C HIS Y 166 -20.50 19.99 -27.35
N ARG Y 167 -21.16 19.77 -26.21
CA ARG Y 167 -20.54 19.89 -24.89
C ARG Y 167 -19.63 18.71 -24.49
N ASP Y 168 -20.03 17.49 -24.84
CA ASP Y 168 -19.23 16.33 -24.49
C ASP Y 168 -18.02 16.14 -25.41
N ALA Y 169 -16.87 16.02 -24.78
CA ALA Y 169 -15.63 15.84 -25.51
C ALA Y 169 -15.53 14.42 -26.02
N TYR Y 170 -16.25 13.52 -25.38
CA TYR Y 170 -16.21 12.12 -25.77
C TYR Y 170 -17.34 11.71 -26.70
N SER Y 171 -18.14 12.69 -27.13
CA SER Y 171 -19.24 12.43 -28.04
C SER Y 171 -19.11 13.33 -29.24
N GLY Y 172 -19.61 12.84 -30.38
CA GLY Y 172 -19.55 13.62 -31.60
C GLY Y 172 -19.47 12.73 -32.83
N GLY Y 173 -18.82 13.26 -33.86
CA GLY Y 173 -18.69 12.52 -35.11
C GLY Y 173 -19.90 12.76 -35.99
N SER Y 174 -20.98 12.03 -35.71
CA SER Y 174 -22.20 12.15 -36.50
C SER Y 174 -23.35 11.53 -35.73
N VAL Y 175 -24.56 11.74 -36.24
CA VAL Y 175 -25.75 11.21 -35.61
C VAL Y 175 -26.39 10.14 -36.49
N ASN Y 176 -26.79 9.03 -35.86
CA ASN Y 176 -27.45 7.95 -36.58
C ASN Y 176 -28.84 7.84 -35.99
N LEU Y 177 -29.84 7.87 -36.87
CA LEU Y 177 -31.23 7.80 -36.47
C LEU Y 177 -31.92 6.52 -36.83
N TYR Y 178 -32.87 6.13 -36.00
CA TYR Y 178 -33.63 4.92 -36.26
C TYR Y 178 -35.06 5.08 -35.77
N HIS Y 179 -36.00 4.59 -36.58
CA HIS Y 179 -37.40 4.62 -36.21
C HIS Y 179 -37.81 3.18 -36.10
N VAL Y 180 -38.31 2.78 -34.93
CA VAL Y 180 -38.71 1.41 -34.74
C VAL Y 180 -40.23 1.31 -34.75
N THR Y 181 -40.75 0.54 -35.70
CA THR Y 181 -42.19 0.34 -35.84
C THR Y 181 -42.45 -1.15 -35.68
N GLU Y 182 -43.71 -1.49 -35.48
CA GLU Y 182 -44.09 -2.89 -35.31
C GLU Y 182 -43.65 -3.78 -36.47
N ASP Y 183 -43.52 -3.20 -37.65
CA ASP Y 183 -43.11 -3.97 -38.82
C ASP Y 183 -41.59 -4.09 -38.87
N GLY Y 184 -40.92 -3.34 -38.01
CA GLY Y 184 -39.46 -3.36 -37.97
C GLY Y 184 -38.93 -1.95 -37.86
N TRP Y 185 -37.61 -1.81 -37.87
CA TRP Y 185 -37.01 -0.48 -37.78
C TRP Y 185 -36.66 0.06 -39.15
N ILE Y 186 -36.70 1.39 -39.25
CA ILE Y 186 -36.38 2.08 -40.50
C ILE Y 186 -35.16 2.94 -40.19
N TYR Y 187 -34.05 2.71 -40.88
CA TYR Y 187 -32.88 3.54 -40.65
C TYR Y 187 -33.23 4.93 -41.18
N HIS Y 188 -32.72 5.97 -40.52
CA HIS Y 188 -33.01 7.33 -40.95
C HIS Y 188 -31.79 8.17 -41.18
N GLY Y 189 -30.78 7.54 -41.76
CA GLY Y 189 -29.55 8.24 -42.11
C GLY Y 189 -28.55 8.65 -41.06
N ASN Y 190 -27.36 8.96 -41.56
CA ASN Y 190 -26.24 9.39 -40.75
C ASN Y 190 -26.03 10.88 -41.00
N HIS Y 191 -25.97 11.65 -39.92
CA HIS Y 191 -25.82 13.08 -40.04
C HIS Y 191 -24.57 13.59 -39.37
N ASP Y 192 -23.63 14.07 -40.17
CA ASP Y 192 -22.38 14.61 -39.67
C ASP Y 192 -22.65 15.79 -38.73
N VAL Y 193 -22.12 15.70 -37.51
CA VAL Y 193 -22.31 16.77 -36.53
C VAL Y 193 -21.60 18.02 -37.02
N GLY Y 194 -20.55 17.81 -37.79
CA GLY Y 194 -19.81 18.93 -38.32
C GLY Y 194 -20.77 19.87 -39.00
N GLU Y 195 -21.45 19.38 -40.02
CA GLU Y 195 -22.39 20.20 -40.78
C GLU Y 195 -23.71 20.41 -40.07
N LEU Y 196 -24.23 19.37 -39.43
CA LEU Y 196 -25.50 19.48 -38.72
C LEU Y 196 -25.51 20.63 -37.71
N PHE Y 197 -24.39 20.85 -37.05
CA PHE Y 197 -24.29 21.91 -36.04
C PHE Y 197 -24.61 23.28 -36.63
N TRP Y 198 -23.85 23.70 -37.64
CA TRP Y 198 -24.05 25.00 -38.27
C TRP Y 198 -25.49 25.13 -38.79
N LYS Y 199 -25.95 24.09 -39.47
CA LYS Y 199 -27.29 24.06 -40.02
C LYS Y 199 -28.25 24.38 -38.86
N VAL Y 200 -28.39 23.46 -37.92
CA VAL Y 200 -29.28 23.66 -36.77
C VAL Y 200 -29.08 25.02 -36.09
N LYS Y 201 -27.83 25.50 -36.07
CA LYS Y 201 -27.58 26.79 -35.42
C LYS Y 201 -28.27 27.90 -36.16
N GLU Y 202 -28.03 27.97 -37.47
CA GLU Y 202 -28.64 28.99 -38.29
C GLU Y 202 -30.15 28.84 -38.32
N GLU Y 203 -30.61 27.74 -38.88
CA GLU Y 203 -32.03 27.46 -38.99
C GLU Y 203 -32.84 27.54 -37.70
N GLU Y 204 -32.22 27.22 -36.57
CA GLU Y 204 -32.93 27.22 -35.29
C GLU Y 204 -32.64 28.42 -34.41
N GLY Y 205 -31.48 29.05 -34.63
CA GLY Y 205 -31.10 30.22 -33.84
C GLY Y 205 -30.40 29.92 -32.52
N SER Y 206 -30.34 28.64 -32.17
CA SER Y 206 -29.70 28.19 -30.93
C SER Y 206 -28.19 28.26 -31.07
N PHE Y 207 -27.48 27.88 -30.01
CA PHE Y 207 -26.02 27.91 -29.98
C PHE Y 207 -25.58 29.31 -30.31
N ASN Y 208 -26.33 30.28 -29.79
CA ASN Y 208 -26.03 31.68 -30.06
C ASN Y 208 -24.58 32.01 -29.77
N ASN Y 209 -24.13 31.59 -28.60
CA ASN Y 209 -22.77 31.85 -28.14
C ASN Y 209 -21.64 31.49 -29.10
N VAL Y 210 -21.77 30.38 -29.80
CA VAL Y 210 -20.73 29.98 -30.75
C VAL Y 210 -20.69 30.95 -31.92
N ILE Y 211 -19.49 31.36 -32.33
CA ILE Y 211 -19.33 32.28 -33.46
C ILE Y 211 -19.34 31.55 -34.79
N GLY Y 212 -20.36 31.80 -35.61
CA GLY Y 212 -20.46 31.14 -36.89
C GLY Y 212 -20.44 32.08 -38.07
N GLN Z 1 7.06 -8.91 -9.62
CA GLN Z 1 6.07 -9.93 -10.08
C GLN Z 1 6.18 -10.12 -11.60
N PHE Z 2 5.81 -11.29 -12.11
CA PHE Z 2 5.89 -11.55 -13.55
C PHE Z 2 4.79 -10.87 -14.36
N ASN Z 3 5.21 -10.16 -15.39
CA ASN Z 3 4.30 -9.47 -16.28
C ASN Z 3 4.22 -10.26 -17.59
N PRO Z 4 3.04 -10.82 -17.88
CA PRO Z 4 2.82 -11.61 -19.09
C PRO Z 4 2.85 -10.86 -20.41
N TYR Z 5 2.80 -9.52 -20.36
CA TYR Z 5 2.79 -8.71 -21.58
C TYR Z 5 4.06 -7.92 -21.86
N GLY Z 6 4.23 -7.51 -23.11
CA GLY Z 6 5.39 -6.73 -23.53
C GLY Z 6 4.99 -5.88 -24.73
N ASP Z 7 5.85 -4.93 -25.13
CA ASP Z 7 5.56 -4.07 -26.27
C ASP Z 7 6.70 -4.02 -27.30
N ASN Z 8 6.46 -4.60 -28.47
CA ASN Z 8 7.47 -4.64 -29.53
C ASN Z 8 7.34 -3.49 -30.50
N GLY Z 9 6.61 -2.44 -30.10
CA GLY Z 9 6.45 -1.28 -30.94
C GLY Z 9 6.03 -1.53 -32.37
N GLY Z 10 6.47 -0.66 -33.26
CA GLY Z 10 6.09 -0.80 -34.66
C GLY Z 10 4.74 -0.19 -34.97
N THR Z 11 4.47 0.05 -36.25
CA THR Z 11 3.21 0.64 -36.66
C THR Z 11 2.77 0.03 -37.98
N ILE Z 12 1.46 -0.15 -38.12
CA ILE Z 12 0.89 -0.70 -39.35
C ILE Z 12 -0.21 0.20 -39.89
N LEU Z 13 -0.42 0.13 -41.20
CA LEU Z 13 -1.44 0.96 -41.85
C LEU Z 13 -2.22 0.10 -42.85
N GLY Z 14 -3.52 0.37 -42.97
CA GLY Z 14 -4.33 -0.38 -43.89
C GLY Z 14 -5.27 0.53 -44.65
N ILE Z 15 -5.16 0.58 -45.98
CA ILE Z 15 -6.02 1.44 -46.76
C ILE Z 15 -6.75 0.63 -47.82
N ALA Z 16 -8.04 0.93 -47.98
CA ALA Z 16 -8.86 0.22 -48.95
C ALA Z 16 -9.17 1.07 -50.19
N GLY Z 17 -8.77 0.56 -51.35
CA GLY Z 17 -9.03 1.24 -52.60
C GLY Z 17 -10.29 0.63 -53.20
N GLU Z 18 -10.89 1.32 -54.16
CA GLU Z 18 -12.12 0.83 -54.78
C GLU Z 18 -12.11 -0.63 -55.25
N ASP Z 19 -10.99 -1.08 -55.80
CA ASP Z 19 -10.91 -2.47 -56.25
C ASP Z 19 -9.62 -3.12 -55.79
N PHE Z 20 -9.02 -2.53 -54.74
CA PHE Z 20 -7.77 -3.03 -54.16
C PHE Z 20 -7.73 -2.63 -52.70
N ALA Z 21 -6.65 -3.01 -52.03
CA ALA Z 21 -6.47 -2.68 -50.62
C ALA Z 21 -5.04 -2.99 -50.25
N VAL Z 22 -4.48 -2.22 -49.33
CA VAL Z 22 -3.11 -2.44 -48.88
C VAL Z 22 -3.01 -2.46 -47.38
N LEU Z 23 -2.07 -3.27 -46.87
CA LEU Z 23 -1.81 -3.37 -45.46
C LEU Z 23 -0.30 -3.30 -45.32
N ALA Z 24 0.19 -2.16 -44.85
CA ALA Z 24 1.61 -1.95 -44.67
C ALA Z 24 1.99 -1.90 -43.20
N GLY Z 25 3.27 -2.10 -42.92
CA GLY Z 25 3.76 -2.05 -41.56
C GLY Z 25 5.27 -2.02 -41.64
N ASP Z 26 5.93 -1.31 -40.72
CA ASP Z 26 7.39 -1.26 -40.74
C ASP Z 26 7.92 -2.62 -40.34
N THR Z 27 9.20 -2.87 -40.58
CA THR Z 27 9.77 -4.15 -40.25
C THR Z 27 10.65 -4.13 -38.99
N ARG Z 28 10.55 -3.07 -38.21
CA ARG Z 28 11.33 -2.96 -36.98
C ARG Z 28 10.59 -3.60 -35.80
N ASN Z 29 11.33 -4.31 -34.97
CA ASN Z 29 10.76 -4.96 -33.80
C ASN Z 29 11.69 -4.57 -32.65
N ILE Z 30 11.15 -3.89 -31.65
CA ILE Z 30 11.98 -3.46 -30.55
C ILE Z 30 11.49 -3.84 -29.16
N THR Z 31 12.34 -3.55 -28.18
CA THR Z 31 12.09 -3.79 -26.77
C THR Z 31 12.69 -2.59 -26.04
N ASP Z 32 11.84 -1.80 -25.40
CA ASP Z 32 12.32 -0.61 -24.69
C ASP Z 32 13.13 0.22 -25.66
N TYR Z 33 14.41 0.46 -25.36
CA TYR Z 33 15.24 1.26 -26.25
C TYR Z 33 16.15 0.50 -27.20
N SER Z 34 16.08 -0.84 -27.17
CA SER Z 34 16.91 -1.65 -28.05
C SER Z 34 16.12 -2.10 -29.25
N ILE Z 35 16.82 -2.44 -30.32
CA ILE Z 35 16.17 -2.92 -31.52
C ILE Z 35 16.45 -4.42 -31.56
N ASN Z 36 15.39 -5.22 -31.68
CA ASN Z 36 15.55 -6.68 -31.72
C ASN Z 36 15.85 -7.14 -33.12
N SER Z 37 15.27 -6.44 -34.10
CA SER Z 37 15.47 -6.79 -35.49
C SER Z 37 15.05 -5.65 -36.39
N ARG Z 38 15.81 -5.43 -37.46
CA ARG Z 38 15.48 -4.37 -38.41
C ARG Z 38 14.55 -4.95 -39.46
N TYR Z 39 14.45 -6.29 -39.48
CA TYR Z 39 13.56 -6.97 -40.41
C TYR Z 39 12.88 -8.23 -39.84
N GLU Z 40 11.64 -8.04 -39.41
CA GLU Z 40 10.81 -9.11 -38.85
C GLU Z 40 9.41 -8.80 -39.36
N PRO Z 41 9.07 -9.31 -40.55
CA PRO Z 41 7.77 -9.10 -41.19
C PRO Z 41 6.64 -9.11 -40.18
N LYS Z 42 5.77 -8.11 -40.29
CA LYS Z 42 4.68 -7.96 -39.36
C LYS Z 42 3.30 -8.17 -40.00
N VAL Z 43 3.24 -8.06 -41.32
CA VAL Z 43 1.98 -8.24 -42.05
C VAL Z 43 2.07 -9.59 -42.80
N PHE Z 44 1.02 -10.40 -42.72
CA PHE Z 44 1.04 -11.72 -43.37
C PHE Z 44 -0.08 -12.01 -44.35
N ASP Z 45 0.21 -12.90 -45.28
CA ASP Z 45 -0.74 -13.35 -46.29
C ASP Z 45 -1.31 -14.64 -45.68
N CYS Z 46 -2.63 -14.71 -45.51
CA CYS Z 46 -3.24 -15.89 -44.89
C CYS Z 46 -4.09 -16.75 -45.81
N GLY Z 47 -3.96 -16.54 -47.11
CA GLY Z 47 -4.75 -17.32 -48.05
C GLY Z 47 -6.08 -16.65 -48.35
N ASP Z 48 -6.88 -17.30 -49.19
CA ASP Z 48 -8.18 -16.75 -49.56
C ASP Z 48 -8.15 -15.23 -49.75
N ASN Z 49 -7.04 -14.75 -50.30
CA ASN Z 49 -6.83 -13.33 -50.59
C ASN Z 49 -7.05 -12.44 -49.36
N ILE Z 50 -6.44 -12.83 -48.24
CA ILE Z 50 -6.55 -12.07 -47.00
C ILE Z 50 -5.18 -11.79 -46.41
N VAL Z 51 -4.96 -10.54 -46.03
CA VAL Z 51 -3.72 -10.12 -45.40
C VAL Z 51 -4.12 -9.60 -44.03
N MET Z 52 -3.38 -10.05 -43.01
CA MET Z 52 -3.68 -9.67 -41.64
C MET Z 52 -2.44 -9.25 -40.87
N SER Z 53 -2.64 -8.40 -39.88
CA SER Z 53 -1.55 -7.94 -39.02
C SER Z 53 -2.08 -7.64 -37.62
N ALA Z 54 -1.36 -8.15 -36.61
CA ALA Z 54 -1.75 -7.95 -35.22
C ALA Z 54 -0.62 -7.23 -34.51
N ASN Z 55 -0.58 -5.90 -34.64
CA ASN Z 55 0.47 -5.14 -34.01
C ASN Z 55 0.28 -5.00 -32.50
N GLY Z 56 1.38 -4.77 -31.79
CA GLY Z 56 1.32 -4.63 -30.35
C GLY Z 56 2.32 -5.54 -29.68
N PHE Z 57 1.84 -6.47 -28.86
CA PHE Z 57 2.72 -7.40 -28.16
C PHE Z 57 2.97 -8.63 -29.03
N ALA Z 58 4.09 -8.62 -29.74
CA ALA Z 58 4.53 -9.68 -30.66
C ALA Z 58 4.06 -11.09 -30.37
N ALA Z 59 4.35 -11.60 -29.18
CA ALA Z 59 3.96 -12.95 -28.82
C ALA Z 59 2.46 -13.15 -29.07
N ASP Z 60 1.65 -12.21 -28.56
CA ASP Z 60 0.20 -12.31 -28.73
C ASP Z 60 -0.19 -12.14 -30.20
N GLY Z 61 0.54 -11.26 -30.91
CA GLY Z 61 0.26 -11.03 -32.31
C GLY Z 61 0.47 -12.29 -33.11
N ASP Z 62 1.61 -12.96 -32.93
CA ASP Z 62 1.90 -14.19 -33.67
C ASP Z 62 0.89 -15.29 -33.37
N ALA Z 63 0.57 -15.43 -32.09
CA ALA Z 63 -0.36 -16.45 -31.66
C ALA Z 63 -1.70 -16.29 -32.39
N LEU Z 64 -2.15 -15.05 -32.52
CA LEU Z 64 -3.42 -14.77 -33.19
C LEU Z 64 -3.33 -15.10 -34.69
N VAL Z 65 -2.36 -14.49 -35.37
CA VAL Z 65 -2.17 -14.71 -36.79
C VAL Z 65 -2.05 -16.20 -37.06
N LYS Z 66 -1.30 -16.90 -36.23
CA LYS Z 66 -1.11 -18.33 -36.36
C LYS Z 66 -2.47 -19.01 -36.21
N ARG Z 67 -3.20 -18.63 -35.18
CA ARG Z 67 -4.50 -19.21 -34.89
C ARG Z 67 -5.52 -18.90 -35.98
N PHE Z 68 -5.43 -17.71 -36.58
CA PHE Z 68 -6.36 -17.35 -37.65
C PHE Z 68 -6.09 -18.17 -38.90
N LYS Z 69 -4.84 -18.19 -39.36
CA LYS Z 69 -4.48 -18.94 -40.55
C LYS Z 69 -4.98 -20.37 -40.42
N ASN Z 70 -4.80 -20.93 -39.24
CA ASN Z 70 -5.21 -22.30 -38.98
C ASN Z 70 -6.74 -22.37 -38.99
N SER Z 71 -7.38 -21.24 -38.79
CA SER Z 71 -8.84 -21.19 -38.80
C SER Z 71 -9.30 -21.25 -40.26
N VAL Z 72 -8.53 -20.61 -41.13
CA VAL Z 72 -8.81 -20.61 -42.56
C VAL Z 72 -8.71 -22.04 -43.07
N LYS Z 73 -7.58 -22.69 -42.75
CA LYS Z 73 -7.31 -24.06 -43.14
C LYS Z 73 -8.48 -24.97 -42.82
N TRP Z 74 -8.97 -24.90 -41.58
CA TRP Z 74 -10.08 -25.73 -41.16
C TRP Z 74 -11.39 -25.29 -41.76
N TYR Z 75 -11.45 -24.05 -42.23
CA TYR Z 75 -12.67 -23.58 -42.84
C TYR Z 75 -12.84 -24.46 -44.08
N HIS Z 76 -11.78 -24.58 -44.86
CA HIS Z 76 -11.81 -25.40 -46.08
C HIS Z 76 -12.14 -26.87 -45.78
N PHE Z 77 -11.49 -27.41 -44.75
CA PHE Z 77 -11.74 -28.79 -44.39
C PHE Z 77 -13.21 -29.02 -44.04
N ASP Z 78 -13.83 -28.03 -43.42
CA ASP Z 78 -15.21 -28.17 -43.00
C ASP Z 78 -16.29 -27.71 -43.96
N HIS Z 79 -15.94 -26.96 -45.00
CA HIS Z 79 -16.96 -26.50 -45.93
C HIS Z 79 -16.55 -26.59 -47.39
N ASN Z 80 -16.16 -27.80 -47.79
CA ASN Z 80 -15.73 -28.07 -49.16
C ASN Z 80 -14.95 -26.89 -49.74
N ASP Z 81 -13.70 -26.74 -49.30
CA ASP Z 81 -12.84 -25.66 -49.77
C ASP Z 81 -13.47 -24.31 -50.06
N LYS Z 82 -14.61 -23.99 -49.46
CA LYS Z 82 -15.24 -22.70 -49.71
C LYS Z 82 -14.30 -21.55 -49.35
N LYS Z 83 -14.35 -20.48 -50.13
CA LYS Z 83 -13.49 -19.34 -49.84
C LYS Z 83 -14.05 -18.58 -48.64
N LEU Z 84 -13.13 -18.14 -47.78
CA LEU Z 84 -13.52 -17.37 -46.60
C LEU Z 84 -13.57 -15.90 -46.97
N SER Z 85 -14.78 -15.38 -47.11
CA SER Z 85 -14.96 -13.98 -47.47
C SER Z 85 -14.38 -13.09 -46.37
N ILE Z 86 -13.88 -11.93 -46.77
CA ILE Z 86 -13.28 -10.99 -45.85
C ILE Z 86 -14.18 -10.71 -44.64
N ASN Z 87 -15.47 -10.48 -44.89
CA ASN Z 87 -16.41 -10.20 -43.82
C ASN Z 87 -16.48 -11.38 -42.83
N SER Z 88 -16.43 -12.59 -43.37
CA SER Z 88 -16.50 -13.76 -42.53
C SER Z 88 -15.21 -13.85 -41.72
N ALA Z 89 -14.09 -13.63 -42.37
CA ALA Z 89 -12.81 -13.66 -41.68
C ALA Z 89 -12.91 -12.77 -40.45
N ALA Z 90 -13.29 -11.52 -40.66
CA ALA Z 90 -13.42 -10.55 -39.58
C ALA Z 90 -14.27 -11.07 -38.42
N ARG Z 91 -15.50 -11.50 -38.70
CA ARG Z 91 -16.36 -12.01 -37.65
C ARG Z 91 -15.69 -13.18 -36.94
N ASN Z 92 -14.93 -13.97 -37.68
CA ASN Z 92 -14.25 -15.10 -37.10
C ASN Z 92 -13.24 -14.57 -36.08
N ILE Z 93 -12.45 -13.60 -36.52
CA ILE Z 93 -11.43 -12.99 -35.66
C ILE Z 93 -12.04 -12.34 -34.42
N GLN Z 94 -13.24 -11.78 -34.54
CA GLN Z 94 -13.86 -11.17 -33.37
C GLN Z 94 -13.95 -12.23 -32.29
N HIS Z 95 -14.37 -13.42 -32.67
CA HIS Z 95 -14.50 -14.50 -31.70
C HIS Z 95 -13.15 -14.95 -31.19
N LEU Z 96 -12.18 -15.04 -32.09
CA LEU Z 96 -10.85 -15.46 -31.68
C LEU Z 96 -10.42 -14.53 -30.56
N LEU Z 97 -10.56 -13.24 -30.80
CA LEU Z 97 -10.18 -12.23 -29.83
C LEU Z 97 -11.02 -12.21 -28.56
N TYR Z 98 -12.33 -12.15 -28.71
CA TYR Z 98 -13.19 -12.09 -27.53
C TYR Z 98 -13.03 -13.34 -26.68
N GLY Z 99 -12.52 -14.40 -27.28
CA GLY Z 99 -12.32 -15.62 -26.54
C GLY Z 99 -11.38 -15.39 -25.36
N LYS Z 100 -10.46 -14.45 -25.50
CA LYS Z 100 -9.51 -14.12 -24.43
C LYS Z 100 -9.86 -12.78 -23.80
N ARG Z 101 -11.16 -12.52 -23.69
CA ARG Z 101 -11.68 -11.28 -23.11
C ARG Z 101 -11.08 -10.94 -21.75
N PHE Z 102 -10.78 -11.96 -20.94
CA PHE Z 102 -10.23 -11.70 -19.61
C PHE Z 102 -8.75 -12.01 -19.44
N PHE Z 103 -8.04 -11.99 -20.56
CA PHE Z 103 -6.60 -12.21 -20.65
C PHE Z 103 -6.37 -12.00 -22.14
N PRO Z 104 -6.63 -10.77 -22.60
CA PRO Z 104 -6.53 -10.27 -23.97
C PRO Z 104 -5.24 -10.47 -24.72
N TYR Z 105 -5.39 -10.52 -26.04
CA TYR Z 105 -4.24 -10.62 -26.92
C TYR Z 105 -3.88 -9.14 -26.91
N TYR Z 106 -2.75 -8.79 -26.34
CA TYR Z 106 -2.39 -7.39 -26.26
C TYR Z 106 -2.01 -6.87 -27.64
N VAL Z 107 -2.96 -6.87 -28.57
CA VAL Z 107 -2.67 -6.43 -29.93
C VAL Z 107 -3.82 -5.71 -30.62
N HIS Z 108 -3.47 -4.80 -31.51
CA HIS Z 108 -4.46 -4.08 -32.31
C HIS Z 108 -4.33 -4.73 -33.67
N THR Z 109 -5.41 -5.37 -34.13
CA THR Z 109 -5.33 -6.06 -35.41
C THR Z 109 -6.18 -5.50 -36.57
N ILE Z 110 -5.60 -5.58 -37.77
CA ILE Z 110 -6.22 -5.11 -39.01
C ILE Z 110 -6.05 -6.18 -40.08
N ILE Z 111 -7.08 -6.37 -40.91
CA ILE Z 111 -7.00 -7.31 -42.03
C ILE Z 111 -7.46 -6.59 -43.29
N ALA Z 112 -6.99 -7.03 -44.43
CA ALA Z 112 -7.36 -6.40 -45.70
C ALA Z 112 -7.62 -7.40 -46.82
N GLY Z 113 -8.42 -6.96 -47.79
CA GLY Z 113 -8.75 -7.80 -48.92
C GLY Z 113 -9.87 -7.19 -49.74
N LEU Z 114 -10.54 -8.02 -50.52
CA LEU Z 114 -11.64 -7.55 -51.36
C LEU Z 114 -12.89 -8.21 -50.83
N ASP Z 115 -14.00 -7.47 -50.80
CA ASP Z 115 -15.26 -8.06 -50.32
C ASP Z 115 -15.82 -8.96 -51.39
N GLU Z 116 -17.07 -9.36 -51.21
CA GLU Z 116 -17.71 -10.25 -52.18
C GLU Z 116 -18.13 -9.56 -53.48
N ASP Z 117 -18.00 -8.23 -53.55
CA ASP Z 117 -18.35 -7.49 -54.75
C ASP Z 117 -17.10 -7.04 -55.45
N GLY Z 118 -15.96 -7.55 -54.97
CA GLY Z 118 -14.69 -7.20 -55.56
C GLY Z 118 -14.12 -5.88 -55.06
N LYS Z 119 -14.89 -5.17 -54.24
CA LYS Z 119 -14.47 -3.89 -53.69
C LYS Z 119 -13.38 -4.06 -52.64
N GLY Z 120 -12.55 -3.01 -52.49
CA GLY Z 120 -11.48 -3.03 -51.51
C GLY Z 120 -12.05 -2.93 -50.11
N ALA Z 121 -11.44 -3.64 -49.16
CA ALA Z 121 -11.94 -3.61 -47.80
C ALA Z 121 -10.88 -3.78 -46.72
N VAL Z 122 -11.16 -3.16 -45.57
CA VAL Z 122 -10.29 -3.20 -44.42
C VAL Z 122 -11.16 -3.33 -43.17
N TYR Z 123 -10.73 -4.20 -42.27
CA TYR Z 123 -11.42 -4.42 -41.01
C TYR Z 123 -10.38 -4.30 -39.92
N SER Z 124 -10.63 -3.44 -38.94
CA SER Z 124 -9.69 -3.28 -37.86
C SER Z 124 -10.37 -3.62 -36.55
N PHE Z 125 -9.58 -4.15 -35.61
CA PHE Z 125 -10.11 -4.59 -34.32
C PHE Z 125 -9.61 -3.93 -33.05
N ASP Z 126 -10.28 -4.33 -31.99
CA ASP Z 126 -10.09 -3.93 -30.62
C ASP Z 126 -9.25 -5.05 -30.03
N PRO Z 127 -8.53 -4.79 -28.93
CA PRO Z 127 -7.76 -5.92 -28.40
C PRO Z 127 -8.67 -7.05 -27.93
N VAL Z 128 -9.95 -6.76 -27.75
CA VAL Z 128 -10.87 -7.79 -27.31
C VAL Z 128 -11.94 -8.14 -28.34
N GLY Z 129 -11.76 -7.66 -29.57
CA GLY Z 129 -12.70 -8.03 -30.60
C GLY Z 129 -13.72 -7.07 -31.17
N SER Z 130 -13.88 -5.87 -30.64
CA SER Z 130 -14.86 -5.00 -31.27
C SER Z 130 -14.26 -4.68 -32.63
N TYR Z 131 -15.09 -4.51 -33.66
CA TYR Z 131 -14.57 -4.23 -34.99
C TYR Z 131 -15.51 -3.45 -35.90
N GLU Z 132 -14.99 -2.98 -37.02
CA GLU Z 132 -15.76 -2.19 -37.97
C GLU Z 132 -15.08 -2.28 -39.33
N ARG Z 133 -15.84 -2.07 -40.41
CA ARG Z 133 -15.20 -2.07 -41.72
C ARG Z 133 -14.79 -0.62 -41.89
N GLU Z 134 -13.64 -0.37 -42.50
CA GLU Z 134 -13.18 0.99 -42.66
C GLU Z 134 -12.44 1.31 -43.93
N GLN Z 135 -12.27 2.61 -44.17
CA GLN Z 135 -11.59 3.14 -45.33
C GLN Z 135 -10.12 2.85 -45.16
N CYS Z 136 -9.56 3.46 -44.12
CA CYS Z 136 -8.16 3.30 -43.80
C CYS Z 136 -8.02 3.40 -42.27
N ARG Z 137 -7.04 2.69 -41.75
CA ARG Z 137 -6.78 2.66 -40.31
C ARG Z 137 -5.30 2.41 -40.06
N ALA Z 138 -4.74 3.15 -39.12
CA ALA Z 138 -3.34 2.99 -38.74
C ALA Z 138 -3.41 2.47 -37.32
N GLY Z 139 -2.53 1.53 -36.99
CA GLY Z 139 -2.52 0.95 -35.67
C GLY Z 139 -1.10 0.80 -35.19
N GLY Z 140 -0.88 1.01 -33.90
CA GLY Z 140 0.46 0.90 -33.37
C GLY Z 140 0.99 2.25 -32.95
N ALA Z 141 2.23 2.27 -32.45
CA ALA Z 141 2.88 3.47 -31.98
C ALA Z 141 2.47 4.80 -32.63
N ALA Z 142 2.82 4.97 -33.90
CA ALA Z 142 2.53 6.21 -34.62
C ALA Z 142 1.09 6.43 -35.07
N ALA Z 143 0.19 5.52 -34.75
CA ALA Z 143 -1.20 5.66 -35.17
C ALA Z 143 -1.72 7.09 -34.98
N SER Z 144 -1.38 7.71 -33.86
CA SER Z 144 -1.83 9.06 -33.57
C SER Z 144 -1.24 10.10 -34.52
N LEU Z 145 -0.12 9.76 -35.16
CA LEU Z 145 0.53 10.68 -36.09
C LEU Z 145 0.00 10.50 -37.51
N ILE Z 146 -0.28 9.24 -37.87
CA ILE Z 146 -0.78 8.91 -39.20
C ILE Z 146 -2.21 9.35 -39.47
N MET Z 147 -3.15 8.90 -38.65
CA MET Z 147 -4.56 9.21 -38.84
C MET Z 147 -4.93 10.65 -39.20
N PRO Z 148 -4.48 11.64 -38.42
CA PRO Z 148 -4.83 13.04 -38.73
C PRO Z 148 -4.49 13.34 -40.19
N PHE Z 149 -3.33 12.87 -40.60
CA PHE Z 149 -2.84 13.05 -41.95
C PHE Z 149 -3.82 12.41 -42.94
N LEU Z 150 -4.15 11.15 -42.67
CA LEU Z 150 -5.08 10.43 -43.53
C LEU Z 150 -6.45 11.11 -43.60
N ASP Z 151 -6.92 11.67 -42.49
CA ASP Z 151 -8.21 12.34 -42.52
C ASP Z 151 -8.15 13.45 -43.53
N ASN Z 152 -6.99 14.07 -43.62
CA ASN Z 152 -6.79 15.19 -44.51
C ASN Z 152 -6.52 14.84 -45.96
N GLN Z 153 -5.52 13.97 -46.18
CA GLN Z 153 -5.13 13.59 -47.52
C GLN Z 153 -5.93 12.47 -48.21
N VAL Z 154 -6.92 11.89 -47.52
CA VAL Z 154 -7.70 10.83 -48.12
C VAL Z 154 -9.19 11.14 -48.11
N ASN Z 155 -9.68 11.74 -47.03
CA ASN Z 155 -11.09 12.07 -46.96
C ASN Z 155 -11.21 13.58 -47.11
N PHE Z 156 -10.13 14.21 -47.55
CA PHE Z 156 -10.05 15.66 -47.76
C PHE Z 156 -10.77 16.47 -46.68
N LYS Z 157 -10.60 16.07 -45.42
CA LYS Z 157 -11.23 16.77 -44.31
C LYS Z 157 -10.69 18.20 -44.15
N ASN Z 158 -11.55 19.09 -43.70
CA ASN Z 158 -11.19 20.49 -43.49
C ASN Z 158 -10.75 21.23 -44.76
N GLN Z 159 -10.66 20.51 -45.87
CA GLN Z 159 -10.29 21.12 -47.13
C GLN Z 159 -11.56 21.53 -47.89
N TYR Z 160 -11.56 22.74 -48.44
CA TYR Z 160 -12.71 23.25 -49.18
C TYR Z 160 -12.31 23.77 -50.56
N GLU Z 161 -13.31 24.15 -51.35
CA GLU Z 161 -13.07 24.68 -52.67
C GLU Z 161 -12.53 26.10 -52.58
N PRO Z 162 -11.42 26.37 -53.27
CA PRO Z 162 -10.89 27.73 -53.20
C PRO Z 162 -11.95 28.71 -53.69
N GLY Z 163 -12.13 29.80 -52.95
CA GLY Z 163 -13.11 30.79 -53.36
C GLY Z 163 -14.56 30.53 -52.98
N THR Z 164 -14.89 29.31 -52.56
CA THR Z 164 -16.26 29.01 -52.18
C THR Z 164 -16.59 29.46 -50.75
N ASN Z 165 -15.58 30.00 -50.07
CA ASN Z 165 -15.77 30.46 -48.69
C ASN Z 165 -16.03 29.25 -47.80
N GLY Z 166 -15.30 28.17 -48.05
CA GLY Z 166 -15.51 26.97 -47.26
C GLY Z 166 -16.97 26.55 -47.27
N LYS Z 167 -17.66 26.92 -48.34
CA LYS Z 167 -19.07 26.57 -48.51
C LYS Z 167 -19.23 25.32 -49.37
N VAL Z 168 -18.14 24.91 -50.01
CA VAL Z 168 -18.13 23.71 -50.85
C VAL Z 168 -16.94 22.84 -50.47
N LYS Z 169 -17.22 21.62 -49.99
CA LYS Z 169 -16.17 20.70 -49.59
C LYS Z 169 -15.42 20.17 -50.80
N LYS Z 170 -14.11 20.08 -50.69
CA LYS Z 170 -13.33 19.54 -51.78
C LYS Z 170 -13.90 18.15 -52.08
N PRO Z 171 -14.18 17.86 -53.35
CA PRO Z 171 -14.74 16.58 -53.80
C PRO Z 171 -13.87 15.37 -53.49
N LEU Z 172 -14.53 14.28 -53.10
CA LEU Z 172 -13.88 13.03 -52.73
C LEU Z 172 -13.44 12.14 -53.88
N LYS Z 173 -12.77 12.68 -54.89
CA LYS Z 173 -12.31 11.85 -56.01
C LYS Z 173 -11.47 10.71 -55.42
N TYR Z 174 -11.67 9.47 -55.87
CA TYR Z 174 -10.89 8.39 -55.27
C TYR Z 174 -9.57 7.97 -55.92
N LEU Z 175 -8.65 7.62 -55.02
CA LEU Z 175 -7.26 7.23 -55.30
C LEU Z 175 -6.96 5.88 -55.91
N SER Z 176 -5.91 5.87 -56.71
CA SER Z 176 -5.44 4.67 -57.38
C SER Z 176 -4.46 3.97 -56.47
N VAL Z 177 -4.16 2.71 -56.77
CA VAL Z 177 -3.24 1.94 -55.96
C VAL Z 177 -1.88 2.66 -55.87
N GLU Z 178 -1.57 3.49 -56.85
CA GLU Z 178 -0.30 4.21 -56.85
C GLU Z 178 -0.34 5.45 -55.97
N GLU Z 179 -1.47 6.13 -55.96
CA GLU Z 179 -1.61 7.33 -55.15
C GLU Z 179 -1.69 6.90 -53.69
N VAL Z 180 -2.17 5.69 -53.44
CA VAL Z 180 -2.28 5.18 -52.08
C VAL Z 180 -0.88 4.82 -51.59
N ILE Z 181 -0.12 4.09 -52.39
CA ILE Z 181 1.23 3.70 -52.00
C ILE Z 181 2.06 4.93 -51.65
N LYS Z 182 1.77 6.05 -52.28
CA LYS Z 182 2.51 7.28 -51.99
C LYS Z 182 2.22 7.71 -50.57
N LEU Z 183 0.94 7.90 -50.28
CA LEU Z 183 0.48 8.31 -48.97
C LEU Z 183 1.02 7.41 -47.88
N VAL Z 184 1.07 6.11 -48.15
CA VAL Z 184 1.59 5.16 -47.18
C VAL Z 184 3.05 5.44 -46.89
N ARG Z 185 3.87 5.49 -47.94
CA ARG Z 185 5.28 5.74 -47.77
C ARG Z 185 5.52 7.06 -47.04
N ASP Z 186 4.77 8.08 -47.44
CA ASP Z 186 4.93 9.38 -46.78
C ASP Z 186 4.51 9.27 -45.33
N SER Z 187 3.54 8.41 -45.04
CA SER Z 187 3.09 8.24 -43.66
C SER Z 187 4.19 7.61 -42.83
N PHE Z 188 4.89 6.64 -43.38
CA PHE Z 188 5.94 6.00 -42.62
C PHE Z 188 7.20 6.83 -42.54
N THR Z 189 7.55 7.53 -43.62
CA THR Z 189 8.75 8.34 -43.55
C THR Z 189 8.52 9.42 -42.49
N SER Z 190 7.30 9.96 -42.43
CA SER Z 190 6.97 10.96 -41.42
C SER Z 190 7.02 10.34 -40.03
N ALA Z 191 6.28 9.25 -39.85
CA ALA Z 191 6.26 8.57 -38.57
C ALA Z 191 7.69 8.25 -38.13
N THR Z 192 8.49 7.72 -39.06
CA THR Z 192 9.87 7.36 -38.77
C THR Z 192 10.70 8.54 -38.29
N GLU Z 193 10.33 9.72 -38.73
CA GLU Z 193 11.02 10.95 -38.33
C GLU Z 193 10.74 11.35 -36.90
N ARG Z 194 9.46 11.30 -36.51
CA ARG Z 194 9.04 11.72 -35.19
C ARG Z 194 8.81 10.66 -34.12
N HIS Z 195 8.90 9.38 -34.49
CA HIS Z 195 8.69 8.33 -33.51
C HIS Z 195 9.87 7.34 -33.49
N ILE Z 196 10.48 7.21 -32.31
CA ILE Z 196 11.64 6.33 -32.14
C ILE Z 196 11.40 4.83 -32.28
N GLN Z 197 10.14 4.41 -32.35
CA GLN Z 197 9.84 3.00 -32.49
C GLN Z 197 9.64 2.61 -33.95
N VAL Z 198 9.46 3.60 -34.82
CA VAL Z 198 9.25 3.33 -36.23
C VAL Z 198 10.51 3.56 -37.06
N GLY Z 199 10.72 2.70 -38.05
CA GLY Z 199 11.89 2.83 -38.90
C GLY Z 199 12.40 1.53 -39.49
N ASP Z 200 13.66 1.54 -39.90
CA ASP Z 200 14.31 0.36 -40.49
C ASP Z 200 13.76 -0.01 -41.86
N GLY Z 201 12.53 -0.55 -41.88
CA GLY Z 201 11.93 -0.94 -43.15
C GLY Z 201 10.42 -0.88 -43.21
N LEU Z 202 9.89 -0.70 -44.43
CA LEU Z 202 8.45 -0.63 -44.68
C LEU Z 202 8.06 -1.70 -45.69
N GLU Z 203 7.18 -2.61 -45.29
CA GLU Z 203 6.74 -3.68 -46.17
C GLU Z 203 5.25 -3.51 -46.43
N ILE Z 204 4.89 -3.49 -47.71
CA ILE Z 204 3.50 -3.33 -48.11
C ILE Z 204 2.96 -4.55 -48.85
N LEU Z 205 1.74 -4.97 -48.51
CA LEU Z 205 1.12 -6.09 -49.20
C LEU Z 205 -0.09 -5.49 -49.92
N ILE Z 206 -0.18 -5.70 -51.22
CA ILE Z 206 -1.29 -5.17 -52.02
C ILE Z 206 -2.24 -6.30 -52.47
N VAL Z 207 -3.52 -6.11 -52.21
CA VAL Z 207 -4.50 -7.10 -52.59
C VAL Z 207 -5.42 -6.62 -53.71
N THR Z 208 -5.40 -7.37 -54.81
CA THR Z 208 -6.21 -7.08 -55.97
C THR Z 208 -6.86 -8.38 -56.38
N LYS Z 209 -7.65 -8.35 -57.44
CA LYS Z 209 -8.33 -9.54 -57.93
C LYS Z 209 -7.33 -10.57 -58.41
N ASP Z 210 -6.08 -10.16 -58.63
CA ASP Z 210 -5.06 -11.07 -59.11
C ASP Z 210 -4.24 -11.68 -57.98
N GLY Z 211 -4.62 -11.42 -56.74
CA GLY Z 211 -3.88 -11.97 -55.62
C GLY Z 211 -3.16 -10.98 -54.73
N VAL Z 212 -2.13 -11.47 -54.04
CA VAL Z 212 -1.34 -10.66 -53.12
C VAL Z 212 0.08 -10.36 -53.62
N ARG Z 213 0.44 -9.07 -53.60
CA ARG Z 213 1.77 -8.64 -54.02
C ARG Z 213 2.46 -7.88 -52.89
N LYS Z 214 3.79 -7.93 -52.84
CA LYS Z 214 4.55 -7.23 -51.80
C LYS Z 214 5.53 -6.24 -52.39
N GLU Z 215 5.79 -5.17 -51.63
CA GLU Z 215 6.74 -4.13 -52.02
C GLU Z 215 7.50 -3.73 -50.78
N PHE Z 216 8.81 -3.51 -50.92
CA PHE Z 216 9.61 -3.14 -49.77
C PHE Z 216 10.36 -1.83 -49.97
N TYR Z 217 10.47 -1.06 -48.90
CA TYR Z 217 11.17 0.20 -48.94
C TYR Z 217 11.92 0.40 -47.65
N GLU Z 218 13.13 0.93 -47.73
CA GLU Z 218 13.92 1.17 -46.54
C GLU Z 218 13.39 2.37 -45.77
N LEU Z 219 13.79 2.44 -44.51
CA LEU Z 219 13.40 3.53 -43.61
C LEU Z 219 14.60 3.85 -42.72
N LYS Z 220 14.75 5.10 -42.32
CA LYS Z 220 15.87 5.50 -41.48
C LYS Z 220 16.08 4.55 -40.31
N ARG Z 221 17.28 4.01 -40.22
CA ARG Z 221 17.65 3.04 -39.19
C ARG Z 221 18.11 3.62 -37.84
N ASP Z 222 17.97 4.93 -37.63
CA ASP Z 222 18.43 5.50 -36.36
C ASP Z 222 17.38 5.44 -35.25
N THR AA 1 3.85 -17.91 -11.78
CA THR AA 1 4.77 -16.75 -11.61
C THR AA 1 5.85 -17.09 -10.61
N GLN AA 2 7.09 -16.77 -10.97
CA GLN AA 2 8.23 -17.08 -10.15
C GLN AA 2 9.26 -15.94 -10.21
N GLN AA 3 10.46 -16.24 -9.75
CA GLN AA 3 11.55 -15.28 -9.74
C GLN AA 3 12.82 -16.10 -9.90
N PRO AA 4 13.69 -15.71 -10.84
CA PRO AA 4 14.93 -16.44 -11.07
C PRO AA 4 15.85 -16.45 -9.86
N ILE AA 5 16.59 -17.55 -9.68
CA ILE AA 5 17.52 -17.67 -8.56
C ILE AA 5 18.95 -17.78 -9.10
N VAL AA 6 19.32 -18.94 -9.66
CA VAL AA 6 20.67 -19.06 -10.23
C VAL AA 6 20.55 -18.65 -11.70
N THR AA 7 21.40 -17.72 -12.15
CA THR AA 7 21.28 -17.24 -13.53
C THR AA 7 22.50 -17.12 -14.40
N GLY AA 8 22.26 -17.21 -15.71
CA GLY AA 8 23.32 -17.09 -16.69
C GLY AA 8 23.14 -15.77 -17.42
N THR AA 9 24.26 -15.09 -17.70
CA THR AA 9 24.19 -13.80 -18.38
C THR AA 9 23.98 -13.90 -19.89
N SER AA 10 24.57 -12.97 -20.64
CA SER AA 10 24.43 -12.90 -22.09
C SER AA 10 24.68 -14.14 -22.91
N VAL AA 11 24.13 -14.11 -24.12
CA VAL AA 11 24.30 -15.17 -25.10
C VAL AA 11 24.33 -14.38 -26.40
N ILE AA 12 25.49 -14.36 -27.05
CA ILE AA 12 25.66 -13.62 -28.29
C ILE AA 12 25.80 -14.56 -29.46
N SER AA 13 25.38 -14.09 -30.64
CA SER AA 13 25.47 -14.89 -31.84
C SER AA 13 25.27 -14.05 -33.09
N MET AA 14 25.73 -14.57 -34.21
CA MET AA 14 25.62 -13.91 -35.50
C MET AA 14 25.78 -14.98 -36.55
N LYS AA 15 25.42 -14.66 -37.78
CA LYS AA 15 25.55 -15.62 -38.85
C LYS AA 15 26.49 -15.08 -39.93
N TYR AA 16 27.38 -15.95 -40.42
CA TYR AA 16 28.32 -15.59 -41.46
C TYR AA 16 27.94 -16.36 -42.73
N ASP AA 17 28.72 -16.19 -43.80
CA ASP AA 17 28.44 -16.85 -45.08
C ASP AA 17 28.12 -18.34 -45.06
N ASN AA 18 28.84 -19.12 -44.26
CA ASN AA 18 28.63 -20.57 -44.22
C ASN AA 18 27.93 -21.14 -43.02
N GLY AA 19 27.44 -20.30 -42.13
CA GLY AA 19 26.76 -20.82 -40.96
C GLY AA 19 26.54 -19.82 -39.85
N VAL AA 20 26.56 -20.30 -38.61
CA VAL AA 20 26.36 -19.43 -37.47
C VAL AA 20 27.33 -19.73 -36.34
N ILE AA 21 27.50 -18.74 -35.47
CA ILE AA 21 28.38 -18.88 -34.32
C ILE AA 21 27.54 -18.42 -33.13
N ILE AA 22 27.78 -19.02 -31.97
CA ILE AA 22 27.07 -18.65 -30.76
C ILE AA 22 27.98 -18.85 -29.57
N ALA AA 23 27.89 -17.94 -28.61
CA ALA AA 23 28.73 -18.05 -27.42
C ALA AA 23 28.01 -17.65 -26.13
N ALA AA 24 28.56 -18.11 -25.01
CA ALA AA 24 28.01 -17.83 -23.69
C ALA AA 24 29.04 -18.20 -22.63
N ASP AA 25 29.32 -17.26 -21.71
CA ASP AA 25 30.30 -17.55 -20.67
C ASP AA 25 29.82 -18.72 -19.83
N ASN AA 26 30.67 -19.21 -18.95
CA ASN AA 26 30.31 -20.37 -18.16
C ASN AA 26 29.99 -20.09 -16.70
N LEU AA 27 29.24 -19.02 -16.46
CA LEU AA 27 28.89 -18.64 -15.10
C LEU AA 27 27.43 -18.90 -14.69
N GLY AA 28 27.25 -19.17 -13.41
CA GLY AA 28 25.94 -19.41 -12.86
C GLY AA 28 25.87 -18.52 -11.61
N SER AA 29 25.46 -17.27 -11.80
CA SER AA 29 25.37 -16.33 -10.70
C SER AA 29 24.18 -16.59 -9.80
N TYR AA 30 24.32 -16.10 -8.57
CA TYR AA 30 23.29 -16.23 -7.55
C TYR AA 30 23.21 -14.82 -6.99
N GLY AA 31 22.48 -13.96 -7.67
CA GLY AA 31 22.42 -12.59 -7.20
C GLY AA 31 23.76 -12.03 -7.55
N SER AA 32 24.37 -11.27 -6.65
CA SER AA 32 25.67 -10.69 -6.93
C SER AA 32 26.81 -11.69 -6.73
N LEU AA 33 26.50 -12.83 -6.10
CA LEU AA 33 27.51 -13.87 -5.85
C LEU AA 33 27.79 -14.71 -7.10
N LEU AA 34 29.01 -14.66 -7.59
CA LEU AA 34 29.40 -15.44 -8.77
C LEU AA 34 29.60 -16.87 -8.26
N ARG AA 35 28.48 -17.53 -7.94
CA ARG AA 35 28.52 -18.87 -7.37
C ARG AA 35 29.06 -20.05 -8.17
N PHE AA 36 28.57 -20.27 -9.39
CA PHE AA 36 29.02 -21.41 -10.18
C PHE AA 36 29.79 -21.09 -11.43
N ASN AA 37 30.97 -21.71 -11.57
CA ASN AA 37 31.84 -21.46 -12.71
C ASN AA 37 32.02 -22.56 -13.73
N GLY AA 38 31.35 -23.69 -13.57
CA GLY AA 38 31.52 -24.74 -14.55
C GLY AA 38 30.24 -24.96 -15.31
N VAL AA 39 29.45 -23.91 -15.47
CA VAL AA 39 28.17 -24.03 -16.17
C VAL AA 39 28.21 -23.85 -17.68
N GLU AA 40 27.82 -24.90 -18.40
CA GLU AA 40 27.80 -24.83 -19.86
C GLU AA 40 26.43 -24.36 -20.23
N ARG AA 41 26.35 -23.22 -20.88
CA ARG AA 41 25.07 -22.67 -21.27
C ARG AA 41 24.78 -22.85 -22.75
N LEU AA 42 25.59 -23.67 -23.41
CA LEU AA 42 25.40 -23.96 -24.83
C LEU AA 42 25.00 -25.43 -24.97
N ILE AA 43 23.74 -25.65 -25.35
CA ILE AA 43 23.22 -27.01 -25.52
C ILE AA 43 23.17 -27.38 -26.99
N PRO AA 44 23.99 -28.37 -27.40
CA PRO AA 44 23.99 -28.79 -28.80
C PRO AA 44 22.98 -29.91 -28.96
N VAL AA 45 22.11 -29.78 -29.95
CA VAL AA 45 21.11 -30.81 -30.22
C VAL AA 45 21.40 -31.39 -31.60
N GLY AA 46 21.92 -32.61 -31.61
CA GLY AA 46 22.25 -33.25 -32.87
C GLY AA 46 23.58 -32.68 -33.33
N ASP AA 47 23.72 -32.47 -34.63
CA ASP AA 47 24.97 -31.93 -35.17
C ASP AA 47 24.71 -30.78 -36.13
N ASN AA 48 23.53 -30.17 -36.02
CA ASN AA 48 23.18 -29.05 -36.88
C ASN AA 48 22.57 -27.91 -36.06
N THR AA 49 22.45 -28.13 -34.76
CA THR AA 49 21.84 -27.14 -33.88
C THR AA 49 22.52 -27.01 -32.53
N VAL AA 50 22.58 -25.77 -32.04
CA VAL AA 50 23.12 -25.46 -30.72
C VAL AA 50 22.21 -24.39 -30.11
N VAL AA 51 21.68 -24.71 -28.93
CA VAL AA 51 20.77 -23.82 -28.22
C VAL AA 51 21.48 -23.12 -27.07
N GLY AA 52 21.53 -21.79 -27.13
CA GLY AA 52 22.18 -21.02 -26.08
C GLY AA 52 21.11 -20.47 -25.16
N ILE AA 53 21.25 -20.73 -23.88
CA ILE AA 53 20.27 -20.30 -22.90
C ILE AA 53 20.80 -19.39 -21.82
N SER AA 54 19.99 -18.39 -21.44
CA SER AA 54 20.36 -17.48 -20.37
C SER AA 54 19.14 -17.39 -19.48
N GLY AA 55 19.31 -16.89 -18.27
CA GLY AA 55 18.19 -16.81 -17.38
C GLY AA 55 18.31 -17.79 -16.24
N ASP AA 56 17.17 -18.24 -15.71
CA ASP AA 56 17.17 -19.16 -14.58
C ASP AA 56 17.82 -20.48 -14.96
N ILE AA 57 18.91 -20.81 -14.26
CA ILE AA 57 19.66 -22.04 -14.53
C ILE AA 57 18.85 -23.32 -14.31
N SER AA 58 18.04 -23.34 -13.26
CA SER AA 58 17.23 -24.53 -12.99
C SER AA 58 16.30 -24.73 -14.18
N ASP AA 59 15.80 -23.63 -14.74
CA ASP AA 59 14.92 -23.68 -15.89
C ASP AA 59 15.71 -24.13 -17.11
N MET AA 60 16.91 -23.60 -17.26
CA MET AA 60 17.77 -23.99 -18.37
C MET AA 60 17.91 -25.53 -18.34
N GLN AA 61 18.40 -26.05 -17.21
CA GLN AA 61 18.60 -27.48 -17.02
C GLN AA 61 17.37 -28.26 -17.50
N HIS AA 62 16.19 -27.74 -17.17
CA HIS AA 62 14.91 -28.35 -17.56
C HIS AA 62 14.74 -28.39 -19.08
N ILE AA 63 14.99 -27.27 -19.74
CA ILE AA 63 14.86 -27.19 -21.19
C ILE AA 63 15.84 -28.15 -21.82
N GLU AA 64 16.91 -28.44 -21.09
CA GLU AA 64 17.95 -29.35 -21.54
C GLU AA 64 17.39 -30.78 -21.62
N ARG AA 65 16.79 -31.22 -20.51
CA ARG AA 65 16.21 -32.54 -20.43
C ARG AA 65 15.10 -32.64 -21.47
N LEU AA 66 14.45 -31.51 -21.76
CA LEU AA 66 13.39 -31.50 -22.76
C LEU AA 66 13.95 -31.80 -24.14
N LEU AA 67 15.14 -31.27 -24.42
CA LEU AA 67 15.78 -31.49 -25.70
C LEU AA 67 16.29 -32.93 -25.84
N LYS AA 68 16.93 -33.46 -24.80
CA LYS AA 68 17.41 -34.83 -24.88
C LYS AA 68 16.25 -35.76 -25.20
N ASP AA 69 15.07 -35.41 -24.71
CA ASP AA 69 13.87 -36.19 -24.96
C ASP AA 69 13.41 -36.04 -26.38
N LEU AA 70 13.44 -34.80 -26.87
CA LEU AA 70 13.03 -34.53 -28.24
C LEU AA 70 13.83 -35.46 -29.15
N VAL AA 71 15.13 -35.50 -28.92
CA VAL AA 71 16.03 -36.35 -29.69
C VAL AA 71 15.55 -37.80 -29.59
N THR AA 72 15.61 -38.37 -28.39
CA THR AA 72 15.17 -39.75 -28.13
C THR AA 72 13.86 -40.06 -28.84
N GLU AA 73 12.86 -39.20 -28.65
CA GLU AA 73 11.55 -39.39 -29.25
C GLU AA 73 11.59 -39.40 -30.77
N ASN AA 74 12.38 -38.50 -31.35
CA ASN AA 74 12.46 -38.44 -32.80
C ASN AA 74 13.04 -39.70 -33.39
N ALA AA 75 13.76 -40.45 -32.57
CA ALA AA 75 14.39 -41.70 -33.01
C ALA AA 75 13.38 -42.84 -33.08
N TYR AA 76 12.37 -42.80 -32.22
CA TYR AA 76 11.35 -43.84 -32.19
C TYR AA 76 10.64 -44.03 -33.53
N ASP AA 77 10.60 -45.29 -33.99
CA ASP AA 77 9.95 -45.66 -35.26
C ASP AA 77 10.34 -44.75 -36.42
N ASN AA 78 11.59 -44.29 -36.39
CA ASN AA 78 12.11 -43.40 -37.41
C ASN AA 78 13.40 -43.93 -38.03
N PRO AA 79 13.28 -44.72 -39.12
CA PRO AA 79 14.46 -45.29 -39.79
C PRO AA 79 15.37 -44.24 -40.45
N LEU AA 80 14.92 -42.98 -40.46
CA LEU AA 80 15.69 -41.89 -41.04
C LEU AA 80 16.03 -40.85 -39.99
N ALA AA 81 16.21 -41.33 -38.75
CA ALA AA 81 16.51 -40.43 -37.63
C ALA AA 81 17.83 -39.69 -37.82
N ASP AA 82 18.79 -40.35 -38.46
CA ASP AA 82 20.09 -39.74 -38.68
C ASP AA 82 20.20 -39.25 -40.11
N ALA AA 83 19.06 -39.19 -40.81
CA ALA AA 83 19.03 -38.75 -42.19
C ALA AA 83 17.98 -37.68 -42.44
N GLU AA 84 17.17 -37.87 -43.47
CA GLU AA 84 16.14 -36.92 -43.84
C GLU AA 84 15.18 -36.56 -42.71
N GLU AA 85 14.97 -37.47 -41.77
CA GLU AA 85 14.05 -37.22 -40.66
C GLU AA 85 14.74 -36.95 -39.32
N ALA AA 86 15.86 -36.23 -39.37
CA ALA AA 86 16.56 -35.87 -38.15
C ALA AA 86 16.04 -34.50 -37.75
N LEU AA 87 16.29 -34.11 -36.51
CA LEU AA 87 15.82 -32.84 -36.02
C LEU AA 87 16.45 -31.66 -36.75
N GLU AA 88 15.60 -30.77 -37.24
CA GLU AA 88 16.07 -29.56 -37.93
C GLU AA 88 16.12 -28.45 -36.89
N PRO AA 89 17.01 -27.46 -37.08
CA PRO AA 89 17.06 -26.40 -36.10
C PRO AA 89 15.66 -25.80 -35.95
N SER AA 90 15.03 -25.48 -37.08
CA SER AA 90 13.70 -24.89 -37.07
C SER AA 90 12.74 -25.70 -36.22
N TYR AA 91 12.78 -27.02 -36.34
CA TYR AA 91 11.90 -27.88 -35.57
C TYR AA 91 12.09 -27.62 -34.08
N ILE AA 92 13.35 -27.69 -33.63
CA ILE AA 92 13.70 -27.48 -32.23
C ILE AA 92 13.25 -26.13 -31.71
N PHE AA 93 13.49 -25.09 -32.49
CA PHE AA 93 13.08 -23.77 -32.06
C PHE AA 93 11.56 -23.69 -31.94
N GLU AA 94 10.87 -23.97 -33.04
CA GLU AA 94 9.41 -23.92 -33.06
C GLU AA 94 8.84 -24.62 -31.82
N TYR AA 95 9.45 -25.74 -31.45
CA TYR AA 95 9.03 -26.51 -30.29
C TYR AA 95 9.20 -25.67 -29.01
N LEU AA 96 10.43 -25.25 -28.77
CA LEU AA 96 10.73 -24.43 -27.60
C LEU AA 96 9.86 -23.18 -27.54
N ALA AA 97 9.78 -22.47 -28.67
CA ALA AA 97 8.97 -21.25 -28.77
C ALA AA 97 7.55 -21.58 -28.33
N THR AA 98 7.06 -22.73 -28.75
CA THR AA 98 5.72 -23.16 -28.40
C THR AA 98 5.61 -23.32 -26.89
N VAL AA 99 6.54 -24.06 -26.31
CA VAL AA 99 6.56 -24.28 -24.87
C VAL AA 99 6.64 -22.95 -24.14
N MET AA 100 7.63 -22.15 -24.47
CA MET AA 100 7.82 -20.86 -23.82
C MET AA 100 6.53 -20.03 -23.74
N TYR AA 101 5.83 -19.88 -24.85
CA TYR AA 101 4.61 -19.08 -24.88
C TYR AA 101 3.46 -19.69 -24.11
N GLN AA 102 3.39 -21.01 -24.08
CA GLN AA 102 2.35 -21.68 -23.33
C GLN AA 102 2.55 -21.41 -21.85
N ARG AA 103 3.79 -21.56 -21.42
CA ARG AA 103 4.13 -21.33 -20.03
C ARG AA 103 3.84 -19.88 -19.60
N ARG AA 104 4.18 -18.91 -20.42
CA ARG AA 104 3.91 -17.53 -20.01
C ARG AA 104 2.42 -17.36 -19.98
N SER AA 105 1.73 -18.01 -20.92
CA SER AA 105 0.29 -17.89 -21.02
C SER AA 105 -0.44 -18.58 -19.87
N LYS AA 106 0.29 -19.39 -19.11
CA LYS AA 106 -0.29 -20.06 -17.96
C LYS AA 106 0.28 -19.36 -16.73
N MET AA 107 0.81 -18.16 -16.94
CA MET AA 107 1.39 -17.37 -15.87
C MET AA 107 2.47 -18.11 -15.09
N ASN AA 108 3.16 -19.03 -15.75
CA ASN AA 108 4.23 -19.78 -15.10
C ASN AA 108 5.35 -19.98 -16.10
N PRO AA 109 6.08 -18.89 -16.40
CA PRO AA 109 7.20 -18.89 -17.35
C PRO AA 109 8.41 -19.71 -16.97
N LEU AA 110 9.25 -19.96 -17.96
CA LEU AA 110 10.54 -20.61 -17.82
C LEU AA 110 11.38 -19.34 -17.98
N TRP AA 111 11.90 -18.84 -16.87
CA TRP AA 111 12.64 -17.58 -16.86
C TRP AA 111 13.92 -17.56 -17.69
N ASN AA 112 13.78 -17.62 -19.01
CA ASN AA 112 14.93 -17.61 -19.90
C ASN AA 112 14.79 -16.77 -21.13
N ALA AA 113 15.93 -16.62 -21.80
CA ALA AA 113 16.06 -15.91 -23.06
C ALA AA 113 16.84 -16.99 -23.80
N ILE AA 114 16.32 -17.45 -24.93
CA ILE AA 114 16.98 -18.50 -25.68
C ILE AA 114 17.31 -18.11 -27.12
N ILE AA 115 18.45 -18.60 -27.61
CA ILE AA 115 18.86 -18.35 -28.97
C ILE AA 115 19.21 -19.70 -29.57
N VAL AA 116 18.45 -20.09 -30.59
CA VAL AA 116 18.68 -21.38 -31.26
C VAL AA 116 19.42 -21.06 -32.55
N ALA AA 117 20.63 -21.61 -32.67
CA ALA AA 117 21.45 -21.37 -33.86
C ALA AA 117 21.81 -22.68 -34.51
N GLY AA 118 21.77 -22.70 -35.83
CA GLY AA 118 22.11 -23.92 -36.54
C GLY AA 118 22.01 -23.77 -38.06
N VAL AA 119 22.24 -24.89 -38.75
CA VAL AA 119 22.16 -24.91 -40.21
C VAL AA 119 21.10 -25.92 -40.64
N GLN AA 120 20.17 -25.46 -41.46
CA GLN AA 120 19.09 -26.29 -41.95
C GLN AA 120 19.65 -27.33 -42.93
N SER AA 121 18.87 -28.37 -43.19
CA SER AA 121 19.29 -29.45 -44.10
C SER AA 121 19.77 -28.94 -45.45
N ASN AA 122 19.09 -27.93 -45.98
CA ASN AA 122 19.43 -27.35 -47.27
C ASN AA 122 20.57 -26.33 -47.18
N GLY AA 123 21.25 -26.30 -46.04
CA GLY AA 123 22.37 -25.39 -45.86
C GLY AA 123 22.05 -24.03 -45.26
N ASP AA 124 20.77 -23.66 -45.27
CA ASP AA 124 20.35 -22.36 -44.73
C ASP AA 124 20.77 -22.18 -43.28
N GLN AA 125 21.17 -20.96 -42.94
CA GLN AA 125 21.56 -20.64 -41.58
C GLN AA 125 20.30 -20.32 -40.80
N PHE AA 126 20.20 -20.85 -39.59
CA PHE AA 126 19.05 -20.58 -38.76
C PHE AA 126 19.50 -19.89 -37.48
N LEU AA 127 18.91 -18.74 -37.21
CA LEU AA 127 19.22 -17.99 -36.01
C LEU AA 127 17.95 -17.27 -35.57
N ARG AA 128 17.35 -17.73 -34.49
CA ARG AA 128 16.14 -17.10 -33.99
C ARG AA 128 16.19 -17.05 -32.46
N TYR AA 129 15.43 -16.12 -31.89
CA TYR AA 129 15.38 -15.88 -30.44
C TYR AA 129 13.98 -16.03 -29.86
N VAL AA 130 13.90 -16.50 -28.62
CA VAL AA 130 12.64 -16.65 -27.92
C VAL AA 130 12.89 -16.51 -26.42
N ASN AA 131 12.06 -15.73 -25.72
CA ASN AA 131 12.26 -15.54 -24.30
C ASN AA 131 11.06 -15.99 -23.48
N LEU AA 132 11.11 -15.73 -22.18
CA LEU AA 132 10.05 -16.14 -21.25
C LEU AA 132 8.65 -15.62 -21.61
N LEU AA 133 8.57 -14.55 -22.39
CA LEU AA 133 7.27 -14.00 -22.78
C LEU AA 133 6.71 -14.73 -24.00
N GLY AA 134 7.57 -15.49 -24.66
CA GLY AA 134 7.14 -16.21 -25.84
C GLY AA 134 7.42 -15.38 -27.08
N VAL AA 135 8.09 -14.24 -26.90
CA VAL AA 135 8.41 -13.37 -28.03
C VAL AA 135 9.52 -13.98 -28.86
N THR AA 136 9.40 -13.85 -30.18
CA THR AA 136 10.40 -14.39 -31.10
C THR AA 136 10.78 -13.42 -32.21
N TYR AA 137 12.04 -13.51 -32.64
CA TYR AA 137 12.54 -12.68 -33.73
C TYR AA 137 13.90 -13.14 -34.26
N SER AA 138 14.17 -12.80 -35.53
CA SER AA 138 15.42 -13.14 -36.18
C SER AA 138 16.13 -11.93 -36.74
N SER AA 139 17.46 -11.96 -36.70
CA SER AA 139 18.30 -10.88 -37.20
C SER AA 139 19.68 -11.47 -37.45
N PRO AA 140 20.48 -10.84 -38.32
CA PRO AA 140 21.83 -11.32 -38.62
C PRO AA 140 22.65 -11.54 -37.36
N THR AA 141 22.35 -10.76 -36.32
CA THR AA 141 23.03 -10.90 -35.03
C THR AA 141 21.94 -10.92 -33.95
N LEU AA 142 22.13 -11.76 -32.94
CA LEU AA 142 21.18 -11.86 -31.84
C LEU AA 142 21.88 -12.07 -30.51
N ALA AA 143 21.49 -11.29 -29.51
CA ALA AA 143 22.08 -11.40 -28.19
C ALA AA 143 21.00 -11.25 -27.13
N THR AA 144 21.20 -11.90 -25.99
CA THR AA 144 20.25 -11.79 -24.89
C THR AA 144 20.86 -10.90 -23.82
N GLY AA 145 20.02 -10.45 -22.90
CA GLY AA 145 20.49 -9.62 -21.80
C GLY AA 145 21.46 -8.52 -22.20
N PHE AA 146 22.56 -8.45 -21.47
CA PHE AA 146 23.59 -7.44 -21.70
C PHE AA 146 24.14 -7.38 -23.11
N GLY AA 147 24.39 -8.55 -23.71
CA GLY AA 147 24.90 -8.61 -25.06
C GLY AA 147 23.99 -7.85 -26.02
N ALA AA 148 22.71 -7.80 -25.69
CA ALA AA 148 21.76 -7.10 -26.53
C ALA AA 148 22.17 -5.65 -26.65
N HIS AA 149 22.77 -5.11 -25.60
CA HIS AA 149 23.18 -3.70 -25.60
C HIS AA 149 24.59 -3.38 -26.07
N MET AA 150 25.55 -4.19 -25.67
CA MET AA 150 26.93 -3.97 -26.07
C MET AA 150 27.36 -4.86 -27.22
N ALA AA 151 26.99 -6.14 -27.17
CA ALA AA 151 27.37 -7.08 -28.20
C ALA AA 151 26.76 -6.76 -29.57
N ASN AA 152 25.46 -6.51 -29.63
CA ASN AA 152 24.84 -6.22 -30.92
C ASN AA 152 25.50 -5.08 -31.68
N PRO AA 153 25.72 -3.92 -31.04
CA PRO AA 153 26.34 -2.80 -31.74
C PRO AA 153 27.64 -3.17 -32.46
N LEU AA 154 28.46 -3.99 -31.80
CA LEU AA 154 29.72 -4.43 -32.37
C LEU AA 154 29.46 -5.37 -33.55
N LEU AA 155 28.69 -6.42 -33.32
CA LEU AA 155 28.40 -7.39 -34.37
C LEU AA 155 27.68 -6.80 -35.57
N ARG AA 156 26.84 -5.80 -35.34
CA ARG AA 156 26.11 -5.20 -36.45
C ARG AA 156 27.00 -4.36 -37.34
N LYS AA 157 28.25 -4.16 -36.92
CA LYS AA 157 29.21 -3.39 -37.70
C LYS AA 157 29.92 -4.32 -38.69
N VAL AA 158 29.75 -5.63 -38.50
CA VAL AA 158 30.34 -6.64 -39.36
C VAL AA 158 29.28 -7.10 -40.36
N VAL AA 159 28.05 -7.21 -39.88
CA VAL AA 159 26.90 -7.62 -40.70
C VAL AA 159 25.74 -6.71 -40.32
N ASP AA 160 25.65 -5.58 -41.02
CA ASP AA 160 24.61 -4.60 -40.76
C ASP AA 160 23.28 -5.04 -41.32
N ARG AA 161 23.30 -5.67 -42.49
CA ARG AA 161 22.08 -6.17 -43.11
C ARG AA 161 22.32 -7.55 -43.68
N GLU AA 162 21.32 -8.10 -44.36
CA GLU AA 162 21.42 -9.45 -44.92
C GLU AA 162 22.54 -9.61 -45.94
N SER AA 163 22.59 -8.71 -46.92
CA SER AA 163 23.61 -8.76 -47.96
C SER AA 163 25.04 -8.88 -47.41
N ASP AA 164 25.21 -8.68 -46.11
CA ASP AA 164 26.52 -8.77 -45.47
C ASP AA 164 26.88 -10.20 -45.05
N ILE AA 165 25.88 -11.06 -44.86
CA ILE AA 165 26.15 -12.43 -44.42
C ILE AA 165 27.10 -13.13 -45.38
N PRO AA 166 26.74 -13.19 -46.67
CA PRO AA 166 27.60 -13.86 -47.64
C PRO AA 166 29.04 -13.30 -47.69
N LYS AA 167 29.21 -12.04 -47.30
CA LYS AA 167 30.52 -11.40 -47.30
C LYS AA 167 31.32 -11.64 -46.03
N THR AA 168 30.71 -12.22 -45.01
CA THR AA 168 31.41 -12.46 -43.76
C THR AA 168 31.96 -13.86 -43.57
N THR AA 169 33.27 -13.95 -43.34
CA THR AA 169 33.93 -15.23 -43.16
C THR AA 169 33.92 -15.68 -41.71
N VAL AA 170 34.18 -16.96 -41.50
CA VAL AA 170 34.22 -17.52 -40.15
C VAL AA 170 35.30 -16.85 -39.28
N GLN AA 171 36.35 -16.37 -39.93
CA GLN AA 171 37.44 -15.73 -39.21
C GLN AA 171 36.99 -14.37 -38.74
N VAL AA 172 36.41 -13.60 -39.65
CA VAL AA 172 35.92 -12.27 -39.32
C VAL AA 172 34.82 -12.40 -38.26
N ALA AA 173 33.87 -13.31 -38.49
CA ALA AA 173 32.78 -13.56 -37.57
C ALA AA 173 33.26 -14.00 -36.19
N GLU AA 174 33.96 -15.14 -36.11
CA GLU AA 174 34.45 -15.64 -34.83
C GLU AA 174 35.23 -14.60 -34.05
N GLU AA 175 35.93 -13.75 -34.79
CA GLU AA 175 36.74 -12.68 -34.20
C GLU AA 175 35.80 -11.66 -33.56
N ALA AA 176 34.85 -11.19 -34.36
CA ALA AA 176 33.87 -10.22 -33.91
C ALA AA 176 33.26 -10.70 -32.59
N ILE AA 177 32.87 -11.97 -32.55
CA ILE AA 177 32.27 -12.54 -31.35
C ILE AA 177 33.22 -12.61 -30.17
N VAL AA 178 34.44 -13.08 -30.40
CA VAL AA 178 35.39 -13.17 -29.30
C VAL AA 178 35.67 -11.79 -28.69
N ASN AA 179 35.67 -10.76 -29.52
CA ASN AA 179 35.91 -9.42 -28.99
C ASN AA 179 34.72 -9.00 -28.14
N ALA AA 180 33.52 -9.30 -28.62
CA ALA AA 180 32.29 -8.98 -27.91
C ALA AA 180 32.34 -9.61 -26.53
N MET AA 181 32.72 -10.86 -26.46
CA MET AA 181 32.81 -11.53 -25.17
C MET AA 181 33.74 -10.78 -24.24
N ARG AA 182 34.83 -10.25 -24.77
CA ARG AA 182 35.76 -9.50 -23.94
C ARG AA 182 35.13 -8.20 -23.47
N VAL AA 183 34.43 -7.51 -24.38
CA VAL AA 183 33.78 -6.26 -24.02
C VAL AA 183 32.79 -6.51 -22.87
N LEU AA 184 31.94 -7.52 -23.02
CA LEU AA 184 30.99 -7.85 -21.98
C LEU AA 184 31.71 -8.19 -20.67
N TYR AA 185 32.91 -8.76 -20.76
CA TYR AA 185 33.64 -9.09 -19.55
C TYR AA 185 34.08 -7.81 -18.85
N TYR AA 186 34.25 -6.75 -19.63
CA TYR AA 186 34.66 -5.45 -19.11
C TYR AA 186 33.51 -4.71 -18.41
N ARG AA 187 32.35 -4.68 -19.05
CA ARG AA 187 31.22 -3.94 -18.50
C ARG AA 187 30.02 -4.68 -17.88
N ASP AA 188 30.03 -6.00 -17.89
CA ASP AA 188 28.92 -6.76 -17.29
C ASP AA 188 29.40 -7.36 -15.96
N ALA AA 189 28.86 -6.85 -14.85
CA ALA AA 189 29.25 -7.32 -13.52
C ALA AA 189 28.80 -8.72 -13.17
N ARG AA 190 28.20 -9.41 -14.13
CA ARG AA 190 27.73 -10.78 -13.90
C ARG AA 190 28.32 -11.70 -14.98
N SER AA 191 29.49 -11.32 -15.48
CA SER AA 191 30.15 -12.11 -16.50
C SER AA 191 31.39 -12.79 -15.95
N SER AA 192 31.80 -13.81 -16.69
CA SER AA 192 32.97 -14.61 -16.34
C SER AA 192 33.96 -14.47 -17.48
N ARG AA 193 35.24 -14.75 -17.20
CA ARG AA 193 36.28 -14.66 -18.23
C ARG AA 193 36.28 -15.91 -19.10
N ASN AA 194 35.74 -17.00 -18.56
CA ASN AA 194 35.69 -18.26 -19.28
C ASN AA 194 34.37 -18.43 -19.99
N PHE AA 195 34.44 -18.87 -21.24
CA PHE AA 195 33.21 -19.07 -21.99
C PHE AA 195 33.29 -20.20 -22.96
N SER AA 196 32.21 -20.41 -23.70
CA SER AA 196 32.17 -21.46 -24.69
C SER AA 196 31.73 -20.86 -26.01
N LEU AA 197 32.26 -21.36 -27.10
CA LEU AA 197 31.90 -20.85 -28.39
C LEU AA 197 31.64 -22.06 -29.27
N ALA AA 198 30.73 -21.90 -30.21
CA ALA AA 198 30.39 -22.99 -31.10
C ALA AA 198 30.10 -22.47 -32.50
N ILE AA 199 30.56 -23.20 -33.51
CA ILE AA 199 30.30 -22.81 -34.88
C ILE AA 199 29.52 -23.95 -35.51
N ILE AA 200 28.62 -23.60 -36.41
CA ILE AA 200 27.82 -24.59 -37.11
C ILE AA 200 27.89 -24.17 -38.57
N ASP AA 201 28.88 -24.74 -39.25
CA ASP AA 201 29.18 -24.48 -40.66
C ASP AA 201 28.59 -25.57 -41.55
N LYS AA 202 27.88 -25.17 -42.60
CA LYS AA 202 27.26 -26.12 -43.50
C LYS AA 202 28.25 -27.08 -44.17
N ASN AA 203 29.55 -26.91 -43.92
CA ASN AA 203 30.55 -27.77 -44.51
C ASN AA 203 31.35 -28.49 -43.43
N THR AA 204 32.01 -27.72 -42.60
CA THR AA 204 32.81 -28.29 -41.52
C THR AA 204 31.95 -28.90 -40.41
N GLY AA 205 30.66 -28.56 -40.40
CA GLY AA 205 29.74 -29.11 -39.41
C GLY AA 205 29.68 -28.34 -38.10
N LEU AA 206 29.64 -29.06 -36.99
CA LEU AA 206 29.57 -28.44 -35.67
C LEU AA 206 30.90 -28.53 -34.95
N THR AA 207 31.44 -27.37 -34.58
CA THR AA 207 32.71 -27.28 -33.85
C THR AA 207 32.36 -26.67 -32.51
N PHE AA 208 32.66 -27.37 -31.43
CA PHE AA 208 32.31 -26.87 -30.10
C PHE AA 208 33.55 -26.60 -29.24
N LYS AA 209 33.88 -25.32 -29.10
CA LYS AA 209 35.05 -24.92 -28.32
C LYS AA 209 34.74 -24.62 -26.86
N LYS AA 210 35.42 -25.33 -25.97
CA LYS AA 210 35.21 -25.15 -24.54
C LYS AA 210 36.38 -24.49 -23.81
N ASN AA 211 36.12 -24.03 -22.59
CA ASN AA 211 37.13 -23.40 -21.75
C ASN AA 211 37.90 -22.23 -22.33
N LEU AA 212 37.31 -21.50 -23.27
CA LEU AA 212 38.01 -20.35 -23.83
C LEU AA 212 38.21 -19.31 -22.74
N GLN AA 213 38.95 -18.26 -23.06
CA GLN AA 213 39.21 -17.18 -22.10
C GLN AA 213 39.40 -15.86 -22.80
N VAL AA 214 38.93 -14.79 -22.15
CA VAL AA 214 39.11 -13.46 -22.72
C VAL AA 214 40.58 -13.15 -22.55
N GLU AA 215 41.25 -12.86 -23.67
CA GLU AA 215 42.67 -12.54 -23.66
C GLU AA 215 42.87 -11.13 -24.20
N ASN AA 216 44.13 -10.69 -24.22
CA ASN AA 216 44.48 -9.36 -24.73
C ASN AA 216 43.62 -8.25 -24.14
N MET AA 217 43.60 -8.14 -22.82
CA MET AA 217 42.81 -7.12 -22.17
C MET AA 217 43.67 -5.89 -21.87
N LYS AA 218 43.09 -4.71 -22.01
CA LYS AA 218 43.78 -3.46 -21.74
C LYS AA 218 43.46 -2.97 -20.34
N TRP AA 219 44.43 -3.04 -19.44
CA TRP AA 219 44.23 -2.58 -18.07
C TRP AA 219 45.33 -1.62 -17.64
N ASP AA 220 46.43 -1.60 -18.37
CA ASP AA 220 47.56 -0.73 -18.03
C ASP AA 220 47.22 0.72 -17.68
N PHE AA 221 46.40 1.37 -18.50
CA PHE AA 221 46.04 2.76 -18.24
C PHE AA 221 45.46 2.99 -16.84
N ALA AA 222 45.13 1.91 -16.15
CA ALA AA 222 44.57 1.99 -14.81
C ALA AA 222 45.55 2.62 -13.83
N LYS AA 223 46.84 2.44 -14.08
CA LYS AA 223 47.89 2.96 -13.21
C LYS AA 223 47.96 4.48 -13.20
N ASP AA 224 47.54 5.10 -14.30
CA ASP AA 224 47.57 6.55 -14.44
C ASP AA 224 46.33 7.22 -13.90
N ILE AA 225 45.29 6.44 -13.63
CA ILE AA 225 44.05 6.97 -13.09
C ILE AA 225 44.11 7.01 -11.57
N LYS AA 226 44.20 8.22 -11.02
CA LYS AA 226 44.20 8.35 -9.57
C LYS AA 226 43.30 9.50 -9.14
N GLY AA 227 42.61 9.30 -8.02
CA GLY AA 227 41.70 10.31 -7.53
C GLY AA 227 40.40 10.26 -8.33
N TYR AA 228 39.49 11.17 -8.01
CA TYR AA 228 38.21 11.21 -8.72
C TYR AA 228 37.89 12.67 -9.08
N GLY AA 229 38.95 13.44 -9.35
CA GLY AA 229 38.78 14.83 -9.71
C GLY AA 229 40.00 15.69 -9.49
N THR AA 230 40.24 16.11 -8.25
CA THR AA 230 41.38 16.98 -7.95
C THR AA 230 42.61 16.30 -7.39
N GLN AA 231 42.46 15.09 -6.87
CA GLN AA 231 43.61 14.38 -6.31
C GLN AA 231 44.71 14.24 -7.34
N LYS AA 232 45.96 14.36 -6.89
CA LYS AA 232 47.11 14.28 -7.80
C LYS AA 232 47.95 13.02 -7.68
N ILE AA 233 48.11 12.47 -6.48
CA ILE AA 233 48.91 11.26 -6.32
C ILE AA 233 48.05 10.01 -6.10
N THR BA 1 22.64 -21.19 9.76
CA THR BA 1 23.11 -22.58 9.48
C THR BA 1 24.32 -22.61 8.57
N SER BA 2 25.28 -23.48 8.90
CA SER BA 2 26.51 -23.65 8.13
C SER BA 2 26.72 -25.13 7.81
N ILE BA 3 26.66 -25.47 6.52
CA ILE BA 3 26.82 -26.86 6.10
C ILE BA 3 27.74 -26.98 4.88
N MET BA 4 28.37 -28.15 4.73
CA MET BA 4 29.26 -28.40 3.60
C MET BA 4 29.53 -29.90 3.49
N ALA BA 5 29.84 -30.33 2.27
CA ALA BA 5 30.14 -31.73 1.98
C ALA BA 5 31.43 -31.70 1.15
N VAL BA 6 32.38 -32.57 1.50
CA VAL BA 6 33.66 -32.60 0.79
C VAL BA 6 34.08 -34.01 0.38
N THR BA 7 34.46 -34.17 -0.89
CA THR BA 7 34.88 -35.47 -1.38
C THR BA 7 36.39 -35.56 -1.30
N PHE BA 8 36.88 -36.65 -0.76
CA PHE BA 8 38.31 -36.86 -0.65
C PHE BA 8 38.64 -38.26 -1.15
N LYS BA 9 39.93 -38.60 -1.10
CA LYS BA 9 40.46 -39.90 -1.55
C LYS BA 9 39.62 -41.16 -1.25
N ASP BA 10 39.16 -41.32 -0.02
CA ASP BA 10 38.43 -42.53 0.34
C ASP BA 10 36.91 -42.47 0.34
N GLY BA 11 36.34 -41.28 0.12
CA GLY BA 11 34.91 -41.15 0.08
C GLY BA 11 34.45 -39.70 0.18
N VAL BA 12 33.64 -39.39 1.20
CA VAL BA 12 33.13 -38.05 1.40
C VAL BA 12 32.71 -37.80 2.84
N ILE BA 13 32.82 -36.54 3.26
CA ILE BA 13 32.44 -36.14 4.62
C ILE BA 13 31.41 -35.01 4.58
N LEU BA 14 30.42 -35.08 5.46
CA LEU BA 14 29.40 -34.06 5.55
C LEU BA 14 29.57 -33.37 6.88
N GLY BA 15 29.56 -32.03 6.87
CA GLY BA 15 29.71 -31.29 8.11
C GLY BA 15 28.62 -30.24 8.28
N ALA BA 16 28.29 -29.91 9.54
CA ALA BA 16 27.27 -28.91 9.83
C ALA BA 16 27.35 -28.42 11.27
N ASP BA 17 26.79 -27.24 11.52
CA ASP BA 17 26.76 -26.70 12.88
C ASP BA 17 25.51 -27.32 13.50
N SER BA 18 25.12 -26.89 14.69
CA SER BA 18 23.95 -27.49 15.32
C SER BA 18 22.95 -26.49 15.82
N ARG BA 19 22.99 -25.28 15.27
CA ARG BA 19 22.08 -24.22 15.70
C ARG BA 19 20.95 -23.83 14.77
N THR BA 20 19.72 -23.97 15.26
CA THR BA 20 18.55 -23.55 14.49
C THR BA 20 17.92 -22.45 15.33
N THR BA 21 17.69 -21.31 14.70
CA THR BA 21 17.12 -20.19 15.42
C THR BA 21 15.86 -19.69 14.76
N THR BA 22 15.04 -19.04 15.57
CA THR BA 22 13.81 -18.42 15.12
C THR BA 22 14.02 -17.01 15.69
N GLY BA 23 14.51 -16.12 14.84
CA GLY BA 23 14.77 -14.77 15.30
C GLY BA 23 16.16 -14.76 15.89
N ALA BA 24 16.33 -14.16 17.05
CA ALA BA 24 17.63 -14.12 17.69
C ALA BA 24 17.68 -15.22 18.75
N TYR BA 25 16.56 -15.90 18.92
CA TYR BA 25 16.48 -16.97 19.91
C TYR BA 25 16.92 -18.28 19.30
N ILE BA 26 17.80 -18.99 20.01
CA ILE BA 26 18.27 -20.28 19.53
C ILE BA 26 17.31 -21.35 20.01
N ALA BA 27 16.38 -21.72 19.12
CA ALA BA 27 15.36 -22.73 19.41
C ALA BA 27 15.98 -24.07 19.82
N ASN BA 28 16.95 -24.52 19.05
CA ASN BA 28 17.63 -25.78 19.32
C ASN BA 28 19.14 -25.53 19.13
N ARG BA 29 19.94 -25.91 20.12
CA ARG BA 29 21.38 -25.70 20.02
C ARG BA 29 22.17 -26.98 19.75
N VAL BA 30 21.46 -28.10 19.65
CA VAL BA 30 22.09 -29.39 19.37
C VAL BA 30 21.38 -30.07 18.20
N THR BA 31 20.97 -29.28 17.22
CA THR BA 31 20.26 -29.79 16.04
C THR BA 31 21.15 -30.70 15.20
N ASP BA 32 20.53 -31.69 14.55
CA ASP BA 32 21.29 -32.60 13.68
C ASP BA 32 20.86 -32.34 12.24
N LYS BA 33 21.63 -31.51 11.55
CA LYS BA 33 21.34 -31.13 10.19
C LYS BA 33 21.83 -32.14 9.16
N LEU BA 34 22.49 -33.19 9.65
CA LEU BA 34 23.00 -34.25 8.77
C LEU BA 34 21.97 -35.37 8.76
N THR BA 35 21.15 -35.39 7.71
CA THR BA 35 20.07 -36.36 7.57
C THR BA 35 20.36 -37.52 6.62
N ARG BA 36 19.94 -38.72 7.02
CA ARG BA 36 20.18 -39.91 6.21
C ARG BA 36 19.01 -40.29 5.32
N VAL BA 37 19.24 -40.34 4.01
CA VAL BA 37 18.17 -40.74 3.09
C VAL BA 37 18.38 -42.20 2.66
N HIS BA 38 19.61 -42.68 2.79
CA HIS BA 38 19.94 -44.05 2.46
C HIS BA 38 21.26 -44.42 3.12
N ASP BA 39 21.49 -45.73 3.26
CA ASP BA 39 22.69 -46.22 3.89
C ASP BA 39 23.91 -45.36 3.67
N LYS BA 40 24.30 -45.17 2.42
CA LYS BA 40 25.44 -44.33 2.18
C LYS BA 40 25.15 -43.11 1.33
N ILE BA 41 23.97 -42.55 1.52
CA ILE BA 41 23.56 -41.33 0.84
C ILE BA 41 22.94 -40.48 1.95
N TRP BA 42 23.61 -39.39 2.29
CA TRP BA 42 23.14 -38.48 3.34
C TRP BA 42 22.96 -37.09 2.74
N CYS BA 43 22.43 -36.15 3.52
CA CYS BA 43 22.24 -34.79 3.04
C CYS BA 43 22.43 -33.73 4.13
N CYS BA 44 22.69 -32.50 3.70
CA CYS BA 44 22.85 -31.38 4.61
C CYS BA 44 21.66 -30.50 4.31
N ARG BA 45 20.92 -30.15 5.36
CA ARG BA 45 19.75 -29.34 5.19
C ARG BA 45 19.90 -27.88 5.63
N SER BA 46 19.46 -26.98 4.76
CA SER BA 46 19.49 -25.55 5.03
C SER BA 46 18.18 -24.97 4.50
N GLY BA 47 17.59 -24.05 5.27
CA GLY BA 47 16.33 -23.45 4.85
C GLY BA 47 15.23 -23.76 5.84
N SER BA 48 14.00 -23.80 5.35
CA SER BA 48 12.86 -24.10 6.20
C SER BA 48 13.01 -25.50 6.79
N ALA BA 49 13.27 -25.60 8.09
CA ALA BA 49 13.41 -26.93 8.70
C ALA BA 49 12.21 -27.77 8.28
N ALA BA 50 11.02 -27.19 8.40
CA ALA BA 50 9.83 -27.91 8.01
C ALA BA 50 9.97 -28.42 6.59
N ASP BA 51 10.40 -27.57 5.67
CA ASP BA 51 10.53 -27.98 4.27
C ASP BA 51 11.60 -29.04 4.00
N THR BA 52 12.82 -28.83 4.47
CA THR BA 52 13.88 -29.80 4.23
C THR BA 52 13.57 -31.16 4.89
N GLN BA 53 13.01 -31.14 6.11
CA GLN BA 53 12.65 -32.39 6.80
C GLN BA 53 11.63 -33.16 5.97
N ALA BA 54 10.59 -32.45 5.51
CA ALA BA 54 9.54 -33.04 4.70
C ALA BA 54 10.12 -33.57 3.39
N ILE BA 55 10.99 -32.79 2.74
CA ILE BA 55 11.61 -33.21 1.50
C ILE BA 55 12.44 -34.47 1.73
N ALA BA 56 13.39 -34.38 2.67
CA ALA BA 56 14.26 -35.50 3.01
C ALA BA 56 13.40 -36.72 3.27
N ASP BA 57 12.48 -36.59 4.22
CA ASP BA 57 11.56 -37.68 4.57
C ASP BA 57 10.96 -38.36 3.34
N ILE BA 58 10.54 -37.56 2.35
CA ILE BA 58 9.98 -38.11 1.14
C ILE BA 58 11.04 -38.79 0.30
N VAL BA 59 12.21 -38.15 0.18
CA VAL BA 59 13.30 -38.73 -0.59
C VAL BA 59 13.60 -40.11 -0.04
N GLN BA 60 13.83 -40.19 1.27
CA GLN BA 60 14.13 -41.46 1.91
C GLN BA 60 13.11 -42.50 1.46
N TYR BA 61 11.83 -42.15 1.59
CA TYR BA 61 10.74 -43.02 1.19
C TYR BA 61 11.02 -43.54 -0.21
N HIS BA 62 11.23 -42.62 -1.14
CA HIS BA 62 11.50 -42.99 -2.52
C HIS BA 62 12.67 -43.93 -2.67
N LEU BA 63 13.80 -43.58 -2.07
CA LEU BA 63 14.99 -44.43 -2.17
C LEU BA 63 14.74 -45.81 -1.60
N GLU BA 64 13.97 -45.90 -0.51
CA GLU BA 64 13.67 -47.18 0.08
C GLU BA 64 12.88 -48.07 -0.87
N LEU BA 65 11.92 -47.48 -1.60
CA LEU BA 65 11.10 -48.25 -2.55
C LEU BA 65 11.92 -48.59 -3.79
N TYR BA 66 12.81 -47.67 -4.16
CA TYR BA 66 13.70 -47.86 -5.31
C TYR BA 66 14.53 -49.10 -5.03
N THR BA 67 15.13 -49.11 -3.84
CA THR BA 67 15.96 -50.21 -3.37
C THR BA 67 15.18 -51.52 -3.41
N SER BA 68 13.97 -51.53 -2.85
CA SER BA 68 13.13 -52.72 -2.85
C SER BA 68 13.04 -53.33 -4.24
N GLN BA 69 13.01 -52.47 -5.25
CA GLN BA 69 12.88 -52.96 -6.61
C GLN BA 69 14.12 -53.04 -7.45
N TYR BA 70 14.99 -52.05 -7.35
CA TYR BA 70 16.17 -52.02 -8.20
C TYR BA 70 17.54 -52.06 -7.53
N GLY BA 71 17.60 -52.44 -6.25
CA GLY BA 71 18.89 -52.48 -5.58
C GLY BA 71 19.32 -51.10 -5.15
N THR BA 72 20.55 -50.98 -4.66
CA THR BA 72 21.03 -49.69 -4.18
C THR BA 72 21.02 -48.61 -5.26
N PRO BA 73 20.50 -47.42 -4.90
CA PRO BA 73 20.42 -46.29 -5.84
C PRO BA 73 21.76 -45.55 -5.89
N SER BA 74 22.01 -44.86 -6.99
CA SER BA 74 23.25 -44.12 -7.13
C SER BA 74 23.11 -42.77 -6.44
N THR BA 75 24.23 -42.19 -6.04
CA THR BA 75 24.17 -40.90 -5.40
C THR BA 75 23.51 -39.93 -6.36
N GLU BA 76 23.79 -40.11 -7.65
CA GLU BA 76 23.21 -39.26 -8.67
C GLU BA 76 21.69 -39.38 -8.65
N THR BA 77 21.17 -40.60 -8.53
CA THR BA 77 19.73 -40.79 -8.48
C THR BA 77 19.13 -40.09 -7.26
N ALA BA 78 19.79 -40.24 -6.11
CA ALA BA 78 19.31 -39.61 -4.89
C ALA BA 78 19.20 -38.10 -5.12
N ALA BA 79 20.22 -37.51 -5.73
CA ALA BA 79 20.20 -36.08 -6.02
C ALA BA 79 19.05 -35.79 -6.94
N SER BA 80 18.87 -36.62 -7.96
CA SER BA 80 17.78 -36.43 -8.92
C SER BA 80 16.43 -36.33 -8.21
N VAL BA 81 16.18 -37.22 -7.25
CA VAL BA 81 14.91 -37.18 -6.54
C VAL BA 81 14.76 -35.88 -5.73
N PHE BA 82 15.84 -35.42 -5.10
CA PHE BA 82 15.76 -34.19 -4.35
C PHE BA 82 15.38 -33.08 -5.30
N LYS BA 83 16.16 -32.97 -6.37
CA LYS BA 83 15.94 -31.96 -7.39
C LYS BA 83 14.51 -31.96 -7.90
N GLU BA 84 14.03 -33.15 -8.23
CA GLU BA 84 12.69 -33.28 -8.73
C GLU BA 84 11.70 -32.58 -7.79
N LEU BA 85 11.73 -32.93 -6.52
CA LEU BA 85 10.84 -32.32 -5.54
C LEU BA 85 11.10 -30.81 -5.44
N CYS BA 86 12.35 -30.43 -5.24
CA CYS BA 86 12.71 -29.03 -5.10
C CYS BA 86 12.36 -28.13 -6.27
N TYR BA 87 12.60 -28.60 -7.49
CA TYR BA 87 12.34 -27.80 -8.69
C TYR BA 87 10.85 -27.71 -9.00
N GLU BA 88 10.22 -28.87 -9.06
CA GLU BA 88 8.81 -28.99 -9.35
C GLU BA 88 7.93 -28.27 -8.33
N ASN BA 89 8.48 -27.96 -7.16
CA ASN BA 89 7.72 -27.29 -6.09
C ASN BA 89 8.43 -26.05 -5.58
N LYS BA 90 9.21 -25.42 -6.45
CA LYS BA 90 9.98 -24.23 -6.08
C LYS BA 90 9.17 -23.11 -5.43
N ASP BA 91 7.96 -22.88 -5.92
CA ASP BA 91 7.11 -21.82 -5.39
C ASP BA 91 6.75 -21.91 -3.92
N ASN BA 92 6.71 -23.13 -3.38
CA ASN BA 92 6.35 -23.33 -1.97
C ASN BA 92 7.45 -23.87 -1.09
N LEU BA 93 8.68 -23.85 -1.62
CA LEU BA 93 9.80 -24.37 -0.86
C LEU BA 93 10.90 -23.37 -0.68
N THR BA 94 11.61 -23.49 0.42
CA THR BA 94 12.73 -22.65 0.73
C THR BA 94 13.72 -23.63 1.33
N ALA BA 95 14.37 -24.38 0.45
CA ALA BA 95 15.31 -25.39 0.87
C ALA BA 95 16.55 -25.42 0.00
N GLY BA 96 17.70 -25.54 0.67
CA GLY BA 96 18.98 -25.65 0.00
C GLY BA 96 19.58 -26.92 0.56
N ILE BA 97 19.70 -27.95 -0.26
CA ILE BA 97 20.22 -29.21 0.21
C ILE BA 97 21.52 -29.65 -0.45
N ILE BA 98 22.45 -30.18 0.36
CA ILE BA 98 23.70 -30.70 -0.15
C ILE BA 98 23.53 -32.21 -0.06
N VAL BA 99 23.69 -32.92 -1.18
CA VAL BA 99 23.54 -34.37 -1.19
C VAL BA 99 24.88 -35.04 -1.37
N ALA BA 100 25.28 -35.83 -0.36
CA ALA BA 100 26.56 -36.52 -0.42
C ALA BA 100 26.34 -38.02 -0.23
N GLY BA 101 27.14 -38.82 -0.94
CA GLY BA 101 26.99 -40.26 -0.83
C GLY BA 101 28.24 -41.00 -1.26
N TYR BA 102 28.27 -42.30 -0.97
CA TYR BA 102 29.41 -43.12 -1.35
C TYR BA 102 29.04 -44.36 -2.16
N ASP BA 103 29.61 -44.42 -3.35
CA ASP BA 103 29.42 -45.50 -4.30
C ASP BA 103 30.77 -46.19 -4.34
N ASP BA 104 30.79 -47.49 -4.60
CA ASP BA 104 32.06 -48.20 -4.64
C ASP BA 104 32.76 -47.97 -5.98
N LYS BA 105 31.94 -47.76 -7.01
CA LYS BA 105 32.41 -47.50 -8.35
C LYS BA 105 32.80 -46.04 -8.50
N ASN BA 106 31.95 -45.14 -7.99
CA ASN BA 106 32.18 -43.69 -8.09
C ASN BA 106 32.91 -43.07 -6.89
N LYS BA 107 33.04 -43.84 -5.82
CA LYS BA 107 33.70 -43.36 -4.61
C LYS BA 107 32.81 -42.28 -3.98
N GLY BA 108 33.35 -41.11 -3.70
CA GLY BA 108 32.53 -40.06 -3.10
C GLY BA 108 31.99 -39.06 -4.09
N GLU BA 109 30.74 -38.63 -3.90
CA GLU BA 109 30.14 -37.64 -4.78
C GLU BA 109 29.37 -36.59 -4.01
N VAL BA 110 29.41 -35.35 -4.50
CA VAL BA 110 28.71 -34.25 -3.87
C VAL BA 110 27.88 -33.45 -4.88
N TYR BA 111 26.58 -33.33 -4.58
CA TYR BA 111 25.64 -32.59 -5.40
C TYR BA 111 25.03 -31.47 -4.57
N THR BA 112 24.88 -30.30 -5.15
CA THR BA 112 24.28 -29.20 -4.42
C THR BA 112 23.02 -28.75 -5.12
N ILE BA 113 21.97 -28.54 -4.34
CA ILE BA 113 20.70 -28.09 -4.86
C ILE BA 113 20.33 -26.79 -4.15
N PRO BA 114 20.59 -25.65 -4.80
CA PRO BA 114 20.29 -24.34 -4.23
C PRO BA 114 18.80 -24.05 -4.35
N LEU BA 115 18.38 -22.92 -3.84
CA LEU BA 115 16.98 -22.51 -3.88
C LEU BA 115 16.25 -22.81 -5.19
N GLY BA 116 16.76 -22.35 -6.31
CA GLY BA 116 16.08 -22.60 -7.58
C GLY BA 116 15.52 -23.99 -7.88
N GLY BA 117 16.28 -25.03 -7.54
CA GLY BA 117 15.85 -26.38 -7.83
C GLY BA 117 16.85 -26.99 -8.81
N SER BA 118 17.87 -26.22 -9.14
CA SER BA 118 18.91 -26.67 -10.05
C SER BA 118 19.84 -27.63 -9.32
N VAL BA 119 20.61 -28.42 -10.07
CA VAL BA 119 21.53 -29.36 -9.45
C VAL BA 119 22.93 -29.08 -9.90
N HIS BA 120 23.89 -29.25 -9.00
CA HIS BA 120 25.28 -29.00 -9.34
C HIS BA 120 26.18 -30.03 -8.68
N LYS BA 121 26.95 -30.76 -9.49
CA LYS BA 121 27.86 -31.75 -8.93
C LYS BA 121 29.20 -31.01 -8.77
N LEU BA 122 29.89 -31.26 -7.66
CA LEU BA 122 31.15 -30.56 -7.42
C LEU BA 122 32.06 -31.37 -6.50
N PRO BA 123 33.33 -30.97 -6.40
CA PRO BA 123 34.31 -31.64 -5.54
C PRO BA 123 33.87 -31.49 -4.10
N TYR BA 124 33.32 -30.31 -3.81
CA TYR BA 124 32.83 -30.01 -2.48
C TYR BA 124 31.84 -28.86 -2.64
N ALA BA 125 30.98 -28.68 -1.64
CA ALA BA 125 30.00 -27.62 -1.70
C ALA BA 125 29.72 -27.16 -0.29
N ILE BA 126 29.43 -25.87 -0.18
CA ILE BA 126 29.12 -25.22 1.09
C ILE BA 126 27.79 -24.46 0.96
N ALA BA 127 27.03 -24.39 2.03
CA ALA BA 127 25.75 -23.71 1.99
C ALA BA 127 25.33 -23.23 3.37
N GLY BA 128 24.19 -22.54 3.42
CA GLY BA 128 23.69 -22.01 4.68
C GLY BA 128 24.25 -20.61 4.86
N SER BA 129 23.53 -19.81 5.64
CA SER BA 129 23.92 -18.42 5.89
C SER BA 129 25.41 -18.26 6.11
N GLY BA 130 25.98 -19.09 6.99
CA GLY BA 130 27.40 -19.01 7.30
C GLY BA 130 28.38 -19.22 6.16
N SER BA 131 27.98 -20.01 5.17
CA SER BA 131 28.84 -20.31 4.02
C SER BA 131 29.47 -19.09 3.36
N THR BA 132 28.72 -17.99 3.24
CA THR BA 132 29.24 -16.79 2.60
C THR BA 132 30.60 -16.35 3.14
N PHE BA 133 30.79 -16.50 4.46
CA PHE BA 133 32.02 -16.09 5.12
C PHE BA 133 33.22 -16.98 4.89
N ILE BA 134 33.00 -18.17 4.35
CA ILE BA 134 34.11 -19.07 4.12
C ILE BA 134 34.32 -19.39 2.65
N TYR BA 135 33.66 -18.64 1.77
CA TYR BA 135 33.87 -18.85 0.34
C TYR BA 135 35.37 -18.66 0.06
N GLY BA 136 35.93 -17.55 0.53
CA GLY BA 136 37.33 -17.26 0.32
C GLY BA 136 38.25 -18.33 0.87
N TYR BA 137 38.09 -18.61 2.17
CA TYR BA 137 38.90 -19.63 2.83
C TYR BA 137 38.85 -20.97 2.11
N CYS BA 138 37.67 -21.55 1.99
CA CYS BA 138 37.51 -22.85 1.33
C CYS BA 138 38.16 -22.92 -0.05
N ASP BA 139 37.94 -21.90 -0.88
CA ASP BA 139 38.52 -21.92 -2.22
C ASP BA 139 40.04 -21.99 -2.16
N LYS BA 140 40.64 -21.32 -1.19
CA LYS BA 140 42.09 -21.32 -1.04
C LYS BA 140 42.63 -22.56 -0.35
N ASN BA 141 41.78 -23.32 0.33
CA ASN BA 141 42.26 -24.49 1.05
C ASN BA 141 41.81 -25.86 0.56
N PHE BA 142 40.75 -25.93 -0.23
CA PHE BA 142 40.34 -27.22 -0.70
C PHE BA 142 41.37 -27.81 -1.65
N ARG BA 143 41.54 -29.12 -1.54
CA ARG BA 143 42.46 -29.88 -2.39
C ARG BA 143 41.78 -31.20 -2.66
N GLU BA 144 41.97 -31.72 -3.86
CA GLU BA 144 41.34 -33.00 -4.16
C GLU BA 144 42.16 -34.18 -3.68
N ASN BA 145 41.46 -35.27 -3.37
CA ASN BA 145 42.12 -36.46 -2.90
C ASN BA 145 42.88 -36.23 -1.61
N MET BA 146 42.27 -35.53 -0.67
CA MET BA 146 42.90 -35.31 0.62
C MET BA 146 42.67 -36.61 1.37
N SER BA 147 43.24 -36.70 2.57
CA SER BA 147 43.05 -37.91 3.38
C SER BA 147 41.91 -37.66 4.33
N LYS BA 148 41.37 -38.72 4.90
CA LYS BA 148 40.27 -38.54 5.84
C LYS BA 148 40.64 -37.49 6.89
N GLU BA 149 41.83 -37.60 7.48
CA GLU BA 149 42.26 -36.65 8.51
C GLU BA 149 42.34 -35.21 7.96
N GLU BA 150 42.88 -35.05 6.75
CA GLU BA 150 42.99 -33.73 6.14
C GLU BA 150 41.61 -33.12 5.90
N THR BA 151 40.72 -33.93 5.35
CA THR BA 151 39.36 -33.51 5.06
C THR BA 151 38.62 -33.12 6.33
N VAL BA 152 38.70 -33.94 7.37
CA VAL BA 152 38.02 -33.62 8.61
C VAL BA 152 38.55 -32.30 9.15
N ASP BA 153 39.83 -32.02 8.89
CA ASP BA 153 40.44 -30.77 9.36
C ASP BA 153 39.98 -29.59 8.54
N PHE BA 154 39.88 -29.79 7.23
CA PHE BA 154 39.40 -28.75 6.33
C PHE BA 154 37.99 -28.35 6.75
N ILE BA 155 37.11 -29.34 6.90
CA ILE BA 155 35.75 -29.09 7.31
C ILE BA 155 35.72 -28.40 8.67
N LYS BA 156 36.39 -28.99 9.66
CA LYS BA 156 36.40 -28.41 10.99
C LYS BA 156 36.83 -26.95 11.00
N HIS BA 157 37.84 -26.61 10.20
CA HIS BA 157 38.30 -25.24 10.17
C HIS BA 157 37.30 -24.32 9.48
N SER BA 158 36.86 -24.71 8.29
CA SER BA 158 35.89 -23.90 7.56
C SER BA 158 34.69 -23.57 8.48
N LEU BA 159 33.99 -24.62 8.92
CA LEU BA 159 32.83 -24.42 9.77
C LEU BA 159 33.11 -23.63 11.04
N SER BA 160 34.23 -23.89 11.69
CA SER BA 160 34.51 -23.13 12.91
C SER BA 160 34.48 -21.64 12.56
N GLN BA 161 34.97 -21.32 11.37
CA GLN BA 161 34.98 -19.93 10.92
C GLN BA 161 33.57 -19.49 10.59
N ALA BA 162 32.86 -20.27 9.79
CA ALA BA 162 31.50 -19.92 9.45
C ALA BA 162 30.80 -19.59 10.75
N ILE BA 163 30.93 -20.47 11.73
CA ILE BA 163 30.30 -20.27 13.03
C ILE BA 163 30.79 -18.98 13.69
N LYS BA 164 32.07 -18.70 13.54
CA LYS BA 164 32.68 -17.51 14.14
C LYS BA 164 31.95 -16.22 13.76
N TRP BA 165 31.75 -16.04 12.46
CA TRP BA 165 31.10 -14.84 11.94
C TRP BA 165 29.58 -14.86 11.87
N ASP BA 166 29.02 -15.99 11.47
CA ASP BA 166 27.57 -16.08 11.37
C ASP BA 166 26.86 -16.44 12.67
N GLY BA 167 26.06 -15.51 13.17
CA GLY BA 167 25.33 -15.74 14.40
C GLY BA 167 24.21 -16.74 14.24
N SER BA 168 23.81 -16.97 12.99
CA SER BA 168 22.73 -17.92 12.71
C SER BA 168 23.27 -19.34 12.81
N SER BA 169 24.59 -19.46 12.95
CA SER BA 169 25.26 -20.75 13.08
C SER BA 169 25.90 -20.87 14.46
N GLY BA 170 26.16 -22.11 14.89
CA GLY BA 170 26.79 -22.29 16.17
C GLY BA 170 26.59 -23.66 16.77
N GLY BA 171 26.96 -23.81 18.04
CA GLY BA 171 26.83 -25.08 18.72
C GLY BA 171 28.01 -25.99 18.43
N VAL BA 172 27.72 -27.28 18.24
CA VAL BA 172 28.76 -28.26 17.95
C VAL BA 172 28.88 -28.43 16.45
N ILE BA 173 29.99 -29.02 16.01
CA ILE BA 173 30.19 -29.28 14.61
C ILE BA 173 30.02 -30.77 14.41
N ARG BA 174 28.99 -31.17 13.67
CA ARG BA 174 28.78 -32.60 13.41
C ARG BA 174 29.35 -32.98 12.04
N MET BA 175 29.74 -34.23 11.90
CA MET BA 175 30.28 -34.68 10.64
C MET BA 175 29.86 -36.10 10.44
N VAL BA 176 29.87 -36.54 9.20
CA VAL BA 176 29.51 -37.91 8.87
C VAL BA 176 30.44 -38.35 7.76
N VAL BA 177 31.17 -39.44 8.01
CA VAL BA 177 32.11 -39.94 7.02
C VAL BA 177 31.52 -41.11 6.23
N LEU BA 178 31.49 -40.93 4.91
CA LEU BA 178 30.97 -41.92 4.00
C LEU BA 178 32.09 -42.56 3.19
N THR BA 179 32.44 -43.80 3.53
CA THR BA 179 33.50 -44.52 2.84
C THR BA 179 33.14 -45.97 2.65
N ALA BA 180 34.02 -46.72 1.98
CA ALA BA 180 33.79 -48.14 1.76
C ALA BA 180 33.70 -48.84 3.12
N ALA BA 181 34.51 -48.36 4.06
CA ALA BA 181 34.58 -48.89 5.42
C ALA BA 181 33.25 -48.86 6.15
N GLY BA 182 32.42 -47.87 5.85
CA GLY BA 182 31.14 -47.75 6.51
C GLY BA 182 30.79 -46.30 6.80
N VAL BA 183 29.90 -46.09 7.77
CA VAL BA 183 29.45 -44.76 8.15
C VAL BA 183 30.01 -44.38 9.52
N GLU BA 184 30.60 -43.19 9.62
CA GLU BA 184 31.16 -42.72 10.89
C GLU BA 184 30.70 -41.33 11.31
N ARG BA 185 30.11 -41.25 12.49
CA ARG BA 185 29.64 -39.99 13.05
C ARG BA 185 30.78 -39.31 13.78
N LEU BA 186 30.88 -37.98 13.66
CA LEU BA 186 31.91 -37.23 14.36
C LEU BA 186 31.27 -36.00 15.01
N ILE BA 187 31.84 -35.54 16.11
CA ILE BA 187 31.32 -34.38 16.78
C ILE BA 187 32.51 -33.62 17.35
N PHE BA 188 32.40 -32.30 17.40
CA PHE BA 188 33.45 -31.44 17.93
C PHE BA 188 32.75 -30.34 18.67
N TYR BA 189 33.16 -30.12 19.91
CA TYR BA 189 32.55 -29.14 20.77
C TYR BA 189 33.20 -27.77 20.68
N PRO BA 190 32.49 -26.73 21.14
CA PRO BA 190 32.98 -25.35 21.13
C PRO BA 190 34.43 -25.27 21.55
N ASP BA 191 34.68 -25.66 22.79
CA ASP BA 191 36.03 -25.62 23.36
C ASP BA 191 37.13 -26.09 22.43
N GLU BA 192 36.80 -26.93 21.45
CA GLU BA 192 37.82 -27.36 20.54
C GLU BA 192 37.97 -26.43 19.34
N TYR BA 193 36.99 -26.44 18.44
CA TYR BA 193 37.06 -25.62 17.24
C TYR BA 193 37.12 -24.11 17.43
N GLU BA 194 36.69 -23.60 18.58
CA GLU BA 194 36.71 -22.17 18.82
C GLU BA 194 38.14 -21.60 18.84
N GLN BA 195 39.09 -22.38 19.33
CA GLN BA 195 40.45 -21.89 19.39
C GLN BA 195 41.35 -22.44 18.30
N LEU BA 196 40.84 -22.45 17.07
CA LEU BA 196 41.62 -22.95 15.93
C LEU BA 196 42.10 -21.76 15.12
O1 MES CA . -17.01 6.25 20.04
C2 MES CA . -18.11 6.16 19.00
C3 MES CA . -19.06 7.38 19.28
N4 MES CA . -18.22 8.67 19.18
C5 MES CA . -17.02 8.61 20.03
C6 MES CA . -16.21 7.26 19.90
C7 MES CA . -18.91 9.97 19.39
C8 MES CA . -19.36 10.57 18.19
S MES CA . -20.13 12.19 18.63
O1S MES CA . -21.57 11.73 18.43
O2S MES CA . -19.95 12.41 19.97
O3S MES CA . -19.72 13.24 17.61
C1 H10 DA . -13.96 12.16 30.29
O2 H10 DA . -14.03 13.24 29.33
C3 H10 DA . -15.19 13.91 28.92
C4 H10 DA . -15.89 13.51 27.75
C5 H10 DA . -17.06 14.23 27.34
C6 H10 DA . -17.73 13.81 26.16
C7 H10 DA . -18.24 13.45 25.18
C8 H10 DA . -18.90 13.02 23.95
N9 H10 DA . -17.89 12.06 23.42
C10 H10 DA . -18.04 10.67 23.56
O11 H10 DA . -19.03 10.13 24.13
N12 H10 DA . -17.07 9.87 23.07
O13 H10 DA . -16.88 12.48 22.84
C14 H10 DA . -19.17 14.27 23.02
C15 H10 DA . -17.54 15.35 28.10
C16 H10 DA . -16.85 15.78 29.26
C17 H10 DA . -15.68 15.07 29.68
C18 H10 DA . -12.43 11.75 30.40
C19 H10 DA . -12.27 10.55 31.45
C20 H10 DA . -12.80 11.02 32.88
C21 H10 DA . -14.31 11.45 32.78
C22 H10 DA . -15.20 10.22 32.28
C23 H10 DA . -14.67 9.71 30.87
C24 H10 DA . -13.13 9.28 30.98
C25 H10 DA . -14.79 10.87 29.81
C26 H10 DA . -14.41 12.64 31.76
O1 MES EA . -12.33 7.03 -23.02
C2 MES EA . -13.18 8.01 -22.22
C3 MES EA . -14.68 7.77 -22.64
N4 MES EA . -15.04 6.29 -22.47
C5 MES EA . -14.04 5.44 -23.19
C6 MES EA . -12.55 5.81 -22.77
C7 MES EA . -16.41 5.89 -22.89
C8 MES EA . -17.39 6.13 -21.91
S MES EA . -19.02 5.59 -22.56
O1S MES EA . -19.59 6.97 -22.73
O2S MES EA . -18.91 5.03 -23.85
O3S MES EA . -19.71 4.83 -21.44
C1 H10 FA . -13.06 0.06 -33.00
O2 H10 FA . -14.07 -0.54 -32.15
C3 H10 FA . -15.40 -0.10 -32.01
C4 H10 FA . -15.75 0.79 -30.94
C5 H10 FA . -17.10 1.22 -30.78
C6 H10 FA . -17.40 2.07 -29.70
C7 H10 FA . -17.65 2.77 -28.80
C8 H10 FA . -17.96 3.63 -27.67
N9 H10 FA . -16.69 3.55 -26.90
C10 H10 FA . -15.73 4.56 -26.95
O11 H10 FA . -15.86 5.61 -27.65
N12 H10 FA . -14.59 4.43 -26.23
O13 H10 FA . -16.45 2.54 -26.19
C14 H10 FA . -19.21 3.07 -26.91
C15 H10 FA . -18.12 0.77 -31.69
C16 H10 FA . -17.80 -0.11 -32.77
C17 H10 FA . -16.44 -0.54 -32.92
C18 H10 FA . -11.75 -0.82 -32.81
C19 H10 FA . -10.58 -0.22 -33.75
C20 H10 FA . -11.04 -0.26 -35.29
C21 H10 FA . -12.37 0.61 -35.47
C22 H10 FA . -12.11 2.11 -35.03
C23 H10 FA . -11.61 2.17 -33.50
C24 H10 FA . -10.27 1.31 -33.33
C25 H10 FA . -12.72 1.56 -32.56
C26 H10 FA . -13.48 -0.02 -34.57
#